data_9BOV
#
_entry.id   9BOV
#
_cell.length_a   1.00
_cell.length_b   1.00
_cell.length_c   1.00
_cell.angle_alpha   90.00
_cell.angle_beta   90.00
_cell.angle_gamma   90.00
#
_symmetry.space_group_name_H-M   'P 1'
#
loop_
_entity.id
_entity.type
_entity.pdbx_description
1 polymer 'Molybdopterin oxidoreductase'
2 polymer 'NADH dehydrogenase (Quinone)'
3 polymer 'NADH dehydrogenase (Ubiquinone), 24 kDa subunit'
4 non-polymer 'FE2/S2 (INORGANIC) CLUSTER'
5 non-polymer 'IRON/SULFUR CLUSTER'
6 non-polymer 'FLAVIN-ADENINE DINUCLEOTIDE'
7 non-polymer 'FLAVIN MONONUCLEOTIDE'
8 non-polymer 'ZINC ION'
9 non-polymer NICOTINAMIDE-ADENINE-DINUCLEOTIDE
#
loop_
_entity_poly.entity_id
_entity_poly.type
_entity_poly.pdbx_seq_one_letter_code
_entity_poly.pdbx_strand_id
1 'polypeptide(L)'
;MRLVRVNIDNKEIFAEEGKTILEVAHENNIEIPHLCYDKRLKPYGACGLCVVEIEGSPKLARACSTYVTDKMVIKTDSPR
VRNARKMALELLLSEHRGDCRPPCVLACPAHTDCQGYVGLIANGQFREAVALIKEQLPFPASIGRVCPHPCEEACRRNMV
DQPIAIAELKRFVGDIDLLDDGYIPPIKPKTGKKVAIVGGGPAGLTCAFFLAKEGHDIVVYEAMPKAGGMLRYGIPEYRL
PKGILDKEIELIEKMGVQIKTNMRLGVDISLEYLRKNYDAVFLAVGAWKSSTLGCPGDSAEGVIGGIEFLRKVSMNQPVN
LGQRVLVVGGGNTAMDAARTAIRLGAKEVTVLYRRTREEMPAEDIEVNEAEEEGVKFQFLVAPIEVITDGGRVRALKCQR
MRLGDMDESGRRRPVPIEGAEVIFEADTIISAIGQKVRVEDVEGLELTRHGTIKVDEGTYQTSLEGVFAGGDAVTGPKIA
IEAIAQGKNAARVIDSYLRGKLEPIKEPYYVKQEDLTPEDFKDRERKPRVPLKVANAEERKNNFREITSTMTEKEAIAEA
SRCLECGCMDYFECQLYKYVNQYDVDPQRLSGYKHKRYEPQKHPFIERNPDKCILCGLCIRVCEEVVGVCALGFVNRGFE
TIVKPEFGLPLEETSCISCGQCADICPTGACIGKQPVAKQVPVNTVATKTVCTFCGMGCEMLVETKGNLIFDVSPVQSNE
GMLCAFGRFGIKYVNDKDRILAPLIKVNGELSKTTFDQALIETAKKLQAIRASYGKDSIAIIASQRLTNEEALLLTKLAQ
KLDTTVIGSFDLRESVLDRIFGLNASTNSFDEIYSTDLIVAVGKVAENHAVMGAKLKKAVELGAKLVTINNGETRADERA
IATYKIDNTAFFKATIKALFEMKAVDEDYVSKIAVNLDELKDDVKNVEVTDEASEFAKIIAGAKTAMVIVDEESVSDTTI
GQLANILTLTQKIGRPRCGIIKVTGLGNTQGAWDMGIRMSKEGIVKLINEGKVKAAFIVSEDPQAADKNLGEVLDKLECL
IVADVFLTETGKRADVVLPLVSHVESTGTVTRADGKIQNLNLVLKPKNGLSNLDLLLKLAELFGLQYNLEKLNREMVELL
QNENKYNQQILYTEGFATPDKTVHLFVSKDAPAFVEKAVFDTVKNRFEKYLQDKHLKY
;
A,D,J,G
2 'polypeptide(L)'
;MKIRVGLGSCGMAAGGNKVMECIQQELRSRNLDIPVEPTGCIGLCFFEPLVDVIDGDDVYTYGNVTPEMIPKIIESHVIG
KKPLDEFIVSTSFEPYPMLKSQVRIALKNCGRINPEDIDDYIKNGGYEALKKVLTSMTPEEVIEEIKISGLRGRGGAGFP
TWFKWDAARKASGDIKYVVCNADEGDPGAFMDRSILEGDPHAVLEGMTIAAYAIGAKEGYIYVRAEYPLAIKRLEIAIEQ
ARNRNLLGNNILNTNFSFDIKLKKGAGAFVCGEETALIASIEGERGMPRLKPPFPAQSGLWGRPTNINNVETYANVPWII
TNGGKAFASLGTEKSKGTKVFALAGKIKRGGLVEVPMGMSLREVIYNIGGGIKDDKAFKAVQMGGPSGGCIPADLIDTPV
DYESITKTGAIMGSGGMIVMDETTCMVDIARFFLEFTCKESCGKCTYCRVGTRRMLEILDRICNGEGRDGDLELLEELAV
SVKDGSLCGLGQTAPNPVLTTLRYFKDEYIAHIRDKKCPAKQCKALITYSILPEKCTGCGLCARKCPTKAITGERLKPHV
IDQSKCTKCGTCMNVCRFGAVNVE
;
B,E,K,H
3 'polypeptide(L)'
;MYMSCPECENRLASNFKNQKVDLSLLDPVLDEYKGEKSNIIAILQKTQEIYRFLPLDALNYISEKTGVKKAKIYGIATFY
AQFRLKPVGKYVILQCQGTACHVNGSEEIKNALCDELNIKPGDTTEDGMFTLEEVACLGCCSLAPVMMINGETYGKLTPD
KAREIIRRIYEREKNV
;
C,F,L,I
#
loop_
_chem_comp.id
_chem_comp.type
_chem_comp.name
_chem_comp.formula
FAD non-polymer 'FLAVIN-ADENINE DINUCLEOTIDE' 'C27 H33 N9 O15 P2'
FES non-polymer 'FE2/S2 (INORGANIC) CLUSTER' 'Fe2 S2'
FMN non-polymer 'FLAVIN MONONUCLEOTIDE' 'C17 H21 N4 O9 P'
NAD non-polymer NICOTINAMIDE-ADENINE-DINUCLEOTIDE 'C21 H27 N7 O14 P2'
SF4 non-polymer 'IRON/SULFUR CLUSTER' 'Fe4 S4'
ZN non-polymer 'ZINC ION' 'Zn 2'
#
# COMPACT_ATOMS: atom_id res chain seq x y z
N MET A 1 -0.45 38.92 50.16
CA MET A 1 -0.46 37.47 50.33
C MET A 1 0.93 36.96 50.69
N ARG A 2 0.98 35.76 51.26
CA ARG A 2 2.23 35.09 51.60
C ARG A 2 2.15 33.63 51.21
N LEU A 3 3.24 33.09 50.69
CA LEU A 3 3.31 31.66 50.38
C LEU A 3 3.67 30.90 51.65
N VAL A 4 2.77 30.05 52.10
CA VAL A 4 3.03 29.23 53.28
C VAL A 4 3.75 27.95 52.87
N ARG A 5 4.70 27.53 53.69
CA ARG A 5 5.48 26.33 53.44
C ARG A 5 4.93 25.21 54.32
N VAL A 6 4.36 24.18 53.69
CA VAL A 6 3.77 23.06 54.42
C VAL A 6 4.47 21.78 53.97
N ASN A 7 4.23 20.71 54.71
CA ASN A 7 4.80 19.41 54.38
C ASN A 7 3.71 18.37 54.55
N ILE A 8 3.21 17.83 53.44
CA ILE A 8 2.12 16.86 53.43
C ILE A 8 2.68 15.54 52.93
N ASP A 9 2.63 14.52 53.78
CA ASP A 9 3.10 13.17 53.44
C ASP A 9 4.54 13.18 52.95
N ASN A 10 5.41 13.86 53.71
CA ASN A 10 6.84 13.95 53.42
C ASN A 10 7.11 14.57 52.05
N LYS A 11 6.25 15.48 51.62
CA LYS A 11 6.42 16.18 50.35
C LYS A 11 6.24 17.68 50.61
N GLU A 12 7.29 18.45 50.36
CA GLU A 12 7.25 19.88 50.66
C GLU A 12 6.39 20.61 49.64
N ILE A 13 5.48 21.45 50.13
CA ILE A 13 4.55 22.20 49.29
C ILE A 13 4.65 23.67 49.64
N PHE A 14 4.52 24.52 48.63
CA PHE A 14 4.45 25.97 48.80
C PHE A 14 3.03 26.39 48.42
N ALA A 15 2.14 26.38 49.41
CA ALA A 15 0.74 26.68 49.17
C ALA A 15 0.47 28.15 49.43
N GLU A 16 -0.75 28.58 49.09
CA GLU A 16 -1.16 29.96 49.29
C GLU A 16 -1.95 30.10 50.59
N GLU A 17 -1.89 31.29 51.17
CA GLU A 17 -2.57 31.54 52.43
C GLU A 17 -4.08 31.51 52.25
N GLY A 18 -4.78 31.23 53.34
CA GLY A 18 -6.22 31.20 53.31
C GLY A 18 -6.81 29.99 52.63
N LYS A 19 -6.02 28.94 52.46
CA LYS A 19 -6.47 27.70 51.82
C LYS A 19 -6.63 26.61 52.87
N THR A 20 -7.61 25.75 52.68
CA THR A 20 -7.77 24.60 53.54
C THR A 20 -6.81 23.49 53.13
N ILE A 21 -6.57 22.56 54.06
CA ILE A 21 -5.70 21.43 53.76
C ILE A 21 -6.27 20.59 52.63
N LEU A 22 -7.60 20.50 52.55
CA LEU A 22 -8.24 19.72 51.49
C LEU A 22 -7.91 20.30 50.11
N GLU A 23 -7.99 21.63 49.97
CA GLU A 23 -7.69 22.25 48.68
C GLU A 23 -6.21 22.06 48.32
N VAL A 24 -5.32 22.24 49.28
CA VAL A 24 -3.89 22.09 49.02
C VAL A 24 -3.58 20.65 48.60
N ALA A 25 -4.17 19.68 49.28
CA ALA A 25 -3.92 18.28 48.93
C ALA A 25 -4.54 17.92 47.59
N HIS A 26 -5.69 18.51 47.27
CA HIS A 26 -6.30 18.27 45.97
C HIS A 26 -5.44 18.83 44.84
N GLU A 27 -4.90 20.03 45.03
CA GLU A 27 -4.10 20.67 43.99
C GLU A 27 -2.67 20.14 43.95
N ASN A 28 -2.28 19.27 44.89
CA ASN A 28 -0.95 18.67 44.90
C ASN A 28 -1.02 17.15 44.79
N ASN A 29 -2.14 16.61 44.31
CA ASN A 29 -2.30 15.18 44.05
C ASN A 29 -2.08 14.34 45.30
N ILE A 30 -2.73 14.75 46.39
CA ILE A 30 -2.79 13.98 47.62
C ILE A 30 -4.25 13.68 47.92
N GLU A 31 -4.57 12.41 48.10
CA GLU A 31 -5.95 11.98 48.27
C GLU A 31 -6.32 12.01 49.76
N ILE A 32 -7.36 12.77 50.08
CA ILE A 32 -7.92 12.83 51.42
C ILE A 32 -9.40 12.47 51.31
N PRO A 33 -9.88 11.45 52.02
CA PRO A 33 -11.31 11.11 51.94
C PRO A 33 -12.18 12.24 52.46
N HIS A 34 -13.34 12.39 51.85
CA HIS A 34 -14.32 13.38 52.29
C HIS A 34 -15.68 12.98 51.75
N LEU A 35 -16.72 13.21 52.56
CA LEU A 35 -18.08 12.84 52.17
C LEU A 35 -19.03 14.01 52.30
N CYS A 36 -18.76 14.91 53.25
CA CYS A 36 -19.62 16.05 53.52
C CYS A 36 -18.96 17.38 53.18
N TYR A 37 -18.16 17.40 52.11
CA TYR A 37 -17.46 18.60 51.69
C TYR A 37 -17.86 18.98 50.27
N ASP A 38 -18.25 20.25 50.09
CA ASP A 38 -18.49 20.81 48.78
C ASP A 38 -17.85 22.19 48.72
N LYS A 39 -17.33 22.56 47.55
CA LYS A 39 -16.60 23.81 47.43
C LYS A 39 -17.52 25.01 47.60
N ARG A 40 -18.77 24.89 47.19
CA ARG A 40 -19.70 26.03 47.21
C ARG A 40 -20.34 26.27 48.56
N LEU A 41 -20.16 25.37 49.53
CA LEU A 41 -20.82 25.46 50.81
C LEU A 41 -19.80 25.62 51.93
N LYS A 42 -20.26 26.22 53.03
CA LYS A 42 -19.41 26.36 54.20
C LYS A 42 -19.15 25.00 54.83
N PRO A 43 -18.02 24.84 55.54
CA PRO A 43 -17.70 23.54 56.12
C PRO A 43 -18.74 23.08 57.13
N TYR A 44 -18.91 21.76 57.19
CA TYR A 44 -19.90 21.13 58.05
C TYR A 44 -19.25 20.32 59.17
N GLY A 45 -18.39 19.37 58.83
CA GLY A 45 -17.68 18.60 59.83
C GLY A 45 -18.37 17.34 60.29
N ALA A 46 -19.37 16.85 59.56
CA ALA A 46 -20.16 15.73 60.05
C ALA A 46 -19.43 14.39 59.90
N CYS A 47 -19.07 14.03 58.67
CA CYS A 47 -18.59 12.67 58.41
C CYS A 47 -17.32 12.37 59.17
N GLY A 48 -16.40 13.33 59.25
CA GLY A 48 -15.13 13.09 59.90
C GLY A 48 -14.25 12.10 59.18
N LEU A 49 -14.27 12.12 57.84
CA LEU A 49 -13.40 11.29 57.04
C LEU A 49 -12.10 11.99 56.66
N CYS A 50 -12.11 13.32 56.62
CA CYS A 50 -10.95 14.10 56.18
C CYS A 50 -9.99 14.42 57.32
N VAL A 51 -10.00 13.65 58.40
CA VAL A 51 -9.12 13.93 59.52
C VAL A 51 -7.68 13.65 59.11
N VAL A 52 -6.79 14.59 59.40
CA VAL A 52 -5.37 14.42 59.15
C VAL A 52 -4.62 14.75 60.43
N GLU A 53 -3.46 14.12 60.59
CA GLU A 53 -2.64 14.33 61.77
C GLU A 53 -1.64 15.44 61.51
N ILE A 54 -1.75 16.53 62.25
CA ILE A 54 -0.86 17.68 62.12
C ILE A 54 0.13 17.66 63.27
N GLU A 55 1.41 17.73 62.94
CA GLU A 55 2.45 17.75 63.96
C GLU A 55 2.30 18.98 64.85
N GLY A 56 2.39 18.76 66.15
CA GLY A 56 2.19 19.81 67.13
C GLY A 56 0.79 19.92 67.67
N SER A 57 -0.19 19.24 67.07
CA SER A 57 -1.56 19.24 67.53
C SER A 57 -1.93 17.85 68.04
N PRO A 58 -2.59 17.76 69.20
CA PRO A 58 -2.89 16.45 69.78
C PRO A 58 -4.04 15.74 69.11
N LYS A 59 -5.02 16.50 68.64
CA LYS A 59 -6.21 15.93 68.02
C LYS A 59 -6.08 15.94 66.50
N LEU A 60 -6.75 14.98 65.86
CA LEU A 60 -6.81 14.96 64.41
C LEU A 60 -7.62 16.14 63.90
N ALA A 61 -7.11 16.81 62.87
CA ALA A 61 -7.71 18.02 62.35
C ALA A 61 -8.42 17.72 61.03
N ARG A 62 -9.64 18.24 60.88
CA ARG A 62 -10.39 18.05 59.65
C ARG A 62 -9.75 18.86 58.53
N ALA A 63 -9.46 18.19 57.40
CA ALA A 63 -8.83 18.86 56.28
C ALA A 63 -9.79 19.79 55.56
N CYS A 64 -11.09 19.61 55.72
CA CYS A 64 -12.09 20.45 55.06
C CYS A 64 -12.30 21.78 55.77
N SER A 65 -11.77 21.95 56.97
CA SER A 65 -11.95 23.17 57.73
C SER A 65 -10.64 23.80 58.17
N THR A 66 -9.63 23.02 58.49
CA THR A 66 -8.36 23.57 58.94
C THR A 66 -7.65 24.29 57.81
N TYR A 67 -7.14 25.48 58.10
CA TYR A 67 -6.42 26.28 57.12
C TYR A 67 -4.93 26.06 57.27
N VAL A 68 -4.23 25.92 56.14
CA VAL A 68 -2.80 25.68 56.18
C VAL A 68 -2.08 26.93 56.67
N THR A 69 -1.20 26.75 57.64
CA THR A 69 -0.34 27.81 58.14
C THR A 69 1.10 27.51 57.75
N ASP A 70 2.00 28.44 58.09
CA ASP A 70 3.41 28.24 57.80
C ASP A 70 3.99 27.15 58.68
N LYS A 71 4.93 26.38 58.12
CA LYS A 71 5.66 25.34 58.85
C LYS A 71 4.69 24.29 59.42
N MET A 72 3.88 23.73 58.53
CA MET A 72 2.86 22.75 58.89
C MET A 72 3.25 21.39 58.34
N VAL A 73 3.35 20.41 59.22
CA VAL A 73 3.66 19.03 58.84
C VAL A 73 2.37 18.23 59.00
N ILE A 74 1.85 17.73 57.88
CA ILE A 74 0.57 17.04 57.85
C ILE A 74 0.79 15.62 57.37
N LYS A 75 0.27 14.65 58.13
CA LYS A 75 0.32 13.24 57.76
C LYS A 75 -1.10 12.76 57.52
N THR A 76 -1.42 12.45 56.26
CA THR A 76 -2.77 12.07 55.89
C THR A 76 -2.97 10.56 55.80
N ASP A 77 -1.95 9.76 56.14
CA ASP A 77 -2.12 8.31 56.10
C ASP A 77 -1.46 7.62 57.28
N SER A 78 -1.27 8.32 58.40
CA SER A 78 -0.70 7.71 59.59
C SER A 78 -1.69 6.70 60.18
N PRO A 79 -1.19 5.72 60.93
CA PRO A 79 -2.09 4.69 61.48
C PRO A 79 -3.21 5.25 62.35
N ARG A 80 -2.96 6.33 63.08
CA ARG A 80 -4.04 6.97 63.83
C ARG A 80 -5.13 7.47 62.89
N VAL A 81 -4.74 8.11 61.79
CA VAL A 81 -5.70 8.62 60.81
C VAL A 81 -6.44 7.47 60.17
N ARG A 82 -5.74 6.40 59.81
CA ARG A 82 -6.39 5.24 59.20
C ARG A 82 -7.39 4.61 60.15
N ASN A 83 -7.05 4.48 61.42
CA ASN A 83 -7.97 3.92 62.39
C ASN A 83 -9.20 4.81 62.56
N ALA A 84 -9.00 6.13 62.60
CA ALA A 84 -10.13 7.04 62.74
C ALA A 84 -11.08 6.92 61.55
N ARG A 85 -10.52 6.93 60.33
CA ARG A 85 -11.36 6.83 59.14
C ARG A 85 -12.05 5.47 59.07
N LYS A 86 -11.35 4.40 59.44
CA LYS A 86 -11.96 3.07 59.42
C LYS A 86 -13.12 2.97 60.41
N MET A 87 -12.95 3.54 61.60
CA MET A 87 -14.04 3.52 62.57
C MET A 87 -15.22 4.36 62.07
N ALA A 88 -14.95 5.52 61.46
CA ALA A 88 -16.04 6.32 60.92
C ALA A 88 -16.79 5.56 59.83
N LEU A 89 -16.05 4.86 58.95
CA LEU A 89 -16.70 4.11 57.89
C LEU A 89 -17.50 2.94 58.43
N GLU A 90 -16.98 2.25 59.46
CA GLU A 90 -17.74 1.17 60.09
C GLU A 90 -19.01 1.70 60.72
N LEU A 91 -18.94 2.85 61.40
CA LEU A 91 -20.12 3.44 62.01
C LEU A 91 -21.14 3.84 60.95
N LEU A 92 -20.69 4.39 59.83
CA LEU A 92 -21.60 4.74 58.76
C LEU A 92 -22.24 3.50 58.14
N LEU A 93 -21.46 2.42 58.00
CA LEU A 93 -22.00 1.18 57.43
C LEU A 93 -22.99 0.52 58.37
N SER A 94 -22.82 0.69 59.68
CA SER A 94 -23.71 0.02 60.63
C SER A 94 -25.16 0.43 60.44
N GLU A 95 -25.40 1.62 59.88
CA GLU A 95 -26.76 2.10 59.63
C GLU A 95 -27.09 2.15 58.14
N HIS A 96 -26.39 1.37 57.33
CA HIS A 96 -26.56 1.39 55.88
C HIS A 96 -27.32 0.14 55.44
N ARG A 97 -28.39 0.35 54.68
CA ARG A 97 -29.24 -0.72 54.16
C ARG A 97 -29.22 -0.62 52.64
N GLY A 98 -28.29 -1.32 52.01
CA GLY A 98 -28.15 -1.26 50.57
C GLY A 98 -27.59 -2.54 50.00
N ASP A 99 -27.35 -2.52 48.69
CA ASP A 99 -26.86 -3.69 47.96
C ASP A 99 -25.91 -3.17 46.88
N CYS A 100 -24.60 -3.21 47.18
CA CYS A 100 -23.63 -2.70 46.22
C CYS A 100 -23.68 -3.48 44.92
N ARG A 101 -23.76 -4.81 44.99
CA ARG A 101 -23.91 -5.63 43.82
C ARG A 101 -25.03 -6.65 44.08
N PRO A 102 -25.87 -6.91 43.09
CA PRO A 102 -27.01 -7.80 43.29
C PRO A 102 -26.55 -9.23 43.53
N PRO A 103 -27.40 -10.07 44.13
CA PRO A 103 -26.99 -11.46 44.38
C PRO A 103 -26.66 -12.23 43.12
N CYS A 104 -27.26 -11.86 41.98
CA CYS A 104 -26.95 -12.53 40.73
C CYS A 104 -25.49 -12.32 40.34
N VAL A 105 -24.96 -11.12 40.54
CA VAL A 105 -23.56 -10.85 40.23
C VAL A 105 -22.65 -11.62 41.17
N LEU A 106 -22.99 -11.66 42.45
CA LEU A 106 -22.13 -12.33 43.43
C LEU A 106 -22.14 -13.84 43.25
N ALA A 107 -23.26 -14.41 42.80
CA ALA A 107 -23.33 -15.86 42.63
C ALA A 107 -22.53 -16.34 41.43
N CYS A 108 -22.38 -15.50 40.41
CA CYS A 108 -21.62 -15.90 39.23
C CYS A 108 -20.14 -16.04 39.58
N PRO A 109 -19.52 -17.18 39.29
CA PRO A 109 -18.07 -17.31 39.57
C PRO A 109 -17.22 -16.29 38.85
N ALA A 110 -17.60 -15.88 37.64
CA ALA A 110 -16.88 -14.85 36.92
C ALA A 110 -17.31 -13.45 37.30
N HIS A 111 -18.32 -13.32 38.17
CA HIS A 111 -18.82 -12.02 38.61
C HIS A 111 -19.23 -11.14 37.43
N THR A 112 -19.89 -11.75 36.45
CA THR A 112 -20.41 -10.98 35.32
C THR A 112 -21.50 -10.04 35.80
N ASP A 113 -21.55 -8.85 35.21
CA ASP A 113 -22.52 -7.82 35.59
C ASP A 113 -23.88 -8.24 35.04
N CYS A 114 -24.51 -9.20 35.74
CA CYS A 114 -25.76 -9.76 35.25
C CYS A 114 -26.86 -8.70 35.19
N GLN A 115 -26.98 -7.89 36.24
CA GLN A 115 -28.00 -6.85 36.25
C GLN A 115 -27.74 -5.84 35.14
N GLY A 116 -26.47 -5.49 34.90
CA GLY A 116 -26.12 -4.55 33.87
C GLY A 116 -26.58 -4.96 32.49
N TYR A 117 -26.17 -6.14 32.02
CA TYR A 117 -26.58 -6.53 30.68
C TYR A 117 -28.03 -6.97 30.60
N VAL A 118 -28.62 -7.44 31.69
CA VAL A 118 -30.06 -7.70 31.67
C VAL A 118 -30.83 -6.40 31.44
N GLY A 119 -30.46 -5.35 32.19
CA GLY A 119 -31.10 -4.06 32.00
C GLY A 119 -30.82 -3.45 30.64
N LEU A 120 -29.62 -3.67 30.10
CA LEU A 120 -29.31 -3.18 28.76
C LEU A 120 -30.11 -3.93 27.70
N ILE A 121 -30.36 -5.22 27.91
CA ILE A 121 -31.26 -5.96 27.02
C ILE A 121 -32.66 -5.39 27.10
N ALA A 122 -33.13 -5.10 28.32
CA ALA A 122 -34.46 -4.53 28.49
C ALA A 122 -34.61 -3.17 27.85
N ASN A 123 -33.50 -2.49 27.52
CA ASN A 123 -33.53 -1.21 26.84
C ASN A 123 -33.27 -1.33 25.35
N GLY A 124 -33.01 -2.52 24.84
CA GLY A 124 -32.70 -2.71 23.43
C GLY A 124 -31.26 -2.51 23.06
N GLN A 125 -30.35 -2.41 24.03
CA GLN A 125 -28.93 -2.23 23.77
C GLN A 125 -28.25 -3.60 23.84
N PHE A 126 -28.34 -4.33 22.73
CA PHE A 126 -27.79 -5.68 22.68
C PHE A 126 -26.27 -5.66 22.57
N ARG A 127 -25.72 -4.77 21.75
CA ARG A 127 -24.27 -4.70 21.60
C ARG A 127 -23.61 -4.24 22.89
N GLU A 128 -24.22 -3.28 23.59
CA GLU A 128 -23.70 -2.87 24.89
C GLU A 128 -23.76 -4.01 25.90
N ALA A 129 -24.84 -4.80 25.86
CA ALA A 129 -24.93 -5.96 26.74
C ALA A 129 -23.82 -6.96 26.44
N VAL A 130 -23.55 -7.21 25.17
CA VAL A 130 -22.49 -8.13 24.79
C VAL A 130 -21.14 -7.60 25.25
N ALA A 131 -20.91 -6.29 25.08
CA ALA A 131 -19.65 -5.70 25.52
C ALA A 131 -19.49 -5.78 27.03
N LEU A 132 -20.59 -5.62 27.77
CA LEU A 132 -20.54 -5.78 29.22
C LEU A 132 -20.23 -7.22 29.61
N ILE A 133 -20.79 -8.19 28.87
CA ILE A 133 -20.49 -9.59 29.13
C ILE A 133 -19.02 -9.87 28.88
N LYS A 134 -18.48 -9.35 27.77
CA LYS A 134 -17.10 -9.65 27.39
C LYS A 134 -16.08 -8.99 28.29
N GLU A 135 -16.50 -8.10 29.18
CA GLU A 135 -15.59 -7.59 30.19
C GLU A 135 -15.22 -8.65 31.21
N GLN A 136 -16.04 -9.69 31.36
CA GLN A 136 -15.78 -10.79 32.27
C GLN A 136 -15.98 -12.16 31.66
N LEU A 137 -16.59 -12.26 30.47
CA LEU A 137 -16.93 -13.55 29.87
C LEU A 137 -16.72 -13.46 28.36
N PRO A 138 -15.64 -14.04 27.83
CA PRO A 138 -15.37 -13.95 26.39
C PRO A 138 -16.31 -14.77 25.52
N PHE A 139 -17.09 -15.70 26.09
CA PHE A 139 -17.95 -16.60 25.33
C PHE A 139 -19.39 -16.46 25.84
N PRO A 140 -20.11 -15.41 25.44
CA PRO A 140 -21.50 -15.29 25.88
C PRO A 140 -22.39 -16.43 25.40
N ALA A 141 -22.37 -16.72 24.10
CA ALA A 141 -23.29 -17.71 23.55
C ALA A 141 -22.98 -19.11 24.03
N SER A 142 -21.70 -19.51 23.98
CA SER A 142 -21.33 -20.87 24.36
C SER A 142 -21.65 -21.16 25.82
N ILE A 143 -21.26 -20.25 26.71
CA ILE A 143 -21.53 -20.45 28.14
C ILE A 143 -23.02 -20.33 28.42
N GLY A 144 -23.71 -19.42 27.74
CA GLY A 144 -25.15 -19.32 27.90
C GLY A 144 -25.87 -20.59 27.48
N ARG A 145 -25.30 -21.33 26.52
CA ARG A 145 -25.88 -22.61 26.14
C ARG A 145 -25.60 -23.68 27.20
N VAL A 146 -24.38 -23.71 27.74
CA VAL A 146 -23.96 -24.73 28.69
C VAL A 146 -23.52 -24.04 29.98
N CYS A 147 -24.41 -23.99 30.95
CA CYS A 147 -24.11 -23.45 32.28
C CYS A 147 -25.22 -23.84 33.25
N PRO A 148 -24.86 -24.37 34.43
CA PRO A 148 -25.89 -24.65 35.44
C PRO A 148 -26.53 -23.41 36.03
N HIS A 149 -26.04 -22.22 35.68
CA HIS A 149 -26.50 -20.90 36.11
C HIS A 149 -26.80 -20.85 37.61
N PRO A 150 -25.78 -20.88 38.46
CA PRO A 150 -26.02 -20.64 39.89
C PRO A 150 -26.56 -19.25 40.18
N CYS A 151 -26.37 -18.30 39.25
CA CYS A 151 -26.90 -16.96 39.44
C CYS A 151 -28.41 -16.95 39.56
N GLU A 152 -29.09 -17.85 38.84
CA GLU A 152 -30.54 -17.92 38.94
C GLU A 152 -30.98 -18.54 40.25
N GLU A 153 -30.12 -19.34 40.89
CA GLU A 153 -30.46 -19.86 42.21
C GLU A 153 -30.39 -18.77 43.27
N ALA A 154 -29.60 -17.73 43.03
CA ALA A 154 -29.50 -16.60 43.95
C ALA A 154 -30.28 -15.38 43.50
N CYS A 155 -30.95 -15.45 42.35
CA CYS A 155 -31.72 -14.32 41.87
C CYS A 155 -32.84 -13.97 42.84
N ARG A 156 -32.97 -12.68 43.15
CA ARG A 156 -33.99 -12.26 44.11
C ARG A 156 -35.39 -12.42 43.58
N ARG A 157 -35.56 -12.50 42.25
CA ARG A 157 -36.88 -12.75 41.68
C ARG A 157 -37.38 -14.15 42.00
N ASN A 158 -36.53 -15.03 42.53
CA ASN A 158 -37.01 -16.28 43.10
C ASN A 158 -38.03 -16.03 44.21
N MET A 159 -37.93 -14.88 44.88
CA MET A 159 -38.86 -14.53 45.94
C MET A 159 -40.21 -14.05 45.43
N VAL A 160 -40.34 -13.77 44.13
CA VAL A 160 -41.62 -13.31 43.62
C VAL A 160 -42.30 -14.41 42.81
N ASP A 161 -41.76 -14.70 41.62
CA ASP A 161 -42.33 -15.77 40.81
C ASP A 161 -41.33 -16.83 40.37
N GLN A 162 -40.26 -16.40 39.68
CA GLN A 162 -39.34 -17.30 38.99
C GLN A 162 -38.08 -16.52 38.64
N PRO A 163 -36.90 -17.10 38.79
CA PRO A 163 -35.66 -16.33 38.55
C PRO A 163 -35.52 -15.92 37.10
N ILE A 164 -34.81 -14.80 36.91
CA ILE A 164 -34.59 -14.26 35.57
C ILE A 164 -33.79 -15.25 34.73
N ALA A 165 -34.20 -15.44 33.48
CA ALA A 165 -33.48 -16.30 32.57
C ALA A 165 -32.19 -15.64 32.11
N ILE A 166 -31.22 -15.53 33.02
CA ILE A 166 -29.98 -14.84 32.72
C ILE A 166 -29.18 -15.57 31.65
N ALA A 167 -29.11 -16.90 31.76
CA ALA A 167 -28.38 -17.68 30.77
C ALA A 167 -29.03 -17.57 29.40
N GLU A 168 -30.35 -17.62 29.34
CA GLU A 168 -31.05 -17.51 28.06
C GLU A 168 -30.83 -16.14 27.43
N LEU A 169 -30.87 -15.07 28.24
CA LEU A 169 -30.62 -13.74 27.70
C LEU A 169 -29.19 -13.60 27.20
N LYS A 170 -28.24 -14.15 27.94
CA LYS A 170 -26.84 -14.10 27.49
C LYS A 170 -26.66 -14.87 26.19
N ARG A 171 -27.29 -16.04 26.07
CA ARG A 171 -27.22 -16.79 24.82
C ARG A 171 -27.85 -16.00 23.68
N PHE A 172 -28.97 -15.32 23.95
CA PHE A 172 -29.63 -14.51 22.93
C PHE A 172 -28.73 -13.41 22.41
N VAL A 173 -28.11 -12.64 23.32
CA VAL A 173 -27.26 -11.55 22.87
C VAL A 173 -25.98 -12.07 22.24
N GLY A 174 -25.47 -13.20 22.71
CA GLY A 174 -24.31 -13.80 22.05
C GLY A 174 -24.62 -14.24 20.64
N ASP A 175 -25.80 -14.82 20.42
CA ASP A 175 -26.22 -15.19 19.07
C ASP A 175 -26.37 -13.95 18.19
N ILE A 176 -26.94 -12.87 18.73
CA ILE A 176 -27.06 -11.63 17.97
C ILE A 176 -25.68 -11.12 17.56
N ASP A 177 -24.74 -11.11 18.51
CA ASP A 177 -23.40 -10.60 18.21
C ASP A 177 -22.68 -11.47 17.19
N LEU A 178 -22.82 -12.79 17.30
CA LEU A 178 -22.14 -13.68 16.37
C LEU A 178 -22.78 -13.68 15.00
N LEU A 179 -24.07 -13.34 14.92
CA LEU A 179 -24.75 -13.31 13.63
C LEU A 179 -24.09 -12.32 12.68
N ASP A 180 -23.81 -11.12 13.16
CA ASP A 180 -23.03 -10.16 12.41
C ASP A 180 -21.56 -10.29 12.80
N ASP A 181 -20.74 -9.33 12.41
CA ASP A 181 -19.36 -9.30 12.86
C ASP A 181 -19.30 -9.18 14.38
N GLY A 182 -18.47 -10.01 15.01
CA GLY A 182 -18.42 -10.06 16.45
C GLY A 182 -17.80 -8.81 17.04
N TYR A 183 -17.88 -8.74 18.38
CA TYR A 183 -17.38 -7.59 19.13
C TYR A 183 -15.99 -7.91 19.68
N ILE A 184 -15.03 -7.06 19.36
CA ILE A 184 -13.67 -7.16 19.85
C ILE A 184 -13.41 -5.99 20.79
N PRO A 185 -13.03 -6.22 22.03
CA PRO A 185 -12.77 -5.12 22.96
C PRO A 185 -11.53 -4.33 22.53
N PRO A 186 -11.41 -3.08 22.97
CA PRO A 186 -10.22 -2.30 22.62
C PRO A 186 -8.95 -2.95 23.14
N ILE A 187 -7.88 -2.85 22.36
CA ILE A 187 -6.61 -3.49 22.65
C ILE A 187 -5.59 -2.42 23.02
N LYS A 188 -4.95 -2.58 24.17
CA LYS A 188 -3.93 -1.64 24.59
C LYS A 188 -2.69 -1.75 23.70
N PRO A 189 -1.87 -0.71 23.62
CA PRO A 189 -0.68 -0.77 22.77
C PRO A 189 0.26 -1.89 23.20
N LYS A 190 0.97 -2.44 22.21
CA LYS A 190 1.82 -3.61 22.44
C LYS A 190 2.86 -3.31 23.51
N THR A 191 2.97 -4.20 24.49
CA THR A 191 3.92 -4.07 25.58
C THR A 191 5.21 -4.83 25.33
N GLY A 192 5.30 -5.59 24.24
CA GLY A 192 6.51 -6.32 23.94
C GLY A 192 6.76 -7.51 24.85
N LYS A 193 5.71 -8.05 25.48
CA LYS A 193 5.83 -9.18 26.38
C LYS A 193 5.14 -10.40 25.78
N LYS A 194 5.80 -11.55 25.87
CA LYS A 194 5.29 -12.79 25.30
C LYS A 194 4.85 -13.72 26.41
N VAL A 195 3.64 -14.26 26.29
CA VAL A 195 3.06 -15.18 27.25
C VAL A 195 2.70 -16.47 26.53
N ALA A 196 3.08 -17.60 27.12
CA ALA A 196 2.80 -18.91 26.54
C ALA A 196 1.71 -19.59 27.35
N ILE A 197 0.58 -19.86 26.72
CA ILE A 197 -0.55 -20.53 27.35
C ILE A 197 -0.64 -21.93 26.78
N VAL A 198 -0.67 -22.93 27.66
CA VAL A 198 -0.74 -24.32 27.28
C VAL A 198 -2.17 -24.78 27.48
N GLY A 199 -2.85 -25.12 26.40
CA GLY A 199 -4.25 -25.51 26.47
C GLY A 199 -5.16 -24.49 25.80
N GLY A 200 -6.08 -24.97 24.97
CA GLY A 200 -7.00 -24.09 24.28
C GLY A 200 -8.41 -24.17 24.84
N GLY A 201 -8.54 -24.55 26.10
CA GLY A 201 -9.82 -24.67 26.74
C GLY A 201 -10.35 -23.33 27.22
N PRO A 202 -11.44 -23.35 27.97
CA PRO A 202 -12.00 -22.09 28.48
C PRO A 202 -11.02 -21.28 29.31
N ALA A 203 -10.21 -21.94 30.15
CA ALA A 203 -9.28 -21.21 30.98
C ALA A 203 -8.15 -20.59 30.15
N GLY A 204 -7.56 -21.37 29.25
CA GLY A 204 -6.50 -20.84 28.42
C GLY A 204 -6.98 -19.77 27.47
N LEU A 205 -8.14 -19.98 26.84
CA LEU A 205 -8.69 -18.97 25.94
C LEU A 205 -9.09 -17.71 26.69
N THR A 206 -9.60 -17.86 27.91
CA THR A 206 -9.92 -16.69 28.73
C THR A 206 -8.67 -15.91 29.11
N CYS A 207 -7.61 -16.61 29.48
CA CYS A 207 -6.35 -15.95 29.79
C CYS A 207 -5.80 -15.22 28.56
N ALA A 208 -5.88 -15.87 27.39
CA ALA A 208 -5.46 -15.21 26.16
C ALA A 208 -6.29 -13.97 25.87
N PHE A 209 -7.61 -14.07 26.08
CA PHE A 209 -8.50 -12.95 25.82
C PHE A 209 -8.17 -11.77 26.73
N PHE A 210 -7.93 -12.03 28.02
CA PHE A 210 -7.70 -10.94 28.96
C PHE A 210 -6.24 -10.51 29.05
N LEU A 211 -5.32 -11.23 28.39
CA LEU A 211 -3.95 -10.77 28.28
C LEU A 211 -3.67 -10.05 26.97
N ALA A 212 -4.33 -10.46 25.88
CA ALA A 212 -4.21 -9.72 24.64
C ALA A 212 -4.86 -8.34 24.74
N LYS A 213 -5.83 -8.19 25.65
CA LYS A 213 -6.42 -6.88 25.89
C LYS A 213 -5.41 -5.93 26.53
N GLU A 214 -4.43 -6.46 27.25
CA GLU A 214 -3.40 -5.66 27.90
C GLU A 214 -2.25 -5.32 26.97
N GLY A 215 -2.25 -5.84 25.74
CA GLY A 215 -1.20 -5.55 24.79
C GLY A 215 -0.05 -6.52 24.74
N HIS A 216 -0.19 -7.70 25.35
CA HIS A 216 0.87 -8.69 25.33
C HIS A 216 0.77 -9.53 24.07
N ASP A 217 1.86 -10.25 23.77
CA ASP A 217 1.91 -11.16 22.63
C ASP A 217 1.60 -12.57 23.12
N ILE A 218 0.50 -13.14 22.64
CA ILE A 218 -0.08 -14.35 23.19
C ILE A 218 0.01 -15.47 22.18
N VAL A 219 0.56 -16.61 22.60
CA VAL A 219 0.56 -17.84 21.83
C VAL A 219 -0.01 -18.94 22.71
N VAL A 220 -0.93 -19.72 22.15
CA VAL A 220 -1.65 -20.77 22.87
C VAL A 220 -1.30 -22.10 22.23
N TYR A 221 -0.63 -22.96 22.97
CA TYR A 221 -0.25 -24.28 22.49
C TYR A 221 -1.34 -25.28 22.84
N GLU A 222 -1.93 -25.89 21.82
CA GLU A 222 -3.07 -26.80 22.01
C GLU A 222 -2.73 -28.15 21.40
N ALA A 223 -2.90 -29.21 22.19
CA ALA A 223 -2.56 -30.55 21.72
C ALA A 223 -3.55 -31.04 20.67
N MET A 224 -4.83 -30.73 20.85
CA MET A 224 -5.86 -31.22 19.96
C MET A 224 -5.82 -30.48 18.63
N PRO A 225 -6.40 -31.06 17.58
CA PRO A 225 -6.39 -30.38 16.28
C PRO A 225 -7.06 -29.02 16.28
N LYS A 226 -8.08 -28.83 17.12
CA LYS A 226 -8.81 -27.57 17.18
C LYS A 226 -8.96 -27.14 18.63
N ALA A 227 -8.92 -25.84 18.86
CA ALA A 227 -9.08 -25.30 20.20
C ALA A 227 -10.52 -25.42 20.66
N GLY A 228 -10.71 -25.32 21.97
CA GLY A 228 -12.04 -25.42 22.56
C GLY A 228 -12.07 -26.24 23.82
N GLY A 229 -11.16 -27.19 23.95
CA GLY A 229 -11.10 -28.00 25.14
C GLY A 229 -12.31 -28.91 25.28
N MET A 230 -12.73 -29.14 26.52
CA MET A 230 -13.90 -29.97 26.77
C MET A 230 -15.19 -29.30 26.32
N LEU A 231 -15.15 -28.03 25.94
CA LEU A 231 -16.30 -27.43 25.27
C LEU A 231 -16.50 -27.99 23.88
N ARG A 232 -15.47 -28.58 23.28
CA ARG A 232 -15.56 -29.19 21.96
C ARG A 232 -15.52 -30.71 22.01
N TYR A 233 -14.57 -31.29 22.74
CA TYR A 233 -14.41 -32.73 22.83
C TYR A 233 -15.11 -33.33 24.04
N GLY A 234 -15.87 -32.52 24.77
CA GLY A 234 -16.69 -32.97 25.87
C GLY A 234 -18.15 -32.84 25.52
N ILE A 235 -18.75 -31.73 25.96
CA ILE A 235 -20.13 -31.36 25.68
C ILE A 235 -20.51 -31.71 24.24
N PRO A 236 -21.60 -32.45 24.05
CA PRO A 236 -21.96 -32.90 22.70
C PRO A 236 -22.54 -31.78 21.86
N GLU A 237 -22.75 -32.10 20.58
CA GLU A 237 -23.21 -31.11 19.62
C GLU A 237 -24.66 -30.68 19.86
N TYR A 238 -25.49 -31.58 20.38
CA TYR A 238 -26.88 -31.22 20.63
C TYR A 238 -27.04 -30.27 21.81
N ARG A 239 -26.00 -30.11 22.62
CA ARG A 239 -26.03 -29.14 23.72
C ARG A 239 -25.21 -27.89 23.44
N LEU A 240 -24.10 -28.03 22.71
CA LEU A 240 -23.29 -26.89 22.30
C LEU A 240 -22.81 -27.14 20.87
N PRO A 241 -23.47 -26.56 19.87
CA PRO A 241 -22.99 -26.69 18.49
C PRO A 241 -21.58 -26.13 18.35
N LYS A 242 -20.77 -26.80 17.54
CA LYS A 242 -19.37 -26.43 17.39
C LYS A 242 -19.15 -25.23 16.47
N GLY A 243 -20.15 -24.85 15.68
CA GLY A 243 -20.03 -23.64 14.89
C GLY A 243 -19.93 -22.39 15.76
N ILE A 244 -20.74 -22.32 16.81
CA ILE A 244 -20.67 -21.20 17.74
C ILE A 244 -19.30 -21.14 18.40
N LEU A 245 -18.79 -22.30 18.83
CA LEU A 245 -17.47 -22.35 19.45
C LEU A 245 -16.40 -21.89 18.47
N ASP A 246 -16.48 -22.34 17.22
CA ASP A 246 -15.52 -21.91 16.22
C ASP A 246 -15.58 -20.41 16.01
N LYS A 247 -16.78 -19.83 15.97
CA LYS A 247 -16.91 -18.39 15.80
C LYS A 247 -16.31 -17.62 16.96
N GLU A 248 -16.55 -18.08 18.20
CA GLU A 248 -15.97 -17.39 19.36
C GLU A 248 -14.45 -17.49 19.35
N ILE A 249 -13.91 -18.66 19.02
CA ILE A 249 -12.46 -18.82 18.99
C ILE A 249 -11.85 -17.98 17.86
N GLU A 250 -12.55 -17.85 16.73
CA GLU A 250 -12.09 -16.98 15.67
C GLU A 250 -12.09 -15.53 16.11
N LEU A 251 -13.11 -15.13 16.88
CA LEU A 251 -13.12 -13.79 17.45
C LEU A 251 -11.91 -13.57 18.35
N ILE A 252 -11.58 -14.56 19.17
CA ILE A 252 -10.41 -14.44 20.04
C ILE A 252 -9.13 -14.32 19.21
N GLU A 253 -9.02 -15.12 18.15
CA GLU A 253 -7.84 -15.05 17.30
C GLU A 253 -7.75 -13.71 16.58
N LYS A 254 -8.89 -13.05 16.34
CA LYS A 254 -8.87 -11.75 15.69
C LYS A 254 -8.20 -10.68 16.55
N MET A 255 -7.99 -10.96 17.85
CA MET A 255 -7.36 -10.01 18.75
C MET A 255 -5.84 -10.06 18.68
N GLY A 256 -5.27 -11.00 17.92
CA GLY A 256 -3.83 -11.14 17.82
C GLY A 256 -3.26 -12.35 18.53
N VAL A 257 -4.09 -13.26 19.01
CA VAL A 257 -3.62 -14.47 19.68
C VAL A 257 -3.27 -15.50 18.62
N GLN A 258 -2.08 -16.09 18.73
CA GLN A 258 -1.63 -17.12 17.81
C GLN A 258 -1.85 -18.48 18.45
N ILE A 259 -2.78 -19.25 17.92
CA ILE A 259 -3.11 -20.56 18.48
C ILE A 259 -2.42 -21.61 17.64
N LYS A 260 -1.41 -22.26 18.21
CA LYS A 260 -0.68 -23.35 17.57
C LYS A 260 -1.30 -24.65 18.03
N THR A 261 -2.10 -25.27 17.16
CA THR A 261 -2.72 -26.54 17.46
C THR A 261 -1.76 -27.69 17.16
N ASN A 262 -2.13 -28.88 17.62
CA ASN A 262 -1.35 -30.10 17.47
C ASN A 262 -0.01 -30.04 18.17
N MET A 263 0.21 -29.04 19.03
CA MET A 263 1.43 -28.91 19.81
C MET A 263 1.14 -29.40 21.23
N ARG A 264 1.90 -30.40 21.66
CA ARG A 264 1.67 -31.05 22.94
C ARG A 264 2.85 -30.82 23.87
N LEU A 265 2.57 -30.48 25.12
CA LEU A 265 3.62 -30.27 26.10
C LEU A 265 4.23 -31.61 26.52
N GLY A 266 5.55 -31.70 26.44
CA GLY A 266 6.25 -32.92 26.77
C GLY A 266 6.47 -33.87 25.62
N VAL A 267 5.74 -33.71 24.53
CA VAL A 267 5.87 -34.55 23.34
C VAL A 267 6.40 -33.74 22.15
N ASP A 268 5.66 -32.72 21.72
CA ASP A 268 6.11 -31.85 20.66
C ASP A 268 6.90 -30.66 21.20
N ILE A 269 6.58 -30.18 22.39
CA ILE A 269 7.21 -29.01 22.96
C ILE A 269 7.62 -29.32 24.40
N SER A 270 8.60 -28.57 24.89
CA SER A 270 9.17 -28.80 26.21
C SER A 270 8.92 -27.60 27.10
N LEU A 271 8.78 -27.87 28.41
CA LEU A 271 8.55 -26.79 29.36
C LEU A 271 9.74 -25.83 29.42
N GLU A 272 10.96 -26.35 29.25
CA GLU A 272 12.13 -25.48 29.26
C GLU A 272 12.11 -24.51 28.08
N TYR A 273 11.66 -24.97 26.92
CA TYR A 273 11.55 -24.08 25.77
C TYR A 273 10.61 -22.92 26.06
N LEU A 274 9.46 -23.21 26.67
CA LEU A 274 8.51 -22.15 27.01
C LEU A 274 9.09 -21.22 28.06
N ARG A 275 9.75 -21.78 29.08
CA ARG A 275 10.30 -20.94 30.14
C ARG A 275 11.45 -20.07 29.63
N LYS A 276 12.13 -20.49 28.57
CA LYS A 276 13.23 -19.71 28.03
C LYS A 276 12.76 -18.65 27.03
N ASN A 277 11.83 -19.00 26.15
CA ASN A 277 11.41 -18.09 25.10
C ASN A 277 10.23 -17.20 25.48
N TYR A 278 9.67 -17.37 26.66
CA TYR A 278 8.48 -16.63 27.08
C TYR A 278 8.65 -16.10 28.48
N ASP A 279 8.11 -14.90 28.73
CA ASP A 279 8.22 -14.30 30.06
C ASP A 279 7.39 -15.06 31.09
N ALA A 280 6.14 -15.39 30.75
CA ALA A 280 5.25 -16.11 31.64
C ALA A 280 4.61 -17.28 30.91
N VAL A 281 4.33 -18.35 31.67
CA VAL A 281 3.69 -19.55 31.15
C VAL A 281 2.48 -19.86 32.01
N PHE A 282 1.33 -20.01 31.37
CA PHE A 282 0.08 -20.35 32.05
C PHE A 282 -0.39 -21.71 31.54
N LEU A 283 -0.51 -22.67 32.44
CA LEU A 283 -0.88 -24.04 32.08
C LEU A 283 -2.37 -24.24 32.37
N ALA A 284 -3.13 -24.57 31.33
CA ALA A 284 -4.55 -24.84 31.42
C ALA A 284 -4.87 -26.18 30.77
N VAL A 285 -4.08 -27.21 31.13
CA VAL A 285 -4.17 -28.50 30.46
C VAL A 285 -5.50 -29.19 30.74
N GLY A 286 -6.03 -29.02 31.95
CA GLY A 286 -7.29 -29.64 32.32
C GLY A 286 -7.13 -31.10 32.68
N ALA A 287 -8.24 -31.69 33.14
CA ALA A 287 -8.27 -33.09 33.55
C ALA A 287 -8.65 -33.93 32.34
N TRP A 288 -7.65 -34.53 31.69
CA TRP A 288 -7.85 -35.26 30.45
C TRP A 288 -7.45 -36.73 30.58
N LYS A 289 -7.66 -37.31 31.76
CA LYS A 289 -7.37 -38.73 31.98
C LYS A 289 -8.54 -39.31 32.78
N SER A 290 -9.44 -40.02 32.11
CA SER A 290 -10.60 -40.58 32.76
C SER A 290 -10.18 -41.65 33.76
N SER A 291 -10.90 -41.72 34.87
CA SER A 291 -10.59 -42.70 35.91
C SER A 291 -10.98 -44.09 35.45
N THR A 292 -10.14 -45.06 35.77
CA THR A 292 -10.43 -46.45 35.46
C THR A 292 -11.50 -46.98 36.41
N LEU A 293 -12.13 -48.09 36.01
CA LEU A 293 -13.27 -48.62 36.76
C LEU A 293 -12.87 -49.00 38.18
N GLY A 294 -11.62 -49.39 38.40
CA GLY A 294 -11.18 -49.77 39.73
C GLY A 294 -11.62 -51.15 40.17
N CYS A 295 -12.09 -51.98 39.26
CA CYS A 295 -12.55 -53.33 39.53
C CYS A 295 -11.83 -54.29 38.61
N PRO A 296 -11.68 -55.56 39.00
CA PRO A 296 -11.00 -56.53 38.12
C PRO A 296 -11.69 -56.65 36.78
N GLY A 297 -10.87 -56.75 35.72
CA GLY A 297 -11.38 -56.81 34.37
C GLY A 297 -11.68 -55.48 33.73
N ASP A 298 -11.24 -54.37 34.34
CA ASP A 298 -11.50 -53.06 33.75
C ASP A 298 -10.74 -52.84 32.45
N SER A 299 -9.70 -53.62 32.19
CA SER A 299 -8.91 -53.49 30.97
C SER A 299 -9.44 -54.34 29.82
N ALA A 300 -10.53 -55.07 30.03
CA ALA A 300 -11.11 -55.88 28.96
C ALA A 300 -11.63 -55.00 27.84
N GLU A 301 -11.51 -55.49 26.62
CA GLU A 301 -11.98 -54.72 25.47
C GLU A 301 -13.50 -54.60 25.53
N GLY A 302 -14.00 -53.43 25.15
CA GLY A 302 -15.39 -53.09 25.35
C GLY A 302 -15.64 -52.20 26.54
N VAL A 303 -14.60 -51.86 27.31
CA VAL A 303 -14.68 -50.88 28.38
C VAL A 303 -13.85 -49.68 27.97
N ILE A 304 -14.48 -48.52 27.90
CA ILE A 304 -13.85 -47.31 27.39
C ILE A 304 -14.14 -46.16 28.34
N GLY A 305 -13.18 -45.25 28.47
CA GLY A 305 -13.38 -44.09 29.32
C GLY A 305 -14.43 -43.16 28.76
N GLY A 306 -15.08 -42.43 29.66
CA GLY A 306 -16.16 -41.55 29.23
C GLY A 306 -15.68 -40.43 28.34
N ILE A 307 -14.65 -39.70 28.77
CA ILE A 307 -14.19 -38.57 27.99
C ILE A 307 -13.50 -39.04 26.71
N GLU A 308 -12.83 -40.19 26.75
CA GLU A 308 -12.25 -40.73 25.52
C GLU A 308 -13.31 -41.14 24.52
N PHE A 309 -14.39 -41.76 25.01
CA PHE A 309 -15.51 -42.11 24.14
C PHE A 309 -16.16 -40.87 23.54
N LEU A 310 -16.34 -39.83 24.36
CA LEU A 310 -16.94 -38.60 23.84
C LEU A 310 -16.01 -37.88 22.88
N ARG A 311 -14.70 -37.98 23.07
CA ARG A 311 -13.74 -37.39 22.14
C ARG A 311 -13.75 -38.14 20.82
N LYS A 312 -13.84 -39.48 20.86
CA LYS A 312 -13.96 -40.25 19.63
C LYS A 312 -15.25 -39.90 18.90
N VAL A 313 -16.36 -39.74 19.64
CA VAL A 313 -17.62 -39.40 19.01
C VAL A 313 -17.55 -38.02 18.37
N SER A 314 -16.99 -37.05 19.10
CA SER A 314 -16.90 -35.69 18.58
C SER A 314 -15.99 -35.61 17.35
N MET A 315 -14.87 -36.31 17.39
CA MET A 315 -13.95 -36.34 16.26
C MET A 315 -14.44 -37.20 15.11
N ASN A 316 -15.63 -37.79 15.22
CA ASN A 316 -16.19 -38.68 14.21
C ASN A 316 -15.31 -39.90 13.98
N GLN A 317 -14.55 -40.30 15.00
CA GLN A 317 -13.75 -41.50 14.90
C GLN A 317 -14.63 -42.73 15.13
N PRO A 318 -14.30 -43.86 14.52
CA PRO A 318 -15.13 -45.06 14.68
C PRO A 318 -15.01 -45.62 16.09
N VAL A 319 -16.14 -45.70 16.78
CA VAL A 319 -16.21 -46.25 18.14
C VAL A 319 -17.02 -47.53 18.09
N ASN A 320 -16.74 -48.43 19.02
CA ASN A 320 -17.32 -49.77 19.03
C ASN A 320 -18.37 -49.86 20.12
N LEU A 321 -19.61 -49.52 19.78
CA LEU A 321 -20.75 -49.70 20.66
C LEU A 321 -21.41 -51.05 20.40
N GLY A 322 -22.58 -51.26 21.00
CA GLY A 322 -23.35 -52.45 20.79
C GLY A 322 -24.79 -52.20 21.16
N GLN A 323 -25.58 -53.28 21.19
CA GLN A 323 -26.97 -53.16 21.60
C GLN A 323 -27.08 -52.75 23.07
N ARG A 324 -26.20 -53.25 23.91
CA ARG A 324 -26.27 -53.03 25.35
C ARG A 324 -25.10 -52.16 25.79
N VAL A 325 -25.41 -51.04 26.44
CA VAL A 325 -24.42 -50.09 26.92
C VAL A 325 -24.70 -49.80 28.39
N LEU A 326 -23.67 -49.91 29.22
CA LEU A 326 -23.72 -49.50 30.61
C LEU A 326 -22.84 -48.28 30.81
N VAL A 327 -23.29 -47.36 31.66
CA VAL A 327 -22.53 -46.17 32.00
C VAL A 327 -22.34 -46.16 33.51
N VAL A 328 -21.09 -46.07 33.95
CA VAL A 328 -20.74 -46.08 35.37
C VAL A 328 -20.36 -44.65 35.75
N GLY A 329 -21.18 -44.02 36.59
CA GLY A 329 -20.93 -42.65 37.01
C GLY A 329 -22.20 -41.85 37.17
N GLY A 330 -22.08 -40.60 37.61
CA GLY A 330 -23.26 -39.78 37.82
C GLY A 330 -23.09 -38.32 37.47
N GLY A 331 -21.96 -37.96 36.88
CA GLY A 331 -21.66 -36.58 36.54
C GLY A 331 -22.14 -36.20 35.16
N ASN A 332 -21.60 -35.09 34.65
CA ASN A 332 -21.92 -34.67 33.29
C ASN A 332 -21.41 -35.67 32.27
N THR A 333 -20.24 -36.27 32.53
CA THR A 333 -19.67 -37.22 31.60
C THR A 333 -20.58 -38.42 31.41
N ALA A 334 -21.12 -38.96 32.51
CA ALA A 334 -21.98 -40.14 32.42
C ALA A 334 -23.25 -39.83 31.63
N MET A 335 -23.88 -38.69 31.91
CA MET A 335 -25.13 -38.36 31.24
C MET A 335 -24.90 -38.07 29.76
N ASP A 336 -23.83 -37.35 29.44
CA ASP A 336 -23.50 -37.08 28.05
C ASP A 336 -23.20 -38.38 27.30
N ALA A 337 -22.44 -39.28 27.91
CA ALA A 337 -22.15 -40.55 27.27
C ALA A 337 -23.41 -41.37 27.06
N ALA A 338 -24.31 -41.39 28.05
CA ALA A 338 -25.55 -42.14 27.91
C ALA A 338 -26.41 -41.59 26.77
N ARG A 339 -26.54 -40.27 26.68
CA ARG A 339 -27.37 -39.69 25.64
C ARG A 339 -26.73 -39.84 24.26
N THR A 340 -25.39 -39.75 24.19
CA THR A 340 -24.70 -40.00 22.93
C THR A 340 -24.89 -41.44 22.48
N ALA A 341 -24.79 -42.39 23.41
CA ALA A 341 -25.01 -43.79 23.06
C ALA A 341 -26.45 -44.01 22.60
N ILE A 342 -27.41 -43.34 23.24
CA ILE A 342 -28.79 -43.42 22.79
C ILE A 342 -28.93 -42.90 21.37
N ARG A 343 -28.26 -41.79 21.06
CA ARG A 343 -28.32 -41.24 19.71
C ARG A 343 -27.43 -41.98 18.73
N LEU A 344 -26.49 -42.80 19.20
CA LEU A 344 -25.61 -43.56 18.34
C LEU A 344 -26.18 -44.93 17.97
N GLY A 345 -27.42 -45.22 18.37
CA GLY A 345 -28.08 -46.43 17.95
C GLY A 345 -28.14 -47.55 18.98
N ALA A 346 -27.69 -47.31 20.21
CA ALA A 346 -27.81 -48.33 21.24
C ALA A 346 -29.27 -48.56 21.58
N LYS A 347 -29.66 -49.83 21.68
CA LYS A 347 -31.05 -50.17 21.93
C LYS A 347 -31.46 -49.83 23.36
N GLU A 348 -30.61 -50.14 24.33
CA GLU A 348 -30.87 -49.79 25.72
C GLU A 348 -29.58 -49.32 26.37
N VAL A 349 -29.66 -48.22 27.12
CA VAL A 349 -28.53 -47.65 27.83
C VAL A 349 -28.93 -47.47 29.29
N THR A 350 -28.11 -47.99 30.19
CA THR A 350 -28.39 -47.97 31.62
C THR A 350 -27.22 -47.31 32.35
N VAL A 351 -27.54 -46.36 33.22
CA VAL A 351 -26.54 -45.63 33.99
C VAL A 351 -26.56 -46.15 35.42
N LEU A 352 -25.40 -46.57 35.91
CA LEU A 352 -25.26 -47.14 37.25
C LEU A 352 -24.55 -46.12 38.14
N TYR A 353 -25.25 -45.68 39.19
CA TYR A 353 -24.71 -44.73 40.15
C TYR A 353 -24.71 -45.37 41.54
N ARG A 354 -23.62 -45.17 42.27
CA ARG A 354 -23.49 -45.74 43.60
C ARG A 354 -24.34 -45.03 44.65
N ARG A 355 -24.71 -43.78 44.39
CA ARG A 355 -25.57 -43.02 45.28
C ARG A 355 -27.02 -43.06 44.76
N THR A 356 -27.89 -42.26 45.37
CA THR A 356 -29.28 -42.18 44.96
C THR A 356 -29.45 -40.99 44.02
N ARG A 357 -30.69 -40.79 43.54
CA ARG A 357 -30.96 -39.73 42.58
C ARG A 357 -30.65 -38.36 43.18
N GLU A 358 -31.01 -38.15 44.44
CA GLU A 358 -30.87 -36.82 45.05
C GLU A 358 -29.43 -36.35 45.07
N GLU A 359 -28.48 -37.26 45.27
CA GLU A 359 -27.06 -36.92 45.31
C GLU A 359 -26.38 -37.05 43.95
N MET A 360 -27.12 -36.92 42.87
CA MET A 360 -26.53 -36.97 41.54
C MET A 360 -25.83 -35.65 41.23
N PRO A 361 -24.54 -35.65 40.92
CA PRO A 361 -23.88 -34.39 40.55
C PRO A 361 -24.42 -33.76 39.29
N ALA A 362 -25.07 -34.54 38.43
CA ALA A 362 -25.63 -34.01 37.21
C ALA A 362 -26.87 -33.18 37.50
N GLU A 363 -27.19 -32.29 36.57
CA GLU A 363 -28.38 -31.45 36.71
C GLU A 363 -29.64 -32.28 36.59
N ASP A 364 -30.71 -31.82 37.25
CA ASP A 364 -31.99 -32.53 37.19
C ASP A 364 -32.57 -32.50 35.78
N ILE A 365 -32.40 -31.38 35.08
CA ILE A 365 -32.97 -31.24 33.74
C ILE A 365 -32.33 -32.25 32.78
N GLU A 366 -31.02 -32.43 32.88
CA GLU A 366 -30.34 -33.39 32.00
C GLU A 366 -30.81 -34.81 32.28
N VAL A 367 -30.97 -35.18 33.55
CA VAL A 367 -31.42 -36.52 33.89
C VAL A 367 -32.85 -36.75 33.39
N ASN A 368 -33.72 -35.75 33.59
CA ASN A 368 -35.09 -35.89 33.11
C ASN A 368 -35.16 -35.99 31.59
N GLU A 369 -34.35 -35.19 30.90
CA GLU A 369 -34.31 -35.26 29.44
C GLU A 369 -33.83 -36.63 28.98
N ALA A 370 -32.79 -37.16 29.61
CA ALA A 370 -32.30 -38.49 29.24
C ALA A 370 -33.34 -39.56 29.50
N GLU A 371 -34.08 -39.45 30.60
CA GLU A 371 -35.18 -40.37 30.85
C GLU A 371 -36.23 -40.27 29.75
N GLU A 372 -36.51 -39.05 29.30
CA GLU A 372 -37.45 -38.88 28.18
C GLU A 372 -36.91 -39.55 26.92
N GLU A 373 -35.60 -39.50 26.70
CA GLU A 373 -35.02 -40.09 25.50
C GLU A 373 -34.97 -41.61 25.58
N GLY A 374 -34.87 -42.17 26.78
CA GLY A 374 -34.92 -43.62 26.92
C GLY A 374 -33.78 -44.24 27.70
N VAL A 375 -33.07 -43.45 28.50
CA VAL A 375 -32.00 -43.95 29.35
C VAL A 375 -32.60 -44.48 30.65
N LYS A 376 -32.19 -45.68 31.04
CA LYS A 376 -32.62 -46.28 32.30
C LYS A 376 -31.56 -46.05 33.36
N PHE A 377 -31.99 -46.01 34.62
CA PHE A 377 -31.11 -45.69 35.73
C PHE A 377 -31.20 -46.75 36.81
N GLN A 378 -30.04 -47.11 37.36
CA GLN A 378 -29.94 -47.95 38.55
C GLN A 378 -29.13 -47.22 39.59
N PHE A 379 -29.70 -47.03 40.78
CA PHE A 379 -29.06 -46.27 41.83
C PHE A 379 -28.62 -47.18 42.96
N LEU A 380 -27.76 -46.65 43.83
CA LEU A 380 -27.21 -47.39 44.96
C LEU A 380 -26.53 -48.68 44.50
N VAL A 381 -25.81 -48.59 43.38
CA VAL A 381 -25.20 -49.74 42.74
C VAL A 381 -23.78 -49.38 42.31
N ALA A 382 -22.80 -50.20 42.69
CA ALA A 382 -21.40 -49.96 42.38
C ALA A 382 -20.76 -51.20 41.79
N PRO A 383 -19.80 -51.03 40.90
CA PRO A 383 -19.22 -52.19 40.21
C PRO A 383 -18.18 -52.91 41.05
N ILE A 384 -18.16 -54.24 40.93
CA ILE A 384 -17.13 -55.05 41.57
C ILE A 384 -16.45 -56.03 40.64
N GLU A 385 -17.01 -56.36 39.47
CA GLU A 385 -16.37 -57.32 38.60
C GLU A 385 -16.83 -57.11 37.17
N VAL A 386 -15.95 -57.41 36.21
CA VAL A 386 -16.27 -57.36 34.79
C VAL A 386 -16.22 -58.78 34.26
N ILE A 387 -17.37 -59.33 33.89
CA ILE A 387 -17.46 -60.71 33.39
C ILE A 387 -17.16 -60.69 31.90
N THR A 388 -15.97 -61.18 31.53
CA THR A 388 -15.54 -61.28 30.15
C THR A 388 -15.27 -62.74 29.81
N ASP A 389 -15.72 -63.16 28.63
CA ASP A 389 -15.62 -64.55 28.22
C ASP A 389 -14.38 -64.83 27.37
N GLY A 390 -14.25 -64.18 26.23
CA GLY A 390 -13.15 -64.44 25.32
C GLY A 390 -12.29 -63.22 25.05
N GLY A 391 -12.00 -62.45 26.10
CA GLY A 391 -11.32 -61.19 25.96
C GLY A 391 -12.22 -60.02 25.65
N ARG A 392 -13.51 -60.27 25.44
CA ARG A 392 -14.50 -59.22 25.23
C ARG A 392 -15.49 -59.25 26.38
N VAL A 393 -15.90 -58.06 26.83
CA VAL A 393 -16.78 -57.97 27.98
C VAL A 393 -18.17 -58.49 27.61
N ARG A 394 -18.68 -59.41 28.41
CA ARG A 394 -20.04 -59.93 28.26
C ARG A 394 -21.02 -59.32 29.23
N ALA A 395 -20.61 -59.10 30.48
CA ALA A 395 -21.50 -58.51 31.47
C ALA A 395 -20.65 -57.85 32.55
N LEU A 396 -21.33 -57.29 33.54
CA LEU A 396 -20.66 -56.66 34.66
C LEU A 396 -21.43 -56.97 35.94
N LYS A 397 -20.71 -57.43 36.96
CA LYS A 397 -21.28 -57.77 38.24
C LYS A 397 -21.09 -56.62 39.21
N CYS A 398 -22.21 -56.15 39.78
CA CYS A 398 -22.25 -55.02 40.69
C CYS A 398 -22.70 -55.49 42.06
N GLN A 399 -22.25 -54.77 43.10
CA GLN A 399 -22.68 -55.02 44.46
C GLN A 399 -23.63 -53.91 44.88
N ARG A 400 -24.87 -54.27 45.21
CA ARG A 400 -25.82 -53.29 45.68
C ARG A 400 -25.36 -52.70 47.01
N MET A 401 -25.50 -51.39 47.14
CA MET A 401 -25.07 -50.68 48.33
C MET A 401 -26.25 -49.89 48.90
N ARG A 402 -26.10 -49.45 50.15
CA ARG A 402 -27.14 -48.69 50.82
C ARG A 402 -26.52 -47.57 51.62
N LEU A 403 -27.33 -46.55 51.91
CA LEU A 403 -26.86 -45.35 52.60
C LEU A 403 -26.68 -45.67 54.08
N GLY A 404 -25.43 -45.80 54.51
CA GLY A 404 -25.17 -46.24 55.87
C GLY A 404 -24.96 -45.15 56.91
N ASP A 405 -24.02 -44.24 56.67
CA ASP A 405 -23.67 -43.22 57.65
C ASP A 405 -23.23 -41.96 56.91
N MET A 406 -22.61 -41.04 57.65
CA MET A 406 -22.12 -39.79 57.08
C MET A 406 -20.73 -40.01 56.47
N ASP A 407 -20.26 -39.03 55.73
CA ASP A 407 -18.99 -39.15 55.00
C ASP A 407 -18.23 -37.83 55.11
N GLU A 408 -17.19 -37.68 54.29
CA GLU A 408 -16.44 -36.43 54.26
C GLU A 408 -17.31 -35.28 53.79
N SER A 409 -18.16 -35.51 52.78
CA SER A 409 -19.04 -34.47 52.30
C SER A 409 -20.03 -34.02 53.36
N GLY A 410 -20.32 -34.88 54.33
CA GLY A 410 -21.23 -34.55 55.42
C GLY A 410 -22.67 -34.91 55.18
N ARG A 411 -23.03 -35.35 53.96
CA ARG A 411 -24.42 -35.67 53.68
C ARG A 411 -24.74 -37.12 53.98
N ARG A 412 -24.06 -38.06 53.31
CA ARG A 412 -24.44 -39.46 53.41
C ARG A 412 -23.35 -40.31 52.76
N ARG A 413 -23.02 -41.44 53.39
CA ARG A 413 -21.99 -42.34 52.87
C ARG A 413 -22.62 -43.65 52.43
N PRO A 414 -22.48 -44.05 51.17
CA PRO A 414 -22.93 -45.38 50.75
C PRO A 414 -21.95 -46.45 51.21
N VAL A 415 -22.48 -47.57 51.70
CA VAL A 415 -21.67 -48.71 52.10
C VAL A 415 -22.25 -49.96 51.45
N PRO A 416 -21.42 -50.96 51.12
CA PRO A 416 -21.95 -52.14 50.43
C PRO A 416 -22.87 -52.96 51.31
N ILE A 417 -23.79 -53.67 50.66
CA ILE A 417 -24.71 -54.59 51.32
C ILE A 417 -24.24 -56.00 51.03
N GLU A 418 -23.94 -56.75 52.09
CA GLU A 418 -23.45 -58.12 51.92
C GLU A 418 -24.55 -59.02 51.38
N GLY A 419 -24.16 -59.89 50.44
CA GLY A 419 -25.10 -60.81 49.83
C GLY A 419 -25.92 -60.22 48.71
N ALA A 420 -25.69 -58.96 48.34
CA ALA A 420 -26.43 -58.30 47.27
C ALA A 420 -25.51 -58.14 46.07
N GLU A 421 -25.83 -58.83 44.98
CA GLU A 421 -25.04 -58.78 43.75
C GLU A 421 -25.97 -58.91 42.56
N VAL A 422 -25.71 -58.14 41.52
CA VAL A 422 -26.54 -58.11 40.32
C VAL A 422 -25.66 -58.16 39.08
N ILE A 423 -26.05 -58.97 38.12
CA ILE A 423 -25.35 -59.08 36.85
C ILE A 423 -26.10 -58.25 35.82
N PHE A 424 -25.40 -57.32 35.17
CA PHE A 424 -25.97 -56.50 34.12
C PHE A 424 -25.28 -56.86 32.81
N GLU A 425 -26.08 -57.26 31.81
CA GLU A 425 -25.53 -57.64 30.53
C GLU A 425 -25.25 -56.39 29.70
N ALA A 426 -24.03 -56.28 29.20
CA ALA A 426 -23.60 -55.07 28.49
C ALA A 426 -22.52 -55.41 27.48
N ASP A 427 -22.77 -55.09 26.22
CA ASP A 427 -21.74 -55.20 25.19
C ASP A 427 -20.69 -54.10 25.31
N THR A 428 -21.06 -52.95 25.88
CA THR A 428 -20.13 -51.84 26.07
C THR A 428 -20.29 -51.30 27.48
N ILE A 429 -19.18 -50.92 28.09
CA ILE A 429 -19.18 -50.29 29.41
C ILE A 429 -18.37 -49.01 29.33
N ILE A 430 -18.96 -47.90 29.75
CA ILE A 430 -18.32 -46.59 29.71
C ILE A 430 -18.12 -46.14 31.15
N SER A 431 -16.86 -46.06 31.58
CA SER A 431 -16.52 -45.66 32.94
C SER A 431 -16.38 -44.15 32.98
N ALA A 432 -17.39 -43.48 33.53
CA ALA A 432 -17.40 -42.02 33.60
C ALA A 432 -17.48 -41.55 35.05
N ILE A 433 -16.68 -42.15 35.93
CA ILE A 433 -16.73 -41.87 37.36
C ILE A 433 -15.89 -40.64 37.69
N GLY A 434 -15.39 -39.96 36.67
CA GLY A 434 -14.61 -38.77 36.87
C GLY A 434 -13.32 -38.80 36.07
N GLN A 435 -12.63 -37.66 36.11
CA GLN A 435 -11.38 -37.48 35.39
C GLN A 435 -10.29 -37.00 36.32
N LYS A 436 -9.04 -37.28 35.96
CA LYS A 436 -7.88 -36.84 36.70
C LYS A 436 -6.90 -36.18 35.75
N VAL A 437 -6.05 -35.32 36.30
CA VAL A 437 -5.06 -34.62 35.48
C VAL A 437 -4.06 -35.61 34.93
N ARG A 438 -3.77 -35.50 33.63
CA ARG A 438 -2.81 -36.38 32.99
C ARG A 438 -1.41 -36.07 33.52
N VAL A 439 -0.80 -37.06 34.20
CA VAL A 439 0.48 -36.85 34.86
C VAL A 439 1.57 -36.51 33.86
N GLU A 440 1.46 -37.02 32.63
CA GLU A 440 2.49 -36.76 31.63
C GLU A 440 2.58 -35.28 31.28
N ASP A 441 1.43 -34.61 31.16
CA ASP A 441 1.42 -33.20 30.79
C ASP A 441 1.98 -32.30 31.89
N VAL A 442 1.96 -32.74 33.14
CA VAL A 442 2.31 -31.88 34.27
C VAL A 442 3.65 -32.31 34.85
N GLU A 443 4.52 -32.87 34.02
CA GLU A 443 5.82 -33.33 34.48
C GLU A 443 6.66 -32.14 34.96
N GLY A 444 7.49 -32.39 35.97
CA GLY A 444 8.33 -31.35 36.51
C GLY A 444 7.63 -30.35 37.40
N LEU A 445 6.45 -30.69 37.91
CA LEU A 445 5.69 -29.80 38.77
C LEU A 445 5.30 -30.53 40.05
N GLU A 446 5.08 -29.76 41.10
CA GLU A 446 4.64 -30.33 42.36
C GLU A 446 3.13 -30.54 42.31
N LEU A 447 2.68 -31.76 42.61
CA LEU A 447 1.30 -32.15 42.46
C LEU A 447 0.62 -32.27 43.82
N THR A 448 -0.58 -31.73 43.90
CA THR A 448 -1.44 -31.93 45.06
C THR A 448 -1.77 -33.42 45.19
N ARG A 449 -2.03 -33.87 46.42
CA ARG A 449 -2.35 -35.27 46.66
C ARG A 449 -3.49 -35.76 45.77
N HIS A 450 -4.44 -34.87 45.47
CA HIS A 450 -5.52 -35.21 44.55
C HIS A 450 -5.05 -35.42 43.11
N GLY A 451 -3.81 -35.05 42.80
CA GLY A 451 -3.26 -35.20 41.47
C GLY A 451 -3.19 -33.91 40.69
N THR A 452 -3.89 -32.87 41.12
CA THR A 452 -3.89 -31.60 40.43
C THR A 452 -2.60 -30.83 40.72
N ILE A 453 -2.32 -29.85 39.87
CA ILE A 453 -1.14 -29.00 40.05
C ILE A 453 -1.32 -28.17 41.32
N LYS A 454 -0.25 -28.08 42.11
CA LYS A 454 -0.27 -27.28 43.34
C LYS A 454 0.14 -25.86 43.01
N VAL A 455 -0.74 -24.90 43.30
CA VAL A 455 -0.48 -23.49 43.06
C VAL A 455 -0.72 -22.72 44.35
N ASP A 456 -0.11 -21.54 44.43
CA ASP A 456 -0.30 -20.65 45.57
C ASP A 456 -1.65 -19.95 45.42
N GLU A 457 -2.52 -20.12 46.41
CA GLU A 457 -3.86 -19.55 46.33
C GLU A 457 -3.78 -18.02 46.31
N GLY A 458 -4.52 -17.42 45.38
CA GLY A 458 -4.54 -15.98 45.21
C GLY A 458 -3.55 -15.46 44.19
N THR A 459 -2.51 -16.24 43.85
CA THR A 459 -1.56 -15.86 42.82
C THR A 459 -1.52 -16.81 41.65
N TYR A 460 -2.10 -18.01 41.77
CA TYR A 460 -2.16 -18.98 40.68
C TYR A 460 -0.78 -19.33 40.15
N GLN A 461 0.22 -19.36 41.03
CA GLN A 461 1.61 -19.58 40.66
C GLN A 461 2.04 -20.98 41.08
N THR A 462 2.71 -21.68 40.17
CA THR A 462 3.16 -23.04 40.44
C THR A 462 4.49 -23.00 41.21
N SER A 463 5.08 -24.17 41.42
CA SER A 463 6.38 -24.23 42.08
C SER A 463 7.46 -23.53 41.26
N LEU A 464 7.44 -23.73 39.95
CA LEU A 464 8.42 -23.09 39.08
C LEU A 464 8.13 -21.59 38.97
N GLU A 465 9.20 -20.80 38.96
CA GLU A 465 9.04 -19.36 38.88
C GLU A 465 8.64 -18.95 37.48
N GLY A 466 7.63 -18.08 37.38
CA GLY A 466 7.13 -17.62 36.11
C GLY A 466 6.15 -18.53 35.44
N VAL A 467 5.82 -19.68 36.04
CA VAL A 467 4.88 -20.64 35.48
C VAL A 467 3.62 -20.60 36.32
N PHE A 468 2.49 -20.30 35.68
CA PHE A 468 1.20 -20.20 36.34
C PHE A 468 0.29 -21.34 35.88
N ALA A 469 -0.77 -21.57 36.64
CA ALA A 469 -1.71 -22.63 36.32
C ALA A 469 -3.10 -22.25 36.79
N GLY A 470 -4.10 -22.90 36.18
CA GLY A 470 -5.48 -22.64 36.53
C GLY A 470 -6.39 -23.55 35.75
N GLY A 471 -7.67 -23.51 36.10
CA GLY A 471 -8.66 -24.34 35.46
C GLY A 471 -8.76 -25.71 36.08
N ASP A 472 -9.28 -26.66 35.28
CA ASP A 472 -9.43 -28.03 35.76
C ASP A 472 -8.11 -28.68 36.13
N ALA A 473 -6.99 -28.16 35.62
CA ALA A 473 -5.69 -28.68 36.01
C ALA A 473 -5.35 -28.39 37.46
N VAL A 474 -6.01 -27.40 38.06
CA VAL A 474 -5.72 -26.98 39.44
C VAL A 474 -6.86 -27.36 40.38
N THR A 475 -8.09 -27.03 40.01
CA THR A 475 -9.25 -27.28 40.87
C THR A 475 -9.88 -28.64 40.65
N GLY A 476 -9.56 -29.33 39.56
CA GLY A 476 -10.23 -30.56 39.21
C GLY A 476 -11.44 -30.26 38.34
N PRO A 477 -12.16 -31.31 37.95
CA PRO A 477 -13.32 -31.12 37.06
C PRO A 477 -14.41 -30.29 37.74
N LYS A 478 -14.70 -29.13 37.14
CA LYS A 478 -15.75 -28.23 37.61
C LYS A 478 -16.52 -27.74 36.39
N ILE A 479 -17.38 -26.75 36.59
CA ILE A 479 -18.15 -26.18 35.49
C ILE A 479 -17.28 -25.20 34.72
N ALA A 480 -17.71 -24.82 33.52
CA ALA A 480 -16.86 -24.05 32.62
C ALA A 480 -16.65 -22.62 33.11
N ILE A 481 -17.65 -22.02 33.75
CA ILE A 481 -17.51 -20.64 34.19
C ILE A 481 -16.48 -20.52 35.31
N GLU A 482 -16.33 -21.57 36.12
CA GLU A 482 -15.25 -21.57 37.11
C GLU A 482 -13.88 -21.54 36.43
N ALA A 483 -13.72 -22.32 35.37
CA ALA A 483 -12.47 -22.29 34.61
C ALA A 483 -12.23 -20.93 33.98
N ILE A 484 -13.30 -20.30 33.48
CA ILE A 484 -13.17 -18.97 32.89
C ILE A 484 -12.78 -17.94 33.95
N ALA A 485 -13.37 -18.02 35.13
CA ALA A 485 -12.99 -17.12 36.22
C ALA A 485 -11.54 -17.33 36.63
N GLN A 486 -11.11 -18.59 36.71
CA GLN A 486 -9.70 -18.88 37.00
C GLN A 486 -8.78 -18.29 35.94
N GLY A 487 -9.16 -18.42 34.67
CA GLY A 487 -8.36 -17.86 33.60
C GLY A 487 -8.27 -16.34 33.68
N LYS A 488 -9.38 -15.68 33.98
CA LYS A 488 -9.38 -14.22 34.07
C LYS A 488 -8.52 -13.75 35.25
N ASN A 489 -8.68 -14.38 36.42
CA ASN A 489 -7.88 -14.02 37.58
C ASN A 489 -6.40 -14.26 37.31
N ALA A 490 -6.07 -15.38 36.68
CA ALA A 490 -4.68 -15.67 36.36
C ALA A 490 -4.13 -14.69 35.35
N ALA A 491 -4.96 -14.24 34.39
CA ALA A 491 -4.52 -13.25 33.43
C ALA A 491 -4.19 -11.93 34.13
N ARG A 492 -5.04 -11.51 35.07
CA ARG A 492 -4.76 -10.28 35.80
C ARG A 492 -3.48 -10.41 36.63
N VAL A 493 -3.31 -11.56 37.30
CA VAL A 493 -2.11 -11.80 38.09
C VAL A 493 -0.86 -11.80 37.20
N ILE A 494 -0.96 -12.42 36.02
CA ILE A 494 0.17 -12.50 35.12
C ILE A 494 0.53 -11.12 34.57
N ASP A 495 -0.48 -10.30 34.28
CA ASP A 495 -0.21 -8.93 33.86
C ASP A 495 0.51 -8.15 34.96
N SER A 496 0.06 -8.32 36.21
CA SER A 496 0.74 -7.66 37.32
C SER A 496 2.18 -8.14 37.45
N TYR A 497 2.41 -9.44 37.29
CA TYR A 497 3.76 -9.99 37.39
C TYR A 497 4.65 -9.48 36.27
N LEU A 498 4.11 -9.39 35.05
CA LEU A 498 4.88 -8.87 33.92
C LEU A 498 5.23 -7.40 34.14
N ARG A 499 4.31 -6.63 34.72
CA ARG A 499 4.62 -5.24 35.03
C ARG A 499 5.71 -5.10 36.08
N GLY A 500 5.99 -6.16 36.84
CA GLY A 500 7.10 -6.16 37.77
C GLY A 500 6.69 -6.48 39.20
N LYS A 501 5.54 -5.97 39.63
CA LYS A 501 5.06 -6.15 40.99
C LYS A 501 3.94 -7.19 40.99
N LEU A 502 4.22 -8.35 41.57
CA LEU A 502 3.22 -9.41 41.63
C LEU A 502 2.30 -9.17 42.81
N GLU A 503 1.00 -9.03 42.54
CA GLU A 503 0.00 -8.74 43.56
C GLU A 503 -1.09 -9.80 43.54
N PRO A 504 -1.33 -10.50 44.65
CA PRO A 504 -2.41 -11.49 44.68
C PRO A 504 -3.78 -10.84 44.54
N ILE A 505 -4.73 -11.65 44.06
CA ILE A 505 -6.09 -11.15 43.83
C ILE A 505 -6.72 -10.78 45.16
N LYS A 506 -7.26 -9.57 45.25
CA LYS A 506 -7.95 -9.08 46.44
C LYS A 506 -9.43 -8.97 46.13
N GLU A 507 -10.25 -9.65 46.92
CA GLU A 507 -11.69 -9.62 46.71
C GLU A 507 -12.29 -8.40 47.41
N PRO A 508 -13.03 -7.55 46.70
CA PRO A 508 -13.62 -6.38 47.34
C PRO A 508 -14.70 -6.76 48.34
N TYR A 509 -14.93 -5.85 49.28
CA TYR A 509 -16.02 -5.99 50.25
C TYR A 509 -17.24 -5.24 49.74
N TYR A 510 -18.36 -5.94 49.66
CA TYR A 510 -19.62 -5.37 49.17
C TYR A 510 -20.62 -5.27 50.32
N VAL A 511 -21.42 -4.22 50.29
CA VAL A 511 -22.56 -4.11 51.21
C VAL A 511 -23.72 -4.90 50.60
N LYS A 512 -24.24 -5.86 51.35
CA LYS A 512 -25.29 -6.73 50.85
C LYS A 512 -26.42 -6.81 51.87
N GLN A 513 -27.61 -7.10 51.37
CA GLN A 513 -28.81 -7.25 52.21
C GLN A 513 -29.11 -8.73 52.36
N GLU A 514 -29.04 -9.22 53.59
CA GLU A 514 -29.29 -10.63 53.88
C GLU A 514 -30.56 -10.84 54.70
N ASP A 515 -31.26 -9.78 55.07
CA ASP A 515 -32.50 -9.87 55.82
C ASP A 515 -33.73 -9.94 54.92
N LEU A 516 -33.54 -9.96 53.60
CA LEU A 516 -34.66 -9.94 52.69
C LEU A 516 -35.48 -11.22 52.79
N THR A 517 -36.79 -11.08 52.59
CA THR A 517 -37.74 -12.17 52.67
C THR A 517 -38.77 -11.96 51.57
N PRO A 518 -39.47 -13.02 51.15
CA PRO A 518 -40.49 -12.85 50.10
C PRO A 518 -41.58 -11.85 50.47
N GLU A 519 -41.84 -11.64 51.76
CA GLU A 519 -42.84 -10.67 52.17
C GLU A 519 -42.47 -9.25 51.79
N ASP A 520 -41.19 -8.98 51.49
CA ASP A 520 -40.79 -7.68 51.00
C ASP A 520 -41.21 -7.44 49.56
N PHE A 521 -41.59 -8.49 48.83
CA PHE A 521 -41.97 -8.38 47.43
C PHE A 521 -43.43 -8.78 47.20
N LYS A 522 -44.26 -8.70 48.23
CA LYS A 522 -45.66 -9.09 48.08
C LYS A 522 -46.44 -8.15 47.17
N ASP A 523 -45.90 -6.96 46.90
CA ASP A 523 -46.59 -5.98 46.07
C ASP A 523 -46.11 -5.99 44.63
N ARG A 524 -44.99 -6.64 44.32
CA ARG A 524 -44.47 -6.66 42.97
C ARG A 524 -45.40 -7.46 42.05
N GLU A 525 -45.51 -7.01 40.81
CA GLU A 525 -46.36 -7.68 39.83
C GLU A 525 -45.75 -9.02 39.43
N ARG A 526 -46.58 -10.07 39.42
CA ARG A 526 -46.12 -11.39 39.05
C ARG A 526 -46.18 -11.56 37.53
N LYS A 527 -45.03 -11.83 36.91
CA LYS A 527 -44.95 -11.99 35.47
C LYS A 527 -44.42 -13.38 35.13
N PRO A 528 -45.02 -14.08 34.19
CA PRO A 528 -44.54 -15.42 33.85
C PRO A 528 -43.18 -15.39 33.20
N ARG A 529 -42.40 -16.45 33.45
CA ARG A 529 -41.07 -16.56 32.87
C ARG A 529 -41.17 -16.86 31.37
N VAL A 530 -40.07 -16.63 30.67
CA VAL A 530 -40.02 -16.92 29.25
C VAL A 530 -40.14 -18.42 29.03
N PRO A 531 -40.98 -18.89 28.10
CA PRO A 531 -41.06 -20.32 27.83
C PRO A 531 -39.77 -20.85 27.23
N LEU A 532 -39.50 -22.12 27.49
CA LEU A 532 -38.35 -22.82 26.93
C LEU A 532 -38.83 -23.72 25.80
N LYS A 533 -38.28 -23.52 24.61
CA LYS A 533 -38.62 -24.34 23.45
C LYS A 533 -37.67 -25.54 23.42
N VAL A 534 -38.22 -26.73 23.62
CA VAL A 534 -37.45 -27.95 23.71
C VAL A 534 -37.95 -28.91 22.64
N ALA A 535 -37.02 -29.50 21.89
CA ALA A 535 -37.39 -30.43 20.82
C ALA A 535 -38.03 -31.68 21.39
N ASN A 536 -38.90 -32.30 20.59
CA ASN A 536 -39.61 -33.50 21.03
C ASN A 536 -38.62 -34.63 21.30
N ALA A 537 -38.90 -35.40 22.35
CA ALA A 537 -37.99 -36.48 22.75
C ALA A 537 -37.84 -37.52 21.66
N GLU A 538 -38.95 -37.92 21.03
CA GLU A 538 -38.89 -38.94 19.99
C GLU A 538 -38.07 -38.47 18.80
N GLU A 539 -38.24 -37.22 18.38
CA GLU A 539 -37.50 -36.72 17.24
C GLU A 539 -36.06 -36.38 17.58
N ARG A 540 -35.76 -36.08 18.85
CA ARG A 540 -34.42 -35.68 19.23
C ARG A 540 -33.55 -36.84 19.69
N LYS A 541 -34.13 -37.99 20.02
CA LYS A 541 -33.33 -39.12 20.46
C LYS A 541 -32.65 -39.86 19.32
N ASN A 542 -32.73 -39.35 18.10
CA ASN A 542 -32.14 -40.00 16.94
C ASN A 542 -31.09 -39.16 16.23
N ASN A 543 -30.97 -37.88 16.56
CA ASN A 543 -30.07 -36.99 15.86
C ASN A 543 -29.29 -36.17 16.89
N PHE A 544 -28.25 -35.48 16.39
CA PHE A 544 -27.44 -34.60 17.22
C PHE A 544 -27.77 -33.13 17.00
N ARG A 545 -29.01 -32.84 16.59
CA ARG A 545 -29.44 -31.46 16.45
C ARG A 545 -29.68 -30.84 17.83
N GLU A 546 -29.49 -29.52 17.90
CA GLU A 546 -29.62 -28.82 19.18
C GLU A 546 -31.04 -28.95 19.72
N ILE A 547 -31.15 -29.11 21.04
CA ILE A 547 -32.44 -29.36 21.66
C ILE A 547 -33.21 -28.07 21.88
N THR A 548 -32.58 -27.11 22.55
CA THR A 548 -33.22 -25.84 22.88
C THR A 548 -32.88 -24.79 21.84
N SER A 549 -33.82 -23.87 21.62
CA SER A 549 -33.67 -22.81 20.64
C SER A 549 -33.62 -21.45 21.34
N THR A 550 -32.92 -20.51 20.71
CA THR A 550 -32.75 -19.19 21.28
C THR A 550 -34.08 -18.43 21.33
N MET A 551 -34.21 -17.57 22.33
CA MET A 551 -35.41 -16.76 22.49
C MET A 551 -35.47 -15.70 21.38
N THR A 552 -36.65 -15.12 21.22
CA THR A 552 -36.84 -14.02 20.28
C THR A 552 -36.55 -12.69 20.96
N GLU A 553 -36.44 -11.64 20.14
CA GLU A 553 -36.13 -10.32 20.68
C GLU A 553 -37.23 -9.82 21.60
N LYS A 554 -38.50 -10.01 21.21
CA LYS A 554 -39.61 -9.61 22.06
C LYS A 554 -39.59 -10.37 23.38
N GLU A 555 -39.40 -11.69 23.32
CA GLU A 555 -39.32 -12.48 24.53
C GLU A 555 -38.12 -12.09 25.39
N ALA A 556 -36.99 -11.79 24.74
CA ALA A 556 -35.81 -11.37 25.50
C ALA A 556 -36.06 -10.06 26.24
N ILE A 557 -36.69 -9.09 25.58
CA ILE A 557 -36.96 -7.82 26.24
C ILE A 557 -37.98 -8.00 27.36
N ALA A 558 -39.02 -8.82 27.12
CA ALA A 558 -40.03 -9.05 28.14
C ALA A 558 -39.44 -9.78 29.34
N GLU A 559 -38.48 -10.68 29.11
CA GLU A 559 -37.83 -11.39 30.21
C GLU A 559 -36.91 -10.46 30.99
N ALA A 560 -36.12 -9.65 30.28
CA ALA A 560 -35.21 -8.73 30.94
C ALA A 560 -35.95 -7.62 31.67
N SER A 561 -37.19 -7.32 31.28
CA SER A 561 -37.99 -6.34 31.98
C SER A 561 -38.57 -6.86 33.28
N ARG A 562 -38.44 -8.16 33.55
CA ARG A 562 -38.89 -8.73 34.81
C ARG A 562 -37.91 -8.49 35.95
N CYS A 563 -36.73 -7.95 35.66
CA CYS A 563 -35.70 -7.77 36.68
C CYS A 563 -36.17 -6.81 37.75
N LEU A 564 -35.79 -7.10 39.00
CA LEU A 564 -36.16 -6.28 40.14
C LEU A 564 -35.19 -5.14 40.39
N GLU A 565 -34.09 -5.07 39.66
CA GLU A 565 -33.06 -4.04 39.83
C GLU A 565 -32.59 -3.99 41.29
N CYS A 566 -32.00 -5.11 41.73
CA CYS A 566 -31.62 -5.25 43.13
C CYS A 566 -30.39 -4.42 43.47
N GLY A 567 -29.45 -4.28 42.54
CA GLY A 567 -28.24 -3.57 42.84
C GLY A 567 -28.44 -2.06 42.91
N CYS A 568 -27.51 -1.40 43.59
CA CYS A 568 -27.59 0.04 43.76
C CYS A 568 -27.34 0.74 42.43
N MET A 569 -28.17 1.74 42.12
CA MET A 569 -28.00 2.49 40.90
C MET A 569 -26.78 3.41 40.93
N ASP A 570 -26.25 3.68 42.12
CA ASP A 570 -25.11 4.58 42.30
C ASP A 570 -23.81 3.82 42.52
N TYR A 571 -23.76 2.54 42.12
CA TYR A 571 -22.60 1.72 42.43
C TYR A 571 -21.32 2.28 41.80
N PHE A 572 -21.40 2.73 40.55
CA PHE A 572 -20.21 3.18 39.84
C PHE A 572 -19.78 4.58 40.22
N GLU A 573 -20.56 5.30 41.03
CA GLU A 573 -20.21 6.64 41.45
C GLU A 573 -20.34 6.83 42.96
N CYS A 574 -20.58 5.77 43.72
CA CYS A 574 -20.65 5.87 45.17
C CYS A 574 -19.26 6.01 45.74
N GLN A 575 -19.07 6.99 46.62
CA GLN A 575 -17.79 7.20 47.27
C GLN A 575 -17.67 6.44 48.58
N LEU A 576 -18.80 6.17 49.24
CA LEU A 576 -18.76 5.36 50.45
C LEU A 576 -18.25 3.95 50.14
N TYR A 577 -18.70 3.37 49.04
CA TYR A 577 -18.20 2.06 48.62
C TYR A 577 -16.71 2.09 48.35
N LYS A 578 -16.24 3.14 47.67
CA LYS A 578 -14.81 3.27 47.41
C LYS A 578 -14.02 3.36 48.71
N TYR A 579 -14.51 4.14 49.67
CA TYR A 579 -13.77 4.32 50.91
C TYR A 579 -13.78 3.06 51.77
N VAL A 580 -14.91 2.35 51.83
CA VAL A 580 -14.93 1.10 52.58
C VAL A 580 -14.11 0.02 51.89
N ASN A 581 -13.87 0.15 50.57
CA ASN A 581 -12.92 -0.73 49.92
C ASN A 581 -11.47 -0.32 50.21
N GLN A 582 -11.21 0.98 50.36
CA GLN A 582 -9.86 1.46 50.64
C GLN A 582 -9.39 1.16 52.05
N TYR A 583 -10.29 0.82 52.97
CA TYR A 583 -9.93 0.58 54.35
C TYR A 583 -10.47 -0.76 54.80
N ASP A 584 -9.71 -1.45 55.65
CA ASP A 584 -10.08 -2.77 56.14
C ASP A 584 -11.16 -2.62 57.21
N VAL A 585 -12.38 -2.35 56.73
CA VAL A 585 -13.51 -2.11 57.60
C VAL A 585 -14.17 -3.44 57.95
N ASP A 586 -14.42 -3.66 59.24
CA ASP A 586 -15.16 -4.82 59.70
C ASP A 586 -16.53 -4.36 60.20
N PRO A 587 -17.59 -4.55 59.42
CA PRO A 587 -18.89 -4.00 59.83
C PRO A 587 -19.65 -4.87 60.81
N GLN A 588 -19.33 -6.16 60.91
CA GLN A 588 -20.13 -7.08 61.73
C GLN A 588 -20.04 -6.73 63.21
N ARG A 589 -18.87 -6.29 63.68
CA ARG A 589 -18.69 -6.00 65.10
C ARG A 589 -19.61 -4.89 65.58
N LEU A 590 -19.81 -3.86 64.76
CA LEU A 590 -20.63 -2.72 65.13
C LEU A 590 -22.06 -2.83 64.62
N SER A 591 -22.42 -3.94 64.00
CA SER A 591 -23.78 -4.10 63.47
C SER A 591 -24.79 -4.14 64.60
N GLY A 592 -25.92 -3.47 64.41
CA GLY A 592 -26.96 -3.42 65.41
C GLY A 592 -28.30 -3.01 64.82
N TYR A 593 -29.04 -2.17 65.54
CA TYR A 593 -30.31 -1.68 65.03
C TYR A 593 -30.10 -0.84 63.78
N LYS A 594 -30.91 -1.09 62.76
CA LYS A 594 -30.81 -0.38 61.49
C LYS A 594 -32.20 0.04 61.05
N HIS A 595 -32.35 1.30 60.68
CA HIS A 595 -33.65 1.82 60.27
C HIS A 595 -34.07 1.23 58.93
N LYS A 596 -35.39 1.08 58.76
CA LYS A 596 -36.01 0.68 57.50
C LYS A 596 -37.14 1.67 57.26
N ARG A 597 -36.82 2.77 56.58
CA ARG A 597 -37.77 3.88 56.42
C ARG A 597 -38.04 4.23 54.96
N TYR A 598 -37.52 3.45 54.01
CA TYR A 598 -37.72 3.76 52.60
C TYR A 598 -39.16 3.44 52.20
N GLU A 599 -39.87 4.44 51.68
CA GLU A 599 -41.19 4.28 51.12
C GLU A 599 -41.21 4.81 49.70
N PRO A 600 -41.78 4.08 48.75
CA PRO A 600 -41.70 4.49 47.34
C PRO A 600 -42.43 5.81 47.10
N GLN A 601 -41.92 6.57 46.14
CA GLN A 601 -42.45 7.88 45.80
C GLN A 601 -42.89 7.91 44.35
N LYS A 602 -43.72 8.89 44.02
CA LYS A 602 -44.26 9.05 42.68
C LYS A 602 -43.58 10.17 41.90
N HIS A 603 -42.53 10.76 42.44
CA HIS A 603 -41.82 11.82 41.71
C HIS A 603 -41.18 11.23 40.45
N PRO A 604 -41.39 11.83 39.29
CA PRO A 604 -40.88 11.23 38.05
C PRO A 604 -39.40 11.42 37.80
N PHE A 605 -38.72 12.26 38.61
CA PHE A 605 -37.33 12.61 38.34
C PHE A 605 -36.39 12.22 39.47
N ILE A 606 -36.73 12.51 40.72
CA ILE A 606 -35.82 12.34 41.85
C ILE A 606 -36.39 11.27 42.77
N GLU A 607 -35.56 10.29 43.12
CA GLU A 607 -35.91 9.24 44.06
C GLU A 607 -35.02 9.34 45.30
N ARG A 608 -35.65 9.37 46.47
CA ARG A 608 -34.95 9.50 47.73
C ARG A 608 -35.10 8.22 48.54
N ASN A 609 -34.00 7.78 49.15
CA ASN A 609 -33.96 6.53 49.90
C ASN A 609 -33.31 6.78 51.26
N PRO A 610 -34.10 6.89 52.34
CA PRO A 610 -33.51 7.19 53.65
C PRO A 610 -32.56 6.13 54.16
N ASP A 611 -32.62 4.90 53.64
CA ASP A 611 -31.81 3.81 54.18
C ASP A 611 -30.35 3.90 53.77
N LYS A 612 -30.03 4.67 52.73
CA LYS A 612 -28.66 4.84 52.27
C LYS A 612 -28.14 6.25 52.54
N CYS A 613 -28.78 6.97 53.45
CA CYS A 613 -28.38 8.33 53.77
C CYS A 613 -27.35 8.32 54.89
N ILE A 614 -26.20 8.95 54.64
CA ILE A 614 -25.16 9.09 55.65
C ILE A 614 -25.26 10.42 56.38
N LEU A 615 -26.34 11.17 56.14
CA LEU A 615 -26.64 12.40 56.87
C LEU A 615 -25.48 13.40 56.80
N CYS A 616 -24.89 13.53 55.61
CA CYS A 616 -23.88 14.54 55.40
C CYS A 616 -24.47 15.93 55.26
N GLY A 617 -25.77 16.04 55.01
CA GLY A 617 -26.42 17.32 54.90
C GLY A 617 -26.20 18.05 53.59
N LEU A 618 -25.53 17.41 52.63
CA LEU A 618 -25.16 18.09 51.39
C LEU A 618 -26.38 18.52 50.60
N CYS A 619 -27.41 17.68 50.55
CA CYS A 619 -28.62 18.04 49.81
C CYS A 619 -29.29 19.25 50.42
N ILE A 620 -29.42 19.28 51.76
CA ILE A 620 -30.03 20.42 52.43
C ILE A 620 -29.20 21.68 52.21
N ARG A 621 -27.88 21.57 52.36
CA ARG A 621 -27.01 22.73 52.23
C ARG A 621 -27.00 23.26 50.80
N VAL A 622 -27.16 22.40 49.80
CA VAL A 622 -27.13 22.87 48.43
C VAL A 622 -28.51 23.40 48.02
N CYS A 623 -29.59 22.87 48.59
CA CYS A 623 -30.91 23.42 48.31
C CYS A 623 -31.13 24.75 49.02
N GLU A 624 -30.41 24.99 50.11
CA GLU A 624 -30.59 26.22 50.88
C GLU A 624 -29.56 27.30 50.55
N GLU A 625 -28.32 26.92 50.27
CA GLU A 625 -27.24 27.88 50.07
C GLU A 625 -27.03 28.24 48.61
N VAL A 626 -27.22 27.29 47.70
CA VAL A 626 -26.95 27.53 46.28
C VAL A 626 -28.25 27.81 45.55
N VAL A 627 -29.17 26.85 45.59
CA VAL A 627 -30.44 27.01 44.87
C VAL A 627 -31.27 28.13 45.48
N GLY A 628 -31.40 28.12 46.81
CA GLY A 628 -32.20 29.10 47.49
C GLY A 628 -33.66 28.78 47.66
N VAL A 629 -34.06 27.55 47.35
CA VAL A 629 -35.45 27.14 47.51
C VAL A 629 -35.72 26.67 48.93
N CYS A 630 -34.75 25.97 49.54
CA CYS A 630 -34.87 25.45 50.90
C CYS A 630 -36.06 24.50 51.04
N ALA A 631 -36.12 23.51 50.14
CA ALA A 631 -37.21 22.55 50.14
C ALA A 631 -36.93 21.31 50.96
N LEU A 632 -35.70 21.12 51.43
CA LEU A 632 -35.32 19.98 52.25
C LEU A 632 -34.90 20.46 53.62
N GLY A 633 -34.97 19.56 54.60
CA GLY A 633 -34.53 19.90 55.93
C GLY A 633 -34.40 18.66 56.79
N PHE A 634 -33.65 18.81 57.88
CA PHE A 634 -33.52 17.75 58.85
C PHE A 634 -34.83 17.58 59.62
N VAL A 635 -35.08 16.35 60.06
CA VAL A 635 -36.27 16.01 60.82
C VAL A 635 -35.85 15.06 61.93
N ASN A 636 -36.49 15.20 63.10
CA ASN A 636 -36.15 14.46 64.31
C ASN A 636 -34.78 14.88 64.81
N ARG A 637 -34.23 14.15 65.77
CA ARG A 637 -32.96 14.52 66.37
C ARG A 637 -32.29 13.27 66.92
N GLY A 638 -30.99 13.13 66.64
CA GLY A 638 -30.24 12.00 67.15
C GLY A 638 -30.14 10.85 66.16
N PHE A 639 -30.29 9.62 66.65
CA PHE A 639 -30.27 8.46 65.78
C PHE A 639 -31.46 8.45 64.82
N GLU A 640 -32.52 9.18 65.12
CA GLU A 640 -33.73 9.18 64.32
C GLU A 640 -33.76 10.28 63.28
N THR A 641 -32.67 11.03 63.12
CA THR A 641 -32.64 12.12 62.16
C THR A 641 -32.86 11.60 60.74
N ILE A 642 -33.61 12.35 59.95
CA ILE A 642 -33.89 11.97 58.57
C ILE A 642 -34.03 13.24 57.74
N VAL A 643 -33.52 13.20 56.52
CA VAL A 643 -33.69 14.33 55.61
C VAL A 643 -35.04 14.21 54.92
N LYS A 644 -35.90 15.22 55.09
CA LYS A 644 -37.23 15.17 54.53
C LYS A 644 -37.57 16.49 53.86
N PRO A 645 -38.48 16.46 52.87
CA PRO A 645 -38.93 17.71 52.26
C PRO A 645 -39.79 18.54 53.21
N GLU A 646 -40.33 19.64 52.73
CA GLU A 646 -41.15 20.52 53.55
C GLU A 646 -42.33 19.76 54.15
N PHE A 647 -42.36 19.66 55.47
CA PHE A 647 -43.42 18.98 56.22
C PHE A 647 -43.54 17.51 55.85
N GLY A 648 -42.44 16.91 55.39
CA GLY A 648 -42.46 15.51 55.01
C GLY A 648 -43.33 15.23 53.80
N LEU A 649 -43.73 16.29 53.10
CA LEU A 649 -44.57 16.16 51.93
C LEU A 649 -43.79 15.56 50.77
N PRO A 650 -44.48 15.01 49.77
CA PRO A 650 -43.78 14.60 48.56
C PRO A 650 -43.09 15.78 47.89
N LEU A 651 -42.00 15.49 47.19
CA LEU A 651 -41.18 16.55 46.60
C LEU A 651 -42.00 17.43 45.65
N GLU A 652 -43.03 16.87 45.02
CA GLU A 652 -43.84 17.66 44.10
C GLU A 652 -44.76 18.63 44.82
N GLU A 653 -45.18 18.30 46.05
CA GLU A 653 -46.07 19.16 46.80
C GLU A 653 -45.33 20.27 47.55
N THR A 654 -44.00 20.26 47.54
CA THR A 654 -43.22 21.29 48.18
C THR A 654 -42.89 22.38 47.16
N SER A 655 -41.98 23.28 47.53
CA SER A 655 -41.53 24.33 46.63
C SER A 655 -40.35 23.89 45.77
N CYS A 656 -40.01 22.61 45.80
CA CYS A 656 -38.89 22.11 45.01
C CYS A 656 -39.12 22.38 43.54
N ILE A 657 -38.06 22.84 42.87
CA ILE A 657 -38.14 23.23 41.46
C ILE A 657 -37.55 22.18 40.54
N SER A 658 -37.28 20.98 41.05
CA SER A 658 -36.80 19.85 40.26
C SER A 658 -35.48 20.16 39.55
N CYS A 659 -34.63 20.97 40.17
CA CYS A 659 -33.32 21.24 39.58
C CYS A 659 -32.44 20.01 39.59
N GLY A 660 -32.54 19.18 40.63
CA GLY A 660 -31.73 17.98 40.73
C GLY A 660 -30.38 18.16 41.39
N GLN A 661 -30.12 19.31 42.01
CA GLN A 661 -28.84 19.54 42.66
C GLN A 661 -28.63 18.58 43.83
N CYS A 662 -29.71 18.25 44.54
CA CYS A 662 -29.60 17.31 45.66
C CYS A 662 -29.19 15.93 45.17
N ALA A 663 -29.70 15.51 44.03
CA ALA A 663 -29.30 14.22 43.46
C ALA A 663 -27.87 14.26 42.95
N ASP A 664 -27.44 15.40 42.41
CA ASP A 664 -26.09 15.53 41.89
C ASP A 664 -25.04 15.63 42.98
N ILE A 665 -25.43 16.11 44.17
CA ILE A 665 -24.47 16.29 45.26
C ILE A 665 -24.46 15.13 46.24
N CYS A 666 -25.45 14.24 46.20
CA CYS A 666 -25.49 13.13 47.14
C CYS A 666 -24.35 12.16 46.88
N PRO A 667 -23.61 11.73 47.90
CA PRO A 667 -22.49 10.82 47.67
C PRO A 667 -22.87 9.34 47.67
N THR A 668 -23.92 8.96 48.38
CA THR A 668 -24.21 7.57 48.67
C THR A 668 -25.58 7.14 48.15
N GLY A 669 -25.93 7.56 46.95
CA GLY A 669 -27.10 7.04 46.26
C GLY A 669 -28.42 7.07 47.00
N ALA A 670 -28.49 7.81 48.11
CA ALA A 670 -29.76 7.97 48.80
C ALA A 670 -30.72 8.84 47.99
N CYS A 671 -30.21 9.92 47.44
CA CYS A 671 -30.93 10.76 46.49
C CYS A 671 -30.33 10.54 45.11
N ILE A 672 -31.17 10.12 44.15
CA ILE A 672 -30.73 9.87 42.80
C ILE A 672 -31.71 10.51 41.83
N GLY A 673 -31.22 10.79 40.62
CA GLY A 673 -32.05 11.27 39.55
C GLY A 673 -32.32 10.15 38.57
N LYS A 674 -33.60 9.88 38.34
CA LYS A 674 -33.99 8.73 37.52
C LYS A 674 -33.51 8.91 36.09
N GLN A 675 -32.96 7.83 35.53
CA GLN A 675 -32.45 7.87 34.18
C GLN A 675 -33.60 7.97 33.18
N PRO A 676 -33.38 8.68 32.06
CA PRO A 676 -34.42 8.83 31.03
C PRO A 676 -34.49 7.65 30.07
N VAL A 677 -34.57 6.44 30.61
CA VAL A 677 -34.54 5.22 29.83
C VAL A 677 -35.72 4.33 30.25
N ALA A 678 -35.95 3.29 29.45
CA ALA A 678 -37.08 2.40 29.70
C ALA A 678 -36.92 1.64 31.00
N LYS A 679 -35.74 1.06 31.23
CA LYS A 679 -35.46 0.31 32.43
C LYS A 679 -34.20 0.86 33.11
N GLN A 680 -34.28 1.09 34.41
CA GLN A 680 -33.14 1.60 35.15
C GLN A 680 -32.07 0.53 35.28
N VAL A 681 -30.83 0.88 34.97
CA VAL A 681 -29.72 -0.06 35.05
C VAL A 681 -28.44 0.69 35.42
N PRO A 682 -27.70 0.24 36.42
CA PRO A 682 -26.43 0.90 36.78
C PRO A 682 -25.34 0.53 35.80
N VAL A 683 -24.94 1.50 34.97
CA VAL A 683 -23.95 1.26 33.93
C VAL A 683 -22.84 2.29 34.05
N ASN A 684 -21.67 1.92 33.54
CA ASN A 684 -20.53 2.83 33.45
C ASN A 684 -20.66 3.61 32.16
N THR A 685 -21.08 4.87 32.28
CA THR A 685 -21.36 5.70 31.12
C THR A 685 -20.14 6.52 30.72
N VAL A 686 -20.23 7.15 29.55
CA VAL A 686 -19.20 8.06 29.05
C VAL A 686 -19.81 9.45 28.97
N ALA A 687 -19.09 10.44 29.48
CA ALA A 687 -19.59 11.80 29.63
C ALA A 687 -18.99 12.70 28.56
N THR A 688 -19.85 13.47 27.89
CA THR A 688 -19.44 14.45 26.90
C THR A 688 -20.02 15.80 27.27
N LYS A 689 -19.20 16.85 27.18
CA LYS A 689 -19.62 18.18 27.56
C LYS A 689 -20.32 18.88 26.40
N THR A 690 -21.52 19.39 26.67
CA THR A 690 -22.29 20.13 25.68
C THR A 690 -23.00 21.28 26.39
N VAL A 691 -23.87 21.98 25.66
CA VAL A 691 -24.52 23.19 26.14
C VAL A 691 -26.03 22.99 26.08
N CYS A 692 -26.72 23.32 27.17
CA CYS A 692 -28.17 23.28 27.19
C CYS A 692 -28.74 24.36 26.27
N THR A 693 -29.88 24.05 25.65
CA THR A 693 -30.48 24.94 24.65
C THR A 693 -31.91 25.33 25.00
N PHE A 694 -32.30 25.20 26.26
CA PHE A 694 -33.69 25.46 26.63
C PHE A 694 -33.94 26.88 27.13
N CYS A 695 -32.89 27.65 27.42
CA CYS A 695 -33.01 29.10 27.55
C CYS A 695 -31.63 29.71 27.36
N GLY A 696 -31.56 31.03 27.44
CA GLY A 696 -30.37 31.76 27.06
C GLY A 696 -29.25 31.79 28.06
N MET A 697 -29.43 31.20 29.25
CA MET A 697 -28.34 31.17 30.21
C MET A 697 -27.20 30.27 29.75
N GLY A 698 -27.48 29.30 28.88
CA GLY A 698 -26.43 28.50 28.27
C GLY A 698 -25.59 27.71 29.25
N CYS A 699 -26.22 27.04 30.19
CA CYS A 699 -25.47 26.24 31.16
C CYS A 699 -24.83 25.04 30.47
N GLU A 700 -23.55 24.84 30.71
CA GLU A 700 -22.86 23.67 30.20
C GLU A 700 -23.15 22.45 31.07
N MET A 701 -23.09 21.28 30.46
CA MET A 701 -23.45 20.05 31.16
C MET A 701 -22.66 18.90 30.58
N LEU A 702 -22.58 17.82 31.35
CA LEU A 702 -21.94 16.57 30.92
C LEU A 702 -23.04 15.54 30.72
N VAL A 703 -23.29 15.18 29.47
CA VAL A 703 -24.26 14.15 29.15
C VAL A 703 -23.56 12.80 29.20
N GLU A 704 -24.06 11.90 30.03
CA GLU A 704 -23.48 10.58 30.23
C GLU A 704 -24.33 9.55 29.51
N THR A 705 -23.75 8.89 28.51
CA THR A 705 -24.46 7.97 27.63
C THR A 705 -23.80 6.60 27.67
N LYS A 706 -24.55 5.59 27.27
CA LYS A 706 -24.06 4.22 27.11
C LYS A 706 -24.76 3.63 25.88
N GLY A 707 -24.10 3.72 24.74
CA GLY A 707 -24.69 3.30 23.48
C GLY A 707 -25.25 4.50 22.72
N ASN A 708 -26.49 4.36 22.24
CA ASN A 708 -27.20 5.47 21.62
C ASN A 708 -28.27 6.07 22.52
N LEU A 709 -28.31 5.68 23.79
CA LEU A 709 -29.24 6.22 24.77
C LEU A 709 -28.51 7.10 25.76
N ILE A 710 -29.15 8.20 26.14
CA ILE A 710 -28.63 9.07 27.19
C ILE A 710 -29.07 8.52 28.54
N PHE A 711 -28.12 8.36 29.45
CA PHE A 711 -28.43 7.77 30.75
C PHE A 711 -28.44 8.75 31.90
N ASP A 712 -27.68 9.84 31.83
CA ASP A 712 -27.73 10.85 32.87
C ASP A 712 -27.20 12.18 32.34
N VAL A 713 -27.41 13.23 33.13
CA VAL A 713 -26.86 14.55 32.86
C VAL A 713 -26.33 15.12 34.17
N SER A 714 -25.11 15.64 34.14
CA SER A 714 -24.51 16.20 35.34
C SER A 714 -24.11 17.65 35.10
N PRO A 715 -24.21 18.50 36.12
CA PRO A 715 -23.76 19.88 35.96
C PRO A 715 -22.26 19.99 35.92
N VAL A 716 -21.77 21.03 35.27
CA VAL A 716 -20.35 21.33 35.18
C VAL A 716 -20.01 22.33 36.28
N GLN A 717 -18.94 22.06 37.02
CA GLN A 717 -18.58 22.88 38.18
C GLN A 717 -17.91 24.19 37.75
N SER A 718 -18.63 24.94 36.91
CA SER A 718 -18.10 26.21 36.42
C SER A 718 -18.37 27.33 37.41
N ASN A 719 -19.65 27.60 37.70
CA ASN A 719 -20.02 28.63 38.66
C ASN A 719 -21.38 28.25 39.26
N GLU A 720 -21.35 27.87 40.55
CA GLU A 720 -22.50 27.34 41.28
C GLU A 720 -22.89 25.97 40.78
N GLY A 721 -22.25 25.50 39.71
CA GLY A 721 -22.46 24.18 39.14
C GLY A 721 -23.91 23.75 39.13
N MET A 722 -24.80 24.59 38.59
CA MET A 722 -26.23 24.38 38.71
C MET A 722 -26.87 24.20 37.35
N LEU A 723 -27.90 23.35 37.32
CA LEU A 723 -28.76 23.17 36.16
C LEU A 723 -30.20 23.29 36.62
N CYS A 724 -31.06 23.81 35.77
CA CYS A 724 -32.47 23.93 36.10
C CYS A 724 -33.19 22.63 35.74
N ALA A 725 -34.51 22.61 35.88
CA ALA A 725 -35.26 21.40 35.58
C ALA A 725 -35.11 21.00 34.11
N PHE A 726 -35.13 21.98 33.22
CA PHE A 726 -35.06 21.69 31.79
C PHE A 726 -33.73 21.03 31.43
N GLY A 727 -32.62 21.73 31.66
CA GLY A 727 -31.33 21.19 31.27
C GLY A 727 -31.03 19.85 31.91
N ARG A 728 -31.44 19.67 33.17
CA ARG A 728 -31.11 18.46 33.90
C ARG A 728 -31.98 17.28 33.48
N PHE A 729 -33.28 17.50 33.23
CA PHE A 729 -34.21 16.39 33.09
C PHE A 729 -34.92 16.30 31.74
N GLY A 730 -35.06 17.38 31.00
CA GLY A 730 -35.74 17.37 29.73
C GLY A 730 -34.90 16.88 28.56
N ILE A 731 -33.72 16.35 28.84
CA ILE A 731 -32.89 15.70 27.84
C ILE A 731 -33.48 14.33 27.54
N LYS A 732 -34.58 13.99 28.22
CA LYS A 732 -35.24 12.71 28.02
C LYS A 732 -35.83 12.57 26.63
N TYR A 733 -36.04 13.67 25.92
CA TYR A 733 -36.62 13.60 24.58
C TYR A 733 -35.66 13.01 23.56
N VAL A 734 -34.36 12.93 23.88
CA VAL A 734 -33.41 12.32 22.95
C VAL A 734 -33.70 10.84 22.79
N ASN A 735 -33.97 10.15 23.90
CA ASN A 735 -34.29 8.72 23.86
C ASN A 735 -35.73 8.44 23.50
N ASP A 736 -36.57 9.47 23.35
CA ASP A 736 -37.99 9.28 23.12
C ASP A 736 -38.23 8.46 21.86
N LYS A 737 -39.09 7.45 21.96
CA LYS A 737 -39.38 6.59 20.84
C LYS A 737 -40.45 7.15 19.91
N ASP A 738 -41.05 8.29 20.26
CA ASP A 738 -42.01 8.97 19.39
C ASP A 738 -41.35 9.89 18.39
N ARG A 739 -40.02 9.98 18.39
CA ARG A 739 -39.32 10.79 17.41
C ARG A 739 -39.47 10.19 16.02
N ILE A 740 -39.73 11.04 15.04
CA ILE A 740 -39.78 10.60 13.65
C ILE A 740 -38.38 10.55 13.09
N LEU A 741 -38.05 9.46 12.40
CA LEU A 741 -36.73 9.27 11.82
C LEU A 741 -36.72 9.25 10.30
N ALA A 742 -37.89 9.18 9.67
CA ALA A 742 -38.01 9.19 8.22
C ALA A 742 -39.04 10.24 7.81
N PRO A 743 -38.86 10.84 6.64
CA PRO A 743 -39.79 11.90 6.21
C PRO A 743 -41.14 11.33 5.84
N LEU A 744 -42.14 12.21 5.86
CA LEU A 744 -43.51 11.87 5.51
C LEU A 744 -43.99 12.80 4.40
N ILE A 745 -44.60 12.23 3.38
CA ILE A 745 -45.20 13.01 2.29
C ILE A 745 -46.64 12.55 2.10
N LYS A 746 -47.44 13.43 1.51
CA LYS A 746 -48.88 13.22 1.38
C LYS A 746 -49.17 12.38 0.14
N VAL A 747 -49.52 11.11 0.34
CA VAL A 747 -49.98 10.23 -0.71
C VAL A 747 -51.44 9.90 -0.44
N ASN A 748 -52.29 10.11 -1.45
CA ASN A 748 -53.72 9.84 -1.36
C ASN A 748 -54.36 10.57 -0.17
N GLY A 749 -53.81 11.74 0.16
CA GLY A 749 -54.35 12.53 1.25
C GLY A 749 -53.90 12.13 2.63
N GLU A 750 -52.95 11.20 2.75
CA GLU A 750 -52.45 10.77 4.06
C GLU A 750 -50.93 10.79 4.06
N LEU A 751 -50.35 11.17 5.20
CA LEU A 751 -48.90 11.19 5.32
C LEU A 751 -48.36 9.77 5.40
N SER A 752 -47.36 9.48 4.58
CA SER A 752 -46.71 8.17 4.59
C SER A 752 -45.21 8.36 4.41
N LYS A 753 -44.46 7.38 4.88
CA LYS A 753 -43.01 7.46 4.89
C LYS A 753 -42.45 7.45 3.47
N THR A 754 -41.30 8.10 3.31
CA THR A 754 -40.62 8.15 2.02
C THR A 754 -39.12 8.26 2.28
N THR A 755 -38.35 8.50 1.23
CA THR A 755 -36.92 8.72 1.34
C THR A 755 -36.63 10.20 1.47
N PHE A 756 -35.42 10.51 1.95
CA PHE A 756 -35.05 11.90 2.14
C PHE A 756 -34.95 12.64 0.81
N ASP A 757 -34.43 11.98 -0.23
CA ASP A 757 -34.27 12.64 -1.52
C ASP A 757 -35.62 13.06 -2.09
N GLN A 758 -36.59 12.14 -2.09
CA GLN A 758 -37.91 12.44 -2.63
C GLN A 758 -38.61 13.52 -1.82
N ALA A 759 -38.49 13.45 -0.49
CA ALA A 759 -39.13 14.45 0.35
C ALA A 759 -38.54 15.84 0.14
N LEU A 760 -37.21 15.93 0.03
CA LEU A 760 -36.58 17.23 -0.19
C LEU A 760 -36.90 17.76 -1.58
N ILE A 761 -36.97 16.87 -2.57
CA ILE A 761 -37.38 17.29 -3.90
C ILE A 761 -38.79 17.86 -3.87
N GLU A 762 -39.70 17.17 -3.16
CA GLU A 762 -41.07 17.65 -3.05
C GLU A 762 -41.13 18.99 -2.34
N THR A 763 -40.34 19.16 -1.28
CA THR A 763 -40.29 20.44 -0.58
C THR A 763 -39.83 21.56 -1.51
N ALA A 764 -38.75 21.32 -2.25
CA ALA A 764 -38.23 22.35 -3.15
C ALA A 764 -39.23 22.70 -4.24
N LYS A 765 -39.89 21.69 -4.81
CA LYS A 765 -40.85 21.96 -5.88
C LYS A 765 -42.08 22.68 -5.35
N LYS A 766 -42.54 22.33 -4.14
CA LYS A 766 -43.68 23.04 -3.57
C LYS A 766 -43.34 24.50 -3.29
N LEU A 767 -42.17 24.76 -2.72
CA LEU A 767 -41.75 26.14 -2.47
C LEU A 767 -41.62 26.90 -3.78
N GLN A 768 -41.03 26.28 -4.80
CA GLN A 768 -40.87 26.95 -6.08
C GLN A 768 -42.22 27.23 -6.73
N ALA A 769 -43.17 26.30 -6.62
CA ALA A 769 -44.50 26.52 -7.16
C ALA A 769 -45.20 27.69 -6.46
N ILE A 770 -45.07 27.75 -5.13
CA ILE A 770 -45.67 28.87 -4.40
C ILE A 770 -45.05 30.18 -4.84
N ARG A 771 -43.72 30.22 -4.94
CA ARG A 771 -43.04 31.45 -5.35
C ARG A 771 -43.44 31.85 -6.77
N ALA A 772 -43.54 30.88 -7.67
CA ALA A 772 -43.89 31.18 -9.06
C ALA A 772 -45.31 31.71 -9.17
N SER A 773 -46.27 31.03 -8.54
CA SER A 773 -47.67 31.43 -8.70
C SER A 773 -47.96 32.73 -7.96
N TYR A 774 -47.43 32.90 -6.75
CA TYR A 774 -47.81 34.01 -5.89
C TYR A 774 -46.73 35.08 -5.77
N GLY A 775 -45.62 34.96 -6.48
CA GLY A 775 -44.62 36.01 -6.48
C GLY A 775 -43.75 35.99 -5.23
N LYS A 776 -42.94 37.04 -5.12
CA LYS A 776 -41.96 37.16 -4.05
C LYS A 776 -42.64 37.45 -2.71
N ASP A 777 -41.91 37.18 -1.63
CA ASP A 777 -42.36 37.43 -0.26
C ASP A 777 -43.65 36.70 0.07
N SER A 778 -43.85 35.53 -0.54
CA SER A 778 -45.05 34.73 -0.31
C SER A 778 -44.78 33.47 0.49
N ILE A 779 -43.54 33.22 0.90
CA ILE A 779 -43.18 32.07 1.70
C ILE A 779 -42.62 32.56 3.03
N ALA A 780 -43.18 32.09 4.13
CA ALA A 780 -42.71 32.42 5.46
C ALA A 780 -41.90 31.26 6.01
N ILE A 781 -40.79 31.58 6.65
CA ILE A 781 -39.96 30.58 7.32
C ILE A 781 -40.02 30.88 8.81
N ILE A 782 -40.64 29.99 9.57
CA ILE A 782 -40.82 30.17 11.00
C ILE A 782 -39.89 29.15 11.66
N ALA A 783 -38.68 29.62 11.99
CA ALA A 783 -37.64 28.76 12.52
C ALA A 783 -37.58 28.84 14.03
N SER A 784 -37.36 27.69 14.67
CA SER A 784 -37.18 27.68 16.11
C SER A 784 -35.88 28.37 16.49
N GLN A 785 -35.82 28.84 17.74
CA GLN A 785 -34.67 29.56 18.24
C GLN A 785 -33.67 28.65 18.94
N ARG A 786 -33.85 27.35 18.86
CA ARG A 786 -32.89 26.40 19.40
C ARG A 786 -31.89 25.91 18.37
N LEU A 787 -32.00 26.35 17.12
CA LEU A 787 -31.05 25.95 16.10
C LEU A 787 -29.71 26.66 16.29
N THR A 788 -28.66 26.06 15.76
CA THR A 788 -27.34 26.65 15.84
C THR A 788 -27.26 27.91 14.96
N ASN A 789 -26.17 28.64 15.10
CA ASN A 789 -25.97 29.84 14.30
C ASN A 789 -25.85 29.50 12.82
N GLU A 790 -25.15 28.40 12.50
CA GLU A 790 -24.98 28.00 11.12
C GLU A 790 -26.31 27.64 10.47
N GLU A 791 -27.18 26.92 11.19
CA GLU A 791 -28.48 26.57 10.64
C GLU A 791 -29.34 27.81 10.39
N ALA A 792 -29.32 28.76 11.33
CA ALA A 792 -30.06 30.00 11.14
C ALA A 792 -29.53 30.78 9.95
N LEU A 793 -28.21 30.85 9.79
CA LEU A 793 -27.62 31.54 8.65
C LEU A 793 -28.00 30.85 7.34
N LEU A 794 -28.00 29.51 7.35
CA LEU A 794 -28.39 28.76 6.15
C LEU A 794 -29.86 29.00 5.82
N LEU A 795 -30.72 29.09 6.84
CA LEU A 795 -32.12 29.39 6.59
C LEU A 795 -32.28 30.79 6.00
N THR A 796 -31.49 31.76 6.47
CA THR A 796 -31.51 33.09 5.88
C THR A 796 -31.07 33.05 4.42
N LYS A 797 -30.01 32.28 4.13
CA LYS A 797 -29.55 32.13 2.75
C LYS A 797 -30.63 31.51 1.87
N LEU A 798 -31.30 30.49 2.37
CA LEU A 798 -32.38 29.85 1.61
C LEU A 798 -33.54 30.80 1.38
N ALA A 799 -33.88 31.60 2.40
CA ALA A 799 -34.92 32.60 2.23
C ALA A 799 -34.55 33.61 1.15
N GLN A 800 -33.27 33.99 1.10
CA GLN A 800 -32.82 34.84 -0.01
C GLN A 800 -32.96 34.10 -1.34
N LYS A 801 -32.68 32.79 -1.36
CA LYS A 801 -32.84 32.02 -2.58
C LYS A 801 -34.29 31.93 -3.01
N LEU A 802 -35.23 31.96 -2.08
CA LEU A 802 -36.64 31.92 -2.38
C LEU A 802 -37.25 33.31 -2.56
N ASP A 803 -36.43 34.36 -2.52
CA ASP A 803 -36.88 35.73 -2.72
C ASP A 803 -37.95 36.13 -1.72
N THR A 804 -37.79 35.67 -0.47
CA THR A 804 -38.71 36.00 0.61
C THR A 804 -37.95 36.66 1.75
N THR A 805 -38.48 37.79 2.22
CA THR A 805 -37.93 38.47 3.38
C THR A 805 -38.64 38.07 4.66
N VAL A 806 -39.60 37.17 4.60
CA VAL A 806 -40.35 36.73 5.78
C VAL A 806 -39.51 35.63 6.42
N ILE A 807 -38.57 36.05 7.25
CA ILE A 807 -37.70 35.14 8.00
C ILE A 807 -37.84 35.51 9.47
N GLY A 808 -38.57 34.68 10.21
CA GLY A 808 -38.87 35.00 11.59
C GLY A 808 -39.16 33.80 12.47
N SER A 809 -39.72 34.06 13.64
CA SER A 809 -40.04 33.00 14.58
C SER A 809 -41.29 33.39 15.36
N PHE A 810 -42.07 32.39 15.73
CA PHE A 810 -43.25 32.64 16.54
C PHE A 810 -42.91 32.94 18.00
N ASP A 811 -41.69 32.62 18.43
CA ASP A 811 -41.22 32.89 19.77
C ASP A 811 -40.58 34.27 19.91
N LEU A 812 -40.54 35.04 18.83
CA LEU A 812 -39.79 36.29 18.80
C LEU A 812 -40.70 37.46 19.16
N ARG A 813 -40.24 38.29 20.09
CA ARG A 813 -40.99 39.44 20.57
C ARG A 813 -40.52 40.70 19.87
N GLU A 814 -41.39 41.70 19.84
CA GLU A 814 -41.05 42.97 19.21
C GLU A 814 -39.84 43.61 19.90
N SER A 815 -38.89 44.06 19.10
CA SER A 815 -37.61 44.55 19.60
C SER A 815 -37.69 46.04 19.89
N VAL A 816 -37.04 46.46 20.96
CA VAL A 816 -37.02 47.87 21.36
C VAL A 816 -35.58 48.34 21.53
N LEU A 817 -34.67 47.40 21.82
CA LEU A 817 -33.30 47.80 22.17
C LEU A 817 -32.49 48.23 20.95
N ASP A 818 -32.79 47.70 19.77
CA ASP A 818 -32.03 48.09 18.58
C ASP A 818 -32.40 49.48 18.09
N ARG A 819 -33.58 49.98 18.45
CA ARG A 819 -33.97 51.34 18.11
C ARG A 819 -33.44 52.37 19.09
N ILE A 820 -32.89 51.94 20.23
CA ILE A 820 -32.34 52.84 21.23
C ILE A 820 -30.83 52.83 21.15
N PHE A 821 -30.23 51.66 21.39
CA PHE A 821 -28.78 51.53 21.43
C PHE A 821 -28.18 51.15 20.09
N GLY A 822 -28.93 50.49 19.22
CA GLY A 822 -28.43 50.11 17.92
C GLY A 822 -28.46 48.61 17.68
N LEU A 823 -28.17 47.84 18.72
CA LEU A 823 -28.16 46.38 18.64
C LEU A 823 -29.13 45.80 19.67
N ASN A 824 -29.85 44.76 19.26
CA ASN A 824 -30.70 44.00 20.17
C ASN A 824 -29.82 42.95 20.82
N ALA A 825 -29.17 43.33 21.92
CA ALA A 825 -28.26 42.43 22.60
C ALA A 825 -28.10 42.91 24.03
N SER A 826 -27.57 42.03 24.88
CA SER A 826 -27.22 42.39 26.24
C SER A 826 -25.92 43.16 26.23
N THR A 827 -25.91 44.31 26.92
CA THR A 827 -24.74 45.19 26.89
C THR A 827 -23.54 44.55 27.57
N ASN A 828 -23.76 43.84 28.66
CA ASN A 828 -22.68 43.29 29.47
C ASN A 828 -22.79 41.77 29.54
N SER A 829 -21.93 41.16 30.35
CA SER A 829 -21.82 39.72 30.48
C SER A 829 -22.25 39.25 31.86
N PHE A 830 -22.46 37.94 31.97
CA PHE A 830 -22.86 37.33 33.23
C PHE A 830 -21.78 37.40 34.30
N ASP A 831 -20.54 37.72 33.93
CA ASP A 831 -19.45 37.79 34.90
C ASP A 831 -19.45 39.09 35.69
N GLU A 832 -20.19 40.10 35.25
CA GLU A 832 -20.25 41.39 35.93
C GLU A 832 -21.42 41.48 36.92
N ILE A 833 -22.21 40.42 37.05
CA ILE A 833 -23.26 40.40 38.06
C ILE A 833 -22.65 40.45 39.46
N TYR A 834 -21.58 39.69 39.67
CA TYR A 834 -20.96 39.63 41.00
C TYR A 834 -20.35 40.98 41.39
N SER A 835 -19.75 41.67 40.44
CA SER A 835 -19.00 42.89 40.72
C SER A 835 -19.82 44.15 40.59
N THR A 836 -21.09 44.06 40.22
CA THR A 836 -21.89 45.27 40.13
C THR A 836 -22.39 45.69 41.52
N ASP A 837 -22.73 46.96 41.64
CA ASP A 837 -23.17 47.51 42.93
C ASP A 837 -24.67 47.31 43.16
N LEU A 838 -25.48 47.50 42.12
CA LEU A 838 -26.92 47.35 42.22
C LEU A 838 -27.42 46.46 41.09
N ILE A 839 -28.34 45.56 41.40
CA ILE A 839 -28.97 44.68 40.42
C ILE A 839 -30.46 44.97 40.41
N VAL A 840 -31.00 45.24 39.23
CA VAL A 840 -32.44 45.46 39.06
C VAL A 840 -32.97 44.28 38.27
N ALA A 841 -33.52 43.29 38.97
CA ALA A 841 -34.08 42.10 38.35
C ALA A 841 -35.54 42.38 38.01
N VAL A 842 -35.85 42.43 36.72
CA VAL A 842 -37.18 42.80 36.23
C VAL A 842 -37.84 41.56 35.65
N GLY A 843 -39.04 41.26 36.13
CA GLY A 843 -39.76 40.08 35.68
C GLY A 843 -39.50 38.87 36.54
N LYS A 844 -39.95 37.72 36.04
CA LYS A 844 -39.75 36.45 36.73
C LYS A 844 -38.36 35.89 36.43
N VAL A 845 -37.35 36.63 36.88
CA VAL A 845 -35.96 36.25 36.58
C VAL A 845 -35.58 34.98 37.33
N ALA A 846 -35.91 34.92 38.62
CA ALA A 846 -35.55 33.75 39.42
C ALA A 846 -36.46 32.56 39.11
N GLU A 847 -37.75 32.82 38.89
CA GLU A 847 -38.70 31.72 38.66
C GLU A 847 -38.45 31.03 37.33
N ASN A 848 -38.34 31.82 36.25
CA ASN A 848 -38.12 31.22 34.95
C ASN A 848 -36.73 30.61 34.83
N HIS A 849 -35.72 31.28 35.38
CA HIS A 849 -34.33 30.85 35.28
C HIS A 849 -33.80 30.64 36.69
N ALA A 850 -33.73 29.39 37.13
CA ALA A 850 -33.26 29.08 38.47
C ALA A 850 -31.77 29.36 38.62
N VAL A 851 -31.00 29.13 37.55
CA VAL A 851 -29.56 29.39 37.60
C VAL A 851 -29.30 30.89 37.77
N MET A 852 -30.10 31.72 37.10
CA MET A 852 -29.97 33.16 37.31
C MET A 852 -30.40 33.57 38.71
N GLY A 853 -31.37 32.88 39.29
CA GLY A 853 -31.72 33.14 40.68
C GLY A 853 -30.57 32.81 41.62
N ALA A 854 -29.89 31.69 41.38
CA ALA A 854 -28.72 31.35 42.19
C ALA A 854 -27.60 32.36 41.99
N LYS A 855 -27.42 32.83 40.75
CA LYS A 855 -26.40 33.83 40.48
C LYS A 855 -26.70 35.14 41.22
N LEU A 856 -27.97 35.56 41.21
CA LEU A 856 -28.35 36.76 41.95
C LEU A 856 -28.16 36.57 43.45
N LYS A 857 -28.49 35.39 43.97
CA LYS A 857 -28.28 35.10 45.38
C LYS A 857 -26.80 35.21 45.74
N LYS A 858 -25.94 34.62 44.91
CA LYS A 858 -24.50 34.70 45.17
C LYS A 858 -24.00 36.13 45.06
N ALA A 859 -24.48 36.89 44.08
CA ALA A 859 -24.05 38.27 43.93
C ALA A 859 -24.45 39.12 45.12
N VAL A 860 -25.67 38.94 45.61
CA VAL A 860 -26.13 39.69 46.78
C VAL A 860 -25.33 39.28 48.02
N GLU A 861 -25.01 38.00 48.13
CA GLU A 861 -24.16 37.54 49.22
C GLU A 861 -22.77 38.17 49.12
N LEU A 862 -22.29 38.42 47.91
CA LEU A 862 -20.96 39.01 47.73
C LEU A 862 -20.94 40.50 48.04
N GLY A 863 -22.10 41.16 48.06
CA GLY A 863 -22.14 42.57 48.43
C GLY A 863 -23.03 43.43 47.56
N ALA A 864 -23.65 42.84 46.54
CA ALA A 864 -24.49 43.61 45.65
C ALA A 864 -25.82 43.94 46.30
N LYS A 865 -26.55 44.86 45.69
CA LYS A 865 -27.88 45.28 46.13
C LYS A 865 -28.89 44.89 45.07
N LEU A 866 -29.97 44.24 45.48
CA LEU A 866 -30.96 43.69 44.56
C LEU A 866 -32.26 44.45 44.70
N VAL A 867 -32.81 44.89 43.58
CA VAL A 867 -34.12 45.52 43.51
C VAL A 867 -34.93 44.74 42.48
N THR A 868 -36.02 44.11 42.93
CA THR A 868 -36.83 43.26 42.07
C THR A 868 -38.09 43.99 41.67
N ILE A 869 -38.31 44.11 40.36
CA ILE A 869 -39.54 44.68 39.81
C ILE A 869 -40.33 43.55 39.18
N ASN A 870 -41.56 43.35 39.64
CA ASN A 870 -42.39 42.26 39.18
C ASN A 870 -43.85 42.64 39.44
N ASN A 871 -44.76 41.73 39.14
CA ASN A 871 -46.16 41.90 39.49
C ASN A 871 -46.63 40.95 40.58
N GLY A 872 -46.06 39.74 40.66
CA GLY A 872 -46.39 38.81 41.71
C GLY A 872 -45.19 38.49 42.59
N GLU A 873 -45.33 37.47 43.44
CA GLU A 873 -44.25 37.11 44.33
C GLU A 873 -43.07 36.52 43.55
N THR A 874 -41.87 36.74 44.10
CA THR A 874 -40.64 36.25 43.49
C THR A 874 -39.75 35.67 44.58
N ARG A 875 -38.96 34.65 44.22
CA ARG A 875 -38.03 34.07 45.17
C ARG A 875 -36.89 35.02 45.51
N ALA A 876 -36.62 36.02 44.66
CA ALA A 876 -35.57 36.98 44.91
C ALA A 876 -35.99 38.09 45.87
N ASP A 877 -37.27 38.14 46.26
CA ASP A 877 -37.75 39.18 47.17
C ASP A 877 -37.23 39.01 48.59
N GLU A 878 -36.64 37.85 48.92
CA GLU A 878 -36.13 37.64 50.26
C GLU A 878 -34.94 38.53 50.57
N ARG A 879 -34.03 38.67 49.61
CA ARG A 879 -32.79 39.43 49.81
C ARG A 879 -32.81 40.79 49.11
N ALA A 880 -33.97 41.22 48.62
CA ALA A 880 -34.06 42.48 47.92
C ALA A 880 -34.23 43.64 48.90
N ILE A 881 -33.45 44.70 48.70
CA ILE A 881 -33.59 45.89 49.54
C ILE A 881 -34.89 46.61 49.25
N ALA A 882 -35.29 46.67 47.98
CA ALA A 882 -36.55 47.27 47.59
C ALA A 882 -37.28 46.35 46.63
N THR A 883 -38.59 46.19 46.85
CA THR A 883 -39.44 45.34 46.03
C THR A 883 -40.61 46.15 45.52
N TYR A 884 -40.86 46.08 44.21
CA TYR A 884 -41.92 46.85 43.58
C TYR A 884 -42.85 45.93 42.82
N LYS A 885 -44.14 46.03 43.12
CA LYS A 885 -45.18 45.25 42.44
C LYS A 885 -45.96 46.19 41.55
N ILE A 886 -45.70 46.12 40.24
CA ILE A 886 -46.26 47.07 39.28
C ILE A 886 -46.94 46.31 38.16
N ASP A 887 -47.83 47.01 37.45
CA ASP A 887 -48.53 46.46 36.31
C ASP A 887 -48.55 47.39 35.10
N ASN A 888 -48.03 48.60 35.24
CA ASN A 888 -48.01 49.58 34.16
C ASN A 888 -46.60 50.17 34.04
N THR A 889 -46.30 50.69 32.85
CA THR A 889 -45.03 51.37 32.63
C THR A 889 -45.05 52.82 33.10
N ALA A 890 -46.17 53.28 33.68
CA ALA A 890 -46.19 54.60 34.29
C ALA A 890 -45.22 54.69 35.46
N PHE A 891 -44.89 53.55 36.07
CA PHE A 891 -43.90 53.53 37.14
C PHE A 891 -42.54 54.01 36.63
N PHE A 892 -42.15 53.57 35.45
CA PHE A 892 -40.86 53.98 34.90
C PHE A 892 -40.87 55.45 34.45
N LYS A 893 -42.00 55.92 33.92
CA LYS A 893 -42.10 57.33 33.58
C LYS A 893 -42.01 58.21 34.82
N ALA A 894 -42.68 57.79 35.90
CA ALA A 894 -42.57 58.52 37.16
C ALA A 894 -41.15 58.47 37.70
N THR A 895 -40.47 57.33 37.54
CA THR A 895 -39.07 57.24 37.95
C THR A 895 -38.20 58.20 37.16
N ILE A 896 -38.45 58.31 35.85
CA ILE A 896 -37.68 59.24 35.02
C ILE A 896 -37.93 60.68 35.46
N LYS A 897 -39.19 61.01 35.74
CA LYS A 897 -39.50 62.36 36.20
C LYS A 897 -38.86 62.65 37.55
N ALA A 898 -38.85 61.66 38.45
CA ALA A 898 -38.21 61.83 39.74
C ALA A 898 -36.70 62.01 39.59
N LEU A 899 -36.09 61.28 38.66
CA LEU A 899 -34.67 61.46 38.37
C LEU A 899 -34.38 62.87 37.86
N PHE A 900 -35.23 63.36 36.96
CA PHE A 900 -35.04 64.71 36.43
C PHE A 900 -35.23 65.76 37.51
N GLU A 901 -36.23 65.56 38.38
CA GLU A 901 -36.55 66.56 39.39
C GLU A 901 -35.43 66.71 40.43
N MET A 902 -34.84 65.59 40.85
CA MET A 902 -33.76 65.64 41.83
C MET A 902 -32.41 65.98 41.22
N LYS A 903 -32.38 66.34 39.94
CA LYS A 903 -31.14 66.68 39.23
C LYS A 903 -30.13 65.55 39.31
N ALA A 904 -30.62 64.32 39.21
CA ALA A 904 -29.76 63.14 39.14
C ALA A 904 -29.31 62.82 37.72
N VAL A 905 -29.73 63.61 36.74
CA VAL A 905 -29.35 63.43 35.35
C VAL A 905 -28.43 64.59 34.97
N ASP A 906 -27.25 64.26 34.46
CA ASP A 906 -26.32 65.27 33.96
C ASP A 906 -26.72 65.61 32.54
N GLU A 907 -27.47 66.69 32.38
CA GLU A 907 -28.11 66.98 31.09
C GLU A 907 -27.08 67.27 30.00
N ASP A 908 -25.91 67.80 30.37
CA ASP A 908 -24.89 68.10 29.36
C ASP A 908 -24.41 66.81 28.68
N TYR A 909 -23.99 65.83 29.47
CA TYR A 909 -23.47 64.59 28.90
C TYR A 909 -24.57 63.81 28.19
N VAL A 910 -25.78 63.78 28.76
CA VAL A 910 -26.88 63.04 28.14
C VAL A 910 -27.23 63.67 26.79
N SER A 911 -27.33 65.00 26.74
CA SER A 911 -27.59 65.66 25.47
C SER A 911 -26.45 65.46 24.49
N LYS A 912 -25.22 65.30 25.00
CA LYS A 912 -24.10 65.02 24.11
C LYS A 912 -24.20 63.62 23.49
N ILE A 913 -24.64 62.63 24.28
CA ILE A 913 -24.63 61.24 23.83
C ILE A 913 -26.01 60.73 23.42
N ALA A 914 -27.08 61.44 23.74
CA ALA A 914 -28.43 60.97 23.48
C ALA A 914 -29.24 62.07 22.82
N VAL A 915 -29.59 61.86 21.55
CA VAL A 915 -30.60 62.67 20.90
C VAL A 915 -31.95 62.24 21.47
N ASN A 916 -33.00 63.01 21.19
CA ASN A 916 -34.35 62.69 21.64
C ASN A 916 -34.47 62.78 23.16
N LEU A 917 -33.97 63.88 23.74
CA LEU A 917 -34.05 64.09 25.18
C LEU A 917 -35.14 65.08 25.59
N ASP A 918 -35.27 66.19 24.85
CA ASP A 918 -36.28 67.20 25.21
C ASP A 918 -37.69 66.64 25.08
N GLU A 919 -37.94 65.83 24.06
CA GLU A 919 -39.24 65.17 23.92
C GLU A 919 -39.47 64.16 25.05
N LEU A 920 -38.42 63.48 25.52
CA LEU A 920 -38.58 62.61 26.69
C LEU A 920 -38.95 63.42 27.93
N LYS A 921 -38.29 64.57 28.12
CA LYS A 921 -38.64 65.44 29.24
C LYS A 921 -40.08 65.91 29.14
N ASP A 922 -40.52 66.27 27.93
CA ASP A 922 -41.90 66.70 27.72
C ASP A 922 -42.87 65.56 28.01
N ASP A 923 -42.51 64.34 27.61
CA ASP A 923 -43.36 63.18 27.85
C ASP A 923 -43.51 62.91 29.33
N VAL A 924 -42.41 63.02 30.10
CA VAL A 924 -42.46 62.74 31.53
C VAL A 924 -42.78 63.98 32.36
N LYS A 925 -43.08 65.12 31.73
CA LYS A 925 -43.33 66.34 32.48
C LYS A 925 -44.67 66.34 33.19
N ASN A 926 -45.60 65.46 32.82
CA ASN A 926 -46.96 65.51 33.35
C ASN A 926 -47.32 64.34 34.25
N VAL A 927 -46.54 63.26 34.26
CA VAL A 927 -46.86 62.11 35.10
C VAL A 927 -46.71 62.49 36.56
N GLU A 928 -47.43 61.78 37.42
CA GLU A 928 -47.36 62.05 38.86
C GLU A 928 -46.35 61.12 39.51
N VAL A 929 -45.41 61.70 40.24
CA VAL A 929 -44.35 60.94 40.89
C VAL A 929 -44.90 60.33 42.18
N THR A 930 -44.84 59.01 42.28
CA THR A 930 -45.29 58.30 43.46
C THR A 930 -44.12 58.07 44.42
N ASP A 931 -44.46 57.56 45.61
CA ASP A 931 -43.42 57.28 46.60
C ASP A 931 -42.50 56.16 46.13
N GLU A 932 -43.06 55.11 45.52
CA GLU A 932 -42.24 54.00 45.04
C GLU A 932 -41.28 54.46 43.95
N ALA A 933 -41.76 55.28 43.01
CA ALA A 933 -40.90 55.77 41.95
C ALA A 933 -39.79 56.65 42.51
N SER A 934 -40.11 57.49 43.48
CA SER A 934 -39.09 58.34 44.11
C SER A 934 -38.04 57.50 44.81
N GLU A 935 -38.47 56.45 45.53
CA GLU A 935 -37.52 55.57 46.21
C GLU A 935 -36.64 54.85 45.19
N PHE A 936 -37.23 54.37 44.10
CA PHE A 936 -36.46 53.69 43.07
C PHE A 936 -35.44 54.63 42.43
N ALA A 937 -35.84 55.88 42.18
CA ALA A 937 -34.92 56.86 41.60
C ALA A 937 -33.79 57.18 42.58
N LYS A 938 -34.11 57.29 43.86
CA LYS A 938 -33.07 57.52 44.87
C LYS A 938 -32.08 56.35 44.91
N ILE A 939 -32.60 55.13 44.82
CA ILE A 939 -31.74 53.95 44.83
C ILE A 939 -30.83 53.94 43.60
N ILE A 940 -31.39 54.22 42.43
CA ILE A 940 -30.60 54.20 41.20
C ILE A 940 -29.54 55.29 41.22
N ALA A 941 -29.91 56.50 41.65
CA ALA A 941 -28.96 57.60 41.66
C ALA A 941 -27.81 57.35 42.63
N GLY A 942 -28.08 56.68 43.74
CA GLY A 942 -27.05 56.40 44.73
C GLY A 942 -26.16 55.22 44.42
N ALA A 943 -26.38 54.53 43.30
CA ALA A 943 -25.58 53.37 42.92
C ALA A 943 -24.51 53.79 41.94
N LYS A 944 -23.26 53.42 42.23
CA LYS A 944 -22.16 53.73 41.31
C LYS A 944 -22.29 52.95 40.02
N THR A 945 -22.54 51.65 40.12
CA THR A 945 -22.70 50.76 38.97
C THR A 945 -24.02 50.02 39.11
N ALA A 946 -24.69 49.81 37.99
CA ALA A 946 -26.00 49.18 38.00
C ALA A 946 -26.16 48.25 36.81
N MET A 947 -26.76 47.09 37.07
CA MET A 947 -27.10 46.11 36.04
C MET A 947 -28.58 45.83 36.11
N VAL A 948 -29.24 45.82 34.96
CA VAL A 948 -30.67 45.54 34.87
C VAL A 948 -30.84 44.18 34.22
N ILE A 949 -31.26 43.18 35.00
CA ILE A 949 -31.53 41.85 34.49
C ILE A 949 -33.00 41.77 34.11
N VAL A 950 -33.27 41.51 32.83
CA VAL A 950 -34.63 41.50 32.32
C VAL A 950 -34.93 40.11 31.78
N ASP A 951 -36.00 39.50 32.28
CA ASP A 951 -36.51 38.25 31.74
C ASP A 951 -37.28 38.59 30.47
N GLU A 952 -36.64 38.40 29.31
CA GLU A 952 -37.22 38.83 28.05
C GLU A 952 -38.53 38.12 27.76
N GLU A 953 -38.68 36.88 28.23
CA GLU A 953 -39.86 36.08 27.91
C GLU A 953 -41.05 36.38 28.82
N SER A 954 -40.90 37.29 29.79
CA SER A 954 -42.02 37.67 30.63
C SER A 954 -42.09 39.17 30.88
N VAL A 955 -41.36 39.98 30.10
CA VAL A 955 -41.33 41.43 30.26
C VAL A 955 -41.65 42.06 28.92
N SER A 956 -42.55 43.04 28.92
CA SER A 956 -42.93 43.72 27.69
C SER A 956 -41.80 44.64 27.22
N ASP A 957 -41.79 44.93 25.92
CA ASP A 957 -40.72 45.73 25.34
C ASP A 957 -40.76 47.17 25.82
N THR A 958 -41.94 47.67 26.23
CA THR A 958 -42.02 49.02 26.77
C THR A 958 -41.21 49.13 28.06
N THR A 959 -41.28 48.11 28.91
CA THR A 959 -40.50 48.10 30.14
C THR A 959 -39.01 48.10 29.82
N ILE A 960 -38.59 47.31 28.84
CA ILE A 960 -37.18 47.26 28.45
C ILE A 960 -36.71 48.62 27.94
N GLY A 961 -37.53 49.27 27.11
CA GLY A 961 -37.16 50.58 26.61
C GLY A 961 -37.08 51.62 27.71
N GLN A 962 -38.02 51.59 28.65
CA GLN A 962 -37.98 52.54 29.77
C GLN A 962 -36.77 52.30 30.66
N LEU A 963 -36.40 51.04 30.89
CA LEU A 963 -35.21 50.75 31.69
C LEU A 963 -33.95 51.19 30.94
N ALA A 964 -33.93 51.04 29.62
CA ALA A 964 -32.81 51.55 28.83
C ALA A 964 -32.71 53.06 28.96
N ASN A 965 -33.85 53.76 28.92
CA ASN A 965 -33.85 55.20 29.13
C ASN A 965 -33.28 55.55 30.50
N ILE A 966 -33.72 54.83 31.53
CA ILE A 966 -33.25 55.11 32.88
C ILE A 966 -31.75 54.89 33.00
N LEU A 967 -31.24 53.81 32.41
CA LEU A 967 -29.81 53.54 32.42
C LEU A 967 -29.04 54.63 31.68
N THR A 968 -29.56 55.08 30.54
CA THR A 968 -28.86 56.10 29.77
C THR A 968 -28.83 57.44 30.51
N LEU A 969 -29.93 57.81 31.16
CA LEU A 969 -29.97 59.09 31.86
C LEU A 969 -28.97 59.13 33.01
N THR A 970 -28.85 58.04 33.76
CA THR A 970 -27.91 57.96 34.87
C THR A 970 -26.52 57.49 34.44
N GLN A 971 -26.29 57.38 33.13
CA GLN A 971 -24.97 57.06 32.58
C GLN A 971 -24.47 55.70 33.09
N LYS A 972 -25.33 54.70 32.98
CA LYS A 972 -25.02 53.34 33.40
C LYS A 972 -24.98 52.39 32.21
N ILE A 973 -24.47 52.89 31.07
CA ILE A 973 -24.40 52.11 29.85
C ILE A 973 -23.03 52.35 29.20
N GLY A 974 -22.49 51.30 28.58
CA GLY A 974 -21.22 51.40 27.91
C GLY A 974 -20.00 51.36 28.81
N ARG A 975 -20.19 51.11 30.10
CA ARG A 975 -19.11 51.05 31.07
C ARG A 975 -19.04 49.67 31.69
N PRO A 976 -17.87 49.27 32.20
CA PRO A 976 -17.79 48.00 32.92
C PRO A 976 -18.72 47.98 34.12
N ARG A 977 -19.33 46.82 34.36
CA ARG A 977 -20.20 46.51 35.49
C ARG A 977 -21.54 47.24 35.44
N CYS A 978 -21.80 48.04 34.41
CA CYS A 978 -23.07 48.73 34.24
C CYS A 978 -23.69 48.33 32.91
N GLY A 979 -24.99 48.09 32.89
CA GLY A 979 -25.65 47.80 31.63
C GLY A 979 -26.94 47.03 31.85
N ILE A 980 -27.42 46.45 30.74
CA ILE A 980 -28.67 45.70 30.71
C ILE A 980 -28.38 44.32 30.16
N ILE A 981 -28.90 43.29 30.81
CA ILE A 981 -28.73 41.91 30.38
C ILE A 981 -30.11 41.31 30.19
N LYS A 982 -30.39 40.81 28.99
CA LYS A 982 -31.64 40.13 28.68
C LYS A 982 -31.41 38.63 28.77
N VAL A 983 -32.23 37.95 29.57
CA VAL A 983 -32.20 36.50 29.65
C VAL A 983 -33.21 35.97 28.65
N THR A 984 -32.73 35.54 27.48
CA THR A 984 -33.60 35.12 26.41
C THR A 984 -34.33 33.83 26.77
N GLY A 985 -35.45 33.60 26.09
CA GLY A 985 -36.30 32.47 26.43
C GLY A 985 -35.80 31.13 25.96
N LEU A 986 -35.08 31.10 24.84
CA LEU A 986 -34.60 29.85 24.26
C LEU A 986 -33.08 29.87 24.16
N GLY A 987 -32.53 28.75 23.71
CA GLY A 987 -31.08 28.56 23.77
C GLY A 987 -30.30 29.51 22.88
N ASN A 988 -30.77 29.72 21.66
CA ASN A 988 -30.04 30.47 20.65
C ASN A 988 -30.90 31.58 20.07
N THR A 989 -31.59 32.33 20.93
CA THR A 989 -32.34 33.49 20.48
C THR A 989 -31.41 34.57 19.94
N GLN A 990 -30.32 34.84 20.68
CA GLN A 990 -29.39 35.89 20.27
C GLN A 990 -28.72 35.54 18.95
N GLY A 991 -28.29 34.29 18.78
CA GLY A 991 -27.68 33.89 17.52
C GLY A 991 -28.64 33.96 16.36
N ALA A 992 -29.90 33.56 16.59
CA ALA A 992 -30.90 33.63 15.53
C ALA A 992 -31.16 35.08 15.14
N TRP A 993 -31.23 35.99 16.11
CA TRP A 993 -31.40 37.40 15.78
C TRP A 993 -30.20 37.95 15.03
N ASP A 994 -28.99 37.57 15.45
CA ASP A 994 -27.79 38.05 14.77
C ASP A 994 -27.69 37.53 13.34
N MET A 995 -28.18 36.33 13.10
CA MET A 995 -28.07 35.74 11.76
C MET A 995 -29.09 36.33 10.80
N GLY A 996 -30.23 36.80 11.29
CA GLY A 996 -31.19 37.47 10.43
C GLY A 996 -32.64 37.07 10.60
N ILE A 997 -32.93 36.24 11.59
CA ILE A 997 -34.30 35.86 11.92
C ILE A 997 -34.82 36.94 12.87
N ARG A 998 -35.51 37.94 12.30
CA ARG A 998 -35.91 39.11 13.06
C ARG A 998 -37.35 39.52 12.79
N MET A 999 -38.23 38.56 12.52
CA MET A 999 -39.65 38.83 12.33
C MET A 999 -40.45 38.17 13.43
N SER A 1000 -41.30 38.93 14.10
CA SER A 1000 -42.05 38.43 15.23
C SER A 1000 -43.26 37.62 14.75
N LYS A 1001 -43.95 37.02 15.71
CA LYS A 1001 -45.15 36.25 15.39
C LYS A 1001 -46.24 37.13 14.80
N GLU A 1002 -46.40 38.33 15.35
CA GLU A 1002 -47.50 39.20 14.93
C GLU A 1002 -47.37 39.61 13.47
N GLY A 1003 -46.15 39.94 13.02
CA GLY A 1003 -45.97 40.32 11.63
C GLY A 1003 -46.27 39.18 10.67
N ILE A 1004 -45.78 37.97 10.98
CA ILE A 1004 -46.03 36.82 10.13
C ILE A 1004 -47.51 36.50 10.08
N VAL A 1005 -48.18 36.53 11.25
CA VAL A 1005 -49.60 36.24 11.31
C VAL A 1005 -50.40 37.27 10.53
N LYS A 1006 -50.01 38.55 10.63
CA LYS A 1006 -50.68 39.59 9.86
C LYS A 1006 -50.50 39.39 8.36
N LEU A 1007 -49.29 39.03 7.94
CA LEU A 1007 -49.04 38.78 6.52
C LEU A 1007 -49.87 37.61 6.02
N ILE A 1008 -49.98 36.55 6.83
CA ILE A 1008 -50.81 35.42 6.44
C ILE A 1008 -52.27 35.84 6.34
N ASN A 1009 -52.74 36.64 7.31
CA ASN A 1009 -54.14 37.05 7.32
C ASN A 1009 -54.49 37.92 6.13
N GLU A 1010 -53.60 38.84 5.75
CA GLU A 1010 -53.84 39.64 4.55
C GLU A 1010 -53.82 38.80 3.28
N GLY A 1011 -53.26 37.59 3.33
CA GLY A 1011 -53.10 36.77 2.16
C GLY A 1011 -51.80 36.97 1.40
N LYS A 1012 -50.88 37.78 1.95
CA LYS A 1012 -49.60 37.98 1.28
C LYS A 1012 -48.72 36.74 1.36
N VAL A 1013 -48.73 36.05 2.50
CA VAL A 1013 -47.96 34.83 2.69
C VAL A 1013 -48.90 33.65 2.45
N LYS A 1014 -48.51 32.76 1.53
CA LYS A 1014 -49.34 31.63 1.16
C LYS A 1014 -48.74 30.29 1.52
N ALA A 1015 -47.46 30.24 1.91
CA ALA A 1015 -46.82 29.00 2.31
C ALA A 1015 -45.91 29.27 3.50
N ALA A 1016 -45.71 28.25 4.32
CA ALA A 1016 -44.86 28.36 5.50
C ALA A 1016 -43.92 27.17 5.57
N PHE A 1017 -42.69 27.43 6.02
CA PHE A 1017 -41.68 26.40 6.24
C PHE A 1017 -41.29 26.49 7.72
N ILE A 1018 -41.98 25.71 8.54
CA ILE A 1018 -41.82 25.76 9.99
C ILE A 1018 -40.74 24.77 10.41
N VAL A 1019 -39.73 25.26 11.11
CA VAL A 1019 -38.59 24.46 11.53
C VAL A 1019 -38.67 24.30 13.05
N SER A 1020 -39.23 23.17 13.48
CA SER A 1020 -39.24 22.77 14.90
C SER A 1020 -40.03 23.76 15.76
N GLU A 1021 -41.24 24.07 15.33
CA GLU A 1021 -42.16 24.87 16.13
C GLU A 1021 -43.53 24.21 16.11
N ASP A 1022 -44.35 24.55 17.10
CA ASP A 1022 -45.66 23.93 17.30
C ASP A 1022 -46.72 25.03 17.42
N PRO A 1023 -47.03 25.71 16.32
CA PRO A 1023 -48.09 26.74 16.38
C PRO A 1023 -49.44 26.19 16.76
N GLN A 1024 -49.78 24.97 16.33
CA GLN A 1024 -51.11 24.44 16.55
C GLN A 1024 -51.33 24.08 18.02
N ALA A 1025 -50.37 23.41 18.65
CA ALA A 1025 -50.52 23.01 20.03
C ALA A 1025 -50.40 24.21 20.97
N ALA A 1026 -49.40 25.07 20.74
CA ALA A 1026 -49.16 26.18 21.66
C ALA A 1026 -50.31 27.18 21.65
N ASP A 1027 -50.82 27.53 20.48
CA ASP A 1027 -51.88 28.53 20.36
C ASP A 1027 -53.03 27.93 19.55
N LYS A 1028 -54.24 27.97 20.12
CA LYS A 1028 -55.40 27.48 19.40
C LYS A 1028 -55.84 28.47 18.32
N ASN A 1029 -55.72 29.76 18.60
CA ASN A 1029 -56.15 30.78 17.65
C ASN A 1029 -55.34 30.75 16.36
N LEU A 1030 -54.14 30.16 16.38
CA LEU A 1030 -53.35 30.01 15.17
C LEU A 1030 -53.88 28.92 14.25
N GLY A 1031 -54.75 28.05 14.75
CA GLY A 1031 -55.26 26.97 13.92
C GLY A 1031 -55.98 27.47 12.69
N GLU A 1032 -56.72 28.56 12.82
CA GLU A 1032 -57.36 29.16 11.66
C GLU A 1032 -56.33 29.82 10.74
N VAL A 1033 -55.30 30.44 11.33
CA VAL A 1033 -54.29 31.13 10.53
C VAL A 1033 -53.56 30.14 9.63
N LEU A 1034 -53.16 29.00 10.20
CA LEU A 1034 -52.52 27.96 9.40
C LEU A 1034 -53.46 27.41 8.33
N ASP A 1035 -54.76 27.65 8.45
CA ASP A 1035 -55.70 27.24 7.40
C ASP A 1035 -55.62 28.12 6.17
N LYS A 1036 -54.95 29.27 6.25
CA LYS A 1036 -54.83 30.17 5.11
C LYS A 1036 -53.63 29.83 4.22
N LEU A 1037 -52.80 28.87 4.60
CA LEU A 1037 -51.62 28.53 3.83
C LEU A 1037 -51.95 27.46 2.80
N GLU A 1038 -51.54 27.67 1.56
CA GLU A 1038 -51.71 26.66 0.53
C GLU A 1038 -50.81 25.46 0.78
N CYS A 1039 -49.57 25.71 1.20
CA CYS A 1039 -48.60 24.64 1.43
C CYS A 1039 -47.95 24.85 2.79
N LEU A 1040 -47.85 23.77 3.57
CA LEU A 1040 -47.17 23.79 4.86
C LEU A 1040 -46.11 22.70 4.87
N ILE A 1041 -44.87 23.07 5.17
CA ILE A 1041 -43.76 22.13 5.30
C ILE A 1041 -43.22 22.25 6.71
N VAL A 1042 -43.10 21.10 7.40
CA VAL A 1042 -42.73 21.07 8.80
C VAL A 1042 -41.45 20.25 8.94
N ALA A 1043 -40.47 20.80 9.65
CA ALA A 1043 -39.24 20.11 10.01
C ALA A 1043 -39.19 20.03 11.53
N ASP A 1044 -39.58 18.89 12.09
CA ASP A 1044 -39.75 18.77 13.52
C ASP A 1044 -39.15 17.46 14.02
N VAL A 1045 -38.84 17.44 15.32
CA VAL A 1045 -38.35 16.21 15.94
C VAL A 1045 -39.48 15.21 16.13
N PHE A 1046 -40.64 15.66 16.55
CA PHE A 1046 -41.81 14.82 16.75
C PHE A 1046 -42.90 15.17 15.73
N LEU A 1047 -43.80 14.22 15.52
CA LEU A 1047 -44.97 14.45 14.67
C LEU A 1047 -45.98 15.23 15.50
N THR A 1048 -45.82 16.55 15.50
CA THR A 1048 -46.64 17.42 16.32
C THR A 1048 -48.04 17.57 15.71
N GLU A 1049 -48.91 18.30 16.42
CA GLU A 1049 -50.24 18.58 15.89
C GLU A 1049 -50.18 19.49 14.68
N THR A 1050 -49.13 20.31 14.58
CA THR A 1050 -48.93 21.14 13.40
C THR A 1050 -48.21 20.42 12.28
N GLY A 1051 -47.65 19.23 12.55
CA GLY A 1051 -47.02 18.44 11.52
C GLY A 1051 -47.98 17.46 10.89
N LYS A 1052 -49.08 17.19 11.58
CA LYS A 1052 -50.10 16.30 11.05
C LYS A 1052 -50.94 16.95 9.95
N ARG A 1053 -50.92 18.28 9.86
CA ARG A 1053 -51.65 19.01 8.84
C ARG A 1053 -50.74 19.53 7.74
N ALA A 1054 -49.47 19.13 7.72
CA ALA A 1054 -48.52 19.59 6.73
C ALA A 1054 -48.55 18.70 5.50
N ASP A 1055 -47.88 19.17 4.43
CA ASP A 1055 -47.73 18.38 3.23
C ASP A 1055 -46.45 17.56 3.24
N VAL A 1056 -45.36 18.12 3.75
CA VAL A 1056 -44.09 17.42 3.90
C VAL A 1056 -43.64 17.58 5.34
N VAL A 1057 -43.29 16.47 5.98
CA VAL A 1057 -42.76 16.49 7.35
C VAL A 1057 -41.36 15.92 7.31
N LEU A 1058 -40.38 16.76 7.63
CA LEU A 1058 -38.98 16.36 7.62
C LEU A 1058 -38.49 16.15 9.05
N PRO A 1059 -37.78 15.07 9.32
CA PRO A 1059 -37.36 14.80 10.70
C PRO A 1059 -36.09 15.57 11.06
N LEU A 1060 -36.08 16.11 12.28
CA LEU A 1060 -34.89 16.75 12.85
C LEU A 1060 -34.32 15.85 13.94
N VAL A 1061 -33.08 16.15 14.32
CA VAL A 1061 -32.42 15.42 15.39
C VAL A 1061 -32.24 16.37 16.57
N SER A 1062 -31.95 15.79 17.72
CA SER A 1062 -31.78 16.57 18.94
C SER A 1062 -30.51 17.42 18.87
N HIS A 1063 -30.33 18.25 19.88
CA HIS A 1063 -29.16 19.12 19.94
C HIS A 1063 -27.90 18.37 20.37
N VAL A 1064 -28.05 17.19 20.99
CA VAL A 1064 -26.88 16.37 21.31
C VAL A 1064 -26.40 15.57 20.12
N GLU A 1065 -27.14 15.56 19.02
CA GLU A 1065 -26.75 14.88 17.79
C GLU A 1065 -26.27 15.85 16.73
N SER A 1066 -26.11 17.13 17.06
CA SER A 1066 -25.74 18.14 16.08
C SER A 1066 -24.68 19.05 16.68
N THR A 1067 -23.54 19.15 16.00
CA THR A 1067 -22.46 20.04 16.37
C THR A 1067 -22.66 21.41 15.73
N GLY A 1068 -22.17 22.45 16.39
CA GLY A 1068 -22.33 23.78 15.87
C GLY A 1068 -21.98 24.82 16.92
N THR A 1069 -22.51 26.02 16.75
CA THR A 1069 -22.30 27.11 17.69
C THR A 1069 -23.63 27.74 18.07
N VAL A 1070 -23.74 28.12 19.34
CA VAL A 1070 -24.88 28.85 19.86
C VAL A 1070 -24.37 30.11 20.53
N THR A 1071 -25.28 31.04 20.82
CA THR A 1071 -24.93 32.30 21.44
C THR A 1071 -25.70 32.45 22.75
N ARG A 1072 -24.97 32.74 23.82
CA ARG A 1072 -25.58 32.93 25.12
C ARG A 1072 -26.37 34.24 25.15
N ALA A 1073 -27.09 34.44 26.25
CA ALA A 1073 -27.90 35.64 26.39
C ALA A 1073 -27.05 36.90 26.42
N ASP A 1074 -25.84 36.81 26.96
CA ASP A 1074 -24.92 37.93 27.02
C ASP A 1074 -24.07 38.07 25.78
N GLY A 1075 -24.21 37.18 24.80
CA GLY A 1075 -23.47 37.25 23.57
C GLY A 1075 -22.28 36.32 23.48
N LYS A 1076 -22.05 35.47 24.47
CA LYS A 1076 -20.93 34.54 24.43
C LYS A 1076 -21.22 33.40 23.46
N ILE A 1077 -20.26 33.10 22.59
CA ILE A 1077 -20.40 32.04 21.60
C ILE A 1077 -19.89 30.75 22.23
N GLN A 1078 -20.77 29.74 22.28
CA GLN A 1078 -20.45 28.44 22.83
C GLN A 1078 -20.61 27.38 21.75
N ASN A 1079 -20.01 26.22 21.99
CA ASN A 1079 -19.95 25.15 21.02
C ASN A 1079 -20.87 24.00 21.43
N LEU A 1080 -21.71 23.56 20.50
CA LEU A 1080 -22.52 22.36 20.68
C LEU A 1080 -21.73 21.17 20.13
N ASN A 1081 -21.27 20.32 21.04
CA ASN A 1081 -20.51 19.13 20.68
C ASN A 1081 -21.45 17.99 20.29
N LEU A 1082 -20.87 16.93 19.73
CA LEU A 1082 -21.63 15.77 19.27
C LEU A 1082 -21.56 14.69 20.34
N VAL A 1083 -22.58 14.66 21.20
CA VAL A 1083 -22.67 13.60 22.20
C VAL A 1083 -23.00 12.26 21.55
N LEU A 1084 -23.98 12.25 20.65
CA LEU A 1084 -24.39 11.05 19.94
C LEU A 1084 -24.40 11.31 18.44
N LYS A 1085 -24.16 10.26 17.67
CA LYS A 1085 -24.36 10.35 16.24
C LYS A 1085 -25.86 10.43 15.93
N PRO A 1086 -26.23 11.12 14.85
CA PRO A 1086 -27.66 11.24 14.53
C PRO A 1086 -28.31 9.88 14.35
N LYS A 1087 -29.53 9.76 14.87
CA LYS A 1087 -30.23 8.47 14.83
C LYS A 1087 -30.55 8.05 13.41
N ASN A 1088 -30.99 8.98 12.57
CA ASN A 1088 -31.25 8.69 11.17
C ASN A 1088 -30.04 8.92 10.28
N GLY A 1089 -28.90 9.29 10.85
CA GLY A 1089 -27.69 9.52 10.08
C GLY A 1089 -27.59 10.89 9.45
N LEU A 1090 -28.61 11.73 9.59
CA LEU A 1090 -28.64 13.05 8.99
C LEU A 1090 -28.85 14.08 10.08
N SER A 1091 -27.93 15.04 10.19
CA SER A 1091 -28.09 16.12 11.14
C SER A 1091 -29.03 17.18 10.57
N ASN A 1092 -29.41 18.13 11.43
CA ASN A 1092 -30.23 19.25 10.97
C ASN A 1092 -29.50 20.07 9.93
N LEU A 1093 -28.21 20.33 10.16
CA LEU A 1093 -27.41 21.06 9.18
C LEU A 1093 -27.28 20.27 7.90
N ASP A 1094 -27.14 18.95 7.98
CA ASP A 1094 -27.05 18.14 6.77
C ASP A 1094 -28.35 18.19 5.97
N LEU A 1095 -29.49 18.10 6.65
CA LEU A 1095 -30.77 18.17 5.97
C LEU A 1095 -30.97 19.52 5.30
N LEU A 1096 -30.68 20.60 6.03
CA LEU A 1096 -30.83 21.93 5.44
C LEU A 1096 -29.82 22.17 4.33
N LEU A 1097 -28.63 21.58 4.41
CA LEU A 1097 -27.64 21.72 3.36
C LEU A 1097 -28.08 20.98 2.10
N LYS A 1098 -28.69 19.80 2.26
CA LYS A 1098 -29.26 19.11 1.11
C LYS A 1098 -30.36 19.95 0.47
N LEU A 1099 -31.25 20.50 1.29
CA LEU A 1099 -32.33 21.33 0.76
C LEU A 1099 -31.79 22.57 0.04
N ALA A 1100 -30.74 23.17 0.58
CA ALA A 1100 -30.15 24.35 -0.03
C ALA A 1100 -29.42 24.01 -1.31
N GLU A 1101 -28.72 22.87 -1.34
CA GLU A 1101 -28.08 22.43 -2.57
C GLU A 1101 -29.08 22.15 -3.66
N LEU A 1102 -30.29 21.72 -3.29
CA LEU A 1102 -31.37 21.63 -4.26
C LEU A 1102 -31.68 23.00 -4.89
N PHE A 1103 -31.33 24.08 -4.22
CA PHE A 1103 -31.53 25.43 -4.74
C PHE A 1103 -30.25 26.05 -5.27
N GLY A 1104 -29.15 25.31 -5.32
CA GLY A 1104 -27.90 25.82 -5.85
C GLY A 1104 -27.01 26.52 -4.84
N LEU A 1105 -27.21 26.28 -3.55
CA LEU A 1105 -26.40 26.90 -2.51
C LEU A 1105 -25.34 25.90 -2.06
N GLN A 1106 -24.07 26.26 -2.28
CA GLN A 1106 -22.94 25.41 -1.90
C GLN A 1106 -22.38 25.91 -0.58
N TYR A 1107 -22.70 25.20 0.50
CA TYR A 1107 -22.27 25.59 1.84
C TYR A 1107 -21.89 24.36 2.64
N ASN A 1108 -21.19 24.59 3.74
CA ASN A 1108 -20.89 23.56 4.72
C ASN A 1108 -20.70 24.24 6.07
N LEU A 1109 -20.34 23.44 7.08
CA LEU A 1109 -20.25 23.97 8.44
C LEU A 1109 -19.17 25.04 8.55
N GLU A 1110 -18.01 24.81 7.94
CA GLU A 1110 -16.91 25.75 8.07
C GLU A 1110 -17.21 27.06 7.35
N LYS A 1111 -17.77 26.99 6.15
CA LYS A 1111 -18.12 28.20 5.42
C LYS A 1111 -19.18 29.02 6.17
N LEU A 1112 -20.19 28.34 6.70
CA LEU A 1112 -21.22 29.03 7.46
C LEU A 1112 -20.67 29.63 8.73
N ASN A 1113 -19.75 28.93 9.39
CA ASN A 1113 -19.10 29.49 10.58
C ASN A 1113 -18.30 30.74 10.24
N ARG A 1114 -17.57 30.71 9.13
CA ARG A 1114 -16.82 31.89 8.71
C ARG A 1114 -17.74 33.06 8.41
N GLU A 1115 -18.84 32.79 7.70
CA GLU A 1115 -19.80 33.86 7.41
C GLU A 1115 -20.42 34.41 8.69
N MET A 1116 -20.71 33.53 9.66
CA MET A 1116 -21.24 33.98 10.93
C MET A 1116 -20.24 34.87 11.66
N VAL A 1117 -18.96 34.50 11.64
CA VAL A 1117 -17.94 35.31 12.29
C VAL A 1117 -17.84 36.68 11.62
N GLU A 1118 -17.88 36.71 10.28
CA GLU A 1118 -17.84 37.99 9.58
C GLU A 1118 -19.06 38.84 9.90
N LEU A 1119 -20.25 38.23 9.96
CA LEU A 1119 -21.45 38.98 10.31
C LEU A 1119 -21.35 39.56 11.72
N LEU A 1120 -20.85 38.77 12.67
CA LEU A 1120 -20.70 39.27 14.04
C LEU A 1120 -19.67 40.39 14.11
N GLN A 1121 -18.60 40.28 13.33
CA GLN A 1121 -17.58 41.32 13.32
C GLN A 1121 -18.09 42.61 12.70
N ASN A 1122 -18.95 42.50 11.67
CA ASN A 1122 -19.43 43.70 10.99
C ASN A 1122 -20.32 44.54 11.90
N GLU A 1123 -20.92 43.94 12.91
CA GLU A 1123 -21.76 44.67 13.87
C GLU A 1123 -21.03 44.98 15.17
N ASN A 1124 -19.72 44.71 15.23
CA ASN A 1124 -18.91 44.94 16.43
C ASN A 1124 -19.48 44.20 17.64
N LYS A 1125 -19.88 42.95 17.43
CA LYS A 1125 -20.44 42.13 18.49
C LYS A 1125 -19.61 40.87 18.74
N TYR A 1126 -18.55 40.63 17.97
CA TYR A 1126 -17.81 39.39 18.07
C TYR A 1126 -16.79 39.47 19.20
N ASN A 1127 -16.93 38.59 20.18
CA ASN A 1127 -15.99 38.46 21.30
C ASN A 1127 -15.81 39.78 22.04
N GLN A 1128 -16.90 40.53 22.18
CA GLN A 1128 -16.90 41.78 22.90
C GLN A 1128 -17.72 41.62 24.17
N GLN A 1129 -17.07 41.74 25.32
CA GLN A 1129 -17.75 41.49 26.60
C GLN A 1129 -18.66 42.64 27.00
N ILE A 1130 -18.30 43.88 26.64
CA ILE A 1130 -19.11 45.05 26.94
C ILE A 1130 -19.38 45.78 25.63
N LEU A 1131 -20.65 46.08 25.38
CA LEU A 1131 -21.06 46.74 24.15
C LEU A 1131 -21.07 48.26 24.33
N TYR A 1132 -20.95 48.96 23.20
CA TYR A 1132 -21.02 50.42 23.15
C TYR A 1132 -19.94 51.08 24.03
N THR A 1133 -18.78 50.45 24.15
CA THR A 1133 -17.67 51.08 24.87
C THR A 1133 -17.16 52.30 24.13
N GLU A 1134 -17.03 52.20 22.81
CA GLU A 1134 -16.57 53.32 21.99
C GLU A 1134 -17.73 54.21 21.56
N GLY A 1135 -18.78 53.61 20.99
CA GLY A 1135 -19.95 54.36 20.60
C GLY A 1135 -21.09 53.42 20.29
N PHE A 1136 -22.30 53.98 20.30
CA PHE A 1136 -23.48 53.17 20.08
C PHE A 1136 -23.63 52.83 18.60
N ALA A 1137 -24.44 51.80 18.33
CA ALA A 1137 -24.55 51.23 17.00
C ALA A 1137 -25.59 51.93 16.13
N THR A 1138 -26.25 52.96 16.63
CA THR A 1138 -27.14 53.73 15.79
C THR A 1138 -26.33 54.51 14.74
N PRO A 1139 -26.92 54.80 13.58
CA PRO A 1139 -26.17 55.53 12.55
C PRO A 1139 -25.65 56.88 13.02
N ASP A 1140 -26.42 57.58 13.85
CA ASP A 1140 -25.96 58.82 14.47
C ASP A 1140 -24.87 58.56 15.51
N LYS A 1141 -24.71 57.32 15.95
CA LYS A 1141 -23.79 56.94 17.03
C LYS A 1141 -24.21 57.57 18.36
N THR A 1142 -25.50 57.82 18.51
CA THR A 1142 -26.07 58.38 19.73
C THR A 1142 -27.23 57.52 20.18
N VAL A 1143 -27.64 57.70 21.43
CA VAL A 1143 -28.77 56.97 21.98
C VAL A 1143 -30.06 57.65 21.54
N HIS A 1144 -30.95 56.89 20.92
CA HIS A 1144 -32.28 57.38 20.58
C HIS A 1144 -33.19 57.02 21.75
N LEU A 1145 -33.38 57.98 22.65
CA LEU A 1145 -34.12 57.73 23.88
C LEU A 1145 -35.54 57.27 23.57
N PHE A 1146 -36.02 56.29 24.34
CA PHE A 1146 -37.29 55.64 24.07
C PHE A 1146 -38.42 56.53 24.57
N VAL A 1147 -39.21 57.06 23.64
CA VAL A 1147 -40.39 57.86 23.95
C VAL A 1147 -41.60 57.12 23.38
N SER A 1148 -42.56 56.80 24.25
CA SER A 1148 -43.75 56.07 23.84
C SER A 1148 -44.82 56.27 24.90
N LYS A 1149 -45.97 55.65 24.67
CA LYS A 1149 -47.09 55.72 25.61
C LYS A 1149 -47.07 54.51 26.55
N ASP A 1150 -47.85 54.60 27.60
CA ASP A 1150 -47.88 53.57 28.62
C ASP A 1150 -48.48 52.27 28.07
N ALA A 1151 -48.13 51.17 28.72
CA ALA A 1151 -48.54 49.85 28.29
C ALA A 1151 -48.33 48.88 29.45
N PRO A 1152 -48.93 47.69 29.40
CA PRO A 1152 -48.66 46.70 30.44
C PRO A 1152 -47.18 46.38 30.54
N ALA A 1153 -46.69 46.27 31.78
CA ALA A 1153 -45.26 46.08 32.00
C ALA A 1153 -44.81 44.65 31.68
N PHE A 1154 -45.65 43.67 32.02
CA PHE A 1154 -45.29 42.27 31.84
C PHE A 1154 -46.37 41.57 31.02
N VAL A 1155 -45.95 40.54 30.29
CA VAL A 1155 -46.86 39.77 29.45
C VAL A 1155 -46.67 38.29 29.76
N GLU A 1156 -47.73 37.52 29.51
CA GLU A 1156 -47.68 36.07 29.60
C GLU A 1156 -47.89 35.50 28.21
N LYS A 1157 -46.94 34.69 27.74
CA LYS A 1157 -46.97 34.14 26.40
C LYS A 1157 -46.65 32.65 26.45
N ALA A 1158 -47.08 31.94 25.42
CA ALA A 1158 -46.83 30.52 25.32
C ALA A 1158 -45.46 30.25 24.72
N VAL A 1159 -45.07 28.98 24.72
CA VAL A 1159 -43.82 28.52 24.12
C VAL A 1159 -44.16 27.78 22.84
N PHE A 1160 -43.62 28.23 21.73
CA PHE A 1160 -43.89 27.61 20.44
C PHE A 1160 -42.87 26.57 20.04
N ASP A 1161 -41.69 26.57 20.67
CA ASP A 1161 -40.71 25.53 20.44
C ASP A 1161 -41.29 24.17 20.82
N THR A 1162 -41.08 23.17 19.96
CA THR A 1162 -41.74 21.88 20.13
C THR A 1162 -41.29 21.20 21.41
N VAL A 1163 -39.98 21.06 21.60
CA VAL A 1163 -39.47 20.26 22.72
C VAL A 1163 -39.72 20.95 24.05
N LYS A 1164 -39.48 22.26 24.09
CA LYS A 1164 -39.72 23.00 25.34
C LYS A 1164 -41.19 22.99 25.70
N ASN A 1165 -42.07 23.16 24.71
CA ASN A 1165 -43.51 23.10 24.99
C ASN A 1165 -43.91 21.72 25.48
N ARG A 1166 -43.37 20.67 24.88
CA ARG A 1166 -43.69 19.32 25.31
C ARG A 1166 -43.24 19.08 26.75
N PHE A 1167 -42.03 19.52 27.11
CA PHE A 1167 -41.56 19.30 28.46
C PHE A 1167 -42.32 20.15 29.47
N GLU A 1168 -42.70 21.37 29.08
CA GLU A 1168 -43.52 22.19 29.97
C GLU A 1168 -44.88 21.56 30.20
N LYS A 1169 -45.49 21.00 29.16
CA LYS A 1169 -46.74 20.28 29.32
C LYS A 1169 -46.57 19.06 30.21
N TYR A 1170 -45.43 18.36 30.08
CA TYR A 1170 -45.15 17.22 30.95
C TYR A 1170 -45.06 17.64 32.39
N LEU A 1171 -44.34 18.75 32.65
CA LEU A 1171 -44.21 19.23 34.03
C LEU A 1171 -45.54 19.67 34.59
N GLN A 1172 -46.37 20.33 33.77
CA GLN A 1172 -47.69 20.74 34.23
C GLN A 1172 -48.57 19.53 34.54
N ASP A 1173 -48.49 18.48 33.72
CA ASP A 1173 -49.28 17.28 33.97
C ASP A 1173 -48.86 16.61 35.27
N LYS A 1174 -47.56 16.59 35.56
CA LYS A 1174 -47.03 15.97 36.77
C LYS A 1174 -47.10 16.90 37.97
N HIS A 1175 -47.61 18.13 37.80
CA HIS A 1175 -47.73 19.10 38.90
C HIS A 1175 -46.37 19.46 39.49
N LEU A 1176 -45.40 19.66 38.62
CA LEU A 1176 -44.05 20.05 39.02
C LEU A 1176 -43.80 21.51 38.67
N LYS A 1177 -42.80 22.08 39.33
CA LYS A 1177 -42.34 23.44 39.05
C LYS A 1177 -40.96 23.39 38.39
N TYR A 1178 -40.46 24.56 38.04
CA TYR A 1178 -39.13 24.68 37.44
C TYR A 1178 -38.52 26.04 37.72
N MET B 1 -41.44 41.68 113.48
CA MET B 1 -41.06 40.39 112.92
C MET B 1 -41.10 40.43 111.39
N LYS B 2 -40.27 39.60 110.75
CA LYS B 2 -40.26 39.47 109.30
C LYS B 2 -40.35 37.99 108.95
N ILE B 3 -41.46 37.58 108.32
CA ILE B 3 -41.66 36.18 107.96
C ILE B 3 -41.20 35.99 106.52
N ARG B 4 -40.40 34.96 106.28
CA ARG B 4 -39.96 34.59 104.95
C ARG B 4 -40.24 33.11 104.74
N VAL B 5 -40.68 32.76 103.54
CA VAL B 5 -41.02 31.38 103.22
C VAL B 5 -40.24 30.97 101.98
N GLY B 6 -39.62 29.78 102.03
CA GLY B 6 -38.96 29.26 100.86
C GLY B 6 -39.95 28.99 99.74
N LEU B 7 -39.94 29.83 98.71
CA LEU B 7 -40.89 29.73 97.62
C LEU B 7 -40.24 29.28 96.32
N GLY B 8 -39.01 28.78 96.38
CA GLY B 8 -38.34 28.31 95.17
C GLY B 8 -38.97 27.04 94.64
N SER B 9 -38.68 26.73 93.37
CA SER B 9 -39.25 25.50 92.77
C SER B 9 -39.21 24.39 93.81
N CYS B 10 -38.10 24.26 94.54
CA CYS B 10 -37.94 23.19 95.55
C CYS B 10 -39.10 23.27 96.55
N GLY B 11 -39.30 24.44 97.18
CA GLY B 11 -40.38 24.59 98.18
C GLY B 11 -41.75 24.44 97.56
N MET B 12 -41.95 24.94 96.34
CA MET B 12 -43.27 24.86 95.68
C MET B 12 -43.79 23.41 95.72
N ALA B 13 -43.07 22.47 95.11
CA ALA B 13 -43.49 21.07 95.12
C ALA B 13 -43.55 20.52 96.54
N ALA B 14 -42.67 21.01 97.42
CA ALA B 14 -42.68 20.56 98.80
C ALA B 14 -43.94 21.01 99.54
N GLY B 15 -44.51 22.14 99.14
CA GLY B 15 -45.70 22.66 99.79
C GLY B 15 -45.51 24.05 100.34
N GLY B 16 -44.49 24.75 99.86
CA GLY B 16 -44.24 26.11 100.33
C GLY B 16 -45.36 27.07 100.00
N ASN B 17 -46.01 26.87 98.85
CA ASN B 17 -47.14 27.72 98.49
C ASN B 17 -48.27 27.60 99.50
N LYS B 18 -48.63 26.37 99.86
CA LYS B 18 -49.68 26.18 100.85
C LYS B 18 -49.27 26.68 102.22
N VAL B 19 -47.98 26.57 102.56
CA VAL B 19 -47.49 27.08 103.83
C VAL B 19 -47.64 28.59 103.89
N MET B 20 -47.26 29.28 102.81
CA MET B 20 -47.39 30.73 102.76
C MET B 20 -48.84 31.15 102.81
N GLU B 21 -49.72 30.45 102.07
CA GLU B 21 -51.14 30.79 102.11
C GLU B 21 -51.71 30.61 103.50
N CYS B 22 -51.38 29.49 104.16
CA CYS B 22 -51.89 29.23 105.50
C CYS B 22 -51.37 30.24 106.51
N ILE B 23 -50.10 30.63 106.41
CA ILE B 23 -49.55 31.58 107.36
C ILE B 23 -50.15 32.96 107.14
N GLN B 24 -50.42 33.34 105.88
CA GLN B 24 -51.11 34.60 105.62
C GLN B 24 -52.52 34.57 106.20
N GLN B 25 -53.23 33.45 106.03
CA GLN B 25 -54.57 33.34 106.59
C GLN B 25 -54.53 33.41 108.11
N GLU B 26 -53.55 32.75 108.73
CA GLU B 26 -53.42 32.79 110.19
C GLU B 26 -53.14 34.20 110.68
N LEU B 27 -52.24 34.92 110.01
CA LEU B 27 -51.96 36.30 110.39
C LEU B 27 -53.19 37.18 110.22
N ARG B 28 -53.99 36.93 109.18
CA ARG B 28 -55.25 37.64 109.02
C ARG B 28 -56.20 37.35 110.17
N SER B 29 -56.28 36.09 110.59
CA SER B 29 -57.20 35.71 111.64
C SER B 29 -56.85 36.37 112.97
N ARG B 30 -55.55 36.43 113.30
CA ARG B 30 -55.09 37.05 114.53
C ARG B 30 -54.79 38.54 114.37
N ASN B 31 -55.26 39.14 113.27
CA ASN B 31 -55.08 40.57 112.96
C ASN B 31 -53.67 41.05 113.29
N LEU B 32 -52.69 40.34 112.73
CA LEU B 32 -51.28 40.66 112.90
C LEU B 32 -50.71 41.15 111.59
N ASP B 33 -49.98 42.28 111.63
CA ASP B 33 -49.38 42.88 110.45
C ASP B 33 -47.89 42.54 110.46
N ILE B 34 -47.54 41.45 109.78
CA ILE B 34 -46.16 40.99 109.68
C ILE B 34 -45.83 40.84 108.20
N PRO B 35 -44.72 41.41 107.72
CA PRO B 35 -44.36 41.27 106.30
C PRO B 35 -43.97 39.84 105.99
N VAL B 36 -44.72 39.21 105.08
CA VAL B 36 -44.47 37.84 104.62
C VAL B 36 -43.90 37.93 103.22
N GLU B 37 -42.68 37.41 103.05
CA GLU B 37 -41.95 37.53 101.80
C GLU B 37 -41.40 36.18 101.37
N PRO B 38 -41.24 35.96 100.07
CA PRO B 38 -40.65 34.71 99.59
C PRO B 38 -39.13 34.74 99.60
N THR B 39 -38.53 33.54 99.54
CA THR B 39 -37.04 33.44 99.53
C THR B 39 -36.66 32.14 98.82
N GLY B 40 -35.47 32.06 98.24
CA GLY B 40 -35.07 30.88 97.46
C GLY B 40 -34.49 29.77 98.31
N CYS B 41 -34.04 28.68 97.69
CA CYS B 41 -33.52 27.52 98.44
C CYS B 41 -32.23 27.92 99.17
N ILE B 42 -32.10 27.52 100.44
CA ILE B 42 -30.87 27.86 101.23
C ILE B 42 -29.91 26.66 101.17
N GLY B 43 -30.32 25.54 100.56
CA GLY B 43 -29.41 24.42 100.47
C GLY B 43 -29.92 23.21 101.23
N LEU B 44 -30.77 23.45 102.23
CA LEU B 44 -31.41 22.38 102.98
C LEU B 44 -32.78 22.07 102.36
N CYS B 45 -32.73 21.51 101.15
CA CYS B 45 -33.95 21.16 100.44
C CYS B 45 -34.72 20.07 101.17
N PHE B 46 -34.02 19.17 101.86
CA PHE B 46 -34.67 18.08 102.58
C PHE B 46 -35.51 18.58 103.75
N PHE B 47 -35.22 19.77 104.27
CA PHE B 47 -35.99 20.34 105.37
C PHE B 47 -37.22 21.11 104.90
N GLU B 48 -37.39 21.30 103.60
CA GLU B 48 -38.49 22.11 103.10
C GLU B 48 -39.82 21.37 103.30
N PRO B 49 -40.93 22.12 103.43
CA PRO B 49 -41.08 23.59 103.39
C PRO B 49 -40.40 24.29 104.56
N LEU B 50 -39.90 25.50 104.36
CA LEU B 50 -39.13 26.21 105.37
C LEU B 50 -39.73 27.57 105.65
N VAL B 51 -39.77 27.95 106.91
CA VAL B 51 -40.24 29.26 107.34
C VAL B 51 -39.15 29.87 108.22
N ASP B 52 -38.68 31.06 107.85
CA ASP B 52 -37.65 31.78 108.60
C ASP B 52 -38.27 33.04 109.18
N VAL B 53 -38.17 33.19 110.49
CA VAL B 53 -38.64 34.39 111.19
C VAL B 53 -37.42 35.23 111.55
N ILE B 54 -37.46 36.51 111.21
CA ILE B 54 -36.36 37.43 111.41
C ILE B 54 -36.77 38.46 112.45
N ASP B 55 -35.94 38.60 113.48
CA ASP B 55 -36.07 39.66 114.48
C ASP B 55 -34.72 40.34 114.62
N GLY B 56 -34.67 41.63 114.35
CA GLY B 56 -33.41 42.35 114.36
C GLY B 56 -32.44 41.78 113.34
N ASP B 57 -31.41 41.10 113.83
CA ASP B 57 -30.46 40.39 112.97
C ASP B 57 -30.62 38.88 113.03
N ASP B 58 -31.31 38.35 114.03
CA ASP B 58 -31.40 36.91 114.22
C ASP B 58 -32.52 36.33 113.36
N VAL B 59 -32.28 35.10 112.88
CA VAL B 59 -33.22 34.37 112.04
C VAL B 59 -33.39 32.97 112.61
N TYR B 60 -34.63 32.49 112.63
CA TYR B 60 -34.94 31.15 113.11
C TYR B 60 -35.69 30.40 112.01
N THR B 61 -35.20 29.21 111.65
CA THR B 61 -35.77 28.42 110.57
C THR B 61 -36.50 27.22 111.15
N TYR B 62 -37.71 26.98 110.66
CA TYR B 62 -38.57 25.89 111.13
C TYR B 62 -38.59 24.81 110.05
N GLY B 63 -37.93 23.69 110.33
CA GLY B 63 -37.82 22.63 109.33
C GLY B 63 -39.10 21.83 109.20
N ASN B 64 -39.41 21.44 107.97
CA ASN B 64 -40.59 20.65 107.65
C ASN B 64 -41.86 21.31 108.19
N VAL B 65 -41.99 22.61 107.93
CA VAL B 65 -43.14 23.36 108.41
C VAL B 65 -44.39 22.87 107.70
N THR B 66 -45.51 22.86 108.43
CA THR B 66 -46.79 22.38 107.93
C THR B 66 -47.89 23.38 108.28
N PRO B 67 -48.97 23.41 107.48
CA PRO B 67 -50.07 24.34 107.79
C PRO B 67 -50.67 24.14 109.18
N GLU B 68 -50.77 22.90 109.64
CA GLU B 68 -51.30 22.65 110.97
C GLU B 68 -50.35 23.11 112.07
N MET B 69 -49.07 23.25 111.76
CA MET B 69 -48.08 23.71 112.72
C MET B 69 -47.89 25.22 112.68
N ILE B 70 -48.50 25.91 111.71
CA ILE B 70 -48.36 27.36 111.62
C ILE B 70 -48.91 28.07 112.86
N PRO B 71 -50.14 27.77 113.33
CA PRO B 71 -50.64 28.51 114.51
C PRO B 71 -49.76 28.39 115.73
N LYS B 72 -49.13 27.23 115.95
CA LYS B 72 -48.20 27.09 117.05
C LYS B 72 -47.02 28.04 116.90
N ILE B 73 -46.49 28.15 115.68
CA ILE B 73 -45.37 29.05 115.42
C ILE B 73 -45.79 30.50 115.68
N ILE B 74 -46.98 30.87 115.22
CA ILE B 74 -47.45 32.25 115.41
C ILE B 74 -47.64 32.54 116.89
N GLU B 75 -48.27 31.62 117.62
CA GLU B 75 -48.56 31.86 119.03
C GLU B 75 -47.32 31.78 119.91
N SER B 76 -46.26 31.12 119.45
CA SER B 76 -45.05 30.99 120.26
C SER B 76 -44.07 32.12 119.98
N HIS B 77 -43.64 32.26 118.72
CA HIS B 77 -42.63 33.25 118.37
C HIS B 77 -43.25 34.59 117.99
N VAL B 78 -44.24 34.57 117.09
CA VAL B 78 -44.81 35.82 116.59
C VAL B 78 -45.60 36.53 117.67
N ILE B 79 -46.40 35.78 118.44
CA ILE B 79 -47.23 36.38 119.49
C ILE B 79 -46.52 36.39 120.83
N GLY B 80 -46.02 35.23 121.27
CA GLY B 80 -45.41 35.12 122.58
C GLY B 80 -44.00 35.64 122.68
N LYS B 81 -43.38 35.99 121.55
CA LYS B 81 -41.99 36.49 121.52
C LYS B 81 -41.03 35.49 122.17
N LYS B 82 -41.30 34.20 121.98
CA LYS B 82 -40.48 33.15 122.55
C LYS B 82 -40.26 32.05 121.52
N PRO B 83 -39.01 31.70 121.23
CA PRO B 83 -38.76 30.62 120.26
C PRO B 83 -39.34 29.30 120.74
N LEU B 84 -39.92 28.55 119.80
CA LEU B 84 -40.54 27.28 120.15
C LEU B 84 -39.49 26.24 120.52
N ASP B 85 -38.45 26.10 119.69
CA ASP B 85 -37.32 25.20 119.85
C ASP B 85 -37.70 23.74 119.73
N GLU B 86 -38.99 23.42 119.57
CA GLU B 86 -39.41 22.04 119.34
C GLU B 86 -39.43 21.68 117.87
N PHE B 87 -39.61 22.68 117.00
CA PHE B 87 -39.59 22.48 115.56
C PHE B 87 -38.51 23.30 114.87
N ILE B 88 -37.93 24.29 115.55
CA ILE B 88 -36.83 25.05 114.97
C ILE B 88 -35.63 24.13 114.81
N VAL B 89 -35.03 24.15 113.61
CA VAL B 89 -33.88 23.31 113.31
C VAL B 89 -32.59 24.11 113.33
N SER B 90 -32.59 25.31 112.76
CA SER B 90 -31.39 26.13 112.70
C SER B 90 -31.74 27.56 113.07
N THR B 91 -30.72 28.29 113.53
CA THR B 91 -30.91 29.67 113.96
C THR B 91 -29.59 30.41 113.80
N SER B 92 -29.68 31.74 113.90
CA SER B 92 -28.47 32.56 113.78
C SER B 92 -27.48 32.27 114.89
N PHE B 93 -27.95 31.79 116.04
CA PHE B 93 -27.04 31.42 117.11
C PHE B 93 -26.14 30.26 116.71
N GLU B 94 -26.71 29.25 116.06
CA GLU B 94 -25.97 28.04 115.69
C GLU B 94 -26.43 27.56 114.33
N PRO B 95 -25.67 27.84 113.27
CA PRO B 95 -26.04 27.35 111.94
C PRO B 95 -25.95 25.83 111.84
N TYR B 96 -26.69 25.28 110.90
CA TYR B 96 -26.73 23.85 110.70
C TYR B 96 -25.34 23.38 110.28
N PRO B 97 -24.87 22.23 110.79
CA PRO B 97 -23.54 21.75 110.39
C PRO B 97 -23.34 21.60 108.88
N MET B 98 -24.41 21.41 108.11
CA MET B 98 -24.24 21.36 106.66
C MET B 98 -23.76 22.68 106.09
N LEU B 99 -24.06 23.79 106.78
CA LEU B 99 -23.66 25.12 106.33
C LEU B 99 -22.43 25.66 107.04
N LYS B 100 -21.75 24.87 107.88
CA LYS B 100 -20.56 25.37 108.53
C LYS B 100 -19.29 25.13 107.71
N SER B 101 -19.29 24.13 106.84
CA SER B 101 -18.13 23.80 106.04
C SER B 101 -18.22 24.33 104.62
N GLN B 102 -19.20 25.18 104.33
CA GLN B 102 -19.37 25.78 103.02
C GLN B 102 -18.98 27.25 103.07
N VAL B 103 -18.25 27.70 102.05
CA VAL B 103 -18.08 29.10 101.76
C VAL B 103 -18.97 29.43 100.57
N ARG B 104 -19.69 30.54 100.65
CA ARG B 104 -20.73 30.86 99.68
C ARG B 104 -20.44 32.20 99.04
N ILE B 105 -20.24 32.20 97.71
CA ILE B 105 -20.02 33.40 96.93
C ILE B 105 -21.11 33.60 95.90
N ALA B 106 -21.39 32.56 95.10
CA ALA B 106 -22.51 32.63 94.18
C ALA B 106 -23.84 32.55 94.90
N LEU B 107 -23.96 31.62 95.86
CA LEU B 107 -25.18 31.42 96.63
C LEU B 107 -25.15 32.17 97.96
N LYS B 108 -24.41 33.29 98.03
CA LYS B 108 -24.32 34.03 99.29
C LYS B 108 -25.67 34.64 99.68
N ASN B 109 -26.45 35.07 98.71
CA ASN B 109 -27.76 35.67 98.96
C ASN B 109 -28.90 34.74 98.57
N CYS B 110 -28.60 33.51 98.16
CA CYS B 110 -29.63 32.56 97.76
C CYS B 110 -30.28 31.99 99.00
N GLY B 111 -31.49 32.45 99.31
CA GLY B 111 -32.25 31.94 100.44
C GLY B 111 -32.23 32.81 101.68
N ARG B 112 -31.60 33.98 101.64
CA ARG B 112 -31.58 34.89 102.78
C ARG B 112 -32.25 36.22 102.49
N ILE B 113 -32.68 36.46 101.25
CA ILE B 113 -33.25 37.73 100.85
C ILE B 113 -34.59 37.48 100.18
N ASN B 114 -35.19 38.56 99.68
CA ASN B 114 -36.44 38.49 98.95
C ASN B 114 -36.14 38.61 97.47
N PRO B 115 -36.31 37.57 96.66
CA PRO B 115 -35.98 37.67 95.24
C PRO B 115 -36.78 38.72 94.50
N GLU B 116 -38.06 38.89 94.86
CA GLU B 116 -38.91 39.89 94.20
C GLU B 116 -38.89 41.21 94.95
N ASP B 117 -37.69 41.72 95.21
CA ASP B 117 -37.54 43.02 95.87
C ASP B 117 -36.11 43.49 95.61
N ILE B 118 -35.97 44.55 94.81
CA ILE B 118 -34.64 45.05 94.48
C ILE B 118 -33.99 45.67 95.71
N ASP B 119 -34.78 46.35 96.55
CA ASP B 119 -34.23 47.01 97.72
C ASP B 119 -33.60 46.04 98.70
N ASP B 120 -34.11 44.79 98.74
CA ASP B 120 -33.51 43.80 99.64
C ASP B 120 -32.12 43.41 99.19
N TYR B 121 -31.90 43.30 97.88
CA TYR B 121 -30.57 43.07 97.36
C TYR B 121 -29.69 44.30 97.51
N ILE B 122 -30.29 45.49 97.39
CA ILE B 122 -29.53 46.74 97.53
C ILE B 122 -29.00 46.88 98.94
N LYS B 123 -29.84 46.61 99.95
CA LYS B 123 -29.45 46.77 101.34
C LYS B 123 -28.43 45.73 101.78
N ASN B 124 -28.22 44.67 101.00
CA ASN B 124 -27.20 43.67 101.29
C ASN B 124 -25.90 43.93 100.56
N GLY B 125 -25.62 45.19 100.23
CA GLY B 125 -24.41 45.54 99.51
C GLY B 125 -24.47 45.33 98.03
N GLY B 126 -25.63 44.99 97.48
CA GLY B 126 -25.74 44.73 96.07
C GLY B 126 -25.66 46.00 95.23
N TYR B 127 -25.29 45.81 93.97
CA TYR B 127 -25.17 46.90 92.99
C TYR B 127 -24.21 47.99 93.45
N GLU B 128 -23.21 47.62 94.24
CA GLU B 128 -22.10 48.50 94.55
C GLU B 128 -20.86 48.18 93.73
N ALA B 129 -20.70 46.92 93.35
CA ALA B 129 -19.66 46.56 92.38
C ALA B 129 -19.92 47.26 91.05
N LEU B 130 -21.18 47.33 90.63
CA LEU B 130 -21.51 48.02 89.39
C LEU B 130 -21.19 49.51 89.48
N LYS B 131 -21.50 50.14 90.61
CA LYS B 131 -21.16 51.55 90.77
C LYS B 131 -19.65 51.77 90.76
N LYS B 132 -18.91 50.91 91.46
CA LYS B 132 -17.45 51.04 91.48
C LYS B 132 -16.87 50.86 90.09
N VAL B 133 -17.42 49.91 89.32
CA VAL B 133 -17.00 49.73 87.93
C VAL B 133 -17.32 50.97 87.10
N LEU B 134 -18.52 51.53 87.29
CA LEU B 134 -18.97 52.62 86.43
C LEU B 134 -18.18 53.89 86.67
N THR B 135 -17.86 54.21 87.93
CA THR B 135 -17.21 55.50 88.21
C THR B 135 -15.69 55.41 88.22
N SER B 136 -15.13 54.68 89.17
CA SER B 136 -13.67 54.61 89.31
C SER B 136 -13.07 53.35 88.68
N MET B 137 -13.42 53.04 87.43
CA MET B 137 -12.87 51.87 86.75
C MET B 137 -12.94 52.09 85.24
N THR B 138 -12.19 51.26 84.53
CA THR B 138 -12.14 51.23 83.07
C THR B 138 -12.21 49.78 82.62
N PRO B 139 -12.74 49.51 81.41
CA PRO B 139 -12.90 48.12 80.98
C PRO B 139 -11.63 47.29 81.03
N GLU B 140 -10.49 47.86 80.67
CA GLU B 140 -9.23 47.12 80.80
C GLU B 140 -8.96 46.74 82.25
N GLU B 141 -9.28 47.64 83.18
CA GLU B 141 -9.15 47.30 84.60
C GLU B 141 -10.10 46.18 85.00
N VAL B 142 -11.29 46.11 84.38
CA VAL B 142 -12.20 45.02 84.67
C VAL B 142 -11.64 43.69 84.19
N ILE B 143 -11.12 43.67 82.95
CA ILE B 143 -10.42 42.47 82.47
C ILE B 143 -9.30 42.07 83.42
N GLU B 144 -8.51 43.05 83.87
CA GLU B 144 -7.39 42.75 84.75
C GLU B 144 -7.86 42.22 86.09
N GLU B 145 -8.95 42.78 86.63
CA GLU B 145 -9.47 42.29 87.91
C GLU B 145 -9.96 40.86 87.79
N ILE B 146 -10.68 40.53 86.71
CA ILE B 146 -11.14 39.17 86.53
C ILE B 146 -9.94 38.23 86.33
N LYS B 147 -8.92 38.69 85.61
CA LYS B 147 -7.74 37.86 85.37
C LYS B 147 -7.00 37.58 86.67
N ILE B 148 -6.82 38.60 87.51
CA ILE B 148 -6.16 38.41 88.79
C ILE B 148 -6.98 37.49 89.68
N SER B 149 -8.30 37.66 89.67
CA SER B 149 -9.16 36.83 90.50
C SER B 149 -9.13 35.36 90.09
N GLY B 150 -8.63 35.05 88.90
CA GLY B 150 -8.54 33.66 88.48
C GLY B 150 -9.87 32.99 88.23
N LEU B 151 -10.94 33.76 88.07
CA LEU B 151 -12.24 33.18 87.78
C LEU B 151 -12.21 32.48 86.43
N ARG B 152 -12.81 31.29 86.38
CA ARG B 152 -12.81 30.51 85.15
C ARG B 152 -13.93 29.49 85.20
N GLY B 153 -14.43 29.12 84.03
CA GLY B 153 -15.38 28.03 83.91
C GLY B 153 -16.71 28.25 84.59
N ARG B 154 -17.02 27.36 85.54
CA ARG B 154 -18.25 27.24 86.29
C ARG B 154 -19.40 26.67 85.46
N GLY B 155 -19.20 26.47 84.17
CA GLY B 155 -20.09 25.67 83.35
C GLY B 155 -19.54 24.29 83.07
N GLY B 156 -18.48 23.87 83.76
CA GLY B 156 -17.79 22.64 83.47
C GLY B 156 -16.66 22.78 82.48
N ALA B 157 -16.61 23.87 81.72
CA ALA B 157 -15.59 24.03 80.70
C ALA B 157 -14.22 24.23 81.32
N GLY B 158 -14.11 25.13 82.29
CA GLY B 158 -12.85 25.43 82.91
C GLY B 158 -11.98 26.43 82.17
N PHE B 159 -12.51 27.12 81.18
CA PHE B 159 -11.71 28.10 80.45
C PHE B 159 -11.67 29.42 81.21
N PRO B 160 -10.54 30.13 81.19
CA PRO B 160 -10.47 31.43 81.85
C PRO B 160 -11.49 32.40 81.27
N THR B 161 -12.20 33.09 82.16
CA THR B 161 -13.23 34.03 81.73
C THR B 161 -12.61 35.33 81.24
N TRP B 162 -11.49 35.74 81.84
CA TRP B 162 -10.83 36.97 81.41
C TRP B 162 -10.38 36.86 79.96
N PHE B 163 -9.95 35.68 79.53
CA PHE B 163 -9.54 35.50 78.13
C PHE B 163 -10.73 35.70 77.20
N LYS B 164 -11.89 35.14 77.56
CA LYS B 164 -13.07 35.31 76.72
C LYS B 164 -13.48 36.78 76.67
N TRP B 165 -13.43 37.47 77.81
CA TRP B 165 -13.77 38.89 77.81
C TRP B 165 -12.82 39.70 76.96
N ASP B 166 -11.52 39.42 77.06
CA ASP B 166 -10.53 40.15 76.27
C ASP B 166 -10.72 39.88 74.77
N ALA B 167 -10.97 38.61 74.41
CA ALA B 167 -11.18 38.28 73.01
C ALA B 167 -12.43 38.95 72.47
N ALA B 168 -13.50 38.99 73.27
CA ALA B 168 -14.72 39.65 72.81
C ALA B 168 -14.53 41.15 72.65
N ARG B 169 -13.88 41.80 73.61
CA ARG B 169 -13.74 43.25 73.55
C ARG B 169 -12.75 43.68 72.48
N LYS B 170 -11.71 42.89 72.24
CA LYS B 170 -10.72 43.23 71.22
C LYS B 170 -11.20 42.92 69.81
N ALA B 171 -12.22 42.08 69.67
CA ALA B 171 -12.65 41.62 68.36
C ALA B 171 -13.21 42.76 67.53
N SER B 172 -13.13 42.60 66.21
CA SER B 172 -13.64 43.61 65.30
C SER B 172 -15.16 43.61 65.30
N GLY B 173 -15.73 44.76 64.95
CA GLY B 173 -17.17 44.92 64.96
C GLY B 173 -17.60 45.97 65.97
N ASP B 174 -18.69 46.67 65.69
CA ASP B 174 -19.17 47.72 66.56
C ASP B 174 -20.35 47.30 67.42
N ILE B 175 -20.92 46.12 67.18
CA ILE B 175 -22.02 45.59 67.98
C ILE B 175 -21.57 44.27 68.56
N LYS B 176 -21.71 44.12 69.88
CA LYS B 176 -21.30 42.92 70.57
C LYS B 176 -22.38 42.54 71.58
N TYR B 177 -22.45 41.25 71.91
CA TYR B 177 -23.51 40.72 72.76
C TYR B 177 -22.91 40.15 74.04
N VAL B 178 -23.80 39.83 74.98
CA VAL B 178 -23.44 39.17 76.23
C VAL B 178 -24.58 38.21 76.56
N VAL B 179 -24.28 36.90 76.57
CA VAL B 179 -25.29 35.87 76.76
C VAL B 179 -25.01 35.16 78.07
N CYS B 180 -26.06 34.57 78.64
CA CYS B 180 -25.98 33.82 79.89
C CYS B 180 -26.54 32.43 79.67
N ASN B 181 -25.76 31.41 80.02
CA ASN B 181 -26.12 30.02 79.78
C ASN B 181 -26.88 29.48 80.99
N ALA B 182 -28.21 29.59 80.94
CA ALA B 182 -29.07 29.17 82.03
C ALA B 182 -29.92 27.94 81.68
N ASP B 183 -29.53 27.20 80.64
CA ASP B 183 -30.27 26.02 80.20
C ASP B 183 -29.66 24.79 80.84
N GLU B 184 -30.18 24.41 82.01
CA GLU B 184 -29.66 23.25 82.73
C GLU B 184 -30.13 21.94 82.11
N GLY B 185 -29.34 21.42 81.16
CA GLY B 185 -29.72 20.19 80.47
C GLY B 185 -29.65 18.95 81.32
N ASP B 186 -28.80 18.93 82.33
CA ASP B 186 -28.66 17.74 83.15
C ASP B 186 -29.77 17.69 84.18
N PRO B 187 -30.63 16.66 84.16
CA PRO B 187 -31.67 16.53 85.18
C PRO B 187 -31.09 15.96 86.47
N GLY B 188 -31.03 16.79 87.50
CA GLY B 188 -30.41 16.41 88.74
C GLY B 188 -29.45 17.49 89.23
N ALA B 189 -29.21 18.48 88.38
CA ALA B 189 -28.41 19.64 88.71
C ALA B 189 -29.24 20.89 88.49
N PHE B 190 -29.37 21.71 89.54
CA PHE B 190 -30.22 22.89 89.50
C PHE B 190 -29.53 24.07 90.17
N MET B 191 -28.21 24.21 89.98
CA MET B 191 -27.49 25.30 90.62
C MET B 191 -28.00 26.65 90.11
N ASP B 192 -28.02 26.83 88.79
CA ASP B 192 -28.37 28.12 88.22
C ASP B 192 -29.87 28.34 88.15
N ARG B 193 -30.69 27.30 88.06
CA ARG B 193 -32.11 27.52 88.28
C ARG B 193 -32.36 28.07 89.67
N SER B 194 -31.69 27.50 90.67
CA SER B 194 -31.83 27.99 92.04
C SER B 194 -31.29 29.41 92.17
N ILE B 195 -30.20 29.72 91.48
CA ILE B 195 -29.63 31.07 91.55
C ILE B 195 -30.58 32.08 90.91
N LEU B 196 -31.17 31.73 89.77
CA LEU B 196 -32.12 32.62 89.11
C LEU B 196 -33.37 32.83 89.95
N GLU B 197 -33.87 31.76 90.58
CA GLU B 197 -35.09 31.91 91.38
C GLU B 197 -34.83 32.61 92.70
N GLY B 198 -33.66 32.42 93.29
CA GLY B 198 -33.38 32.95 94.60
C GLY B 198 -32.74 34.32 94.61
N ASP B 199 -31.64 34.48 93.88
CA ASP B 199 -30.92 35.75 93.82
C ASP B 199 -30.68 36.08 92.35
N PRO B 200 -31.70 36.62 91.66
CA PRO B 200 -31.57 36.87 90.23
C PRO B 200 -30.81 38.14 89.87
N HIS B 201 -30.47 38.98 90.84
CA HIS B 201 -29.83 40.26 90.52
C HIS B 201 -28.32 40.15 90.39
N ALA B 202 -27.70 39.13 90.97
CA ALA B 202 -26.27 38.94 90.75
C ALA B 202 -26.00 38.61 89.28
N VAL B 203 -26.90 37.86 88.65
CA VAL B 203 -26.74 37.55 87.24
C VAL B 203 -26.78 38.83 86.41
N LEU B 204 -27.74 39.71 86.69
CA LEU B 204 -27.85 40.96 85.94
C LEU B 204 -26.64 41.84 86.19
N GLU B 205 -26.17 41.93 87.44
CA GLU B 205 -25.02 42.76 87.74
C GLU B 205 -23.76 42.23 87.06
N GLY B 206 -23.55 40.92 87.07
CA GLY B 206 -22.41 40.35 86.39
C GLY B 206 -22.49 40.54 84.88
N MET B 207 -23.69 40.39 84.31
CA MET B 207 -23.86 40.64 82.88
C MET B 207 -23.55 42.09 82.53
N THR B 208 -24.00 43.02 83.38
CA THR B 208 -23.74 44.43 83.11
C THR B 208 -22.26 44.76 83.21
N ILE B 209 -21.58 44.21 84.21
CA ILE B 209 -20.14 44.42 84.34
C ILE B 209 -19.42 43.81 83.14
N ALA B 210 -19.86 42.63 82.69
CA ALA B 210 -19.25 42.01 81.53
C ALA B 210 -19.46 42.85 80.27
N ALA B 211 -20.65 43.42 80.12
CA ALA B 211 -20.92 44.28 78.97
C ALA B 211 -20.06 45.54 79.01
N TYR B 212 -19.88 46.11 80.21
CA TYR B 212 -18.97 47.24 80.33
C TYR B 212 -17.55 46.85 79.96
N ALA B 213 -17.11 45.68 80.40
CA ALA B 213 -15.76 45.22 80.14
C ALA B 213 -15.55 44.82 78.68
N ILE B 214 -16.62 44.51 77.97
CA ILE B 214 -16.55 44.04 76.59
C ILE B 214 -16.90 45.15 75.61
N GLY B 215 -17.97 45.89 75.88
CA GLY B 215 -18.42 46.92 74.97
C GLY B 215 -19.73 46.53 74.32
N ALA B 216 -20.56 45.80 75.05
CA ALA B 216 -21.83 45.33 74.54
C ALA B 216 -22.94 46.35 74.84
N LYS B 217 -23.98 46.29 74.03
CA LYS B 217 -25.16 47.12 74.22
C LYS B 217 -26.46 46.32 74.26
N GLU B 218 -26.40 45.01 74.02
CA GLU B 218 -27.56 44.14 74.10
C GLU B 218 -27.18 42.88 74.87
N GLY B 219 -28.15 42.30 75.56
CA GLY B 219 -27.89 41.12 76.37
C GLY B 219 -29.01 40.12 76.23
N TYR B 220 -28.65 38.85 76.34
CA TYR B 220 -29.59 37.75 76.24
C TYR B 220 -29.37 36.78 77.39
N ILE B 221 -30.46 36.26 77.93
CA ILE B 221 -30.41 35.20 78.93
C ILE B 221 -31.15 34.00 78.36
N TYR B 222 -30.43 32.89 78.20
CA TYR B 222 -31.02 31.68 77.62
C TYR B 222 -31.46 30.76 78.77
N VAL B 223 -32.70 30.98 79.21
CA VAL B 223 -33.29 30.20 80.29
C VAL B 223 -34.32 29.27 79.66
N ARG B 224 -34.37 28.04 80.17
CA ARG B 224 -35.33 27.07 79.64
C ARG B 224 -36.76 27.52 79.97
N ALA B 225 -37.67 27.21 79.06
CA ALA B 225 -39.07 27.54 79.25
C ALA B 225 -39.76 26.63 80.26
N GLU B 226 -39.09 25.57 80.71
CA GLU B 226 -39.61 24.69 81.74
C GLU B 226 -39.38 25.23 83.14
N TYR B 227 -38.73 26.38 83.27
CA TYR B 227 -38.53 27.03 84.56
C TYR B 227 -39.42 28.25 84.64
N PRO B 228 -40.69 28.11 85.00
CA PRO B 228 -41.58 29.28 85.01
C PRO B 228 -41.30 30.23 86.17
N LEU B 229 -40.98 29.69 87.34
CA LEU B 229 -40.66 30.55 88.48
C LEU B 229 -39.39 31.35 88.22
N ALA B 230 -38.37 30.71 87.62
CA ALA B 230 -37.15 31.43 87.30
C ALA B 230 -37.41 32.55 86.31
N ILE B 231 -38.22 32.29 85.29
CA ILE B 231 -38.55 33.30 84.30
C ILE B 231 -39.31 34.45 84.93
N LYS B 232 -40.27 34.15 85.80
CA LYS B 232 -41.03 35.19 86.47
C LYS B 232 -40.12 36.06 87.34
N ARG B 233 -39.27 35.43 88.14
CA ARG B 233 -38.37 36.18 89.00
C ARG B 233 -37.40 37.03 88.19
N LEU B 234 -36.89 36.49 87.08
CA LEU B 234 -35.98 37.24 86.25
C LEU B 234 -36.67 38.44 85.62
N GLU B 235 -37.91 38.27 85.14
CA GLU B 235 -38.64 39.39 84.57
C GLU B 235 -38.89 40.47 85.61
N ILE B 236 -39.30 40.07 86.83
CA ILE B 236 -39.52 41.05 87.88
C ILE B 236 -38.23 41.79 88.22
N ALA B 237 -37.12 41.06 88.32
CA ALA B 237 -35.85 41.70 88.65
C ALA B 237 -35.42 42.66 87.56
N ILE B 238 -35.60 42.27 86.29
CA ILE B 238 -35.22 43.14 85.19
C ILE B 238 -36.03 44.42 85.20
N GLU B 239 -37.35 44.30 85.40
CA GLU B 239 -38.19 45.49 85.43
C GLU B 239 -37.82 46.40 86.60
N GLN B 240 -37.60 45.82 87.78
CA GLN B 240 -37.24 46.63 88.94
C GLN B 240 -35.89 47.30 88.76
N ALA B 241 -34.92 46.59 88.18
CA ALA B 241 -33.61 47.17 87.92
C ALA B 241 -33.70 48.31 86.91
N ARG B 242 -34.53 48.13 85.87
CA ARG B 242 -34.75 49.22 84.93
C ARG B 242 -35.44 50.41 85.58
N ASN B 243 -36.25 50.16 86.62
CA ASN B 243 -36.87 51.26 87.35
C ASN B 243 -35.82 52.12 88.07
N ARG B 244 -34.82 51.48 88.67
CA ARG B 244 -33.78 52.18 89.44
C ARG B 244 -32.67 52.74 88.58
N ASN B 245 -32.82 52.72 87.24
CA ASN B 245 -31.76 53.13 86.32
C ASN B 245 -30.50 52.29 86.49
N LEU B 246 -30.64 51.08 86.99
CA LEU B 246 -29.54 50.13 87.11
C LEU B 246 -29.44 49.23 85.89
N LEU B 247 -30.31 49.42 84.90
CA LEU B 247 -30.24 48.72 83.63
C LEU B 247 -30.83 49.65 82.57
N GLY B 248 -30.81 49.19 81.32
CA GLY B 248 -31.31 49.99 80.23
C GLY B 248 -30.29 51.02 79.79
N ASN B 249 -30.75 51.92 78.93
CA ASN B 249 -29.88 52.98 78.44
C ASN B 249 -29.54 53.97 79.55
N ASN B 250 -28.32 54.49 79.52
CA ASN B 250 -27.86 55.50 80.48
C ASN B 250 -27.94 54.97 81.91
N ILE B 251 -27.16 53.94 82.19
CA ILE B 251 -27.11 53.39 83.54
C ILE B 251 -26.38 54.37 84.45
N LEU B 252 -27.03 54.75 85.55
CA LEU B 252 -26.44 55.62 86.56
C LEU B 252 -25.89 56.91 85.96
N ASN B 253 -26.64 57.47 85.01
CA ASN B 253 -26.34 58.78 84.42
C ASN B 253 -24.94 58.83 83.79
N THR B 254 -24.57 57.75 83.10
CA THR B 254 -23.36 57.71 82.31
C THR B 254 -23.73 57.39 80.86
N ASN B 255 -22.71 57.36 80.00
CA ASN B 255 -22.94 56.99 78.61
C ASN B 255 -23.13 55.50 78.41
N PHE B 256 -22.91 54.70 79.47
CA PHE B 256 -23.04 53.26 79.35
C PHE B 256 -24.50 52.87 79.18
N SER B 257 -24.77 51.98 78.21
CA SER B 257 -26.11 51.48 77.95
C SER B 257 -26.07 49.97 77.81
N PHE B 258 -27.02 49.29 78.44
CA PHE B 258 -27.08 47.83 78.39
C PHE B 258 -28.49 47.40 78.75
N ASP B 259 -29.06 46.50 77.94
CA ASP B 259 -30.39 45.97 78.18
C ASP B 259 -30.36 44.46 77.98
N ILE B 260 -31.29 43.78 78.65
CA ILE B 260 -31.33 42.32 78.67
C ILE B 260 -32.68 41.85 78.16
N LYS B 261 -32.67 40.92 77.22
CA LYS B 261 -33.87 40.25 76.75
C LYS B 261 -33.79 38.78 77.11
N LEU B 262 -34.97 38.17 77.30
CA LEU B 262 -35.06 36.82 77.79
C LEU B 262 -35.43 35.88 76.65
N LYS B 263 -34.62 34.84 76.45
CA LYS B 263 -34.87 33.82 75.45
C LYS B 263 -35.26 32.53 76.15
N LYS B 264 -36.34 31.90 75.68
CA LYS B 264 -36.86 30.69 76.29
C LYS B 264 -36.56 29.52 75.37
N GLY B 265 -35.62 28.67 75.77
CA GLY B 265 -35.33 27.48 75.01
C GLY B 265 -36.43 26.44 75.15
N ALA B 266 -36.71 25.73 74.06
CA ALA B 266 -37.75 24.70 74.09
C ALA B 266 -37.37 23.54 74.99
N GLY B 267 -36.09 23.34 75.26
CA GLY B 267 -35.65 22.27 76.12
C GLY B 267 -34.94 21.16 75.37
N ALA B 268 -33.61 21.17 75.42
CA ALA B 268 -32.81 20.15 74.78
C ALA B 268 -31.42 20.17 75.42
N PHE B 269 -30.88 18.98 75.67
CA PHE B 269 -29.58 18.90 76.32
C PHE B 269 -28.48 19.54 75.47
N VAL B 270 -28.49 19.28 74.17
CA VAL B 270 -27.43 19.81 73.32
C VAL B 270 -27.57 21.31 73.11
N CYS B 271 -28.77 21.87 73.29
CA CYS B 271 -28.94 23.31 73.10
C CYS B 271 -28.21 24.12 74.14
N GLY B 272 -27.77 23.49 75.24
CA GLY B 272 -26.95 24.19 76.21
C GLY B 272 -25.56 24.51 75.72
N GLU B 273 -25.07 23.78 74.72
CA GLU B 273 -23.78 24.09 74.12
C GLU B 273 -23.78 25.49 73.54
N GLU B 274 -22.62 26.16 73.65
CA GLU B 274 -22.46 27.52 73.13
C GLU B 274 -22.99 27.65 71.70
N THR B 275 -22.45 26.87 70.78
CA THR B 275 -22.80 27.02 69.37
C THR B 275 -24.25 26.62 69.12
N ALA B 276 -24.72 25.56 69.76
CA ALA B 276 -26.12 25.19 69.64
C ALA B 276 -27.03 26.23 70.29
N LEU B 277 -26.58 26.85 71.38
CA LEU B 277 -27.34 27.95 71.99
C LEU B 277 -27.45 29.11 71.02
N ILE B 278 -26.36 29.43 70.32
CA ILE B 278 -26.35 30.50 69.33
C ILE B 278 -27.32 30.18 68.20
N ALA B 279 -27.31 28.94 67.73
CA ALA B 279 -28.22 28.54 66.66
C ALA B 279 -29.67 28.59 67.12
N SER B 280 -29.95 28.18 68.36
CA SER B 280 -31.31 28.23 68.87
C SER B 280 -31.79 29.67 69.04
N ILE B 281 -30.92 30.56 69.50
CA ILE B 281 -31.27 31.97 69.60
C ILE B 281 -31.54 32.55 68.22
N GLU B 282 -30.70 32.20 67.24
CA GLU B 282 -30.88 32.64 65.87
C GLU B 282 -32.17 32.11 65.25
N GLY B 283 -32.78 31.09 65.83
CA GLY B 283 -34.01 30.54 65.33
C GLY B 283 -33.88 29.30 64.47
N GLU B 284 -32.89 28.46 64.72
CA GLU B 284 -32.72 27.20 63.99
C GLU B 284 -32.58 26.07 65.00
N ARG B 285 -32.48 24.84 64.50
CA ARG B 285 -32.33 23.71 65.38
C ARG B 285 -30.96 23.74 66.05
N GLY B 286 -30.89 23.17 67.24
CA GLY B 286 -29.67 23.22 68.04
C GLY B 286 -28.62 22.24 67.58
N MET B 287 -28.01 22.51 66.43
CA MET B 287 -26.95 21.68 65.91
C MET B 287 -25.62 22.38 66.12
N PRO B 288 -24.75 21.89 66.99
CA PRO B 288 -23.48 22.58 67.24
C PRO B 288 -22.65 22.72 65.96
N ARG B 289 -22.03 23.88 65.80
CA ARG B 289 -21.18 24.16 64.67
C ARG B 289 -19.72 23.98 65.10
N LEU B 290 -18.81 24.19 64.16
CA LEU B 290 -17.40 24.00 64.46
C LEU B 290 -16.89 25.08 65.40
N LYS B 291 -15.98 24.68 66.29
CA LYS B 291 -15.51 25.51 67.40
C LYS B 291 -14.47 26.57 67.03
N PRO B 292 -13.48 26.29 66.17
CA PRO B 292 -12.37 27.24 65.97
C PRO B 292 -12.85 28.64 65.62
N PRO B 293 -13.93 28.79 64.82
CA PRO B 293 -14.57 30.11 64.80
C PRO B 293 -15.32 30.33 66.10
N PHE B 294 -14.78 31.16 66.95
CA PHE B 294 -15.28 31.15 68.31
C PHE B 294 -16.36 32.20 68.52
N PRO B 295 -17.26 31.98 69.47
CA PRO B 295 -18.29 32.99 69.77
C PRO B 295 -17.71 34.33 70.17
N ALA B 296 -16.55 34.33 70.83
CA ALA B 296 -15.90 35.59 71.18
C ALA B 296 -15.46 36.36 69.94
N GLN B 297 -15.27 35.68 68.80
CA GLN B 297 -14.92 36.34 67.56
C GLN B 297 -16.03 36.34 66.53
N SER B 298 -16.91 35.34 66.55
CA SER B 298 -18.07 35.32 65.67
C SER B 298 -19.14 34.44 66.32
N GLY B 299 -20.14 35.08 66.93
CA GLY B 299 -21.17 34.35 67.61
C GLY B 299 -22.55 34.55 67.03
N LEU B 300 -23.41 35.27 67.76
CA LEU B 300 -24.76 35.53 67.31
C LEU B 300 -24.75 36.48 66.11
N TRP B 301 -25.26 36.00 64.98
CA TRP B 301 -25.40 36.80 63.76
C TRP B 301 -24.07 37.36 63.29
N GLY B 302 -22.98 36.69 63.62
CA GLY B 302 -21.66 37.09 63.16
C GLY B 302 -20.97 38.13 64.00
N ARG B 303 -21.63 38.67 65.02
CA ARG B 303 -20.97 39.64 65.87
C ARG B 303 -20.44 38.98 67.14
N PRO B 304 -19.32 39.46 67.68
CA PRO B 304 -18.73 38.83 68.85
C PRO B 304 -19.70 38.77 70.02
N THR B 305 -19.79 37.59 70.64
CA THR B 305 -20.62 37.38 71.81
C THR B 305 -19.79 36.69 72.89
N ASN B 306 -20.14 36.99 74.14
CA ASN B 306 -19.50 36.37 75.29
C ASN B 306 -20.56 35.52 75.99
N ILE B 307 -20.40 34.20 75.92
CA ILE B 307 -21.33 33.27 76.52
C ILE B 307 -20.69 32.71 77.78
N ASN B 308 -21.33 32.94 78.93
CA ASN B 308 -20.82 32.51 80.21
C ASN B 308 -21.95 31.84 81.00
N ASN B 309 -21.55 31.03 81.97
CA ASN B 309 -22.53 30.38 82.82
C ASN B 309 -23.11 31.38 83.81
N VAL B 310 -24.14 30.94 84.53
CA VAL B 310 -24.74 31.78 85.56
C VAL B 310 -23.79 31.96 86.74
N GLU B 311 -23.08 30.88 87.12
CA GLU B 311 -22.24 30.93 88.31
C GLU B 311 -21.09 31.91 88.16
N THR B 312 -20.44 31.94 87.00
CA THR B 312 -19.33 32.88 86.81
C THR B 312 -19.84 34.32 86.84
N TYR B 313 -20.99 34.58 86.22
CA TYR B 313 -21.58 35.90 86.28
C TYR B 313 -21.92 36.29 87.71
N ALA B 314 -22.38 35.33 88.52
CA ALA B 314 -22.68 35.60 89.92
C ALA B 314 -21.42 35.86 90.73
N ASN B 315 -20.32 35.19 90.37
CA ASN B 315 -19.05 35.41 91.06
C ASN B 315 -18.41 36.73 90.69
N VAL B 316 -18.73 37.28 89.52
CA VAL B 316 -18.08 38.52 89.08
C VAL B 316 -18.28 39.69 90.04
N PRO B 317 -19.51 40.03 90.48
CA PRO B 317 -19.65 41.20 91.36
C PRO B 317 -18.90 41.07 92.67
N TRP B 318 -18.85 39.88 93.25
CA TRP B 318 -18.06 39.67 94.45
C TRP B 318 -16.58 39.91 94.18
N ILE B 319 -16.11 39.47 93.01
CA ILE B 319 -14.72 39.72 92.62
C ILE B 319 -14.46 41.21 92.53
N ILE B 320 -15.40 41.96 91.97
CA ILE B 320 -15.19 43.40 91.77
C ILE B 320 -15.20 44.13 93.12
N THR B 321 -16.14 43.78 94.00
CA THR B 321 -16.27 44.53 95.25
C THR B 321 -15.17 44.15 96.25
N ASN B 322 -14.77 42.89 96.30
CA ASN B 322 -13.74 42.46 97.25
C ASN B 322 -12.35 42.41 96.65
N GLY B 323 -12.20 42.66 95.35
CA GLY B 323 -10.91 42.62 94.72
C GLY B 323 -10.52 41.22 94.26
N GLY B 324 -9.64 41.17 93.27
CA GLY B 324 -9.18 39.89 92.75
C GLY B 324 -8.36 39.10 93.75
N LYS B 325 -7.59 39.79 94.58
CA LYS B 325 -6.72 39.10 95.53
C LYS B 325 -7.52 38.26 96.52
N ALA B 326 -8.64 38.79 97.00
CA ALA B 326 -9.46 38.05 97.96
C ALA B 326 -10.02 36.77 97.33
N PHE B 327 -10.49 36.86 96.09
CA PHE B 327 -10.98 35.67 95.40
C PHE B 327 -9.87 34.66 95.16
N ALA B 328 -8.69 35.16 94.75
CA ALA B 328 -7.59 34.26 94.43
C ALA B 328 -7.04 33.53 95.65
N SER B 329 -7.39 33.97 96.85
CA SER B 329 -6.93 33.30 98.06
C SER B 329 -7.76 32.07 98.41
N LEU B 330 -8.78 31.75 97.63
CA LEU B 330 -9.64 30.60 97.85
C LEU B 330 -9.40 29.58 96.76
N GLY B 331 -9.08 28.35 97.14
CA GLY B 331 -8.90 27.27 96.19
C GLY B 331 -7.44 26.92 95.98
N THR B 332 -7.22 25.99 95.05
CA THR B 332 -5.89 25.53 94.72
C THR B 332 -5.15 26.57 93.90
N GLU B 333 -3.94 26.21 93.46
CA GLU B 333 -3.17 27.12 92.60
C GLU B 333 -3.71 27.14 91.18
N LYS B 334 -4.26 26.01 90.71
CA LYS B 334 -4.79 25.97 89.36
C LYS B 334 -6.21 26.54 89.30
N SER B 335 -7.06 26.16 90.26
CA SER B 335 -8.44 26.62 90.30
C SER B 335 -8.63 27.54 91.50
N LYS B 336 -9.09 28.76 91.24
CA LYS B 336 -9.34 29.74 92.28
C LYS B 336 -10.84 29.82 92.57
N GLY B 337 -11.17 30.11 93.81
CA GLY B 337 -12.54 30.38 94.18
C GLY B 337 -13.31 29.16 94.65
N THR B 338 -14.63 29.27 94.55
CA THR B 338 -15.56 28.29 95.07
C THR B 338 -16.39 27.70 93.93
N LYS B 339 -16.93 26.51 94.16
CA LYS B 339 -17.72 25.81 93.17
C LYS B 339 -18.99 25.26 93.81
N VAL B 340 -20.05 25.19 93.02
CA VAL B 340 -21.36 24.75 93.47
C VAL B 340 -21.61 23.34 92.95
N PHE B 341 -22.07 22.46 93.83
CA PHE B 341 -22.37 21.07 93.49
C PHE B 341 -23.77 20.73 93.95
N ALA B 342 -24.38 19.75 93.29
CA ALA B 342 -25.72 19.28 93.60
C ALA B 342 -25.58 17.83 94.09
N LEU B 343 -25.44 17.67 95.40
CA LEU B 343 -25.32 16.34 95.98
C LEU B 343 -26.67 15.63 95.91
N ALA B 344 -26.66 14.38 95.45
CA ALA B 344 -27.86 13.59 95.30
C ALA B 344 -27.49 12.11 95.42
N GLY B 345 -28.41 11.24 95.05
CA GLY B 345 -28.17 9.82 95.10
C GLY B 345 -28.37 9.23 96.49
N LYS B 346 -27.48 8.32 96.89
CA LYS B 346 -27.56 7.67 98.19
C LYS B 346 -26.94 8.49 99.31
N ILE B 347 -26.75 9.80 99.11
CA ILE B 347 -26.22 10.64 100.17
C ILE B 347 -27.29 10.86 101.23
N LYS B 348 -26.83 11.18 102.45
CA LYS B 348 -27.76 11.39 103.55
C LYS B 348 -28.49 12.71 103.43
N ARG B 349 -27.78 13.76 103.02
CA ARG B 349 -28.36 15.11 102.91
C ARG B 349 -28.01 15.67 101.53
N GLY B 350 -28.95 15.54 100.59
CA GLY B 350 -28.76 16.11 99.28
C GLY B 350 -29.02 17.60 99.26
N GLY B 351 -28.75 18.21 98.11
CA GLY B 351 -29.00 19.63 97.91
C GLY B 351 -27.78 20.33 97.36
N LEU B 352 -27.81 21.65 97.41
CA LEU B 352 -26.74 22.47 96.86
C LEU B 352 -25.68 22.74 97.92
N VAL B 353 -24.41 22.61 97.52
CA VAL B 353 -23.29 22.87 98.40
C VAL B 353 -22.28 23.73 97.66
N GLU B 354 -21.84 24.82 98.28
CA GLU B 354 -20.80 25.68 97.72
C GLU B 354 -19.51 25.44 98.50
N VAL B 355 -18.56 24.77 97.86
CA VAL B 355 -17.34 24.34 98.54
C VAL B 355 -16.14 25.01 97.91
N PRO B 356 -15.08 25.29 98.66
CA PRO B 356 -13.86 25.81 98.05
C PRO B 356 -13.23 24.76 97.15
N MET B 357 -12.63 25.22 96.06
CA MET B 357 -11.91 24.32 95.18
C MET B 357 -10.72 23.71 95.91
N GLY B 358 -10.53 22.41 95.76
CA GLY B 358 -9.49 21.70 96.46
C GLY B 358 -9.94 20.97 97.70
N MET B 359 -11.17 21.19 98.15
CA MET B 359 -11.72 20.42 99.25
C MET B 359 -11.94 18.99 98.79
N SER B 360 -11.46 18.04 99.59
CA SER B 360 -11.47 16.65 99.17
C SER B 360 -12.89 16.14 98.99
N LEU B 361 -13.06 15.22 98.03
CA LEU B 361 -14.38 14.65 97.78
C LEU B 361 -14.89 13.87 98.99
N ARG B 362 -13.98 13.24 99.74
CA ARG B 362 -14.41 12.53 100.95
C ARG B 362 -15.05 13.48 101.95
N GLU B 363 -14.48 14.68 102.10
CA GLU B 363 -15.06 15.67 103.00
C GLU B 363 -16.46 16.06 102.56
N VAL B 364 -16.67 16.25 101.26
CA VAL B 364 -17.99 16.62 100.77
C VAL B 364 -18.98 15.47 101.00
N ILE B 365 -18.55 14.24 100.73
CA ILE B 365 -19.46 13.11 100.83
C ILE B 365 -19.85 12.85 102.29
N TYR B 366 -18.87 12.84 103.18
CA TYR B 366 -19.11 12.47 104.57
C TYR B 366 -19.44 13.68 105.44
N ASN B 367 -18.52 14.65 105.52
CA ASN B 367 -18.69 15.77 106.43
C ASN B 367 -19.89 16.63 106.05
N ILE B 368 -20.04 16.95 104.77
CA ILE B 368 -21.12 17.83 104.33
C ILE B 368 -22.35 17.04 103.93
N GLY B 369 -22.19 16.01 103.09
CA GLY B 369 -23.30 15.19 102.69
C GLY B 369 -23.92 14.38 103.80
N GLY B 370 -23.22 14.23 104.92
CA GLY B 370 -23.72 13.47 106.04
C GLY B 370 -23.48 11.98 105.98
N GLY B 371 -22.70 11.50 105.01
CA GLY B 371 -22.44 10.09 104.88
C GLY B 371 -23.44 9.40 103.97
N ILE B 372 -23.21 8.11 103.78
CA ILE B 372 -24.07 7.31 102.92
C ILE B 372 -25.34 6.94 103.67
N LYS B 373 -26.45 6.95 102.94
CA LYS B 373 -27.73 6.61 103.55
C LYS B 373 -27.76 5.14 103.96
N ASP B 374 -28.31 4.88 105.16
CA ASP B 374 -28.36 3.55 105.77
C ASP B 374 -26.98 2.99 106.08
N ASP B 375 -25.97 3.87 106.11
CA ASP B 375 -24.61 3.50 106.53
C ASP B 375 -24.05 2.34 105.72
N LYS B 376 -24.35 2.33 104.42
CA LYS B 376 -23.80 1.31 103.54
C LYS B 376 -22.46 1.77 102.96
N ALA B 377 -21.72 0.81 102.43
CA ALA B 377 -20.42 1.11 101.84
C ALA B 377 -20.58 2.01 100.63
N PHE B 378 -19.58 2.87 100.41
CA PHE B 378 -19.62 3.89 99.37
C PHE B 378 -18.85 3.38 98.16
N LYS B 379 -19.55 3.10 97.06
CA LYS B 379 -18.91 2.48 95.91
C LYS B 379 -18.28 3.51 94.97
N ALA B 380 -19.08 4.44 94.46
CA ALA B 380 -18.57 5.39 93.49
C ALA B 380 -19.45 6.65 93.48
N VAL B 381 -18.91 7.70 92.90
CA VAL B 381 -19.63 8.95 92.65
C VAL B 381 -19.67 9.20 91.15
N GLN B 382 -20.87 9.40 90.62
CA GLN B 382 -21.05 9.71 89.20
C GLN B 382 -20.99 11.22 89.04
N MET B 383 -19.77 11.74 88.97
CA MET B 383 -19.52 13.17 88.93
C MET B 383 -19.61 13.70 87.51
N GLY B 384 -20.26 14.84 87.35
CA GLY B 384 -20.37 15.52 86.09
C GLY B 384 -21.71 15.36 85.40
N GLY B 385 -22.50 14.36 85.78
CA GLY B 385 -23.78 14.12 85.17
C GLY B 385 -23.72 12.98 84.17
N PRO B 386 -24.67 12.95 83.23
CA PRO B 386 -24.69 11.87 82.24
C PRO B 386 -23.44 11.82 81.38
N SER B 387 -22.71 12.92 81.27
CA SER B 387 -21.44 12.95 80.56
C SER B 387 -20.25 12.97 81.51
N GLY B 388 -20.45 12.58 82.77
CA GLY B 388 -19.37 12.50 83.73
C GLY B 388 -18.92 11.06 83.93
N GLY B 389 -18.10 10.86 84.97
CA GLY B 389 -17.51 9.57 85.21
C GLY B 389 -17.72 9.10 86.63
N CYS B 390 -17.50 7.80 86.83
CA CYS B 390 -17.69 7.15 88.12
C CYS B 390 -16.33 7.10 88.84
N ILE B 391 -16.09 8.10 89.67
CA ILE B 391 -14.89 8.09 90.52
C ILE B 391 -15.09 7.07 91.64
N PRO B 392 -14.16 6.12 91.81
CA PRO B 392 -14.41 5.01 92.73
C PRO B 392 -14.13 5.32 94.18
N ALA B 393 -14.23 4.31 95.03
CA ALA B 393 -14.10 4.50 96.48
C ALA B 393 -12.69 4.91 96.86
N ASP B 394 -11.68 4.30 96.26
CA ASP B 394 -10.30 4.59 96.65
C ASP B 394 -9.84 5.99 96.23
N LEU B 395 -10.45 6.56 95.18
CA LEU B 395 -10.16 7.92 94.77
C LEU B 395 -11.06 8.94 95.43
N ILE B 396 -11.57 8.64 96.63
CA ILE B 396 -12.43 9.58 97.34
C ILE B 396 -11.68 10.80 97.85
N ASP B 397 -10.35 10.79 97.79
CA ASP B 397 -9.54 11.88 98.30
C ASP B 397 -9.01 12.79 97.20
N THR B 398 -9.49 12.64 95.98
CA THR B 398 -9.08 13.55 94.91
C THR B 398 -9.73 14.90 95.14
N PRO B 399 -8.96 15.98 95.28
CA PRO B 399 -9.56 17.28 95.60
C PRO B 399 -10.49 17.76 94.50
N VAL B 400 -11.50 18.53 94.90
CA VAL B 400 -12.42 19.15 93.95
C VAL B 400 -11.63 20.19 93.16
N ASP B 401 -11.48 19.95 91.87
CA ASP B 401 -10.71 20.81 90.98
C ASP B 401 -10.90 20.31 89.56
N TYR B 402 -10.86 21.22 88.60
CA TYR B 402 -10.99 20.82 87.20
C TYR B 402 -9.91 19.81 86.83
N GLU B 403 -8.66 20.12 87.15
CA GLU B 403 -7.57 19.22 86.78
C GLU B 403 -7.61 17.93 87.57
N SER B 404 -7.94 18.00 88.86
CA SER B 404 -7.93 16.79 89.68
C SER B 404 -9.10 15.88 89.35
N ILE B 405 -10.26 16.45 89.04
CA ILE B 405 -11.39 15.63 88.61
C ILE B 405 -11.15 15.06 87.22
N THR B 406 -10.58 15.86 86.31
CA THR B 406 -10.36 15.39 84.94
C THR B 406 -9.26 14.33 84.88
N LYS B 407 -8.28 14.40 85.78
CA LYS B 407 -7.22 13.39 85.80
C LYS B 407 -7.76 12.01 86.11
N THR B 408 -8.94 11.93 86.73
CA THR B 408 -9.62 10.66 86.97
C THR B 408 -10.57 10.27 85.86
N GLY B 409 -10.60 11.04 84.77
CA GLY B 409 -11.46 10.71 83.64
C GLY B 409 -12.76 11.46 83.63
N ALA B 410 -13.35 11.65 84.80
CA ALA B 410 -14.63 12.36 84.91
C ALA B 410 -14.43 13.84 84.60
N ILE B 411 -15.54 14.57 84.55
CA ILE B 411 -15.54 15.99 84.26
C ILE B 411 -16.34 16.71 85.33
N MET B 412 -16.03 18.00 85.52
CA MET B 412 -16.79 18.81 86.46
C MET B 412 -18.24 18.92 86.01
N GLY B 413 -18.45 19.21 84.72
CA GLY B 413 -19.78 19.14 84.14
C GLY B 413 -20.79 20.01 84.87
N SER B 414 -21.95 19.43 85.15
CA SER B 414 -23.03 20.11 85.85
C SER B 414 -22.96 19.92 87.35
N GLY B 415 -21.76 19.70 87.90
CA GLY B 415 -21.56 19.60 89.33
C GLY B 415 -22.46 18.62 90.05
N GLY B 416 -23.14 17.75 89.30
CA GLY B 416 -24.06 16.81 89.90
C GLY B 416 -23.39 15.52 90.30
N MET B 417 -23.06 15.39 91.59
CA MET B 417 -22.41 14.19 92.09
C MET B 417 -23.49 13.23 92.59
N ILE B 418 -23.58 12.07 91.93
CA ILE B 418 -24.56 11.05 92.28
C ILE B 418 -23.84 10.04 93.17
N VAL B 419 -24.10 10.11 94.47
CA VAL B 419 -23.46 9.19 95.41
C VAL B 419 -24.13 7.84 95.31
N MET B 420 -23.33 6.78 95.19
CA MET B 420 -23.85 5.44 95.03
C MET B 420 -23.15 4.47 95.98
N ASP B 421 -23.90 3.49 96.45
CA ASP B 421 -23.42 2.51 97.41
C ASP B 421 -23.04 1.22 96.68
N GLU B 422 -22.64 0.21 97.46
CA GLU B 422 -22.22 -1.06 96.91
C GLU B 422 -23.39 -1.85 96.32
N THR B 423 -24.63 -1.47 96.61
CA THR B 423 -25.78 -2.17 96.03
C THR B 423 -25.87 -1.92 94.53
N THR B 424 -25.53 -0.71 94.09
CA THR B 424 -25.70 -0.33 92.69
C THR B 424 -24.73 -1.09 91.80
N CYS B 425 -25.21 -1.49 90.62
CA CYS B 425 -24.41 -2.22 89.63
C CYS B 425 -23.88 -1.23 88.61
N MET B 426 -22.60 -1.39 88.26
CA MET B 426 -21.93 -0.38 87.45
C MET B 426 -22.34 -0.43 86.00
N VAL B 427 -22.62 -1.63 85.48
CA VAL B 427 -22.98 -1.76 84.06
C VAL B 427 -24.29 -1.02 83.78
N ASP B 428 -25.28 -1.18 84.66
CA ASP B 428 -26.56 -0.51 84.46
C ASP B 428 -26.40 1.01 84.53
N ILE B 429 -25.55 1.50 85.49
CA ILE B 429 -25.35 2.93 85.59
C ILE B 429 -24.72 3.49 84.33
N ALA B 430 -23.67 2.83 83.83
CA ALA B 430 -23.05 3.26 82.59
C ALA B 430 -24.05 3.20 81.44
N ARG B 431 -24.84 2.14 81.39
CA ARG B 431 -25.86 2.02 80.35
C ARG B 431 -26.98 3.04 80.55
N PHE B 432 -27.22 3.46 81.79
CA PHE B 432 -28.30 4.41 82.06
C PHE B 432 -27.96 5.79 81.50
N PHE B 433 -26.79 6.30 81.79
CA PHE B 433 -26.40 7.64 81.37
C PHE B 433 -26.06 7.67 79.88
N LEU B 434 -25.47 6.59 79.36
CA LEU B 434 -25.21 6.50 77.93
C LEU B 434 -26.51 6.51 77.13
N GLU B 435 -27.56 5.87 77.65
CA GLU B 435 -28.87 5.94 77.00
C GLU B 435 -29.37 7.37 76.92
N PHE B 436 -29.24 8.11 78.02
CA PHE B 436 -29.67 9.50 78.02
C PHE B 436 -28.88 10.33 77.00
N THR B 437 -27.56 10.16 76.98
CA THR B 437 -26.75 10.94 76.06
C THR B 437 -27.06 10.58 74.60
N CYS B 438 -27.26 9.28 74.33
CA CYS B 438 -27.64 8.87 72.98
C CYS B 438 -28.98 9.47 72.57
N LYS B 439 -29.93 9.54 73.50
CA LYS B 439 -31.20 10.19 73.20
C LYS B 439 -31.02 11.69 72.98
N GLU B 440 -30.05 12.31 73.64
CA GLU B 440 -29.88 13.75 73.58
C GLU B 440 -28.92 14.21 72.48
N SER B 441 -28.33 13.29 71.71
CA SER B 441 -27.47 13.69 70.61
C SER B 441 -28.29 14.38 69.52
N CYS B 442 -27.64 15.27 68.77
CA CYS B 442 -28.31 15.97 67.69
C CYS B 442 -28.24 15.23 66.36
N GLY B 443 -27.26 14.34 66.19
CA GLY B 443 -27.21 13.48 65.02
C GLY B 443 -26.41 13.99 63.84
N LYS B 444 -25.58 15.01 64.03
CA LYS B 444 -24.84 15.56 62.90
C LYS B 444 -23.70 14.65 62.49
N CYS B 445 -22.78 14.36 63.40
CA CYS B 445 -21.59 13.59 63.07
C CYS B 445 -21.80 12.10 63.36
N THR B 446 -21.13 11.26 62.57
CA THR B 446 -21.34 9.83 62.64
C THR B 446 -20.92 9.26 64.00
N TYR B 447 -19.81 9.74 64.55
CA TYR B 447 -19.27 9.13 65.77
C TYR B 447 -20.25 9.25 66.93
N CYS B 448 -20.90 10.39 67.08
CA CYS B 448 -21.83 10.54 68.20
C CYS B 448 -23.22 10.00 67.85
N ARG B 449 -23.66 10.14 66.61
CA ARG B 449 -25.04 9.78 66.27
C ARG B 449 -25.24 8.27 66.33
N VAL B 450 -24.35 7.51 65.69
CA VAL B 450 -24.51 6.07 65.62
C VAL B 450 -23.54 5.33 66.53
N GLY B 451 -22.38 5.91 66.84
CA GLY B 451 -21.46 5.25 67.76
C GLY B 451 -22.03 5.07 69.14
N THR B 452 -22.72 6.09 69.65
CA THR B 452 -23.35 5.99 70.97
C THR B 452 -24.40 4.89 70.99
N ARG B 453 -25.14 4.74 69.90
CA ARG B 453 -26.12 3.66 69.82
C ARG B 453 -25.45 2.29 69.85
N ARG B 454 -24.34 2.14 69.11
CA ARG B 454 -23.65 0.87 69.12
C ARG B 454 -23.13 0.55 70.52
N MET B 455 -22.63 1.58 71.22
CA MET B 455 -22.20 1.39 72.61
C MET B 455 -23.38 1.00 73.49
N LEU B 456 -24.55 1.60 73.26
CA LEU B 456 -25.71 1.29 74.09
C LEU B 456 -26.17 -0.15 73.90
N GLU B 457 -26.25 -0.62 72.65
CA GLU B 457 -26.55 -2.04 72.42
C GLU B 457 -25.47 -2.97 72.96
N ILE B 458 -24.19 -2.58 72.87
CA ILE B 458 -23.17 -3.42 73.47
C ILE B 458 -23.36 -3.55 74.98
N LEU B 459 -23.64 -2.42 75.63
CA LEU B 459 -23.88 -2.45 77.07
C LEU B 459 -25.12 -3.28 77.40
N ASP B 460 -26.17 -3.16 76.59
CA ASP B 460 -27.38 -3.94 76.83
C ASP B 460 -27.11 -5.43 76.69
N ARG B 461 -26.32 -5.81 75.69
CA ARG B 461 -25.96 -7.22 75.54
C ARG B 461 -25.13 -7.70 76.72
N ILE B 462 -24.23 -6.85 77.22
CA ILE B 462 -23.43 -7.22 78.38
C ILE B 462 -24.33 -7.44 79.60
N CYS B 463 -25.26 -6.51 79.83
CA CYS B 463 -26.11 -6.60 81.02
C CYS B 463 -27.04 -7.79 80.95
N ASN B 464 -27.61 -8.06 79.77
CA ASN B 464 -28.51 -9.20 79.61
C ASN B 464 -27.78 -10.54 79.63
N GLY B 465 -26.46 -10.53 79.62
CA GLY B 465 -25.69 -11.76 79.56
C GLY B 465 -25.57 -12.37 78.19
N GLU B 466 -26.25 -11.81 77.19
CA GLU B 466 -26.23 -12.33 75.83
C GLU B 466 -25.07 -11.78 75.01
N GLY B 467 -24.05 -11.23 75.66
CA GLY B 467 -22.96 -10.63 74.92
C GLY B 467 -21.97 -11.68 74.44
N ARG B 468 -21.48 -11.50 73.22
CA ARG B 468 -20.53 -12.41 72.61
C ARG B 468 -19.14 -12.15 73.20
N ASP B 469 -18.13 -12.83 72.67
CA ASP B 469 -16.76 -12.56 73.08
C ASP B 469 -16.25 -11.31 72.38
N GLY B 470 -15.16 -10.76 72.92
CA GLY B 470 -14.62 -9.54 72.36
C GLY B 470 -15.43 -8.30 72.65
N ASP B 471 -16.41 -8.38 73.56
CA ASP B 471 -17.26 -7.24 73.84
C ASP B 471 -16.52 -6.14 74.59
N LEU B 472 -15.62 -6.50 75.50
CA LEU B 472 -14.93 -5.49 76.29
C LEU B 472 -13.95 -4.68 75.44
N GLU B 473 -13.14 -5.36 74.64
CA GLU B 473 -12.19 -4.66 73.78
C GLU B 473 -12.92 -3.82 72.74
N LEU B 474 -13.98 -4.38 72.14
CA LEU B 474 -14.76 -3.63 71.15
C LEU B 474 -15.42 -2.41 71.78
N LEU B 475 -15.97 -2.57 72.99
CA LEU B 475 -16.60 -1.45 73.68
C LEU B 475 -15.59 -0.36 74.01
N GLU B 476 -14.41 -0.76 74.50
CA GLU B 476 -13.39 0.24 74.82
C GLU B 476 -12.92 0.97 73.57
N GLU B 477 -12.69 0.24 72.48
CA GLU B 477 -12.26 0.88 71.24
C GLU B 477 -13.34 1.79 70.69
N LEU B 478 -14.61 1.37 70.76
CA LEU B 478 -15.70 2.22 70.32
C LEU B 478 -15.78 3.49 71.15
N ALA B 479 -15.61 3.37 72.47
CA ALA B 479 -15.68 4.53 73.33
C ALA B 479 -14.54 5.51 73.06
N VAL B 480 -13.32 5.00 72.88
CA VAL B 480 -12.21 5.91 72.66
C VAL B 480 -12.27 6.50 71.26
N SER B 481 -12.92 5.81 70.31
CA SER B 481 -13.05 6.38 68.98
C SER B 481 -14.15 7.42 68.92
N VAL B 482 -15.25 7.20 69.64
CA VAL B 482 -16.31 8.21 69.72
C VAL B 482 -15.79 9.44 70.46
N LYS B 483 -14.99 9.23 71.52
CA LYS B 483 -14.49 10.35 72.30
C LYS B 483 -13.52 11.21 71.51
N ASP B 484 -12.68 10.59 70.69
CA ASP B 484 -11.66 11.32 69.93
C ASP B 484 -12.10 11.65 68.52
N GLY B 485 -13.34 11.37 68.15
CA GLY B 485 -13.79 11.64 66.80
C GLY B 485 -15.03 12.50 66.71
N SER B 486 -15.77 12.61 67.81
CA SER B 486 -17.00 13.38 67.80
C SER B 486 -16.71 14.87 67.64
N LEU B 487 -17.70 15.61 67.13
CA LEU B 487 -17.50 17.02 66.82
C LEU B 487 -17.63 17.88 68.07
N CYS B 488 -18.77 17.82 68.75
CA CYS B 488 -19.05 18.69 69.86
C CYS B 488 -18.75 18.00 71.17
N GLY B 489 -18.98 18.72 72.28
CA GLY B 489 -18.69 18.19 73.59
C GLY B 489 -19.67 17.16 74.10
N LEU B 490 -20.84 17.05 73.47
CA LEU B 490 -21.79 16.03 73.88
C LEU B 490 -21.38 14.64 73.40
N GLY B 491 -20.52 14.56 72.40
CA GLY B 491 -20.03 13.29 71.93
C GLY B 491 -18.67 12.97 72.50
N GLN B 492 -17.84 14.01 72.67
CA GLN B 492 -16.52 13.81 73.26
C GLN B 492 -16.62 13.43 74.74
N THR B 493 -17.71 13.81 75.39
CA THR B 493 -17.97 13.42 76.78
C THR B 493 -19.09 12.39 76.89
N ALA B 494 -19.59 11.89 75.77
CA ALA B 494 -20.62 10.85 75.82
C ALA B 494 -20.13 9.55 76.45
N PRO B 495 -18.99 8.96 76.04
CA PRO B 495 -18.59 7.67 76.61
C PRO B 495 -17.84 7.78 77.93
N ASN B 496 -17.88 8.95 78.59
CA ASN B 496 -17.19 9.10 79.86
C ASN B 496 -17.62 8.09 80.92
N PRO B 497 -18.91 7.76 81.10
CA PRO B 497 -19.26 6.71 82.06
C PRO B 497 -18.57 5.38 81.73
N VAL B 498 -18.83 4.88 80.52
CA VAL B 498 -18.29 3.59 80.09
C VAL B 498 -16.80 3.52 80.35
N LEU B 499 -16.05 4.46 79.77
CA LEU B 499 -14.61 4.50 79.94
C LEU B 499 -14.23 4.45 81.42
N THR B 500 -14.88 5.30 82.23
CA THR B 500 -14.55 5.31 83.66
C THR B 500 -14.91 3.98 84.30
N THR B 501 -16.07 3.43 83.96
CA THR B 501 -16.43 2.13 84.51
C THR B 501 -15.56 1.01 83.96
N LEU B 502 -14.80 1.27 82.90
CA LEU B 502 -13.83 0.31 82.39
C LEU B 502 -12.43 0.55 82.94
N ARG B 503 -12.23 1.63 83.70
CA ARG B 503 -10.93 1.88 84.29
C ARG B 503 -10.87 1.43 85.74
N TYR B 504 -11.98 1.56 86.47
CA TYR B 504 -12.06 1.17 87.86
C TYR B 504 -12.88 -0.09 88.11
N PHE B 505 -13.86 -0.37 87.25
CA PHE B 505 -14.78 -1.49 87.44
C PHE B 505 -14.78 -2.40 86.24
N LYS B 506 -13.59 -2.70 85.72
CA LYS B 506 -13.48 -3.67 84.64
C LYS B 506 -13.90 -5.06 85.10
N ASP B 507 -13.59 -5.41 86.34
CA ASP B 507 -13.95 -6.71 86.87
C ASP B 507 -15.47 -6.89 86.92
N GLU B 508 -16.22 -5.80 87.15
CA GLU B 508 -17.67 -5.89 87.13
C GLU B 508 -18.17 -6.30 85.74
N TYR B 509 -17.64 -5.66 84.69
CA TYR B 509 -18.00 -6.05 83.34
C TYR B 509 -17.59 -7.48 83.04
N ILE B 510 -16.40 -7.88 83.47
CA ILE B 510 -15.90 -9.22 83.16
C ILE B 510 -16.77 -10.28 83.82
N ALA B 511 -17.15 -10.07 85.08
CA ALA B 511 -18.07 -10.99 85.74
C ALA B 511 -19.45 -10.95 85.10
N HIS B 512 -19.88 -9.78 84.60
CA HIS B 512 -21.16 -9.69 83.92
C HIS B 512 -21.18 -10.55 82.66
N ILE B 513 -20.10 -10.49 81.88
CA ILE B 513 -20.12 -11.10 80.55
C ILE B 513 -19.70 -12.57 80.59
N ARG B 514 -18.80 -12.94 81.49
CA ARG B 514 -18.32 -14.32 81.54
C ARG B 514 -19.16 -15.17 82.49
N ASP B 515 -19.25 -14.77 83.76
CA ASP B 515 -20.03 -15.50 84.73
C ASP B 515 -21.53 -15.32 84.55
N LYS B 516 -21.96 -14.41 83.67
CA LYS B 516 -23.37 -14.16 83.39
C LYS B 516 -24.13 -13.76 84.66
N LYS B 517 -23.47 -12.99 85.52
CA LYS B 517 -24.10 -12.49 86.73
C LYS B 517 -23.34 -11.26 87.21
N CYS B 518 -23.99 -10.49 88.09
CA CYS B 518 -23.41 -9.28 88.62
C CYS B 518 -23.23 -9.39 90.12
N PRO B 519 -22.09 -8.98 90.67
CA PRO B 519 -21.93 -8.99 92.13
C PRO B 519 -22.93 -8.09 92.86
N ALA B 520 -23.34 -6.98 92.25
CA ALA B 520 -24.23 -6.04 92.91
C ALA B 520 -25.69 -6.50 92.90
N LYS B 521 -26.03 -7.48 92.07
CA LYS B 521 -27.38 -8.07 92.04
C LYS B 521 -28.45 -7.01 91.76
N GLN B 522 -28.15 -6.09 90.85
CA GLN B 522 -29.10 -5.05 90.46
C GLN B 522 -29.69 -5.25 89.07
N CYS B 523 -28.96 -5.89 88.16
CA CYS B 523 -29.51 -6.18 86.84
C CYS B 523 -30.71 -7.10 86.98
N LYS B 524 -31.87 -6.63 86.50
CA LYS B 524 -33.10 -7.41 86.64
C LYS B 524 -33.03 -8.72 85.87
N ALA B 525 -32.36 -8.73 84.71
CA ALA B 525 -32.25 -9.94 83.91
C ALA B 525 -31.37 -11.00 84.55
N LEU B 526 -30.60 -10.67 85.58
CA LEU B 526 -29.68 -11.61 86.20
C LEU B 526 -30.06 -11.99 87.63
N ILE B 527 -31.00 -11.29 88.25
CA ILE B 527 -31.44 -11.63 89.60
C ILE B 527 -32.40 -12.81 89.55
N ASP C 22 -58.91 25.26 63.85
CA ASP C 22 -58.86 26.71 63.89
C ASP C 22 -57.46 27.23 63.63
N LEU C 23 -57.37 28.44 63.08
CA LEU C 23 -56.09 29.11 62.88
C LEU C 23 -56.05 30.53 63.42
N SER C 24 -57.20 31.15 63.70
CA SER C 24 -57.20 32.50 64.25
C SER C 24 -56.62 32.56 65.66
N LEU C 25 -56.59 31.44 66.38
CA LEU C 25 -56.03 31.44 67.73
C LEU C 25 -54.56 31.83 67.73
N LEU C 26 -53.83 31.49 66.66
CA LEU C 26 -52.44 31.87 66.54
C LEU C 26 -52.26 33.32 66.08
N ASP C 27 -53.33 34.01 65.73
CA ASP C 27 -53.21 35.38 65.22
C ASP C 27 -52.50 36.32 66.19
N PRO C 28 -52.83 36.36 67.48
CA PRO C 28 -52.07 37.25 68.37
C PRO C 28 -50.59 36.91 68.44
N VAL C 29 -50.26 35.62 68.57
CA VAL C 29 -48.86 35.21 68.72
C VAL C 29 -48.06 35.66 67.52
N LEU C 30 -48.54 35.36 66.31
CA LEU C 30 -47.84 35.78 65.10
C LEU C 30 -47.76 37.30 65.01
N ASP C 31 -48.72 38.01 65.61
CA ASP C 31 -48.64 39.46 65.61
C ASP C 31 -47.61 39.96 66.62
N GLU C 32 -47.41 39.23 67.72
CA GLU C 32 -46.44 39.66 68.72
C GLU C 32 -45.01 39.41 68.26
N TYR C 33 -44.77 38.26 67.63
CA TYR C 33 -43.43 37.84 67.23
C TYR C 33 -43.16 38.09 65.75
N LYS C 34 -43.69 39.19 65.21
CA LYS C 34 -43.50 39.52 63.81
C LYS C 34 -42.31 40.46 63.65
N GLY C 35 -41.88 40.63 62.40
CA GLY C 35 -40.77 41.50 62.08
C GLY C 35 -39.40 40.85 62.18
N GLU C 36 -39.31 39.67 62.78
CA GLU C 36 -38.06 38.94 62.92
C GLU C 36 -38.34 37.46 62.77
N LYS C 37 -37.57 36.80 61.91
CA LYS C 37 -37.70 35.36 61.69
C LYS C 37 -36.78 34.55 62.60
N SER C 38 -36.35 35.12 63.72
CA SER C 38 -35.54 34.43 64.70
C SER C 38 -36.32 34.03 65.94
N ASN C 39 -37.64 34.21 65.93
CA ASN C 39 -38.50 33.86 67.06
C ASN C 39 -39.44 32.71 66.73
N ILE C 40 -39.00 31.79 65.87
CA ILE C 40 -39.89 30.71 65.45
C ILE C 40 -40.10 29.70 66.56
N ILE C 41 -39.12 29.51 67.45
CA ILE C 41 -39.27 28.53 68.51
C ILE C 41 -40.31 29.01 69.52
N ALA C 42 -40.34 30.30 69.81
CA ALA C 42 -41.36 30.83 70.71
C ALA C 42 -42.75 30.67 70.11
N ILE C 43 -42.90 30.91 68.81
CA ILE C 43 -44.19 30.74 68.15
C ILE C 43 -44.59 29.27 68.18
N LEU C 44 -43.65 28.36 67.95
CA LEU C 44 -43.96 26.94 68.01
C LEU C 44 -44.39 26.53 69.41
N GLN C 45 -43.72 27.05 70.44
CA GLN C 45 -44.11 26.73 71.81
C GLN C 45 -45.49 27.26 72.13
N LYS C 46 -45.81 28.47 71.67
CA LYS C 46 -47.14 29.02 71.88
C LYS C 46 -48.20 28.18 71.18
N THR C 47 -47.93 27.74 69.95
CA THR C 47 -48.85 26.86 69.25
C THR C 47 -49.03 25.54 69.98
N GLN C 48 -47.93 25.00 70.50
CA GLN C 48 -47.99 23.76 71.28
C GLN C 48 -48.85 23.94 72.52
N GLU C 49 -48.73 25.10 73.18
CA GLU C 49 -49.60 25.37 74.32
C GLU C 49 -51.06 25.48 73.91
N ILE C 50 -51.33 26.16 72.79
CA ILE C 50 -52.71 26.42 72.39
C ILE C 50 -53.40 25.15 71.94
N TYR C 51 -52.89 24.52 70.88
CA TYR C 51 -53.54 23.36 70.28
C TYR C 51 -53.20 22.05 70.99
N ARG C 52 -52.30 22.06 71.96
CA ARG C 52 -51.74 20.88 72.62
C ARG C 52 -50.91 20.03 71.68
N PHE C 53 -50.72 20.46 70.43
CA PHE C 53 -49.97 19.74 69.42
C PHE C 53 -49.79 20.68 68.23
N LEU C 54 -48.92 20.29 67.30
CA LEU C 54 -48.56 21.11 66.15
C LEU C 54 -49.14 20.49 64.89
N PRO C 55 -50.37 20.80 64.51
CA PRO C 55 -50.92 20.24 63.28
C PRO C 55 -50.24 20.82 62.05
N LEU C 56 -50.20 20.01 60.99
CA LEU C 56 -49.53 20.44 59.77
C LEU C 56 -50.18 21.67 59.16
N ASP C 57 -51.48 21.85 59.35
CA ASP C 57 -52.13 23.06 58.88
C ASP C 57 -51.68 24.28 59.68
N ALA C 58 -51.50 24.12 60.99
CA ALA C 58 -51.00 25.24 61.80
C ALA C 58 -49.56 25.58 61.44
N LEU C 59 -48.73 24.55 61.22
CA LEU C 59 -47.36 24.80 60.79
C LEU C 59 -47.35 25.49 59.43
N ASN C 60 -48.25 25.10 58.53
CA ASN C 60 -48.37 25.77 57.24
C ASN C 60 -48.76 27.23 57.43
N TYR C 61 -49.69 27.50 58.35
CA TYR C 61 -50.10 28.88 58.60
C TYR C 61 -48.93 29.71 59.14
N ILE C 62 -48.16 29.14 60.06
CA ILE C 62 -46.98 29.85 60.57
C ILE C 62 -46.00 30.12 59.44
N SER C 63 -45.74 29.10 58.61
CA SER C 63 -44.80 29.26 57.51
C SER C 63 -45.24 30.36 56.55
N GLU C 64 -46.54 30.42 56.27
CA GLU C 64 -47.05 31.46 55.37
C GLU C 64 -46.99 32.84 56.01
N LYS C 65 -47.39 32.95 57.28
CA LYS C 65 -47.50 34.25 57.92
C LYS C 65 -46.14 34.86 58.21
N THR C 66 -45.23 34.08 58.80
CA THR C 66 -43.96 34.63 59.24
C THR C 66 -42.91 34.72 58.13
N GLY C 67 -43.01 33.87 57.10
CA GLY C 67 -42.08 33.92 56.00
C GLY C 67 -40.84 33.07 56.15
N VAL C 68 -40.82 32.14 57.09
CA VAL C 68 -39.71 31.20 57.21
C VAL C 68 -40.03 29.96 56.38
N LYS C 69 -38.99 29.35 55.83
CA LYS C 69 -39.18 28.19 54.98
C LYS C 69 -39.76 27.03 55.79
N LYS C 70 -40.61 26.25 55.13
CA LYS C 70 -41.37 25.20 55.81
C LYS C 70 -40.46 24.11 56.37
N ALA C 71 -39.40 23.76 55.64
CA ALA C 71 -38.48 22.74 56.12
C ALA C 71 -37.84 23.15 57.44
N LYS C 72 -37.48 24.43 57.56
CA LYS C 72 -36.94 24.93 58.83
C LYS C 72 -37.95 24.76 59.95
N ILE C 73 -39.22 25.04 59.66
CA ILE C 73 -40.27 24.91 60.68
C ILE C 73 -40.35 23.46 61.15
N TYR C 74 -40.38 22.52 60.20
CA TYR C 74 -40.51 21.13 60.58
C TYR C 74 -39.27 20.64 61.33
N GLY C 75 -38.09 21.11 60.92
CA GLY C 75 -36.87 20.71 61.62
C GLY C 75 -36.85 21.20 63.06
N ILE C 76 -37.17 22.47 63.26
CA ILE C 76 -37.18 23.01 64.62
C ILE C 76 -38.32 22.39 65.43
N ALA C 77 -39.39 21.94 64.78
CA ALA C 77 -40.49 21.31 65.51
C ALA C 77 -40.13 19.90 65.95
N THR C 78 -39.50 19.13 65.07
CA THR C 78 -39.17 17.75 65.41
C THR C 78 -37.86 17.62 66.18
N PHE C 79 -37.06 18.69 66.27
CA PHE C 79 -35.80 18.61 67.01
C PHE C 79 -36.04 18.30 68.48
N TYR C 80 -37.02 18.95 69.10
CA TYR C 80 -37.24 18.83 70.53
C TYR C 80 -38.28 17.77 70.84
N ALA C 81 -38.09 17.08 71.97
CA ALA C 81 -39.04 16.07 72.42
C ALA C 81 -40.28 16.68 73.04
N GLN C 82 -40.26 17.97 73.37
CA GLN C 82 -41.44 18.63 73.92
C GLN C 82 -42.53 18.80 72.86
N PHE C 83 -42.14 18.99 71.60
CA PHE C 83 -43.09 19.19 70.53
C PHE C 83 -43.57 17.85 69.99
N ARG C 84 -44.88 17.63 70.03
CA ARG C 84 -45.49 16.43 69.48
C ARG C 84 -46.44 16.80 68.36
N LEU C 85 -46.39 16.04 67.27
CA LEU C 85 -47.18 16.30 66.08
C LEU C 85 -48.43 15.41 65.99
N LYS C 86 -48.80 14.76 67.09
CA LYS C 86 -50.00 13.95 67.10
C LYS C 86 -51.01 14.53 68.09
N PRO C 87 -52.30 14.39 67.81
CA PRO C 87 -53.32 14.86 68.76
C PRO C 87 -53.21 14.12 70.09
N VAL C 88 -53.46 14.85 71.18
CA VAL C 88 -53.40 14.27 72.52
C VAL C 88 -54.79 13.86 72.97
N MET D 1 -7.69 34.27 52.98
CA MET D 1 -7.57 34.92 51.69
C MET D 1 -8.94 35.36 51.16
N ARG D 2 -8.92 36.30 50.23
CA ARG D 2 -10.13 36.76 49.56
C ARG D 2 -9.88 36.85 48.06
N LEU D 3 -10.92 36.60 47.27
CA LEU D 3 -10.83 36.71 45.83
C LEU D 3 -11.30 38.11 45.42
N VAL D 4 -10.42 38.85 44.78
CA VAL D 4 -10.74 40.21 44.36
C VAL D 4 -11.32 40.19 42.95
N ARG D 5 -12.29 41.06 42.72
CA ARG D 5 -12.94 41.17 41.43
C ARG D 5 -12.41 42.41 40.72
N VAL D 6 -11.70 42.22 39.61
CA VAL D 6 -11.12 43.31 38.86
C VAL D 6 -11.67 43.26 37.44
N ASN D 7 -11.43 44.34 36.69
CA ASN D 7 -11.86 44.42 35.30
C ASN D 7 -10.72 45.00 34.49
N ILE D 8 -10.08 44.17 33.68
CA ILE D 8 -8.93 44.58 32.89
C ILE D 8 -9.32 44.49 31.41
N ASP D 9 -9.29 45.64 30.74
CA ASP D 9 -9.61 45.74 29.31
C ASP D 9 -10.99 45.15 29.00
N ASN D 10 -11.98 45.58 29.79
CA ASN D 10 -13.38 45.17 29.63
C ASN D 10 -13.55 43.66 29.73
N LYS D 11 -12.71 43.01 30.55
CA LYS D 11 -12.80 41.57 30.79
C LYS D 11 -12.76 41.34 32.29
N GLU D 12 -13.85 40.78 32.84
CA GLU D 12 -13.95 40.59 34.27
C GLU D 12 -13.05 39.44 34.73
N ILE D 13 -12.25 39.70 35.76
CA ILE D 13 -11.29 38.73 36.29
C ILE D 13 -11.54 38.56 37.78
N PHE D 14 -11.38 37.34 38.25
CA PHE D 14 -11.44 37.01 39.67
C PHE D 14 -10.03 36.61 40.09
N ALA D 15 -9.25 37.59 40.53
CA ALA D 15 -7.86 37.37 40.88
C ALA D 15 -7.73 37.13 42.39
N GLU D 16 -6.51 36.82 42.81
CA GLU D 16 -6.23 36.58 44.22
C GLU D 16 -5.58 37.80 44.85
N GLU D 17 -5.78 37.95 46.15
CA GLU D 17 -5.26 39.10 46.87
C GLU D 17 -3.73 39.06 46.93
N GLY D 18 -3.14 40.24 47.10
CA GLY D 18 -1.70 40.35 47.20
C GLY D 18 -0.96 40.13 45.91
N LYS D 19 -1.63 40.29 44.77
CA LYS D 19 -1.03 40.12 43.46
C LYS D 19 -0.90 41.48 42.79
N THR D 20 0.16 41.64 42.00
CA THR D 20 0.30 42.85 41.22
C THR D 20 -0.52 42.76 39.94
N ILE D 21 -0.78 43.92 39.33
CA ILE D 21 -1.53 43.94 38.09
C ILE D 21 -0.78 43.20 36.99
N LEU D 22 0.55 43.27 37.01
CA LEU D 22 1.34 42.56 36.01
C LEU D 22 1.12 41.05 36.08
N GLU D 23 1.13 40.49 37.29
CA GLU D 23 0.90 39.05 37.43
C GLU D 23 -0.50 38.65 36.99
N VAL D 24 -1.50 39.44 37.36
CA VAL D 24 -2.88 39.14 36.99
C VAL D 24 -3.05 39.19 35.48
N ALA D 25 -2.45 40.20 34.83
CA ALA D 25 -2.56 40.31 33.38
C ALA D 25 -1.79 39.20 32.68
N HIS D 26 -0.65 38.80 33.24
CA HIS D 26 0.12 37.70 32.67
C HIS D 26 -0.66 36.39 32.75
N GLU D 27 -1.31 36.13 33.88
CA GLU D 27 -2.05 34.89 34.06
C GLU D 27 -3.42 34.92 33.40
N ASN D 28 -3.83 36.06 32.85
CA ASN D 28 -5.11 36.18 32.14
C ASN D 28 -4.91 36.59 30.69
N ASN D 29 -3.71 36.39 30.14
CA ASN D 29 -3.42 36.62 28.73
C ASN D 29 -3.70 38.06 28.31
N ILE D 30 -3.21 39.01 29.12
CA ILE D 30 -3.24 40.42 28.79
C ILE D 30 -1.80 40.93 28.78
N GLU D 31 -1.39 41.52 27.66
CA GLU D 31 -0.01 41.92 27.47
C GLU D 31 0.20 43.33 28.01
N ILE D 32 1.14 43.47 28.93
CA ILE D 32 1.55 44.76 29.47
C ILE D 32 3.05 44.88 29.25
N PRO D 33 3.53 45.92 28.57
CA PRO D 33 4.98 46.06 28.38
C PRO D 33 5.70 46.25 29.70
N HIS D 34 6.92 45.70 29.77
CA HIS D 34 7.77 45.87 30.93
C HIS D 34 9.21 45.61 30.52
N LEU D 35 10.13 46.36 31.10
CA LEU D 35 11.54 46.22 30.77
C LEU D 35 12.39 46.03 32.02
N CYS D 36 11.95 46.60 33.14
CA CYS D 36 12.70 46.56 34.40
C CYS D 36 11.97 45.75 35.47
N TYR D 37 11.29 44.68 35.06
CA TYR D 37 10.55 43.83 35.98
C TYR D 37 11.10 42.41 35.94
N ASP D 38 11.41 41.87 37.10
CA ASP D 38 11.76 40.47 37.25
C ASP D 38 11.03 39.92 38.46
N LYS D 39 10.66 38.63 38.37
CA LYS D 39 9.82 38.03 39.41
C LYS D 39 10.60 37.80 40.69
N ARG D 40 11.91 37.59 40.60
CA ARG D 40 12.72 37.29 41.78
C ARG D 40 13.20 38.53 42.51
N LEU D 41 12.98 39.72 41.95
CA LEU D 41 13.49 40.95 42.52
C LEU D 41 12.35 41.87 42.93
N LYS D 42 12.65 42.76 43.88
CA LYS D 42 11.68 43.75 44.31
C LYS D 42 11.45 44.77 43.20
N PRO D 43 10.27 45.40 43.17
CA PRO D 43 9.97 46.36 42.10
C PRO D 43 10.94 47.54 42.09
N TYR D 44 11.19 48.05 40.88
CA TYR D 44 12.13 49.14 40.67
C TYR D 44 11.44 50.40 40.20
N GLY D 45 10.67 50.33 39.12
CA GLY D 45 9.92 51.47 38.63
C GLY D 45 10.66 52.40 37.71
N ALA D 46 11.74 51.95 37.07
CA ALA D 46 12.57 52.84 36.27
C ALA D 46 11.98 53.09 34.89
N CYS D 47 11.76 52.03 34.11
CA CYS D 47 11.43 52.20 32.70
C CYS D 47 10.09 52.92 32.52
N GLY D 48 9.11 52.60 33.36
CA GLY D 48 7.79 53.21 33.21
C GLY D 48 7.08 52.78 31.95
N LEU D 49 7.22 51.52 31.55
CA LEU D 49 6.51 50.97 30.40
C LEU D 49 5.21 50.29 30.81
N CYS D 50 5.12 49.81 32.05
CA CYS D 50 3.98 49.04 32.52
C CYS D 50 2.88 49.92 33.09
N VAL D 51 2.84 51.20 32.72
CA VAL D 51 1.82 52.10 33.25
C VAL D 51 0.47 51.70 32.70
N VAL D 52 -0.51 51.60 33.59
CA VAL D 52 -1.89 51.31 33.20
C VAL D 52 -2.79 52.36 33.84
N GLU D 53 -3.92 52.61 33.20
CA GLU D 53 -4.88 53.59 33.69
C GLU D 53 -5.92 52.90 34.55
N ILE D 54 -5.99 53.27 35.82
CA ILE D 54 -6.93 52.69 36.78
C ILE D 54 -8.03 53.71 37.03
N GLU D 55 -9.28 53.28 36.84
CA GLU D 55 -10.41 54.16 37.10
C GLU D 55 -10.43 54.60 38.55
N GLY D 56 -10.64 55.89 38.76
CA GLY D 56 -10.62 56.47 40.08
C GLY D 56 -9.28 57.05 40.50
N SER D 57 -8.21 56.75 39.78
CA SER D 57 -6.89 57.30 40.07
C SER D 57 -6.49 58.28 38.98
N PRO D 58 -5.95 59.44 39.34
CA PRO D 58 -5.65 60.45 38.31
C PRO D 58 -4.37 60.16 37.55
N LYS D 59 -3.41 59.50 38.19
CA LYS D 59 -2.12 59.20 37.58
C LYS D 59 -2.09 57.76 37.08
N LEU D 60 -1.27 57.54 36.05
CA LEU D 60 -1.06 56.19 35.56
C LEU D 60 -0.28 55.38 36.58
N ALA D 61 -0.73 54.16 36.83
CA ALA D 61 -0.17 53.30 37.86
C ALA D 61 0.69 52.21 37.23
N ARG D 62 1.87 51.99 37.78
CA ARG D 62 2.75 50.95 37.29
C ARG D 62 2.16 49.58 37.61
N ALA D 63 2.07 48.72 36.60
CA ALA D 63 1.51 47.40 36.80
C ALA D 63 2.46 46.48 37.55
N CYS D 64 3.75 46.79 37.57
CA CYS D 64 4.73 45.96 38.25
C CYS D 64 4.77 46.22 39.76
N SER D 65 4.11 47.26 40.23
CA SER D 65 4.12 47.62 41.64
C SER D 65 2.73 47.71 42.26
N THR D 66 1.75 48.21 41.51
CA THR D 66 0.40 48.35 42.04
C THR D 66 -0.21 46.98 42.29
N TYR D 67 -0.89 46.85 43.43
CA TYR D 67 -1.55 45.61 43.81
C TYR D 67 -3.03 45.70 43.48
N VAL D 68 -3.57 44.60 42.93
CA VAL D 68 -4.98 44.59 42.56
C VAL D 68 -5.83 44.59 43.82
N THR D 69 -6.81 45.50 43.87
CA THR D 69 -7.79 45.56 44.93
C THR D 69 -9.16 45.18 44.37
N ASP D 70 -10.15 45.12 45.26
CA ASP D 70 -11.50 44.80 44.84
C ASP D 70 -12.09 45.95 44.04
N LYS D 71 -12.90 45.61 43.03
CA LYS D 71 -13.63 46.59 42.23
C LYS D 71 -12.65 47.55 41.53
N MET D 72 -11.71 46.95 40.80
CA MET D 72 -10.66 47.70 40.12
C MET D 72 -10.88 47.61 38.60
N VAL D 73 -11.00 48.76 37.95
CA VAL D 73 -11.17 48.82 36.50
C VAL D 73 -9.86 49.33 35.92
N ILE D 74 -9.18 48.48 35.17
CA ILE D 74 -7.84 48.78 34.64
C ILE D 74 -7.92 48.79 33.12
N LYS D 75 -7.41 49.86 32.51
CA LYS D 75 -7.33 49.98 31.05
C LYS D 75 -5.86 50.01 30.68
N THR D 76 -5.38 48.96 30.03
CA THR D 76 -3.98 48.83 29.68
C THR D 76 -3.66 49.26 28.26
N ASP D 77 -4.63 49.77 27.50
CA ASP D 77 -4.36 50.23 26.15
C ASP D 77 -5.09 51.52 25.81
N SER D 78 -5.45 52.32 26.82
CA SER D 78 -6.08 53.60 26.56
C SER D 78 -5.10 54.57 25.91
N PRO D 79 -5.60 55.57 25.18
CA PRO D 79 -4.68 56.48 24.48
C PRO D 79 -3.71 57.20 25.41
N ARG D 80 -4.11 57.52 26.64
CA ARG D 80 -3.17 58.09 27.59
C ARG D 80 -2.02 57.13 27.87
N VAL D 81 -2.35 55.86 28.10
CA VAL D 81 -1.32 54.84 28.34
C VAL D 81 -0.43 54.67 27.12
N ARG D 82 -1.03 54.65 25.93
CA ARG D 82 -0.25 54.50 24.70
C ARG D 82 0.71 55.66 24.53
N ASN D 83 0.25 56.89 24.78
CA ASN D 83 1.12 58.06 24.66
C ASN D 83 2.25 58.01 25.68
N ALA D 84 1.94 57.59 26.91
CA ALA D 84 2.98 57.50 27.93
C ALA D 84 4.06 56.50 27.54
N ARG D 85 3.63 55.31 27.09
CA ARG D 85 4.60 54.29 26.69
C ARG D 85 5.39 54.73 25.47
N LYS D 86 4.74 55.39 24.51
CA LYS D 86 5.45 55.86 23.32
C LYS D 86 6.49 56.91 23.67
N MET D 87 6.15 57.83 24.58
CA MET D 87 7.13 58.82 25.02
C MET D 87 8.29 58.17 25.75
N ALA D 88 8.01 57.18 26.60
CA ALA D 88 9.09 56.49 27.30
C ALA D 88 10.00 55.76 26.32
N LEU D 89 9.42 55.12 25.30
CA LEU D 89 10.23 54.41 24.31
C LEU D 89 11.05 55.37 23.48
N GLU D 90 10.49 56.53 23.12
CA GLU D 90 11.25 57.53 22.39
C GLU D 90 12.41 58.05 23.22
N LEU D 91 12.17 58.29 24.52
CA LEU D 91 13.25 58.74 25.40
C LEU D 91 14.34 57.69 25.52
N LEU D 92 13.96 56.41 25.62
CA LEU D 92 14.95 55.35 25.68
C LEU D 92 15.74 55.24 24.39
N LEU D 93 15.06 55.40 23.25
CA LEU D 93 15.73 55.32 21.96
C LEU D 93 16.67 56.49 21.72
N SER D 94 16.36 57.66 22.30
CA SER D 94 17.19 58.84 22.07
C SER D 94 18.63 58.63 22.54
N GLU D 95 18.84 57.73 23.50
CA GLU D 95 20.18 57.44 24.01
C GLU D 95 20.66 56.05 23.61
N HIS D 96 20.10 55.48 22.54
CA HIS D 96 20.43 54.13 22.10
C HIS D 96 21.32 54.20 20.87
N ARG D 97 22.44 53.48 20.93
CA ARG D 97 23.42 53.41 19.83
C ARG D 97 23.55 51.94 19.44
N GLY D 98 22.75 51.52 18.47
CA GLY D 98 22.75 50.12 18.06
C GLY D 98 22.36 49.98 16.61
N ASP D 99 22.25 48.72 16.18
CA ASP D 99 21.92 48.39 14.80
C ASP D 99 21.06 47.13 14.83
N CYS D 100 19.74 47.32 14.76
CA CYS D 100 18.83 46.19 14.82
C CYS D 100 19.08 45.22 13.68
N ARG D 101 19.24 45.74 12.46
CA ARG D 101 19.58 44.92 11.32
C ARG D 101 20.73 45.58 10.56
N PRO D 102 21.69 44.80 10.09
CA PRO D 102 22.87 45.37 9.43
C PRO D 102 22.50 46.04 8.12
N PRO D 103 23.33 46.94 7.61
CA PRO D 103 23.01 47.60 6.34
C PRO D 103 22.87 46.65 5.16
N CYS D 104 23.56 45.50 5.21
CA CYS D 104 23.42 44.51 4.14
C CYS D 104 22.00 43.99 4.06
N VAL D 105 21.36 43.73 5.21
CA VAL D 105 19.99 43.25 5.21
C VAL D 105 19.04 44.32 4.70
N LEU D 106 19.25 45.56 5.11
CA LEU D 106 18.35 46.63 4.71
C LEU D 106 18.48 46.97 3.24
N ALA D 107 19.68 46.81 2.67
CA ALA D 107 19.88 47.15 1.25
C ALA D 107 19.25 46.12 0.33
N CYS D 108 19.13 44.87 0.77
CA CYS D 108 18.54 43.84 -0.06
C CYS D 108 17.05 44.09 -0.23
N PRO D 109 16.54 44.16 -1.46
CA PRO D 109 15.10 44.36 -1.64
C PRO D 109 14.25 43.28 -1.01
N ALA D 110 14.72 42.04 -0.98
CA ALA D 110 14.01 40.96 -0.32
C ALA D 110 14.29 40.89 1.18
N HIS D 111 15.19 41.73 1.68
CA HIS D 111 15.56 41.76 3.10
C HIS D 111 16.01 40.38 3.58
N THR D 112 16.82 39.71 2.77
CA THR D 112 17.39 38.44 3.18
C THR D 112 18.36 38.65 4.33
N ASP D 113 18.37 37.71 5.26
CA ASP D 113 19.22 37.79 6.45
C ASP D 113 20.66 37.52 6.04
N CYS D 114 21.28 38.53 5.41
CA CYS D 114 22.61 38.36 4.86
C CYS D 114 23.63 38.04 5.95
N GLN D 115 23.59 38.77 7.06
CA GLN D 115 24.51 38.50 8.16
C GLN D 115 24.30 37.11 8.71
N GLY D 116 23.05 36.68 8.84
CA GLY D 116 22.74 35.37 9.35
C GLY D 116 23.37 34.24 8.56
N TYR D 117 23.10 34.16 7.26
CA TYR D 117 23.65 33.05 6.51
C TYR D 117 25.13 33.22 6.22
N VAL D 118 25.64 34.45 6.20
CA VAL D 118 27.09 34.63 6.10
C VAL D 118 27.78 34.04 7.32
N GLY D 119 27.27 34.37 8.51
CA GLY D 119 27.83 33.80 9.73
C GLY D 119 27.64 32.30 9.84
N LEU D 120 26.52 31.79 9.32
CA LEU D 120 26.32 30.34 9.32
C LEU D 120 27.29 29.64 8.37
N ILE D 121 27.61 30.29 7.25
CA ILE D 121 28.64 29.77 6.35
C ILE D 121 29.98 29.77 7.06
N ALA D 122 30.30 30.85 7.79
CA ALA D 122 31.56 30.92 8.51
C ALA D 122 31.68 29.87 9.60
N ASN D 123 30.56 29.26 10.00
CA ASN D 123 30.56 28.19 11.00
C ASN D 123 30.48 26.81 10.38
N GLY D 124 30.36 26.71 9.06
CA GLY D 124 30.22 25.43 8.41
C GLY D 124 28.81 24.90 8.32
N GLN D 125 27.80 25.72 8.63
CA GLN D 125 26.40 25.30 8.58
C GLN D 125 25.81 25.76 7.25
N PHE D 126 26.08 24.98 6.20
CA PHE D 126 25.64 25.34 4.87
C PHE D 126 24.14 25.11 4.69
N ARG D 127 23.62 24.00 5.19
CA ARG D 127 22.19 23.73 5.06
C ARG D 127 21.36 24.75 5.84
N GLU D 128 21.82 25.13 7.02
CA GLU D 128 21.13 26.18 7.78
C GLU D 128 21.18 27.51 7.04
N ALA D 129 22.31 27.81 6.40
CA ALA D 129 22.40 29.03 5.60
C ALA D 129 21.40 29.01 4.44
N VAL D 130 21.28 27.87 3.77
CA VAL D 130 20.34 27.74 2.67
C VAL D 130 18.91 27.90 3.18
N ALA D 131 18.61 27.28 4.32
CA ALA D 131 17.27 27.40 4.89
C ALA D 131 16.96 28.84 5.28
N LEU D 132 17.96 29.56 5.80
CA LEU D 132 17.77 30.98 6.11
C LEU D 132 17.54 31.80 4.85
N ILE D 133 18.25 31.47 3.77
CA ILE D 133 18.02 32.16 2.50
C ILE D 133 16.60 31.91 2.01
N LYS D 134 16.15 30.66 2.07
CA LYS D 134 14.85 30.30 1.53
C LYS D 134 13.69 30.85 2.34
N GLU D 135 13.95 31.42 3.52
CA GLU D 135 12.91 32.13 4.23
C GLU D 135 12.51 33.42 3.52
N GLN D 136 13.38 33.95 2.67
CA GLN D 136 13.09 35.16 1.91
C GLN D 136 13.45 35.06 0.44
N LEU D 137 14.18 34.02 0.02
CA LEU D 137 14.67 33.91 -1.35
C LEU D 137 14.63 32.45 -1.78
N PRO D 138 13.67 32.06 -2.61
CA PRO D 138 13.56 30.64 -3.02
C PRO D 138 14.63 30.17 -3.99
N PHE D 139 15.42 31.08 -4.58
CA PHE D 139 16.42 30.72 -5.59
C PHE D 139 17.77 31.26 -5.15
N PRO D 140 18.45 30.59 -4.22
CA PRO D 140 19.78 31.07 -3.81
C PRO D 140 20.80 31.05 -4.94
N ALA D 141 20.93 29.93 -5.64
CA ALA D 141 21.98 29.81 -6.65
C ALA D 141 21.72 30.71 -7.85
N SER D 142 20.50 30.70 -8.37
CA SER D 142 20.18 31.47 -9.57
C SER D 142 20.37 32.97 -9.33
N ILE D 143 19.82 33.48 -8.24
CA ILE D 143 19.95 34.90 -7.94
C ILE D 143 21.40 35.24 -7.57
N GLY D 144 22.09 34.34 -6.86
CA GLY D 144 23.49 34.57 -6.58
C GLY D 144 24.34 34.66 -7.82
N ARG D 145 23.93 33.95 -8.89
CA ARG D 145 24.64 34.07 -10.16
C ARG D 145 24.33 35.38 -10.85
N VAL D 146 23.08 35.82 -10.82
CA VAL D 146 22.63 37.03 -11.52
C VAL D 146 22.00 37.97 -10.50
N CYS D 147 22.78 38.94 -10.05
CA CYS D 147 22.30 39.99 -9.14
C CYS D 147 23.33 41.12 -9.08
N PRO D 148 22.89 42.38 -9.23
CA PRO D 148 23.82 43.50 -9.07
C PRO D 148 24.31 43.68 -7.64
N HIS D 149 23.76 42.92 -6.69
CA HIS D 149 24.08 42.92 -5.26
C HIS D 149 24.22 44.33 -4.70
N PRO D 150 23.13 45.08 -4.55
CA PRO D 150 23.21 46.36 -3.83
C PRO D 150 23.60 46.20 -2.39
N CYS D 151 23.44 45.00 -1.81
CA CYS D 151 23.83 44.77 -0.42
C CYS D 151 25.32 45.00 -0.22
N GLU D 152 26.13 44.69 -1.24
CA GLU D 152 27.57 44.91 -1.12
C GLU D 152 27.93 46.38 -1.22
N GLU D 153 27.08 47.19 -1.86
CA GLU D 153 27.31 48.62 -1.86
C GLU D 153 27.07 49.24 -0.50
N ALA D 154 26.18 48.64 0.30
CA ALA D 154 25.89 49.11 1.63
C ALA D 154 26.65 48.35 2.72
N CYS D 155 27.42 47.33 2.34
CA CYS D 155 28.16 46.56 3.33
C CYS D 155 29.14 47.44 4.09
N ARG D 156 29.15 47.32 5.42
CA ARG D 156 30.02 48.14 6.24
C ARG D 156 31.49 47.80 6.05
N ARG D 157 31.79 46.59 5.58
CA ARG D 157 33.17 46.22 5.29
C ARG D 157 33.76 47.05 4.15
N ASN D 158 32.93 47.75 3.39
CA ASN D 158 33.43 48.74 2.44
C ASN D 158 34.31 49.77 3.15
N MET D 159 34.04 50.03 4.43
CA MET D 159 34.83 50.99 5.19
C MET D 159 36.17 50.44 5.62
N VAL D 160 36.43 49.13 5.45
CA VAL D 160 37.71 48.59 5.87
C VAL D 160 38.57 48.21 4.65
N ASP D 161 38.18 47.15 3.94
CA ASP D 161 38.92 46.78 2.75
C ASP D 161 38.04 46.66 1.51
N GLN D 162 37.03 45.80 1.57
CA GLN D 162 36.26 45.38 0.41
C GLN D 162 34.99 44.71 0.89
N PRO D 163 33.84 44.95 0.26
CA PRO D 163 32.59 44.39 0.76
C PRO D 163 32.56 42.88 0.68
N ILE D 164 31.80 42.27 1.60
CA ILE D 164 31.69 40.82 1.64
C ILE D 164 31.04 40.30 0.36
N ALA D 165 31.59 39.21 -0.17
CA ALA D 165 31.03 38.58 -1.36
C ALA D 165 29.75 37.85 -1.01
N ILE D 166 28.69 38.59 -0.71
CA ILE D 166 27.43 37.99 -0.28
C ILE D 166 26.82 37.16 -1.40
N ALA D 167 26.83 37.70 -2.63
CA ALA D 167 26.26 36.97 -3.76
C ALA D 167 27.03 35.69 -4.04
N GLU D 168 28.36 35.76 -3.96
CA GLU D 168 29.17 34.56 -4.20
C GLU D 168 28.92 33.50 -3.15
N LEU D 169 28.81 33.91 -1.88
CA LEU D 169 28.52 32.96 -0.81
C LEU D 169 27.15 32.32 -1.00
N LYS D 170 26.16 33.12 -1.38
CA LYS D 170 24.82 32.59 -1.62
C LYS D 170 24.82 31.61 -2.77
N ARG D 171 25.55 31.93 -3.84
CA ARG D 171 25.67 30.99 -4.97
C ARG D 171 26.36 29.70 -4.53
N PHE D 172 27.37 29.82 -3.69
CA PHE D 172 28.09 28.65 -3.19
C PHE D 172 27.16 27.72 -2.41
N VAL D 173 26.40 28.28 -1.46
CA VAL D 173 25.53 27.43 -0.66
C VAL D 173 24.37 26.91 -1.50
N GLY D 174 23.88 27.69 -2.46
CA GLY D 174 22.85 27.19 -3.35
C GLY D 174 23.34 26.01 -4.19
N ASP D 175 24.57 26.10 -4.68
CA ASP D 175 25.16 24.98 -5.42
C ASP D 175 25.30 23.75 -4.53
N ILE D 176 25.73 23.94 -3.28
CA ILE D 176 25.84 22.82 -2.35
C ILE D 176 24.48 22.17 -2.15
N ASP D 177 23.44 22.99 -1.93
CA ASP D 177 22.12 22.45 -1.68
C ASP D 177 21.58 21.71 -2.90
N LEU D 178 21.79 22.27 -4.10
CA LEU D 178 21.27 21.64 -5.30
C LEU D 178 22.06 20.39 -5.68
N LEU D 179 23.32 20.30 -5.26
CA LEU D 179 24.13 19.13 -5.58
C LEU D 179 23.50 17.86 -5.02
N ASP D 180 23.07 17.89 -3.76
CA ASP D 180 22.32 16.80 -3.17
C ASP D 180 20.83 17.11 -3.32
N ASP D 181 19.99 16.37 -2.62
CA ASP D 181 18.56 16.68 -2.59
C ASP D 181 18.35 18.07 -2.01
N GLY D 182 17.51 18.86 -2.66
CA GLY D 182 17.31 20.23 -2.25
C GLY D 182 16.55 20.34 -0.95
N TYR D 183 16.48 21.58 -0.45
CA TYR D 183 15.81 21.86 0.81
C TYR D 183 14.40 22.38 0.55
N ILE D 184 13.42 21.73 1.15
CA ILE D 184 12.02 22.12 1.06
C ILE D 184 11.59 22.58 2.45
N PRO D 185 11.10 23.81 2.59
CA PRO D 185 10.66 24.30 3.91
C PRO D 185 9.42 23.56 4.37
N PRO D 186 9.16 23.54 5.68
CA PRO D 186 7.97 22.85 6.19
C PRO D 186 6.70 23.47 5.61
N ILE D 187 5.72 22.62 5.34
CA ILE D 187 4.47 23.02 4.70
C ILE D 187 3.34 22.92 5.72
N LYS D 188 2.60 24.01 5.87
CA LYS D 188 1.48 24.03 6.78
C LYS D 188 0.35 23.14 6.26
N PRO D 189 -0.53 22.67 7.14
CA PRO D 189 -1.62 21.80 6.68
C PRO D 189 -2.51 22.50 5.66
N LYS D 190 -3.08 21.70 4.75
CA LYS D 190 -3.85 22.25 3.64
C LYS D 190 -5.03 23.06 4.15
N THR D 191 -5.16 24.28 3.63
CA THR D 191 -6.24 25.19 4.01
C THR D 191 -7.43 25.12 3.06
N GLY D 192 -7.34 24.33 2.00
CA GLY D 192 -8.46 24.20 1.08
C GLY D 192 -8.72 25.42 0.23
N LYS D 193 -7.71 26.27 0.04
CA LYS D 193 -7.85 27.48 -0.76
C LYS D 193 -7.00 27.37 -2.03
N LYS D 194 -7.57 27.79 -3.15
CA LYS D 194 -6.92 27.70 -4.44
C LYS D 194 -6.52 29.10 -4.91
N VAL D 195 -5.27 29.24 -5.34
CA VAL D 195 -4.73 30.50 -5.83
C VAL D 195 -4.21 30.27 -7.24
N ALA D 196 -4.56 31.17 -8.15
CA ALA D 196 -4.12 31.08 -9.54
C ALA D 196 -3.08 32.15 -9.80
N ILE D 197 -1.87 31.73 -10.14
CA ILE D 197 -0.77 32.63 -10.45
C ILE D 197 -0.51 32.57 -11.95
N VAL D 198 -0.51 33.72 -12.60
CA VAL D 198 -0.29 33.83 -14.03
C VAL D 198 1.15 34.29 -14.25
N GLY D 199 1.95 33.42 -14.84
CA GLY D 199 3.36 33.72 -15.03
C GLY D 199 4.26 32.83 -14.20
N GLY D 200 5.29 32.28 -14.83
CA GLY D 200 6.21 31.41 -14.12
C GLY D 200 7.56 32.05 -13.87
N GLY D 201 7.59 33.38 -13.82
CA GLY D 201 8.80 34.12 -13.58
C GLY D 201 9.17 34.16 -12.11
N PRO D 202 10.19 34.95 -11.77
CA PRO D 202 10.59 35.06 -10.36
C PRO D 202 9.47 35.50 -9.44
N ALA D 203 8.63 36.44 -9.86
CA ALA D 203 7.55 36.91 -9.01
C ALA D 203 6.48 35.85 -8.81
N GLY D 204 6.04 35.22 -9.90
CA GLY D 204 5.05 34.18 -9.78
C GLY D 204 5.55 32.96 -9.02
N LEU D 205 6.77 32.53 -9.31
CA LEU D 205 7.34 31.39 -8.60
C LEU D 205 7.57 31.71 -7.12
N THR D 206 7.95 32.95 -6.82
CA THR D 206 8.10 33.35 -5.42
C THR D 206 6.76 33.36 -4.69
N CYS D 207 5.72 33.86 -5.35
CA CYS D 207 4.39 33.84 -4.76
C CYS D 207 3.92 32.41 -4.53
N ALA D 208 4.17 31.52 -5.50
CA ALA D 208 3.83 30.11 -5.31
C ALA D 208 4.60 29.49 -4.17
N PHE D 209 5.89 29.82 -4.05
CA PHE D 209 6.72 29.28 -2.98
C PHE D 209 6.21 29.71 -1.62
N PHE D 210 5.84 30.98 -1.47
CA PHE D 210 5.44 31.50 -0.17
C PHE D 210 3.95 31.34 0.10
N LEU D 211 3.17 30.89 -0.87
CA LEU D 211 1.79 30.52 -0.61
C LEU D 211 1.59 29.04 -0.40
N ALA D 212 2.39 28.20 -1.06
CA ALA D 212 2.36 26.76 -0.77
C ALA D 212 2.87 26.47 0.62
N LYS D 213 3.74 27.34 1.15
CA LYS D 213 4.20 27.18 2.53
C LYS D 213 3.07 27.39 3.52
N GLU D 214 2.06 28.17 3.14
CA GLU D 214 0.92 28.43 4.00
C GLU D 214 -0.16 27.37 3.91
N GLY D 215 0.01 26.39 3.02
CA GLY D 215 -0.96 25.31 2.89
C GLY D 215 -2.02 25.51 1.84
N HIS D 216 -1.87 26.49 0.95
CA HIS D 216 -2.84 26.70 -0.11
C HIS D 216 -2.56 25.80 -1.30
N ASP D 217 -3.54 25.70 -2.19
CA ASP D 217 -3.41 24.92 -3.41
C ASP D 217 -3.05 25.86 -4.54
N ILE D 218 -1.87 25.67 -5.13
CA ILE D 218 -1.26 26.64 -6.03
C ILE D 218 -1.16 26.05 -7.43
N VAL D 219 -1.68 26.78 -8.41
CA VAL D 219 -1.51 26.47 -9.82
C VAL D 219 -0.94 27.69 -10.51
N VAL D 220 0.09 27.49 -11.33
CA VAL D 220 0.81 28.57 -12.00
C VAL D 220 0.63 28.38 -13.50
N TYR D 221 -0.06 29.33 -14.14
CA TYR D 221 -0.28 29.29 -15.57
C TYR D 221 0.84 30.02 -16.28
N GLU D 222 1.58 29.32 -17.15
CA GLU D 222 2.74 29.87 -17.82
C GLU D 222 2.57 29.73 -19.33
N ALA D 223 2.72 30.84 -20.04
CA ALA D 223 2.54 30.81 -21.50
C ALA D 223 3.68 30.07 -22.19
N MET D 224 4.91 30.22 -21.69
CA MET D 224 6.06 29.62 -22.32
C MET D 224 6.10 28.12 -22.07
N PRO D 225 6.83 27.37 -22.90
CA PRO D 225 6.90 25.91 -22.68
C PRO D 225 7.48 25.52 -21.33
N LYS D 226 8.39 26.32 -20.77
CA LYS D 226 9.00 26.02 -19.49
C LYS D 226 8.98 27.26 -18.60
N ALA D 227 8.82 27.04 -17.30
CA ALA D 227 8.79 28.13 -16.35
C ALA D 227 10.19 28.71 -16.17
N GLY D 228 10.23 29.93 -15.63
CA GLY D 228 11.49 30.61 -15.41
C GLY D 228 11.45 32.07 -15.76
N GLY D 229 10.59 32.44 -16.71
CA GLY D 229 10.48 33.84 -17.10
C GLY D 229 11.74 34.34 -17.77
N MET D 230 12.04 35.61 -17.55
CA MET D 230 13.23 36.21 -18.12
C MET D 230 14.51 35.66 -17.51
N LEU D 231 14.42 34.88 -16.43
CA LEU D 231 15.58 34.14 -15.96
C LEU D 231 15.98 33.03 -16.93
N ARG D 232 15.06 32.58 -17.78
CA ARG D 232 15.32 31.55 -18.77
C ARG D 232 15.40 32.10 -20.19
N TYR D 233 14.42 32.91 -20.59
CA TYR D 233 14.36 33.46 -21.94
C TYR D 233 14.98 34.84 -22.04
N GLY D 234 15.58 35.32 -20.97
CA GLY D 234 16.32 36.57 -20.95
C GLY D 234 17.80 36.30 -20.78
N ILE D 235 18.25 36.38 -19.54
CA ILE D 235 19.63 36.10 -19.12
C ILE D 235 20.19 34.90 -19.88
N PRO D 236 21.34 35.05 -20.53
CA PRO D 236 21.86 33.96 -21.36
C PRO D 236 22.45 32.84 -20.52
N GLU D 237 22.81 31.75 -21.21
CA GLU D 237 23.29 30.56 -20.53
C GLU D 237 24.67 30.76 -19.91
N TYR D 238 25.51 31.60 -20.51
CA TYR D 238 26.84 31.81 -19.95
C TYR D 238 26.80 32.61 -18.65
N ARG D 239 25.69 33.25 -18.33
CA ARG D 239 25.53 33.97 -17.08
C ARG D 239 24.65 33.22 -16.07
N LEU D 240 23.63 32.52 -16.55
CA LEU D 240 22.79 31.68 -15.70
C LEU D 240 22.48 30.39 -16.44
N PRO D 241 23.19 29.31 -16.15
CA PRO D 241 22.86 28.02 -16.77
C PRO D 241 21.44 27.59 -16.44
N LYS D 242 20.78 26.98 -17.41
CA LYS D 242 19.37 26.62 -17.25
C LYS D 242 19.18 25.34 -16.45
N GLY D 243 20.21 24.55 -16.23
CA GLY D 243 20.08 23.40 -15.36
C GLY D 243 19.81 23.79 -13.93
N ILE D 244 20.49 24.81 -13.44
CA ILE D 244 20.24 25.31 -12.09
C ILE D 244 18.81 25.81 -11.96
N LEU D 245 18.34 26.57 -12.96
CA LEU D 245 16.98 27.07 -12.95
C LEU D 245 15.98 25.92 -12.94
N ASP D 246 16.23 24.89 -13.76
CA ASP D 246 15.35 23.73 -13.78
C ASP D 246 15.31 23.05 -12.43
N LYS D 247 16.47 22.91 -11.77
CA LYS D 247 16.51 22.27 -10.47
C LYS D 247 15.73 23.07 -9.43
N GLU D 248 15.88 24.40 -9.44
CA GLU D 248 15.13 25.22 -8.48
C GLU D 248 13.63 25.14 -8.72
N ILE D 249 13.21 25.17 -9.99
CA ILE D 249 11.79 25.09 -10.31
C ILE D 249 11.25 23.71 -9.94
N GLU D 250 12.05 22.66 -10.11
CA GLU D 250 11.63 21.33 -9.68
C GLU D 250 11.48 21.27 -8.17
N LEU D 251 12.38 21.93 -7.44
CA LEU D 251 12.23 22.02 -5.99
C LEU D 251 10.93 22.71 -5.62
N ILE D 252 10.59 23.79 -6.32
CA ILE D 252 9.33 24.48 -6.05
C ILE D 252 8.14 23.56 -6.34
N GLU D 253 8.19 22.83 -7.45
CA GLU D 253 7.11 21.90 -7.79
C GLU D 253 6.99 20.77 -6.77
N LYS D 254 8.10 20.42 -6.10
CA LYS D 254 8.05 19.38 -5.08
C LYS D 254 7.22 19.79 -3.88
N MET D 255 6.90 21.08 -3.74
CA MET D 255 6.09 21.55 -2.63
C MET D 255 4.59 21.39 -2.86
N GLY D 256 4.18 20.95 -4.04
CA GLY D 256 2.78 20.80 -4.38
C GLY D 256 2.23 21.82 -5.34
N VAL D 257 3.07 22.64 -5.95
CA VAL D 257 2.63 23.64 -6.92
C VAL D 257 2.47 22.96 -8.27
N GLN D 258 1.32 23.18 -8.90
CA GLN D 258 1.03 22.61 -10.22
C GLN D 258 1.27 23.68 -11.27
N ILE D 259 2.32 23.51 -12.06
CA ILE D 259 2.70 24.48 -13.08
C ILE D 259 2.17 23.98 -14.43
N LYS D 260 1.17 24.68 -14.95
CA LYS D 260 0.58 24.37 -16.25
C LYS D 260 1.25 25.29 -17.27
N THR D 261 2.17 24.74 -18.05
CA THR D 261 2.85 25.50 -19.08
C THR D 261 2.01 25.53 -20.36
N ASN D 262 2.43 26.39 -21.29
CA ASN D 262 1.76 26.56 -22.58
C ASN D 262 0.34 27.09 -22.43
N MET D 263 0.00 27.62 -21.26
CA MET D 263 -1.31 28.21 -21.02
C MET D 263 -1.16 29.72 -20.99
N ARG D 264 -1.87 30.41 -21.88
CA ARG D 264 -1.76 31.85 -22.05
C ARG D 264 -3.04 32.53 -21.61
N LEU D 265 -2.91 33.63 -20.88
CA LEU D 265 -4.06 34.41 -20.46
C LEU D 265 -4.61 35.21 -21.64
N GLY D 266 -5.91 35.08 -21.88
CA GLY D 266 -6.56 35.73 -22.99
C GLY D 266 -6.59 34.93 -24.27
N VAL D 267 -5.76 33.89 -24.38
CA VAL D 267 -5.73 33.00 -25.54
C VAL D 267 -6.23 31.61 -25.18
N ASP D 268 -5.56 30.95 -24.24
CA ASP D 268 -6.03 29.66 -23.74
C ASP D 268 -6.94 29.80 -22.54
N ILE D 269 -6.70 30.80 -21.70
CA ILE D 269 -7.44 30.98 -20.45
C ILE D 269 -7.92 32.43 -20.37
N SER D 270 -9.18 32.60 -20.01
CA SER D 270 -9.76 33.92 -19.78
C SER D 270 -9.67 34.28 -18.32
N LEU D 271 -9.65 35.59 -18.04
CA LEU D 271 -9.59 36.05 -16.65
C LEU D 271 -10.83 35.66 -15.87
N GLU D 272 -11.99 35.57 -16.54
CA GLU D 272 -13.21 35.18 -15.85
C GLU D 272 -13.11 33.76 -15.31
N TYR D 273 -12.49 32.86 -16.09
CA TYR D 273 -12.30 31.49 -15.63
C TYR D 273 -11.52 31.44 -14.31
N LEU D 274 -10.41 32.16 -14.25
CA LEU D 274 -9.60 32.19 -13.03
C LEU D 274 -10.36 32.85 -11.88
N ARG D 275 -11.04 33.96 -12.16
CA ARG D 275 -11.79 34.64 -11.10
C ARG D 275 -12.94 33.81 -10.59
N LYS D 276 -13.46 32.88 -11.40
CA LYS D 276 -14.58 32.05 -10.99
C LYS D 276 -14.14 30.83 -10.19
N ASN D 277 -13.11 30.12 -10.66
CA ASN D 277 -12.71 28.88 -10.02
C ASN D 277 -11.49 29.03 -9.12
N TYR D 278 -11.09 30.25 -8.76
CA TYR D 278 -9.98 30.46 -7.86
C TYR D 278 -10.30 31.61 -6.90
N ASP D 279 -9.91 31.44 -5.63
CA ASP D 279 -10.18 32.46 -4.63
C ASP D 279 -9.41 33.74 -4.92
N ALA D 280 -8.12 33.62 -5.22
CA ALA D 280 -7.28 34.77 -5.51
C ALA D 280 -6.49 34.52 -6.79
N VAL D 281 -6.21 35.60 -7.51
CA VAL D 281 -5.45 35.56 -8.75
C VAL D 281 -4.31 36.56 -8.64
N PHE D 282 -3.08 36.09 -8.86
CA PHE D 282 -1.90 36.94 -8.83
C PHE D 282 -1.27 36.94 -10.22
N LEU D 283 -1.19 38.12 -10.82
CA LEU D 283 -0.67 38.27 -12.18
C LEU D 283 0.78 38.72 -12.14
N ALA D 284 1.66 37.91 -12.70
CA ALA D 284 3.10 38.18 -12.78
C ALA D 284 3.57 38.04 -14.22
N VAL D 285 2.84 38.67 -15.14
CA VAL D 285 3.10 38.47 -16.57
C VAL D 285 4.43 39.07 -16.98
N GLY D 286 4.82 40.18 -16.37
CA GLY D 286 6.07 40.83 -16.70
C GLY D 286 5.99 41.64 -17.98
N ALA D 287 7.09 42.34 -18.27
CA ALA D 287 7.18 43.19 -19.46
C ALA D 287 7.74 42.36 -20.59
N TRP D 288 6.86 41.88 -21.48
CA TRP D 288 7.24 40.98 -22.55
C TRP D 288 6.94 41.56 -23.93
N LYS D 289 7.07 42.87 -24.07
CA LYS D 289 6.86 43.54 -25.36
C LYS D 289 7.98 44.57 -25.53
N SER D 290 9.00 44.23 -26.31
CA SER D 290 10.12 45.13 -26.52
C SER D 290 9.68 46.39 -27.24
N SER D 291 10.27 47.51 -26.85
CA SER D 291 9.93 48.79 -27.46
C SER D 291 10.47 48.85 -28.89
N THR D 292 9.66 49.41 -29.78
CA THR D 292 10.10 49.61 -31.16
C THR D 292 11.10 50.76 -31.23
N LEU D 293 11.85 50.80 -32.33
CA LEU D 293 12.93 51.78 -32.46
C LEU D 293 12.41 53.21 -32.40
N GLY D 294 11.17 53.44 -32.80
CA GLY D 294 10.60 54.78 -32.77
C GLY D 294 11.09 55.69 -33.86
N CYS D 295 11.72 55.16 -34.90
CA CYS D 295 12.22 55.93 -36.02
C CYS D 295 11.68 55.33 -37.31
N PRO D 296 11.59 56.12 -38.38
CA PRO D 296 11.08 55.58 -39.65
C PRO D 296 11.91 54.41 -40.14
N GLY D 297 11.22 53.39 -40.65
CA GLY D 297 11.88 52.19 -41.11
C GLY D 297 12.15 51.15 -40.03
N ASP D 298 11.58 51.32 -38.83
CA ASP D 298 11.81 50.36 -37.76
C ASP D 298 11.18 48.99 -38.06
N SER D 299 10.23 48.93 -38.98
CA SER D 299 9.59 47.67 -39.35
C SER D 299 10.31 46.94 -40.46
N ALA D 300 11.42 47.48 -40.97
CA ALA D 300 12.16 46.82 -42.04
C ALA D 300 12.72 45.49 -41.55
N GLU D 301 12.78 44.53 -42.47
CA GLU D 301 13.31 43.21 -42.12
C GLU D 301 14.80 43.35 -41.77
N GLY D 302 15.22 42.59 -40.77
CA GLY D 302 16.55 42.74 -40.22
C GLY D 302 16.61 43.54 -38.94
N VAL D 303 15.49 44.08 -38.48
CA VAL D 303 15.39 44.75 -37.19
C VAL D 303 14.53 43.87 -36.29
N ILE D 304 15.07 43.48 -35.15
CA ILE D 304 14.42 42.54 -34.25
C ILE D 304 14.52 43.08 -32.83
N GLY D 305 13.47 42.83 -32.04
CA GLY D 305 13.48 43.25 -30.66
C GLY D 305 14.52 42.48 -29.85
N GLY D 306 15.03 43.14 -28.80
CA GLY D 306 16.08 42.54 -28.00
C GLY D 306 15.61 41.29 -27.27
N ILE D 307 14.49 41.39 -26.55
CA ILE D 307 14.01 40.25 -25.78
C ILE D 307 13.52 39.15 -26.70
N GLU D 308 12.92 39.51 -27.83
CA GLU D 308 12.51 38.50 -28.81
C GLU D 308 13.71 37.77 -29.40
N PHE D 309 14.77 38.51 -29.72
CA PHE D 309 15.99 37.88 -30.22
C PHE D 309 16.60 36.96 -29.18
N LEU D 310 16.63 37.40 -27.92
CA LEU D 310 17.19 36.55 -26.86
C LEU D 310 16.32 35.34 -26.59
N ARG D 311 15.00 35.47 -26.73
CA ARG D 311 14.11 34.33 -26.57
C ARG D 311 14.31 33.32 -27.69
N LYS D 312 14.47 33.81 -28.92
CA LYS D 312 14.76 32.91 -30.04
C LYS D 312 16.09 32.21 -29.84
N VAL D 313 17.10 32.92 -29.35
CA VAL D 313 18.41 32.31 -29.12
C VAL D 313 18.31 31.25 -28.03
N SER D 314 17.62 31.57 -26.93
CA SER D 314 17.49 30.62 -25.83
C SER D 314 16.71 29.38 -26.25
N MET D 315 15.65 29.57 -27.02
CA MET D 315 14.83 28.46 -27.50
C MET D 315 15.51 27.69 -28.63
N ASN D 316 16.73 28.08 -29.02
CA ASN D 316 17.45 27.44 -30.13
C ASN D 316 16.70 27.57 -31.44
N GLN D 317 15.88 28.62 -31.58
CA GLN D 317 15.21 28.86 -32.84
C GLN D 317 16.16 29.57 -33.81
N PRO D 318 15.97 29.37 -35.12
CA PRO D 318 16.89 29.98 -36.09
C PRO D 318 16.67 31.48 -36.19
N VAL D 319 17.74 32.23 -35.97
CA VAL D 319 17.72 33.68 -36.09
C VAL D 319 18.58 34.08 -37.28
N ASN D 320 18.33 35.28 -37.79
CA ASN D 320 19.00 35.78 -38.98
C ASN D 320 19.92 36.93 -38.58
N LEU D 321 21.14 36.58 -38.21
CA LEU D 321 22.18 37.56 -37.95
C LEU D 321 22.98 37.83 -39.23
N GLY D 322 24.09 38.54 -39.10
CA GLY D 322 24.97 38.81 -40.22
C GLY D 322 26.34 39.16 -39.68
N GLN D 323 27.20 39.60 -40.59
CA GLN D 323 28.54 40.03 -40.19
C GLN D 323 28.47 41.28 -39.31
N ARG D 324 27.53 42.17 -39.60
CA ARG D 324 27.45 43.48 -38.97
C ARG D 324 26.16 43.59 -38.16
N VAL D 325 26.29 43.86 -36.87
CA VAL D 325 25.16 43.94 -35.96
C VAL D 325 25.32 45.19 -35.10
N LEU D 326 24.24 45.97 -34.96
CA LEU D 326 24.20 47.07 -34.02
C LEU D 326 23.05 46.89 -33.04
N VAL D 327 23.34 47.14 -31.76
CA VAL D 327 22.35 47.05 -30.69
C VAL D 327 22.06 48.46 -30.20
N VAL D 328 20.78 48.82 -30.18
CA VAL D 328 20.33 50.14 -29.75
C VAL D 328 19.81 50.01 -28.33
N GLY D 329 20.50 50.64 -27.38
CA GLY D 329 20.10 50.58 -25.99
C GLY D 329 21.28 50.56 -25.04
N GLY D 330 21.00 50.55 -23.73
CA GLY D 330 22.07 50.54 -22.74
C GLY D 330 21.80 49.71 -21.51
N GLY D 331 20.70 48.95 -21.52
CA GLY D 331 20.32 48.15 -20.37
C GLY D 331 20.96 46.77 -20.40
N ASN D 332 20.40 45.88 -19.58
CA ASN D 332 20.86 44.48 -19.58
C ASN D 332 20.54 43.82 -20.92
N THR D 333 19.39 44.17 -21.50
CA THR D 333 18.98 43.57 -22.78
C THR D 333 20.01 43.86 -23.86
N ALA D 334 20.46 45.11 -23.96
CA ALA D 334 21.41 45.48 -25.01
C ALA D 334 22.73 44.74 -24.84
N MET D 335 23.24 44.67 -23.62
CA MET D 335 24.53 44.02 -23.40
C MET D 335 24.43 42.51 -23.63
N ASP D 336 23.34 41.89 -23.16
CA ASP D 336 23.14 40.47 -23.40
C ASP D 336 23.02 40.17 -24.88
N ALA D 337 22.28 41.00 -25.62
CA ALA D 337 22.15 40.79 -27.05
C ALA D 337 23.49 40.96 -27.76
N ALA D 338 24.28 41.96 -27.35
CA ALA D 338 25.58 42.17 -27.98
C ALA D 338 26.50 40.99 -27.74
N ARG D 339 26.54 40.48 -26.52
CA ARG D 339 27.43 39.37 -26.22
C ARG D 339 26.95 38.07 -26.86
N THR D 340 25.63 37.88 -26.95
CA THR D 340 25.10 36.72 -27.66
C THR D 340 25.45 36.79 -29.14
N ALA D 341 25.32 37.97 -29.75
CA ALA D 341 25.68 38.12 -31.15
C ALA D 341 27.16 37.88 -31.36
N ILE D 342 28.00 38.32 -30.42
CA ILE D 342 29.43 38.03 -30.50
C ILE D 342 29.66 36.53 -30.46
N ARG D 343 28.95 35.82 -29.58
CA ARG D 343 29.11 34.37 -29.48
C ARG D 343 28.38 33.63 -30.60
N LEU D 344 27.46 34.28 -31.31
CA LEU D 344 26.74 33.66 -32.41
C LEU D 344 27.44 33.82 -33.75
N GLY D 345 28.65 34.38 -33.76
CA GLY D 345 29.43 34.46 -34.97
C GLY D 345 29.48 35.80 -35.67
N ALA D 346 28.87 36.83 -35.09
CA ALA D 346 28.94 38.16 -35.70
C ALA D 346 30.37 38.69 -35.63
N LYS D 347 30.86 39.23 -36.74
CA LYS D 347 32.23 39.73 -36.78
C LYS D 347 32.36 41.05 -36.03
N GLU D 348 31.41 41.96 -36.21
CA GLU D 348 31.43 43.24 -35.51
C GLU D 348 30.07 43.48 -34.87
N VAL D 349 30.08 43.80 -33.58
CA VAL D 349 28.88 44.16 -32.84
C VAL D 349 29.14 45.49 -32.16
N THR D 350 28.25 46.45 -32.41
CA THR D 350 28.41 47.81 -31.91
C THR D 350 27.14 48.22 -31.17
N VAL D 351 27.30 48.77 -29.97
CA VAL D 351 26.17 49.17 -29.13
C VAL D 351 26.06 50.69 -29.17
N LEU D 352 24.87 51.18 -29.54
CA LEU D 352 24.60 52.60 -29.67
C LEU D 352 23.76 53.05 -28.48
N TYR D 353 24.32 53.93 -27.66
CA TYR D 353 23.61 54.51 -26.51
C TYR D 353 23.53 56.03 -26.67
N ARG D 354 22.35 56.57 -26.36
CA ARG D 354 22.12 58.00 -26.49
C ARG D 354 22.79 58.81 -25.37
N ARG D 355 23.03 58.22 -24.21
CA ARG D 355 23.76 58.87 -23.15
C ARG D 355 25.24 58.50 -23.24
N THR D 356 26.00 58.82 -22.19
CA THR D 356 27.42 58.52 -22.12
C THR D 356 27.62 57.25 -21.31
N ARG D 357 28.89 56.86 -21.13
CA ARG D 357 29.21 55.63 -20.42
C ARG D 357 28.75 55.71 -18.96
N GLU D 358 28.95 56.88 -18.32
CA GLU D 358 28.66 56.99 -16.90
C GLU D 358 27.19 56.74 -16.58
N GLU D 359 26.29 57.17 -17.47
CA GLU D 359 24.85 56.98 -17.28
C GLU D 359 24.34 55.69 -17.91
N MET D 360 25.20 54.69 -18.06
CA MET D 360 24.78 53.42 -18.64
C MET D 360 24.05 52.60 -17.59
N PRO D 361 22.78 52.21 -17.83
CA PRO D 361 22.07 51.41 -16.83
C PRO D 361 22.68 50.04 -16.59
N ALA D 362 23.47 49.54 -17.53
CA ALA D 362 24.11 48.24 -17.36
C ALA D 362 25.25 48.33 -16.34
N GLU D 363 25.57 47.19 -15.76
CA GLU D 363 26.66 47.13 -14.80
C GLU D 363 28.00 47.38 -15.48
N ASP D 364 28.95 47.93 -14.72
CA ASP D 364 30.27 48.21 -15.28
C ASP D 364 30.99 46.91 -15.63
N ILE D 365 30.83 45.87 -14.82
CA ILE D 365 31.51 44.61 -15.07
C ILE D 365 31.07 44.00 -16.39
N GLU D 366 29.76 44.04 -16.67
CA GLU D 366 29.26 43.47 -17.92
C GLU D 366 29.79 44.24 -19.12
N VAL D 367 29.82 45.57 -19.03
CA VAL D 367 30.33 46.38 -20.14
C VAL D 367 31.81 46.09 -20.38
N ASN D 368 32.59 46.03 -19.30
CA ASN D 368 34.01 45.75 -19.44
C ASN D 368 34.24 44.35 -20.02
N GLU D 369 33.47 43.37 -19.56
CA GLU D 369 33.61 42.01 -20.10
C GLU D 369 33.27 41.98 -21.58
N ALA D 370 32.21 42.66 -21.99
CA ALA D 370 31.85 42.71 -23.40
C ALA D 370 32.93 43.39 -24.22
N GLU D 371 33.55 44.44 -23.66
CA GLU D 371 34.68 45.06 -24.34
C GLU D 371 35.83 44.09 -24.51
N GLU D 372 36.10 43.27 -23.49
CA GLU D 372 37.13 42.25 -23.64
C GLU D 372 36.76 41.24 -24.71
N GLU D 373 35.47 40.93 -24.84
CA GLU D 373 35.04 39.95 -25.84
C GLU D 373 35.07 40.51 -27.25
N GLY D 374 34.92 41.83 -27.40
CA GLY D 374 35.05 42.43 -28.72
C GLY D 374 33.89 43.30 -29.17
N VAL D 375 33.06 43.73 -28.24
CA VAL D 375 31.95 44.62 -28.54
C VAL D 375 32.44 46.05 -28.57
N LYS D 376 32.08 46.80 -29.61
CA LYS D 376 32.42 48.21 -29.73
C LYS D 376 31.24 49.06 -29.26
N PHE D 377 31.54 50.26 -28.79
CA PHE D 377 30.53 51.13 -28.22
C PHE D 377 30.56 52.51 -28.86
N GLN D 378 29.38 53.07 -29.10
CA GLN D 378 29.23 54.46 -29.50
C GLN D 378 28.26 55.13 -28.55
N PHE D 379 28.68 56.25 -27.96
CA PHE D 379 27.90 56.94 -26.96
C PHE D 379 27.41 58.29 -27.49
N LEU D 380 26.42 58.85 -26.81
CA LEU D 380 25.80 60.12 -27.18
C LEU D 380 25.27 60.06 -28.62
N VAL D 381 24.69 58.91 -28.98
CA VAL D 381 24.24 58.65 -30.34
C VAL D 381 22.87 57.98 -30.27
N ALA D 382 21.91 58.53 -31.02
CA ALA D 382 20.54 58.02 -31.02
C ALA D 382 20.04 57.85 -32.44
N PRO D 383 19.19 56.86 -32.69
CA PRO D 383 18.76 56.59 -34.07
C PRO D 383 17.69 57.56 -34.55
N ILE D 384 17.77 57.90 -35.83
CA ILE D 384 16.75 58.73 -36.46
C ILE D 384 16.22 58.13 -37.76
N GLU D 385 16.92 57.21 -38.42
CA GLU D 385 16.43 56.69 -39.69
C GLU D 385 17.04 55.32 -39.93
N VAL D 386 16.30 54.47 -40.64
CA VAL D 386 16.78 53.14 -41.02
C VAL D 386 16.90 53.11 -42.54
N ILE D 387 18.13 53.03 -43.04
CA ILE D 387 18.39 52.97 -44.47
C ILE D 387 18.17 51.54 -44.92
N THR D 388 17.05 51.28 -45.57
CA THR D 388 16.76 49.99 -46.18
C THR D 388 16.69 50.14 -47.70
N ASP D 389 17.29 49.20 -48.41
CA ASP D 389 17.39 49.28 -49.87
C ASP D 389 16.27 48.51 -50.56
N GLY D 390 16.18 47.21 -50.32
CA GLY D 390 15.22 46.38 -51.01
C GLY D 390 14.29 45.62 -50.08
N GLY D 391 13.85 46.29 -49.02
CA GLY D 391 13.08 45.64 -47.98
C GLY D 391 13.90 45.03 -46.87
N ARG D 392 15.22 45.00 -47.02
CA ARG D 392 16.14 44.55 -45.99
C ARG D 392 16.99 45.72 -45.55
N VAL D 393 17.33 45.76 -44.26
CA VAL D 393 18.07 46.88 -43.71
C VAL D 393 19.51 46.85 -44.23
N ARG D 394 19.96 47.99 -44.74
CA ARG D 394 21.33 48.17 -45.19
C ARG D 394 22.18 48.94 -44.21
N ALA D 395 21.63 49.95 -43.56
CA ALA D 395 22.36 50.75 -42.59
C ALA D 395 21.36 51.48 -41.70
N LEU D 396 21.89 52.27 -40.77
CA LEU D 396 21.06 53.06 -39.88
C LEU D 396 21.72 54.42 -39.67
N LYS D 397 20.92 55.48 -39.82
CA LYS D 397 21.38 56.84 -39.68
C LYS D 397 21.02 57.36 -38.30
N CYS D 398 22.02 57.85 -37.57
CA CYS D 398 21.90 58.33 -36.21
C CYS D 398 22.23 59.80 -36.15
N GLN D 399 21.66 60.50 -35.17
CA GLN D 399 21.94 61.90 -34.91
C GLN D 399 22.75 62.00 -33.63
N ARG D 400 23.96 62.53 -33.73
CA ARG D 400 24.79 62.73 -32.55
C ARG D 400 24.15 63.76 -31.62
N MET D 401 24.21 63.48 -30.32
CA MET D 401 23.59 64.33 -29.32
C MET D 401 24.62 64.65 -28.24
N ARG D 402 24.31 65.64 -27.42
CA ARG D 402 25.20 66.08 -26.35
C ARG D 402 24.38 66.40 -25.11
N LEU D 403 25.04 66.36 -23.96
CA LEU D 403 24.39 66.58 -22.68
C LEU D 403 24.15 68.08 -22.49
N GLY D 404 22.90 68.50 -22.61
CA GLY D 404 22.58 69.92 -22.56
C GLY D 404 22.26 70.47 -21.20
N ASP D 405 21.29 69.89 -20.51
CA ASP D 405 20.82 70.39 -19.23
C ASP D 405 20.33 69.23 -18.39
N MET D 406 19.57 69.52 -17.33
CA MET D 406 19.04 68.49 -16.46
C MET D 406 17.72 67.95 -17.02
N ASP D 407 17.19 66.91 -16.39
CA ASP D 407 16.01 66.21 -16.88
C ASP D 407 15.14 65.83 -15.69
N GLU D 408 14.18 64.94 -15.92
CA GLU D 408 13.33 64.46 -14.85
C GLU D 408 14.14 63.72 -13.79
N SER D 409 15.11 62.91 -14.23
CA SER D 409 16.00 62.24 -13.27
C SER D 409 16.85 63.25 -12.51
N GLY D 410 17.08 64.42 -13.08
CA GLY D 410 17.83 65.48 -12.43
C GLY D 410 19.32 65.45 -12.67
N ARG D 411 19.84 64.39 -13.31
CA ARG D 411 21.28 64.31 -13.54
C ARG D 411 21.69 65.10 -14.77
N ARG D 412 21.18 64.72 -15.94
CA ARG D 412 21.55 65.38 -17.19
C ARG D 412 20.61 64.92 -18.30
N ARG D 413 20.26 65.86 -19.17
CA ARG D 413 19.36 65.58 -20.30
C ARG D 413 20.14 65.64 -21.60
N PRO D 414 20.20 64.56 -22.37
CA PRO D 414 20.84 64.63 -23.70
C PRO D 414 19.87 65.25 -24.72
N VAL D 415 20.40 66.17 -25.53
CA VAL D 415 19.63 66.85 -26.57
C VAL D 415 20.38 66.74 -27.88
N PRO D 416 19.70 66.73 -29.02
CA PRO D 416 20.38 66.53 -30.30
C PRO D 416 21.30 67.68 -30.65
N ILE D 417 22.34 67.36 -31.42
CA ILE D 417 23.25 68.35 -31.97
C ILE D 417 22.93 68.54 -33.44
N GLU D 418 22.56 69.76 -33.82
CA GLU D 418 22.16 70.03 -35.19
C GLU D 418 23.35 69.89 -36.14
N GLY D 419 23.10 69.26 -37.29
CA GLY D 419 24.13 69.06 -38.28
C GLY D 419 25.04 67.88 -38.03
N ALA D 420 24.81 67.09 -36.99
CA ALA D 420 25.63 65.93 -36.67
C ALA D 420 24.82 64.67 -36.98
N GLU D 421 25.24 63.95 -38.01
CA GLU D 421 24.59 62.72 -38.43
C GLU D 421 25.66 61.72 -38.87
N VAL D 422 25.45 60.46 -38.51
CA VAL D 422 26.40 59.39 -38.79
C VAL D 422 25.67 58.18 -39.35
N ILE D 423 26.25 57.54 -40.35
CA ILE D 423 25.69 56.33 -40.95
C ILE D 423 26.48 55.15 -40.42
N PHE D 424 25.77 54.17 -39.85
CA PHE D 424 26.38 52.95 -39.36
C PHE D 424 25.86 51.79 -40.21
N GLU D 425 26.78 51.06 -40.84
CA GLU D 425 26.39 49.96 -41.70
C GLU D 425 25.79 48.83 -40.87
N ALA D 426 24.67 48.28 -41.36
CA ALA D 426 23.85 47.37 -40.55
C ALA D 426 23.41 46.19 -41.40
N ASP D 427 23.76 44.99 -40.96
CA ASP D 427 23.10 43.78 -41.43
C ASP D 427 22.03 43.30 -40.45
N THR D 428 22.18 43.61 -39.17
CA THR D 428 21.15 43.33 -38.18
C THR D 428 21.11 44.47 -37.17
N ILE D 429 19.91 44.88 -36.78
CA ILE D 429 19.71 45.91 -35.77
C ILE D 429 18.82 45.32 -34.68
N ILE D 430 19.31 45.32 -33.45
CA ILE D 430 18.57 44.79 -32.31
C ILE D 430 18.17 45.98 -31.44
N SER D 431 16.87 46.27 -31.39
CA SER D 431 16.35 47.39 -30.62
C SER D 431 16.10 46.93 -29.20
N ALA D 432 16.98 47.31 -28.29
CA ALA D 432 16.87 46.91 -26.88
C ALA D 432 16.78 48.13 -25.99
N ILE D 433 15.95 49.10 -26.37
CA ILE D 433 15.86 50.38 -25.65
C ILE D 433 14.90 50.26 -24.48
N GLY D 434 14.40 49.06 -24.23
CA GLY D 434 13.50 48.82 -23.12
C GLY D 434 12.32 47.95 -23.53
N GLN D 435 11.56 47.55 -22.50
CA GLN D 435 10.42 46.67 -22.68
C GLN D 435 9.20 47.27 -22.02
N LYS D 436 8.03 46.93 -22.54
CA LYS D 436 6.75 47.38 -22.01
C LYS D 436 5.84 46.19 -21.79
N VAL D 437 4.85 46.37 -20.91
CA VAL D 437 3.92 45.30 -20.61
C VAL D 437 3.05 45.03 -21.83
N ARG D 438 2.89 43.75 -22.17
CA ARG D 438 2.06 43.37 -23.30
C ARG D 438 0.59 43.67 -22.98
N VAL D 439 0.00 44.58 -23.74
CA VAL D 439 -1.36 45.05 -23.45
C VAL D 439 -2.37 43.92 -23.57
N GLU D 440 -2.12 42.95 -24.46
CA GLU D 440 -3.07 41.85 -24.64
C GLU D 440 -3.21 41.01 -23.38
N ASP D 441 -2.09 40.77 -22.67
CA ASP D 441 -2.14 39.94 -21.47
C ASP D 441 -2.87 40.61 -20.31
N VAL D 442 -3.00 41.94 -20.33
CA VAL D 442 -3.53 42.67 -19.20
C VAL D 442 -4.88 43.28 -19.54
N GLU D 443 -5.63 42.60 -20.41
CA GLU D 443 -6.94 43.11 -20.82
C GLU D 443 -7.90 43.14 -19.63
N GLY D 444 -8.78 44.14 -19.63
CA GLY D 444 -9.76 44.26 -18.57
C GLY D 444 -9.21 44.79 -17.26
N LEU D 445 -8.06 45.45 -17.29
CA LEU D 445 -7.44 46.01 -16.10
C LEU D 445 -7.12 47.48 -16.33
N GLU D 446 -7.13 48.25 -15.24
CA GLU D 446 -6.78 49.66 -15.32
C GLU D 446 -5.26 49.79 -15.39
N LEU D 447 -4.77 50.48 -16.41
CA LEU D 447 -3.34 50.56 -16.68
C LEU D 447 -2.79 51.93 -16.28
N THR D 448 -1.64 51.91 -15.63
CA THR D 448 -0.90 53.13 -15.35
C THR D 448 -0.49 53.78 -16.67
N ARG D 449 -0.33 55.11 -16.65
CA ARG D 449 0.07 55.84 -17.85
C ARG D 449 1.33 55.25 -18.47
N HIS D 450 2.25 54.75 -17.65
CA HIS D 450 3.45 54.08 -18.15
C HIS D 450 3.14 52.78 -18.87
N GLY D 451 1.92 52.25 -18.77
CA GLY D 451 1.53 51.02 -19.39
C GLY D 451 1.46 49.84 -18.45
N THR D 452 2.02 49.95 -17.26
CA THR D 452 1.99 48.87 -16.29
C THR D 452 0.63 48.78 -15.61
N ILE D 453 0.37 47.64 -14.98
CA ILE D 453 -0.87 47.45 -14.26
C ILE D 453 -0.90 48.36 -13.04
N LYS D 454 -2.04 49.00 -12.81
CA LYS D 454 -2.22 49.89 -11.66
C LYS D 454 -2.69 49.07 -10.46
N VAL D 455 -1.92 49.11 -9.38
CA VAL D 455 -2.25 48.39 -8.16
C VAL D 455 -2.20 49.36 -6.99
N ASP D 456 -2.91 48.99 -5.93
CA ASP D 456 -2.91 49.79 -4.69
C ASP D 456 -1.61 49.52 -3.94
N GLU D 457 -0.85 50.59 -3.67
CA GLU D 457 0.43 50.44 -3.01
C GLU D 457 0.24 49.88 -1.61
N GLY D 458 1.04 48.86 -1.27
CA GLY D 458 0.97 48.22 0.02
C GLY D 458 0.07 47.01 0.07
N THR D 459 -0.86 46.86 -0.87
CA THR D 459 -1.73 45.70 -0.95
C THR D 459 -1.57 44.92 -2.24
N TYR D 460 -0.92 45.46 -3.26
CA TYR D 460 -0.68 44.77 -4.52
C TYR D 460 -1.97 44.29 -5.16
N GLN D 461 -3.04 45.06 -5.01
CA GLN D 461 -4.36 44.67 -5.49
C GLN D 461 -4.74 45.51 -6.70
N THR D 462 -5.25 44.83 -7.73
CA THR D 462 -5.64 45.50 -8.97
C THR D 462 -7.03 46.10 -8.81
N SER D 463 -7.57 46.65 -9.90
CA SER D 463 -8.92 47.19 -9.88
C SER D 463 -9.94 46.10 -9.60
N LEU D 464 -9.78 44.94 -10.22
CA LEU D 464 -10.71 43.84 -10.00
C LEU D 464 -10.51 43.26 -8.60
N GLU D 465 -11.62 42.92 -7.96
CA GLU D 465 -11.58 42.36 -6.62
C GLU D 465 -11.06 40.94 -6.65
N GLY D 466 -10.11 40.64 -5.76
CA GLY D 466 -9.52 39.32 -5.68
C GLY D 466 -8.40 39.07 -6.66
N VAL D 467 -8.06 40.04 -7.50
CA VAL D 467 -7.00 39.91 -8.50
C VAL D 467 -5.83 40.78 -8.05
N PHE D 468 -4.67 40.16 -7.87
CA PHE D 468 -3.46 40.85 -7.42
C PHE D 468 -2.43 40.86 -8.55
N ALA D 469 -1.44 41.74 -8.41
CA ALA D 469 -0.40 41.85 -9.42
C ALA D 469 0.91 42.27 -8.76
N GLY D 470 2.00 41.99 -9.45
CA GLY D 470 3.32 42.32 -8.94
C GLY D 470 4.38 41.96 -9.97
N GLY D 471 5.60 42.38 -9.68
CA GLY D 471 6.71 42.13 -10.56
C GLY D 471 6.85 43.18 -11.64
N ASP D 472 7.51 42.78 -12.73
CA ASP D 472 7.72 43.69 -13.86
C ASP D 472 6.41 44.16 -14.48
N ALA D 473 5.31 43.42 -14.28
CA ALA D 473 4.03 43.85 -14.78
C ALA D 473 3.52 45.11 -14.08
N VAL D 474 4.04 45.40 -12.88
CA VAL D 474 3.58 46.53 -12.08
C VAL D 474 4.63 47.63 -12.03
N THR D 475 5.87 47.28 -11.72
CA THR D 475 6.93 48.26 -11.56
C THR D 475 7.70 48.53 -12.85
N GLY D 476 7.51 47.73 -13.89
CA GLY D 476 8.33 47.83 -15.08
C GLY D 476 9.60 47.03 -14.94
N PRO D 477 10.43 47.04 -15.96
CA PRO D 477 11.66 46.24 -15.93
C PRO D 477 12.60 46.67 -14.81
N LYS D 478 12.87 45.75 -13.90
CA LYS D 478 13.79 45.96 -12.79
C LYS D 478 14.65 44.72 -12.65
N ILE D 479 15.41 44.63 -11.56
CA ILE D 479 16.25 43.47 -11.30
C ILE D 479 15.39 42.35 -10.73
N ALA D 480 15.93 41.13 -10.70
CA ALA D 480 15.12 39.97 -10.36
C ALA D 480 14.75 39.94 -8.88
N ILE D 481 15.64 40.41 -8.00
CA ILE D 481 15.34 40.36 -6.57
C ILE D 481 14.20 41.30 -6.21
N GLU D 482 14.04 42.39 -6.95
CA GLU D 482 12.87 43.24 -6.75
C GLU D 482 11.58 42.50 -7.07
N ALA D 483 11.59 41.73 -8.17
CA ALA D 483 10.43 40.93 -8.52
C ALA D 483 10.17 39.86 -7.46
N ILE D 484 11.23 39.26 -6.92
CA ILE D 484 11.06 38.26 -5.87
C ILE D 484 10.48 38.88 -4.60
N ALA D 485 10.95 40.07 -4.24
CA ALA D 485 10.40 40.77 -3.09
C ALA D 485 8.93 41.11 -3.30
N GLN D 486 8.58 41.57 -4.50
CA GLN D 486 7.18 41.83 -4.82
C GLN D 486 6.34 40.57 -4.70
N GLY D 487 6.86 39.45 -5.20
CA GLY D 487 6.13 38.20 -5.10
C GLY D 487 5.92 37.77 -3.67
N LYS D 488 6.94 37.91 -2.83
CA LYS D 488 6.83 37.53 -1.42
C LYS D 488 5.82 38.40 -0.68
N ASN D 489 5.91 39.73 -0.90
CA ASN D 489 4.95 40.64 -0.26
C ASN D 489 3.53 40.35 -0.72
N ALA D 490 3.35 40.11 -2.02
CA ALA D 490 2.03 39.80 -2.54
C ALA D 490 1.52 38.47 -2.00
N ALA D 491 2.40 37.49 -1.81
CA ALA D 491 1.99 36.24 -1.22
C ALA D 491 1.50 36.43 0.21
N ARG D 492 2.21 37.23 0.99
CA ARG D 492 1.78 37.50 2.36
C ARG D 492 0.43 38.22 2.36
N VAL D 493 0.27 39.21 1.49
CA VAL D 493 -0.99 39.95 1.41
C VAL D 493 -2.13 39.04 0.98
N ILE D 494 -1.86 38.15 0.02
CA ILE D 494 -2.89 37.23 -0.46
C ILE D 494 -3.28 36.24 0.61
N ASP D 495 -2.31 35.77 1.40
CA ASP D 495 -2.65 34.89 2.53
C ASP D 495 -3.53 35.62 3.53
N SER D 496 -3.20 36.88 3.84
CA SER D 496 -4.03 37.66 4.75
C SER D 496 -5.45 37.82 4.19
N TYR D 497 -5.56 38.11 2.89
CA TYR D 497 -6.87 38.27 2.26
C TYR D 497 -7.66 36.97 2.29
N LEU D 498 -7.00 35.84 2.03
CA LEU D 498 -7.68 34.56 2.08
C LEU D 498 -8.16 34.24 3.49
N ARG D 499 -7.38 34.60 4.50
CA ARG D 499 -7.82 34.39 5.88
C ARG D 499 -9.04 35.25 6.22
N GLY D 500 -9.32 36.29 5.45
CA GLY D 500 -10.51 37.09 5.65
C GLY D 500 -10.24 38.56 5.87
N LYS D 501 -9.18 38.88 6.60
CA LYS D 501 -8.83 40.26 6.92
C LYS D 501 -7.65 40.68 6.05
N LEU D 502 -7.89 41.60 5.12
CA LEU D 502 -6.84 42.09 4.24
C LEU D 502 -6.05 43.18 4.95
N GLU D 503 -4.75 42.97 5.11
CA GLU D 503 -3.89 43.92 5.82
C GLU D 503 -2.73 44.34 4.92
N PRO D 504 -2.54 45.63 4.67
CA PRO D 504 -1.41 46.08 3.85
C PRO D 504 -0.08 45.82 4.54
N ILE D 505 0.97 45.73 3.73
CA ILE D 505 2.31 45.47 4.25
C ILE D 505 2.77 46.64 5.10
N LYS D 506 3.21 46.33 6.32
CA LYS D 506 3.74 47.33 7.24
C LYS D 506 5.23 47.12 7.41
N GLU D 507 6.01 48.14 7.11
CA GLU D 507 7.46 48.06 7.23
C GLU D 507 7.89 48.35 8.66
N PRO D 508 8.64 47.47 9.32
CA PRO D 508 9.05 47.74 10.70
C PRO D 508 10.05 48.87 10.79
N TYR D 509 10.11 49.47 11.96
CA TYR D 509 11.11 50.49 12.26
C TYR D 509 12.32 49.85 12.91
N TYR D 510 13.50 50.11 12.35
CA TYR D 510 14.75 49.57 12.85
C TYR D 510 15.62 50.68 13.41
N VAL D 511 16.33 50.37 14.50
CA VAL D 511 17.35 51.26 15.01
C VAL D 511 18.62 51.04 14.20
N LYS D 512 19.14 52.09 13.58
CA LYS D 512 20.30 51.99 12.71
C LYS D 512 21.32 53.06 13.08
N GLN D 513 22.57 52.78 12.77
CA GLN D 513 23.67 53.69 13.03
C GLN D 513 24.06 54.36 11.71
N GLU D 514 23.89 55.68 11.65
CA GLU D 514 24.22 56.44 10.45
C GLU D 514 25.41 57.36 10.63
N ASP D 515 25.96 57.44 11.84
CA ASP D 515 27.12 58.27 12.13
C ASP D 515 28.44 57.53 11.91
N LEU D 516 28.39 56.29 11.45
CA LEU D 516 29.59 55.49 11.29
C LEU D 516 30.49 56.08 10.20
N THR D 517 31.78 55.93 10.40
CA THR D 517 32.82 56.44 9.50
C THR D 517 33.95 55.43 9.46
N PRO D 518 34.77 55.44 8.41
CA PRO D 518 35.89 54.49 8.35
C PRO D 518 36.83 54.60 9.53
N GLU D 519 36.92 55.76 10.17
CA GLU D 519 37.79 55.92 11.33
C GLU D 519 37.38 55.03 12.49
N ASP D 520 36.13 54.54 12.50
CA ASP D 520 35.71 53.59 13.52
C ASP D 520 36.27 52.20 13.31
N PHE D 521 36.76 51.90 12.11
CA PHE D 521 37.30 50.58 11.78
C PHE D 521 38.79 50.62 11.48
N LYS D 522 39.50 51.62 12.00
CA LYS D 522 40.93 51.73 11.76
C LYS D 522 41.73 50.61 12.41
N ASP D 523 41.15 49.91 13.38
CA ASP D 523 41.84 48.86 14.10
C ASP D 523 41.53 47.46 13.56
N ARG D 524 40.50 47.30 12.74
CA ARG D 524 40.14 46.00 12.22
C ARG D 524 41.21 45.48 11.28
N GLU D 525 41.40 44.15 11.30
CA GLU D 525 42.40 43.52 10.45
C GLU D 525 41.94 43.54 9.00
N ARG D 526 42.82 43.94 8.10
CA ARG D 526 42.52 44.00 6.67
C ARG D 526 42.76 42.62 6.06
N LYS D 527 41.72 42.05 5.47
CA LYS D 527 41.79 40.73 4.85
C LYS D 527 41.40 40.83 3.38
N PRO D 528 42.16 40.23 2.47
CA PRO D 528 41.82 40.31 1.06
C PRO D 528 40.52 39.59 0.74
N ARG D 529 39.81 40.12 -0.25
CA ARG D 529 38.56 39.51 -0.68
C ARG D 529 38.84 38.22 -1.45
N VAL D 530 37.80 37.41 -1.58
CA VAL D 530 37.92 36.15 -2.33
C VAL D 530 38.18 36.45 -3.80
N PRO D 531 39.13 35.79 -4.45
CA PRO D 531 39.35 36.02 -5.87
C PRO D 531 38.17 35.53 -6.70
N LEU D 532 37.97 36.18 -7.84
CA LEU D 532 36.93 35.80 -8.79
C LEU D 532 37.58 35.08 -9.96
N LYS D 533 37.16 33.85 -10.20
CA LYS D 533 37.67 33.05 -11.32
C LYS D 533 36.83 33.35 -12.54
N VAL D 534 37.44 33.99 -13.54
CA VAL D 534 36.74 34.42 -14.75
C VAL D 534 37.43 33.77 -15.95
N ALA D 535 36.65 33.18 -16.84
CA ALA D 535 37.18 32.51 -18.01
C ALA D 535 37.87 33.51 -18.94
N ASN D 536 38.85 33.03 -19.69
CA ASN D 536 39.59 33.88 -20.60
C ASN D 536 38.67 34.45 -21.68
N ALA D 537 38.90 35.71 -22.05
CA ALA D 537 38.03 36.38 -23.00
C ALA D 537 38.05 35.70 -24.36
N GLU D 538 39.25 35.33 -24.84
CA GLU D 538 39.36 34.72 -26.15
C GLU D 538 38.65 33.37 -26.20
N GLU D 539 38.79 32.57 -25.14
CA GLU D 539 38.14 31.26 -25.12
C GLU D 539 36.65 31.36 -24.84
N ARG D 540 36.20 32.41 -24.16
CA ARG D 540 34.80 32.53 -23.79
C ARG D 540 33.97 33.28 -24.83
N LYS D 541 34.60 34.02 -25.74
CA LYS D 541 33.84 34.75 -26.75
C LYS D 541 33.34 33.87 -27.88
N ASN D 542 33.50 32.55 -27.78
CA ASN D 542 33.09 31.64 -28.84
C ASN D 542 32.05 30.62 -28.38
N ASN D 543 31.83 30.48 -27.08
CA ASN D 543 30.93 29.46 -26.56
C ASN D 543 29.99 30.09 -25.55
N PHE D 544 28.96 29.33 -25.16
CA PHE D 544 28.00 29.76 -24.16
C PHE D 544 28.24 29.09 -22.81
N ARG D 545 29.49 28.71 -22.54
CA ARG D 545 29.83 28.14 -21.24
C ARG D 545 29.87 29.25 -20.19
N GLU D 546 29.59 28.87 -18.95
CA GLU D 546 29.53 29.85 -17.86
C GLU D 546 30.90 30.50 -17.67
N ILE D 547 30.87 31.81 -17.37
CA ILE D 547 32.11 32.58 -17.27
C ILE D 547 32.75 32.41 -15.90
N THR D 548 31.99 32.68 -14.85
CA THR D 548 32.49 32.62 -13.48
C THR D 548 32.19 31.26 -12.86
N SER D 549 33.07 30.82 -11.98
CA SER D 549 32.95 29.53 -11.31
C SER D 549 32.73 29.74 -9.81
N THR D 550 32.03 28.79 -9.20
CA THR D 550 31.70 28.86 -7.79
C THR D 550 32.96 28.77 -6.93
N MET D 551 32.92 29.43 -5.78
CA MET D 551 34.03 29.39 -4.84
C MET D 551 34.13 28.00 -4.20
N THR D 552 35.28 27.75 -3.58
CA THR D 552 35.48 26.52 -2.83
C THR D 552 35.03 26.70 -1.38
N GLU D 553 34.93 25.58 -0.68
CA GLU D 553 34.47 25.61 0.71
C GLU D 553 35.43 26.40 1.59
N LYS D 554 36.73 26.19 1.41
CA LYS D 554 37.72 26.94 2.19
C LYS D 554 37.62 28.43 1.89
N GLU D 555 37.52 28.80 0.62
CA GLU D 555 37.39 30.20 0.25
C GLU D 555 36.08 30.78 0.76
N ALA D 556 35.00 30.00 0.73
CA ALA D 556 33.72 30.47 1.24
C ALA D 556 33.80 30.77 2.74
N ILE D 557 34.40 29.86 3.50
CA ILE D 557 34.53 30.08 4.94
C ILE D 557 35.44 31.27 5.24
N ALA D 558 36.54 31.39 4.50
CA ALA D 558 37.45 32.51 4.71
C ALA D 558 36.80 33.84 4.35
N GLU D 559 35.93 33.84 3.34
CA GLU D 559 35.22 35.06 2.95
C GLU D 559 34.16 35.41 3.98
N ALA D 560 33.40 34.42 4.43
CA ALA D 560 32.36 34.67 5.43
C ALA D 560 32.93 35.04 6.78
N SER D 561 34.18 34.67 7.06
CA SER D 561 34.83 35.06 8.30
C SER D 561 35.31 36.50 8.29
N ARG D 562 35.24 37.18 7.14
CA ARG D 562 35.60 38.59 7.06
C ARG D 562 34.49 39.51 7.56
N CYS D 563 33.31 38.96 7.85
CA CYS D 563 32.17 39.78 8.23
C CYS D 563 32.45 40.52 9.54
N LEU D 564 31.97 41.75 9.62
CA LEU D 564 32.15 42.58 10.80
C LEU D 564 31.08 42.37 11.86
N GLU D 565 30.05 41.57 11.57
CA GLU D 565 28.95 41.32 12.48
C GLU D 565 28.32 42.64 12.96
N CYS D 566 27.78 43.38 11.98
CA CYS D 566 27.26 44.71 12.27
C CYS D 566 25.94 44.66 13.04
N GLY D 567 25.10 43.67 12.77
CA GLY D 567 23.81 43.62 13.40
C GLY D 567 23.89 43.20 14.86
N CYS D 568 22.86 43.57 15.61
CA CYS D 568 22.81 43.25 17.03
C CYS D 568 22.64 41.76 17.23
N MET D 569 23.40 41.20 18.17
CA MET D 569 23.31 39.78 18.46
C MET D 569 22.02 39.42 19.19
N ASP D 570 21.38 40.40 19.84
CA ASP D 570 20.15 40.19 20.59
C ASP D 570 18.91 40.56 19.80
N TYR D 571 19.00 40.59 18.46
CA TYR D 571 17.89 41.06 17.66
C TYR D 571 16.64 40.20 17.85
N PHE D 572 16.81 38.88 17.88
CA PHE D 572 15.66 37.98 17.95
C PHE D 572 15.10 37.85 19.35
N GLU D 573 15.75 38.41 20.36
CA GLU D 573 15.27 38.34 21.74
C GLU D 573 15.27 39.70 22.42
N CYS D 574 15.42 40.79 21.66
CA CYS D 574 15.34 42.13 22.24
C CYS D 574 13.89 42.53 22.39
N GLN D 575 13.53 43.00 23.59
CA GLN D 575 12.18 43.44 23.87
C GLN D 575 11.99 44.92 23.57
N LEU D 576 13.06 45.72 23.64
CA LEU D 576 12.96 47.12 23.26
C LEU D 576 12.61 47.27 21.79
N TYR D 577 13.20 46.44 20.93
CA TYR D 577 12.86 46.45 19.51
C TYR D 577 11.38 46.09 19.30
N LYS D 578 10.91 45.06 20.01
CA LYS D 578 9.52 44.66 19.91
C LYS D 578 8.59 45.79 20.33
N TYR D 579 8.93 46.49 21.42
CA TYR D 579 8.05 47.53 21.93
C TYR D 579 8.06 48.76 21.02
N VAL D 580 9.23 49.14 20.50
CA VAL D 580 9.25 50.26 19.57
C VAL D 580 8.59 49.90 18.24
N ASN D 581 8.49 48.60 17.92
CA ASN D 581 7.67 48.21 16.78
C ASN D 581 6.18 48.24 17.10
N GLN D 582 5.81 47.95 18.35
CA GLN D 582 4.40 47.94 18.72
C GLN D 582 3.81 49.33 18.83
N TYR D 583 4.63 50.37 18.95
CA TYR D 583 4.17 51.73 19.13
C TYR D 583 4.76 52.63 18.07
N ASP D 584 3.97 53.61 17.61
CA ASP D 584 4.39 54.54 16.56
C ASP D 584 5.35 55.56 17.17
N VAL D 585 6.58 55.13 17.36
CA VAL D 585 7.60 55.96 17.99
C VAL D 585 8.28 56.82 16.92
N ASP D 586 8.44 58.10 17.21
CA ASP D 586 9.15 59.03 16.33
C ASP D 586 10.43 59.47 17.04
N PRO D 587 11.55 58.78 16.83
CA PRO D 587 12.76 59.09 17.62
C PRO D 587 13.47 60.36 17.20
N GLN D 588 13.26 60.83 15.96
CA GLN D 588 14.01 61.99 15.48
C GLN D 588 13.65 63.26 16.25
N ARG D 589 12.39 63.39 16.68
CA ARG D 589 11.97 64.61 17.36
C ARG D 589 12.71 64.81 18.68
N LEU D 590 13.19 63.74 19.30
CA LEU D 590 13.86 63.81 20.59
C LEU D 590 15.35 63.50 20.50
N SER D 591 15.88 63.22 19.32
CA SER D 591 17.28 62.87 19.18
C SER D 591 18.17 64.04 19.58
N GLY D 592 19.26 63.73 20.27
CA GLY D 592 20.18 64.73 20.74
C GLY D 592 21.54 64.15 21.06
N TYR D 593 22.14 64.60 22.17
CA TYR D 593 23.42 64.05 22.59
C TYR D 593 23.26 62.58 22.96
N LYS D 594 24.19 61.77 22.48
CA LYS D 594 24.17 60.33 22.70
C LYS D 594 25.58 59.87 23.09
N HIS D 595 25.67 59.11 24.18
CA HIS D 595 26.96 58.65 24.66
C HIS D 595 27.56 57.62 23.72
N LYS D 596 28.90 57.61 23.67
CA LYS D 596 29.68 56.60 22.95
C LYS D 596 30.75 56.12 23.92
N ARG D 597 30.44 55.08 24.70
CA ARG D 597 31.30 54.64 25.78
C ARG D 597 31.69 53.17 25.67
N TYR D 598 31.34 52.50 24.59
CA TYR D 598 31.66 51.09 24.44
C TYR D 598 33.15 50.93 24.16
N GLU D 599 33.83 50.16 25.01
CA GLU D 599 35.23 49.81 24.82
C GLU D 599 35.35 48.29 24.85
N PRO D 600 36.07 47.67 23.92
CA PRO D 600 36.10 46.21 23.85
C PRO D 600 36.75 45.60 25.09
N GLN D 601 36.29 44.40 25.44
CA GLN D 601 36.74 43.70 26.62
C GLN D 601 37.34 42.35 26.23
N LYS D 602 38.12 41.79 27.15
CA LYS D 602 38.79 40.51 26.93
C LYS D 602 38.10 39.35 27.62
N HIS D 603 36.96 39.58 28.26
CA HIS D 603 36.26 38.49 28.93
C HIS D 603 35.80 37.46 27.90
N PRO D 604 36.09 36.16 28.11
CA PRO D 604 35.75 35.16 27.08
C PRO D 604 34.29 34.77 27.04
N PHE D 605 33.48 35.19 28.01
CA PHE D 605 32.10 34.72 28.10
C PHE D 605 31.08 35.83 28.01
N ILE D 606 31.26 36.94 28.72
CA ILE D 606 30.26 37.99 28.83
C ILE D 606 30.80 39.26 28.18
N GLU D 607 30.02 39.85 27.28
CA GLU D 607 30.35 41.11 26.64
C GLU D 607 29.33 42.17 27.04
N ARG D 608 29.83 43.30 27.52
CA ARG D 608 29.00 44.40 27.97
C ARG D 608 29.15 45.60 27.05
N ASN D 609 28.03 46.24 26.71
CA ASN D 609 28.00 47.36 25.78
C ASN D 609 27.20 48.50 26.39
N PRO D 610 27.86 49.53 26.92
CA PRO D 610 27.13 50.63 27.57
C PRO D 610 26.20 51.39 26.64
N ASP D 611 26.40 51.31 25.33
CA ASP D 611 25.63 52.11 24.39
C ASP D 611 24.21 51.60 24.20
N LYS D 612 23.94 50.35 24.57
CA LYS D 612 22.61 49.76 24.45
C LYS D 612 21.96 49.50 25.81
N CYS D 613 22.44 50.17 26.84
CA CYS D 613 21.91 50.00 28.19
C CYS D 613 20.76 50.97 28.41
N ILE D 614 19.63 50.43 28.77
CA ILE D 614 18.48 51.25 29.12
C ILE D 614 18.41 51.50 30.62
N LEU D 615 19.43 51.13 31.31
CA LEU D 615 19.58 51.41 32.75
C LEU D 615 18.38 50.92 33.55
N CYS D 616 17.90 49.73 33.23
CA CYS D 616 16.85 49.12 34.01
C CYS D 616 17.34 48.57 35.35
N GLY D 617 18.65 48.40 35.50
CA GLY D 617 19.23 47.92 36.74
C GLY D 617 19.07 46.44 36.98
N LEU D 618 18.55 45.69 36.01
CA LEU D 618 18.26 44.28 36.21
C LEU D 618 19.53 43.48 36.50
N CYS D 619 20.61 43.77 35.79
CA CYS D 619 21.86 43.06 36.01
C CYS D 619 22.39 43.28 37.42
N ILE D 620 22.36 44.53 37.90
CA ILE D 620 22.81 44.83 39.24
C ILE D 620 21.92 44.14 40.28
N ARG D 621 20.61 44.23 40.07
CA ARG D 621 19.68 43.66 41.03
C ARG D 621 19.76 42.15 41.08
N VAL D 622 20.11 41.51 39.96
CA VAL D 622 20.20 40.05 39.97
C VAL D 622 21.56 39.58 40.46
N CYS D 623 22.61 40.39 40.27
CA CYS D 623 23.91 40.02 40.83
C CYS D 623 23.95 40.27 42.33
N GLU D 624 23.10 41.15 42.84
CA GLU D 624 23.08 41.50 44.25
C GLU D 624 22.02 40.74 45.05
N GLU D 625 20.85 40.53 44.48
CA GLU D 625 19.72 39.94 45.20
C GLU D 625 19.64 38.43 45.05
N VAL D 626 20.00 37.90 43.88
CA VAL D 626 19.86 36.47 43.62
C VAL D 626 21.21 35.79 43.78
N VAL D 627 22.19 36.20 42.99
CA VAL D 627 23.51 35.57 43.04
C VAL D 627 24.19 35.85 44.37
N GLY D 628 24.18 37.10 44.80
CA GLY D 628 24.84 37.49 46.03
C GLY D 628 26.30 37.85 45.90
N VAL D 629 26.80 38.02 44.68
CA VAL D 629 28.20 38.38 44.50
C VAL D 629 28.37 39.89 44.54
N CYS D 630 27.38 40.64 44.02
CA CYS D 630 27.41 42.10 44.00
C CYS D 630 28.64 42.63 43.27
N ALA D 631 28.86 42.11 42.07
CA ALA D 631 30.03 42.51 41.27
C ALA D 631 29.75 43.69 40.35
N LEU D 632 28.49 44.08 40.18
CA LEU D 632 28.12 45.20 39.33
C LEU D 632 27.54 46.32 40.19
N GLY D 633 27.55 47.53 39.65
CA GLY D 633 26.96 48.65 40.36
C GLY D 633 26.83 49.86 39.46
N PHE D 634 26.01 50.80 39.92
CA PHE D 634 25.85 52.06 39.21
C PHE D 634 27.07 52.95 39.45
N VAL D 635 27.40 53.73 38.43
CA VAL D 635 28.52 54.66 38.47
C VAL D 635 28.04 55.98 37.89
N ASN D 636 28.54 57.08 38.46
CA ASN D 636 28.12 58.44 38.12
C ASN D 636 26.68 58.65 38.52
N ARG D 637 26.08 59.76 38.08
CA ARG D 637 24.73 60.11 38.50
C ARG D 637 24.09 60.99 37.43
N GLY D 638 22.85 60.70 37.11
CA GLY D 638 22.11 61.49 36.13
C GLY D 638 22.20 60.93 34.73
N PHE D 639 22.39 61.82 33.74
CA PHE D 639 22.54 61.39 32.37
C PHE D 639 23.81 60.57 32.15
N GLU D 640 24.78 60.69 33.06
CA GLU D 640 26.07 60.01 32.91
C GLU D 640 26.12 58.66 33.61
N THR D 641 25.00 58.19 34.16
CA THR D 641 25.00 56.93 34.87
C THR D 641 25.39 55.78 33.95
N ILE D 642 26.17 54.84 34.48
CA ILE D 642 26.63 53.70 33.70
C ILE D 642 26.75 52.50 34.64
N VAL D 643 26.40 51.33 34.14
CA VAL D 643 26.57 50.11 34.93
C VAL D 643 28.00 49.60 34.73
N LYS D 644 28.74 49.49 35.82
CA LYS D 644 30.14 49.08 35.74
C LYS D 644 30.44 48.04 36.80
N PRO D 645 31.45 47.19 36.56
CA PRO D 645 31.87 46.24 37.59
C PRO D 645 32.55 46.94 38.76
N GLU D 646 33.07 46.14 39.71
CA GLU D 646 33.71 46.70 40.88
C GLU D 646 34.88 47.61 40.50
N PHE D 647 34.77 48.88 40.86
CA PHE D 647 35.80 49.88 40.58
C PHE D 647 36.07 50.04 39.09
N GLY D 648 35.07 49.75 38.26
CA GLY D 648 35.26 49.82 36.82
C GLY D 648 36.25 48.83 36.26
N LEU D 649 36.65 47.83 37.04
CA LEU D 649 37.61 46.85 36.60
C LEU D 649 36.99 45.91 35.58
N PRO D 650 37.81 45.21 34.81
CA PRO D 650 37.28 44.15 33.95
C PRO D 650 36.58 43.08 34.77
N LEU D 651 35.58 42.43 34.16
CA LEU D 651 34.77 41.47 34.89
C LEU D 651 35.61 40.35 35.49
N GLU D 652 36.74 40.02 34.87
CA GLU D 652 37.58 38.95 35.40
C GLU D 652 38.35 39.40 36.64
N GLU D 653 38.64 40.70 36.76
CA GLU D 653 39.38 41.20 37.90
C GLU D 653 38.50 41.44 39.13
N THR D 654 37.19 41.34 38.98
CA THR D 654 36.26 41.53 40.09
C THR D 654 35.97 40.19 40.74
N SER D 655 34.97 40.15 41.61
CA SER D 655 34.54 38.92 42.25
C SER D 655 33.49 38.17 41.44
N CYS D 656 33.24 38.61 40.20
CA CYS D 656 32.26 37.96 39.35
C CYS D 656 32.61 36.49 39.16
N ILE D 657 31.60 35.62 39.26
CA ILE D 657 31.79 34.18 39.19
C ILE D 657 31.38 33.62 37.84
N SER D 658 31.15 34.49 36.85
CA SER D 658 30.83 34.08 35.48
C SER D 658 29.58 33.21 35.41
N CYS D 659 28.60 33.47 36.28
CA CYS D 659 27.35 32.73 36.20
C CYS D 659 26.56 33.07 34.96
N GLY D 660 26.62 34.33 34.53
CA GLY D 660 25.90 34.77 33.35
C GLY D 660 24.48 35.22 33.59
N GLN D 661 24.08 35.41 34.85
CA GLN D 661 22.72 35.85 35.13
C GLN D 661 22.46 37.26 34.59
N CYS D 662 23.48 38.11 34.63
CA CYS D 662 23.33 39.46 34.09
C CYS D 662 23.07 39.44 32.59
N ALA D 663 23.74 38.53 31.88
CA ALA D 663 23.49 38.40 30.44
C ALA D 663 22.12 37.80 30.17
N ASP D 664 21.66 36.89 31.02
CA ASP D 664 20.37 36.25 30.83
C ASP D 664 19.21 37.17 31.17
N ILE D 665 19.43 38.15 32.04
CA ILE D 665 18.35 39.05 32.46
C ILE D 665 18.33 40.36 31.69
N CYS D 666 19.37 40.68 30.93
CA CYS D 666 19.40 41.94 30.21
C CYS D 666 18.37 41.92 29.08
N PRO D 667 17.57 42.97 28.93
CA PRO D 667 16.54 42.98 27.89
C PRO D 667 17.03 43.49 26.53
N THR D 668 18.04 44.36 26.52
CA THR D 668 18.39 45.12 25.32
C THR D 668 19.84 44.89 24.91
N GLY D 669 20.29 43.64 24.94
CA GLY D 669 21.56 43.27 24.34
C GLY D 669 22.79 44.05 24.77
N ALA D 670 22.69 44.85 25.84
CA ALA D 670 23.86 45.55 26.35
C ALA D 670 24.82 44.56 26.99
N CYS D 671 24.29 43.64 27.79
CA CYS D 671 25.05 42.52 28.33
C CYS D 671 24.61 41.25 27.62
N ILE D 672 25.57 40.56 27.01
CA ILE D 672 25.28 39.32 26.28
C ILE D 672 26.32 38.27 26.67
N GLY D 673 25.94 37.01 26.49
CA GLY D 673 26.84 35.90 26.69
C GLY D 673 27.30 35.37 25.35
N LYS D 674 28.61 35.34 25.15
CA LYS D 674 29.16 34.98 23.85
C LYS D 674 28.82 33.54 23.50
N GLN D 675 28.42 33.33 22.25
CA GLN D 675 28.05 32.01 21.79
C GLN D 675 29.29 31.13 21.68
N PRO D 676 29.14 29.82 21.96
CA PRO D 676 30.26 28.88 21.88
C PRO D 676 30.53 28.36 20.46
N VAL D 677 30.64 29.28 19.51
CA VAL D 677 30.77 28.96 18.10
C VAL D 677 31.96 29.72 17.53
N ALA D 678 32.35 29.33 16.32
CA ALA D 678 33.52 29.95 15.69
C ALA D 678 33.27 31.42 15.37
N LYS D 679 32.11 31.73 14.80
CA LYS D 679 31.76 33.10 14.44
C LYS D 679 30.42 33.45 15.04
N GLN D 680 30.34 34.61 15.69
CA GLN D 680 29.10 35.06 16.29
C GLN D 680 28.10 35.46 15.22
N VAL D 681 26.89 34.94 15.31
CA VAL D 681 25.84 35.24 14.33
C VAL D 681 24.49 35.25 15.03
N PRO D 682 23.67 36.29 14.84
CA PRO D 682 22.34 36.32 15.45
C PRO D 682 21.37 35.44 14.67
N VAL D 683 20.99 34.31 15.27
CA VAL D 683 20.15 33.33 14.61
C VAL D 683 18.95 33.03 15.51
N ASN D 684 17.87 32.57 14.88
CA ASN D 684 16.68 32.11 15.58
C ASN D 684 16.89 30.64 15.91
N THR D 685 17.20 30.37 17.17
CA THR D 685 17.54 29.02 17.61
C THR D 685 16.31 28.28 18.12
N VAL D 686 16.47 26.98 18.36
CA VAL D 686 15.44 26.14 18.94
C VAL D 686 15.94 25.65 20.28
N ALA D 687 15.10 25.75 21.30
CA ALA D 687 15.48 25.47 22.68
C ALA D 687 14.93 24.12 23.12
N THR D 688 15.79 23.30 23.71
CA THR D 688 15.41 22.02 24.27
C THR D 688 15.85 21.96 25.72
N LYS D 689 14.97 21.47 26.59
CA LYS D 689 15.25 21.42 28.02
C LYS D 689 16.02 20.14 28.37
N THR D 690 17.13 20.31 29.09
CA THR D 690 17.94 19.20 29.54
C THR D 690 18.50 19.54 30.92
N VAL D 691 19.38 18.68 31.42
CA VAL D 691 19.89 18.78 32.78
C VAL D 691 21.40 18.90 32.73
N CYS D 692 21.95 19.87 33.46
CA CYS D 692 23.40 20.01 33.58
C CYS D 692 23.98 18.84 34.37
N THR D 693 25.19 18.42 33.98
CA THR D 693 25.82 17.24 34.55
C THR D 693 27.17 17.54 35.19
N PHE D 694 27.44 18.80 35.53
CA PHE D 694 28.76 19.17 36.03
C PHE D 694 28.84 19.19 37.55
N CYS D 695 27.73 19.13 38.26
CA CYS D 695 27.72 18.78 39.68
C CYS D 695 26.32 18.30 40.04
N GLY D 696 26.16 17.92 41.31
CA GLY D 696 24.96 17.24 41.75
C GLY D 696 23.74 18.09 41.98
N MET D 697 23.84 19.42 41.83
CA MET D 697 22.66 20.25 42.00
C MET D 697 21.65 20.03 40.88
N GLY D 698 22.08 19.55 39.72
CA GLY D 698 21.18 19.17 38.66
C GLY D 698 20.29 20.28 38.15
N CYS D 699 20.86 21.44 37.89
CA CYS D 699 20.08 22.56 37.37
C CYS D 699 19.61 22.26 35.95
N GLU D 700 18.32 22.47 35.71
CA GLU D 700 17.79 22.32 34.37
C GLU D 700 18.08 23.56 33.54
N MET D 701 18.16 23.38 32.23
CA MET D 701 18.53 24.47 31.34
C MET D 701 17.90 24.24 29.98
N LEU D 702 17.82 25.32 29.21
CA LEU D 702 17.32 25.28 27.84
C LEU D 702 18.52 25.51 26.91
N VAL D 703 18.91 24.48 26.19
CA VAL D 703 19.99 24.59 25.22
C VAL D 703 19.38 25.03 23.90
N GLU D 704 19.86 26.15 23.37
CA GLU D 704 19.36 26.73 22.13
C GLU D 704 20.36 26.46 21.03
N THR D 705 19.93 25.70 20.02
CA THR D 705 20.80 25.23 18.95
C THR D 705 20.24 25.67 17.60
N LYS D 706 21.11 25.67 16.59
CA LYS D 706 20.75 25.93 15.20
C LYS D 706 21.63 25.04 14.33
N GLY D 707 21.09 23.88 13.95
CA GLY D 707 21.86 22.88 13.22
C GLY D 707 22.38 21.81 14.16
N ASN D 708 23.67 21.48 14.02
CA ASN D 708 24.33 20.58 14.95
C ASN D 708 25.24 21.32 15.92
N LEU D 709 25.18 22.64 15.94
CA LEU D 709 25.96 23.47 16.86
C LEU D 709 25.06 24.06 17.93
N ILE D 710 25.57 24.10 19.15
CA ILE D 710 24.89 24.75 20.26
C ILE D 710 25.24 26.24 20.23
N PHE D 711 24.22 27.09 20.28
CA PHE D 711 24.43 28.52 20.17
C PHE D 711 24.25 29.28 21.48
N ASP D 712 23.41 28.79 22.40
CA ASP D 712 23.29 29.45 23.69
C ASP D 712 22.71 28.47 24.70
N VAL D 713 22.76 28.87 25.97
CA VAL D 713 22.15 28.13 27.07
C VAL D 713 21.45 29.14 27.97
N SER D 714 20.20 28.85 28.32
CA SER D 714 19.44 29.74 29.18
C SER D 714 18.95 29.02 30.43
N PRO D 715 18.89 29.70 31.57
CA PRO D 715 18.36 29.05 32.77
C PRO D 715 16.85 28.87 32.68
N VAL D 716 16.37 27.88 33.42
CA VAL D 716 14.93 27.60 33.52
C VAL D 716 14.42 28.25 34.79
N GLN D 717 13.31 28.99 34.67
CA GLN D 717 12.76 29.77 35.78
C GLN D 717 12.04 28.85 36.77
N SER D 718 12.79 27.89 37.30
CA SER D 718 12.23 26.96 38.29
C SER D 718 12.28 27.55 39.69
N ASN D 719 13.48 27.84 40.18
CA ASN D 719 13.66 28.44 41.50
C ASN D 719 14.96 29.21 41.47
N GLU D 720 14.86 30.54 41.53
CA GLU D 720 15.98 31.48 41.40
C GLU D 720 16.54 31.48 39.98
N GLY D 721 16.04 30.58 39.12
CA GLY D 721 16.41 30.50 37.72
C GLY D 721 17.87 30.74 37.44
N MET D 722 18.76 30.02 38.15
CA MET D 722 20.17 30.32 38.13
C MET D 722 20.98 29.15 37.59
N LEU D 723 22.06 29.48 36.90
CA LEU D 723 23.05 28.51 36.45
C LEU D 723 24.42 29.03 36.85
N CYS D 724 25.33 28.12 37.16
CA CYS D 724 26.68 28.49 37.52
C CYS D 724 27.52 28.64 36.26
N ALA D 725 28.82 28.87 36.42
CA ALA D 725 29.69 29.05 35.27
C ALA D 725 29.72 27.79 34.40
N PHE D 726 29.76 26.62 35.03
CA PHE D 726 29.86 25.37 34.29
C PHE D 726 28.63 25.15 33.41
N GLY D 727 27.46 25.06 34.03
CA GLY D 727 26.26 24.77 33.26
C GLY D 727 25.99 25.80 32.18
N ARG D 728 26.27 27.07 32.47
CA ARG D 728 25.96 28.14 31.52
C ARG D 728 26.96 28.20 30.37
N PHE D 729 28.25 27.98 30.63
CA PHE D 729 29.28 28.29 29.64
C PHE D 729 30.12 27.11 29.19
N GLY D 730 30.26 26.06 29.99
CA GLY D 730 31.07 24.92 29.63
C GLY D 730 30.40 23.92 28.71
N ILE D 731 29.24 24.27 28.17
CA ILE D 731 28.56 23.49 27.15
C ILE D 731 29.28 23.70 25.83
N LYS D 732 30.33 24.53 25.85
CA LYS D 732 31.10 24.83 24.66
C LYS D 732 31.84 23.60 24.12
N TYR D 733 32.04 22.59 24.96
CA TYR D 733 32.76 21.39 24.51
C TYR D 733 31.96 20.55 23.53
N VAL D 734 30.65 20.78 23.43
CA VAL D 734 29.85 20.04 22.45
C VAL D 734 30.26 20.40 21.03
N ASN D 735 30.46 21.70 20.77
CA ASN D 735 30.89 22.17 19.45
C ASN D 735 32.38 22.02 19.22
N ASP D 736 33.14 21.59 20.23
CA ASP D 736 34.60 21.55 20.12
C ASP D 736 35.02 20.65 18.97
N LYS D 737 35.94 21.15 18.15
CA LYS D 737 36.42 20.40 17.00
C LYS D 737 37.53 19.42 17.34
N ASP D 738 38.00 19.41 18.59
CA ASP D 738 39.00 18.45 19.04
C ASP D 738 38.38 17.15 19.52
N ARG D 739 37.06 17.02 19.46
CA ARG D 739 36.40 15.78 19.84
C ARG D 739 36.74 14.68 18.84
N ILE D 740 37.03 13.50 19.36
CA ILE D 740 37.27 12.34 18.49
C ILE D 740 35.93 11.73 18.12
N LEU D 741 35.76 11.41 16.84
CA LEU D 741 34.52 10.84 16.34
C LEU D 741 34.68 9.42 15.83
N ALA D 742 35.91 8.93 15.68
CA ALA D 742 36.17 7.57 15.23
C ALA D 742 37.16 6.92 16.18
N PRO D 743 37.06 5.60 16.36
CA PRO D 743 37.95 4.91 17.29
C PRO D 743 39.37 4.85 16.79
N LEU D 744 40.29 4.66 17.73
CA LEU D 744 41.71 4.54 17.44
C LEU D 744 42.23 3.22 18.01
N ILE D 745 43.00 2.49 17.21
CA ILE D 745 43.64 1.27 17.64
C ILE D 745 45.12 1.34 17.32
N LYS D 746 45.91 0.55 18.04
CA LYS D 746 47.36 0.63 17.96
C LYS D 746 47.86 -0.25 16.82
N VAL D 747 48.25 0.38 15.72
CA VAL D 747 48.90 -0.30 14.60
C VAL D 747 50.35 0.19 14.53
N ASN D 748 51.29 -0.76 14.49
CA ASN D 748 52.72 -0.46 14.41
C ASN D 748 53.16 0.45 15.55
N GLY D 749 52.51 0.34 16.71
CA GLY D 749 52.87 1.15 17.85
C GLY D 749 52.31 2.56 17.86
N GLU D 750 51.42 2.88 16.92
CA GLU D 750 50.82 4.21 16.87
C GLU D 750 49.31 4.09 16.74
N LEU D 751 48.59 5.00 17.40
CA LEU D 751 47.14 4.99 17.31
C LEU D 751 46.68 5.50 15.94
N SER D 752 45.80 4.75 15.30
CA SER D 752 45.26 5.14 14.01
C SER D 752 43.78 4.81 13.97
N LYS D 753 43.05 5.53 13.12
CA LYS D 753 41.60 5.39 13.05
C LYS D 753 41.21 4.02 12.52
N THR D 754 40.03 3.56 12.96
CA THR D 754 39.49 2.29 12.52
C THR D 754 37.97 2.38 12.54
N THR D 755 37.31 1.25 12.35
CA THR D 755 35.86 1.18 12.45
C THR D 755 35.44 0.79 13.85
N PHE D 756 34.17 1.04 14.16
CA PHE D 756 33.67 0.73 15.50
C PHE D 756 33.67 -0.77 15.75
N ASP D 757 33.30 -1.57 14.75
CA ASP D 757 33.24 -3.01 14.94
C ASP D 757 34.62 -3.59 15.27
N GLN D 758 35.64 -3.20 14.51
CA GLN D 758 36.98 -3.71 14.76
C GLN D 758 37.51 -3.26 16.11
N ALA D 759 37.26 -2.00 16.47
CA ALA D 759 37.73 -1.48 17.76
C ALA D 759 37.06 -2.20 18.92
N LEU D 760 35.75 -2.42 18.83
CA LEU D 760 35.05 -3.11 19.92
C LEU D 760 35.46 -4.57 20.00
N ILE D 761 35.71 -5.20 18.85
CA ILE D 761 36.22 -6.57 18.86
C ILE D 761 37.58 -6.61 19.55
N GLU D 762 38.45 -5.65 19.23
CA GLU D 762 39.77 -5.60 19.85
C GLU D 762 39.65 -5.38 21.35
N THR D 763 38.74 -4.50 21.78
CA THR D 763 38.52 -4.27 23.20
C THR D 763 38.08 -5.55 23.90
N ALA D 764 37.10 -6.25 23.33
CA ALA D 764 36.60 -7.47 23.95
C ALA D 764 37.68 -8.53 24.03
N LYS D 765 38.47 -8.69 22.96
CA LYS D 765 39.52 -9.71 22.97
C LYS D 765 40.63 -9.36 23.95
N LYS D 766 40.99 -8.07 24.08
CA LYS D 766 42.00 -7.68 25.03
C LYS D 766 41.53 -7.93 26.47
N LEU D 767 40.28 -7.56 26.77
CA LEU D 767 39.75 -7.82 28.10
C LEU D 767 39.69 -9.31 28.39
N GLN D 768 39.26 -10.11 27.41
CA GLN D 768 39.19 -11.55 27.61
C GLN D 768 40.57 -12.16 27.80
N ALA D 769 41.57 -11.66 27.06
CA ALA D 769 42.93 -12.15 27.24
C ALA D 769 43.46 -11.83 28.62
N ILE D 770 43.20 -10.62 29.11
CA ILE D 770 43.64 -10.25 30.45
C ILE D 770 42.97 -11.15 31.48
N ARG D 771 41.66 -11.35 31.35
CA ARG D 771 40.94 -12.19 32.30
C ARG D 771 41.44 -13.64 32.26
N ALA D 772 41.72 -14.16 31.06
CA ALA D 772 42.18 -15.53 30.93
C ALA D 772 43.57 -15.72 31.54
N SER D 773 44.50 -14.82 31.21
CA SER D 773 45.87 -15.00 31.68
C SER D 773 46.00 -14.71 33.17
N TYR D 774 45.34 -13.66 33.66
CA TYR D 774 45.55 -13.20 35.03
C TYR D 774 44.39 -13.51 35.96
N GLY D 775 43.38 -14.23 35.50
CA GLY D 775 42.30 -14.64 36.38
C GLY D 775 41.31 -13.54 36.68
N LYS D 776 40.41 -13.85 37.61
CA LYS D 776 39.33 -12.94 37.95
C LYS D 776 39.84 -11.74 38.75
N ASP D 777 39.01 -10.68 38.75
CA ASP D 777 39.30 -9.45 39.49
C ASP D 777 40.60 -8.79 39.04
N SER D 778 40.95 -8.96 37.76
CA SER D 778 42.17 -8.39 37.21
C SER D 778 41.91 -7.23 36.25
N ILE D 779 40.65 -6.87 36.03
CA ILE D 779 40.28 -5.76 35.17
C ILE D 779 39.55 -4.72 36.01
N ALA D 780 40.03 -3.49 35.98
CA ALA D 780 39.39 -2.38 36.67
C ALA D 780 38.62 -1.54 35.68
N ILE D 781 37.42 -1.12 36.07
CA ILE D 781 36.60 -0.22 35.27
C ILE D 781 36.49 1.08 36.04
N ILE D 782 37.09 2.14 35.51
CA ILE D 782 37.11 3.44 36.15
C ILE D 782 36.20 4.33 35.31
N ALA D 783 34.93 4.40 35.73
CA ALA D 783 33.91 5.10 34.98
C ALA D 783 33.70 6.50 35.54
N SER D 784 33.48 7.46 34.65
CA SER D 784 33.15 8.81 35.08
C SER D 784 31.78 8.85 35.71
N GLN D 785 31.57 9.85 36.55
CA GLN D 785 30.31 9.99 37.28
C GLN D 785 29.31 10.88 36.54
N ARG D 786 29.59 11.26 35.30
CA ARG D 786 28.66 12.00 34.49
C ARG D 786 27.80 11.12 33.59
N LEU D 787 28.01 9.80 33.62
CA LEU D 787 27.20 8.91 32.81
C LEU D 787 25.81 8.75 33.40
N THR D 788 24.86 8.37 32.55
CA THR D 788 23.50 8.15 32.99
C THR D 788 23.42 6.90 33.88
N ASN D 789 22.27 6.72 34.51
CA ASN D 789 22.07 5.54 35.35
C ASN D 789 22.13 4.26 34.54
N GLU D 790 21.55 4.28 33.34
CA GLU D 790 21.56 3.09 32.49
C GLU D 790 22.98 2.70 32.08
N GLU D 791 23.81 3.68 31.74
CA GLU D 791 25.19 3.37 31.36
C GLU D 791 25.98 2.81 32.54
N ALA D 792 25.78 3.36 33.73
CA ALA D 792 26.45 2.82 34.91
C ALA D 792 25.99 1.39 35.21
N LEU D 793 24.69 1.14 35.09
CA LEU D 793 24.18 -0.21 35.29
C LEU D 793 24.74 -1.18 34.26
N LEU D 794 24.84 -0.74 33.01
CA LEU D 794 25.41 -1.58 31.96
C LEU D 794 26.88 -1.86 32.22
N LEU D 795 27.62 -0.87 32.74
CA LEU D 795 29.01 -1.10 33.09
C LEU D 795 29.13 -2.11 34.23
N THR D 796 28.23 -2.04 35.20
CA THR D 796 28.21 -3.04 36.27
C THR D 796 27.92 -4.43 35.71
N LYS D 797 26.97 -4.53 34.78
CA LYS D 797 26.65 -5.80 34.15
C LYS D 797 27.87 -6.35 33.40
N LEU D 798 28.56 -5.49 32.66
CA LEU D 798 29.75 -5.91 31.93
C LEU D 798 30.86 -6.35 32.87
N ALA D 799 31.03 -5.65 33.99
CA ALA D 799 32.00 -6.06 34.99
C ALA D 799 31.67 -7.44 35.54
N GLN D 800 30.39 -7.72 35.76
CA GLN D 800 29.98 -9.07 36.13
C GLN D 800 30.31 -10.06 35.03
N LYS D 801 30.15 -9.66 33.77
CA LYS D 801 30.48 -10.54 32.66
C LYS D 801 31.97 -10.81 32.57
N LEU D 802 32.80 -9.87 33.03
CA LEU D 802 34.24 -10.04 33.04
C LEU D 802 34.76 -10.63 34.34
N ASP D 803 33.86 -11.01 35.25
CA ASP D 803 34.22 -11.61 36.53
C ASP D 803 35.16 -10.71 37.33
N THR D 804 34.91 -9.41 37.29
CA THR D 804 35.68 -8.43 38.04
C THR D 804 34.76 -7.63 38.94
N THR D 805 35.13 -7.52 40.21
CA THR D 805 34.42 -6.70 41.17
C THR D 805 35.01 -5.30 41.30
N VAL D 806 36.06 -5.01 40.54
CA VAL D 806 36.72 -3.69 40.60
C VAL D 806 35.91 -2.78 39.67
N ILE D 807 34.85 -2.21 40.21
CA ILE D 807 33.98 -1.28 39.52
C ILE D 807 33.93 0.00 40.35
N GLY D 808 34.64 1.03 39.90
CA GLY D 808 34.74 2.24 40.68
C GLY D 808 35.03 3.48 39.87
N SER D 809 35.46 4.55 40.55
CA SER D 809 35.76 5.81 39.88
C SER D 809 36.89 6.50 40.63
N PHE D 810 37.70 7.24 39.89
CA PHE D 810 38.77 8.02 40.50
C PHE D 810 38.25 9.26 41.22
N ASP D 811 37.02 9.66 40.93
CA ASP D 811 36.38 10.80 41.58
C ASP D 811 35.64 10.42 42.85
N LEU D 812 35.69 9.16 43.25
CA LEU D 812 34.87 8.66 44.34
C LEU D 812 35.65 8.70 45.65
N ARG D 813 35.03 9.26 46.68
CA ARG D 813 35.63 9.37 48.00
C ARG D 813 35.13 8.25 48.89
N GLU D 814 35.91 7.95 49.94
CA GLU D 814 35.53 6.91 50.88
C GLU D 814 34.21 7.27 51.55
N SER D 815 33.31 6.30 51.62
CA SER D 815 31.96 6.52 52.11
C SER D 815 31.90 6.29 53.62
N VAL D 816 31.11 7.13 54.30
CA VAL D 816 30.94 7.02 55.74
C VAL D 816 29.47 6.92 56.10
N LEU D 817 28.60 7.44 55.22
CA LEU D 817 27.18 7.53 55.56
C LEU D 817 26.47 6.19 55.50
N ASP D 818 26.93 5.28 54.64
CA ASP D 818 26.27 3.97 54.55
C ASP D 818 26.60 3.08 55.73
N ARG D 819 27.69 3.34 56.43
CA ARG D 819 28.01 2.59 57.64
C ARG D 819 27.31 3.13 58.87
N ILE D 820 26.68 4.30 58.78
CA ILE D 820 25.97 4.90 59.89
C ILE D 820 24.47 4.73 59.70
N PHE D 821 23.94 5.30 58.63
CA PHE D 821 22.50 5.27 58.36
C PHE D 821 22.08 4.10 57.52
N GLY D 822 22.96 3.56 56.67
CA GLY D 822 22.61 2.42 55.84
C GLY D 822 22.78 2.69 54.36
N LEU D 823 22.45 3.91 53.94
CA LEU D 823 22.56 4.31 52.54
C LEU D 823 23.45 5.54 52.43
N ASN D 824 24.30 5.55 51.39
CA ASN D 824 25.10 6.73 51.07
C ASN D 824 24.24 7.62 50.20
N ALA D 825 23.45 8.48 50.84
CA ALA D 825 22.54 9.35 50.13
C ALA D 825 22.19 10.53 51.02
N SER D 826 21.65 11.58 50.40
CA SER D 826 21.13 12.71 51.15
C SER D 826 19.77 12.35 51.75
N THR D 827 19.61 12.62 53.04
CA THR D 827 18.40 12.21 53.73
C THR D 827 17.18 12.97 53.23
N ASN D 828 17.34 14.25 52.94
CA ASN D 828 16.22 15.11 52.57
C ASN D 828 16.44 15.69 51.16
N SER D 829 15.55 16.59 50.78
CA SER D 829 15.54 17.17 49.44
C SER D 829 15.85 18.67 49.50
N PHE D 830 16.14 19.22 48.31
CA PHE D 830 16.45 20.63 48.19
C PHE D 830 15.26 21.54 48.49
N ASP D 831 14.05 20.99 48.55
CA ASP D 831 12.86 21.80 48.82
C ASP D 831 12.69 22.12 50.30
N GLU D 832 13.39 21.41 51.18
CA GLU D 832 13.28 21.65 52.62
C GLU D 832 14.33 22.63 53.14
N ILE D 833 15.18 23.16 52.27
CA ILE D 833 16.12 24.20 52.69
C ILE D 833 15.36 25.45 53.12
N TYR D 834 14.33 25.83 52.38
CA TYR D 834 13.59 27.04 52.68
C TYR D 834 12.85 26.92 54.00
N SER D 835 12.29 25.74 54.29
CA SER D 835 11.43 25.56 55.45
C SER D 835 12.17 25.07 56.69
N THR D 836 13.47 24.85 56.61
CA THR D 836 14.19 24.42 57.80
C THR D 836 14.50 25.63 58.69
N ASP D 837 14.73 25.36 59.97
CA ASP D 837 15.00 26.41 60.94
C ASP D 837 16.46 26.80 60.99
N LEU D 838 17.36 25.83 60.90
CA LEU D 838 18.80 26.09 60.94
C LEU D 838 19.48 25.34 59.80
N ILE D 839 20.41 26.02 59.14
CA ILE D 839 21.20 25.43 58.07
C ILE D 839 22.66 25.44 58.50
N VAL D 840 23.31 24.28 58.43
CA VAL D 840 24.72 24.15 58.72
C VAL D 840 25.43 23.83 57.41
N ALA D 841 25.97 24.86 56.77
CA ALA D 841 26.69 24.71 55.51
C ALA D 841 28.15 24.41 55.81
N VAL D 842 28.59 23.21 55.47
CA VAL D 842 29.93 22.73 55.80
C VAL D 842 30.73 22.64 54.50
N GLY D 843 31.92 23.25 54.51
CA GLY D 843 32.75 23.28 53.34
C GLY D 843 32.48 24.48 52.46
N LYS D 844 33.08 24.42 51.26
CA LYS D 844 32.90 25.48 50.26
C LYS D 844 31.59 25.27 49.49
N VAL D 845 30.48 25.38 50.23
CA VAL D 845 29.18 25.12 49.63
C VAL D 845 28.81 26.22 48.64
N ALA D 846 29.01 27.48 49.02
CA ALA D 846 28.67 28.58 48.14
C ALA D 846 29.69 28.76 47.03
N GLU D 847 30.97 28.57 47.33
CA GLU D 847 32.01 28.79 46.33
C GLU D 847 31.95 27.74 45.22
N ASN D 848 31.90 26.47 45.60
CA ASN D 848 31.86 25.40 44.59
C ASN D 848 30.53 25.40 43.84
N HIS D 849 29.43 25.62 44.54
CA HIS D 849 28.09 25.57 43.96
C HIS D 849 27.42 26.92 44.17
N ALA D 850 27.41 27.74 43.12
CA ALA D 850 26.83 29.08 43.22
C ALA D 850 25.32 29.00 43.37
N VAL D 851 24.67 28.03 42.73
CA VAL D 851 23.23 27.87 42.84
C VAL D 851 22.85 27.53 44.28
N MET D 852 23.64 26.68 44.93
CA MET D 852 23.38 26.38 46.34
C MET D 852 23.62 27.60 47.21
N GLY D 853 24.59 28.45 46.86
CA GLY D 853 24.76 29.69 47.58
C GLY D 853 23.56 30.60 47.46
N ALA D 854 22.99 30.70 46.26
CA ALA D 854 21.77 31.48 46.08
C ALA D 854 20.61 30.88 46.84
N LYS D 855 20.52 29.54 46.87
CA LYS D 855 19.46 28.87 47.63
C LYS D 855 19.59 29.16 49.11
N LEU D 856 20.82 29.12 49.65
CA LEU D 856 21.03 29.44 51.05
C LEU D 856 20.70 30.90 51.33
N LYS D 857 21.06 31.80 50.43
CA LYS D 857 20.72 33.21 50.59
C LYS D 857 19.21 33.41 50.66
N LYS D 858 18.48 32.76 49.75
CA LYS D 858 17.03 32.86 49.75
C LYS D 858 16.43 32.26 51.02
N ALA D 859 16.96 31.12 51.46
CA ALA D 859 16.43 30.48 52.67
C ALA D 859 16.66 31.35 53.90
N VAL D 860 17.83 31.95 54.01
CA VAL D 860 18.11 32.84 55.14
C VAL D 860 17.22 34.08 55.08
N GLU D 861 16.99 34.60 53.86
CA GLU D 861 16.05 35.70 53.71
C GLU D 861 14.64 35.30 54.12
N LEU D 862 14.27 34.04 53.91
CA LEU D 862 12.93 33.58 54.28
C LEU D 862 12.77 33.38 55.77
N GLY D 863 13.87 33.26 56.52
CA GLY D 863 13.78 33.14 57.96
C GLY D 863 14.67 32.10 58.59
N ALA D 864 15.44 31.40 57.77
CA ALA D 864 16.32 30.35 58.29
C ALA D 864 17.55 30.96 58.95
N LYS D 865 18.27 30.13 59.71
CA LYS D 865 19.50 30.53 60.36
C LYS D 865 20.64 29.72 59.77
N LEU D 866 21.71 30.41 59.39
CA LEU D 866 22.84 29.79 58.68
C LEU D 866 24.06 29.77 59.58
N VAL D 867 24.68 28.60 59.69
CA VAL D 867 25.94 28.43 60.39
C VAL D 867 26.91 27.78 59.42
N THR D 868 27.99 28.49 59.08
CA THR D 868 28.94 28.02 58.08
C THR D 868 30.19 27.50 58.77
N ILE D 869 30.53 26.25 58.49
CA ILE D 869 31.75 25.62 58.99
C ILE D 869 32.69 25.46 57.80
N ASN D 870 33.87 26.07 57.88
CA ASN D 870 34.83 26.07 56.80
C ASN D 870 36.21 26.28 57.40
N ASN D 871 37.22 26.36 56.53
CA ASN D 871 38.56 26.73 56.95
C ASN D 871 39.00 28.09 56.46
N GLY D 872 38.50 28.53 55.30
CA GLY D 872 38.79 29.86 54.79
C GLY D 872 37.54 30.70 54.65
N GLU D 873 37.65 31.85 53.99
CA GLU D 873 36.52 32.73 53.83
C GLU D 873 35.47 32.10 52.90
N THR D 874 34.21 32.45 53.15
CA THR D 874 33.09 31.96 52.36
C THR D 874 32.14 33.11 52.07
N ARG D 875 31.48 33.04 50.92
CA ARG D 875 30.49 34.06 50.58
C ARG D 875 29.24 33.97 51.45
N ALA D 876 29.04 32.84 52.14
CA ALA D 876 27.88 32.67 52.99
C ALA D 876 28.08 33.23 54.40
N ASP D 877 29.28 33.72 54.72
CA ASP D 877 29.56 34.24 56.05
C ASP D 877 28.94 35.61 56.29
N GLU D 878 28.44 36.28 55.24
CA GLU D 878 27.81 37.58 55.42
C GLU D 878 26.52 37.47 56.23
N ARG D 879 25.72 36.45 55.95
CA ARG D 879 24.42 36.28 56.58
C ARG D 879 24.41 35.18 57.63
N ALA D 880 25.57 34.67 58.01
CA ALA D 880 25.66 33.58 58.98
C ALA D 880 25.62 34.13 60.40
N ILE D 881 24.80 33.53 61.25
CA ILE D 881 24.74 33.93 62.64
C ILE D 881 26.02 33.51 63.38
N ALA D 882 26.55 32.34 63.05
CA ALA D 882 27.80 31.85 63.63
C ALA D 882 28.69 31.32 62.52
N THR D 883 29.97 31.68 62.58
CA THR D 883 30.95 31.26 61.60
C THR D 883 32.11 30.60 62.32
N TYR D 884 32.51 29.41 61.86
CA TYR D 884 33.56 28.63 62.49
C TYR D 884 34.63 28.30 61.48
N LYS D 885 35.88 28.63 61.80
CA LYS D 885 37.04 28.34 60.96
C LYS D 885 37.84 27.23 61.64
N ILE D 886 37.72 26.01 61.12
CA ILE D 886 38.30 24.83 61.76
C ILE D 886 39.16 24.08 60.75
N ASP D 887 40.05 23.24 61.28
CA ASP D 887 40.92 22.41 60.47
C ASP D 887 40.97 20.97 60.94
N ASN D 888 40.38 20.65 62.09
CA ASN D 888 40.39 19.31 62.65
C ASN D 888 38.97 18.90 63.01
N THR D 889 38.74 17.60 63.09
CA THR D 889 37.46 17.07 63.52
C THR D 889 37.32 17.04 65.04
N ALA D 890 38.33 17.49 65.77
CA ALA D 890 38.20 17.64 67.22
C ALA D 890 37.10 18.64 67.58
N PHE D 891 36.81 19.57 66.66
CA PHE D 891 35.72 20.51 66.89
C PHE D 891 34.39 19.77 67.04
N PHE D 892 34.15 18.77 66.20
CA PHE D 892 32.90 18.03 66.28
C PHE D 892 32.85 17.12 67.50
N LYS D 893 33.99 16.54 67.89
CA LYS D 893 34.03 15.76 69.12
C LYS D 893 33.74 16.64 70.33
N ALA D 894 34.31 17.83 70.37
CA ALA D 894 34.03 18.77 71.45
C ALA D 894 32.57 19.20 71.43
N THR D 895 31.99 19.37 70.24
CA THR D 895 30.57 19.68 70.15
C THR D 895 29.72 18.55 70.70
N ILE D 896 30.08 17.31 70.39
CA ILE D 896 29.34 16.16 70.92
C ILE D 896 29.44 16.10 72.44
N LYS D 897 30.63 16.35 72.98
CA LYS D 897 30.80 16.35 74.42
C LYS D 897 30.00 17.48 75.07
N ALA D 898 29.97 18.65 74.42
CA ALA D 898 29.18 19.76 74.95
C ALA D 898 27.69 19.44 74.91
N LEU D 899 27.23 18.78 73.85
CA LEU D 899 25.83 18.36 73.77
C LEU D 899 25.50 17.39 74.89
N PHE D 900 26.40 16.43 75.15
CA PHE D 900 26.16 15.47 76.23
C PHE D 900 26.16 16.15 77.59
N GLU D 901 27.04 17.13 77.78
CA GLU D 901 27.19 17.76 79.09
C GLU D 901 25.96 18.58 79.46
N MET D 902 25.37 19.30 78.50
CA MET D 902 24.20 20.11 78.79
C MET D 902 22.91 19.30 78.77
N LYS D 903 23.00 17.97 78.69
CA LYS D 903 21.85 17.09 78.64
C LYS D 903 20.91 17.45 77.49
N ALA D 904 21.51 17.84 76.36
CA ALA D 904 20.77 18.12 75.14
C ALA D 904 20.48 16.87 74.33
N VAL D 905 20.95 15.72 74.79
CA VAL D 905 20.71 14.43 74.12
C VAL D 905 19.75 13.62 74.99
N ASP D 906 18.65 13.17 74.39
CA ASP D 906 17.70 12.31 75.07
C ASP D 906 18.23 10.88 74.98
N GLU D 907 18.92 10.43 76.03
CA GLU D 907 19.67 9.18 75.96
C GLU D 907 18.77 7.97 75.76
N ASP D 908 17.55 8.02 76.28
CA ASP D 908 16.63 6.88 76.13
C ASP D 908 16.30 6.64 74.66
N TYR D 909 15.84 7.69 73.97
CA TYR D 909 15.45 7.52 72.57
C TYR D 909 16.66 7.21 71.69
N VAL D 910 17.79 7.87 71.95
CA VAL D 910 18.99 7.63 71.16
C VAL D 910 19.45 6.19 71.32
N SER D 911 19.48 5.70 72.57
CA SER D 911 19.85 4.31 72.80
C SER D 911 18.84 3.35 72.19
N LYS D 912 17.58 3.78 72.08
CA LYS D 912 16.58 2.95 71.40
C LYS D 912 16.86 2.86 69.91
N ILE D 913 17.27 3.97 69.29
CA ILE D 913 17.43 4.01 67.84
C ILE D 913 18.88 3.88 67.37
N ALA D 914 19.85 4.01 68.27
CA ALA D 914 21.26 4.04 67.88
C ALA D 914 22.06 3.12 68.79
N VAL D 915 22.57 2.02 68.24
CA VAL D 915 23.57 1.21 68.91
C VAL D 915 24.89 1.96 68.86
N ASN D 916 25.88 1.49 69.62
CA ASN D 916 27.21 2.10 69.65
C ASN D 916 27.13 3.53 70.18
N LEU D 917 26.56 3.68 71.38
CA LEU D 917 26.50 4.96 72.07
C LEU D 917 27.44 5.04 73.26
N ASP D 918 27.61 3.93 73.98
CA ASP D 918 28.57 3.89 75.08
C ASP D 918 29.98 4.18 74.56
N GLU D 919 30.33 3.58 73.42
CA GLU D 919 31.66 3.81 72.86
C GLU D 919 31.83 5.25 72.41
N LEU D 920 30.78 5.86 71.85
CA LEU D 920 30.87 7.26 71.46
C LEU D 920 31.04 8.17 72.67
N LYS D 921 30.30 7.90 73.75
CA LYS D 921 30.45 8.68 74.97
C LYS D 921 31.85 8.53 75.54
N ASP D 922 32.39 7.31 75.52
CA ASP D 922 33.75 7.09 75.99
C ASP D 922 34.77 7.82 75.11
N ASP D 923 34.54 7.84 73.80
CA ASP D 923 35.43 8.53 72.88
C ASP D 923 35.44 10.03 73.14
N VAL D 924 34.26 10.61 73.39
CA VAL D 924 34.18 12.05 73.62
C VAL D 924 34.32 12.44 75.09
N LYS D 925 34.60 11.46 75.96
CA LYS D 925 34.70 11.76 77.39
C LYS D 925 35.96 12.55 77.76
N ASN D 926 36.97 12.56 76.89
CA ASN D 926 38.26 13.15 77.25
C ASN D 926 38.61 14.43 76.48
N VAL D 927 37.90 14.74 75.39
CA VAL D 927 38.21 15.94 74.63
C VAL D 927 37.87 17.17 75.46
N GLU D 928 38.53 18.28 75.13
CA GLU D 928 38.31 19.54 75.84
C GLU D 928 37.31 20.39 75.07
N VAL D 929 36.25 20.82 75.75
CA VAL D 929 35.20 21.60 75.13
C VAL D 929 35.66 23.05 75.04
N THR D 930 35.69 23.59 73.82
CA THR D 930 36.08 24.97 73.57
C THR D 930 34.84 25.86 73.54
N ASP D 931 35.08 27.17 73.49
CA ASP D 931 33.97 28.12 73.43
C ASP D 931 33.19 27.99 72.13
N GLU D 932 33.89 27.81 71.01
CA GLU D 932 33.22 27.67 69.73
C GLU D 932 32.36 26.42 69.69
N ALA D 933 32.88 25.30 70.21
CA ALA D 933 32.11 24.07 70.23
C ALA D 933 30.88 24.21 71.12
N SER D 934 31.02 24.87 72.27
CA SER D 934 29.88 25.09 73.15
C SER D 934 28.82 25.96 72.47
N GLU D 935 29.24 27.02 71.78
CA GLU D 935 28.30 27.87 71.08
C GLU D 935 27.58 27.11 69.97
N PHE D 936 28.32 26.29 69.22
CA PHE D 936 27.70 25.49 68.17
C PHE D 936 26.72 24.47 68.75
N ALA D 937 27.07 23.86 69.87
CA ALA D 937 26.15 22.92 70.52
C ALA D 937 24.89 23.62 71.00
N LYS D 938 25.04 24.83 71.56
CA LYS D 938 23.88 25.60 71.98
C LYS D 938 22.98 25.94 70.79
N ILE D 939 23.59 26.30 69.66
CA ILE D 939 22.81 26.61 68.47
C ILE D 939 22.08 25.38 67.96
N ILE D 940 22.77 24.24 67.92
CA ILE D 940 22.16 23.01 67.40
C ILE D 940 21.02 22.56 68.31
N ALA D 941 21.23 22.61 69.63
CA ALA D 941 20.19 22.17 70.56
C ALA D 941 18.97 23.07 70.52
N GLY D 942 19.17 24.37 70.31
CA GLY D 942 18.08 25.31 70.29
C GLY D 942 17.29 25.39 69.00
N ALA D 943 17.66 24.61 67.99
CA ALA D 943 16.97 24.61 66.71
C ALA D 943 15.96 23.47 66.67
N LYS D 944 14.73 23.79 66.30
CA LYS D 944 13.70 22.76 66.17
C LYS D 944 14.02 21.80 65.02
N THR D 945 14.35 22.35 63.86
CA THR D 945 14.69 21.58 62.67
C THR D 945 16.03 22.05 62.15
N ALA D 946 16.85 21.11 61.67
CA ALA D 946 18.19 21.43 61.21
C ALA D 946 18.53 20.64 59.96
N MET D 947 19.19 21.31 59.02
CA MET D 947 19.71 20.69 57.82
C MET D 947 21.20 20.97 57.72
N VAL D 948 21.97 19.94 57.41
CA VAL D 948 23.41 20.04 57.26
C VAL D 948 23.74 19.90 55.79
N ILE D 949 24.17 20.99 55.16
CA ILE D 949 24.58 20.97 53.76
C ILE D 949 26.09 20.75 53.72
N VAL D 950 26.51 19.65 53.09
CA VAL D 950 27.91 19.27 53.05
C VAL D 950 28.37 19.25 51.60
N ASP D 951 29.41 20.02 51.30
CA ASP D 951 30.07 19.95 50.00
C ASP D 951 30.94 18.70 50.00
N GLU D 952 30.44 17.63 49.37
CA GLU D 952 31.11 16.34 49.43
C GLU D 952 32.51 16.40 48.81
N GLU D 953 32.70 17.26 47.81
CA GLU D 953 33.96 17.30 47.08
C GLU D 953 35.02 18.15 47.78
N SER D 954 34.71 18.75 48.93
CA SER D 954 35.70 19.50 49.69
C SER D 954 35.63 19.23 51.19
N VAL D 955 34.94 18.18 51.62
CA VAL D 955 34.77 17.85 53.03
C VAL D 955 35.18 16.40 53.22
N SER D 956 36.01 16.15 54.24
CA SER D 956 36.45 14.79 54.52
C SER D 956 35.31 13.96 55.11
N ASP D 957 35.42 12.64 54.97
CA ASP D 957 34.36 11.74 55.42
C ASP D 957 34.24 11.73 56.94
N THR D 958 35.33 12.03 57.65
CA THR D 958 35.26 12.11 59.10
C THR D 958 34.32 13.22 59.54
N THR D 959 34.38 14.37 58.87
CA THR D 959 33.47 15.47 59.17
C THR D 959 32.02 15.07 58.91
N ILE D 960 31.78 14.36 57.81
CA ILE D 960 30.42 13.91 57.49
C ILE D 960 29.90 12.96 58.56
N GLY D 961 30.74 12.01 58.99
CA GLY D 961 30.33 11.09 60.03
C GLY D 961 30.05 11.78 61.35
N GLN D 962 30.89 12.75 61.71
CA GLN D 962 30.68 13.48 62.96
C GLN D 962 29.39 14.32 62.90
N LEU D 963 29.11 14.93 61.74
CA LEU D 963 27.87 15.67 61.59
C LEU D 963 26.66 14.74 61.65
N ALA D 964 26.79 13.54 61.08
CA ALA D 964 25.72 12.57 61.20
C ALA D 964 25.49 12.18 62.65
N ASN D 965 26.58 12.02 63.42
CA ASN D 965 26.44 11.74 64.85
C ASN D 965 25.72 12.88 65.55
N ILE D 966 26.10 14.12 65.25
CA ILE D 966 25.47 15.27 65.89
C ILE D 966 23.99 15.34 65.56
N LEU D 967 23.63 15.08 64.30
CA LEU D 967 22.23 15.06 63.91
C LEU D 967 21.47 13.96 64.63
N THR D 968 22.05 12.77 64.74
CA THR D 968 21.37 11.65 65.37
C THR D 968 21.15 11.90 66.86
N LEU D 969 22.16 12.45 67.54
CA LEU D 969 22.04 12.69 68.97
C LEU D 969 20.92 13.68 69.28
N THR D 970 20.81 14.74 68.48
CA THR D 970 19.77 15.74 68.67
C THR D 970 18.48 15.39 67.94
N GLN D 971 18.39 14.17 67.38
CA GLN D 971 17.16 13.67 66.76
C GLN D 971 16.72 14.57 65.61
N LYS D 972 17.64 14.83 64.68
CA LYS D 972 17.38 15.65 63.51
C LYS D 972 17.54 14.83 62.24
N ILE D 973 17.11 13.58 62.28
CA ILE D 973 17.22 12.67 61.14
C ILE D 973 15.93 11.88 61.03
N GLY D 974 15.54 11.61 59.79
CA GLY D 974 14.32 10.84 59.53
C GLY D 974 13.04 11.61 59.66
N ARG D 975 13.10 12.93 59.86
CA ARG D 975 11.94 13.77 60.00
C ARG D 975 11.90 14.81 58.89
N PRO D 976 10.73 15.34 58.57
CA PRO D 976 10.66 16.44 57.60
C PRO D 976 11.46 17.64 58.06
N ARG D 977 12.12 18.30 57.12
CA ARG D 977 12.89 19.53 57.29
C ARG D 977 14.17 19.33 58.10
N CYS D 978 14.48 18.12 58.54
CA CYS D 978 15.71 17.83 59.26
C CYS D 978 16.48 16.76 58.52
N GLY D 979 17.80 16.91 58.43
CA GLY D 979 18.61 15.87 57.82
C GLY D 979 19.92 16.43 57.30
N ILE D 980 20.55 15.62 56.45
CA ILE D 980 21.86 15.93 55.86
C ILE D 980 21.72 15.83 54.36
N ILE D 981 22.24 16.83 53.65
CA ILE D 981 22.23 16.88 52.19
C ILE D 981 23.67 17.00 51.71
N LYS D 982 24.09 16.06 50.88
CA LYS D 982 25.42 16.08 50.27
C LYS D 982 25.30 16.64 48.87
N VAL D 983 26.08 17.68 48.58
CA VAL D 983 26.15 18.24 47.23
C VAL D 983 27.30 17.54 46.53
N THR D 984 26.97 16.56 45.68
CA THR D 984 27.98 15.75 45.03
C THR D 984 28.76 16.57 44.01
N GLY D 985 29.96 16.10 43.69
CA GLY D 985 30.85 16.86 42.83
C GLY D 985 30.50 16.82 41.37
N LEU D 986 29.91 15.72 40.90
CA LEU D 986 29.59 15.55 39.49
C LEU D 986 28.09 15.33 39.32
N GLY D 987 27.66 15.24 38.06
CA GLY D 987 26.25 15.26 37.76
C GLY D 987 25.49 14.05 38.27
N ASN D 988 26.07 12.86 38.12
CA ASN D 988 25.39 11.61 38.43
C ASN D 988 26.23 10.76 39.37
N THR D 989 26.76 11.38 40.43
CA THR D 989 27.47 10.62 41.45
C THR D 989 26.52 9.69 42.19
N GLN D 990 25.35 10.21 42.57
CA GLN D 990 24.38 9.42 43.33
C GLN D 990 23.89 8.23 42.51
N GLY D 991 23.57 8.46 41.23
CA GLY D 991 23.12 7.36 40.39
C GLY D 991 24.20 6.32 40.18
N ALA D 992 25.45 6.77 40.00
CA ALA D 992 26.56 5.82 39.84
C ALA D 992 26.74 4.98 41.10
N TRP D 993 26.64 5.61 42.27
CA TRP D 993 26.75 4.85 43.51
C TRP D 993 25.59 3.86 43.66
N ASP D 994 24.37 4.29 43.31
CA ASP D 994 23.22 3.41 43.43
C ASP D 994 23.32 2.22 42.47
N MET D 995 23.91 2.43 41.29
CA MET D 995 23.99 1.37 40.30
C MET D 995 25.05 0.33 40.65
N GLY D 996 26.09 0.72 41.36
CA GLY D 996 27.09 -0.25 41.80
C GLY D 996 28.53 0.16 41.64
N ILE D 997 28.78 1.40 41.22
CA ILE D 997 30.14 1.93 41.13
C ILE D 997 30.47 2.49 42.51
N ARG D 998 31.15 1.69 43.33
CA ARG D 998 31.38 2.05 44.73
C ARG D 998 32.82 1.76 45.17
N MET D 999 33.78 1.87 44.27
CA MET D 999 35.18 1.71 44.62
C MET D 999 35.91 3.03 44.41
N SER D 1000 36.62 3.47 45.45
CA SER D 1000 37.29 4.76 45.41
C SER D 1000 38.59 4.68 44.62
N LYS D 1001 39.22 5.83 44.44
CA LYS D 1001 40.50 5.87 43.74
C LYS D 1001 41.58 5.11 44.49
N GLU D 1002 41.59 5.23 45.82
CA GLU D 1002 42.66 4.63 46.61
C GLU D 1002 42.66 3.11 46.50
N GLY D 1003 41.47 2.49 46.55
CA GLY D 1003 41.41 1.05 46.43
C GLY D 1003 41.88 0.54 45.08
N ILE D 1004 41.46 1.20 44.00
CA ILE D 1004 41.89 0.80 42.66
C ILE D 1004 43.39 0.98 42.50
N VAL D 1005 43.92 2.11 42.98
CA VAL D 1005 45.34 2.38 42.87
C VAL D 1005 46.14 1.35 43.66
N LYS D 1006 45.65 1.00 44.85
CA LYS D 1006 46.33 -0.02 45.66
C LYS D 1006 46.31 -1.37 44.96
N LEU D 1007 45.17 -1.74 44.37
CA LEU D 1007 45.09 -3.02 43.66
C LEU D 1007 46.05 -3.05 42.47
N ILE D 1008 46.16 -1.93 41.75
CA ILE D 1008 47.13 -1.86 40.66
C ILE D 1008 48.54 -1.98 41.19
N ASN D 1009 48.84 -1.32 42.30
CA ASN D 1009 50.20 -1.31 42.84
C ASN D 1009 50.62 -2.70 43.29
N GLU D 1010 49.73 -3.43 43.97
CA GLU D 1010 50.05 -4.81 44.34
C GLU D 1010 50.18 -5.72 43.13
N GLY D 1011 49.69 -5.30 41.97
CA GLY D 1011 49.71 -6.14 40.78
C GLY D 1011 48.48 -7.00 40.60
N LYS D 1012 47.46 -6.84 41.44
CA LYS D 1012 46.25 -7.64 41.28
C LYS D 1012 45.47 -7.22 40.04
N VAL D 1013 45.42 -5.92 39.76
CA VAL D 1013 44.72 -5.39 38.59
C VAL D 1013 45.76 -5.15 37.51
N LYS D 1014 45.54 -5.76 36.33
CA LYS D 1014 46.48 -5.67 35.24
C LYS D 1014 45.95 -4.93 34.02
N ALA D 1015 44.64 -4.64 33.97
CA ALA D 1015 44.06 -3.90 32.87
C ALA D 1015 43.02 -2.94 33.42
N ALA D 1016 42.80 -1.85 32.70
CA ALA D 1016 41.83 -0.83 33.09
C ALA D 1016 40.97 -0.44 31.90
N PHE D 1017 39.69 -0.20 32.16
CA PHE D 1017 38.74 0.27 31.16
C PHE D 1017 38.20 1.60 31.69
N ILE D 1018 38.86 2.68 31.29
CA ILE D 1018 38.55 4.01 31.79
C ILE D 1018 37.51 4.65 30.87
N VAL D 1019 36.39 5.09 31.46
CA VAL D 1019 35.28 5.67 30.72
C VAL D 1019 35.21 7.15 31.07
N SER D 1020 35.80 7.98 30.20
CA SER D 1020 35.69 9.44 30.29
C SER D 1020 36.30 9.99 31.57
N GLU D 1021 37.53 9.57 31.85
CA GLU D 1021 38.31 10.12 32.97
C GLU D 1021 39.71 10.42 32.48
N ASP D 1022 40.39 11.30 33.21
CA ASP D 1022 41.72 11.78 32.84
C ASP D 1022 42.69 11.62 34.01
N PRO D 1023 43.05 10.38 34.33
CA PRO D 1023 44.02 10.18 35.42
C PRO D 1023 45.37 10.82 35.17
N GLN D 1024 45.83 10.84 33.92
CA GLN D 1024 47.18 11.33 33.63
C GLN D 1024 47.27 12.84 33.79
N ALA D 1025 46.29 13.58 33.26
CA ALA D 1025 46.34 15.03 33.36
C ALA D 1025 46.01 15.50 34.77
N ALA D 1026 44.99 14.92 35.40
CA ALA D 1026 44.56 15.39 36.72
C ALA D 1026 45.63 15.16 37.78
N ASP D 1027 46.25 13.97 37.77
CA ASP D 1027 47.24 13.61 38.78
C ASP D 1027 48.50 13.14 38.08
N LYS D 1028 49.64 13.74 38.45
CA LYS D 1028 50.91 13.31 37.87
C LYS D 1028 51.38 12.00 38.50
N ASN D 1029 51.13 11.82 39.80
CA ASN D 1029 51.58 10.61 40.49
C ASN D 1029 50.91 9.35 39.95
N LEU D 1030 49.77 9.48 39.28
CA LEU D 1030 49.12 8.33 38.66
C LEU D 1030 49.83 7.87 37.40
N GLY D 1031 50.70 8.70 36.82
CA GLY D 1031 51.37 8.32 35.59
C GLY D 1031 52.18 7.05 35.74
N GLU D 1032 52.82 6.87 36.89
CA GLU D 1032 53.53 5.61 37.14
C GLU D 1032 52.56 4.46 37.36
N VAL D 1033 51.43 4.74 38.02
CA VAL D 1033 50.46 3.67 38.31
C VAL D 1033 49.90 3.10 37.01
N LEU D 1034 49.54 3.99 36.08
CA LEU D 1034 49.06 3.53 34.78
C LEU D 1034 50.13 2.77 34.01
N ASP D 1035 51.40 2.90 34.41
CA ASP D 1035 52.47 2.13 33.79
C ASP D 1035 52.45 0.67 34.21
N LYS D 1036 51.70 0.32 35.24
CA LYS D 1036 51.62 -1.06 35.70
C LYS D 1036 50.56 -1.88 34.98
N LEU D 1037 49.76 -1.26 34.11
CA LEU D 1037 48.70 -1.96 33.42
C LEU D 1037 49.21 -2.55 32.11
N GLU D 1038 48.91 -3.82 31.87
CA GLU D 1038 49.27 -4.44 30.61
C GLU D 1038 48.44 -3.87 29.46
N CYS D 1039 47.15 -3.65 29.70
CA CYS D 1039 46.24 -3.15 28.67
C CYS D 1039 45.44 -1.99 29.24
N LEU D 1040 45.33 -0.91 28.46
CA LEU D 1040 44.52 0.25 28.83
C LEU D 1040 43.56 0.54 27.69
N ILE D 1041 42.27 0.61 28.01
CA ILE D 1041 41.23 0.96 27.05
C ILE D 1041 40.53 2.21 27.56
N VAL D 1042 40.43 3.22 26.70
CA VAL D 1042 39.91 4.53 27.08
C VAL D 1042 38.69 4.84 26.22
N ALA D 1043 37.61 5.24 26.87
CA ALA D 1043 36.40 5.72 26.20
C ALA D 1043 36.20 7.17 26.62
N ASP D 1044 36.62 8.11 25.76
CA ASP D 1044 36.65 9.51 26.13
C ASP D 1044 36.10 10.37 24.99
N VAL D 1045 35.65 11.57 25.36
CA VAL D 1045 35.18 12.53 24.36
C VAL D 1045 36.36 13.12 23.59
N PHE D 1046 37.44 13.45 24.29
CA PHE D 1046 38.64 14.01 23.69
C PHE D 1046 39.79 13.02 23.79
N LEU D 1047 40.80 13.21 22.93
CA LEU D 1047 42.03 12.43 23.01
C LEU D 1047 42.89 13.03 24.11
N THR D 1048 42.63 12.57 25.34
CA THR D 1048 43.29 13.12 26.51
C THR D 1048 44.72 12.61 26.61
N GLU D 1049 45.45 13.09 27.63
CA GLU D 1049 46.80 12.61 27.84
C GLU D 1049 46.81 11.16 28.31
N THR D 1050 45.70 10.69 28.90
CA THR D 1050 45.58 9.30 29.28
C THR D 1050 45.03 8.43 28.16
N GLY D 1051 44.55 9.04 27.07
CA GLY D 1051 44.08 8.29 25.93
C GLY D 1051 45.17 8.09 24.91
N LYS D 1052 46.22 8.91 24.98
CA LYS D 1052 47.35 8.78 24.08
C LYS D 1052 48.25 7.59 24.43
N ARG D 1053 48.13 7.06 25.65
CA ARG D 1053 48.91 5.91 26.08
C ARG D 1053 48.08 4.63 26.13
N ALA D 1054 46.86 4.66 25.62
CA ALA D 1054 45.98 3.50 25.63
C ALA D 1054 46.20 2.64 24.40
N ASP D 1055 45.62 1.44 24.43
CA ASP D 1055 45.66 0.55 23.27
C ASP D 1055 44.44 0.74 22.36
N VAL D 1056 43.27 0.94 22.95
CA VAL D 1056 42.05 1.22 22.20
C VAL D 1056 41.44 2.49 22.77
N VAL D 1057 41.10 3.44 21.90
CA VAL D 1057 40.44 4.68 22.30
C VAL D 1057 39.09 4.72 21.61
N LEU D 1058 38.02 4.68 22.40
CA LEU D 1058 36.68 4.70 21.87
C LEU D 1058 36.06 6.07 22.09
N PRO D 1059 35.40 6.64 21.09
CA PRO D 1059 34.85 7.99 21.26
C PRO D 1059 33.50 7.98 21.96
N LEU D 1060 33.31 8.94 22.84
CA LEU D 1060 32.04 9.19 23.51
C LEU D 1060 31.42 10.46 22.96
N VAL D 1061 30.13 10.64 23.24
CA VAL D 1061 29.41 11.84 22.84
C VAL D 1061 29.04 12.62 24.09
N SER D 1062 28.68 13.88 23.88
CA SER D 1062 28.33 14.76 24.98
C SER D 1062 27.02 14.31 25.62
N HIS D 1063 26.66 14.97 26.73
CA HIS D 1063 25.43 14.64 27.43
C HIS D 1063 24.20 15.20 26.74
N VAL D 1064 24.36 16.18 25.84
CA VAL D 1064 23.24 16.67 25.05
C VAL D 1064 22.93 15.78 23.87
N GLU D 1065 23.81 14.83 23.56
CA GLU D 1065 23.61 13.87 22.49
C GLU D 1065 23.16 12.51 23.00
N SER D 1066 22.89 12.38 24.30
CA SER D 1066 22.53 11.11 24.89
C SER D 1066 21.34 11.29 25.82
N THR D 1067 20.26 10.56 25.53
CA THR D 1067 19.09 10.52 26.39
C THR D 1067 19.28 9.46 27.48
N GLY D 1068 18.68 9.72 28.64
CA GLY D 1068 18.83 8.78 29.74
C GLY D 1068 18.31 9.38 31.03
N THR D 1069 18.83 8.85 32.14
CA THR D 1069 18.38 9.23 33.47
C THR D 1069 19.58 9.55 34.36
N VAL D 1070 19.48 10.66 35.09
CA VAL D 1070 20.49 11.04 36.08
C VAL D 1070 19.79 11.20 37.42
N THR D 1071 20.59 11.25 38.48
CA THR D 1071 20.08 11.39 39.84
C THR D 1071 20.70 12.61 40.50
N ARG D 1072 19.85 13.48 41.04
CA ARG D 1072 20.31 14.68 41.71
C ARG D 1072 20.99 14.33 43.04
N ALA D 1073 21.60 15.33 43.65
CA ALA D 1073 22.31 15.12 44.91
C ALA D 1073 21.36 14.69 46.02
N ASP D 1074 20.12 15.15 45.99
CA ASP D 1074 19.12 14.78 46.98
C ASP D 1074 18.39 13.49 46.62
N GLY D 1075 18.70 12.88 45.48
CA GLY D 1075 18.07 11.65 45.07
C GLY D 1075 16.97 11.78 44.05
N LYS D 1076 16.72 12.99 43.54
CA LYS D 1076 15.67 13.18 42.56
C LYS D 1076 16.11 12.65 41.20
N ILE D 1077 15.23 11.88 40.56
CA ILE D 1077 15.50 11.29 39.25
C ILE D 1077 15.09 12.29 38.17
N GLN D 1078 16.03 12.66 37.32
CA GLN D 1078 15.78 13.58 36.22
C GLN D 1078 16.15 12.92 34.90
N ASN D 1079 15.64 13.51 33.82
CA ASN D 1079 15.77 12.94 32.48
C ASN D 1079 16.70 13.79 31.64
N LEU D 1080 17.67 13.14 31.01
CA LEU D 1080 18.54 13.77 30.02
C LEU D 1080 17.89 13.61 28.65
N ASN D 1081 17.40 14.70 28.09
CA ASN D 1081 16.78 14.71 26.78
C ASN D 1081 17.83 14.80 25.68
N LEU D 1082 17.39 14.55 24.45
CA LEU D 1082 18.28 14.56 23.29
C LEU D 1082 18.17 15.93 22.62
N VAL D 1083 19.12 16.81 22.93
CA VAL D 1083 19.17 18.11 22.29
C VAL D 1083 19.67 17.98 20.85
N LEU D 1084 20.74 17.21 20.66
CA LEU D 1084 21.31 16.98 19.34
C LEU D 1084 21.46 15.49 19.10
N LYS D 1085 21.40 15.09 17.83
CA LYS D 1085 21.73 13.73 17.47
C LYS D 1085 23.24 13.53 17.62
N PRO D 1086 23.67 12.30 17.95
CA PRO D 1086 25.10 12.05 18.12
C PRO D 1086 25.88 12.39 16.85
N LYS D 1087 27.04 13.01 17.04
CA LYS D 1087 27.83 13.46 15.89
C LYS D 1087 28.33 12.28 15.06
N ASN D 1088 28.77 11.21 15.71
CA ASN D 1088 29.21 10.02 15.01
C ASN D 1088 28.08 9.01 14.80
N GLY D 1089 26.87 9.34 15.22
CA GLY D 1089 25.73 8.45 15.06
C GLY D 1089 25.60 7.39 16.13
N LEU D 1090 26.52 7.33 17.08
CA LEU D 1090 26.52 6.31 18.13
C LEU D 1090 26.53 7.02 19.47
N SER D 1091 25.54 6.73 20.31
CA SER D 1091 25.52 7.28 21.65
C SER D 1091 26.43 6.47 22.57
N ASN D 1092 26.66 6.98 23.77
CA ASN D 1092 27.43 6.25 24.76
C ASN D 1092 26.75 4.93 25.12
N LEU D 1093 25.43 4.98 25.31
CA LEU D 1093 24.70 3.75 25.59
C LEU D 1093 24.76 2.80 24.42
N ASP D 1094 24.69 3.31 23.19
CA ASP D 1094 24.80 2.43 22.03
C ASP D 1094 26.16 1.76 21.95
N LEU D 1095 27.23 2.51 22.21
CA LEU D 1095 28.58 1.94 22.19
C LEU D 1095 28.74 0.87 23.27
N LEU D 1096 28.29 1.18 24.48
CA LEU D 1096 28.40 0.20 25.56
C LEU D 1096 27.49 -1.00 25.32
N LEU D 1097 26.35 -0.81 24.67
CA LEU D 1097 25.47 -1.93 24.36
C LEU D 1097 26.09 -2.83 23.30
N LYS D 1098 26.76 -2.25 22.30
CA LYS D 1098 27.51 -3.06 21.34
C LYS D 1098 28.60 -3.86 22.04
N LEU D 1099 29.36 -3.20 22.92
CA LEU D 1099 30.42 -3.90 23.63
C LEU D 1099 29.86 -5.02 24.52
N ALA D 1100 28.71 -4.78 25.16
CA ALA D 1100 28.11 -5.80 26.00
C ALA D 1100 27.55 -6.95 25.18
N GLU D 1101 26.95 -6.66 24.03
CA GLU D 1101 26.47 -7.71 23.15
C GLU D 1101 27.61 -8.56 22.64
N LEU D 1102 28.79 -7.99 22.48
CA LEU D 1102 29.98 -8.79 22.20
C LEU D 1102 30.25 -9.80 23.30
N PHE D 1103 29.75 -9.56 24.52
CA PHE D 1103 29.89 -10.48 25.64
C PHE D 1103 28.64 -11.29 25.91
N GLY D 1104 27.61 -11.16 25.08
CA GLY D 1104 26.39 -11.93 25.27
C GLY D 1104 25.35 -11.28 26.15
N LEU D 1105 25.43 -9.97 26.37
CA LEU D 1105 24.47 -9.26 27.20
C LEU D 1105 23.44 -8.58 26.30
N GLN D 1106 22.18 -9.00 26.43
CA GLN D 1106 21.08 -8.46 25.64
C GLN D 1106 20.36 -7.42 26.48
N TYR D 1107 20.60 -6.14 26.19
CA TYR D 1107 20.02 -5.05 26.96
C TYR D 1107 19.65 -3.91 26.01
N ASN D 1108 18.82 -3.00 26.51
CA ASN D 1108 18.49 -1.76 25.83
C ASN D 1108 18.12 -0.72 26.88
N LEU D 1109 17.71 0.45 26.42
CA LEU D 1109 17.44 1.56 27.35
C LEU D 1109 16.28 1.23 28.27
N GLU D 1110 15.21 0.64 27.73
CA GLU D 1110 14.04 0.36 28.55
C GLU D 1110 14.31 -0.72 29.59
N LYS D 1111 15.01 -1.79 29.19
CA LYS D 1111 15.34 -2.85 30.13
C LYS D 1111 16.24 -2.33 31.24
N LEU D 1112 17.24 -1.53 30.89
CA LEU D 1112 18.15 -0.97 31.89
C LEU D 1112 17.41 -0.01 32.81
N ASN D 1113 16.48 0.78 32.28
CA ASN D 1113 15.68 1.65 33.11
C ASN D 1113 14.83 0.87 34.10
N ARG D 1114 14.22 -0.23 33.63
CA ARG D 1114 13.43 -1.07 34.53
C ARG D 1114 14.30 -1.67 35.62
N GLU D 1115 15.48 -2.17 35.26
CA GLU D 1115 16.37 -2.73 36.27
C GLU D 1115 16.82 -1.66 37.27
N MET D 1116 17.07 -0.44 36.79
CA MET D 1116 17.42 0.65 37.69
C MET D 1116 16.29 0.97 38.65
N VAL D 1117 15.05 0.97 38.15
CA VAL D 1117 13.90 1.25 39.01
C VAL D 1117 13.77 0.17 40.07
N GLU D 1118 13.92 -1.10 39.68
CA GLU D 1118 13.87 -2.18 40.66
C GLU D 1118 14.98 -2.08 41.69
N LEU D 1119 16.19 -1.71 41.24
CA LEU D 1119 17.31 -1.54 42.15
C LEU D 1119 17.04 -0.44 43.17
N LEU D 1120 16.50 0.68 42.71
CA LEU D 1120 16.17 1.78 43.61
C LEU D 1120 15.06 1.39 44.58
N GLN D 1121 14.07 0.62 44.09
CA GLN D 1121 12.99 0.19 44.97
C GLN D 1121 13.47 -0.79 46.03
N ASN D 1122 14.43 -1.65 45.68
CA ASN D 1122 14.90 -2.65 46.64
C ASN D 1122 15.62 -2.02 47.82
N GLU D 1123 16.18 -0.82 47.64
CA GLU D 1123 16.85 -0.10 48.70
C GLU D 1123 15.97 0.96 49.35
N ASN D 1124 14.69 1.01 48.98
CA ASN D 1124 13.75 2.01 49.51
C ASN D 1124 14.25 3.44 49.28
N LYS D 1125 14.73 3.69 48.06
CA LYS D 1125 15.24 5.00 47.69
C LYS D 1125 14.49 5.60 46.50
N TYR D 1126 13.54 4.89 45.93
CA TYR D 1126 12.88 5.33 44.70
C TYR D 1126 11.73 6.29 45.04
N ASN D 1127 11.84 7.52 44.55
CA ASN D 1127 10.79 8.54 44.69
C ASN D 1127 10.44 8.78 46.16
N GLN D 1128 11.45 8.74 47.02
CA GLN D 1128 11.28 9.00 48.45
C GLN D 1128 11.99 10.31 48.77
N GLN D 1129 11.21 11.31 49.19
CA GLN D 1129 11.78 12.63 49.43
C GLN D 1129 12.56 12.70 50.74
N ILE D 1130 12.13 11.95 51.75
CA ILE D 1130 12.81 11.89 53.04
C ILE D 1130 13.17 10.44 53.32
N LEU D 1131 14.43 10.20 53.66
CA LEU D 1131 14.92 8.85 53.93
C LEU D 1131 14.79 8.52 55.40
N TYR D 1132 14.74 7.22 55.70
CA TYR D 1132 14.70 6.69 57.06
C TYR D 1132 13.51 7.22 57.85
N THR D 1133 12.39 7.45 57.18
CA THR D 1133 11.17 7.84 57.89
C THR D 1133 10.65 6.70 58.75
N GLU D 1134 10.65 5.48 58.20
CA GLU D 1134 10.20 4.30 58.94
C GLU D 1134 11.33 3.68 59.75
N GLY D 1135 12.46 3.42 59.12
CA GLY D 1135 13.62 2.88 59.81
C GLY D 1135 14.85 2.99 58.95
N PHE D 1136 16.00 2.93 59.61
CA PHE D 1136 17.27 3.07 58.91
C PHE D 1136 17.59 1.80 58.13
N ALA D 1137 18.51 1.94 57.17
CA ALA D 1137 18.79 0.88 56.21
C ALA D 1137 19.87 -0.08 56.67
N THR D 1138 20.39 0.08 57.88
CA THR D 1138 21.30 -0.90 58.42
C THR D 1138 20.56 -2.20 58.72
N PRO D 1139 21.25 -3.35 58.69
CA PRO D 1139 20.56 -4.62 58.98
C PRO D 1139 19.91 -4.65 60.35
N ASP D 1140 20.52 -4.02 61.34
CA ASP D 1140 19.91 -3.90 62.66
C ASP D 1140 18.76 -2.90 62.66
N LYS D 1141 18.61 -2.13 61.58
CA LYS D 1141 17.61 -1.05 61.49
C LYS D 1141 17.84 0.02 62.54
N THR D 1142 19.10 0.19 62.95
CA THR D 1142 19.48 1.20 63.93
C THR D 1142 20.64 2.02 63.38
N VAL D 1143 20.93 3.13 64.04
CA VAL D 1143 22.04 3.99 63.65
C VAL D 1143 23.31 3.46 64.29
N HIS D 1144 24.32 3.17 63.46
CA HIS D 1144 25.65 2.81 63.95
C HIS D 1144 26.45 4.09 64.09
N LEU D 1145 26.47 4.64 65.31
CA LEU D 1145 27.09 5.94 65.54
C LEU D 1145 28.56 5.91 65.15
N PHE D 1146 29.02 6.99 64.53
CA PHE D 1146 30.37 7.05 63.96
C PHE D 1146 31.37 7.31 65.08
N VAL D 1147 32.20 6.30 65.36
CA VAL D 1147 33.28 6.42 66.34
C VAL D 1147 34.58 6.22 65.59
N SER D 1148 35.47 7.21 65.66
CA SER D 1148 36.75 7.15 64.97
C SER D 1148 37.69 8.16 65.61
N LYS D 1149 38.90 8.23 65.07
CA LYS D 1149 39.90 9.17 65.55
C LYS D 1149 39.88 10.45 64.72
N ASP D 1150 40.55 11.48 65.23
CA ASP D 1150 40.55 12.78 64.59
C ASP D 1150 41.28 12.73 63.26
N ALA D 1151 40.96 13.68 62.39
CA ALA D 1151 41.50 13.74 61.04
C ALA D 1151 41.24 15.14 60.49
N PRO D 1152 41.93 15.54 59.42
CA PRO D 1152 41.63 16.84 58.81
C PRO D 1152 40.18 16.92 58.38
N ALA D 1153 39.57 18.09 58.64
CA ALA D 1153 38.15 18.25 58.38
C ALA D 1153 37.85 18.39 56.89
N PHE D 1154 38.71 19.09 56.16
CA PHE D 1154 38.48 19.35 54.75
C PHE D 1154 39.69 18.89 53.94
N VAL D 1155 39.44 18.51 52.70
CA VAL D 1155 40.47 18.04 51.80
C VAL D 1155 40.38 18.80 50.49
N GLU D 1156 41.50 18.91 49.79
CA GLU D 1156 41.55 19.47 48.45
C GLU D 1156 41.94 18.36 47.48
N LYS D 1157 41.11 18.13 46.47
CA LYS D 1157 41.31 17.05 45.52
C LYS D 1157 41.11 17.56 44.11
N ALA D 1158 41.70 16.86 43.15
CA ALA D 1158 41.58 17.22 41.76
C ALA D 1158 40.28 16.65 41.17
N VAL D 1159 40.01 17.02 39.92
CA VAL D 1159 38.87 16.51 39.17
C VAL D 1159 39.40 15.60 38.08
N PHE D 1160 38.94 14.36 38.08
CA PHE D 1160 39.39 13.38 37.10
C PHE D 1160 38.47 13.28 35.88
N ASP D 1161 37.25 13.78 35.98
CA ASP D 1161 36.37 13.84 34.81
C ASP D 1161 37.01 14.69 33.73
N THR D 1162 36.96 14.20 32.49
CA THR D 1162 37.69 14.84 31.40
C THR D 1162 37.16 16.24 31.13
N VAL D 1163 35.85 16.37 30.92
CA VAL D 1163 35.29 17.65 30.47
C VAL D 1163 35.35 18.68 31.58
N LYS D 1164 35.01 18.28 32.82
CA LYS D 1164 35.06 19.22 33.92
C LYS D 1164 36.48 19.67 34.19
N ASN D 1165 37.45 18.75 34.12
CA ASN D 1165 38.85 19.13 34.31
C ASN D 1165 39.31 20.09 33.22
N ARG D 1166 38.90 19.83 31.97
CA ARG D 1166 39.28 20.72 30.88
C ARG D 1166 38.70 22.12 31.07
N PHE D 1167 37.44 22.20 31.47
CA PHE D 1167 36.83 23.52 31.66
C PHE D 1167 37.43 24.25 32.86
N GLU D 1168 37.76 23.51 33.93
CA GLU D 1168 38.42 24.15 35.06
C GLU D 1168 39.79 24.66 34.68
N LYS D 1169 40.54 23.90 33.88
CA LYS D 1169 41.82 24.38 33.38
C LYS D 1169 41.65 25.61 32.51
N TYR D 1170 40.59 25.64 31.69
CA TYR D 1170 40.30 26.81 30.87
C TYR D 1170 40.03 28.03 31.74
N LEU D 1171 39.20 27.87 32.77
CA LEU D 1171 38.88 28.98 33.66
C LEU D 1171 40.12 29.46 34.39
N GLN D 1172 40.98 28.54 34.83
CA GLN D 1172 42.21 28.92 35.51
C GLN D 1172 43.14 29.68 34.56
N ASP D 1173 43.23 29.25 33.30
CA ASP D 1173 44.07 29.95 32.33
C ASP D 1173 43.56 31.35 32.08
N LYS D 1174 42.24 31.54 32.02
CA LYS D 1174 41.64 32.84 31.78
C LYS D 1174 41.51 33.68 33.04
N HIS D 1175 41.94 33.15 34.19
CA HIS D 1175 41.88 33.86 35.47
C HIS D 1175 40.44 34.19 35.86
N LEU D 1176 39.54 33.23 35.67
CA LEU D 1176 38.15 33.38 36.02
C LEU D 1176 37.82 32.55 37.26
N LYS D 1177 36.71 32.90 37.91
CA LYS D 1177 36.18 32.17 39.04
C LYS D 1177 34.89 31.47 38.64
N TYR D 1178 34.33 30.71 39.58
CA TYR D 1178 33.07 30.01 39.35
C TYR D 1178 32.33 29.78 40.66
N MET E 1 26.25 95.79 80.67
CA MET E 1 25.84 95.66 79.29
C MET E 1 25.97 94.21 78.83
N LYS E 2 25.25 93.86 77.76
CA LYS E 2 25.37 92.53 77.16
C LYS E 2 25.61 92.69 75.67
N ILE E 3 26.81 92.31 75.20
CA ILE E 3 27.14 92.45 73.80
C ILE E 3 26.84 91.12 73.10
N ARG E 4 26.13 91.20 71.97
CA ARG E 4 25.85 90.04 71.15
C ARG E 4 26.27 90.35 69.73
N VAL E 5 26.88 89.36 69.07
CA VAL E 5 27.40 89.53 67.72
C VAL E 5 26.78 88.45 66.83
N GLY E 6 26.28 88.85 65.67
CA GLY E 6 25.77 87.89 64.71
C GLY E 6 26.89 87.01 64.18
N LEU E 7 26.92 85.76 64.62
CA LEU E 7 28.00 84.84 64.26
C LEU E 7 27.54 83.74 63.32
N GLY E 8 26.36 83.87 62.72
CA GLY E 8 25.89 82.87 61.79
C GLY E 8 26.66 82.88 60.49
N SER E 9 26.47 81.82 59.71
CA SER E 9 27.13 81.73 58.40
C SER E 9 26.73 82.90 57.51
N CYS E 10 25.55 83.50 57.76
CA CYS E 10 25.18 84.72 57.08
C CYS E 10 26.11 85.87 57.44
N GLY E 11 26.77 85.79 58.60
CA GLY E 11 27.61 86.87 59.07
C GLY E 11 29.09 86.56 59.12
N MET E 12 29.45 85.27 59.20
CA MET E 12 30.87 84.92 59.22
C MET E 12 31.56 85.35 57.94
N ALA E 13 30.90 85.14 56.79
CA ALA E 13 31.45 85.66 55.53
C ALA E 13 31.38 87.17 55.48
N ALA E 14 30.39 87.78 56.14
CA ALA E 14 30.30 89.23 56.18
C ALA E 14 31.44 89.85 56.98
N GLY E 15 31.94 89.15 57.99
CA GLY E 15 33.02 89.65 58.81
C GLY E 15 32.69 89.69 60.28
N GLY E 16 31.67 88.92 60.69
CA GLY E 16 31.30 88.89 62.10
C GLY E 16 32.38 88.36 63.00
N ASN E 17 33.18 87.40 62.52
CA ASN E 17 34.28 86.87 63.32
C ASN E 17 35.30 87.95 63.64
N LYS E 18 35.68 88.74 62.63
CA LYS E 18 36.62 89.82 62.87
C LYS E 18 36.02 90.90 63.77
N VAL E 19 34.71 91.15 63.65
CA VAL E 19 34.06 92.11 64.52
C VAL E 19 34.11 91.65 65.97
N MET E 20 33.82 90.37 66.21
CA MET E 20 33.89 89.85 67.57
C MET E 20 35.32 89.89 68.11
N GLU E 21 36.29 89.52 67.29
CA GLU E 21 37.68 89.56 67.74
C GLU E 21 38.09 90.99 68.10
N CYS E 22 37.74 91.95 67.24
CA CYS E 22 38.12 93.34 67.49
C CYS E 22 37.42 93.88 68.73
N ILE E 23 36.15 93.54 68.93
CA ILE E 23 35.44 94.07 70.10
C ILE E 23 35.99 93.44 71.38
N GLN E 24 36.38 92.15 71.33
CA GLN E 24 37.02 91.54 72.48
C GLN E 24 38.35 92.21 72.80
N GLN E 25 39.15 92.50 71.76
CA GLN E 25 40.41 93.18 71.97
C GLN E 25 40.20 94.58 72.53
N GLU E 26 39.19 95.29 72.04
CA GLU E 26 38.90 96.63 72.54
C GLU E 26 38.47 96.59 74.00
N LEU E 27 37.64 95.61 74.37
CA LEU E 27 37.24 95.48 75.76
C LEU E 27 38.43 95.14 76.64
N ARG E 28 39.33 94.28 76.15
CA ARG E 28 40.54 93.95 76.91
C ARG E 28 41.42 95.17 77.13
N SER E 29 41.60 95.98 76.08
CA SER E 29 42.44 97.16 76.19
C SER E 29 41.84 98.20 77.13
N ARG E 30 40.52 98.37 77.09
CA ARG E 30 39.81 99.30 77.97
C ARG E 30 39.43 98.66 79.30
N ASN E 31 39.97 97.47 79.60
CA ASN E 31 39.70 96.71 80.83
C ASN E 31 38.22 96.77 81.21
N LEU E 32 37.36 96.45 80.24
CA LEU E 32 35.93 96.42 80.44
C LEU E 32 35.45 94.97 80.43
N ASP E 33 34.65 94.60 81.43
CA ASP E 33 34.14 93.24 81.57
C ASP E 33 32.67 93.24 81.13
N ILE E 34 32.45 92.94 79.86
CA ILE E 34 31.11 92.87 79.28
C ILE E 34 30.94 91.51 78.65
N PRO E 35 29.86 90.77 78.96
CA PRO E 35 29.66 89.45 78.35
C PRO E 35 29.38 89.57 76.86
N VAL E 36 30.25 88.98 76.05
CA VAL E 36 30.13 88.98 74.59
C VAL E 36 29.71 87.58 74.16
N GLU E 37 28.56 87.49 73.50
CA GLU E 37 27.96 86.22 73.12
C GLU E 37 27.57 86.23 71.66
N PRO E 38 27.60 85.08 71.00
CA PRO E 38 27.17 85.00 69.60
C PRO E 38 25.67 84.87 69.47
N THR E 39 25.19 85.09 68.26
CA THR E 39 23.78 84.94 67.95
C THR E 39 23.64 84.68 66.45
N GLY E 40 22.47 84.14 66.08
CA GLY E 40 22.21 83.78 64.69
C GLY E 40 21.66 84.94 63.88
N CYS E 41 21.31 84.62 62.62
CA CYS E 41 20.75 85.62 61.72
C CYS E 41 19.37 86.04 62.21
N ILE E 42 19.14 87.36 62.26
CA ILE E 42 17.84 87.88 62.65
C ILE E 42 16.94 88.08 61.44
N GLY E 43 17.49 88.07 60.22
CA GLY E 43 16.70 88.31 59.03
C GLY E 43 17.21 89.52 58.25
N LEU E 44 17.90 90.40 58.95
CA LEU E 44 18.51 91.59 58.32
C LEU E 44 19.94 91.28 57.90
N CYS E 45 20.07 90.33 56.96
CA CYS E 45 21.39 89.90 56.51
C CYS E 45 22.14 91.03 55.80
N PHE E 46 21.42 91.92 55.12
CA PHE E 46 22.06 93.01 54.40
C PHE E 46 22.77 93.99 55.31
N PHE E 47 22.36 94.08 56.57
CA PHE E 47 23.02 94.97 57.53
C PHE E 47 24.21 94.32 58.22
N GLU E 48 24.45 93.04 57.99
CA GLU E 48 25.51 92.34 58.69
C GLU E 48 26.89 92.82 58.21
N PRO E 49 27.91 92.77 59.07
CA PRO E 49 27.93 92.26 60.46
C PRO E 49 27.09 93.10 61.41
N LEU E 50 26.61 92.52 62.50
CA LEU E 50 25.68 93.20 63.40
C LEU E 50 26.14 93.02 64.84
N VAL E 51 26.09 94.11 65.61
CA VAL E 51 26.37 94.09 67.04
C VAL E 51 25.16 94.66 67.75
N ASP E 52 24.62 93.89 68.70
CA ASP E 52 23.47 94.30 69.50
C ASP E 52 23.92 94.46 70.94
N VAL E 53 23.68 95.64 71.50
CA VAL E 53 23.96 95.91 72.91
C VAL E 53 22.64 95.87 73.68
N ILE E 54 22.62 95.10 74.76
CA ILE E 54 21.43 94.89 75.58
C ILE E 54 21.66 95.54 76.93
N ASP E 55 20.71 96.39 77.33
CA ASP E 55 20.66 96.98 78.66
C ASP E 55 19.25 96.79 79.20
N GLY E 56 19.13 96.09 80.33
CA GLY E 56 17.83 95.76 80.86
C GLY E 56 17.03 94.93 79.89
N ASP E 57 16.01 95.53 79.28
CA ASP E 57 15.23 94.90 78.23
C ASP E 57 15.48 95.50 76.86
N ASP E 58 16.10 96.67 76.77
CA ASP E 58 16.29 97.36 75.50
C ASP E 58 17.52 96.82 74.77
N VAL E 59 17.41 96.77 73.45
CA VAL E 59 18.47 96.29 72.57
C VAL E 59 18.70 97.31 71.47
N TYR E 60 19.97 97.58 71.17
CA TYR E 60 20.34 98.50 70.09
C TYR E 60 21.23 97.75 69.12
N THR E 61 20.87 97.78 67.83
CA THR E 61 21.60 97.08 66.79
C THR E 61 22.36 98.07 65.93
N TYR E 62 23.64 97.78 65.67
CA TYR E 62 24.51 98.65 64.89
C TYR E 62 24.72 98.01 63.52
N GLY E 63 24.22 98.65 62.48
CA GLY E 63 24.27 98.06 61.15
C GLY E 63 25.61 98.31 60.46
N ASN E 64 26.10 97.27 59.79
CA ASN E 64 27.34 97.31 59.02
C ASN E 64 28.51 97.80 59.87
N VAL E 65 28.80 97.04 60.93
CA VAL E 65 29.88 97.41 61.83
C VAL E 65 31.23 97.14 61.18
N THR E 66 32.24 97.89 61.62
CA THR E 66 33.60 97.73 61.17
C THR E 66 34.54 97.72 62.37
N PRO E 67 35.68 97.02 62.28
CA PRO E 67 36.62 97.02 63.42
C PRO E 67 37.11 98.40 63.80
N GLU E 68 37.26 99.31 62.82
CA GLU E 68 37.71 100.66 63.14
C GLU E 68 36.66 101.45 63.91
N MET E 69 35.38 101.17 63.66
CA MET E 69 34.30 101.91 64.29
C MET E 69 33.87 101.32 65.63
N ILE E 70 34.36 100.11 65.95
CA ILE E 70 34.00 99.50 67.24
C ILE E 70 34.40 100.37 68.43
N PRO E 71 35.61 100.93 68.51
CA PRO E 71 35.92 101.79 69.66
C PRO E 71 34.98 102.96 69.83
N LYS E 72 34.46 103.53 68.74
CA LYS E 72 33.45 104.57 68.87
C LYS E 72 32.20 104.05 69.57
N ILE E 73 31.77 102.85 69.22
CA ILE E 73 30.62 102.23 69.87
C ILE E 73 30.90 102.02 71.35
N ILE E 74 32.11 101.53 71.66
CA ILE E 74 32.46 101.27 73.06
C ILE E 74 32.46 102.56 73.87
N GLU E 75 33.07 103.61 73.33
CA GLU E 75 33.17 104.87 74.05
C GLU E 75 31.83 105.61 74.12
N SER E 76 30.90 105.33 73.21
CA SER E 76 29.62 106.03 73.20
C SER E 76 28.60 105.33 74.10
N HIS E 77 28.32 104.06 73.83
CA HIS E 77 27.27 103.33 74.54
C HIS E 77 27.83 102.53 75.72
N VAL E 78 28.92 101.79 75.51
CA VAL E 78 29.45 100.95 76.57
C VAL E 78 30.07 101.80 77.67
N ILE E 79 30.83 102.84 77.30
CA ILE E 79 31.49 103.69 78.29
C ILE E 79 30.64 104.88 78.66
N GLY E 80 30.19 105.65 77.66
CA GLY E 80 29.44 106.86 77.92
C GLY E 80 27.99 106.66 78.29
N LYS E 81 27.47 105.44 78.16
CA LYS E 81 26.07 105.12 78.46
C LYS E 81 25.12 106.01 77.65
N LYS E 82 25.50 106.30 76.41
CA LYS E 82 24.70 107.13 75.52
C LYS E 82 24.66 106.52 74.13
N PRO E 83 23.48 106.21 73.60
CA PRO E 83 23.41 105.64 72.25
C PRO E 83 23.99 106.59 71.22
N LEU E 84 24.73 106.03 70.26
CA LEU E 84 25.37 106.85 69.25
C LEU E 84 24.35 107.45 68.29
N ASP E 85 23.44 106.62 67.79
CA ASP E 85 22.35 106.99 66.88
C ASP E 85 22.84 107.41 65.50
N GLU E 86 24.15 107.48 65.28
CA GLU E 86 24.70 107.77 63.97
C GLU E 86 24.93 106.50 63.15
N PHE E 87 25.25 105.40 63.83
CA PHE E 87 25.42 104.11 63.19
C PHE E 87 24.35 103.10 63.62
N ILE E 88 23.61 103.38 64.69
CA ILE E 88 22.52 102.52 65.09
C ILE E 88 21.40 102.59 64.06
N VAL E 89 20.91 101.43 63.64
CA VAL E 89 19.85 101.35 62.65
C VAL E 89 18.52 100.99 63.28
N SER E 90 18.51 100.04 64.20
CA SER E 90 17.28 99.59 64.83
C SER E 90 17.48 99.47 66.33
N THR E 91 16.36 99.58 67.07
CA THR E 91 16.40 99.50 68.51
C THR E 91 15.05 98.98 69.01
N SER E 92 15.00 98.68 70.30
CA SER E 92 13.76 98.19 70.89
C SER E 92 12.66 99.25 70.87
N PHE E 93 13.03 100.53 70.83
CA PHE E 93 12.03 101.59 70.75
C PHE E 93 11.28 101.53 69.42
N GLU E 94 12.00 101.32 68.32
CA GLU E 94 11.40 101.32 66.99
C GLU E 94 12.07 100.26 66.13
N PRO E 95 11.46 99.09 65.98
CA PRO E 95 12.04 98.05 65.13
C PRO E 95 11.99 98.43 63.65
N TYR E 96 12.81 97.72 62.88
CA TYR E 96 12.86 97.93 61.44
C TYR E 96 11.49 97.60 60.85
N PRO E 97 10.96 98.41 59.92
CA PRO E 97 9.72 98.04 59.24
C PRO E 97 9.78 96.70 58.52
N MET E 98 10.98 96.24 58.12
CA MET E 98 11.10 94.91 57.54
C MET E 98 10.71 93.84 58.55
N LEU E 99 10.99 94.07 59.83
CA LEU E 99 10.61 93.15 60.90
C LEU E 99 9.25 93.49 61.50
N LYS E 100 8.63 94.59 61.09
CA LYS E 100 7.37 95.01 61.69
C LYS E 100 6.21 94.12 61.23
N SER E 101 6.17 93.76 59.95
CA SER E 101 5.01 93.09 59.36
C SER E 101 5.10 91.57 59.45
N GLN E 102 6.13 91.03 60.10
CA GLN E 102 6.29 89.59 60.24
C GLN E 102 5.86 89.13 61.63
N VAL E 103 5.28 87.94 61.69
CA VAL E 103 5.05 87.24 62.95
C VAL E 103 6.01 86.06 62.99
N ARG E 104 6.80 85.96 64.05
CA ARG E 104 7.87 84.98 64.14
C ARG E 104 7.51 83.91 65.16
N ILE E 105 7.31 82.68 64.68
CA ILE E 105 7.09 81.52 65.53
C ILE E 105 8.27 80.57 65.48
N ALA E 106 8.65 80.13 64.27
CA ALA E 106 9.85 79.30 64.14
C ALA E 106 11.11 80.11 64.42
N LEU E 107 11.19 81.32 63.88
CA LEU E 107 12.34 82.21 64.07
C LEU E 107 12.14 83.18 65.22
N LYS E 108 11.34 82.83 66.22
CA LYS E 108 11.07 83.76 67.32
C LYS E 108 12.32 84.02 68.16
N ASN E 109 13.22 83.04 68.25
CA ASN E 109 14.46 83.20 68.99
C ASN E 109 15.69 83.23 68.11
N CYS E 110 15.53 83.17 66.79
CA CYS E 110 16.67 83.21 65.87
C CYS E 110 17.21 84.62 65.80
N GLY E 111 18.31 84.86 66.50
CA GLY E 111 18.96 86.16 66.49
C GLY E 111 18.73 87.03 67.70
N ARG E 112 18.03 86.52 68.72
CA ARG E 112 17.80 87.28 69.95
C ARG E 112 18.35 86.60 71.18
N ILE E 113 18.90 85.40 71.06
CA ILE E 113 19.41 84.64 72.20
C ILE E 113 20.83 84.19 71.88
N ASN E 114 21.41 83.41 72.80
CA ASN E 114 22.73 82.85 72.60
C ASN E 114 22.58 81.39 72.19
N PRO E 115 22.93 81.01 70.96
CA PRO E 115 22.76 79.61 70.55
C PRO E 115 23.55 78.63 71.40
N GLU E 116 24.75 79.00 71.82
CA GLU E 116 25.59 78.11 72.63
C GLU E 116 25.38 78.35 74.11
N ASP E 117 24.12 78.34 74.54
CA ASP E 117 23.80 78.50 75.96
C ASP E 117 22.39 77.96 76.18
N ILE E 118 22.29 76.81 76.85
CA ILE E 118 20.98 76.21 77.10
C ILE E 118 20.18 77.10 78.06
N ASP E 119 20.85 77.72 79.02
CA ASP E 119 20.17 78.56 79.99
C ASP E 119 19.49 79.75 79.32
N ASP E 120 20.13 80.33 78.30
CA ASP E 120 19.52 81.46 77.61
C ASP E 120 18.22 81.07 76.93
N TYR E 121 18.17 79.86 76.35
CA TYR E 121 16.93 79.36 75.79
C TYR E 121 15.92 79.05 76.89
N ILE E 122 16.39 78.60 78.06
CA ILE E 122 15.49 78.28 79.16
C ILE E 122 14.80 79.53 79.67
N LYS E 123 15.54 80.62 79.85
CA LYS E 123 14.97 81.85 80.40
C LYS E 123 13.95 82.48 79.45
N ASN E 124 13.95 82.09 78.17
CA ASN E 124 12.96 82.59 77.22
C ASN E 124 11.76 81.66 77.10
N GLY E 125 11.43 80.93 78.16
CA GLY E 125 10.31 80.02 78.14
C GLY E 125 10.58 78.70 77.46
N GLY E 126 11.83 78.41 77.11
CA GLY E 126 12.13 77.18 76.41
C GLY E 126 12.05 75.96 77.30
N TYR E 127 11.83 74.82 76.66
CA TYR E 127 11.75 73.52 77.32
C TYR E 127 10.68 73.49 78.41
N GLU E 128 9.62 74.27 78.23
CA GLU E 128 8.44 74.16 79.06
C GLU E 128 7.32 73.38 78.38
N ALA E 129 7.24 73.48 77.05
CA ALA E 129 6.33 72.61 76.31
C ALA E 129 6.68 71.15 76.52
N LEU E 130 7.97 70.83 76.58
CA LEU E 130 8.38 69.44 76.84
C LEU E 130 7.93 68.99 78.22
N LYS E 131 8.06 69.85 79.23
CA LYS E 131 7.62 69.48 80.57
C LYS E 131 6.10 69.29 80.61
N LYS E 132 5.36 70.19 79.98
CA LYS E 132 3.90 70.06 79.96
C LYS E 132 3.48 68.79 79.24
N VAL E 133 4.18 68.44 78.16
CA VAL E 133 3.91 67.18 77.47
C VAL E 133 4.22 66.00 78.37
N LEU E 134 5.34 66.06 79.09
CA LEU E 134 5.80 64.91 79.86
C LEU E 134 4.88 64.63 81.04
N THR E 135 4.45 65.66 81.78
CA THR E 135 3.69 65.40 83.01
C THR E 135 2.20 65.35 82.77
N SER E 136 1.60 66.46 82.34
CA SER E 136 0.15 66.53 82.18
C SER E 136 -0.29 66.31 80.74
N MET E 137 0.18 65.27 80.07
CA MET E 137 -0.22 64.99 78.70
C MET E 137 -0.01 63.51 78.40
N THR E 138 -0.62 63.06 77.31
CA THR E 138 -0.49 61.71 76.78
C THR E 138 -0.27 61.80 75.27
N PRO E 139 0.40 60.80 74.67
CA PRO E 139 0.72 60.90 73.24
C PRO E 139 -0.50 61.14 72.34
N GLU E 140 -1.63 60.51 72.65
CA GLU E 140 -2.84 60.78 71.87
C GLU E 140 -3.24 62.25 71.98
N GLU E 141 -3.10 62.83 73.17
CA GLU E 141 -3.38 64.25 73.32
C GLU E 141 -2.40 65.10 72.52
N VAL E 142 -1.14 64.70 72.43
CA VAL E 142 -0.18 65.45 71.63
C VAL E 142 -0.57 65.43 70.16
N ILE E 143 -0.94 64.24 69.65
CA ILE E 143 -1.36 64.15 68.25
C ILE E 143 -2.63 64.97 68.03
N GLU E 144 -3.55 64.94 68.99
CA GLU E 144 -4.75 65.76 68.87
C GLU E 144 -4.42 67.25 68.87
N GLU E 145 -3.45 67.66 69.68
CA GLU E 145 -3.03 69.06 69.69
C GLU E 145 -2.47 69.47 68.34
N ILE E 146 -1.62 68.62 67.75
CA ILE E 146 -1.05 68.92 66.45
C ILE E 146 -2.15 68.95 65.38
N LYS E 147 -3.11 68.04 65.49
CA LYS E 147 -4.21 68.01 64.52
C LYS E 147 -5.06 69.27 64.60
N ILE E 148 -5.39 69.71 65.83
CA ILE E 148 -6.18 70.92 66.00
C ILE E 148 -5.40 72.13 65.50
N SER E 149 -4.10 72.19 65.80
CA SER E 149 -3.28 73.31 65.36
C SER E 149 -3.16 73.39 63.85
N GLY E 150 -3.45 72.31 63.14
CA GLY E 150 -3.40 72.34 61.69
C GLY E 150 -2.01 72.47 61.12
N LEU E 151 -0.98 72.23 61.92
CA LEU E 151 0.39 72.29 61.41
C LEU E 151 0.61 71.25 60.34
N ARG E 152 1.24 71.65 59.24
CA ARG E 152 1.46 70.75 58.11
C ARG E 152 2.65 71.23 57.31
N GLY E 153 3.35 70.28 56.71
CA GLY E 153 4.40 70.58 55.75
C GLY E 153 5.59 71.35 56.29
N ARG E 154 5.74 72.59 55.81
CA ARG E 154 6.85 73.49 56.11
C ARG E 154 8.13 73.03 55.44
N GLY E 155 8.08 71.87 54.80
CA GLY E 155 9.11 71.43 53.89
C GLY E 155 8.72 71.53 52.43
N GLY E 156 7.62 72.20 52.12
CA GLY E 156 7.09 72.26 50.78
C GLY E 156 6.09 71.17 50.45
N ALA E 157 6.05 70.09 51.25
CA ALA E 157 5.14 68.99 50.97
C ALA E 157 3.69 69.39 51.20
N GLY E 158 3.42 70.00 52.36
CA GLY E 158 2.06 70.38 52.71
C GLY E 158 1.22 69.28 53.33
N PHE E 159 1.79 68.11 53.57
CA PHE E 159 1.03 67.02 54.17
C PHE E 159 0.83 67.28 55.66
N PRO E 160 -0.35 66.95 56.21
CA PRO E 160 -0.58 67.14 57.65
C PRO E 160 0.42 66.35 58.47
N THR E 161 0.97 67.00 59.50
CA THR E 161 1.96 66.36 60.35
C THR E 161 1.31 65.41 61.36
N TRP E 162 0.11 65.74 61.83
CA TRP E 162 -0.57 64.87 62.77
C TRP E 162 -0.87 63.51 62.16
N PHE E 163 -1.18 63.49 60.86
CA PHE E 163 -1.43 62.21 60.20
C PHE E 163 -0.17 61.36 60.18
N LYS E 164 0.98 61.97 59.88
CA LYS E 164 2.23 61.23 59.89
C LYS E 164 2.56 60.71 61.28
N TRP E 165 2.34 61.53 62.31
CA TRP E 165 2.60 61.08 63.68
C TRP E 165 1.68 59.92 64.07
N ASP E 166 0.41 60.01 63.71
CA ASP E 166 -0.53 58.93 64.01
C ASP E 166 -0.15 57.65 63.28
N ALA E 167 0.22 57.77 62.01
CA ALA E 167 0.61 56.59 61.24
C ALA E 167 1.87 55.95 61.82
N ALA E 168 2.82 56.79 62.26
CA ALA E 168 4.04 56.27 62.85
C ALA E 168 3.76 55.55 64.17
N ARG E 169 2.94 56.16 65.04
CA ARG E 169 2.73 55.55 66.35
C ARG E 169 1.84 54.31 66.25
N LYS E 170 0.89 54.30 65.33
CA LYS E 170 0.00 53.15 65.19
C LYS E 170 0.65 52.00 64.46
N ALA E 171 1.77 52.22 63.80
CA ALA E 171 2.40 51.20 62.98
C ALA E 171 2.91 50.05 63.84
N SER E 172 2.99 48.87 63.22
CA SER E 172 3.51 47.70 63.91
C SER E 172 5.01 47.82 64.09
N GLY E 173 5.52 47.14 65.11
CA GLY E 173 6.94 47.20 65.43
C GLY E 173 7.18 47.82 66.79
N ASP E 174 8.27 47.44 67.44
CA ASP E 174 8.59 47.95 68.76
C ASP E 174 9.68 49.00 68.77
N ILE E 175 10.40 49.18 67.66
CA ILE E 175 11.43 50.19 67.54
C ILE E 175 11.01 51.16 66.44
N LYS E 176 10.97 52.45 66.77
CA LYS E 176 10.57 53.48 65.82
C LYS E 176 11.53 54.65 65.93
N TYR E 177 11.67 55.39 64.83
CA TYR E 177 12.65 56.47 64.73
C TYR E 177 11.96 57.81 64.58
N VAL E 178 12.75 58.87 64.68
CA VAL E 178 12.31 60.24 64.43
C VAL E 178 13.46 60.97 63.76
N VAL E 179 13.25 61.40 62.51
CA VAL E 179 14.29 62.03 61.72
C VAL E 179 13.89 63.47 61.42
N CYS E 180 14.89 64.34 61.33
CA CYS E 180 14.71 65.74 60.97
C CYS E 180 15.39 65.99 59.62
N ASN E 181 14.70 66.70 58.73
CA ASN E 181 15.16 66.89 57.37
C ASN E 181 15.86 68.24 57.29
N ALA E 182 17.16 68.26 57.57
CA ALA E 182 17.90 69.52 57.65
C ALA E 182 18.84 69.72 56.46
N ASP E 183 18.63 68.99 55.36
CA ASP E 183 19.48 69.10 54.18
C ASP E 183 18.83 70.06 53.19
N GLU E 184 19.14 71.35 53.31
CA GLU E 184 18.64 72.33 52.35
C GLU E 184 19.33 72.17 51.01
N GLY E 185 18.72 71.41 50.10
CA GLY E 185 19.31 71.16 48.81
C GLY E 185 19.29 72.35 47.87
N ASP E 186 18.38 73.29 48.09
CA ASP E 186 18.25 74.44 47.22
C ASP E 186 19.27 75.50 47.60
N PRO E 187 20.21 75.85 46.72
CA PRO E 187 21.15 76.94 47.01
C PRO E 187 20.48 78.29 46.81
N GLY E 188 20.22 78.98 47.92
CA GLY E 188 19.50 80.24 47.88
C GLY E 188 18.47 80.34 48.98
N ALA E 189 18.11 79.19 49.55
CA ALA E 189 17.24 79.12 50.71
C ALA E 189 18.00 78.47 51.85
N PHE E 190 18.03 79.14 52.99
CA PHE E 190 18.81 78.68 54.14
C PHE E 190 18.02 78.85 55.43
N MET E 191 16.73 78.48 55.40
CA MET E 191 15.90 78.61 56.58
C MET E 191 16.28 77.58 57.64
N ASP E 192 16.42 76.31 57.24
CA ASP E 192 16.80 75.29 58.21
C ASP E 192 18.21 75.52 58.74
N ARG E 193 19.14 75.92 57.88
CA ARG E 193 20.49 76.23 58.36
C ARG E 193 20.46 77.37 59.35
N SER E 194 19.68 78.42 59.06
CA SER E 194 19.61 79.56 59.98
C SER E 194 18.98 79.16 61.31
N ILE E 195 17.93 78.33 61.27
CA ILE E 195 17.29 77.90 62.51
C ILE E 195 18.25 77.03 63.33
N LEU E 196 18.96 76.12 62.68
CA LEU E 196 19.93 75.29 63.39
C LEU E 196 21.06 76.13 63.98
N GLU E 197 21.51 77.15 63.24
CA GLU E 197 22.65 77.95 63.69
C GLU E 197 22.26 78.89 64.81
N GLY E 198 21.04 79.44 64.77
CA GLY E 198 20.64 80.45 65.72
C GLY E 198 19.90 79.91 66.94
N ASP E 199 18.90 79.06 66.71
CA ASP E 199 18.09 78.50 67.79
C ASP E 199 18.01 77.00 67.58
N PRO E 200 19.04 76.26 68.02
CA PRO E 200 19.06 74.81 67.77
C PRO E 200 18.30 73.98 68.79
N HIS E 201 17.63 74.61 69.77
CA HIS E 201 16.96 73.84 70.81
C HIS E 201 15.48 73.60 70.51
N ALA E 202 14.86 74.47 69.72
CA ALA E 202 13.48 74.21 69.32
C ALA E 202 13.40 72.93 68.50
N VAL E 203 14.42 72.68 67.68
CA VAL E 203 14.45 71.44 66.90
C VAL E 203 14.50 70.23 67.83
N LEU E 204 15.38 70.26 68.82
CA LEU E 204 15.50 69.14 69.74
C LEU E 204 14.21 68.93 70.51
N GLU E 205 13.60 70.01 70.99
CA GLU E 205 12.35 69.88 71.73
C GLU E 205 11.24 69.33 70.84
N GLY E 206 11.19 69.77 69.58
CA GLY E 206 10.19 69.25 68.66
C GLY E 206 10.37 67.76 68.40
N MET E 207 11.61 67.32 68.17
CA MET E 207 11.83 65.89 67.97
C MET E 207 11.53 65.09 69.23
N THR E 208 11.82 65.65 70.40
CA THR E 208 11.50 64.94 71.65
C THR E 208 10.00 64.79 71.81
N ILE E 209 9.23 65.85 71.54
CA ILE E 209 7.78 65.75 71.62
C ILE E 209 7.23 64.79 70.58
N ALA E 210 7.81 64.80 69.38
CA ALA E 210 7.38 63.87 68.34
C ALA E 210 7.67 62.43 68.73
N ALA E 211 8.83 62.18 69.35
CA ALA E 211 9.14 60.83 69.82
C ALA E 211 8.18 60.41 70.92
N TYR E 212 7.83 61.33 71.82
CA TYR E 212 6.86 60.99 72.86
C TYR E 212 5.51 60.65 72.26
N ALA E 213 5.07 61.43 71.26
CA ALA E 213 3.77 61.18 70.64
C ALA E 213 3.80 59.97 69.72
N ILE E 214 4.98 59.51 69.31
CA ILE E 214 5.12 58.40 68.39
C ILE E 214 5.51 57.12 69.11
N GLY E 215 6.48 57.20 70.02
CA GLY E 215 6.96 56.02 70.72
C GLY E 215 8.37 55.68 70.29
N ALA E 216 9.13 56.68 69.89
CA ALA E 216 10.49 56.49 69.42
C ALA E 216 11.48 56.48 70.59
N LYS E 217 12.61 55.83 70.38
CA LYS E 217 13.68 55.80 71.35
C LYS E 217 15.03 56.22 70.75
N GLU E 218 15.09 56.46 69.45
CA GLU E 218 16.29 56.94 68.77
C GLU E 218 15.92 58.07 67.84
N GLY E 219 16.88 58.94 67.58
CA GLY E 219 16.63 60.10 66.73
C GLY E 219 17.83 60.39 65.85
N TYR E 220 17.54 60.92 64.67
CA TYR E 220 18.56 61.26 63.69
C TYR E 220 18.29 62.64 63.13
N ILE E 221 19.35 63.42 62.96
CA ILE E 221 19.29 64.73 62.32
C ILE E 221 20.18 64.66 61.10
N TYR E 222 19.58 64.76 59.91
CA TYR E 222 20.35 64.72 58.66
C TYR E 222 20.73 66.14 58.30
N VAL E 223 21.90 66.56 58.74
CA VAL E 223 22.42 67.89 58.48
C VAL E 223 23.59 67.78 57.53
N ARG E 224 23.56 68.58 56.46
CA ARG E 224 24.61 68.53 55.46
C ARG E 224 25.97 68.83 56.09
N ALA E 225 27.00 68.11 55.66
CA ALA E 225 28.34 68.32 56.17
C ALA E 225 28.95 69.62 55.69
N GLU E 226 28.31 70.30 54.74
CA GLU E 226 28.77 71.61 54.28
C GLU E 226 28.36 72.74 55.20
N TYR E 227 27.61 72.45 56.26
CA TYR E 227 27.23 73.46 57.24
C TYR E 227 28.00 73.19 58.53
N PRO E 228 29.25 73.66 58.64
CA PRO E 228 30.05 73.29 59.82
C PRO E 228 29.60 74.01 61.08
N LEU E 229 29.27 75.30 60.99
CA LEU E 229 28.83 76.03 62.17
C LEU E 229 27.50 75.50 62.69
N ALA E 230 26.59 75.13 61.78
CA ALA E 230 25.34 74.52 62.20
C ALA E 230 25.59 73.21 62.93
N ILE E 231 26.50 72.39 62.42
CA ILE E 231 26.83 71.12 63.07
C ILE E 231 27.41 71.37 64.46
N LYS E 232 28.33 72.33 64.57
CA LYS E 232 28.94 72.64 65.85
C LYS E 232 27.89 73.10 66.87
N ARG E 233 27.01 74.00 66.45
CA ARG E 233 25.96 74.48 67.35
C ARG E 233 25.03 73.35 67.76
N LEU E 234 24.69 72.46 66.81
CA LEU E 234 23.81 71.35 67.14
C LEU E 234 24.45 70.40 68.15
N GLU E 235 25.73 70.08 67.97
CA GLU E 235 26.40 69.20 68.93
C GLU E 235 26.50 69.86 70.30
N ILE E 236 26.80 71.16 70.35
CA ILE E 236 26.88 71.85 71.63
C ILE E 236 25.52 71.83 72.32
N ALA E 237 24.45 72.10 71.57
CA ALA E 237 23.11 72.11 72.15
C ALA E 237 22.72 70.72 72.64
N ILE E 238 23.07 69.69 71.88
CA ILE E 238 22.72 68.32 72.28
C ILE E 238 23.44 67.94 73.56
N GLU E 239 24.74 68.27 73.65
CA GLU E 239 25.48 67.96 74.88
C GLU E 239 24.91 68.71 76.07
N GLN E 240 24.60 70.00 75.89
CA GLN E 240 24.04 70.77 76.99
C GLN E 240 22.68 70.23 77.42
N ALA E 241 21.84 69.87 76.46
CA ALA E 241 20.53 69.31 76.78
C ALA E 241 20.65 67.98 77.50
N ARG E 242 21.64 67.16 77.11
CA ARG E 242 21.88 65.91 77.82
C ARG E 242 22.40 66.18 79.24
N ASN E 243 23.11 67.28 79.44
CA ASN E 243 23.57 67.62 80.79
C ASN E 243 22.39 67.92 81.72
N ARG E 244 21.38 68.63 81.23
CA ARG E 244 20.24 69.04 82.03
C ARG E 244 19.16 67.97 82.13
N ASN E 245 19.44 66.75 81.67
CA ASN E 245 18.48 65.65 81.66
C ASN E 245 17.26 65.97 80.81
N LEU E 246 17.40 66.88 79.85
CA LEU E 246 16.35 67.17 78.89
C LEU E 246 16.46 66.33 77.64
N LEU E 247 17.46 65.44 77.57
CA LEU E 247 17.62 64.51 76.48
C LEU E 247 18.30 63.26 77.03
N GLY E 248 18.23 62.19 76.25
CA GLY E 248 18.79 60.92 76.66
C GLY E 248 17.78 60.06 77.38
N ASN E 249 18.31 59.02 78.04
CA ASN E 249 17.46 58.12 78.80
C ASN E 249 16.94 58.81 80.06
N ASN E 250 15.70 58.50 80.43
CA ASN E 250 15.07 59.03 81.64
C ASN E 250 15.04 60.55 81.63
N ILE E 251 14.30 61.10 80.67
CA ILE E 251 14.13 62.55 80.57
C ILE E 251 13.25 63.02 81.71
N LEU E 252 13.74 63.99 82.49
CA LEU E 252 12.99 64.60 83.58
C LEU E 252 12.44 63.57 84.55
N ASN E 253 13.24 62.54 84.83
CA ASN E 253 12.91 61.52 85.82
C ASN E 253 11.60 60.79 85.49
N THR E 254 11.40 60.49 84.22
CA THR E 254 10.29 59.67 83.76
C THR E 254 10.84 58.47 83.00
N ASN E 255 9.93 57.58 82.61
CA ASN E 255 10.33 56.42 81.81
C ASN E 255 10.65 56.77 80.38
N PHE E 256 10.36 57.99 79.94
CA PHE E 256 10.60 58.38 78.56
C PHE E 256 12.09 58.50 78.28
N SER E 257 12.53 57.92 77.16
CA SER E 257 13.92 57.97 76.74
C SER E 257 13.99 58.34 75.27
N PHE E 258 14.91 59.25 74.94
CA PHE E 258 15.08 59.70 73.56
C PHE E 258 16.46 60.30 73.41
N ASP E 259 17.21 59.82 72.40
CA ASP E 259 18.55 60.30 72.13
C ASP E 259 18.67 60.65 70.65
N ILE E 260 19.53 61.62 70.35
CA ILE E 260 19.66 62.18 69.01
C ILE E 260 21.10 62.01 68.54
N LYS E 261 21.25 61.52 67.31
CA LYS E 261 22.54 61.41 66.65
C LYS E 261 22.52 62.23 65.37
N LEU E 262 23.69 62.75 64.99
CA LEU E 262 23.83 63.56 63.80
C LEU E 262 24.33 62.72 62.64
N LYS E 263 23.70 62.88 61.48
CA LYS E 263 24.16 62.28 60.24
C LYS E 263 24.57 63.41 59.28
N LYS E 264 25.74 63.27 58.67
CA LYS E 264 26.29 64.27 57.78
C LYS E 264 26.16 63.78 56.35
N GLY E 265 25.32 64.44 55.57
CA GLY E 265 25.17 64.08 54.17
C GLY E 265 26.30 64.67 53.33
N ALA E 266 26.73 63.89 52.34
CA ALA E 266 27.81 64.33 51.47
C ALA E 266 27.42 65.53 50.62
N GLY E 267 26.13 65.77 50.46
CA GLY E 267 25.66 66.92 49.69
C GLY E 267 25.10 66.54 48.34
N ALA E 268 23.76 66.48 48.26
CA ALA E 268 23.09 66.20 47.00
C ALA E 268 21.66 66.70 47.11
N PHE E 269 21.13 67.24 46.02
CA PHE E 269 19.77 67.74 46.02
C PHE E 269 18.78 66.61 46.25
N VAL E 270 18.99 65.47 45.60
CA VAL E 270 18.05 64.36 45.73
C VAL E 270 18.14 63.69 47.10
N CYS E 271 19.27 63.80 47.79
CA CYS E 271 19.37 63.19 49.12
C CYS E 271 18.45 63.86 50.13
N GLY E 272 17.95 65.05 49.82
CA GLY E 272 16.96 65.69 50.67
C GLY E 272 15.60 65.03 50.60
N GLU E 273 15.33 64.28 49.54
CA GLU E 273 14.10 63.52 49.45
C GLU E 273 14.00 62.55 50.63
N GLU E 274 12.79 62.40 51.14
CA GLU E 274 12.51 61.48 52.25
C GLU E 274 13.18 60.13 52.03
N THR E 275 12.81 59.45 50.94
CA THR E 275 13.25 58.07 50.75
C THR E 275 14.74 58.00 50.41
N ALA E 276 15.24 58.95 49.62
CA ALA E 276 16.67 58.99 49.36
C ALA E 276 17.46 59.31 50.62
N LEU E 277 16.88 60.13 51.50
CA LEU E 277 17.50 60.37 52.80
C LEU E 277 17.56 59.09 53.62
N ILE E 278 16.48 58.30 53.58
CA ILE E 278 16.47 57.02 54.28
C ILE E 278 17.56 56.12 53.74
N ALA E 279 17.72 56.08 52.42
CA ALA E 279 18.77 55.27 51.81
C ALA E 279 20.16 55.77 52.22
N SER E 280 20.36 57.09 52.23
CA SER E 280 21.65 57.65 52.58
C SER E 280 22.00 57.35 54.03
N ILE E 281 21.03 57.47 54.94
CA ILE E 281 21.27 57.09 56.33
C ILE E 281 21.58 55.61 56.43
N GLU E 282 20.88 54.79 55.63
CA GLU E 282 21.17 53.35 55.60
C GLU E 282 22.56 53.05 55.06
N GLY E 283 23.21 54.02 54.42
CA GLY E 283 24.55 53.84 53.93
C GLY E 283 24.69 53.49 52.46
N GLU E 284 23.69 53.77 51.64
CA GLU E 284 23.74 53.52 50.21
C GLU E 284 23.64 54.86 49.48
N ARG E 285 23.65 54.80 48.15
CA ARG E 285 23.49 56.00 47.36
C ARG E 285 22.05 56.50 47.43
N GLY E 286 21.89 57.80 47.22
CA GLY E 286 20.59 58.42 47.38
C GLY E 286 19.67 58.25 46.18
N MET E 287 19.14 57.04 46.02
CA MET E 287 18.19 56.76 44.95
C MET E 287 16.80 56.61 45.55
N PRO E 288 15.87 57.54 45.31
CA PRO E 288 14.53 57.41 45.88
C PRO E 288 13.85 56.13 45.44
N ARG E 289 13.24 55.45 46.40
CA ARG E 289 12.49 54.23 46.15
C ARG E 289 11.01 54.60 45.97
N LEU E 290 10.16 53.58 45.90
CA LEU E 290 8.74 53.83 45.69
C LEU E 290 8.09 54.38 46.95
N LYS E 291 7.09 55.23 46.75
CA LYS E 291 6.40 55.95 47.82
C LYS E 291 5.33 55.15 48.56
N PRO E 292 4.49 54.34 47.90
CA PRO E 292 3.33 53.75 48.59
C PRO E 292 3.71 53.01 49.86
N PRO E 293 4.87 52.30 49.90
CA PRO E 293 5.39 51.90 51.22
C PRO E 293 5.96 53.12 51.92
N PHE E 294 5.24 53.62 52.90
CA PHE E 294 5.62 54.93 53.39
C PHE E 294 6.60 54.82 54.55
N PRO E 295 7.45 55.84 54.74
CA PRO E 295 8.37 55.82 55.88
C PRO E 295 7.67 55.73 57.22
N ALA E 296 6.48 56.32 57.35
CA ALA E 296 5.70 56.14 58.57
C ALA E 296 5.28 54.70 58.77
N GLN E 297 5.24 53.90 57.71
CA GLN E 297 4.91 52.49 57.80
C GLN E 297 6.13 51.59 57.70
N SER E 298 7.11 51.95 56.87
CA SER E 298 8.36 51.19 56.78
C SER E 298 9.43 52.13 56.25
N GLY E 299 10.29 52.61 57.14
CA GLY E 299 11.31 53.56 56.75
C GLY E 299 12.73 53.05 56.91
N LEU E 300 13.45 53.58 57.89
CA LEU E 300 14.83 53.19 58.12
C LEU E 300 14.89 51.75 58.62
N TRP E 301 15.60 50.89 57.87
CA TRP E 301 15.81 49.50 58.24
C TRP E 301 14.50 48.75 58.47
N GLY E 302 13.43 49.18 57.79
CA GLY E 302 12.15 48.54 57.91
C GLY E 302 11.34 48.95 59.13
N ARG E 303 11.86 49.84 59.97
CA ARG E 303 11.11 50.28 61.14
C ARG E 303 10.45 51.62 60.85
N PRO E 304 9.26 51.85 61.42
CA PRO E 304 8.54 53.09 61.13
C PRO E 304 9.32 54.32 61.57
N THR E 305 9.48 55.26 60.64
CA THR E 305 10.18 56.50 60.91
C THR E 305 9.28 57.68 60.56
N ASN E 306 9.48 58.78 61.27
CA ASN E 306 8.76 60.03 61.02
C ASN E 306 9.77 61.08 60.58
N ILE E 307 9.66 61.52 59.34
CA ILE E 307 10.60 62.47 58.76
C ILE E 307 9.87 63.79 58.59
N ASN E 308 10.40 64.84 59.21
CA ASN E 308 9.79 66.16 59.17
C ASN E 308 10.87 67.21 58.98
N ASN E 309 10.46 68.37 58.49
CA ASN E 309 11.37 69.48 58.26
C ASN E 309 11.79 70.11 59.59
N VAL E 310 12.78 70.99 59.51
CA VAL E 310 13.21 71.73 60.68
C VAL E 310 12.10 72.68 61.15
N GLU E 311 11.42 73.33 60.21
CA GLU E 311 10.45 74.37 60.56
C GLU E 311 9.25 73.79 61.30
N THR E 312 8.74 72.65 60.87
CA THR E 312 7.60 72.06 61.57
C THR E 312 7.98 71.58 62.97
N TYR E 313 9.18 71.02 63.11
CA TYR E 313 9.66 70.64 64.44
C TYR E 313 9.83 71.86 65.33
N ALA E 314 10.24 72.99 64.76
CA ALA E 314 10.34 74.22 65.52
C ALA E 314 8.96 74.77 65.89
N ASN E 315 7.97 74.55 65.03
CA ASN E 315 6.62 75.02 65.31
C ASN E 315 5.94 74.18 66.38
N VAL E 316 6.34 72.92 66.53
CA VAL E 316 5.65 72.04 67.48
C VAL E 316 5.67 72.55 68.91
N PRO E 317 6.83 72.93 69.49
CA PRO E 317 6.80 73.39 70.90
C PRO E 317 5.94 74.61 71.13
N TRP E 318 5.93 75.56 70.19
CA TRP E 318 5.06 76.72 70.31
C TRP E 318 3.60 76.31 70.31
N ILE E 319 3.25 75.34 69.45
CA ILE E 319 1.89 74.81 69.43
C ILE E 319 1.54 74.21 70.78
N ILE E 320 2.46 73.46 71.37
CA ILE E 320 2.16 72.79 72.64
C ILE E 320 2.01 73.81 73.76
N THR E 321 2.89 74.83 73.81
CA THR E 321 2.86 75.75 74.93
C THR E 321 1.78 76.82 74.80
N ASN E 322 1.33 77.11 73.57
CA ASN E 322 0.27 78.10 73.38
C ASN E 322 -1.07 77.48 73.03
N GLY E 323 -1.12 76.18 72.77
CA GLY E 323 -2.37 75.53 72.41
C GLY E 323 -2.60 75.52 70.92
N GLY E 324 -3.36 74.51 70.47
CA GLY E 324 -3.67 74.42 69.05
C GLY E 324 -4.53 75.55 68.55
N LYS E 325 -5.45 76.05 69.38
CA LYS E 325 -6.35 77.11 68.95
C LYS E 325 -5.59 78.37 68.58
N ALA E 326 -4.58 78.73 69.36
CA ALA E 326 -3.81 79.94 69.07
C ALA E 326 -3.09 79.82 67.73
N PHE E 327 -2.50 78.66 67.45
CA PHE E 327 -1.84 78.46 66.16
C PHE E 327 -2.84 78.47 65.02
N ALA E 328 -4.02 77.86 65.22
CA ALA E 328 -5.02 77.78 64.17
C ALA E 328 -5.61 79.13 63.81
N SER E 329 -5.42 80.15 64.65
CA SER E 329 -5.96 81.46 64.37
C SER E 329 -5.11 82.27 63.40
N LEU E 330 -3.96 81.75 62.98
CA LEU E 330 -3.08 82.42 62.04
C LEU E 330 -3.10 81.69 60.71
N GLY E 331 -3.35 82.43 59.64
CA GLY E 331 -3.34 81.88 58.30
C GLY E 331 -4.73 81.68 57.73
N THR E 332 -4.75 81.19 56.49
CA THR E 332 -6.00 80.95 55.79
C THR E 332 -6.71 79.73 56.38
N GLU E 333 -7.87 79.41 55.82
CA GLU E 333 -8.63 78.26 56.30
C GLU E 333 -7.96 76.95 55.92
N LYS E 334 -7.44 76.87 54.69
CA LYS E 334 -6.77 75.64 54.25
C LYS E 334 -5.48 75.41 55.02
N SER E 335 -4.63 76.43 55.11
CA SER E 335 -3.32 76.33 55.73
C SER E 335 -3.24 77.24 56.94
N LYS E 336 -2.86 76.68 58.08
CA LYS E 336 -2.73 77.41 59.33
C LYS E 336 -1.28 77.75 59.60
N GLY E 337 -1.07 78.78 60.42
CA GLY E 337 0.26 79.08 60.91
C GLY E 337 1.02 80.08 60.05
N THR E 338 2.34 80.08 60.25
CA THR E 338 3.25 80.99 59.59
C THR E 338 4.29 80.20 58.79
N LYS E 339 4.85 80.85 57.77
CA LYS E 339 5.82 80.22 56.88
C LYS E 339 7.03 81.12 56.70
N VAL E 340 8.19 80.49 56.53
CA VAL E 340 9.46 81.19 56.38
C VAL E 340 9.85 81.20 54.92
N PHE E 341 10.23 82.38 54.42
CA PHE E 341 10.63 82.57 53.03
C PHE E 341 11.98 83.28 52.99
N ALA E 342 12.71 83.07 51.89
CA ALA E 342 14.02 83.66 51.69
C ALA E 342 13.94 84.57 50.47
N LEU E 343 13.71 85.86 50.72
CA LEU E 343 13.70 86.83 49.63
C LEU E 343 15.11 87.06 49.11
N ALA E 344 15.25 87.01 47.78
CA ALA E 344 16.53 87.22 47.13
C ALA E 344 16.27 87.85 45.77
N GLY E 345 17.28 87.81 44.90
CA GLY E 345 17.13 88.37 43.57
C GLY E 345 17.16 89.89 43.54
N LYS E 346 16.31 90.49 42.72
CA LYS E 346 16.28 91.94 42.54
C LYS E 346 15.45 92.65 43.60
N ILE E 347 15.19 92.02 44.75
CA ILE E 347 14.47 92.68 45.82
C ILE E 347 15.38 93.68 46.52
N LYS E 348 14.76 94.67 47.17
CA LYS E 348 15.54 95.71 47.82
C LYS E 348 16.20 95.21 49.09
N ARG E 349 15.49 94.41 49.88
CA ARG E 349 16.00 93.89 51.15
C ARG E 349 15.77 92.38 51.19
N GLY E 350 16.81 91.61 50.86
CA GLY E 350 16.71 90.17 50.95
C GLY E 350 16.85 89.67 52.37
N GLY E 351 16.66 88.36 52.54
CA GLY E 351 16.80 87.72 53.82
C GLY E 351 15.61 86.86 54.15
N LEU E 352 15.55 86.43 55.41
CA LEU E 352 14.49 85.53 55.87
C LEU E 352 13.33 86.34 56.44
N VAL E 353 12.12 85.95 56.06
CA VAL E 353 10.90 86.58 56.56
C VAL E 353 9.93 85.49 56.98
N GLU E 354 9.34 85.64 58.16
CA GLU E 354 8.36 84.69 58.66
C GLU E 354 6.98 85.35 58.61
N VAL E 355 6.21 85.03 57.58
CA VAL E 355 4.97 85.73 57.30
C VAL E 355 3.79 84.81 57.54
N PRO E 356 2.62 85.34 57.92
CA PRO E 356 1.44 84.48 58.03
C PRO E 356 1.04 83.96 56.66
N MET E 357 0.49 82.74 56.66
CA MET E 357 -0.07 82.20 55.43
C MET E 357 -1.30 82.99 55.02
N GLY E 358 -1.42 83.26 53.73
CA GLY E 358 -2.51 84.06 53.21
C GLY E 358 -2.17 85.51 52.99
N MET E 359 -1.00 85.96 53.43
CA MET E 359 -0.56 87.31 53.13
C MET E 359 -0.16 87.41 51.66
N SER E 360 -0.65 88.43 50.97
CA SER E 360 -0.47 88.53 49.53
C SER E 360 1.00 88.65 49.18
N LEU E 361 1.38 88.06 48.04
CA LEU E 361 2.75 88.13 47.58
C LEU E 361 3.17 89.57 47.28
N ARG E 362 2.21 90.42 46.88
CA ARG E 362 2.52 91.83 46.66
C ARG E 362 2.98 92.49 47.94
N GLU E 363 2.35 92.16 49.07
CA GLU E 363 2.77 92.71 50.36
C GLU E 363 4.18 92.27 50.71
N VAL E 364 4.51 90.99 50.47
CA VAL E 364 5.86 90.51 50.76
C VAL E 364 6.89 91.20 49.87
N ILE E 365 6.58 91.34 48.58
CA ILE E 365 7.54 91.89 47.64
C ILE E 365 7.77 93.37 47.92
N TYR E 366 6.69 94.14 48.10
CA TYR E 366 6.80 95.59 48.22
C TYR E 366 6.95 96.03 49.68
N ASN E 367 5.98 95.68 50.52
CA ASN E 367 5.98 96.18 51.89
C ASN E 367 7.16 95.63 52.69
N ILE E 368 7.41 94.33 52.59
CA ILE E 368 8.47 93.71 53.38
C ILE E 368 9.79 93.72 52.62
N GLY E 369 9.78 93.28 51.36
CA GLY E 369 11.00 93.26 50.57
C GLY E 369 11.54 94.63 50.21
N GLY E 370 10.73 95.67 50.37
CA GLY E 370 11.17 97.02 50.06
C GLY E 370 11.04 97.41 48.60
N GLY E 371 10.39 96.60 47.79
CA GLY E 371 10.26 96.90 46.37
C GLY E 371 11.43 96.38 45.57
N ILE E 372 11.33 96.59 44.25
CA ILE E 372 12.35 96.12 43.33
C ILE E 372 13.55 97.05 43.40
N LYS E 373 14.75 96.48 43.30
CA LYS E 373 15.96 97.28 43.31
C LYS E 373 16.02 98.17 42.08
N ASP E 374 16.48 99.41 42.28
CA ASP E 374 16.59 100.43 41.24
C ASP E 374 15.23 100.85 40.68
N ASP E 375 14.15 100.50 41.39
CA ASP E 375 12.80 100.93 41.03
C ASP E 375 12.42 100.52 39.61
N LYS E 376 12.83 99.32 39.21
CA LYS E 376 12.46 98.79 37.91
C LYS E 376 11.17 97.99 38.01
N ALA E 377 10.57 97.74 36.84
CA ALA E 377 9.32 97.00 36.79
C ALA E 377 9.52 95.58 37.30
N PHE E 378 8.48 95.03 37.92
CA PHE E 378 8.53 93.71 38.54
C PHE E 378 7.92 92.69 37.57
N LYS E 379 8.75 91.80 37.03
CA LYS E 379 8.27 90.91 35.99
C LYS E 379 7.70 89.61 36.55
N ALA E 380 8.50 88.86 37.30
CA ALA E 380 8.04 87.58 37.82
C ALA E 380 8.83 87.21 39.06
N VAL E 381 8.28 86.28 39.83
CA VAL E 381 8.94 85.68 40.99
C VAL E 381 9.13 84.20 40.72
N GLN E 382 10.36 83.73 40.79
CA GLN E 382 10.68 82.31 40.65
C GLN E 382 10.65 81.74 42.08
N MET E 383 9.48 81.31 42.50
CA MET E 383 9.28 80.84 43.86
C MET E 383 9.27 79.32 43.90
N GLY E 384 9.87 78.75 44.93
CA GLY E 384 9.95 77.31 45.11
C GLY E 384 11.35 76.75 44.92
N GLY E 385 12.23 77.50 44.26
CA GLY E 385 13.56 77.03 43.99
C GLY E 385 13.73 76.58 42.56
N PRO E 386 14.75 75.77 42.28
CA PRO E 386 14.93 75.26 40.91
C PRO E 386 13.78 74.41 40.43
N SER E 387 13.00 73.82 41.33
CA SER E 387 11.81 73.07 40.97
C SER E 387 10.54 73.87 41.20
N GLY E 388 10.65 75.19 41.34
CA GLY E 388 9.51 76.05 41.52
C GLY E 388 8.98 76.59 40.20
N GLY E 389 8.24 77.69 40.29
CA GLY E 389 7.63 78.27 39.12
C GLY E 389 7.75 79.77 39.12
N CYS E 390 7.54 80.34 37.92
CA CYS E 390 7.63 81.78 37.69
C CYS E 390 6.23 82.36 37.74
N ILE E 391 5.83 82.81 38.91
CA ILE E 391 4.55 83.52 39.06
C ILE E 391 4.68 84.91 38.46
N PRO E 392 3.80 85.31 37.54
CA PRO E 392 4.01 86.54 36.78
C PRO E 392 3.56 87.78 37.56
N ALA E 393 3.62 88.92 36.88
CA ALA E 393 3.35 90.20 37.52
C ALA E 393 1.87 90.34 37.89
N ASP E 394 0.97 89.91 37.01
CA ASP E 394 -0.45 90.10 37.26
C ASP E 394 -0.99 89.24 38.39
N LEU E 395 -0.34 88.10 38.67
CA LEU E 395 -0.71 87.25 39.80
C LEU E 395 0.05 87.60 41.07
N ILE E 396 0.48 88.85 41.21
CA ILE E 396 1.22 89.26 42.41
C ILE E 396 0.33 89.26 43.64
N ASP E 397 -0.99 89.24 43.47
CA ASP E 397 -1.92 89.30 44.59
C ASP E 397 -2.38 87.95 45.07
N THR E 398 -1.85 86.86 44.53
CA THR E 398 -2.24 85.53 45.02
C THR E 398 -1.68 85.34 46.42
N PRO E 399 -2.50 84.91 47.38
CA PRO E 399 -2.02 84.80 48.76
C PRO E 399 -0.98 83.71 48.91
N VAL E 400 -0.14 83.86 49.93
CA VAL E 400 0.83 82.84 50.28
C VAL E 400 0.08 81.69 50.93
N ASP E 401 0.07 80.54 50.27
CA ASP E 401 -0.67 79.36 50.73
C ASP E 401 -0.30 78.21 49.82
N TYR E 402 -0.31 76.99 50.38
CA TYR E 402 -0.02 75.82 49.58
C TYR E 402 -0.94 75.72 48.37
N GLU E 403 -2.25 75.79 48.61
CA GLU E 403 -3.22 75.65 47.51
C GLU E 403 -3.16 76.84 46.57
N SER E 404 -3.07 78.06 47.11
CA SER E 404 -3.08 79.24 46.25
C SER E 404 -1.83 79.31 45.38
N ILE E 405 -0.68 78.91 45.92
CA ILE E 405 0.54 78.90 45.12
C ILE E 405 0.50 77.76 44.11
N THR E 406 0.04 76.58 44.52
CA THR E 406 0.01 75.44 43.62
C THR E 406 -0.95 75.66 42.46
N LYS E 407 -2.05 76.37 42.72
CA LYS E 407 -2.99 76.68 41.65
C LYS E 407 -2.37 77.53 40.56
N THR E 408 -1.28 78.24 40.85
CA THR E 408 -0.54 78.97 39.82
C THR E 408 0.52 78.11 39.14
N GLY E 409 0.66 76.85 39.55
CA GLY E 409 1.63 75.96 38.93
C GLY E 409 2.87 75.80 39.77
N ALA E 410 3.32 76.88 40.39
CA ALA E 410 4.52 76.84 41.22
C ALA E 410 4.28 76.03 42.49
N ILE E 411 5.36 75.75 43.20
CA ILE E 411 5.31 75.00 44.43
C ILE E 411 5.97 75.82 45.53
N MET E 412 5.58 75.55 46.78
CA MET E 412 6.18 76.25 47.90
C MET E 412 7.66 75.90 48.03
N GLY E 413 7.99 74.62 47.93
CA GLY E 413 9.37 74.19 47.85
C GLY E 413 10.19 74.66 49.04
N SER E 414 11.35 75.24 48.75
CA SER E 414 12.24 75.76 49.76
C SER E 414 11.93 77.20 50.14
N GLY E 415 10.79 77.73 49.73
CA GLY E 415 10.40 79.07 50.07
C GLY E 415 11.32 80.13 49.50
N GLY E 416 12.15 79.75 48.53
CA GLY E 416 13.10 80.68 47.96
C GLY E 416 12.51 81.48 46.82
N MET E 417 12.10 82.71 47.10
CA MET E 417 11.48 83.56 46.10
C MET E 417 12.56 84.44 45.47
N ILE E 418 12.75 84.30 44.16
CA ILE E 418 13.77 85.04 43.43
C ILE E 418 13.05 86.14 42.66
N VAL E 419 12.99 87.34 43.25
CA VAL E 419 12.35 88.46 42.61
C VAL E 419 13.15 88.86 41.38
N MET E 420 12.45 89.18 40.29
CA MET E 420 13.10 89.48 39.03
C MET E 420 12.41 90.66 38.34
N ASP E 421 13.24 91.50 37.73
CA ASP E 421 12.76 92.72 37.08
C ASP E 421 12.46 92.42 35.60
N GLU E 422 12.13 93.46 34.84
CA GLU E 422 11.74 93.29 33.45
C GLU E 422 12.91 93.03 32.51
N THR E 423 14.14 93.24 32.96
CA THR E 423 15.29 93.02 32.11
C THR E 423 15.70 91.55 32.05
N THR E 424 15.11 90.70 32.88
CA THR E 424 15.47 89.30 32.90
C THR E 424 14.70 88.52 31.84
N CYS E 425 15.41 87.68 31.09
CA CYS E 425 14.82 86.89 30.02
C CYS E 425 14.30 85.57 30.58
N MET E 426 13.06 85.23 30.24
CA MET E 426 12.42 84.07 30.84
C MET E 426 13.02 82.76 30.34
N VAL E 427 13.43 82.71 29.08
CA VAL E 427 13.97 81.47 28.53
C VAL E 427 15.25 81.07 29.26
N ASP E 428 16.13 82.05 29.51
CA ASP E 428 17.37 81.77 30.21
C ASP E 428 17.11 81.32 31.64
N ILE E 429 16.14 81.94 32.30
CA ILE E 429 15.81 81.58 33.67
C ILE E 429 15.31 80.14 33.75
N ALA E 430 14.41 79.77 32.84
CA ALA E 430 13.92 78.40 32.80
C ALA E 430 15.05 77.43 32.52
N ARG E 431 15.93 77.79 31.58
CA ARG E 431 17.07 76.89 31.23
C ARG E 431 17.97 76.72 32.46
N PHE E 432 18.28 77.82 33.16
CA PHE E 432 19.20 77.75 34.33
C PHE E 432 18.58 76.87 35.41
N PHE E 433 17.32 77.09 35.75
CA PHE E 433 16.68 76.33 36.85
C PHE E 433 16.44 74.89 36.39
N LEU E 434 16.50 74.63 35.08
CA LEU E 434 16.35 73.27 34.58
C LEU E 434 17.71 72.58 34.43
N GLU E 435 18.76 73.34 34.16
CA GLU E 435 20.11 72.77 34.12
C GLU E 435 20.51 72.21 35.47
N PHE E 436 20.23 72.95 36.54
CA PHE E 436 20.53 72.47 37.89
C PHE E 436 19.75 71.20 38.19
N THR E 437 18.47 71.19 37.83
CA THR E 437 17.63 70.03 38.09
C THR E 437 18.11 68.80 37.31
N CYS E 438 18.50 69.00 36.05
CA CYS E 438 19.04 67.89 35.25
C CYS E 438 20.35 67.39 35.84
N LYS E 439 21.19 68.29 36.33
CA LYS E 439 22.44 67.86 36.94
C LYS E 439 22.20 67.13 38.26
N GLU E 440 21.11 67.44 38.95
CA GLU E 440 20.86 66.89 40.29
C GLU E 440 19.98 65.64 40.27
N SER E 441 19.59 65.15 39.10
CA SER E 441 18.79 63.94 39.04
C SER E 441 19.66 62.72 39.31
N CYS E 442 19.08 61.74 40.03
CA CYS E 442 19.82 60.52 40.34
C CYS E 442 19.90 59.55 39.17
N GLY E 443 19.01 59.67 38.19
CA GLY E 443 19.10 58.89 36.98
C GLY E 443 18.44 57.54 36.99
N LYS E 444 17.51 57.30 37.91
CA LYS E 444 16.88 55.98 37.99
C LYS E 444 15.88 55.77 36.85
N CYS E 445 14.86 56.63 36.77
CA CYS E 445 13.80 56.44 35.79
C CYS E 445 14.06 57.26 34.53
N THR E 446 13.57 56.74 33.40
CA THR E 446 13.89 57.33 32.11
C THR E 446 13.30 58.73 31.95
N TYR E 447 12.10 58.98 32.48
CA TYR E 447 11.44 60.27 32.24
C TYR E 447 12.24 61.43 32.82
N CYS E 448 12.84 61.23 34.00
CA CYS E 448 13.63 62.30 34.61
C CYS E 448 15.08 62.28 34.17
N ARG E 449 15.65 61.10 33.91
CA ARG E 449 17.08 61.02 33.61
C ARG E 449 17.40 61.62 32.25
N VAL E 450 16.65 61.25 31.22
CA VAL E 450 16.91 61.72 29.88
C VAL E 450 15.92 62.78 29.42
N GLY E 451 14.68 62.78 29.95
CA GLY E 451 13.72 63.81 29.56
C GLY E 451 14.19 65.20 29.93
N THR E 452 14.76 65.35 31.13
CA THR E 452 15.26 66.66 31.54
C THR E 452 16.40 67.12 30.64
N ARG E 453 17.27 66.20 30.22
CA ARG E 453 18.33 66.57 29.30
C ARG E 453 17.78 67.01 27.95
N ARG E 454 16.76 66.31 27.44
CA ARG E 454 16.15 66.71 26.18
C ARG E 454 15.50 68.08 26.29
N MET E 455 14.83 68.35 27.41
CA MET E 455 14.26 69.68 27.63
C MET E 455 15.34 70.74 27.70
N LEU E 456 16.46 70.43 28.35
CA LEU E 456 17.57 71.38 28.41
C LEU E 456 18.13 71.66 27.02
N GLU E 457 18.26 70.63 26.19
CA GLU E 457 18.73 70.83 24.82
C GLU E 457 17.74 71.65 24.01
N ILE E 458 16.44 71.41 24.20
CA ILE E 458 15.43 72.19 23.48
C ILE E 458 15.49 73.65 23.90
N LEU E 459 15.65 73.91 25.19
CA LEU E 459 15.79 75.29 25.66
C LEU E 459 17.05 75.93 25.11
N ASP E 460 18.14 75.17 25.04
CA ASP E 460 19.37 75.70 24.44
C ASP E 460 19.15 76.08 22.98
N ARG E 461 18.48 75.22 22.23
CA ARG E 461 18.21 75.52 20.82
C ARG E 461 17.30 76.73 20.68
N ILE E 462 16.32 76.87 21.57
CA ILE E 462 15.42 78.01 21.53
C ILE E 462 16.18 79.30 21.81
N CYS E 463 17.01 79.30 22.85
CA CYS E 463 17.72 80.51 23.25
C CYS E 463 18.77 80.91 22.23
N ASN E 464 19.48 79.92 21.66
CA ASN E 464 20.47 80.23 20.64
C ASN E 464 19.85 80.63 19.31
N GLY E 465 18.54 80.50 19.15
CA GLY E 465 17.88 80.80 17.90
C GLY E 465 17.95 79.70 16.87
N GLU E 466 18.64 78.61 17.16
CA GLU E 466 18.81 77.51 16.23
C GLU E 466 17.70 76.47 16.33
N GLY E 467 16.68 76.71 17.15
CA GLY E 467 15.61 75.75 17.30
C GLY E 467 14.80 75.60 16.02
N ARG E 468 14.34 74.38 15.78
CA ARG E 468 13.60 74.07 14.56
C ARG E 468 12.15 74.52 14.73
N ASP E 469 11.28 74.08 13.83
CA ASP E 469 9.85 74.29 14.01
C ASP E 469 9.28 73.24 14.95
N GLY E 470 8.13 73.57 15.54
CA GLY E 470 7.49 72.65 16.47
C GLY E 470 8.20 72.49 17.79
N ASP E 471 9.04 73.45 18.18
CA ASP E 471 9.79 73.32 19.42
C ASP E 471 8.90 73.60 20.63
N LEU E 472 7.94 74.51 20.51
CA LEU E 472 7.11 74.86 21.66
C LEU E 472 6.17 73.71 22.02
N GLU E 473 5.48 73.15 21.03
CA GLU E 473 4.58 72.03 21.30
C GLU E 473 5.34 70.82 21.80
N LEU E 474 6.49 70.52 21.18
CA LEU E 474 7.29 69.38 21.62
C LEU E 474 7.81 69.59 23.04
N LEU E 475 8.25 70.81 23.36
CA LEU E 475 8.72 71.09 24.71
C LEU E 475 7.60 70.96 25.73
N GLU E 476 6.41 71.46 25.40
CA GLU E 476 5.28 71.34 26.31
C GLU E 476 4.90 69.88 26.55
N GLU E 477 4.85 69.10 25.47
CA GLU E 477 4.51 67.68 25.60
C GLU E 477 5.59 66.94 26.40
N LEU E 478 6.86 67.25 26.15
CA LEU E 478 7.93 66.63 26.92
C LEU E 478 7.84 66.99 28.39
N ALA E 479 7.53 68.25 28.70
CA ALA E 479 7.44 68.67 30.10
C ALA E 479 6.27 67.98 30.80
N VAL E 480 5.12 67.88 30.12
CA VAL E 480 3.98 67.27 30.80
C VAL E 480 4.15 65.75 30.89
N SER E 481 4.95 65.17 29.99
CA SER E 481 5.22 63.73 30.11
C SER E 481 6.23 63.45 31.21
N VAL E 482 7.23 64.32 31.36
CA VAL E 482 8.19 64.17 32.45
C VAL E 482 7.51 64.38 33.80
N LYS E 483 6.62 65.37 33.89
CA LYS E 483 5.96 65.68 35.15
C LYS E 483 5.04 64.54 35.59
N ASP E 484 4.34 63.92 34.65
CA ASP E 484 3.38 62.87 34.97
C ASP E 484 3.97 61.47 34.86
N GLY E 485 5.27 61.34 34.62
CA GLY E 485 5.86 60.03 34.46
C GLY E 485 7.03 59.76 35.38
N SER E 486 7.61 60.81 35.96
CA SER E 486 8.77 60.64 36.81
C SER E 486 8.39 59.92 38.11
N LEU E 487 9.39 59.28 38.72
CA LEU E 487 9.12 58.44 39.88
C LEU E 487 9.05 59.26 41.16
N CYS E 488 9.96 60.22 41.32
CA CYS E 488 10.08 60.96 42.57
C CYS E 488 9.67 62.42 42.36
N GLY E 489 9.75 63.20 43.45
CA GLY E 489 9.35 64.60 43.39
C GLY E 489 10.33 65.50 42.68
N LEU E 490 11.59 65.07 42.52
CA LEU E 490 12.56 65.89 41.80
C LEU E 490 12.27 65.89 40.31
N GLY E 491 11.71 64.80 39.80
CA GLY E 491 11.34 64.73 38.40
C GLY E 491 9.96 65.29 38.16
N GLN E 492 9.01 65.00 39.06
CA GLN E 492 7.66 65.52 38.93
C GLN E 492 7.62 67.04 39.06
N THR E 493 8.61 67.64 39.71
CA THR E 493 8.72 69.08 39.80
C THR E 493 9.86 69.63 38.96
N ALA E 494 10.52 68.78 38.17
CA ALA E 494 11.59 69.25 37.30
C ALA E 494 11.12 70.24 36.24
N PRO E 495 10.08 69.98 35.46
CA PRO E 495 9.70 70.91 34.40
C PRO E 495 8.82 72.06 34.86
N ASN E 496 8.70 72.28 36.17
CA ASN E 496 7.86 73.37 36.66
C ASN E 496 8.26 74.73 36.14
N PRO E 497 9.54 75.11 36.05
CA PRO E 497 9.87 76.41 35.43
C PRO E 497 9.34 76.51 34.00
N VAL E 498 9.78 75.58 33.15
CA VAL E 498 9.38 75.59 31.74
C VAL E 498 7.88 75.72 31.61
N LEU E 499 7.15 74.79 32.23
CA LEU E 499 5.69 74.82 32.16
C LEU E 499 5.15 76.18 32.58
N THR E 500 5.63 76.71 33.70
CA THR E 500 5.14 78.01 34.15
C THR E 500 5.48 79.09 33.14
N THR E 501 6.70 79.08 32.62
CA THR E 501 7.07 80.07 31.61
C THR E 501 6.31 79.85 30.31
N LEU E 502 5.71 78.68 30.12
CA LEU E 502 4.87 78.44 28.96
C LEU E 502 3.41 78.75 29.21
N ARG E 503 3.05 79.11 30.44
CA ARG E 503 1.69 79.50 30.76
C ARG E 503 1.49 81.01 30.81
N TYR E 504 2.51 81.74 31.26
CA TYR E 504 2.44 83.19 31.35
C TYR E 504 3.30 83.90 30.31
N PHE E 505 4.43 83.32 29.94
CA PHE E 505 5.39 83.96 29.06
C PHE E 505 5.62 83.14 27.79
N LYS E 506 4.52 82.63 27.21
CA LYS E 506 4.62 81.93 25.94
C LYS E 506 5.10 82.87 24.83
N ASP E 507 4.66 84.13 24.89
CA ASP E 507 5.06 85.10 23.87
C ASP E 507 6.57 85.31 23.88
N GLU E 508 7.20 85.20 25.04
CA GLU E 508 8.66 85.31 25.10
C GLU E 508 9.33 84.20 24.31
N TYR E 509 8.87 82.95 24.50
CA TYR E 509 9.40 81.84 23.73
C TYR E 509 9.13 82.02 22.25
N ILE E 510 7.92 82.47 21.89
CA ILE E 510 7.56 82.61 20.49
C ILE E 510 8.45 83.65 19.81
N ALA E 511 8.68 84.79 20.47
CA ALA E 511 9.58 85.79 19.92
C ALA E 511 11.01 85.27 19.87
N HIS E 512 11.39 84.44 20.85
CA HIS E 512 12.74 83.87 20.84
C HIS E 512 12.96 82.97 19.63
N ILE E 513 11.98 82.13 19.31
CA ILE E 513 12.22 81.11 18.30
C ILE E 513 11.93 81.62 16.89
N ARG E 514 10.91 82.47 16.73
CA ARG E 514 10.54 82.96 15.41
C ARG E 514 11.35 84.19 15.02
N ASP E 515 11.28 85.24 15.83
CA ASP E 515 11.99 86.48 15.53
C ASP E 515 13.49 86.37 15.79
N LYS E 516 13.95 85.27 16.38
CA LYS E 516 15.37 85.04 16.66
C LYS E 516 15.95 86.14 17.55
N LYS E 517 15.15 86.65 18.47
CA LYS E 517 15.59 87.69 19.40
C LYS E 517 14.70 87.67 20.62
N CYS E 518 15.17 88.31 21.68
CA CYS E 518 14.43 88.37 22.92
C CYS E 518 14.16 89.82 23.33
N PRO E 519 12.96 90.12 23.84
CA PRO E 519 12.69 91.49 24.31
C PRO E 519 13.59 91.92 25.45
N ALA E 520 14.00 91.01 26.33
CA ALA E 520 14.82 91.38 27.47
C ALA E 520 16.27 91.63 27.09
N LYS E 521 16.71 91.16 25.90
CA LYS E 521 18.07 91.36 25.42
C LYS E 521 19.10 90.82 26.40
N GLN E 522 18.81 89.66 26.98
CA GLN E 522 19.70 89.02 27.94
C GLN E 522 20.43 87.81 27.39
N CYS E 523 19.85 87.10 26.41
CA CYS E 523 20.55 86.00 25.78
C CYS E 523 21.80 86.51 25.06
N LYS E 524 22.95 85.95 25.43
CA LYS E 524 24.21 86.41 24.84
C LYS E 524 24.28 86.09 23.35
N ALA E 525 23.64 85.01 22.92
CA ALA E 525 23.66 84.64 21.51
C ALA E 525 22.82 85.55 20.63
N LEU E 526 21.97 86.40 21.24
CA LEU E 526 21.08 87.26 20.48
C LEU E 526 21.41 88.74 20.61
N ILE E 527 22.28 89.12 21.53
CA ILE E 527 22.66 90.52 21.69
C ILE E 527 23.72 90.89 20.66
N ASP F 22 49.76 56.19 50.80
CA ASP F 22 49.64 55.73 52.18
C ASP F 22 48.24 55.19 52.46
N LEU F 23 48.14 54.26 53.42
CA LEU F 23 46.86 53.73 53.86
C LEU F 23 46.68 53.75 55.36
N SER F 24 47.75 53.91 56.15
CA SER F 24 47.62 53.95 57.60
C SER F 24 46.89 55.19 58.08
N LEU F 25 46.85 56.26 57.27
CA LEU F 25 46.16 57.48 57.69
C LEU F 25 44.68 57.24 57.91
N LEU F 26 44.09 56.29 57.19
CA LEU F 26 42.68 55.95 57.37
C LEU F 26 42.44 55.01 58.55
N ASP F 27 43.50 54.52 59.18
CA ASP F 27 43.33 53.55 60.26
C ASP F 27 42.48 54.08 61.40
N PRO F 28 42.67 55.29 61.93
CA PRO F 28 41.76 55.76 62.99
C PRO F 28 40.32 55.87 62.54
N VAL F 29 40.07 56.45 61.36
CA VAL F 29 38.71 56.64 60.88
C VAL F 29 37.98 55.31 60.79
N LEU F 30 38.62 54.32 60.14
CA LEU F 30 38.01 53.00 60.03
C LEU F 30 37.80 52.37 61.40
N ASP F 31 38.64 52.71 62.38
CA ASP F 31 38.44 52.20 63.73
C ASP F 31 37.29 52.91 64.43
N GLU F 32 37.04 54.16 64.08
CA GLU F 32 35.95 54.90 64.73
C GLU F 32 34.59 54.44 64.22
N TYR F 33 34.47 54.21 62.92
CA TYR F 33 33.21 53.85 62.28
C TYR F 33 33.11 52.35 62.00
N LYS F 34 33.67 51.53 62.88
CA LYS F 34 33.61 50.09 62.72
C LYS F 34 32.38 49.52 63.43
N GLY F 35 32.04 48.28 63.07
CA GLY F 35 30.91 47.59 63.65
C GLY F 35 29.60 47.80 62.93
N GLU F 36 29.51 48.81 62.07
CA GLU F 36 28.31 49.08 61.28
C GLU F 36 28.71 49.47 59.88
N LYS F 37 28.09 48.84 58.89
CA LYS F 37 28.36 49.11 57.48
C LYS F 37 27.41 50.16 56.91
N SER F 38 26.78 50.97 57.77
CA SER F 38 25.92 52.06 57.35
C SER F 38 26.60 53.42 57.47
N ASN F 39 27.89 53.44 57.79
CA ASN F 39 28.64 54.68 57.95
C ASN F 39 29.68 54.87 56.85
N ILE F 40 29.42 54.32 55.66
CA ILE F 40 30.42 54.35 54.60
C ILE F 40 30.57 55.75 54.03
N ILE F 41 29.51 56.56 54.05
CA ILE F 41 29.60 57.91 53.52
C ILE F 41 30.51 58.77 54.39
N ALA F 42 30.42 58.62 55.71
CA ALA F 42 31.30 59.34 56.61
C ALA F 42 32.76 58.95 56.39
N ILE F 43 33.03 57.65 56.21
CA ILE F 43 34.39 57.18 55.96
C ILE F 43 34.90 57.77 54.65
N LEU F 44 34.05 57.78 53.62
CA LEU F 44 34.45 58.35 52.35
C LEU F 44 34.76 59.84 52.49
N GLN F 45 33.96 60.56 53.27
CA GLN F 45 34.20 61.99 53.47
C GLN F 45 35.52 62.23 54.20
N LYS F 46 35.81 61.44 55.22
CA LYS F 46 37.08 61.60 55.92
C LYS F 46 38.26 61.26 55.02
N THR F 47 38.12 60.22 54.19
CA THR F 47 39.18 59.90 53.24
C THR F 47 39.38 61.03 52.24
N GLN F 48 38.27 61.64 51.79
CA GLN F 48 38.36 62.77 50.88
C GLN F 48 39.07 63.94 51.53
N GLU F 49 38.80 64.19 52.81
CA GLU F 49 39.50 65.26 53.52
C GLU F 49 40.99 64.95 53.66
N ILE F 50 41.32 63.70 53.96
CA ILE F 50 42.71 63.34 54.21
C ILE F 50 43.52 63.39 52.92
N TYR F 51 43.15 62.57 51.94
CA TYR F 51 43.95 62.45 50.72
C TYR F 51 43.60 63.49 49.67
N ARG F 52 42.63 64.38 49.94
CA ARG F 52 42.16 65.38 48.99
C ARG F 52 41.52 64.74 47.76
N PHE F 53 41.38 63.42 47.78
CA PHE F 53 40.80 62.64 46.69
C PHE F 53 40.70 61.20 47.17
N LEU F 54 39.96 60.39 46.40
CA LEU F 54 39.70 59.00 46.77
C LEU F 54 40.46 58.08 45.82
N PRO F 55 41.69 57.71 46.13
CA PRO F 55 42.42 56.79 45.26
C PRO F 55 41.82 55.40 45.30
N LEU F 56 41.94 54.67 44.19
CA LEU F 56 41.36 53.35 44.11
C LEU F 56 41.97 52.40 45.13
N ASP F 57 43.24 52.61 45.50
CA ASP F 57 43.83 51.80 46.56
C ASP F 57 43.20 52.09 47.91
N ALA F 58 42.86 53.37 48.18
CA ALA F 58 42.19 53.69 49.43
C ALA F 58 40.78 53.12 49.47
N LEU F 59 40.07 53.19 48.34
CA LEU F 59 38.75 52.57 48.28
C LEU F 59 38.85 51.06 48.47
N ASN F 60 39.88 50.43 47.90
CA ASN F 60 40.09 49.01 48.12
C ASN F 60 40.35 48.71 49.59
N TYR F 61 41.16 49.54 50.25
CA TYR F 61 41.44 49.34 51.66
C TYR F 61 40.19 49.49 52.50
N ILE F 62 39.36 50.50 52.20
CA ILE F 62 38.10 50.65 52.92
C ILE F 62 37.22 49.43 52.71
N SER F 63 37.09 48.98 51.46
CA SER F 63 36.25 47.83 51.16
C SER F 63 36.72 46.60 51.91
N GLU F 64 38.04 46.39 51.98
CA GLU F 64 38.56 45.24 52.70
C GLU F 64 38.32 45.37 54.21
N LYS F 65 38.53 46.57 54.76
CA LYS F 65 38.49 46.72 56.21
C LYS F 65 37.05 46.66 56.74
N THR F 66 36.12 47.38 56.11
CA THR F 66 34.77 47.46 56.67
C THR F 66 33.90 46.27 56.29
N GLY F 67 34.18 45.62 55.16
CA GLY F 67 33.37 44.50 54.73
C GLY F 67 32.22 44.84 53.80
N VAL F 68 32.15 46.06 53.29
CA VAL F 68 31.13 46.45 52.32
C VAL F 68 31.64 46.10 50.93
N LYS F 69 30.72 45.72 50.05
CA LYS F 69 31.11 45.30 48.71
C LYS F 69 31.68 46.48 47.93
N LYS F 70 32.62 46.17 47.04
CA LYS F 70 33.39 47.21 46.35
C LYS F 70 32.53 48.04 45.41
N ALA F 71 31.62 47.37 44.68
CA ALA F 71 30.74 48.10 43.76
C ALA F 71 29.90 49.13 44.51
N LYS F 72 29.43 48.76 45.71
CA LYS F 72 28.69 49.71 46.53
C LYS F 72 29.55 50.92 46.88
N ILE F 73 30.83 50.68 47.20
CA ILE F 73 31.72 51.78 47.54
C ILE F 73 31.90 52.72 46.36
N TYR F 74 32.14 52.16 45.18
CA TYR F 74 32.32 53.00 44.01
C TYR F 74 31.04 53.78 43.68
N GLY F 75 29.89 53.13 43.84
CA GLY F 75 28.63 53.83 43.58
C GLY F 75 28.40 54.99 44.52
N ILE F 76 28.60 54.77 45.82
CA ILE F 76 28.36 55.83 46.78
C ILE F 76 29.38 56.94 46.59
N ALA F 77 30.61 56.59 46.23
CA ALA F 77 31.65 57.61 46.00
C ALA F 77 31.32 58.47 44.80
N THR F 78 30.98 57.85 43.66
CA THR F 78 30.71 58.61 42.45
C THR F 78 29.32 59.24 42.41
N PHE F 79 28.45 58.90 43.37
CA PHE F 79 27.12 59.50 43.37
C PHE F 79 27.20 61.02 43.56
N TYR F 80 28.04 61.48 44.46
CA TYR F 80 28.10 62.89 44.81
C TYR F 80 29.18 63.61 44.01
N ALA F 81 28.93 64.89 43.75
CA ALA F 81 29.89 65.74 43.06
C ALA F 81 31.00 66.23 43.98
N GLN F 82 30.85 66.07 45.30
CA GLN F 82 31.90 66.47 46.21
C GLN F 82 33.08 65.51 46.18
N PHE F 83 32.82 64.24 45.87
CA PHE F 83 33.87 63.23 45.79
C PHE F 83 34.42 63.18 44.37
N ARG F 84 35.70 63.50 44.21
CA ARG F 84 36.36 63.40 42.91
C ARG F 84 37.54 62.45 43.04
N LEU F 85 37.69 61.57 42.05
CA LEU F 85 38.66 60.49 42.10
C LEU F 85 39.93 60.80 41.32
N LYS F 86 40.34 62.06 41.26
CA LYS F 86 41.57 62.41 40.56
C LYS F 86 42.51 63.16 41.50
N PRO F 87 43.81 62.92 41.39
CA PRO F 87 44.76 63.68 42.21
C PRO F 87 44.69 65.17 41.93
N VAL F 88 44.94 65.96 42.97
CA VAL F 88 44.90 67.41 42.87
C VAL F 88 45.93 67.91 41.87
N MET G 1 -0.39 -36.29 -52.08
CA MET G 1 0.26 -36.75 -50.85
C MET G 1 -0.60 -37.76 -50.12
N ARG G 2 0.03 -38.56 -49.26
CA ARG G 2 -0.66 -39.52 -48.42
C ARG G 2 -0.11 -39.45 -47.01
N LEU G 3 -1.00 -39.54 -46.03
CA LEU G 3 -0.59 -39.54 -44.62
C LEU G 3 -0.25 -40.97 -44.22
N VAL G 4 0.99 -41.18 -43.77
CA VAL G 4 1.44 -42.51 -43.38
C VAL G 4 1.21 -42.70 -41.89
N ARG G 5 0.83 -43.91 -41.51
CA ARG G 5 0.59 -44.27 -40.12
C ARG G 5 1.78 -45.06 -39.61
N VAL G 6 2.51 -44.50 -38.64
CA VAL G 6 3.68 -45.15 -38.07
C VAL G 6 3.46 -45.28 -36.57
N ASN G 7 4.32 -46.08 -35.93
CA ASN G 7 4.27 -46.28 -34.49
C ASN G 7 5.68 -46.21 -33.95
N ILE G 8 5.99 -45.13 -33.24
CA ILE G 8 7.32 -44.89 -32.70
C ILE G 8 7.23 -44.93 -31.18
N ASP G 9 7.94 -45.89 -30.58
CA ASP G 9 7.99 -46.06 -29.13
C ASP G 9 6.59 -46.20 -28.54
N ASN G 10 5.79 -47.09 -29.14
CA ASN G 10 4.43 -47.39 -28.68
C ASN G 10 3.54 -46.15 -28.67
N LYS G 11 3.79 -45.22 -29.60
CA LYS G 11 2.97 -44.02 -29.75
C LYS G 11 2.60 -43.87 -31.21
N GLU G 12 1.30 -43.93 -31.50
CA GLU G 12 0.84 -43.88 -32.89
C GLU G 12 0.97 -42.48 -33.45
N ILE G 13 1.59 -42.36 -34.62
CA ILE G 13 1.84 -41.08 -35.27
C ILE G 13 1.26 -41.13 -36.67
N PHE G 14 0.69 -40.01 -37.11
CA PHE G 14 0.21 -39.82 -38.47
C PHE G 14 1.14 -38.81 -39.14
N ALA G 15 2.20 -39.33 -39.74
CA ALA G 15 3.21 -38.49 -40.35
C ALA G 15 2.92 -38.29 -41.83
N GLU G 16 3.73 -37.46 -42.48
CA GLU G 16 3.58 -37.18 -43.89
C GLU G 16 4.60 -37.96 -44.70
N GLU G 17 4.23 -38.28 -45.95
CA GLU G 17 5.06 -39.09 -46.81
C GLU G 17 6.35 -38.35 -47.16
N GLY G 18 7.39 -39.12 -47.47
CA GLY G 18 8.65 -38.55 -47.89
C GLY G 18 9.46 -37.93 -46.78
N LYS G 19 9.15 -38.26 -45.52
CA LYS G 19 9.87 -37.74 -44.37
C LYS G 19 10.76 -38.83 -43.80
N THR G 20 11.91 -38.42 -43.25
CA THR G 20 12.76 -39.38 -42.57
C THR G 20 12.26 -39.63 -41.16
N ILE G 21 12.72 -40.73 -40.57
CA ILE G 21 12.33 -41.06 -39.20
C ILE G 21 12.83 -39.99 -38.24
N LEU G 22 13.99 -39.40 -38.53
CA LEU G 22 14.53 -38.37 -37.66
C LEU G 22 13.60 -37.15 -37.61
N GLU G 23 13.10 -36.71 -38.76
CA GLU G 23 12.20 -35.57 -38.79
C GLU G 23 10.90 -35.87 -38.06
N VAL G 24 10.34 -37.06 -38.28
CA VAL G 24 9.09 -37.44 -37.63
C VAL G 24 9.27 -37.49 -36.12
N ALA G 25 10.39 -38.06 -35.65
CA ALA G 25 10.63 -38.13 -34.21
C ALA G 25 10.89 -36.75 -33.62
N HIS G 26 11.57 -35.88 -34.37
CA HIS G 26 11.80 -34.52 -33.90
C HIS G 26 10.50 -33.75 -33.76
N GLU G 27 9.59 -33.89 -34.74
CA GLU G 27 8.33 -33.17 -34.70
C GLU G 27 7.31 -33.82 -33.79
N ASN G 28 7.61 -34.99 -33.23
CA ASN G 28 6.71 -35.67 -32.29
C ASN G 28 7.35 -35.87 -30.93
N ASN G 29 8.38 -35.08 -30.62
CA ASN G 29 9.03 -35.08 -29.29
C ASN G 29 9.56 -36.46 -28.91
N ILE G 30 10.26 -37.09 -29.84
CA ILE G 30 10.99 -38.32 -29.60
C ILE G 30 12.45 -38.06 -29.90
N GLU G 31 13.32 -38.32 -28.93
CA GLU G 31 14.74 -37.99 -29.04
C GLU G 31 15.49 -39.16 -29.67
N ILE G 32 16.18 -38.90 -30.77
CA ILE G 32 17.05 -39.86 -31.42
C ILE G 32 18.43 -39.24 -31.51
N PRO G 33 19.47 -39.87 -30.97
CA PRO G 33 20.82 -39.30 -31.08
C PRO G 33 21.27 -39.18 -32.51
N HIS G 34 22.04 -38.12 -32.79
CA HIS G 34 22.61 -37.92 -34.10
C HIS G 34 23.80 -36.98 -33.97
N LEU G 35 24.83 -37.22 -34.77
CA LEU G 35 26.03 -36.40 -34.72
C LEU G 35 26.43 -35.89 -36.09
N CYS G 36 26.11 -36.65 -37.14
CA CYS G 36 26.49 -36.33 -38.51
C CYS G 36 25.27 -36.03 -39.37
N TYR G 37 24.27 -35.37 -38.80
CA TYR G 37 23.05 -35.03 -39.52
C TYR G 37 22.81 -33.54 -39.48
N ASP G 38 22.54 -32.96 -40.64
CA ASP G 38 22.14 -31.56 -40.76
C ASP G 38 21.00 -31.48 -41.77
N LYS G 39 20.07 -30.56 -41.54
CA LYS G 39 18.90 -30.46 -42.40
C LYS G 39 19.27 -30.01 -43.81
N ARG G 40 20.28 -29.17 -43.95
CA ARG G 40 20.62 -28.58 -45.24
C ARG G 40 21.48 -29.49 -46.11
N LEU G 41 21.97 -30.60 -45.58
CA LEU G 41 22.90 -31.46 -46.30
C LEU G 41 22.28 -32.83 -46.53
N LYS G 42 22.78 -33.51 -47.57
CA LYS G 42 22.34 -34.86 -47.85
C LYS G 42 22.84 -35.82 -46.77
N PRO G 43 22.15 -36.93 -46.55
CA PRO G 43 22.55 -37.86 -45.49
C PRO G 43 23.95 -38.42 -45.73
N TYR G 44 24.64 -38.69 -44.62
CA TYR G 44 26.01 -39.18 -44.66
C TYR G 44 26.12 -40.61 -44.13
N GLY G 45 25.64 -40.86 -42.90
CA GLY G 45 25.65 -42.20 -42.35
C GLY G 45 26.91 -42.60 -41.62
N ALA G 46 27.73 -41.66 -41.19
CA ALA G 46 29.03 -42.00 -40.61
C ALA G 46 28.91 -42.44 -39.15
N CYS G 47 28.37 -41.57 -38.30
CA CYS G 47 28.43 -41.80 -36.86
C CYS G 47 27.66 -43.06 -36.46
N GLY G 48 26.51 -43.30 -37.08
CA GLY G 48 25.70 -44.45 -36.70
C GLY G 48 25.13 -44.36 -35.30
N LEU G 49 24.74 -43.16 -34.88
CA LEU G 49 24.08 -42.97 -33.60
C LEU G 49 22.56 -43.00 -33.71
N CYS G 50 22.03 -42.70 -34.89
CA CYS G 50 20.59 -42.61 -35.09
C CYS G 50 19.96 -43.93 -35.48
N VAL G 51 20.60 -45.05 -35.16
CA VAL G 51 20.05 -46.36 -35.53
C VAL G 51 18.81 -46.63 -34.70
N VAL G 52 17.74 -47.06 -35.37
CA VAL G 52 16.50 -47.44 -34.72
C VAL G 52 16.11 -48.82 -35.22
N GLU G 53 15.39 -49.55 -34.39
CA GLU G 53 14.95 -50.90 -34.73
C GLU G 53 13.55 -50.83 -35.33
N ILE G 54 13.43 -51.25 -36.58
CA ILE G 54 12.17 -51.24 -37.30
C ILE G 54 11.66 -52.67 -37.39
N GLU G 55 10.42 -52.89 -36.95
CA GLU G 55 9.83 -54.21 -37.02
C GLU G 55 9.74 -54.69 -38.46
N GLY G 56 10.13 -55.94 -38.70
CA GLY G 56 10.17 -56.49 -40.02
C GLY G 56 11.51 -56.37 -40.72
N SER G 57 12.43 -55.57 -40.20
CA SER G 57 13.76 -55.43 -40.78
C SER G 57 14.79 -56.03 -39.83
N PRO G 58 15.74 -56.82 -40.35
CA PRO G 58 16.68 -57.50 -39.45
C PRO G 58 17.79 -56.59 -38.94
N LYS G 59 18.17 -55.59 -39.72
CA LYS G 59 19.24 -54.68 -39.38
C LYS G 59 18.68 -53.38 -38.81
N LEU G 60 19.47 -52.74 -37.95
CA LEU G 60 19.10 -51.43 -37.43
C LEU G 60 19.18 -50.40 -38.55
N ALA G 61 18.16 -49.56 -38.64
CA ALA G 61 18.03 -48.59 -39.72
C ALA G 61 18.36 -47.19 -39.21
N ARG G 62 19.17 -46.47 -39.98
CA ARG G 62 19.51 -45.10 -39.62
C ARG G 62 18.29 -44.21 -39.75
N ALA G 63 18.00 -43.45 -38.69
CA ALA G 63 16.85 -42.57 -38.72
C ALA G 63 17.07 -41.33 -39.58
N CYS G 64 18.32 -40.99 -39.87
CA CYS G 64 18.63 -39.83 -40.69
C CYS G 64 18.49 -40.10 -42.19
N SER G 65 18.32 -41.36 -42.57
CA SER G 65 18.23 -41.74 -43.98
C SER G 65 16.97 -42.51 -44.32
N THR G 66 16.50 -43.38 -43.42
CA THR G 66 15.31 -44.16 -43.69
C THR G 66 14.08 -43.26 -43.73
N TYR G 67 13.22 -43.51 -44.72
CA TYR G 67 11.98 -42.76 -44.88
C TYR G 67 10.83 -43.55 -44.29
N VAL G 68 9.95 -42.84 -43.57
CA VAL G 68 8.82 -43.50 -42.94
C VAL G 68 7.84 -43.97 -44.01
N THR G 69 7.44 -45.23 -43.91
CA THR G 69 6.43 -45.81 -44.77
C THR G 69 5.18 -46.11 -43.94
N ASP G 70 4.14 -46.57 -44.62
CA ASP G 70 2.91 -46.93 -43.93
C ASP G 70 3.12 -48.17 -43.09
N LYS G 71 2.45 -48.21 -41.93
CA LYS G 71 2.45 -49.38 -41.04
C LYS G 71 3.88 -49.71 -40.59
N MET G 72 4.54 -48.71 -40.03
CA MET G 72 5.92 -48.82 -39.60
C MET G 72 5.98 -48.78 -38.08
N VAL G 73 6.57 -49.81 -37.47
CA VAL G 73 6.74 -49.88 -36.02
C VAL G 73 8.22 -49.66 -35.74
N ILE G 74 8.54 -48.55 -35.08
CA ILE G 74 9.92 -48.15 -34.83
C ILE G 74 10.15 -48.12 -33.34
N LYS G 75 11.22 -48.77 -32.88
CA LYS G 75 11.64 -48.77 -31.49
C LYS G 75 12.99 -48.07 -31.41
N THR G 76 13.02 -46.88 -30.80
CA THR G 76 14.22 -46.08 -30.74
C THR G 76 14.98 -46.24 -29.42
N ASP G 77 14.53 -47.11 -28.53
CA ASP G 77 15.25 -47.31 -27.27
C ASP G 77 15.32 -48.78 -26.87
N SER G 78 15.18 -49.70 -27.81
CA SER G 78 15.30 -51.12 -27.51
C SER G 78 16.73 -51.45 -27.12
N PRO G 79 16.94 -52.53 -26.35
CA PRO G 79 18.30 -52.86 -25.89
C PRO G 79 19.29 -53.07 -27.02
N ARG G 80 18.86 -53.60 -28.16
CA ARG G 80 19.76 -53.71 -29.31
C ARG G 80 20.23 -52.33 -29.77
N VAL G 81 19.30 -51.38 -29.85
CA VAL G 81 19.63 -50.02 -30.26
C VAL G 81 20.55 -49.37 -29.24
N ARG G 82 20.26 -49.56 -27.95
CA ARG G 82 21.09 -48.97 -26.91
C ARG G 82 22.51 -49.54 -26.96
N ASN G 83 22.64 -50.85 -27.16
CA ASN G 83 23.96 -51.45 -27.27
C ASN G 83 24.72 -50.93 -28.48
N ALA G 84 24.03 -50.79 -29.61
CA ALA G 84 24.68 -50.27 -30.81
C ALA G 84 25.19 -48.85 -30.58
N ARG G 85 24.35 -47.99 -30.01
CA ARG G 85 24.76 -46.61 -29.75
C ARG G 85 25.89 -46.55 -28.73
N LYS G 86 25.84 -47.39 -27.70
CA LYS G 86 26.90 -47.40 -26.69
C LYS G 86 28.23 -47.84 -27.30
N MET G 87 28.20 -48.85 -28.17
CA MET G 87 29.43 -49.28 -28.84
C MET G 87 29.97 -48.18 -29.75
N ALA G 88 29.09 -47.51 -30.48
CA ALA G 88 29.55 -46.41 -31.33
C ALA G 88 30.16 -45.29 -30.51
N LEU G 89 29.55 -44.95 -29.37
CA LEU G 89 30.09 -43.90 -28.53
C LEU G 89 31.43 -44.30 -27.92
N GLU G 90 31.57 -45.57 -27.52
CA GLU G 90 32.85 -46.05 -27.00
C GLU G 90 33.93 -45.98 -28.07
N LEU G 91 33.59 -46.37 -29.31
CA LEU G 91 34.55 -46.30 -30.41
C LEU G 91 34.96 -44.85 -30.67
N LEU G 92 34.00 -43.92 -30.64
CA LEU G 92 34.33 -42.52 -30.83
C LEU G 92 35.19 -41.97 -29.70
N LEU G 93 34.92 -42.39 -28.47
CA LEU G 93 35.70 -41.94 -27.33
C LEU G 93 37.12 -42.50 -27.35
N SER G 94 37.30 -43.70 -27.91
CA SER G 94 38.63 -44.32 -27.91
C SER G 94 39.66 -43.47 -28.63
N GLU G 95 39.22 -42.63 -29.57
CA GLU G 95 40.12 -41.76 -30.31
C GLU G 95 39.94 -40.29 -29.95
N HIS G 96 39.40 -40.01 -28.76
CA HIS G 96 39.12 -38.65 -28.33
C HIS G 96 40.15 -38.21 -27.30
N ARG G 97 40.76 -37.05 -27.54
CA ARG G 97 41.77 -36.47 -26.65
C ARG G 97 41.26 -35.10 -26.22
N GLY G 98 40.56 -35.06 -25.09
CA GLY G 98 39.97 -33.82 -24.62
C GLY G 98 39.84 -33.82 -23.11
N ASP G 99 39.24 -32.74 -22.61
CA ASP G 99 39.07 -32.53 -21.17
C ASP G 99 37.72 -31.85 -20.98
N CYS G 100 36.69 -32.64 -20.66
CA CYS G 100 35.36 -32.08 -20.48
C CYS G 100 35.33 -31.06 -19.36
N ARG G 101 35.95 -31.38 -18.23
CA ARG G 101 36.07 -30.44 -17.14
C ARG G 101 37.52 -30.43 -16.65
N PRO G 102 38.06 -29.26 -16.33
CA PRO G 102 39.47 -29.16 -15.95
C PRO G 102 39.73 -29.86 -14.62
N PRO G 103 40.97 -30.22 -14.34
CA PRO G 103 41.26 -30.90 -13.06
C PRO G 103 40.91 -30.07 -11.83
N CYS G 104 40.94 -28.74 -11.96
CA CYS G 104 40.56 -27.88 -10.83
C CYS G 104 39.10 -28.09 -10.46
N VAL G 105 38.22 -28.24 -11.44
CA VAL G 105 36.81 -28.47 -11.16
C VAL G 105 36.61 -29.84 -10.52
N LEU G 106 37.31 -30.85 -11.02
CA LEU G 106 37.13 -32.20 -10.51
C LEU G 106 37.69 -32.36 -9.11
N ALA G 107 38.75 -31.62 -8.78
CA ALA G 107 39.36 -31.75 -7.45
C ALA G 107 38.50 -31.09 -6.37
N CYS G 108 37.71 -30.08 -6.72
CA CYS G 108 36.88 -29.41 -5.73
C CYS G 108 35.76 -30.35 -5.29
N PRO G 109 35.60 -30.59 -3.99
CA PRO G 109 34.49 -31.45 -3.54
C PRO G 109 33.12 -30.94 -3.94
N ALA G 110 32.93 -29.63 -4.00
CA ALA G 110 31.67 -29.06 -4.45
C ALA G 110 31.59 -28.93 -5.96
N HIS G 111 32.66 -29.27 -6.68
CA HIS G 111 32.71 -29.19 -8.14
C HIS G 111 32.34 -27.79 -8.63
N THR G 112 32.88 -26.77 -7.96
CA THR G 112 32.68 -25.41 -8.41
C THR G 112 33.37 -25.19 -9.74
N ASP G 113 32.76 -24.40 -10.61
CA ASP G 113 33.29 -24.13 -11.94
C ASP G 113 34.47 -23.18 -11.81
N CYS G 114 35.61 -23.73 -11.36
CA CYS G 114 36.78 -22.92 -11.07
C CYS G 114 37.28 -22.20 -12.32
N GLN G 115 37.37 -22.92 -13.44
CA GLN G 115 37.82 -22.30 -14.67
C GLN G 115 36.87 -21.21 -15.11
N GLY G 116 35.56 -21.44 -14.96
CA GLY G 116 34.56 -20.46 -15.34
C GLY G 116 34.72 -19.13 -14.64
N TYR G 117 34.70 -19.12 -13.31
CA TYR G 117 34.80 -17.85 -12.62
C TYR G 117 36.21 -17.28 -12.63
N VAL G 118 37.25 -18.11 -12.77
CA VAL G 118 38.59 -17.56 -12.96
C VAL G 118 38.65 -16.78 -14.27
N GLY G 119 38.14 -17.38 -15.35
CA GLY G 119 38.11 -16.68 -16.62
C GLY G 119 37.21 -15.46 -16.62
N LEU G 120 36.11 -15.51 -15.87
CA LEU G 120 35.23 -14.35 -15.76
C LEU G 120 35.92 -13.23 -14.98
N ILE G 121 36.72 -13.58 -13.97
CA ILE G 121 37.53 -12.58 -13.27
C ILE G 121 38.54 -11.97 -14.23
N ALA G 122 39.18 -12.79 -15.05
CA ALA G 122 40.16 -12.29 -16.00
C ALA G 122 39.54 -11.37 -17.04
N ASN G 123 38.22 -11.39 -17.20
CA ASN G 123 37.52 -10.50 -18.12
C ASN G 123 36.90 -9.30 -17.43
N GLY G 124 37.00 -9.20 -16.11
CA GLY G 124 36.40 -8.12 -15.37
C GLY G 124 34.96 -8.33 -14.98
N GLN G 125 34.42 -9.54 -15.14
CA GLN G 125 33.04 -9.84 -14.80
C GLN G 125 33.01 -10.46 -13.39
N PHE G 126 33.07 -9.59 -12.39
CA PHE G 126 33.13 -10.04 -11.01
C PHE G 126 31.77 -10.56 -10.53
N ARG G 127 30.69 -9.85 -10.87
CA ARG G 127 29.36 -10.28 -10.44
C ARG G 127 28.99 -11.61 -11.09
N GLU G 128 29.33 -11.79 -12.37
CA GLU G 128 29.10 -13.07 -13.04
C GLU G 128 29.92 -14.18 -12.38
N ALA G 129 31.16 -13.87 -11.99
CA ALA G 129 31.97 -14.87 -11.31
C ALA G 129 31.35 -15.27 -9.98
N VAL G 130 30.84 -14.29 -9.23
CA VAL G 130 30.18 -14.60 -7.95
C VAL G 130 28.93 -15.43 -8.19
N ALA G 131 28.14 -15.08 -9.20
CA ALA G 131 26.93 -15.85 -9.50
C ALA G 131 27.26 -17.26 -9.93
N LEU G 132 28.37 -17.45 -10.63
CA LEU G 132 28.80 -18.79 -11.01
C LEU G 132 29.29 -19.57 -9.80
N ILE G 133 29.93 -18.90 -8.85
CA ILE G 133 30.33 -19.56 -7.61
C ILE G 133 29.11 -20.01 -6.83
N LYS G 134 28.11 -19.13 -6.72
CA LYS G 134 26.94 -19.42 -5.91
C LYS G 134 26.04 -20.50 -6.50
N GLU G 135 26.30 -20.94 -7.74
CA GLU G 135 25.61 -22.10 -8.27
C GLU G 135 26.02 -23.38 -7.55
N GLN G 136 27.19 -23.38 -6.91
CA GLN G 136 27.67 -24.53 -6.17
C GLN G 136 28.21 -24.19 -4.80
N LEU G 137 28.43 -22.92 -4.48
CA LEU G 137 29.05 -22.50 -3.22
C LEU G 137 28.40 -21.22 -2.72
N PRO G 138 27.56 -21.31 -1.69
CA PRO G 138 26.86 -20.10 -1.20
C PRO G 138 27.75 -19.13 -0.44
N PHE G 139 28.97 -19.51 -0.06
CA PHE G 139 29.84 -18.67 0.76
C PHE G 139 31.18 -18.51 0.03
N PRO G 140 31.25 -17.65 -0.98
CA PRO G 140 32.54 -17.46 -1.67
C PRO G 140 33.63 -16.90 -0.75
N ALA G 141 33.34 -15.82 -0.02
CA ALA G 141 34.37 -15.15 0.76
C ALA G 141 34.82 -16.00 1.94
N SER G 142 33.87 -16.56 2.70
CA SER G 142 34.21 -17.32 3.89
C SER G 142 35.03 -18.56 3.54
N ILE G 143 34.60 -19.33 2.54
CA ILE G 143 35.33 -20.52 2.16
C ILE G 143 36.66 -20.14 1.50
N GLY G 144 36.69 -19.07 0.72
CA GLY G 144 37.94 -18.60 0.15
C GLY G 144 38.94 -18.21 1.21
N ARG G 145 38.47 -17.74 2.36
CA ARG G 145 39.38 -17.44 3.47
C ARG G 145 39.88 -18.71 4.13
N VAL G 146 39.00 -19.68 4.35
CA VAL G 146 39.33 -20.92 5.05
C VAL G 146 39.05 -22.10 4.12
N CYS G 147 40.10 -22.60 3.47
CA CYS G 147 40.02 -23.79 2.63
C CYS G 147 41.42 -24.29 2.32
N PRO G 148 41.68 -25.59 2.49
CA PRO G 148 43.00 -26.14 2.08
C PRO G 148 43.21 -26.14 0.59
N HIS G 149 42.20 -25.78 -0.21
CA HIS G 149 42.19 -25.70 -1.67
C HIS G 149 42.88 -26.90 -2.32
N PRO G 150 42.27 -28.08 -2.27
CA PRO G 150 42.80 -29.21 -3.06
C PRO G 150 42.80 -28.95 -4.55
N CYS G 151 41.98 -28.01 -5.02
CA CYS G 151 41.93 -27.69 -6.45
C CYS G 151 43.27 -27.18 -6.94
N GLU G 152 44.02 -26.48 -6.09
CA GLU G 152 45.33 -25.98 -6.50
C GLU G 152 46.37 -27.10 -6.55
N GLU G 153 46.15 -28.18 -5.79
CA GLU G 153 47.04 -29.33 -5.92
C GLU G 153 46.86 -30.05 -7.24
N ALA G 154 45.66 -29.98 -7.81
CA ALA G 154 45.36 -30.60 -9.09
C ALA G 154 45.44 -29.61 -10.25
N CYS G 155 45.70 -28.34 -9.99
CA CYS G 155 45.75 -27.35 -11.06
C CYS G 155 46.87 -27.69 -12.03
N ARG G 156 46.56 -27.65 -13.33
CA ARG G 156 47.55 -28.00 -14.35
C ARG G 156 48.67 -26.98 -14.43
N ARG G 157 48.44 -25.75 -13.97
CA ARG G 157 49.50 -24.75 -13.94
C ARG G 157 50.62 -25.13 -12.97
N ASN G 158 50.39 -26.11 -12.10
CA ASN G 158 51.49 -26.69 -11.33
C ASN G 158 52.60 -27.19 -12.23
N MET G 159 52.25 -27.61 -13.45
CA MET G 159 53.25 -28.10 -14.40
C MET G 159 54.04 -26.98 -15.06
N VAL G 160 53.65 -25.72 -14.89
CA VAL G 160 54.41 -24.64 -15.51
C VAL G 160 55.19 -23.85 -14.47
N ASP G 161 54.49 -23.08 -13.64
CA ASP G 161 55.18 -22.35 -12.58
C ASP G 161 54.61 -22.63 -11.19
N GLN G 162 53.31 -22.35 -11.01
CA GLN G 162 52.68 -22.30 -9.70
C GLN G 162 51.17 -22.34 -9.90
N PRO G 163 50.43 -23.08 -9.08
CA PRO G 163 48.99 -23.21 -9.30
C PRO G 163 48.26 -21.89 -9.14
N ILE G 164 47.14 -21.77 -9.85
CA ILE G 164 46.34 -20.56 -9.80
C ILE G 164 45.79 -20.35 -8.40
N ALA G 165 45.84 -19.10 -7.93
CA ALA G 165 45.30 -18.76 -6.63
C ALA G 165 43.78 -18.75 -6.68
N ILE G 166 43.17 -19.93 -6.80
CA ILE G 166 41.72 -20.01 -6.95
C ILE G 166 41.01 -19.53 -5.68
N ALA G 167 41.52 -19.94 -4.52
CA ALA G 167 40.91 -19.52 -3.27
C ALA G 167 41.01 -18.02 -3.07
N GLU G 168 42.16 -17.44 -3.42
CA GLU G 168 42.33 -15.99 -3.28
C GLU G 168 41.41 -15.23 -4.21
N LEU G 169 41.26 -15.71 -5.45
CA LEU G 169 40.35 -15.06 -6.39
C LEU G 169 38.90 -15.15 -5.91
N LYS G 170 38.51 -16.32 -5.39
CA LYS G 170 37.16 -16.48 -4.86
C LYS G 170 36.92 -15.56 -3.68
N ARG G 171 37.89 -15.43 -2.79
CA ARG G 171 37.77 -14.50 -1.67
C ARG G 171 37.66 -13.06 -2.16
N PHE G 172 38.42 -12.72 -3.19
CA PHE G 172 38.37 -11.38 -3.76
C PHE G 172 36.98 -11.05 -4.30
N VAL G 173 36.42 -11.95 -5.11
CA VAL G 173 35.10 -11.67 -5.68
C VAL G 173 34.01 -11.73 -4.61
N GLY G 174 34.16 -12.59 -3.61
CA GLY G 174 33.22 -12.60 -2.51
C GLY G 174 33.23 -11.30 -1.72
N ASP G 175 34.43 -10.76 -1.49
CA ASP G 175 34.54 -9.46 -0.82
C ASP G 175 33.90 -8.36 -1.66
N ILE G 176 34.12 -8.38 -2.98
CA ILE G 176 33.49 -7.40 -3.85
C ILE G 176 31.97 -7.50 -3.76
N ASP G 177 31.44 -8.71 -3.81
CA ASP G 177 29.99 -8.89 -3.78
C ASP G 177 29.42 -8.45 -2.44
N LEU G 178 30.09 -8.77 -1.34
CA LEU G 178 29.59 -8.39 -0.02
C LEU G 178 29.75 -6.91 0.26
N LEU G 179 30.70 -6.24 -0.39
CA LEU G 179 30.88 -4.81 -0.18
C LEU G 179 29.63 -4.02 -0.53
N ASP G 180 29.03 -4.32 -1.68
CA ASP G 180 27.74 -3.77 -2.06
C ASP G 180 26.65 -4.75 -1.63
N ASP G 181 25.43 -4.54 -2.12
CA ASP G 181 24.36 -5.50 -1.89
C ASP G 181 24.73 -6.85 -2.48
N GLY G 182 24.54 -7.91 -1.72
CA GLY G 182 24.94 -9.23 -2.16
C GLY G 182 24.08 -9.76 -3.29
N TYR G 183 24.51 -10.89 -3.83
CA TYR G 183 23.84 -11.53 -4.96
C TYR G 183 22.93 -12.63 -4.45
N ILE G 184 21.66 -12.56 -4.81
CA ILE G 184 20.66 -13.58 -4.47
C ILE G 184 20.24 -14.26 -5.77
N PRO G 185 20.38 -15.58 -5.88
CA PRO G 185 19.99 -16.28 -7.11
C PRO G 185 18.49 -16.24 -7.29
N PRO G 186 18.00 -16.41 -8.52
CA PRO G 186 16.54 -16.42 -8.74
C PRO G 186 15.88 -17.55 -7.98
N ILE G 187 14.67 -17.26 -7.48
CA ILE G 187 13.93 -18.18 -6.63
C ILE G 187 12.73 -18.71 -7.40
N LYS G 188 12.60 -20.03 -7.46
CA LYS G 188 11.47 -20.65 -8.13
C LYS G 188 10.18 -20.37 -7.35
N PRO G 189 9.03 -20.44 -8.01
CA PRO G 189 7.76 -20.16 -7.32
C PRO G 189 7.53 -21.14 -6.17
N LYS G 190 6.84 -20.66 -5.15
CA LYS G 190 6.64 -21.44 -3.93
C LYS G 190 5.92 -22.74 -4.23
N THR G 191 6.48 -23.84 -3.75
CA THR G 191 5.91 -25.16 -3.94
C THR G 191 5.05 -25.62 -2.79
N GLY G 192 4.96 -24.83 -1.73
CA GLY G 192 4.13 -25.21 -0.59
C GLY G 192 4.66 -26.36 0.22
N LYS G 193 5.97 -26.61 0.18
CA LYS G 193 6.59 -27.70 0.91
C LYS G 193 7.50 -27.14 1.99
N LYS G 194 7.44 -27.73 3.18
CA LYS G 194 8.21 -27.28 4.33
C LYS G 194 9.30 -28.28 4.64
N VAL G 195 10.53 -27.79 4.80
CA VAL G 195 11.69 -28.61 5.12
C VAL G 195 12.30 -28.08 6.40
N ALA G 196 12.60 -28.99 7.33
CA ALA G 196 13.21 -28.62 8.61
C ALA G 196 14.67 -29.05 8.60
N ILE G 197 15.56 -28.08 8.73
CA ILE G 197 17.00 -28.34 8.77
C ILE G 197 17.49 -28.08 10.18
N VAL G 198 18.16 -29.07 10.76
CA VAL G 198 18.68 -28.99 12.11
C VAL G 198 20.17 -28.68 12.02
N GLY G 199 20.56 -27.50 12.49
CA GLY G 199 21.95 -27.08 12.40
C GLY G 199 22.13 -25.91 11.45
N GLY G 200 22.87 -24.90 11.88
CA GLY G 200 23.10 -23.73 11.06
C GLY G 200 24.51 -23.67 10.53
N GLY G 201 25.16 -24.82 10.40
CA GLY G 201 26.51 -24.89 9.89
C GLY G 201 26.56 -24.83 8.39
N PRO G 202 27.75 -25.05 7.82
CA PRO G 202 27.86 -25.02 6.34
C PRO G 202 26.94 -26.00 5.64
N ALA G 203 26.76 -27.20 6.18
CA ALA G 203 25.90 -28.18 5.52
C ALA G 203 24.43 -27.76 5.59
N GLY G 204 23.98 -27.36 6.78
CA GLY G 204 22.59 -26.93 6.90
C GLY G 204 22.29 -25.67 6.13
N LEU G 205 23.19 -24.69 6.19
CA LEU G 205 22.98 -23.46 5.44
C LEU G 205 23.04 -23.70 3.94
N THR G 206 23.92 -24.62 3.49
CA THR G 206 23.97 -24.97 2.09
C THR G 206 22.68 -25.66 1.63
N CYS G 207 22.15 -26.56 2.46
CA CYS G 207 20.88 -27.21 2.13
C CYS G 207 19.75 -26.18 2.08
N ALA G 208 19.74 -25.23 3.01
CA ALA G 208 18.73 -24.17 2.96
C ALA G 208 18.88 -23.32 1.71
N PHE G 209 20.12 -23.00 1.33
CA PHE G 209 20.36 -22.19 0.15
C PHE G 209 19.88 -22.89 -1.11
N PHE G 210 20.16 -24.19 -1.24
CA PHE G 210 19.82 -24.94 -2.44
C PHE G 210 18.44 -25.57 -2.39
N LEU G 211 17.70 -25.40 -1.29
CA LEU G 211 16.30 -25.78 -1.25
C LEU G 211 15.36 -24.59 -1.37
N ALA G 212 15.75 -23.43 -0.85
CA ALA G 212 14.97 -22.21 -1.06
C ALA G 212 15.01 -21.75 -2.50
N LYS G 213 16.04 -22.15 -3.26
CA LYS G 213 16.11 -21.82 -4.68
C LYS G 213 15.03 -22.55 -5.46
N GLU G 214 14.61 -23.72 -4.98
CA GLU G 214 13.56 -24.50 -5.63
C GLU G 214 12.17 -24.11 -5.16
N GLY G 215 12.04 -23.14 -4.26
CA GLY G 215 10.75 -22.64 -3.84
C GLY G 215 10.15 -23.31 -2.63
N HIS G 216 10.94 -24.04 -1.85
CA HIS G 216 10.41 -24.66 -0.65
C HIS G 216 10.44 -23.69 0.53
N ASP G 217 9.68 -24.01 1.56
CA ASP G 217 9.66 -23.23 2.79
C ASP G 217 10.66 -23.82 3.76
N ILE G 218 11.69 -23.05 4.12
CA ILE G 218 12.85 -23.56 4.82
C ILE G 218 12.93 -22.92 6.20
N VAL G 219 13.03 -23.76 7.23
CA VAL G 219 13.30 -23.34 8.59
C VAL G 219 14.51 -24.11 9.09
N VAL G 220 15.43 -23.39 9.73
CA VAL G 220 16.70 -23.96 10.19
C VAL G 220 16.75 -23.80 11.70
N TYR G 221 16.75 -24.92 12.41
CA TYR G 221 16.81 -24.92 13.87
C TYR G 221 18.27 -25.00 14.31
N GLU G 222 18.73 -23.97 15.03
CA GLU G 222 20.12 -23.86 15.43
C GLU G 222 20.19 -23.74 16.95
N ALA G 223 21.00 -24.61 17.57
CA ALA G 223 21.11 -24.60 19.02
C ALA G 223 21.86 -23.36 19.52
N MET G 224 22.89 -22.94 18.80
CA MET G 224 23.71 -21.83 19.21
C MET G 224 22.97 -20.51 19.04
N PRO G 225 23.41 -19.46 19.74
CA PRO G 225 22.72 -18.16 19.60
C PRO G 225 22.76 -17.61 18.18
N LYS G 226 23.82 -17.90 17.42
CA LYS G 226 23.94 -17.41 16.05
C LYS G 226 24.35 -18.54 15.13
N ALA G 227 23.85 -18.49 13.90
CA ALA G 227 24.17 -19.51 12.92
C ALA G 227 25.60 -19.36 12.43
N GLY G 228 26.12 -20.43 11.83
CA GLY G 228 27.48 -20.43 11.34
C GLY G 228 28.22 -21.72 11.62
N GLY G 229 27.85 -22.40 12.70
CA GLY G 229 28.49 -23.66 13.03
C GLY G 229 29.95 -23.47 13.43
N MET G 230 30.77 -24.45 13.08
CA MET G 230 32.19 -24.38 13.37
C MET G 230 32.90 -23.31 12.56
N LEU G 231 32.24 -22.72 11.57
CA LEU G 231 32.79 -21.54 10.91
C LEU G 231 32.77 -20.34 11.83
N ARG G 232 31.94 -20.34 12.86
CA ARG G 232 31.87 -19.26 13.84
C ARG G 232 32.47 -19.64 15.18
N TYR G 233 32.10 -20.78 15.74
CA TYR G 233 32.57 -21.23 17.04
C TYR G 233 33.79 -22.14 16.95
N GLY G 234 34.33 -22.32 15.75
CA GLY G 234 35.55 -23.06 15.53
C GLY G 234 36.66 -22.14 15.09
N ILE G 235 36.84 -22.05 13.78
CA ILE G 235 37.81 -21.16 13.11
C ILE G 235 37.85 -19.81 13.81
N PRO G 236 39.04 -19.35 14.22
CA PRO G 236 39.13 -18.10 14.99
C PRO G 236 38.92 -16.88 14.10
N GLU G 237 38.85 -15.72 14.76
CA GLU G 237 38.55 -14.48 14.07
C GLU G 237 39.71 -14.03 13.18
N TYR G 238 40.95 -14.32 13.56
CA TYR G 238 42.08 -13.90 12.74
C TYR G 238 42.18 -14.69 11.44
N ARG G 239 41.46 -15.80 11.31
CA ARG G 239 41.43 -16.57 10.07
C ARG G 239 40.13 -16.37 9.30
N LEU G 240 39.00 -16.24 9.99
CA LEU G 240 37.72 -15.96 9.37
C LEU G 240 36.99 -14.93 10.23
N PRO G 241 37.01 -13.65 9.85
CA PRO G 241 36.24 -12.66 10.59
C PRO G 241 34.75 -12.98 10.56
N LYS G 242 34.08 -12.71 11.68
CA LYS G 242 32.68 -13.07 11.81
C LYS G 242 31.74 -12.10 11.13
N GLY G 243 32.21 -10.91 10.75
CA GLY G 243 31.37 -10.01 9.98
C GLY G 243 31.04 -10.55 8.61
N ILE G 244 32.03 -11.14 7.95
CA ILE G 244 31.79 -11.77 6.65
C ILE G 244 30.78 -12.90 6.78
N LEU G 245 30.93 -13.74 7.81
CA LEU G 245 30.00 -14.83 8.04
C LEU G 245 28.60 -14.31 8.29
N ASP G 246 28.48 -13.24 9.09
CA ASP G 246 27.17 -12.65 9.34
C ASP G 246 26.55 -12.13 8.06
N LYS G 247 27.35 -11.49 7.20
CA LYS G 247 26.82 -10.98 5.94
C LYS G 247 26.34 -12.10 5.03
N GLU G 248 27.10 -13.20 4.95
CA GLU G 248 26.67 -14.32 4.11
C GLU G 248 25.39 -14.95 4.66
N ILE G 249 25.29 -15.12 5.97
CA ILE G 249 24.10 -15.71 6.56
C ILE G 249 22.91 -14.79 6.37
N GLU G 250 23.12 -13.47 6.45
CA GLU G 250 22.04 -12.53 6.16
C GLU G 250 21.59 -12.63 4.72
N LEU G 251 22.54 -12.81 3.79
CA LEU G 251 22.17 -13.03 2.40
C LEU G 251 21.31 -14.28 2.26
N ILE G 252 21.68 -15.35 2.96
CA ILE G 252 20.87 -16.57 2.91
C ILE G 252 19.48 -16.33 3.46
N GLU G 253 19.39 -15.59 4.58
CA GLU G 253 18.08 -15.29 5.16
C GLU G 253 17.24 -14.41 4.24
N LYS G 254 17.89 -13.61 3.40
CA LYS G 254 17.16 -12.77 2.46
C LYS G 254 16.41 -13.59 1.42
N MET G 255 16.72 -14.88 1.29
CA MET G 255 16.05 -15.76 0.34
C MET G 255 14.75 -16.34 0.87
N GLY G 256 14.39 -16.05 2.12
CA GLY G 256 13.18 -16.58 2.72
C GLY G 256 13.39 -17.67 3.74
N VAL G 257 14.63 -17.99 4.09
CA VAL G 257 14.91 -19.01 5.08
C VAL G 257 14.70 -18.43 6.47
N GLN G 258 13.97 -19.15 7.32
CA GLN G 258 13.70 -18.72 8.67
C GLN G 258 14.63 -19.48 9.61
N ILE G 259 15.59 -18.79 10.20
CA ILE G 259 16.57 -19.41 11.07
C ILE G 259 16.14 -19.15 12.52
N LYS G 260 15.72 -20.22 13.21
CA LYS G 260 15.32 -20.16 14.61
C LYS G 260 16.53 -20.60 15.43
N THR G 261 17.21 -19.63 16.04
CA THR G 261 18.35 -19.91 16.87
C THR G 261 17.91 -20.28 18.29
N ASN G 262 18.86 -20.77 19.07
CA ASN G 262 18.62 -21.19 20.46
C ASN G 262 17.62 -22.34 20.56
N MET G 263 17.39 -23.05 19.46
CA MET G 263 16.50 -24.20 19.43
C MET G 263 17.34 -25.46 19.30
N ARG G 264 17.22 -26.36 20.27
CA ARG G 264 18.04 -27.56 20.35
C ARG G 264 17.18 -28.80 20.14
N LEU G 265 17.68 -29.73 19.35
CA LEU G 265 16.99 -30.98 19.11
C LEU G 265 17.13 -31.88 20.34
N GLY G 266 16.00 -32.39 20.83
CA GLY G 266 15.98 -33.22 22.01
C GLY G 266 15.81 -32.47 23.31
N VAL G 267 16.06 -31.15 23.31
CA VAL G 267 15.88 -30.31 24.48
C VAL G 267 14.72 -29.35 24.30
N ASP G 268 14.78 -28.49 23.29
CA ASP G 268 13.67 -27.61 22.96
C ASP G 268 12.73 -28.22 21.94
N ILE G 269 13.23 -29.03 21.02
CA ILE G 269 12.45 -29.60 19.94
C ILE G 269 12.70 -31.09 19.89
N SER G 270 11.64 -31.87 19.77
CA SER G 270 11.72 -33.32 19.60
C SER G 270 11.69 -33.66 18.12
N LEU G 271 12.30 -34.81 17.77
CA LEU G 271 12.31 -35.24 16.38
C LEU G 271 10.90 -35.54 15.88
N GLU G 272 10.00 -35.98 16.76
CA GLU G 272 8.63 -36.26 16.35
C GLU G 272 7.92 -35.00 15.88
N TYR G 273 8.17 -33.88 16.55
CA TYR G 273 7.60 -32.60 16.13
C TYR G 273 7.98 -32.26 14.69
N LEU G 274 9.27 -32.35 14.38
CA LEU G 274 9.74 -32.06 13.03
C LEU G 274 9.19 -33.06 12.02
N ARG G 275 9.18 -34.34 12.37
CA ARG G 275 8.66 -35.35 11.45
C ARG G 275 7.17 -35.19 11.21
N LYS G 276 6.44 -34.59 12.16
CA LYS G 276 5.00 -34.43 12.01
C LYS G 276 4.65 -33.18 11.21
N ASN G 277 5.28 -32.05 11.50
CA ASN G 277 4.90 -30.79 10.84
C ASN G 277 5.83 -30.39 9.71
N TYR G 278 6.69 -31.28 9.24
CA TYR G 278 7.57 -30.99 8.11
C TYR G 278 7.65 -32.20 7.19
N ASP G 279 7.66 -31.93 5.88
CA ASP G 279 7.72 -33.01 4.90
C ASP G 279 9.05 -33.74 4.97
N ALA G 280 10.15 -32.99 5.03
CA ALA G 280 11.48 -33.58 5.09
C ALA G 280 12.29 -32.92 6.19
N VAL G 281 13.19 -33.70 6.79
CA VAL G 281 14.07 -33.23 7.85
C VAL G 281 15.50 -33.57 7.47
N PHE G 282 16.37 -32.57 7.48
CA PHE G 282 17.79 -32.74 7.19
C PHE G 282 18.59 -32.37 8.42
N LEU G 283 19.36 -33.33 8.94
CA LEU G 283 20.13 -33.14 10.17
C LEU G 283 21.58 -32.84 9.81
N ALA G 284 22.06 -31.67 10.23
CA ALA G 284 23.43 -31.23 10.01
C ALA G 284 24.05 -30.82 11.34
N VAL G 285 23.90 -31.66 12.36
CA VAL G 285 24.30 -31.29 13.71
C VAL G 285 25.81 -31.15 13.82
N GLY G 286 26.56 -31.98 13.10
CA GLY G 286 28.00 -31.93 13.15
C GLY G 286 28.57 -32.61 14.38
N ALA G 287 29.90 -32.69 14.41
CA ALA G 287 30.62 -33.33 15.52
C ALA G 287 30.92 -32.28 16.56
N TRP G 288 30.11 -32.24 17.62
CA TRP G 288 30.21 -31.20 18.64
C TRP G 288 30.49 -31.79 20.02
N LYS G 289 31.27 -32.87 20.07
CA LYS G 289 31.66 -33.48 21.33
C LYS G 289 33.14 -33.85 21.23
N SER G 290 34.00 -33.02 21.83
CA SER G 290 35.44 -33.26 21.76
C SER G 290 35.80 -34.54 22.49
N SER G 291 36.76 -35.26 21.94
CA SER G 291 37.20 -36.51 22.54
C SER G 291 37.97 -36.23 23.83
N THR G 292 37.73 -37.06 24.84
CA THR G 292 38.46 -36.96 26.08
C THR G 292 39.88 -37.49 25.90
N LEU G 293 40.76 -37.11 26.83
CA LEU G 293 42.17 -37.44 26.70
C LEU G 293 42.41 -38.94 26.67
N GLY G 294 41.54 -39.72 27.30
CA GLY G 294 41.69 -41.16 27.31
C GLY G 294 42.76 -41.68 28.24
N CYS G 295 43.24 -40.86 29.17
CA CYS G 295 44.26 -41.24 30.13
C CYS G 295 43.76 -40.90 31.52
N PRO G 296 44.27 -41.58 32.55
CA PRO G 296 43.82 -41.29 33.92
C PRO G 296 44.07 -39.84 34.30
N GLY G 297 43.09 -39.26 34.99
CA GLY G 297 43.16 -37.86 35.35
C GLY G 297 42.69 -36.89 34.30
N ASP G 298 42.05 -37.36 33.23
CA ASP G 298 41.57 -36.46 32.19
C ASP G 298 40.44 -35.56 32.66
N SER G 299 39.78 -35.91 33.76
CA SER G 299 38.69 -35.10 34.30
C SER G 299 39.17 -34.06 35.30
N ALA G 300 40.48 -33.97 35.54
CA ALA G 300 41.00 -32.99 36.48
C ALA G 300 40.76 -31.58 35.97
N GLU G 301 40.53 -30.66 36.91
CA GLU G 301 40.28 -29.27 36.54
C GLU G 301 41.54 -28.69 35.91
N GLY G 302 41.35 -27.88 34.87
CA GLY G 302 42.44 -27.39 34.06
C GLY G 302 42.64 -28.12 32.75
N VAL G 303 41.85 -29.16 32.49
CA VAL G 303 41.84 -29.86 31.22
C VAL G 303 40.51 -29.55 30.55
N ILE G 304 40.56 -29.00 29.34
CA ILE G 304 39.38 -28.54 28.63
C ILE G 304 39.44 -29.05 27.19
N GLY G 305 38.28 -29.35 26.63
CA GLY G 305 38.23 -29.79 25.24
C GLY G 305 38.59 -28.67 24.29
N GLY G 306 39.13 -29.06 23.13
CA GLY G 306 39.58 -28.06 22.17
C GLY G 306 38.44 -27.23 21.62
N ILE G 307 37.40 -27.89 21.13
CA ILE G 307 36.28 -27.15 20.53
C ILE G 307 35.51 -26.38 21.59
N GLU G 308 35.40 -26.92 22.81
CA GLU G 308 34.74 -26.18 23.88
C GLU G 308 35.54 -24.94 24.26
N PHE G 309 36.87 -25.06 24.33
CA PHE G 309 37.71 -23.90 24.61
C PHE G 309 37.59 -22.85 23.52
N LEU G 310 37.57 -23.29 22.25
CA LEU G 310 37.45 -22.34 21.15
C LEU G 310 36.07 -21.70 21.12
N ARG G 311 35.03 -22.44 21.51
CA ARG G 311 33.69 -21.88 21.59
C ARG G 311 33.59 -20.85 22.70
N LYS G 312 34.21 -21.13 23.86
CA LYS G 312 34.25 -20.14 24.93
C LYS G 312 35.00 -18.90 24.51
N VAL G 313 36.11 -19.07 23.79
CA VAL G 313 36.89 -17.92 23.34
C VAL G 313 36.09 -17.10 22.34
N SER G 314 35.43 -17.76 21.39
CA SER G 314 34.65 -17.04 20.38
C SER G 314 33.48 -16.31 21.00
N MET G 315 32.80 -16.95 21.96
CA MET G 315 31.66 -16.34 22.65
C MET G 315 32.09 -15.28 23.65
N ASN G 316 33.39 -15.01 23.78
CA ASN G 316 33.93 -14.06 24.75
C ASN G 316 33.61 -14.47 26.18
N GLN G 317 33.44 -15.77 26.42
CA GLN G 317 33.25 -16.25 27.76
C GLN G 317 34.60 -16.37 28.47
N PRO G 318 34.62 -16.21 29.79
CA PRO G 318 35.91 -16.26 30.52
C PRO G 318 36.43 -17.69 30.59
N VAL G 319 37.66 -17.88 30.12
CA VAL G 319 38.35 -19.16 30.19
C VAL G 319 39.47 -19.04 31.21
N ASN G 320 39.82 -20.17 31.81
CA ASN G 320 40.87 -20.22 32.83
C ASN G 320 42.14 -20.76 32.20
N LEU G 321 42.87 -19.86 31.54
CA LEU G 321 44.15 -20.20 30.94
C LEU G 321 45.25 -20.04 32.00
N GLY G 322 46.50 -20.09 31.55
CA GLY G 322 47.62 -19.93 32.46
C GLY G 322 48.88 -19.63 31.69
N GLN G 323 50.00 -19.56 32.43
CA GLN G 323 51.28 -19.32 31.80
C GLN G 323 51.67 -20.47 30.88
N ARG G 324 51.37 -21.70 31.29
CA ARG G 324 51.76 -22.90 30.56
C ARG G 324 50.53 -23.60 30.00
N VAL G 325 50.54 -23.85 28.70
CA VAL G 325 49.45 -24.53 28.00
C VAL G 325 50.04 -25.60 27.10
N LEU G 326 49.51 -26.81 27.20
CA LEU G 326 49.84 -27.88 26.26
C LEU G 326 48.59 -28.33 25.52
N VAL G 327 48.71 -28.43 24.20
CA VAL G 327 47.61 -28.88 23.34
C VAL G 327 47.95 -30.28 22.85
N VAL G 328 47.02 -31.21 23.06
CA VAL G 328 47.21 -32.60 22.67
C VAL G 328 46.42 -32.82 21.39
N GLY G 329 47.13 -33.09 20.30
CA GLY G 329 46.49 -33.31 19.02
C GLY G 329 47.28 -32.76 17.86
N GLY G 330 46.79 -32.94 16.63
CA GLY G 330 47.51 -32.46 15.47
C GLY G 330 46.63 -31.93 14.36
N GLY G 331 45.33 -31.79 14.61
CA GLY G 331 44.40 -31.32 13.60
C GLY G 331 44.30 -29.81 13.58
N ASN G 332 43.23 -29.33 12.92
CA ASN G 332 42.96 -27.90 12.91
C ASN G 332 42.62 -27.41 14.30
N THR G 333 41.93 -28.23 15.09
CA THR G 333 41.54 -27.83 16.44
C THR G 333 42.77 -27.54 17.30
N ALA G 334 43.78 -28.42 17.24
CA ALA G 334 44.97 -28.23 18.05
C ALA G 334 45.71 -26.96 17.67
N MET G 335 45.88 -26.71 16.37
CA MET G 335 46.63 -25.53 15.95
C MET G 335 45.86 -24.25 16.27
N ASP G 336 44.56 -24.26 16.05
CA ASP G 336 43.74 -23.09 16.40
C ASP G 336 43.78 -22.81 17.89
N ALA G 337 43.68 -23.86 18.72
CA ALA G 337 43.75 -23.67 20.16
C ALA G 337 45.11 -23.14 20.58
N ALA G 338 46.18 -23.66 19.98
CA ALA G 338 47.53 -23.19 20.34
C ALA G 338 47.70 -21.72 19.99
N ARG G 339 47.26 -21.31 18.80
CA ARG G 339 47.43 -19.92 18.39
C ARG G 339 46.52 -18.99 19.18
N THR G 340 45.32 -19.45 19.52
CA THR G 340 44.44 -18.66 20.39
C THR G 340 45.05 -18.47 21.77
N ALA G 341 45.62 -19.54 22.33
CA ALA G 341 46.28 -19.43 23.63
C ALA G 341 47.47 -18.49 23.56
N ILE G 342 48.22 -18.53 22.45
CA ILE G 342 49.31 -17.58 22.27
C ILE G 342 48.80 -16.15 22.26
N ARG G 343 47.69 -15.92 21.56
CA ARG G 343 47.10 -14.58 21.51
C ARG G 343 46.34 -14.22 22.78
N LEU G 344 46.00 -15.20 23.62
CA LEU G 344 45.29 -14.94 24.87
C LEU G 344 46.23 -14.67 26.04
N GLY G 345 47.53 -14.59 25.80
CA GLY G 345 48.48 -14.22 26.82
C GLY G 345 49.29 -15.33 27.44
N ALA G 346 49.18 -16.56 26.93
CA ALA G 346 50.00 -17.64 27.44
C ALA G 346 51.47 -17.39 27.11
N LYS G 347 52.33 -17.63 28.08
CA LYS G 347 53.75 -17.36 27.89
C LYS G 347 54.39 -18.37 26.96
N GLU G 348 54.07 -19.65 27.13
CA GLU G 348 54.56 -20.68 26.23
C GLU G 348 53.46 -21.72 26.00
N VAL G 349 53.27 -22.08 24.74
CA VAL G 349 52.28 -23.08 24.33
C VAL G 349 52.99 -24.17 23.55
N THR G 350 52.77 -25.42 23.96
CA THR G 350 53.45 -26.56 23.36
C THR G 350 52.41 -27.56 22.88
N VAL G 351 52.57 -28.03 21.64
CA VAL G 351 51.63 -28.95 21.01
C VAL G 351 52.26 -30.33 20.99
N LEU G 352 51.55 -31.32 21.55
CA LEU G 352 52.02 -32.69 21.64
C LEU G 352 51.29 -33.55 20.62
N TYR G 353 52.03 -34.11 19.68
CA TYR G 353 51.48 -35.00 18.67
C TYR G 353 52.16 -36.36 18.75
N ARG G 354 51.35 -37.42 18.65
CA ARG G 354 51.87 -38.79 18.75
C ARG G 354 52.62 -39.23 17.49
N ARG G 355 52.31 -38.65 16.34
CA ARG G 355 53.05 -38.92 15.11
C ARG G 355 54.16 -37.88 14.94
N THR G 356 54.75 -37.85 13.75
CA THR G 356 55.81 -36.91 13.42
C THR G 356 55.21 -35.74 12.64
N ARG G 357 56.08 -34.81 12.24
CA ARG G 357 55.62 -33.60 11.53
C ARG G 357 54.99 -33.98 10.20
N GLU G 358 55.58 -34.93 9.47
CA GLU G 358 55.12 -35.23 8.12
C GLU G 358 53.68 -35.74 8.12
N GLU G 359 53.30 -36.50 9.15
CA GLU G 359 51.94 -37.04 9.26
C GLU G 359 51.01 -36.13 10.04
N MET G 360 51.28 -34.82 10.04
CA MET G 360 50.43 -33.88 10.76
C MET G 360 49.20 -33.58 9.93
N PRO G 361 47.99 -33.83 10.43
CA PRO G 361 46.79 -33.53 9.64
C PRO G 361 46.61 -32.05 9.35
N ALA G 362 47.23 -31.17 10.14
CA ALA G 362 47.12 -29.74 9.91
C ALA G 362 47.94 -29.33 8.69
N GLU G 363 47.55 -28.20 8.10
CA GLU G 363 48.27 -27.67 6.96
C GLU G 363 49.67 -27.21 7.36
N ASP G 364 50.60 -27.29 6.40
CA ASP G 364 51.97 -26.86 6.66
C ASP G 364 52.04 -25.38 6.94
N ILE G 365 51.24 -24.58 6.22
CA ILE G 365 51.27 -23.13 6.39
C ILE G 365 50.85 -22.75 7.80
N GLU G 366 49.80 -23.39 8.34
CA GLU G 366 49.34 -23.07 9.69
C GLU G 366 50.40 -23.42 10.72
N VAL G 367 51.04 -24.58 10.57
CA VAL G 367 52.08 -24.99 11.51
C VAL G 367 53.25 -24.02 11.47
N ASN G 368 53.68 -23.64 10.27
CA ASN G 368 54.80 -22.70 10.15
C ASN G 368 54.44 -21.34 10.74
N GLU G 369 53.22 -20.87 10.49
CA GLU G 369 52.78 -19.60 11.05
C GLU G 369 52.78 -19.64 12.57
N ALA G 370 52.27 -20.74 13.14
CA ALA G 370 52.26 -20.87 14.59
C ALA G 370 53.68 -20.91 15.15
N GLU G 371 54.60 -21.56 14.42
CA GLU G 371 56.00 -21.54 14.84
C GLU G 371 56.55 -20.13 14.85
N GLU G 372 56.19 -19.33 13.84
CA GLU G 372 56.61 -17.93 13.83
C GLU G 372 56.01 -17.17 15.01
N GLU G 373 54.78 -17.51 15.40
CA GLU G 373 54.14 -16.80 16.50
C GLU G 373 54.71 -17.22 17.85
N GLY G 374 55.25 -18.42 17.96
CA GLY G 374 55.90 -18.82 19.19
C GLY G 374 55.42 -20.11 19.82
N VAL G 375 54.75 -20.95 19.04
CA VAL G 375 54.28 -22.25 19.52
C VAL G 375 55.41 -23.26 19.37
N LYS G 376 55.66 -24.04 20.43
CA LYS G 376 56.64 -25.10 20.40
C LYS G 376 55.94 -26.43 20.14
N PHE G 377 56.68 -27.37 19.56
CA PHE G 377 56.11 -28.65 19.15
C PHE G 377 56.93 -29.80 19.71
N GLN G 378 56.24 -30.85 20.15
CA GLN G 378 56.86 -32.12 20.52
C GLN G 378 56.17 -33.22 19.75
N PHE G 379 56.93 -34.00 19.00
CA PHE G 379 56.39 -35.04 18.15
C PHE G 379 56.73 -36.43 18.71
N LEU G 380 56.00 -37.43 18.20
CA LEU G 380 56.16 -38.81 18.65
C LEU G 380 55.96 -38.94 20.15
N VAL G 381 54.99 -38.21 20.68
CA VAL G 381 54.73 -38.14 22.11
C VAL G 381 53.23 -38.23 22.33
N ALA G 382 52.81 -39.14 23.22
CA ALA G 382 51.39 -39.34 23.52
C ALA G 382 51.18 -39.34 25.02
N PRO G 383 50.01 -38.86 25.48
CA PRO G 383 49.77 -38.76 26.92
C PRO G 383 49.42 -40.10 27.55
N ILE G 384 49.91 -40.30 28.77
CA ILE G 384 49.55 -41.48 29.54
C ILE G 384 49.06 -41.16 30.94
N GLU G 385 49.35 -39.98 31.51
CA GLU G 385 48.91 -39.71 32.86
C GLU G 385 48.84 -38.20 33.07
N VAL G 386 47.92 -37.77 33.93
CA VAL G 386 47.77 -36.37 34.30
C VAL G 386 48.19 -36.22 35.76
N ILE G 387 49.29 -35.49 36.00
CA ILE G 387 49.78 -35.23 37.35
C ILE G 387 48.97 -34.06 37.90
N THR G 388 48.03 -34.35 38.78
CA THR G 388 47.26 -33.34 39.49
C THR G 388 47.57 -33.43 40.99
N ASP G 389 47.78 -32.28 41.62
CA ASP G 389 48.17 -32.23 43.02
C ASP G 389 46.98 -32.04 43.96
N GLY G 390 46.24 -30.96 43.79
CA GLY G 390 45.15 -30.65 44.70
C GLY G 390 43.82 -30.49 44.00
N GLY G 391 43.55 -31.34 43.02
CA GLY G 391 42.38 -31.21 42.18
C GLY G 391 42.59 -30.33 40.95
N ARG G 392 43.74 -29.67 40.85
CA ARG G 392 44.10 -28.88 39.68
C ARG G 392 45.31 -29.53 39.02
N VAL G 393 45.35 -29.47 37.68
CA VAL G 393 46.41 -30.14 36.94
C VAL G 393 47.72 -29.41 37.16
N ARG G 394 48.76 -30.17 37.49
CA ARG G 394 50.12 -29.64 37.65
C ARG G 394 51.03 -29.98 36.49
N ALA G 395 50.90 -31.17 35.93
CA ALA G 395 51.77 -31.58 34.82
C ALA G 395 51.09 -32.71 34.06
N LEU G 396 51.74 -33.15 32.98
CA LEU G 396 51.26 -34.26 32.19
C LEU G 396 52.43 -35.20 31.90
N LYS G 397 52.26 -36.48 32.21
CA LYS G 397 53.26 -37.49 31.94
C LYS G 397 52.92 -38.18 30.63
N CYS G 398 53.88 -38.17 29.70
CA CYS G 398 53.72 -38.67 28.35
C CYS G 398 54.71 -39.81 28.12
N GLN G 399 54.34 -40.71 27.22
CA GLN G 399 55.20 -41.82 26.83
C GLN G 399 55.69 -41.58 25.41
N ARG G 400 57.01 -41.48 25.25
CA ARG G 400 57.59 -41.32 23.93
C ARG G 400 57.35 -42.58 23.09
N MET G 401 57.04 -42.39 21.82
CA MET G 401 56.73 -43.48 20.92
C MET G 401 57.54 -43.31 19.63
N ARG G 402 57.61 -44.39 18.84
CA ARG G 402 58.37 -44.39 17.61
C ARG G 402 57.59 -45.13 16.54
N LEU G 403 57.90 -44.81 15.28
CA LEU G 403 57.20 -45.39 14.14
C LEU G 403 57.68 -46.82 13.93
N GLY G 404 56.83 -47.80 14.28
CA GLY G 404 57.23 -49.19 14.22
C GLY G 404 56.95 -49.89 12.90
N ASP G 405 55.71 -49.88 12.45
CA ASP G 405 55.31 -50.61 11.25
C ASP G 405 54.16 -49.86 10.59
N MET G 406 53.46 -50.53 9.67
CA MET G 406 52.32 -49.93 9.00
C MET G 406 51.05 -50.08 9.84
N ASP G 407 49.96 -49.51 9.35
CA ASP G 407 48.72 -49.44 10.10
C ASP G 407 47.56 -49.57 9.13
N GLU G 408 46.35 -49.22 9.60
CA GLU G 408 45.17 -49.25 8.74
C GLU G 408 45.31 -48.26 7.58
N SER G 409 45.84 -47.06 7.86
CA SER G 409 46.09 -46.10 6.79
C SER G 409 47.15 -46.61 5.82
N GLY G 410 48.03 -47.49 6.28
CA GLY G 410 49.04 -48.09 5.44
C GLY G 410 50.35 -47.33 5.39
N ARG G 411 50.42 -46.14 5.97
CA ARG G 411 51.64 -45.35 5.91
C ARG G 411 52.63 -45.78 7.00
N ARG G 412 52.23 -45.64 8.26
CA ARG G 412 53.12 -45.97 9.37
C ARG G 412 52.32 -45.96 10.66
N ARG G 413 52.64 -46.91 11.56
CA ARG G 413 51.96 -47.02 12.84
C ARG G 413 52.91 -46.65 13.96
N PRO G 414 52.60 -45.62 14.76
CA PRO G 414 53.42 -45.33 15.94
C PRO G 414 53.11 -46.29 17.08
N VAL G 415 54.15 -46.80 17.73
CA VAL G 415 54.02 -47.72 18.85
C VAL G 415 54.86 -47.21 20.00
N PRO G 416 54.47 -47.47 21.25
CA PRO G 416 55.21 -46.90 22.39
C PRO G 416 56.62 -47.45 22.50
N ILE G 417 57.50 -46.63 23.08
CA ILE G 417 58.87 -47.03 23.39
C ILE G 417 58.95 -47.28 24.88
N GLU G 418 59.32 -48.49 25.26
CA GLU G 418 59.37 -48.85 26.68
C GLU G 418 60.50 -48.11 27.38
N GLY G 419 60.21 -47.62 28.58
CA GLY G 419 61.18 -46.89 29.37
C GLY G 419 61.34 -45.43 29.01
N ALA G 420 60.56 -44.92 28.07
CA ALA G 420 60.64 -43.52 27.64
C ALA G 420 59.41 -42.78 28.17
N GLU G 421 59.62 -41.91 29.15
CA GLU G 421 58.56 -41.12 29.75
C GLU G 421 59.09 -39.71 30.02
N VAL G 422 58.23 -38.72 29.78
CA VAL G 422 58.60 -37.32 29.93
C VAL G 422 57.49 -36.57 30.66
N ILE G 423 57.89 -35.68 31.55
CA ILE G 423 56.95 -34.85 32.30
C ILE G 423 56.96 -33.45 31.70
N PHE G 424 55.78 -32.95 31.36
CA PHE G 424 55.62 -31.60 30.82
C PHE G 424 54.80 -30.79 31.81
N GLU G 425 55.34 -29.65 32.23
CA GLU G 425 54.65 -28.84 33.22
C GLU G 425 53.39 -28.25 32.59
N ALA G 426 52.29 -28.30 33.33
CA ALA G 426 50.98 -27.98 32.78
C ALA G 426 50.20 -27.08 33.74
N ASP G 427 49.81 -25.91 33.26
CA ASP G 427 48.76 -25.13 33.89
C ASP G 427 47.42 -25.27 33.18
N THR G 428 47.45 -25.54 31.87
CA THR G 428 46.24 -25.84 31.10
C THR G 428 46.58 -26.90 30.07
N ILE G 429 45.69 -27.88 29.92
CA ILE G 429 45.82 -28.91 28.91
C ILE G 429 44.56 -28.89 28.05
N ILE G 430 44.73 -28.67 26.76
CA ILE G 430 43.62 -28.63 25.80
C ILE G 430 43.69 -29.90 24.98
N SER G 431 42.71 -30.78 25.17
CA SER G 431 42.65 -32.06 24.46
C SER G 431 41.94 -31.84 23.13
N ALA G 432 42.71 -31.79 22.05
CA ALA G 432 42.15 -31.57 20.71
C ALA G 432 42.48 -32.72 19.79
N ILE G 433 42.32 -33.96 20.29
CA ILE G 433 42.71 -35.15 19.54
C ILE G 433 41.60 -35.56 18.58
N GLY G 434 40.54 -34.75 18.49
CA GLY G 434 39.45 -35.05 17.60
C GLY G 434 38.09 -34.83 18.22
N GLN G 435 37.04 -34.91 17.40
CA GLN G 435 35.67 -34.68 17.85
C GLN G 435 34.78 -35.82 17.40
N LYS G 436 33.72 -36.05 18.17
CA LYS G 436 32.75 -37.09 17.89
C LYS G 436 31.35 -36.48 17.91
N VAL G 437 30.42 -37.15 17.22
CA VAL G 437 29.05 -36.67 17.16
C VAL G 437 28.41 -36.80 18.54
N ARG G 438 27.73 -35.74 18.98
CA ARG G 438 27.06 -35.75 20.26
C ARG G 438 25.88 -36.72 20.22
N VAL G 439 25.95 -37.78 21.04
CA VAL G 439 24.95 -38.84 20.99
C VAL G 439 23.57 -38.33 21.36
N GLU G 440 23.51 -37.30 22.21
CA GLU G 440 22.21 -36.77 22.64
C GLU G 440 21.43 -36.19 21.46
N ASP G 441 22.11 -35.48 20.56
CA ASP G 441 21.43 -34.87 19.42
C ASP G 441 20.90 -35.89 18.43
N VAL G 442 21.51 -37.07 18.36
CA VAL G 442 21.19 -38.05 17.33
C VAL G 442 20.40 -39.21 17.91
N GLU G 443 19.67 -38.95 19.00
CA GLU G 443 18.89 -39.98 19.64
C GLU G 443 17.77 -40.46 18.71
N GLY G 444 17.51 -41.77 18.73
CA GLY G 444 16.50 -42.34 17.88
C GLY G 444 16.94 -42.65 16.47
N LEU G 445 18.25 -42.68 16.22
CA LEU G 445 18.80 -42.97 14.90
C LEU G 445 19.81 -44.08 15.00
N GLU G 446 19.96 -44.83 13.91
CA GLU G 446 20.97 -45.88 13.85
C GLU G 446 22.33 -45.26 13.62
N LEU G 447 23.30 -45.59 14.48
CA LEU G 447 24.61 -44.97 14.46
C LEU G 447 25.65 -45.93 13.90
N THR G 448 26.51 -45.39 13.03
CA THR G 448 27.67 -46.12 12.56
C THR G 448 28.59 -46.42 13.74
N ARG G 449 29.36 -47.51 13.63
CA ARG G 449 30.29 -47.89 14.69
C ARG G 449 31.20 -46.74 15.08
N HIS G 450 31.59 -45.90 14.12
CA HIS G 450 32.40 -44.72 14.42
C HIS G 450 31.64 -43.68 15.24
N GLY G 451 30.33 -43.82 15.40
CA GLY G 451 29.52 -42.90 16.15
C GLY G 451 28.71 -41.94 15.30
N THR G 452 29.01 -41.84 14.02
CA THR G 452 28.29 -40.95 13.13
C THR G 452 26.95 -41.56 12.74
N ILE G 453 26.06 -40.72 12.22
CA ILE G 453 24.76 -41.19 11.76
C ILE G 453 24.94 -42.07 10.53
N LYS G 454 24.22 -43.18 10.49
CA LYS G 454 24.27 -44.09 9.36
C LYS G 454 23.24 -43.66 8.32
N VAL G 455 23.72 -43.38 7.10
CA VAL G 455 22.85 -42.98 6.01
C VAL G 455 23.13 -43.86 4.80
N ASP G 456 22.14 -43.93 3.92
CA ASP G 456 22.29 -44.68 2.68
C ASP G 456 23.12 -43.87 1.70
N GLU G 457 24.23 -44.44 1.24
CA GLU G 457 25.13 -43.71 0.34
C GLU G 457 24.42 -43.39 -0.97
N GLY G 458 24.55 -42.14 -1.41
CA GLY G 458 23.92 -41.68 -2.63
C GLY G 458 22.55 -41.06 -2.44
N THR G 459 21.88 -41.33 -1.32
CA THR G 459 20.59 -40.73 -1.02
C THR G 459 20.59 -39.90 0.25
N TYR G 460 21.63 -40.02 1.10
CA TYR G 460 21.75 -39.23 2.32
C TYR G 460 20.54 -39.39 3.23
N GLN G 461 19.95 -40.59 3.25
CA GLN G 461 18.73 -40.86 4.00
C GLN G 461 19.05 -41.71 5.22
N THR G 462 18.48 -41.32 6.35
CA THR G 462 18.72 -42.02 7.61
C THR G 462 17.78 -43.22 7.70
N SER G 463 17.80 -43.90 8.85
CA SER G 463 16.89 -45.03 9.05
C SER G 463 15.44 -44.58 9.04
N LEU G 464 15.14 -43.45 9.67
CA LEU G 464 13.78 -42.95 9.69
C LEU G 464 13.39 -42.42 8.31
N GLU G 465 12.14 -42.69 7.92
CA GLU G 465 11.66 -42.25 6.63
C GLU G 465 11.44 -40.74 6.62
N GLY G 466 11.93 -40.07 5.58
CA GLY G 466 11.79 -38.64 5.46
C GLY G 466 12.83 -37.84 6.21
N VAL G 467 13.74 -38.48 6.91
CA VAL G 467 14.78 -37.81 7.69
C VAL G 467 16.10 -38.03 6.99
N PHE G 468 16.77 -36.95 6.60
CA PHE G 468 18.04 -36.98 5.91
C PHE G 468 19.14 -36.45 6.81
N ALA G 469 20.39 -36.74 6.44
CA ALA G 469 21.53 -36.30 7.22
C ALA G 469 22.72 -36.06 6.30
N GLY G 470 23.66 -35.27 6.78
CA GLY G 470 24.86 -34.95 6.01
C GLY G 470 25.78 -34.08 6.83
N GLY G 471 26.97 -33.87 6.28
CA GLY G 471 27.98 -33.06 6.95
C GLY G 471 28.81 -33.87 7.92
N ASP G 472 29.40 -33.14 8.88
CA ASP G 472 30.23 -33.78 9.89
C ASP G 472 29.46 -34.78 10.74
N ALA G 473 28.13 -34.68 10.79
CA ALA G 473 27.34 -35.65 11.52
C ALA G 473 27.36 -37.02 10.85
N VAL G 474 27.71 -37.09 9.57
CA VAL G 474 27.70 -38.34 8.82
C VAL G 474 29.12 -38.79 8.50
N THR G 475 29.95 -37.90 7.96
CA THR G 475 31.29 -38.24 7.53
C THR G 475 32.34 -38.06 8.60
N GLY G 476 32.00 -37.44 9.73
CA GLY G 476 32.98 -37.10 10.72
C GLY G 476 33.64 -35.77 10.39
N PRO G 477 34.56 -35.33 11.25
CA PRO G 477 35.21 -34.03 11.02
C PRO G 477 36.01 -34.00 9.74
N LYS G 478 35.62 -33.12 8.83
CA LYS G 478 36.31 -32.92 7.56
C LYS G 478 36.42 -31.42 7.31
N ILE G 479 36.81 -31.04 6.10
CA ILE G 479 36.92 -29.63 5.75
C ILE G 479 35.54 -29.10 5.41
N ALA G 480 35.41 -27.77 5.33
CA ALA G 480 34.10 -27.15 5.21
C ALA G 480 33.47 -27.38 3.84
N ILE G 481 34.30 -27.42 2.79
CA ILE G 481 33.74 -27.57 1.45
C ILE G 481 33.15 -28.97 1.26
N GLU G 482 33.68 -29.97 1.97
CA GLU G 482 33.04 -31.28 1.96
C GLU G 482 31.64 -31.23 2.56
N ALA G 483 31.49 -30.51 3.67
CA ALA G 483 30.18 -30.34 4.28
C ALA G 483 29.24 -29.59 3.35
N ILE G 484 29.75 -28.58 2.64
CA ILE G 484 28.93 -27.83 1.70
C ILE G 484 28.49 -28.72 0.55
N ALA G 485 29.39 -29.55 0.03
CA ALA G 485 29.02 -30.49 -1.02
C ALA G 485 27.97 -31.49 -0.55
N GLN G 486 28.12 -31.99 0.68
CA GLN G 486 27.12 -32.88 1.25
C GLN G 486 25.77 -32.18 1.36
N GLY G 487 25.78 -30.93 1.80
CA GLY G 487 24.53 -30.19 1.91
C GLY G 487 23.86 -29.98 0.56
N LYS G 488 24.65 -29.65 -0.47
CA LYS G 488 24.08 -29.44 -1.80
C LYS G 488 23.50 -30.74 -2.37
N ASN G 489 24.25 -31.84 -2.24
CA ASN G 489 23.75 -33.12 -2.73
C ASN G 489 22.49 -33.53 -1.99
N ALA G 490 22.48 -33.34 -0.67
CA ALA G 490 21.30 -33.68 0.11
C ALA G 490 20.11 -32.79 -0.26
N ALA G 491 20.37 -31.51 -0.56
CA ALA G 491 19.29 -30.64 -1.00
C ALA G 491 18.69 -31.11 -2.31
N ARG G 492 19.53 -31.52 -3.26
CA ARG G 492 19.02 -32.04 -4.53
C ARG G 492 18.22 -33.31 -4.30
N VAL G 493 18.72 -34.21 -3.46
CA VAL G 493 18.02 -35.45 -3.18
C VAL G 493 16.69 -35.17 -2.49
N ILE G 494 16.66 -34.21 -1.56
CA ILE G 494 15.45 -33.88 -0.83
C ILE G 494 14.43 -33.26 -1.77
N ASP G 495 14.87 -32.42 -2.71
CA ASP G 495 13.95 -31.87 -3.69
C ASP G 495 13.35 -32.98 -4.55
N SER G 496 14.18 -33.94 -4.97
CA SER G 496 13.65 -35.07 -5.73
C SER G 496 12.63 -35.86 -4.92
N TYR G 497 12.92 -36.10 -3.65
CA TYR G 497 12.01 -36.84 -2.78
C TYR G 497 10.69 -36.09 -2.59
N LEU G 498 10.77 -34.77 -2.41
CA LEU G 498 9.57 -33.96 -2.27
C LEU G 498 8.73 -33.99 -3.53
N ARG G 499 9.38 -33.98 -4.70
CA ARG G 499 8.65 -34.08 -5.96
C ARG G 499 7.95 -35.43 -6.12
N GLY G 500 8.36 -36.43 -5.34
CA GLY G 500 7.67 -37.71 -5.35
C GLY G 500 8.56 -38.89 -5.68
N LYS G 501 9.48 -38.70 -6.62
CA LYS G 501 10.38 -39.77 -7.07
C LYS G 501 11.76 -39.52 -6.47
N LEU G 502 12.17 -40.39 -5.55
CA LEU G 502 13.48 -40.27 -4.92
C LEU G 502 14.53 -40.89 -5.83
N GLU G 503 15.52 -40.10 -6.22
CA GLU G 503 16.57 -40.54 -7.13
C GLU G 503 17.94 -40.32 -6.50
N PRO G 504 18.77 -41.35 -6.36
CA PRO G 504 20.11 -41.15 -5.80
C PRO G 504 20.99 -40.33 -6.73
N ILE G 505 22.00 -39.70 -6.13
CA ILE G 505 22.91 -38.85 -6.89
C ILE G 505 23.71 -39.70 -7.87
N LYS G 506 23.72 -39.28 -9.13
CA LYS G 506 24.45 -39.95 -10.19
C LYS G 506 25.61 -39.06 -10.62
N GLU G 507 26.83 -39.57 -10.53
CA GLU G 507 28.01 -38.81 -10.93
C GLU G 507 28.24 -38.94 -12.43
N PRO G 508 28.32 -37.84 -13.17
CA PRO G 508 28.54 -37.93 -14.61
C PRO G 508 29.92 -38.45 -14.95
N TYR G 509 30.03 -39.00 -16.16
CA TYR G 509 31.31 -39.44 -16.69
C TYR G 509 31.92 -38.32 -17.53
N TYR G 510 33.16 -37.96 -17.23
CA TYR G 510 33.87 -36.90 -17.93
C TYR G 510 35.04 -37.48 -18.71
N VAL G 511 35.28 -36.93 -19.89
CA VAL G 511 36.49 -37.25 -20.64
C VAL G 511 37.62 -36.40 -20.09
N LYS G 512 38.68 -37.05 -19.62
CA LYS G 512 39.81 -36.36 -18.99
C LYS G 512 41.11 -36.83 -19.60
N GLN G 513 42.12 -35.96 -19.54
CA GLN G 513 43.45 -36.26 -20.04
C GLN G 513 44.36 -36.58 -18.87
N GLU G 514 44.87 -37.82 -18.84
CA GLU G 514 45.74 -38.27 -17.77
C GLU G 514 47.17 -38.52 -18.23
N ASP G 515 47.43 -38.38 -19.53
CA ASP G 515 48.77 -38.56 -20.07
C ASP G 515 49.59 -37.27 -20.07
N LEU G 516 49.04 -36.18 -19.55
CA LEU G 516 49.72 -34.90 -19.58
C LEU G 516 50.98 -34.93 -18.73
N THR G 517 51.99 -34.19 -19.17
CA THR G 517 53.28 -34.10 -18.52
C THR G 517 53.76 -32.66 -18.64
N PRO G 518 54.68 -32.23 -17.77
CA PRO G 518 55.19 -30.86 -17.89
C PRO G 518 55.83 -30.56 -19.23
N GLU G 519 56.34 -31.57 -19.94
CA GLU G 519 56.93 -31.35 -21.24
C GLU G 519 55.92 -30.82 -22.25
N ASP G 520 54.62 -30.99 -22.00
CA ASP G 520 53.60 -30.42 -22.87
C ASP G 520 53.46 -28.91 -22.69
N PHE G 521 53.97 -28.35 -21.59
CA PHE G 521 53.86 -26.93 -21.32
C PHE G 521 55.22 -26.23 -21.32
N LYS G 522 56.20 -26.79 -22.01
CA LYS G 522 57.53 -26.18 -22.05
C LYS G 522 57.54 -24.86 -22.79
N ASP G 523 56.51 -24.58 -23.60
CA ASP G 523 56.46 -23.36 -24.39
C ASP G 523 55.63 -22.26 -23.74
N ARG G 524 54.83 -22.58 -22.72
CA ARG G 524 54.00 -21.59 -22.08
C ARG G 524 54.85 -20.56 -21.33
N GLU G 525 54.38 -19.32 -21.34
CA GLU G 525 55.10 -18.24 -20.67
C GLU G 525 55.00 -18.40 -19.15
N ARG G 526 56.13 -18.28 -18.47
CA ARG G 526 56.17 -18.41 -17.02
C ARG G 526 55.84 -17.06 -16.38
N LYS G 527 54.77 -17.04 -15.58
CA LYS G 527 54.33 -15.83 -14.91
C LYS G 527 54.33 -16.03 -13.40
N PRO G 528 54.86 -15.09 -12.63
CA PRO G 528 54.88 -15.27 -11.17
C PRO G 528 53.48 -15.24 -10.57
N ARG G 529 53.32 -15.99 -9.48
CA ARG G 529 52.05 -16.01 -8.79
C ARG G 529 51.82 -14.71 -8.03
N VAL G 530 50.56 -14.49 -7.66
CA VAL G 530 50.21 -13.29 -6.90
C VAL G 530 50.87 -13.36 -5.52
N PRO G 531 51.49 -12.28 -5.04
CA PRO G 531 52.06 -12.31 -3.70
C PRO G 531 50.98 -12.40 -2.63
N LEU G 532 51.34 -13.01 -1.51
CA LEU G 532 50.46 -13.12 -0.36
C LEU G 532 50.91 -12.11 0.69
N LYS G 533 49.99 -11.23 1.09
CA LYS G 533 50.28 -10.23 2.12
C LYS G 533 49.93 -10.83 3.47
N VAL G 534 50.95 -11.06 4.30
CA VAL G 534 50.79 -11.70 5.60
C VAL G 534 51.30 -10.73 6.66
N ALA G 535 50.51 -10.56 7.72
CA ALA G 535 50.88 -9.66 8.80
C ALA G 535 52.12 -10.17 9.54
N ASN G 536 52.88 -9.23 10.10
CA ASN G 536 54.11 -9.57 10.80
C ASN G 536 53.80 -10.45 12.01
N ALA G 537 54.68 -11.42 12.25
CA ALA G 537 54.44 -12.39 13.33
C ALA G 537 54.41 -11.71 14.70
N GLU G 538 55.35 -10.79 14.94
CA GLU G 538 55.41 -10.13 16.24
C GLU G 538 54.16 -9.28 16.48
N GLU G 539 53.69 -8.57 15.46
CA GLU G 539 52.51 -7.73 15.63
C GLU G 539 51.23 -8.54 15.65
N ARG G 540 51.20 -9.71 15.02
CA ARG G 540 49.99 -10.51 14.94
C ARG G 540 49.84 -11.52 16.07
N LYS G 541 50.91 -11.83 16.79
CA LYS G 541 50.81 -12.78 17.89
C LYS G 541 50.17 -12.19 19.14
N ASN G 542 49.66 -10.97 19.08
CA ASN G 542 49.07 -10.31 20.24
C ASN G 542 47.61 -9.94 20.05
N ASN G 543 47.10 -9.99 18.82
CA ASN G 543 45.74 -9.55 18.54
C ASN G 543 45.04 -10.60 17.70
N PHE G 544 43.72 -10.45 17.56
CA PHE G 544 42.91 -11.34 16.75
C PHE G 544 42.53 -10.71 15.41
N ARG G 545 43.35 -9.78 14.92
CA ARG G 545 43.13 -9.20 13.61
C ARG G 545 43.49 -10.20 12.52
N GLU G 546 42.83 -10.06 11.37
CA GLU G 546 43.05 -11.00 10.27
C GLU G 546 44.48 -10.93 9.78
N ILE G 547 45.03 -12.10 9.43
CA ILE G 547 46.43 -12.18 9.06
C ILE G 547 46.64 -11.80 7.60
N THR G 548 45.91 -12.45 6.70
CA THR G 548 46.05 -12.22 5.27
C THR G 548 45.01 -11.21 4.79
N SER G 549 45.39 -10.45 3.76
CA SER G 549 44.52 -9.42 3.20
C SER G 549 44.15 -9.78 1.76
N THR G 550 42.97 -9.31 1.35
CA THR G 550 42.45 -9.61 0.03
C THR G 550 43.32 -8.99 -1.06
N MET G 551 43.37 -9.63 -2.22
CA MET G 551 44.14 -9.14 -3.34
C MET G 551 43.48 -7.90 -3.92
N THR G 552 44.23 -7.21 -4.79
CA THR G 552 43.73 -6.05 -5.50
C THR G 552 43.10 -6.48 -6.82
N GLU G 553 42.27 -5.59 -7.39
CA GLU G 553 41.61 -5.90 -8.66
C GLU G 553 42.63 -6.15 -9.76
N LYS G 554 43.67 -5.32 -9.84
CA LYS G 554 44.73 -5.53 -10.82
C LYS G 554 45.42 -6.87 -10.59
N GLU G 555 45.75 -7.17 -9.33
CA GLU G 555 46.39 -8.44 -9.01
C GLU G 555 45.45 -9.61 -9.30
N ALA G 556 44.15 -9.44 -9.02
CA ALA G 556 43.19 -10.51 -9.29
C ALA G 556 43.11 -10.79 -10.79
N ILE G 557 43.05 -9.75 -11.62
CA ILE G 557 42.99 -9.96 -13.06
C ILE G 557 44.28 -10.57 -13.58
N ALA G 558 45.43 -10.11 -13.07
CA ALA G 558 46.71 -10.67 -13.51
C ALA G 558 46.85 -12.13 -13.10
N GLU G 559 46.31 -12.49 -11.93
CA GLU G 559 46.36 -13.88 -11.49
C GLU G 559 45.42 -14.75 -12.30
N ALA G 560 44.21 -14.27 -12.57
CA ALA G 560 43.25 -15.04 -13.33
C ALA G 560 43.64 -15.15 -14.80
N SER G 561 44.49 -14.25 -15.29
CA SER G 561 44.98 -14.34 -16.65
C SER G 561 46.09 -15.37 -16.81
N ARG G 562 46.58 -15.94 -15.70
CA ARG G 562 47.58 -17.00 -15.77
C ARG G 562 46.97 -18.36 -16.08
N CYS G 563 45.65 -18.47 -16.11
CA CYS G 563 44.98 -19.75 -16.30
C CYS G 563 45.32 -20.32 -17.68
N LEU G 564 45.49 -21.64 -17.72
CA LEU G 564 45.81 -22.34 -18.96
C LEU G 564 44.59 -22.72 -19.78
N GLU G 565 43.38 -22.50 -19.25
CA GLU G 565 42.14 -22.85 -19.92
C GLU G 565 42.14 -24.33 -20.32
N CYS G 566 42.22 -25.19 -19.30
CA CYS G 566 42.36 -26.62 -19.54
C CYS G 566 41.06 -27.25 -20.05
N GLY G 567 39.92 -26.77 -19.57
CA GLY G 567 38.65 -27.38 -19.93
C GLY G 567 38.25 -27.05 -21.36
N CYS G 568 37.40 -27.91 -21.91
CA CYS G 568 36.93 -27.72 -23.28
C CYS G 568 36.02 -26.50 -23.36
N MET G 569 36.22 -25.70 -24.41
CA MET G 569 35.41 -24.51 -24.60
C MET G 569 34.00 -24.86 -25.06
N ASP G 570 33.79 -26.05 -25.60
CA ASP G 570 32.49 -26.49 -26.10
C ASP G 570 31.76 -27.37 -25.09
N TYR G 571 32.11 -27.29 -23.81
CA TYR G 571 31.55 -28.20 -22.82
C TYR G 571 30.03 -28.05 -22.72
N PHE G 572 29.53 -26.81 -22.72
CA PHE G 572 28.11 -26.59 -22.52
C PHE G 572 27.29 -26.81 -23.78
N GLU G 573 27.92 -27.04 -24.92
CA GLU G 573 27.20 -27.29 -26.17
C GLU G 573 27.70 -28.53 -26.91
N CYS G 574 28.55 -29.34 -26.28
CA CYS G 574 29.00 -30.58 -26.89
C CYS G 574 27.91 -31.64 -26.78
N GLN G 575 27.59 -32.28 -27.90
CA GLN G 575 26.60 -33.34 -27.91
C GLN G 575 27.20 -34.71 -27.65
N LEU G 576 28.48 -34.89 -27.97
CA LEU G 576 29.15 -36.16 -27.65
C LEU G 576 29.19 -36.38 -26.15
N TYR G 577 29.47 -35.32 -25.38
CA TYR G 577 29.46 -35.44 -23.92
C TYR G 577 28.07 -35.80 -23.41
N LYS G 578 27.04 -35.17 -23.97
CA LYS G 578 25.66 -35.48 -23.58
C LYS G 578 25.34 -36.94 -23.87
N TYR G 579 25.75 -37.44 -25.03
CA TYR G 579 25.40 -38.80 -25.41
C TYR G 579 26.17 -39.82 -24.58
N VAL G 580 27.46 -39.57 -24.30
CA VAL G 580 28.20 -40.49 -23.46
C VAL G 580 27.72 -40.42 -22.01
N ASN G 581 27.06 -39.33 -21.61
CA ASN G 581 26.40 -39.32 -20.32
C ASN G 581 25.07 -40.09 -20.36
N GLN G 582 24.38 -40.05 -21.50
CA GLN G 582 23.09 -40.74 -21.59
C GLN G 582 23.22 -42.25 -21.66
N TYR G 583 24.41 -42.76 -21.99
CA TYR G 583 24.62 -44.20 -22.16
C TYR G 583 25.77 -44.65 -21.28
N ASP G 584 25.64 -45.84 -20.71
CA ASP G 584 26.65 -46.40 -19.81
C ASP G 584 27.84 -46.88 -20.64
N VAL G 585 28.67 -45.92 -21.04
CA VAL G 585 29.81 -46.20 -21.90
C VAL G 585 31.01 -46.57 -21.03
N ASP G 586 31.72 -47.63 -21.42
CA ASP G 586 32.94 -48.05 -20.75
C ASP G 586 34.10 -47.85 -21.71
N PRO G 587 34.79 -46.71 -21.66
CA PRO G 587 35.81 -46.43 -22.68
C PRO G 587 37.12 -47.18 -22.47
N GLN G 588 37.41 -47.64 -21.25
CA GLN G 588 38.69 -48.27 -20.99
C GLN G 588 38.85 -49.59 -21.74
N ARG G 589 37.75 -50.33 -21.92
CA ARG G 589 37.84 -51.63 -22.58
C ARG G 589 38.32 -51.52 -24.02
N LEU G 590 38.07 -50.38 -24.67
CA LEU G 590 38.43 -50.20 -26.06
C LEU G 590 39.57 -49.21 -26.25
N SER G 591 40.12 -48.67 -25.17
CA SER G 591 41.18 -47.67 -25.29
C SER G 591 42.42 -48.29 -25.91
N GLY G 592 43.07 -47.52 -26.78
CA GLY G 592 44.26 -47.99 -27.47
C GLY G 592 45.08 -46.84 -28.03
N TYR G 593 45.58 -47.01 -29.25
CA TYR G 593 46.34 -45.93 -29.88
C TYR G 593 45.43 -44.73 -30.13
N LYS G 594 45.93 -43.54 -29.81
CA LYS G 594 45.18 -42.31 -29.96
C LYS G 594 46.08 -41.26 -30.58
N HIS G 595 45.58 -40.60 -31.63
CA HIS G 595 46.38 -39.61 -32.34
C HIS G 595 46.58 -38.37 -31.48
N LYS G 596 47.72 -37.71 -31.68
CA LYS G 596 48.04 -36.42 -31.08
C LYS G 596 48.56 -35.53 -32.22
N ARG G 597 47.64 -34.81 -32.86
CA ARG G 597 47.95 -34.07 -34.07
C ARG G 597 47.60 -32.59 -33.97
N TYR G 598 47.20 -32.11 -32.80
CA TYR G 598 46.82 -30.71 -32.65
C TYR G 598 48.08 -29.84 -32.66
N GLU G 599 48.12 -28.89 -33.58
CA GLU G 599 49.18 -27.90 -33.65
C GLU G 599 48.55 -26.52 -33.64
N PRO G 600 49.06 -25.58 -32.82
CA PRO G 600 48.39 -24.28 -32.69
C PRO G 600 48.42 -23.50 -34.00
N GLN G 601 47.38 -22.69 -34.20
CA GLN G 601 47.20 -21.92 -35.40
C GLN G 601 47.14 -20.43 -35.07
N LYS G 602 47.36 -19.60 -36.09
CA LYS G 602 47.36 -18.15 -35.94
C LYS G 602 46.08 -17.50 -36.43
N HIS G 603 45.09 -18.27 -36.85
CA HIS G 603 43.84 -17.69 -37.31
C HIS G 603 43.15 -16.96 -36.16
N PRO G 604 42.74 -15.70 -36.35
CA PRO G 604 42.18 -14.92 -35.24
C PRO G 604 40.74 -15.28 -34.88
N PHE G 605 40.05 -16.09 -35.70
CA PHE G 605 38.63 -16.34 -35.50
C PHE G 605 38.31 -17.81 -35.26
N ILE G 606 38.86 -18.72 -36.06
CA ILE G 606 38.49 -20.13 -36.02
C ILE G 606 39.68 -20.95 -35.55
N GLU G 607 39.47 -21.80 -34.55
CA GLU G 607 40.48 -22.70 -34.04
C GLU G 607 40.04 -24.15 -34.30
N ARG G 608 40.92 -24.92 -34.92
CA ARG G 608 40.64 -26.31 -35.26
C ARG G 608 41.53 -27.24 -34.44
N ASN G 609 40.94 -28.32 -33.93
CA ASN G 609 41.64 -29.26 -33.06
C ASN G 609 41.38 -30.68 -33.56
N PRO G 610 42.34 -31.30 -34.26
CA PRO G 610 42.10 -32.65 -34.81
C PRO G 610 41.86 -33.71 -33.75
N ASP G 611 42.25 -33.47 -32.50
CA ASP G 611 42.16 -34.51 -31.47
C ASP G 611 40.73 -34.72 -30.99
N LYS G 612 39.83 -33.78 -31.24
CA LYS G 612 38.44 -33.90 -30.84
C LYS G 612 37.50 -34.04 -32.02
N CYS G 613 38.02 -34.45 -33.18
CA CYS G 613 37.23 -34.62 -34.38
C CYS G 613 36.66 -36.03 -34.41
N ILE G 614 35.37 -36.13 -34.52
CA ILE G 614 34.72 -37.41 -34.68
C ILE G 614 34.47 -37.74 -36.15
N LEU G 615 35.03 -36.96 -37.00
CA LEU G 615 35.03 -37.21 -38.45
C LEU G 615 33.61 -37.40 -38.98
N CYS G 616 32.68 -36.56 -38.52
CA CYS G 616 31.33 -36.57 -39.05
C CYS G 616 31.24 -35.92 -40.43
N GLY G 617 32.24 -35.15 -40.82
CA GLY G 617 32.27 -34.52 -42.12
C GLY G 617 31.38 -33.30 -42.25
N LEU G 618 30.76 -32.86 -41.16
CA LEU G 618 29.80 -31.76 -41.24
C LEU G 618 30.44 -30.47 -41.72
N CYS G 619 31.65 -30.17 -41.25
CA CYS G 619 32.33 -28.96 -41.68
C CYS G 619 32.61 -28.98 -43.18
N ILE G 620 33.10 -30.11 -43.69
CA ILE G 620 33.36 -30.22 -45.12
C ILE G 620 32.07 -30.09 -45.92
N ARG G 621 31.02 -30.79 -45.47
CA ARG G 621 29.76 -30.79 -46.20
C ARG G 621 29.11 -29.42 -46.18
N VAL G 622 29.32 -28.64 -45.13
CA VAL G 622 28.69 -27.32 -45.08
C VAL G 622 29.54 -26.28 -45.80
N CYS G 623 30.86 -26.47 -45.86
CA CYS G 623 31.69 -25.57 -46.65
C CYS G 623 31.55 -25.83 -48.13
N GLU G 624 31.15 -27.04 -48.51
CA GLU G 624 31.03 -27.42 -49.91
C GLU G 624 29.60 -27.31 -50.44
N GLU G 625 28.60 -27.65 -49.65
CA GLU G 625 27.22 -27.71 -50.11
C GLU G 625 26.45 -26.42 -49.87
N VAL G 626 26.73 -25.73 -48.77
CA VAL G 626 25.98 -24.52 -48.41
C VAL G 626 26.78 -23.29 -48.79
N VAL G 627 27.97 -23.15 -48.22
CA VAL G 627 28.78 -21.96 -48.48
C VAL G 627 29.25 -21.95 -49.94
N GLY G 628 29.72 -23.09 -50.43
CA GLY G 628 30.23 -23.17 -51.78
C GLY G 628 31.67 -22.77 -51.96
N VAL G 629 32.41 -22.60 -50.86
CA VAL G 629 33.82 -22.23 -50.96
C VAL G 629 34.69 -23.47 -51.12
N CYS G 630 34.31 -24.58 -50.46
CA CYS G 630 35.04 -25.84 -50.53
C CYS G 630 36.50 -25.68 -50.09
N ALA G 631 36.68 -25.07 -48.91
CA ALA G 631 38.01 -24.82 -48.39
C ALA G 631 38.52 -25.93 -47.47
N LEU G 632 37.68 -26.88 -47.11
CA LEU G 632 38.07 -28.00 -46.26
C LEU G 632 37.94 -29.30 -47.04
N GLY G 633 38.65 -30.32 -46.58
CA GLY G 633 38.54 -31.62 -47.21
C GLY G 633 39.19 -32.70 -46.37
N PHE G 634 38.83 -33.93 -46.69
CA PHE G 634 39.44 -35.08 -46.03
C PHE G 634 40.86 -35.29 -46.54
N VAL G 635 41.72 -35.78 -45.65
CA VAL G 635 43.12 -36.05 -45.96
C VAL G 635 43.45 -37.41 -45.37
N ASN G 636 44.29 -38.16 -46.08
CA ASN G 636 44.66 -39.53 -45.73
C ASN G 636 43.44 -40.43 -45.86
N ARG G 637 43.54 -41.67 -45.36
CA ARG G 637 42.48 -42.64 -45.53
C ARG G 637 42.56 -43.66 -44.41
N GLY G 638 41.41 -44.00 -43.83
CA GLY G 638 41.36 -44.99 -42.78
C GLY G 638 41.44 -44.39 -41.40
N PHE G 639 42.21 -45.02 -40.51
CA PHE G 639 42.40 -44.50 -39.17
C PHE G 639 43.14 -43.17 -39.15
N GLU G 640 43.86 -42.85 -40.23
CA GLU G 640 44.67 -41.64 -40.30
C GLU G 640 43.92 -40.47 -40.94
N THR G 641 42.64 -40.62 -41.23
CA THR G 641 41.89 -39.55 -41.87
C THR G 641 41.86 -38.31 -40.98
N ILE G 642 41.96 -37.14 -41.60
CA ILE G 642 41.95 -35.87 -40.88
C ILE G 642 41.32 -34.82 -41.77
N VAL G 643 40.53 -33.94 -41.15
CA VAL G 643 39.95 -32.83 -41.89
C VAL G 643 40.97 -31.69 -41.94
N LYS G 644 41.34 -31.29 -43.14
CA LYS G 644 42.37 -30.26 -43.32
C LYS G 644 41.91 -29.25 -44.36
N PRO G 645 42.41 -28.02 -44.28
CA PRO G 645 42.12 -27.03 -45.32
C PRO G 645 42.81 -27.37 -46.64
N GLU G 646 42.68 -26.48 -47.62
CA GLU G 646 43.28 -26.71 -48.94
C GLU G 646 44.78 -26.92 -48.81
N PHE G 647 45.24 -28.11 -49.20
CA PHE G 647 46.66 -28.48 -49.19
C PHE G 647 47.26 -28.41 -47.78
N GLY G 648 46.42 -28.57 -46.76
CA GLY G 648 46.88 -28.52 -45.39
C GLY G 648 47.38 -27.15 -44.97
N LEU G 649 47.07 -26.14 -45.79
CA LEU G 649 47.51 -24.78 -45.51
C LEU G 649 46.73 -24.21 -44.34
N PRO G 650 47.25 -23.15 -43.71
CA PRO G 650 46.45 -22.43 -42.72
C PRO G 650 45.18 -21.87 -43.34
N LEU G 651 44.13 -21.74 -42.50
CA LEU G 651 42.83 -21.33 -43.00
C LEU G 651 42.90 -19.97 -43.70
N GLU G 652 43.82 -19.10 -43.30
CA GLU G 652 43.93 -17.79 -43.93
C GLU G 652 44.56 -17.88 -45.31
N GLU G 653 45.41 -18.88 -45.55
CA GLU G 653 46.06 -19.03 -46.84
C GLU G 653 45.19 -19.73 -47.88
N THR G 654 44.05 -20.25 -47.47
CA THR G 654 43.13 -20.92 -48.38
C THR G 654 42.11 -19.91 -48.90
N SER G 655 41.07 -20.41 -49.56
CA SER G 655 39.98 -19.58 -50.05
C SER G 655 38.89 -19.38 -49.01
N CYS G 656 39.12 -19.82 -47.77
CA CYS G 656 38.12 -19.67 -46.71
C CYS G 656 37.76 -18.21 -46.52
N ILE G 657 36.46 -17.94 -46.39
CA ILE G 657 35.96 -16.58 -46.28
C ILE G 657 35.60 -16.22 -44.84
N SER G 658 36.01 -17.04 -43.87
CA SER G 658 35.80 -16.76 -42.45
C SER G 658 34.33 -16.60 -42.09
N CYS G 659 33.45 -17.34 -42.77
CA CYS G 659 32.04 -17.28 -42.41
C CYS G 659 31.77 -17.90 -41.06
N GLY G 660 32.50 -18.96 -40.71
CA GLY G 660 32.33 -19.62 -39.44
C GLY G 660 31.29 -20.72 -39.42
N GLN G 661 30.79 -21.14 -40.58
CA GLN G 661 29.78 -22.19 -40.62
C GLN G 661 30.33 -23.51 -40.11
N CYS G 662 31.61 -23.78 -40.39
CA CYS G 662 32.23 -25.01 -39.91
C CYS G 662 32.28 -25.04 -38.38
N ALA G 663 32.56 -23.89 -37.76
CA ALA G 663 32.56 -23.83 -36.31
C ALA G 663 31.16 -23.95 -35.74
N ASP G 664 30.17 -23.40 -36.44
CA ASP G 664 28.79 -23.45 -35.96
C ASP G 664 28.18 -24.82 -36.12
N ILE G 665 28.67 -25.63 -37.07
CA ILE G 665 28.09 -26.94 -37.31
C ILE G 665 28.85 -28.06 -36.61
N CYS G 666 30.04 -27.80 -36.10
CA CYS G 666 30.82 -28.87 -35.45
C CYS G 666 30.15 -29.29 -34.16
N PRO G 667 30.00 -30.59 -33.91
CA PRO G 667 29.33 -31.03 -32.69
C PRO G 667 30.25 -31.19 -31.48
N THR G 668 31.53 -31.46 -31.71
CA THR G 668 32.43 -31.89 -30.63
C THR G 668 33.64 -30.97 -30.50
N GLY G 669 33.42 -29.67 -30.56
CA GLY G 669 34.44 -28.71 -30.20
C GLY G 669 35.79 -28.82 -30.89
N ALA G 670 35.88 -29.62 -31.96
CA ALA G 670 37.11 -29.69 -32.73
C ALA G 670 37.34 -28.40 -33.50
N CYS G 671 36.29 -27.88 -34.13
CA CYS G 671 36.29 -26.57 -34.75
C CYS G 671 35.45 -25.63 -33.90
N ILE G 672 36.06 -24.54 -33.45
CA ILE G 672 35.37 -23.56 -32.63
C ILE G 672 35.67 -22.16 -33.15
N GLY G 673 34.78 -21.22 -32.84
CA GLY G 673 34.97 -19.83 -33.15
C GLY G 673 35.37 -19.08 -31.90
N LYS G 674 36.52 -18.42 -31.96
CA LYS G 674 37.07 -17.77 -30.78
C LYS G 674 36.16 -16.65 -30.29
N GLN G 675 35.96 -16.60 -28.98
CA GLN G 675 35.10 -15.60 -28.39
C GLN G 675 35.75 -14.22 -28.48
N PRO G 676 34.95 -13.17 -28.66
CA PRO G 676 35.47 -11.79 -28.75
C PRO G 676 35.71 -11.15 -27.39
N VAL G 677 36.44 -11.85 -26.53
CA VAL G 677 36.67 -11.42 -25.15
C VAL G 677 38.17 -11.50 -24.87
N ALA G 678 38.56 -10.91 -23.73
CA ALA G 678 39.97 -10.86 -23.36
C ALA G 678 40.53 -12.25 -23.09
N LYS G 679 39.80 -13.05 -22.32
CA LYS G 679 40.23 -14.40 -21.97
C LYS G 679 39.12 -15.39 -22.31
N GLN G 680 39.49 -16.47 -22.99
CA GLN G 680 38.52 -17.48 -23.37
C GLN G 680 38.07 -18.26 -22.14
N VAL G 681 36.76 -18.39 -21.96
CA VAL G 681 36.21 -19.11 -20.82
C VAL G 681 34.92 -19.80 -21.24
N PRO G 682 34.75 -21.10 -20.95
CA PRO G 682 33.51 -21.79 -21.29
C PRO G 682 32.41 -21.44 -20.30
N VAL G 683 31.42 -20.67 -20.75
CA VAL G 683 30.36 -20.18 -19.89
C VAL G 683 29.02 -20.53 -20.51
N ASN G 684 28.00 -20.63 -19.66
CA ASN G 684 26.62 -20.82 -20.10
C ASN G 684 26.04 -19.46 -20.39
N THR G 685 25.92 -19.13 -21.68
CA THR G 685 25.48 -17.82 -22.10
C THR G 685 23.97 -17.78 -22.33
N VAL G 686 23.45 -16.58 -22.52
CA VAL G 686 22.05 -16.36 -22.84
C VAL G 686 21.98 -15.75 -24.24
N ALA G 687 21.10 -16.30 -25.08
CA ALA G 687 21.03 -15.94 -26.48
C ALA G 687 19.82 -15.04 -26.74
N THR G 688 20.06 -13.94 -27.44
CA THR G 688 19.01 -13.01 -27.86
C THR G 688 19.07 -12.83 -29.37
N LYS G 689 17.92 -12.87 -30.02
CA LYS G 689 17.85 -12.77 -31.47
C LYS G 689 17.83 -11.30 -31.90
N THR G 690 18.72 -10.95 -32.83
CA THR G 690 18.79 -9.61 -33.37
C THR G 690 19.16 -9.71 -34.85
N VAL G 691 19.40 -8.56 -35.47
CA VAL G 691 19.63 -8.47 -36.91
C VAL G 691 20.99 -7.85 -37.16
N CYS G 692 21.78 -8.47 -38.03
CA CYS G 692 23.07 -7.90 -38.44
C CYS G 692 22.85 -6.64 -39.26
N THR G 693 23.76 -5.67 -39.10
CA THR G 693 23.62 -4.36 -39.72
C THR G 693 24.80 -4.02 -40.62
N PHE G 694 25.57 -5.00 -41.07
CA PHE G 694 26.77 -4.72 -41.83
C PHE G 694 26.56 -4.77 -43.34
N CYS G 695 25.43 -5.30 -43.82
CA CYS G 695 24.99 -5.07 -45.19
C CYS G 695 23.49 -5.33 -45.25
N GLY G 696 22.93 -5.15 -46.43
CA GLY G 696 21.49 -5.15 -46.60
C GLY G 696 20.80 -6.49 -46.63
N MET G 697 21.55 -7.59 -46.58
CA MET G 697 20.90 -8.90 -46.55
C MET G 697 20.15 -9.13 -45.25
N GLY G 698 20.53 -8.44 -44.17
CA GLY G 698 19.77 -8.49 -42.93
C GLY G 698 19.64 -9.86 -42.31
N CYS G 699 20.75 -10.60 -42.23
CA CYS G 699 20.72 -11.92 -41.63
C CYS G 699 20.44 -11.83 -40.14
N GLU G 700 19.47 -12.60 -39.65
CA GLU G 700 19.20 -12.67 -38.23
C GLU G 700 20.22 -13.57 -37.55
N MET G 701 20.46 -13.29 -36.27
CA MET G 701 21.47 -14.03 -35.53
C MET G 701 21.09 -14.06 -34.06
N LEU G 702 21.69 -15.01 -33.34
CA LEU G 702 21.51 -15.14 -31.91
C LEU G 702 22.82 -14.74 -31.24
N VAL G 703 22.81 -13.60 -30.55
CA VAL G 703 23.97 -13.13 -29.81
C VAL G 703 23.92 -13.74 -28.42
N GLU G 704 24.97 -14.47 -28.05
CA GLU G 704 25.06 -15.16 -26.77
C GLU G 704 26.00 -14.38 -25.87
N THR G 705 25.46 -13.86 -24.77
CA THR G 705 26.19 -12.99 -23.86
C THR G 705 26.18 -13.57 -22.45
N LYS G 706 27.14 -13.11 -21.64
CA LYS G 706 27.21 -13.45 -20.22
C LYS G 706 27.69 -12.20 -19.48
N GLY G 707 26.74 -11.42 -18.98
CA GLY G 707 27.04 -10.16 -18.34
C GLY G 707 26.83 -9.00 -19.31
N ASN G 708 27.80 -8.09 -19.38
CA ASN G 708 27.78 -7.02 -20.36
C ASN G 708 28.72 -7.28 -21.54
N LEU G 709 29.28 -8.48 -21.63
CA LEU G 709 30.16 -8.87 -22.73
C LEU G 709 29.47 -9.87 -23.63
N ILE G 710 29.69 -9.72 -24.93
CA ILE G 710 29.20 -10.68 -25.92
C ILE G 710 30.22 -11.81 -26.01
N PHE G 711 29.75 -13.05 -25.92
CA PHE G 711 30.64 -14.20 -25.93
C PHE G 711 30.59 -15.01 -27.21
N ASP G 712 29.48 -15.03 -27.91
CA ASP G 712 29.42 -15.73 -29.20
C ASP G 712 28.26 -15.20 -30.03
N VAL G 713 28.25 -15.60 -31.30
CA VAL G 713 27.16 -15.30 -32.22
C VAL G 713 26.87 -16.56 -33.02
N SER G 714 25.59 -16.93 -33.12
CA SER G 714 25.20 -18.11 -33.84
C SER G 714 24.20 -17.77 -34.93
N PRO G 715 24.24 -18.45 -36.07
CA PRO G 715 23.25 -18.20 -37.11
C PRO G 715 21.89 -18.76 -36.73
N VAL G 716 20.85 -18.16 -37.31
CA VAL G 716 19.48 -18.61 -37.11
C VAL G 716 19.10 -19.50 -38.29
N GLN G 717 18.53 -20.66 -37.99
CA GLN G 717 18.21 -21.66 -39.02
C GLN G 717 16.97 -21.25 -39.80
N SER G 718 17.04 -20.08 -40.43
CA SER G 718 15.94 -19.58 -41.23
C SER G 718 15.98 -20.14 -42.64
N ASN G 719 17.05 -19.84 -43.37
CA ASN G 719 17.24 -20.35 -44.73
C ASN G 719 18.72 -20.41 -45.01
N GLU G 720 19.27 -21.63 -45.09
CA GLU G 720 20.70 -21.90 -45.23
C GLU G 720 21.45 -21.56 -43.94
N GLY G 721 20.75 -20.98 -42.96
CA GLY G 721 21.30 -20.66 -41.66
C GLY G 721 22.73 -20.16 -41.69
N MET G 722 23.00 -19.15 -42.51
CA MET G 722 24.37 -18.72 -42.78
C MET G 722 24.59 -17.29 -42.35
N LEU G 723 25.81 -17.01 -41.90
CA LEU G 723 26.29 -15.68 -41.60
C LEU G 723 27.63 -15.48 -42.29
N CYS G 724 27.90 -14.26 -42.72
CA CYS G 724 29.17 -13.97 -43.36
C CYS G 724 30.20 -13.63 -42.29
N ALA G 725 31.40 -13.22 -42.72
CA ALA G 725 32.46 -12.89 -41.76
C ALA G 725 32.05 -11.74 -40.85
N PHE G 726 31.40 -10.72 -41.43
CA PHE G 726 31.03 -9.54 -40.65
C PHE G 726 30.04 -9.89 -39.55
N GLY G 727 28.87 -10.40 -39.92
CA GLY G 727 27.86 -10.70 -38.91
C GLY G 727 28.34 -11.67 -37.85
N ARG G 728 29.13 -12.66 -38.26
CA ARG G 728 29.56 -13.70 -37.33
C ARG G 728 30.66 -13.21 -36.39
N PHE G 729 31.62 -12.42 -36.89
CA PHE G 729 32.83 -12.15 -36.13
C PHE G 729 33.08 -10.68 -35.80
N GLY G 730 32.54 -9.73 -36.55
CA GLY G 730 32.75 -8.33 -36.30
C GLY G 730 31.88 -7.73 -35.22
N ILE G 731 31.16 -8.57 -34.49
CA ILE G 731 30.40 -8.15 -33.32
C ILE G 731 31.39 -7.93 -32.17
N LYS G 732 32.67 -8.16 -32.44
CA LYS G 732 33.70 -7.98 -31.43
C LYS G 732 33.85 -6.53 -30.99
N TYR G 733 33.38 -5.58 -31.80
CA TYR G 733 33.51 -4.17 -31.44
C TYR G 733 32.61 -3.77 -30.28
N VAL G 734 31.61 -4.60 -29.94
CA VAL G 734 30.77 -4.28 -28.79
C VAL G 734 31.56 -4.33 -27.50
N ASN G 735 32.41 -5.35 -27.34
CA ASN G 735 33.26 -5.48 -26.16
C ASN G 735 34.51 -4.64 -26.21
N ASP G 736 34.76 -3.95 -27.33
CA ASP G 736 36.01 -3.21 -27.50
C ASP G 736 36.16 -2.16 -26.42
N LYS G 737 37.34 -2.12 -25.81
CA LYS G 737 37.62 -1.17 -24.74
C LYS G 737 38.03 0.20 -25.25
N ASP G 738 38.19 0.37 -26.56
CA ASP G 738 38.50 1.67 -27.15
C ASP G 738 37.24 2.48 -27.43
N ARG G 739 36.07 1.97 -27.11
CA ARG G 739 34.84 2.72 -27.29
C ARG G 739 34.79 3.90 -26.32
N ILE G 740 34.38 5.05 -26.82
CA ILE G 740 34.20 6.22 -25.97
C ILE G 740 32.82 6.13 -25.31
N LEU G 741 32.78 6.39 -24.01
CA LEU G 741 31.54 6.33 -23.25
C LEU G 741 31.09 7.68 -22.71
N ALA G 742 31.94 8.70 -22.77
CA ALA G 742 31.60 10.04 -22.32
C ALA G 742 31.94 11.04 -23.41
N PRO G 743 31.19 12.14 -23.50
CA PRO G 743 31.44 13.11 -24.55
C PRO G 743 32.73 13.87 -24.34
N LEU G 744 33.24 14.44 -25.43
CA LEU G 744 34.46 15.24 -25.41
C LEU G 744 34.16 16.61 -26.00
N ILE G 745 34.62 17.66 -25.32
CA ILE G 745 34.49 19.02 -25.82
C ILE G 745 35.87 19.68 -25.79
N LYS G 746 36.02 20.71 -26.61
CA LYS G 746 37.31 21.36 -26.81
C LYS G 746 37.53 22.41 -25.74
N VAL G 747 38.41 22.11 -24.78
CA VAL G 747 38.85 23.07 -23.78
C VAL G 747 40.33 23.34 -24.01
N ASN G 748 40.68 24.63 -24.10
CA ASN G 748 42.06 25.06 -24.33
C ASN G 748 42.66 24.41 -25.58
N GLY G 749 41.82 24.14 -26.57
CA GLY G 749 42.29 23.54 -27.80
C GLY G 749 42.48 22.05 -27.77
N GLU G 750 42.07 21.37 -26.71
CA GLU G 750 42.21 19.92 -26.60
C GLU G 750 40.88 19.32 -26.18
N LEU G 751 40.57 18.14 -26.73
CA LEU G 751 39.34 17.45 -26.36
C LEU G 751 39.46 16.87 -24.96
N SER G 752 38.47 17.13 -24.11
CA SER G 752 38.45 16.59 -22.77
C SER G 752 37.02 16.17 -22.42
N LYS G 753 36.91 15.23 -21.50
CA LYS G 753 35.63 14.66 -21.13
C LYS G 753 34.73 15.69 -20.47
N THR G 754 33.42 15.51 -20.64
CA THR G 754 32.43 16.39 -20.04
C THR G 754 31.17 15.58 -19.79
N THR G 755 30.10 16.27 -19.40
CA THR G 755 28.81 15.63 -19.21
C THR G 755 27.99 15.70 -20.49
N PHE G 756 26.96 14.86 -20.56
CA PHE G 756 26.12 14.82 -21.75
C PHE G 756 25.35 16.12 -21.92
N ASP G 757 24.86 16.70 -20.82
CA ASP G 757 24.08 17.93 -20.92
C ASP G 757 24.91 19.07 -21.49
N GLN G 758 26.12 19.26 -20.96
CA GLN G 758 26.97 20.34 -21.45
C GLN G 758 27.38 20.12 -22.90
N ALA G 759 27.70 18.88 -23.27
CA ALA G 759 28.10 18.59 -24.64
C ALA G 759 26.96 18.83 -25.61
N LEU G 760 25.73 18.41 -25.26
CA LEU G 760 24.61 18.62 -26.15
C LEU G 760 24.24 20.09 -26.24
N ILE G 761 24.37 20.83 -25.13
CA ILE G 761 24.15 22.27 -25.17
C ILE G 761 25.16 22.92 -26.11
N GLU G 762 26.43 22.52 -26.01
CA GLU G 762 27.46 23.07 -26.88
C GLU G 762 27.18 22.75 -28.34
N THR G 763 26.74 21.52 -28.62
CA THR G 763 26.38 21.13 -29.98
C THR G 763 25.26 22.01 -30.53
N ALA G 764 24.20 22.18 -29.74
CA ALA G 764 23.06 22.98 -30.19
C ALA G 764 23.46 24.43 -30.42
N LYS G 765 24.27 25.00 -29.52
CA LYS G 765 24.67 26.39 -29.68
C LYS G 765 25.60 26.57 -30.87
N LYS G 766 26.50 25.60 -31.13
CA LYS G 766 27.37 25.70 -32.30
C LYS G 766 26.57 25.62 -33.59
N LEU G 767 25.62 24.69 -33.66
CA LEU G 767 24.78 24.59 -34.84
C LEU G 767 23.96 25.86 -35.05
N GLN G 768 23.40 26.40 -33.96
CA GLN G 768 22.61 27.61 -34.07
C GLN G 768 23.46 28.81 -34.49
N ALA G 769 24.70 28.88 -33.99
CA ALA G 769 25.59 29.96 -34.40
C ALA G 769 25.93 29.86 -35.88
N ILE G 770 26.19 28.64 -36.36
CA ILE G 770 26.48 28.46 -37.78
C ILE G 770 25.28 28.88 -38.62
N ARG G 771 24.09 28.44 -38.23
CA ARG G 771 22.88 28.78 -38.97
C ARG G 771 22.63 30.29 -38.96
N ALA G 772 22.85 30.94 -37.81
CA ALA G 772 22.61 32.37 -37.70
C ALA G 772 23.59 33.16 -38.56
N SER G 773 24.87 32.85 -38.47
CA SER G 773 25.87 33.63 -39.18
C SER G 773 25.83 33.37 -40.69
N TYR G 774 25.70 32.11 -41.09
CA TYR G 774 25.83 31.73 -42.49
C TYR G 774 24.51 31.41 -43.17
N GLY G 775 23.38 31.58 -42.48
CA GLY G 775 22.10 31.37 -43.11
C GLY G 775 21.71 29.92 -43.27
N LYS G 776 20.62 29.71 -43.99
CA LYS G 776 20.05 28.38 -44.16
C LYS G 776 20.90 27.53 -45.09
N ASP G 777 20.71 26.22 -44.99
CA ASP G 777 21.40 25.23 -45.84
C ASP G 777 22.91 25.30 -45.68
N SER G 778 23.39 25.68 -44.49
CA SER G 778 24.81 25.79 -44.22
C SER G 778 25.32 24.71 -43.29
N ILE G 779 24.46 23.79 -42.85
CA ILE G 779 24.85 22.68 -41.98
C ILE G 779 24.56 21.39 -42.72
N ALA G 780 25.57 20.55 -42.85
CA ALA G 780 25.43 19.23 -43.47
C ALA G 780 25.38 18.17 -42.37
N ILE G 781 24.47 17.22 -42.53
CA ILE G 781 24.37 16.08 -41.62
C ILE G 781 24.73 14.84 -42.42
N ILE G 782 25.87 14.24 -42.08
CA ILE G 782 26.37 13.06 -42.78
C ILE G 782 26.17 11.88 -41.83
N ALA G 783 25.04 11.21 -41.99
CA ALA G 783 24.63 10.13 -41.10
C ALA G 783 25.02 8.78 -41.67
N SER G 784 25.47 7.87 -40.81
CA SER G 784 25.75 6.52 -41.24
C SER G 784 24.47 5.79 -41.60
N GLN G 785 24.60 4.75 -42.42
CA GLN G 785 23.46 4.00 -42.90
C GLN G 785 23.17 2.78 -42.03
N ARG G 786 23.83 2.66 -40.88
CA ARG G 786 23.55 1.58 -39.95
C ARG G 786 22.57 2.00 -38.85
N LEU G 787 22.10 3.24 -38.85
CA LEU G 787 21.15 3.68 -37.86
C LEU G 787 19.77 3.12 -38.16
N THR G 788 18.94 3.05 -37.13
CA THR G 788 17.57 2.57 -37.29
C THR G 788 16.74 3.57 -38.08
N ASN G 789 15.53 3.15 -38.46
CA ASN G 789 14.65 4.04 -39.20
C ASN G 789 14.24 5.24 -38.35
N GLU G 790 13.99 5.01 -37.05
CA GLU G 790 13.59 6.10 -36.17
C GLU G 790 14.70 7.13 -36.02
N GLU G 791 15.95 6.69 -35.90
CA GLU G 791 17.05 7.64 -35.78
C GLU G 791 17.23 8.45 -37.05
N ALA G 792 17.09 7.82 -38.21
CA ALA G 792 17.18 8.55 -39.48
C ALA G 792 16.04 9.57 -39.60
N LEU G 793 14.83 9.17 -39.22
CA LEU G 793 13.71 10.10 -39.25
C LEU G 793 13.92 11.27 -38.29
N LEU G 794 14.46 11.00 -37.11
CA LEU G 794 14.75 12.05 -36.16
C LEU G 794 15.82 13.00 -36.69
N LEU G 795 16.83 12.45 -37.38
CA LEU G 795 17.84 13.30 -37.98
C LEU G 795 17.25 14.19 -39.08
N THR G 796 16.31 13.65 -39.86
CA THR G 796 15.61 14.47 -40.84
C THR G 796 14.80 15.58 -40.17
N LYS G 797 14.12 15.24 -39.07
CA LYS G 797 13.37 16.26 -38.33
C LYS G 797 14.28 17.34 -37.80
N LEU G 798 15.44 16.95 -37.26
CA LEU G 798 16.39 17.94 -36.74
C LEU G 798 16.95 18.80 -37.87
N ALA G 799 17.21 18.21 -39.03
CA ALA G 799 17.66 18.98 -40.18
C ALA G 799 16.61 20.01 -40.58
N GLN G 800 15.33 19.63 -40.53
CA GLN G 800 14.26 20.60 -40.76
C GLN G 800 14.28 21.68 -39.69
N LYS G 801 14.58 21.31 -38.45
CA LYS G 801 14.66 22.30 -37.37
C LYS G 801 15.83 23.26 -37.57
N LEU G 802 16.90 22.81 -38.22
CA LEU G 802 18.05 23.64 -38.50
C LEU G 802 17.95 24.35 -39.85
N ASP G 803 16.82 24.21 -40.55
CA ASP G 803 16.60 24.85 -41.85
C ASP G 803 17.67 24.47 -42.86
N THR G 804 18.09 23.20 -42.83
CA THR G 804 19.08 22.68 -43.76
C THR G 804 18.49 21.49 -44.51
N THR G 805 18.61 21.51 -45.83
CA THR G 805 18.21 20.40 -46.67
C THR G 805 19.36 19.45 -46.97
N VAL G 806 20.55 19.73 -46.45
CA VAL G 806 21.72 18.87 -46.70
C VAL G 806 21.62 17.73 -45.70
N ILE G 807 20.88 16.70 -46.08
CA ILE G 807 20.70 15.49 -45.29
C ILE G 807 21.13 14.31 -46.16
N GLY G 808 22.32 13.78 -45.87
CA GLY G 808 22.87 12.75 -46.72
C GLY G 808 23.87 11.85 -46.02
N SER G 809 24.60 11.07 -46.81
CA SER G 809 25.60 10.15 -46.29
C SER G 809 26.75 10.05 -47.27
N PHE G 810 27.95 9.81 -46.74
CA PHE G 810 29.11 9.63 -47.59
C PHE G 810 29.12 8.26 -48.27
N ASP G 811 28.33 7.32 -47.76
CA ASP G 811 28.21 5.98 -48.33
C ASP G 811 27.15 5.90 -49.42
N LEU G 812 26.50 7.01 -49.75
CA LEU G 812 25.35 7.00 -50.63
C LEU G 812 25.78 7.27 -52.06
N ARG G 813 25.33 6.44 -52.99
CA ARG G 813 25.64 6.55 -54.40
C ARG G 813 24.50 7.26 -55.13
N GLU G 814 24.82 7.84 -56.28
CA GLU G 814 23.81 8.52 -57.08
C GLU G 814 22.72 7.54 -57.51
N SER G 815 21.47 7.96 -57.34
CA SER G 815 20.33 7.09 -57.58
C SER G 815 19.88 7.18 -59.04
N VAL G 816 19.46 6.03 -59.57
CA VAL G 816 19.00 5.98 -60.96
C VAL G 816 17.61 5.34 -61.01
N LEU G 817 17.28 4.52 -60.01
CA LEU G 817 16.05 3.75 -60.07
C LEU G 817 14.82 4.59 -59.81
N ASP G 818 14.93 5.66 -59.02
CA ASP G 818 13.76 6.48 -58.74
C ASP G 818 13.38 7.37 -59.92
N ARG G 819 14.32 7.63 -60.83
CA ARG G 819 14.01 8.37 -62.04
C ARG G 819 13.42 7.49 -63.14
N ILE G 820 13.46 6.17 -62.97
CA ILE G 820 12.91 5.22 -63.93
C ILE G 820 11.58 4.66 -63.44
N PHE G 821 11.59 3.96 -62.31
CA PHE G 821 10.40 3.33 -61.79
C PHE G 821 9.63 4.19 -60.81
N GLY G 822 10.30 5.13 -60.14
CA GLY G 822 9.62 6.00 -59.21
C GLY G 822 10.19 5.93 -57.81
N LEU G 823 10.57 4.72 -57.38
CA LEU G 823 11.13 4.49 -56.06
C LEU G 823 12.51 3.86 -56.19
N ASN G 824 13.43 4.30 -55.34
CA ASN G 824 14.75 3.67 -55.23
C ASN G 824 14.61 2.51 -54.26
N ALA G 825 14.23 1.35 -54.78
CA ALA G 825 14.00 0.18 -53.94
C ALA G 825 14.10 -1.06 -54.81
N SER G 826 14.26 -2.20 -54.14
CA SER G 826 14.21 -3.48 -54.84
C SER G 826 12.76 -3.84 -55.14
N THR G 827 12.50 -4.22 -56.39
CA THR G 827 11.13 -4.48 -56.81
C THR G 827 10.55 -5.71 -56.12
N ASN G 828 11.36 -6.74 -55.93
CA ASN G 828 10.88 -8.01 -55.39
C ASN G 828 11.62 -8.35 -54.10
N SER G 829 11.37 -9.54 -53.58
CA SER G 829 11.89 -9.98 -52.30
C SER G 829 12.87 -11.15 -52.49
N PHE G 830 13.62 -11.43 -51.42
CA PHE G 830 14.58 -12.52 -51.43
C PHE G 830 13.94 -13.90 -51.54
N ASP G 831 12.63 -14.01 -51.32
CA ASP G 831 11.95 -15.30 -51.40
C ASP G 831 11.66 -15.72 -52.82
N GLU G 832 11.75 -14.82 -53.79
CA GLU G 832 11.49 -15.15 -55.19
C GLU G 832 12.76 -15.53 -55.95
N ILE G 833 13.91 -15.54 -55.30
CA ILE G 833 15.13 -16.02 -55.94
C ILE G 833 15.00 -17.49 -56.29
N TYR G 834 14.44 -18.29 -55.37
CA TYR G 834 14.33 -19.72 -55.59
C TYR G 834 13.38 -20.04 -56.74
N SER G 835 12.30 -19.29 -56.85
CA SER G 835 11.24 -19.60 -57.81
C SER G 835 11.40 -18.88 -59.15
N THR G 836 12.42 -18.06 -59.32
CA THR G 836 12.60 -17.40 -60.61
C THR G 836 13.27 -18.35 -61.59
N ASP G 837 13.09 -18.06 -62.88
CA ASP G 837 13.64 -18.91 -63.93
C ASP G 837 15.06 -18.55 -64.28
N LEU G 838 15.39 -17.26 -64.32
CA LEU G 838 16.73 -16.80 -64.66
C LEU G 838 17.17 -15.76 -63.62
N ILE G 839 18.43 -15.88 -63.20
CA ILE G 839 19.03 -14.93 -62.26
C ILE G 839 20.21 -14.26 -62.97
N VAL G 840 20.20 -12.93 -62.98
CA VAL G 840 21.29 -12.15 -63.54
C VAL G 840 22.00 -11.48 -62.38
N ALA G 841 23.09 -12.09 -61.91
CA ALA G 841 23.87 -11.55 -60.80
C ALA G 841 24.92 -10.60 -61.37
N VAL G 842 24.78 -9.31 -61.06
CA VAL G 842 25.64 -8.27 -61.61
C VAL G 842 26.54 -7.75 -60.49
N GLY G 843 27.84 -7.71 -60.76
CA GLY G 843 28.80 -7.27 -59.78
C GLY G 843 29.31 -8.41 -58.92
N LYS G 844 30.03 -8.02 -57.86
CA LYS G 844 30.58 -8.98 -56.90
C LYS G 844 29.51 -9.39 -55.88
N VAL G 845 28.47 -10.05 -56.39
CA VAL G 845 27.34 -10.42 -55.54
C VAL G 845 27.75 -11.51 -54.55
N ALA G 846 28.44 -12.54 -55.03
CA ALA G 846 28.86 -13.63 -54.15
C ALA G 846 30.03 -13.23 -53.27
N GLU G 847 30.98 -12.47 -53.80
CA GLU G 847 32.17 -12.10 -53.03
C GLU G 847 31.83 -11.16 -51.89
N ASN G 848 31.10 -10.09 -52.18
CA ASN G 848 30.75 -9.13 -51.14
C ASN G 848 29.76 -9.72 -50.14
N HIS G 849 28.79 -10.48 -50.63
CA HIS G 849 27.73 -11.04 -49.79
C HIS G 849 27.78 -12.56 -49.94
N ALA G 850 28.36 -13.23 -48.95
CA ALA G 850 28.48 -14.69 -49.00
C ALA G 850 27.12 -15.36 -48.85
N VAL G 851 26.23 -14.77 -48.05
CA VAL G 851 24.89 -15.35 -47.87
C VAL G 851 24.12 -15.29 -49.18
N MET G 852 24.27 -14.20 -49.94
CA MET G 852 23.62 -14.14 -51.25
C MET G 852 24.25 -15.13 -52.22
N GLY G 853 25.55 -15.39 -52.10
CA GLY G 853 26.16 -16.44 -52.91
C GLY G 853 25.58 -17.81 -52.59
N ALA G 854 25.38 -18.10 -51.32
CA ALA G 854 24.75 -19.36 -50.94
C ALA G 854 23.31 -19.43 -51.43
N LYS G 855 22.59 -18.31 -51.37
CA LYS G 855 21.22 -18.27 -51.87
C LYS G 855 21.17 -18.53 -53.37
N LEU G 856 22.10 -17.93 -54.12
CA LEU G 856 22.16 -18.18 -55.56
C LEU G 856 22.53 -19.63 -55.86
N LYS G 857 23.44 -20.20 -55.08
CA LYS G 857 23.80 -21.61 -55.25
C LYS G 857 22.59 -22.51 -55.02
N LYS G 858 21.83 -22.24 -53.97
CA LYS G 858 20.63 -23.04 -53.68
C LYS G 858 19.59 -22.86 -54.78
N ALA G 859 19.41 -21.62 -55.26
CA ALA G 859 18.42 -21.37 -56.30
C ALA G 859 18.79 -22.09 -57.60
N VAL G 860 20.06 -22.07 -57.97
CA VAL G 860 20.50 -22.77 -59.17
C VAL G 860 20.34 -24.27 -59.00
N GLU G 861 20.63 -24.78 -57.79
CA GLU G 861 20.39 -26.18 -57.51
C GLU G 861 18.91 -26.53 -57.63
N LEU G 862 18.03 -25.60 -57.28
CA LEU G 862 16.60 -25.85 -57.34
C LEU G 862 16.07 -25.82 -58.77
N GLY G 863 16.80 -25.24 -59.72
CA GLY G 863 16.38 -25.26 -61.10
C GLY G 863 16.53 -23.94 -61.84
N ALA G 864 17.01 -22.92 -61.16
CA ALA G 864 17.15 -21.61 -61.78
C ALA G 864 18.37 -21.59 -62.70
N LYS G 865 18.44 -20.55 -63.52
CA LYS G 865 19.56 -20.34 -64.44
C LYS G 865 20.27 -19.06 -64.04
N LEU G 866 21.59 -19.12 -63.91
CA LEU G 866 22.39 -18.01 -63.41
C LEU G 866 23.25 -17.45 -64.53
N VAL G 867 23.21 -16.13 -64.69
CA VAL G 867 24.07 -15.41 -65.62
C VAL G 867 24.78 -14.33 -64.81
N THR G 868 26.10 -14.42 -64.73
CA THR G 868 26.89 -13.51 -63.92
C THR G 868 27.57 -12.48 -64.81
N ILE G 869 27.32 -11.20 -64.54
CA ILE G 869 27.98 -10.09 -65.23
C ILE G 869 28.93 -9.44 -64.24
N ASN G 870 30.21 -9.42 -64.58
CA ASN G 870 31.24 -8.90 -63.70
C ASN G 870 32.41 -8.46 -64.58
N ASN G 871 33.48 -7.99 -63.93
CA ASN G 871 34.72 -7.69 -64.62
C ASN G 871 35.84 -8.66 -64.29
N GLY G 872 35.86 -9.22 -63.08
CA GLY G 872 36.84 -10.21 -62.71
C GLY G 872 36.20 -11.54 -62.37
N GLU G 873 36.98 -12.46 -61.80
CA GLU G 873 36.45 -13.77 -61.46
C GLU G 873 35.45 -13.68 -60.32
N THR G 874 34.48 -14.60 -60.33
CA THR G 874 33.44 -14.66 -59.32
C THR G 874 33.24 -16.11 -58.91
N ARG G 875 32.85 -16.32 -57.65
CA ARG G 875 32.56 -17.67 -57.17
C ARG G 875 31.28 -18.22 -57.78
N ALA G 876 30.43 -17.38 -58.36
CA ALA G 876 29.20 -17.82 -58.96
C ALA G 876 29.36 -18.29 -60.40
N ASP G 877 30.56 -18.16 -60.98
CA ASP G 877 30.78 -18.55 -62.36
C ASP G 877 30.87 -20.06 -62.54
N GLU G 878 30.97 -20.82 -61.45
CA GLU G 878 31.02 -22.28 -61.57
C GLU G 878 29.71 -22.84 -62.10
N ARG G 879 28.59 -22.32 -61.63
CA ARG G 879 27.27 -22.83 -61.98
C ARG G 879 26.53 -21.92 -62.95
N ALA G 880 27.21 -20.93 -63.52
CA ALA G 880 26.56 -19.99 -64.44
C ALA G 880 26.53 -20.56 -65.84
N ILE G 881 25.37 -20.47 -66.49
CA ILE G 881 25.25 -20.92 -67.88
C ILE G 881 26.00 -19.98 -68.82
N ALA G 882 25.95 -18.68 -68.54
CA ALA G 882 26.68 -17.69 -69.32
C ALA G 882 27.39 -16.73 -68.39
N THR G 883 28.65 -16.44 -68.70
CA THR G 883 29.48 -15.55 -67.92
C THR G 883 30.01 -14.45 -68.82
N TYR G 884 29.87 -13.20 -68.39
CA TYR G 884 30.28 -12.05 -69.18
C TYR G 884 31.23 -11.18 -68.37
N LYS G 885 32.39 -10.89 -68.95
CA LYS G 885 33.41 -10.04 -68.33
C LYS G 885 33.42 -8.72 -69.10
N ILE G 886 32.83 -7.69 -68.51
CA ILE G 886 32.65 -6.40 -69.18
C ILE G 886 33.22 -5.28 -68.32
N ASP G 887 33.48 -4.15 -68.97
CA ASP G 887 33.98 -2.96 -68.30
C ASP G 887 33.25 -1.69 -68.70
N ASN G 888 32.34 -1.77 -69.68
CA ASN G 888 31.61 -0.61 -70.17
C ASN G 888 30.13 -0.95 -70.24
N THR G 889 29.30 0.09 -70.20
CA THR G 889 27.87 -0.09 -70.35
C THR G 889 27.44 -0.19 -71.81
N ALA G 890 28.38 -0.16 -72.75
CA ALA G 890 28.05 -0.42 -74.14
C ALA G 890 27.53 -1.84 -74.33
N PHE G 891 27.90 -2.75 -73.43
CA PHE G 891 27.37 -4.11 -73.49
C PHE G 891 25.85 -4.11 -73.34
N PHE G 892 25.33 -3.30 -72.42
CA PHE G 892 23.89 -3.26 -72.21
C PHE G 892 23.17 -2.55 -73.36
N LYS G 893 23.80 -1.52 -73.93
CA LYS G 893 23.22 -0.87 -75.11
C LYS G 893 23.16 -1.84 -76.28
N ALA G 894 24.22 -2.61 -76.49
CA ALA G 894 24.21 -3.63 -77.53
C ALA G 894 23.16 -4.70 -77.26
N THR G 895 22.99 -5.07 -75.98
CA THR G 895 21.94 -6.02 -75.63
C THR G 895 20.56 -5.46 -75.95
N ILE G 896 20.33 -4.18 -75.66
CA ILE G 896 19.05 -3.56 -75.97
C ILE G 896 18.81 -3.55 -77.48
N LYS G 897 19.85 -3.20 -78.25
CA LYS G 897 19.71 -3.20 -79.70
C LYS G 897 19.43 -4.61 -80.23
N ALA G 898 20.10 -5.61 -79.66
CA ALA G 898 19.85 -6.99 -80.07
C ALA G 898 18.44 -7.42 -79.73
N LEU G 899 17.93 -7.02 -78.57
CA LEU G 899 16.55 -7.31 -78.20
C LEU G 899 15.57 -6.68 -79.18
N PHE G 900 15.83 -5.42 -79.57
CA PHE G 900 14.97 -4.75 -80.52
C PHE G 900 15.02 -5.41 -81.89
N GLU G 901 16.22 -5.85 -82.30
CA GLU G 901 16.38 -6.40 -83.64
C GLU G 901 15.65 -7.72 -83.81
N MET G 902 15.68 -8.59 -82.79
CA MET G 902 15.01 -9.88 -82.89
C MET G 902 13.52 -9.79 -82.58
N LYS G 903 12.98 -8.57 -82.46
CA LYS G 903 11.57 -8.35 -82.13
C LYS G 903 11.18 -9.07 -80.84
N ALA G 904 12.09 -9.05 -79.86
CA ALA G 904 11.83 -9.60 -78.54
C ALA G 904 11.14 -8.60 -77.62
N VAL G 905 10.89 -7.38 -78.11
CA VAL G 905 10.21 -6.34 -77.35
C VAL G 905 8.83 -6.14 -77.97
N ASP G 906 7.79 -6.24 -77.14
CA ASP G 906 6.43 -5.97 -77.58
C ASP G 906 6.21 -4.46 -77.52
N GLU G 907 6.38 -3.79 -78.66
CA GLU G 907 6.44 -2.33 -78.67
C GLU G 907 5.12 -1.71 -78.24
N ASP G 908 3.98 -2.37 -78.50
CA ASP G 908 2.70 -1.82 -78.11
C ASP G 908 2.59 -1.68 -76.60
N TYR G 909 2.85 -2.77 -75.87
CA TYR G 909 2.71 -2.72 -74.42
C TYR G 909 3.76 -1.83 -73.79
N VAL G 910 5.00 -1.87 -74.31
CA VAL G 910 6.07 -1.05 -73.77
C VAL G 910 5.74 0.43 -73.96
N SER G 911 5.28 0.80 -75.16
CA SER G 911 4.88 2.19 -75.40
C SER G 911 3.68 2.57 -74.55
N LYS G 912 2.83 1.61 -74.21
CA LYS G 912 1.72 1.89 -73.31
C LYS G 912 2.22 2.19 -71.90
N ILE G 913 3.23 1.46 -71.42
CA ILE G 913 3.69 1.59 -70.04
C ILE G 913 4.96 2.40 -69.88
N ALA G 914 5.67 2.70 -70.97
CA ALA G 914 6.97 3.37 -70.87
C ALA G 914 7.02 4.52 -71.87
N VAL G 915 7.08 5.75 -71.36
CA VAL G 915 7.42 6.91 -72.16
C VAL G 915 8.92 6.85 -72.42
N ASN G 916 9.42 7.70 -73.33
CA ASN G 916 10.84 7.78 -73.63
C ASN G 916 11.36 6.49 -74.26
N LEU G 917 10.60 5.96 -75.23
CA LEU G 917 11.02 4.77 -75.98
C LEU G 917 11.62 5.12 -77.33
N ASP G 918 11.09 6.14 -78.00
CA ASP G 918 11.67 6.58 -79.27
C ASP G 918 13.11 7.04 -79.06
N GLU G 919 13.35 7.80 -77.98
CA GLU G 919 14.70 8.27 -77.70
C GLU G 919 15.63 7.12 -77.36
N LEU G 920 15.14 6.10 -76.65
CA LEU G 920 15.98 4.94 -76.35
C LEU G 920 16.32 4.17 -77.61
N LYS G 921 15.35 3.99 -78.50
CA LYS G 921 15.61 3.33 -79.77
C LYS G 921 16.63 4.10 -80.60
N ASP G 922 16.50 5.43 -80.61
CA ASP G 922 17.46 6.26 -81.33
C ASP G 922 18.85 6.15 -80.72
N ASP G 923 18.92 6.09 -79.38
CA ASP G 923 20.20 5.97 -78.70
C ASP G 923 20.88 4.64 -79.03
N VAL G 924 20.11 3.55 -79.07
CA VAL G 924 20.68 2.24 -79.35
C VAL G 924 20.71 1.90 -80.83
N LYS G 925 20.30 2.84 -81.70
CA LYS G 925 20.25 2.55 -83.13
C LYS G 925 21.63 2.45 -83.78
N ASN G 926 22.68 2.96 -83.12
CA ASN G 926 23.99 3.04 -83.75
C ASN G 926 25.05 2.13 -83.14
N VAL G 927 24.81 1.58 -81.95
CA VAL G 927 25.80 0.70 -81.32
C VAL G 927 25.95 -0.57 -82.14
N GLU G 928 27.10 -1.22 -81.99
CA GLU G 928 27.38 -2.46 -82.70
C GLU G 928 27.08 -3.65 -81.80
N VAL G 929 26.23 -4.55 -82.29
CA VAL G 929 25.84 -5.72 -81.51
C VAL G 929 26.95 -6.76 -81.59
N THR G 930 27.45 -7.18 -80.43
CA THR G 930 28.49 -8.19 -80.34
C THR G 930 27.87 -9.56 -80.11
N ASP G 931 28.72 -10.59 -80.16
CA ASP G 931 28.24 -11.95 -79.93
C ASP G 931 27.76 -12.14 -78.51
N GLU G 932 28.49 -11.59 -77.53
CA GLU G 932 28.10 -11.72 -76.14
C GLU G 932 26.76 -11.05 -75.87
N ALA G 933 26.56 -9.84 -76.41
CA ALA G 933 25.30 -9.14 -76.23
C ALA G 933 24.14 -9.91 -76.87
N SER G 934 24.37 -10.47 -78.07
CA SER G 934 23.33 -11.26 -78.72
C SER G 934 22.98 -12.49 -77.90
N GLU G 935 23.98 -13.18 -77.35
CA GLU G 935 23.73 -14.34 -76.52
C GLU G 935 22.96 -13.95 -75.26
N PHE G 936 23.33 -12.83 -74.64
CA PHE G 936 22.63 -12.37 -73.45
C PHE G 936 21.18 -12.02 -73.76
N ALA G 937 20.94 -11.37 -74.90
CA ALA G 937 19.58 -11.04 -75.30
C ALA G 937 18.76 -12.30 -75.59
N LYS G 938 19.38 -13.29 -76.22
CA LYS G 938 18.68 -14.56 -76.46
C LYS G 938 18.33 -15.24 -75.14
N ILE G 939 19.24 -15.20 -74.17
CA ILE G 939 18.98 -15.81 -72.87
C ILE G 939 17.84 -15.08 -72.17
N ILE G 940 17.85 -13.75 -72.18
CA ILE G 940 16.81 -12.98 -71.51
C ILE G 940 15.46 -13.19 -72.17
N ALA G 941 15.42 -13.17 -73.50
CA ALA G 941 14.15 -13.34 -74.20
C ALA G 941 13.55 -14.72 -73.96
N GLY G 942 14.38 -15.74 -73.83
CA GLY G 942 13.92 -17.09 -73.61
C GLY G 942 13.53 -17.42 -72.20
N ALA G 943 13.66 -16.49 -71.27
CA ALA G 943 13.33 -16.71 -69.87
C ALA G 943 11.93 -16.18 -69.58
N LYS G 944 11.09 -17.03 -68.98
CA LYS G 944 9.74 -16.59 -68.61
C LYS G 944 9.79 -15.55 -67.50
N THR G 945 10.56 -15.82 -66.45
CA THR G 945 10.71 -14.92 -65.32
C THR G 945 12.19 -14.66 -65.10
N ALA G 946 12.53 -13.43 -64.73
CA ALA G 946 13.92 -13.04 -64.56
C ALA G 946 14.08 -12.12 -63.36
N MET G 947 15.15 -12.34 -62.60
CA MET G 947 15.52 -11.49 -61.49
C MET G 947 16.95 -11.01 -61.70
N VAL G 948 17.17 -9.72 -61.49
CA VAL G 948 18.50 -9.11 -61.65
C VAL G 948 18.99 -8.75 -60.25
N ILE G 949 19.98 -9.49 -59.76
CA ILE G 949 20.62 -9.20 -58.48
C ILE G 949 21.79 -8.28 -58.72
N VAL G 950 21.76 -7.09 -58.13
CA VAL G 950 22.79 -6.08 -58.35
C VAL G 950 23.44 -5.76 -57.02
N ASP G 951 24.77 -5.93 -56.96
CA ASP G 951 25.55 -5.48 -55.81
C ASP G 951 25.69 -3.97 -55.92
N GLU G 952 24.89 -3.24 -55.15
CA GLU G 952 24.83 -1.79 -55.28
C GLU G 952 26.17 -1.14 -54.94
N GLU G 953 26.94 -1.76 -54.05
CA GLU G 953 28.19 -1.16 -53.58
C GLU G 953 29.36 -1.43 -54.51
N SER G 954 29.16 -2.16 -55.61
CA SER G 954 30.22 -2.38 -56.58
C SER G 954 29.75 -2.25 -58.02
N VAL G 955 28.56 -1.68 -58.25
CA VAL G 955 27.99 -1.54 -59.59
C VAL G 955 27.61 -0.08 -59.79
N SER G 956 28.00 0.49 -60.92
CA SER G 956 27.67 1.87 -61.21
C SER G 956 26.19 2.03 -61.54
N ASP G 957 25.67 3.24 -61.35
CA ASP G 957 24.25 3.49 -61.54
C ASP G 957 23.85 3.38 -63.01
N THR G 958 24.78 3.60 -63.93
CA THR G 958 24.47 3.42 -65.35
C THR G 958 24.11 1.97 -65.65
N THR G 959 24.85 1.03 -65.06
CA THR G 959 24.53 -0.38 -65.22
C THR G 959 23.15 -0.71 -64.67
N ILE G 960 22.82 -0.15 -63.51
CA ILE G 960 21.50 -0.40 -62.91
C ILE G 960 20.40 0.14 -63.81
N GLY G 961 20.59 1.35 -64.34
CA GLY G 961 19.59 1.92 -65.23
C GLY G 961 19.42 1.12 -66.51
N GLN G 962 20.53 0.65 -67.08
CA GLN G 962 20.45 -0.16 -68.30
C GLN G 962 19.76 -1.49 -68.03
N LEU G 963 20.04 -2.11 -66.88
CA LEU G 963 19.35 -3.35 -66.55
C LEU G 963 17.87 -3.11 -66.30
N ALA G 964 17.51 -1.98 -65.71
CA ALA G 964 16.10 -1.63 -65.56
C ALA G 964 15.44 -1.46 -66.92
N ASN G 965 16.13 -0.82 -67.86
CA ASN G 965 15.60 -0.71 -69.22
C ASN G 965 15.39 -2.09 -69.83
N ILE G 966 16.36 -2.98 -69.68
CA ILE G 966 16.26 -4.31 -70.25
C ILE G 966 15.08 -5.07 -69.64
N LEU G 967 14.91 -4.97 -68.33
CA LEU G 967 13.78 -5.62 -67.67
C LEU G 967 12.45 -5.05 -68.15
N THR G 968 12.37 -3.73 -68.31
CA THR G 968 11.12 -3.11 -68.76
C THR G 968 10.78 -3.51 -70.19
N LEU G 969 11.77 -3.56 -71.08
CA LEU G 969 11.51 -3.90 -72.47
C LEU G 969 10.97 -5.33 -72.60
N THR G 970 11.53 -6.27 -71.85
CA THR G 970 11.09 -7.65 -71.88
C THR G 970 9.95 -7.92 -70.91
N GLN G 971 9.40 -6.88 -70.28
CA GLN G 971 8.23 -7.01 -69.40
C GLN G 971 8.51 -7.95 -68.24
N LYS G 972 9.60 -7.68 -67.53
CA LYS G 972 10.01 -8.48 -66.37
C LYS G 972 9.99 -7.63 -65.10
N ILE G 973 9.03 -6.72 -65.02
CA ILE G 973 8.91 -5.81 -63.87
C ILE G 973 7.44 -5.74 -63.46
N GLY G 974 7.21 -5.63 -62.16
CA GLY G 974 5.87 -5.53 -61.64
C GLY G 974 5.11 -6.83 -61.55
N ARG G 975 5.75 -7.96 -61.82
CA ARG G 975 5.13 -9.27 -61.78
C ARG G 975 5.82 -10.14 -60.74
N PRO G 976 5.12 -11.15 -60.22
CA PRO G 976 5.79 -12.09 -59.30
C PRO G 976 6.94 -12.79 -59.98
N ARG G 977 8.01 -13.00 -59.22
CA ARG G 977 9.23 -13.72 -59.59
C ARG G 977 10.08 -12.97 -60.62
N CYS G 978 9.67 -11.78 -61.06
CA CYS G 978 10.45 -10.97 -61.99
C CYS G 978 10.74 -9.63 -61.36
N GLY G 979 11.96 -9.13 -61.54
CA GLY G 979 12.27 -7.80 -61.04
C GLY G 979 13.76 -7.63 -60.81
N ILE G 980 14.08 -6.57 -60.07
CA ILE G 980 15.46 -6.20 -59.77
C ILE G 980 15.59 -6.09 -58.25
N ILE G 981 16.66 -6.68 -57.71
CA ILE G 981 16.95 -6.66 -56.28
C ILE G 981 18.33 -6.05 -56.10
N LYS G 982 18.40 -4.98 -55.32
CA LYS G 982 19.66 -4.32 -54.99
C LYS G 982 20.11 -4.81 -53.62
N VAL G 983 21.33 -5.33 -53.53
CA VAL G 983 21.92 -5.72 -52.25
C VAL G 983 22.71 -4.52 -51.75
N THR G 984 22.12 -3.78 -50.81
CA THR G 984 22.72 -2.55 -50.34
C THR G 984 23.98 -2.85 -49.52
N GLY G 985 24.84 -1.84 -49.42
CA GLY G 985 26.13 -2.03 -48.79
C GLY G 985 26.10 -2.10 -47.28
N LEU G 986 25.16 -1.39 -46.65
CA LEU G 986 25.08 -1.33 -45.20
C LEU G 986 23.73 -1.85 -44.73
N GLY G 987 23.56 -1.91 -43.41
CA GLY G 987 22.41 -2.59 -42.85
C GLY G 987 21.09 -1.91 -43.15
N ASN G 988 21.04 -0.59 -43.04
CA ASN G 988 19.80 0.17 -43.14
C ASN G 988 19.93 1.27 -44.19
N THR G 989 20.47 0.91 -45.35
CA THR G 989 20.51 1.87 -46.46
C THR G 989 19.11 2.19 -46.96
N GLN G 990 18.28 1.15 -47.14
CA GLN G 990 16.93 1.36 -47.65
C GLN G 990 16.09 2.19 -46.68
N GLY G 991 16.19 1.91 -45.38
CA GLY G 991 15.44 2.70 -44.41
C GLY G 991 15.91 4.14 -44.37
N ALA G 992 17.22 4.36 -44.46
CA ALA G 992 17.74 5.72 -44.46
C ALA G 992 17.26 6.48 -45.69
N TRP G 993 17.24 5.84 -46.86
CA TRP G 993 16.72 6.49 -48.05
C TRP G 993 15.23 6.78 -47.92
N ASP G 994 14.47 5.84 -47.37
CA ASP G 994 13.04 6.06 -47.21
C ASP G 994 12.73 7.18 -46.23
N MET G 995 13.57 7.35 -45.20
CA MET G 995 13.32 8.36 -44.19
C MET G 995 13.65 9.76 -44.69
N GLY G 996 14.61 9.89 -45.61
CA GLY G 996 14.90 11.18 -46.19
C GLY G 996 16.36 11.53 -46.36
N ILE G 997 17.26 10.61 -46.02
CA ILE G 997 18.69 10.80 -46.23
C ILE G 997 18.98 10.39 -47.67
N ARG G 998 19.02 11.37 -48.57
CA ARG G 998 19.11 11.10 -50.00
C ARG G 998 20.11 12.01 -50.70
N MET G 999 21.18 12.41 -50.02
CA MET G 999 22.24 13.22 -50.62
C MET G 999 23.53 12.43 -50.63
N SER G 1000 24.14 12.32 -51.80
CA SER G 1000 25.34 11.52 -51.95
C SER G 1000 26.57 12.26 -51.44
N LYS G 1001 27.71 11.56 -51.44
CA LYS G 1001 28.96 12.17 -51.00
C LYS G 1001 29.36 13.32 -51.91
N GLU G 1002 29.18 13.15 -53.22
CA GLU G 1002 29.65 14.15 -54.17
C GLU G 1002 28.94 15.49 -53.99
N GLY G 1003 27.62 15.46 -53.78
CA GLY G 1003 26.89 16.70 -53.57
C GLY G 1003 27.32 17.44 -52.32
N ILE G 1004 27.48 16.71 -51.21
CA ILE G 1004 27.91 17.33 -49.96
C ILE G 1004 29.31 17.90 -50.11
N VAL G 1005 30.21 17.15 -50.73
CA VAL G 1005 31.59 17.61 -50.92
C VAL G 1005 31.61 18.84 -51.80
N LYS G 1006 30.80 18.85 -52.85
CA LYS G 1006 30.73 20.02 -53.74
C LYS G 1006 30.20 21.24 -52.99
N LEU G 1007 29.18 21.05 -52.16
CA LEU G 1007 28.65 22.16 -51.38
C LEU G 1007 29.68 22.71 -50.41
N ILE G 1008 30.44 21.82 -49.76
CA ILE G 1008 31.51 22.26 -48.88
C ILE G 1008 32.57 23.03 -49.66
N ASN G 1009 32.95 22.52 -50.83
CA ASN G 1009 34.00 23.15 -51.62
C ASN G 1009 33.59 24.55 -52.08
N GLU G 1010 32.33 24.71 -52.50
CA GLU G 1010 31.85 26.03 -52.87
C GLU G 1010 31.83 26.98 -51.68
N GLY G 1011 31.81 26.47 -50.45
CA GLY G 1011 31.66 27.28 -49.28
C GLY G 1011 30.23 27.46 -48.81
N LYS G 1012 29.27 26.78 -49.45
CA LYS G 1012 27.88 26.90 -49.03
C LYS G 1012 27.65 26.22 -47.68
N VAL G 1013 28.27 25.06 -47.47
CA VAL G 1013 28.16 24.32 -46.22
C VAL G 1013 29.37 24.67 -45.36
N LYS G 1014 29.12 25.15 -44.14
CA LYS G 1014 30.20 25.58 -43.26
C LYS G 1014 30.32 24.74 -42.00
N ALA G 1015 29.35 23.86 -41.71
CA ALA G 1015 29.42 22.99 -40.56
C ALA G 1015 28.88 21.62 -40.93
N ALA G 1016 29.36 20.59 -40.24
CA ALA G 1016 28.95 19.23 -40.49
C ALA G 1016 28.64 18.53 -39.17
N PHE G 1017 27.59 17.69 -39.20
CA PHE G 1017 27.20 16.87 -38.05
C PHE G 1017 27.27 15.42 -38.53
N ILE G 1018 28.43 14.80 -38.32
CA ILE G 1018 28.71 13.46 -38.82
C ILE G 1018 28.29 12.45 -37.75
N VAL G 1019 27.45 11.50 -38.13
CA VAL G 1019 26.92 10.50 -37.22
C VAL G 1019 27.49 9.15 -37.62
N SER G 1020 28.57 8.75 -36.93
CA SER G 1020 29.16 7.42 -37.06
C SER G 1020 29.69 7.17 -38.47
N GLU G 1021 30.50 8.11 -38.97
CA GLU G 1021 31.20 7.94 -40.23
C GLU G 1021 32.65 8.38 -40.05
N ASP G 1022 33.51 7.90 -40.94
CA ASP G 1022 34.95 8.12 -40.85
C ASP G 1022 35.47 8.67 -42.18
N PRO G 1023 35.13 9.91 -42.52
CA PRO G 1023 35.64 10.50 -43.77
C PRO G 1023 37.15 10.60 -43.81
N GLN G 1024 37.80 10.87 -42.67
CA GLN G 1024 39.24 11.09 -42.68
C GLN G 1024 40.01 9.82 -42.92
N ALA G 1025 39.64 8.72 -42.25
CA ALA G 1025 40.35 7.46 -42.43
C ALA G 1025 40.03 6.83 -43.77
N ALA G 1026 38.76 6.82 -44.16
CA ALA G 1026 38.36 6.13 -45.39
C ALA G 1026 38.95 6.80 -46.63
N ASP G 1027 38.92 8.13 -46.69
CA ASP G 1027 39.40 8.88 -47.85
C ASP G 1027 40.40 9.92 -47.40
N LYS G 1028 41.58 9.92 -48.02
CA LYS G 1028 42.58 10.93 -47.70
C LYS G 1028 42.24 12.28 -48.33
N ASN G 1029 41.66 12.26 -49.53
CA ASN G 1029 41.29 13.50 -50.21
C ASN G 1029 40.22 14.27 -49.46
N LEU G 1030 39.50 13.63 -48.54
CA LEU G 1030 38.52 14.31 -47.72
C LEU G 1030 39.14 15.04 -46.55
N GLY G 1031 40.45 14.91 -46.34
CA GLY G 1031 41.10 15.66 -45.28
C GLY G 1031 41.06 17.16 -45.52
N GLU G 1032 41.27 17.59 -46.76
CA GLU G 1032 41.23 19.01 -47.07
C GLU G 1032 39.81 19.54 -47.05
N VAL G 1033 38.85 18.74 -47.52
CA VAL G 1033 37.45 19.19 -47.54
C VAL G 1033 36.96 19.47 -46.13
N LEU G 1034 37.26 18.55 -45.20
CA LEU G 1034 36.88 18.77 -43.81
C LEU G 1034 37.59 19.98 -43.21
N ASP G 1035 38.66 20.46 -43.85
CA ASP G 1035 39.32 21.67 -43.39
C ASP G 1035 38.54 22.93 -43.72
N LYS G 1036 37.52 22.83 -44.58
CA LYS G 1036 36.70 23.99 -44.94
C LYS G 1036 35.55 24.23 -43.98
N LEU G 1037 35.32 23.34 -43.02
CA LEU G 1037 34.21 23.49 -42.10
C LEU G 1037 34.63 24.32 -40.90
N GLU G 1038 33.80 25.29 -40.52
CA GLU G 1038 34.05 26.07 -39.32
C GLU G 1038 33.84 25.22 -38.07
N CYS G 1039 32.80 24.40 -38.06
CA CYS G 1039 32.46 23.58 -36.91
C CYS G 1039 32.22 22.15 -37.36
N LEU G 1040 32.80 21.20 -36.63
CA LEU G 1040 32.59 19.78 -36.89
C LEU G 1040 32.13 19.11 -35.61
N ILE G 1041 30.99 18.42 -35.67
CA ILE G 1041 30.46 17.66 -34.55
C ILE G 1041 30.36 16.20 -34.97
N VAL G 1042 30.93 15.31 -34.16
CA VAL G 1042 31.04 13.90 -34.50
C VAL G 1042 30.31 13.09 -33.44
N ALA G 1043 29.45 12.18 -33.88
CA ALA G 1043 28.77 11.21 -33.01
C ALA G 1043 29.22 9.83 -33.46
N ASP G 1044 30.19 9.25 -32.75
CA ASP G 1044 30.82 8.02 -33.19
C ASP G 1044 30.98 7.06 -32.00
N VAL G 1045 31.10 5.77 -32.34
CA VAL G 1045 31.36 4.76 -31.32
C VAL G 1045 32.80 4.85 -30.83
N PHE G 1046 33.74 5.04 -31.73
CA PHE G 1046 35.16 5.16 -31.41
C PHE G 1046 35.64 6.58 -31.68
N LEU G 1047 36.76 6.94 -31.04
CA LEU G 1047 37.43 8.20 -31.32
C LEU G 1047 38.24 8.03 -32.60
N THR G 1048 37.56 8.25 -33.73
CA THR G 1048 38.16 8.02 -35.03
C THR G 1048 39.12 9.15 -35.38
N GLU G 1049 39.78 9.03 -36.54
CA GLU G 1049 40.66 10.08 -37.00
C GLU G 1049 39.88 11.34 -37.38
N THR G 1050 38.60 11.19 -37.72
CA THR G 1050 37.75 12.33 -37.99
C THR G 1050 37.08 12.89 -36.74
N GLY G 1051 37.17 12.18 -35.62
CA GLY G 1051 36.63 12.67 -34.38
C GLY G 1051 37.67 13.42 -33.57
N LYS G 1052 38.94 13.20 -33.89
CA LYS G 1052 40.03 13.90 -33.22
C LYS G 1052 40.14 15.35 -33.68
N ARG G 1053 39.56 15.69 -34.82
CA ARG G 1053 39.59 17.06 -35.33
C ARG G 1053 38.26 17.77 -35.16
N ALA G 1054 37.33 17.20 -34.42
CA ALA G 1054 36.01 17.78 -34.21
C ALA G 1054 36.04 18.71 -33.00
N ASP G 1055 34.96 19.49 -32.85
CA ASP G 1055 34.79 20.34 -31.69
C ASP G 1055 34.02 19.63 -30.57
N VAL G 1056 32.99 18.87 -30.93
CA VAL G 1056 32.23 18.07 -29.97
C VAL G 1056 32.21 16.63 -30.47
N VAL G 1057 32.54 15.69 -29.60
CA VAL G 1057 32.49 14.27 -29.93
C VAL G 1057 31.49 13.62 -28.99
N LEU G 1058 30.40 13.10 -29.56
CA LEU G 1058 29.36 12.46 -28.78
C LEU G 1058 29.45 10.96 -28.94
N PRO G 1059 29.36 10.19 -27.86
CA PRO G 1059 29.51 8.73 -27.98
C PRO G 1059 28.20 8.06 -28.41
N LEU G 1060 28.33 7.08 -29.29
CA LEU G 1060 27.23 6.23 -29.70
C LEU G 1060 27.42 4.84 -29.11
N VAL G 1061 26.35 4.06 -29.14
CA VAL G 1061 26.38 2.68 -28.66
C VAL G 1061 26.19 1.75 -29.86
N SER G 1062 26.52 0.48 -29.65
CA SER G 1062 26.43 -0.50 -30.71
C SER G 1062 24.96 -0.77 -31.06
N HIS G 1063 24.77 -1.58 -32.10
CA HIS G 1063 23.43 -1.92 -32.53
C HIS G 1063 22.77 -2.97 -31.64
N VAL G 1064 23.56 -3.70 -30.85
CA VAL G 1064 22.99 -4.63 -29.88
C VAL G 1064 22.53 -3.93 -28.62
N GLU G 1065 22.87 -2.65 -28.45
CA GLU G 1065 22.43 -1.86 -27.30
C GLU G 1065 21.31 -0.90 -27.66
N SER G 1066 20.75 -1.00 -28.86
CA SER G 1066 19.73 -0.09 -29.33
C SER G 1066 18.60 -0.85 -30.01
N THR G 1067 17.38 -0.66 -29.53
CA THR G 1067 16.21 -1.25 -30.14
C THR G 1067 15.63 -0.32 -31.19
N GLY G 1068 14.98 -0.90 -32.19
CA GLY G 1068 14.40 -0.11 -33.26
C GLY G 1068 13.99 -0.98 -34.43
N THR G 1069 13.93 -0.36 -35.60
CA THR G 1069 13.60 -1.08 -36.82
C THR G 1069 14.60 -0.73 -37.91
N VAL G 1070 14.93 -1.73 -38.74
CA VAL G 1070 15.77 -1.56 -39.91
C VAL G 1070 15.02 -2.11 -41.10
N THR G 1071 15.52 -1.80 -42.29
CA THR G 1071 14.90 -2.23 -43.54
C THR G 1071 15.88 -3.06 -44.34
N ARG G 1072 15.46 -4.25 -44.75
CA ARG G 1072 16.30 -5.12 -45.55
C ARG G 1072 16.45 -4.57 -46.96
N ALA G 1073 17.33 -5.20 -47.73
CA ALA G 1073 17.59 -4.74 -49.09
C ALA G 1073 16.36 -4.86 -49.96
N ASP G 1074 15.51 -5.84 -49.70
CA ASP G 1074 14.27 -6.04 -50.46
C ASP G 1074 13.10 -5.24 -49.90
N GLY G 1075 13.29 -4.51 -48.81
CA GLY G 1075 12.25 -3.69 -48.22
C GLY G 1075 11.57 -4.29 -47.01
N LYS G 1076 12.02 -5.44 -46.52
CA LYS G 1076 11.42 -6.05 -45.35
C LYS G 1076 11.84 -5.31 -44.08
N ILE G 1077 10.87 -4.99 -43.24
CA ILE G 1077 11.12 -4.28 -42.00
C ILE G 1077 11.40 -5.30 -40.90
N GLN G 1078 12.58 -5.20 -40.30
CA GLN G 1078 13.00 -6.10 -39.23
C GLN G 1078 13.24 -5.29 -37.96
N ASN G 1079 13.27 -5.99 -36.83
CA ASN G 1079 13.36 -5.37 -35.52
C ASN G 1079 14.74 -5.60 -34.92
N LEU G 1080 15.37 -4.52 -34.47
CA LEU G 1080 16.60 -4.59 -33.69
C LEU G 1080 16.24 -4.68 -32.22
N ASN G 1081 16.47 -5.84 -31.62
CA ASN G 1081 16.19 -6.08 -30.21
C ASN G 1081 17.34 -5.58 -29.35
N LEU G 1082 17.10 -5.54 -28.05
CA LEU G 1082 18.08 -5.06 -27.07
C LEU G 1082 18.78 -6.27 -26.47
N VAL G 1083 19.93 -6.62 -27.03
CA VAL G 1083 20.74 -7.70 -26.47
C VAL G 1083 21.38 -7.27 -25.15
N LEU G 1084 21.95 -6.07 -25.13
CA LEU G 1084 22.58 -5.53 -23.93
C LEU G 1084 22.04 -4.14 -23.65
N LYS G 1085 22.05 -3.77 -22.37
CA LYS G 1085 21.76 -2.40 -22.01
C LYS G 1085 22.92 -1.50 -22.45
N PRO G 1086 22.64 -0.24 -22.79
CA PRO G 1086 23.71 0.65 -23.22
C PRO G 1086 24.78 0.80 -22.14
N LYS G 1087 26.04 0.81 -22.58
CA LYS G 1087 27.15 0.85 -21.63
C LYS G 1087 27.17 2.16 -20.86
N ASN G 1088 26.92 3.28 -21.53
CA ASN G 1088 26.85 4.58 -20.86
C ASN G 1088 25.45 4.92 -20.40
N GLY G 1089 24.48 4.03 -20.59
CA GLY G 1089 23.12 4.27 -20.17
C GLY G 1089 22.28 5.08 -21.13
N LEU G 1090 22.87 5.55 -22.23
CA LEU G 1090 22.17 6.36 -23.22
C LEU G 1090 22.26 5.69 -24.57
N SER G 1091 21.11 5.42 -25.19
CA SER G 1091 21.10 4.86 -26.52
C SER G 1091 21.31 5.97 -27.55
N ASN G 1092 21.52 5.56 -28.81
CA ASN G 1092 21.64 6.53 -29.89
C ASN G 1092 20.35 7.33 -30.05
N LEU G 1093 19.20 6.65 -29.97
CA LEU G 1093 17.93 7.36 -30.05
C LEU G 1093 17.76 8.29 -28.86
N ASP G 1094 18.19 7.87 -27.67
CA ASP G 1094 18.08 8.74 -26.51
C ASP G 1094 18.94 9.99 -26.67
N LEU G 1095 20.16 9.84 -27.16
CA LEU G 1095 21.05 10.98 -27.37
C LEU G 1095 20.46 11.94 -28.41
N LEU G 1096 19.99 11.39 -29.53
CA LEU G 1096 19.41 12.25 -30.56
C LEU G 1096 18.10 12.88 -30.09
N LEU G 1097 17.35 12.20 -29.23
CA LEU G 1097 16.12 12.77 -28.70
C LEU G 1097 16.42 13.92 -27.74
N LYS G 1098 17.46 13.78 -26.92
CA LYS G 1098 17.90 14.89 -26.08
C LYS G 1098 18.31 16.08 -26.95
N LEU G 1099 19.11 15.83 -27.98
CA LEU G 1099 19.55 16.91 -28.85
C LEU G 1099 18.37 17.57 -29.55
N ALA G 1100 17.36 16.79 -29.96
CA ALA G 1100 16.20 17.35 -30.63
C ALA G 1100 15.32 18.13 -29.66
N GLU G 1101 15.18 17.64 -28.43
CA GLU G 1101 14.43 18.37 -27.42
C GLU G 1101 15.10 19.70 -27.10
N LEU G 1102 16.42 19.76 -27.20
CA LEU G 1102 17.09 21.05 -27.11
C LEU G 1102 16.63 22.02 -28.20
N PHE G 1103 16.08 21.50 -29.31
CA PHE G 1103 15.55 22.32 -30.38
C PHE G 1103 14.03 22.41 -30.37
N GLY G 1104 13.38 21.85 -29.36
CA GLY G 1104 11.93 21.92 -29.27
C GLY G 1104 11.18 20.82 -29.97
N LEU G 1105 11.83 19.69 -30.26
CA LEU G 1105 11.19 18.57 -30.92
C LEU G 1105 10.81 17.53 -29.87
N GLN G 1106 9.51 17.28 -29.74
CA GLN G 1106 8.97 16.32 -28.77
C GLN G 1106 8.69 15.02 -29.51
N TYR G 1107 9.57 14.03 -29.34
CA TYR G 1107 9.45 12.76 -30.02
C TYR G 1107 9.86 11.63 -29.09
N ASN G 1108 9.48 10.42 -29.47
CA ASN G 1108 9.94 9.21 -28.80
C ASN G 1108 9.91 8.07 -29.81
N LEU G 1109 10.21 6.86 -29.33
CA LEU G 1109 10.33 5.73 -30.25
C LEU G 1109 9.00 5.40 -30.91
N GLU G 1110 7.91 5.42 -30.15
CA GLU G 1110 6.60 5.07 -30.70
C GLU G 1110 6.12 6.10 -31.72
N LYS G 1111 6.28 7.39 -31.41
CA LYS G 1111 5.88 8.43 -32.34
C LYS G 1111 6.68 8.36 -33.62
N LEU G 1112 7.99 8.14 -33.52
CA LEU G 1112 8.83 8.04 -34.70
C LEU G 1112 8.49 6.81 -35.52
N ASN G 1113 8.18 5.69 -34.85
CA ASN G 1113 7.75 4.50 -35.55
C ASN G 1113 6.44 4.73 -36.32
N ARG G 1114 5.49 5.42 -35.68
CA ARG G 1114 4.24 5.73 -36.37
C ARG G 1114 4.47 6.62 -37.57
N GLU G 1115 5.32 7.64 -37.43
CA GLU G 1115 5.62 8.52 -38.57
C GLU G 1115 6.32 7.75 -39.68
N MET G 1116 7.21 6.82 -39.31
CA MET G 1116 7.87 5.98 -40.31
C MET G 1116 6.86 5.12 -41.06
N VAL G 1117 5.91 4.54 -40.33
CA VAL G 1117 4.88 3.72 -40.97
C VAL G 1117 4.05 4.54 -41.93
N GLU G 1118 3.64 5.74 -41.51
CA GLU G 1118 2.89 6.62 -42.40
C GLU G 1118 3.70 7.02 -43.63
N LEU G 1119 4.99 7.30 -43.45
CA LEU G 1119 5.85 7.64 -44.57
C LEU G 1119 5.95 6.49 -45.56
N LEU G 1120 6.11 5.27 -45.06
CA LEU G 1120 6.19 4.11 -45.94
C LEU G 1120 4.87 3.87 -46.65
N GLN G 1121 3.75 4.09 -45.96
CA GLN G 1121 2.44 3.90 -46.57
C GLN G 1121 2.18 4.93 -47.66
N ASN G 1122 2.65 6.16 -47.46
CA ASN G 1122 2.39 7.22 -48.44
C ASN G 1122 3.09 6.95 -49.76
N GLU G 1123 4.17 6.18 -49.75
CA GLU G 1123 4.89 5.81 -50.97
C GLU G 1123 4.52 4.43 -51.49
N ASN G 1124 3.51 3.78 -50.88
CA ASN G 1124 3.08 2.44 -51.27
C ASN G 1124 4.24 1.45 -51.21
N LYS G 1125 5.01 1.50 -50.12
CA LYS G 1125 6.14 0.62 -49.91
C LYS G 1125 6.02 -0.21 -48.64
N TYR G 1126 4.97 -0.01 -47.85
CA TYR G 1126 4.86 -0.65 -46.55
C TYR G 1126 4.28 -2.04 -46.71
N ASN G 1127 5.05 -3.06 -46.30
CA ASN G 1127 4.62 -4.46 -46.29
C ASN G 1127 4.14 -4.91 -47.67
N GLN G 1128 4.82 -4.43 -48.71
CA GLN G 1128 4.53 -4.81 -50.09
C GLN G 1128 5.70 -5.65 -50.61
N GLN G 1129 5.43 -6.91 -50.91
CA GLN G 1129 6.49 -7.81 -51.33
C GLN G 1129 6.93 -7.57 -52.77
N ILE G 1130 6.02 -7.15 -53.64
CA ILE G 1130 6.33 -6.83 -55.03
C ILE G 1130 5.88 -5.42 -55.31
N LEU G 1131 6.78 -4.61 -55.87
CA LEU G 1131 6.50 -3.22 -56.17
C LEU G 1131 5.95 -3.06 -57.58
N TYR G 1132 5.23 -1.95 -57.78
CA TYR G 1132 4.68 -1.58 -59.09
C TYR G 1132 3.77 -2.66 -59.66
N THR G 1133 3.05 -3.37 -58.80
CA THR G 1133 2.06 -4.34 -59.28
C THR G 1133 0.90 -3.63 -59.98
N GLU G 1134 0.43 -2.52 -59.42
CA GLU G 1134 -0.64 -1.74 -60.02
C GLU G 1134 -0.10 -0.74 -61.04
N GLY G 1135 0.78 0.15 -60.58
CA GLY G 1135 1.40 1.12 -61.47
C GLY G 1135 2.67 1.66 -60.84
N PHE G 1136 3.52 2.24 -61.67
CA PHE G 1136 4.80 2.74 -61.21
C PHE G 1136 4.61 4.04 -60.45
N ALA G 1137 5.64 4.40 -59.67
CA ALA G 1137 5.55 5.51 -58.74
C ALA G 1137 5.92 6.85 -59.35
N THR G 1138 6.22 6.89 -60.65
CA THR G 1138 6.43 8.16 -61.32
C THR G 1138 5.10 8.92 -61.39
N PRO G 1139 5.15 10.26 -61.45
CA PRO G 1139 3.89 11.02 -61.53
C PRO G 1139 3.05 10.67 -62.75
N ASP G 1140 3.70 10.37 -63.87
CA ASP G 1140 2.98 9.90 -65.05
C ASP G 1140 2.46 8.48 -64.88
N LYS G 1141 2.91 7.78 -63.83
CA LYS G 1141 2.60 6.37 -63.60
C LYS G 1141 3.11 5.48 -64.72
N THR G 1142 4.17 5.92 -65.39
CA THR G 1142 4.79 5.16 -66.47
C THR G 1142 6.29 5.05 -66.19
N VAL G 1143 6.94 4.16 -66.94
CA VAL G 1143 8.38 3.97 -66.81
C VAL G 1143 9.09 5.02 -67.66
N HIS G 1144 9.97 5.79 -67.04
CA HIS G 1144 10.82 6.73 -67.76
C HIS G 1144 12.10 5.97 -68.13
N LEU G 1145 12.15 5.46 -69.36
CA LEU G 1145 13.26 4.62 -69.78
C LEU G 1145 14.58 5.37 -69.67
N PHE G 1146 15.61 4.67 -69.20
CA PHE G 1146 16.89 5.28 -68.90
C PHE G 1146 17.67 5.48 -70.20
N VAL G 1147 17.84 6.75 -70.60
CA VAL G 1147 18.62 7.11 -71.77
C VAL G 1147 19.79 7.96 -71.28
N SER G 1148 21.01 7.50 -71.57
CA SER G 1148 22.22 8.19 -71.13
C SER G 1148 23.38 7.73 -72.00
N LYS G 1149 24.56 8.26 -71.71
CA LYS G 1149 25.76 7.89 -72.42
C LYS G 1149 26.52 6.80 -71.67
N ASP G 1150 27.49 6.20 -72.35
CA ASP G 1150 28.25 5.09 -71.78
C ASP G 1150 29.11 5.56 -70.62
N ALA G 1151 29.45 4.61 -69.75
CA ALA G 1151 30.22 4.89 -68.54
C ALA G 1151 30.77 3.57 -68.03
N PRO G 1152 31.75 3.60 -67.13
CA PRO G 1152 32.24 2.35 -66.53
C PRO G 1152 31.11 1.59 -65.84
N ALA G 1153 31.11 0.28 -66.02
CA ALA G 1153 30.02 -0.54 -65.51
C ALA G 1153 30.13 -0.72 -64.00
N PHE G 1154 31.34 -0.89 -63.49
CA PHE G 1154 31.55 -1.16 -62.08
C PHE G 1154 32.51 -0.14 -61.50
N VAL G 1155 32.36 0.14 -60.21
CA VAL G 1155 33.19 1.10 -59.50
C VAL G 1155 33.72 0.44 -58.23
N GLU G 1156 34.87 0.93 -57.78
CA GLU G 1156 35.45 0.52 -56.49
C GLU G 1156 35.43 1.72 -55.57
N LYS G 1157 34.82 1.58 -54.41
CA LYS G 1157 34.65 2.67 -53.46
C LYS G 1157 35.00 2.18 -52.07
N ALA G 1158 35.34 3.13 -51.21
CA ALA G 1158 35.68 2.82 -49.83
C ALA G 1158 34.42 2.74 -48.96
N VAL G 1159 34.61 2.32 -47.72
CA VAL G 1159 33.54 2.25 -46.73
C VAL G 1159 33.77 3.37 -45.73
N PHE G 1160 32.78 4.24 -45.58
CA PHE G 1160 32.88 5.37 -44.67
C PHE G 1160 32.29 5.09 -43.30
N ASP G 1161 31.46 4.05 -43.17
CA ASP G 1161 30.96 3.65 -41.86
C ASP G 1161 32.13 3.26 -40.97
N THR G 1162 32.10 3.74 -39.71
CA THR G 1162 33.24 3.58 -38.82
C THR G 1162 33.52 2.12 -38.52
N VAL G 1163 32.50 1.39 -38.07
CA VAL G 1163 32.71 0.03 -37.59
C VAL G 1163 33.04 -0.91 -38.74
N LYS G 1164 32.32 -0.78 -39.85
CA LYS G 1164 32.60 -1.64 -41.00
C LYS G 1164 33.98 -1.37 -41.56
N ASN G 1165 34.37 -0.09 -41.64
CA ASN G 1165 35.72 0.24 -42.11
C ASN G 1165 36.78 -0.34 -41.17
N ARG G 1166 36.56 -0.23 -39.87
CA ARG G 1166 37.51 -0.78 -38.91
C ARG G 1166 37.65 -2.29 -39.05
N PHE G 1167 36.53 -3.00 -39.21
CA PHE G 1167 36.62 -4.44 -39.34
C PHE G 1167 37.23 -4.86 -40.67
N GLU G 1168 36.96 -4.10 -41.73
CA GLU G 1168 37.59 -4.38 -43.02
C GLU G 1168 39.09 -4.18 -42.93
N LYS G 1169 39.53 -3.12 -42.25
CA LYS G 1169 40.95 -2.90 -42.05
C LYS G 1169 41.57 -4.03 -41.22
N TYR G 1170 40.84 -4.50 -40.21
CA TYR G 1170 41.31 -5.62 -39.41
C TYR G 1170 41.49 -6.87 -40.26
N LEU G 1171 40.50 -7.17 -41.11
CA LEU G 1171 40.59 -8.34 -41.97
C LEU G 1171 41.74 -8.22 -42.97
N GLN G 1172 41.94 -7.01 -43.51
CA GLN G 1172 43.06 -6.79 -44.43
C GLN G 1172 44.40 -6.97 -43.73
N ASP G 1173 44.51 -6.47 -42.49
CA ASP G 1173 45.75 -6.63 -41.73
C ASP G 1173 46.05 -8.11 -41.46
N LYS G 1174 45.02 -8.88 -41.15
CA LYS G 1174 45.18 -10.30 -40.87
C LYS G 1174 45.22 -11.16 -42.12
N HIS G 1175 45.10 -10.55 -43.30
CA HIS G 1175 45.16 -11.27 -44.58
C HIS G 1175 44.01 -12.28 -44.71
N LEU G 1176 42.81 -11.86 -44.29
CA LEU G 1176 41.62 -12.68 -44.37
C LEU G 1176 40.70 -12.16 -45.47
N LYS G 1177 39.80 -13.04 -45.91
CA LYS G 1177 38.78 -12.69 -46.89
C LYS G 1177 37.42 -12.68 -46.21
N TYR G 1178 36.40 -12.31 -46.98
CA TYR G 1178 35.03 -12.30 -46.48
C TYR G 1178 34.03 -12.51 -47.62
N MET H 1 52.80 -75.23 -88.92
CA MET H 1 52.57 -75.29 -87.48
C MET H 1 52.06 -73.94 -86.98
N LYS H 2 51.48 -73.91 -85.78
CA LYS H 2 51.05 -72.67 -85.15
C LYS H 2 51.63 -72.62 -83.74
N ILE H 3 52.56 -71.70 -83.50
CA ILE H 3 53.20 -71.58 -82.19
C ILE H 3 52.44 -70.54 -81.38
N ARG H 4 52.08 -70.89 -80.15
CA ARG H 4 51.44 -69.98 -79.22
C ARG H 4 52.23 -69.97 -77.92
N VAL H 5 52.41 -68.77 -77.36
CA VAL H 5 53.19 -68.60 -76.14
C VAL H 5 52.31 -67.91 -75.10
N GLY H 6 52.29 -68.45 -73.88
CA GLY H 6 51.59 -67.79 -72.80
C GLY H 6 52.23 -66.47 -72.46
N LEU H 7 51.57 -65.37 -72.83
CA LEU H 7 52.12 -64.03 -72.65
C LEU H 7 51.38 -63.24 -71.59
N GLY H 8 50.56 -63.88 -70.77
CA GLY H 8 49.85 -63.18 -69.72
C GLY H 8 50.77 -62.76 -68.60
N SER H 9 50.25 -61.89 -67.74
CA SER H 9 51.03 -61.44 -66.57
C SER H 9 51.42 -62.61 -65.70
N CYS H 10 50.65 -63.70 -65.73
CA CYS H 10 51.06 -64.93 -65.06
C CYS H 10 52.34 -65.50 -65.66
N GLY H 11 52.62 -65.18 -66.92
CA GLY H 11 53.77 -65.75 -67.61
C GLY H 11 54.88 -64.77 -67.92
N MET H 12 54.56 -63.47 -68.00
CA MET H 12 55.61 -62.48 -68.26
C MET H 12 56.64 -62.46 -67.15
N ALA H 13 56.19 -62.53 -65.89
CA ALA H 13 57.14 -62.65 -64.79
C ALA H 13 57.85 -63.99 -64.81
N ALA H 14 57.18 -65.05 -65.27
CA ALA H 14 57.80 -66.35 -65.35
C ALA H 14 58.91 -66.38 -66.40
N GLY H 15 58.79 -65.58 -67.45
CA GLY H 15 59.79 -65.53 -68.49
C GLY H 15 59.24 -65.82 -69.87
N GLY H 16 57.92 -65.65 -70.04
CA GLY H 16 57.31 -65.90 -71.34
C GLY H 16 57.80 -64.96 -72.41
N ASN H 17 58.11 -63.71 -72.05
CA ASN H 17 58.64 -62.76 -73.02
C ASN H 17 59.96 -63.23 -73.60
N LYS H 18 60.87 -63.69 -72.73
CA LYS H 18 62.15 -64.20 -73.20
C LYS H 18 61.98 -65.48 -74.00
N VAL H 19 60.99 -66.31 -73.65
CA VAL H 19 60.74 -67.52 -74.42
C VAL H 19 60.28 -67.18 -75.83
N MET H 20 59.37 -66.20 -75.94
CA MET H 20 58.91 -65.78 -77.26
C MET H 20 60.04 -65.16 -78.07
N GLU H 21 60.86 -64.32 -77.43
CA GLU H 21 61.98 -63.71 -78.15
C GLU H 21 62.96 -64.76 -78.65
N CYS H 22 63.28 -65.74 -77.79
CA CYS H 22 64.22 -66.78 -78.19
C CYS H 22 63.66 -67.66 -79.29
N ILE H 23 62.36 -67.99 -79.22
CA ILE H 23 61.79 -68.84 -80.26
C ILE H 23 61.70 -68.09 -81.58
N GLN H 24 61.42 -66.78 -81.54
CA GLN H 24 61.45 -65.99 -82.77
C GLN H 24 62.85 -65.95 -83.36
N GLN H 25 63.87 -65.75 -82.51
CA GLN H 25 65.24 -65.73 -82.99
C GLN H 25 65.64 -67.08 -83.59
N GLU H 26 65.23 -68.17 -82.94
CA GLU H 26 65.55 -69.50 -83.45
C GLU H 26 64.87 -69.76 -84.79
N LEU H 27 63.61 -69.35 -84.92
CA LEU H 27 62.91 -69.51 -86.20
C LEU H 27 63.58 -68.67 -87.29
N ARG H 28 64.04 -67.48 -86.95
CA ARG H 28 64.78 -66.67 -87.91
C ARG H 28 66.08 -67.36 -88.32
N SER H 29 66.78 -67.98 -87.36
CA SER H 29 68.05 -68.63 -87.66
C SER H 29 67.87 -69.81 -88.60
N ARG H 30 66.83 -70.61 -88.40
CA ARG H 30 66.55 -71.76 -89.24
C ARG H 30 65.64 -71.44 -90.41
N ASN H 31 65.48 -70.15 -90.74
CA ASN H 31 64.64 -69.65 -91.82
C ASN H 31 63.31 -70.41 -91.89
N LEU H 32 62.63 -70.49 -90.76
CA LEU H 32 61.34 -71.16 -90.64
C LEU H 32 60.25 -70.12 -90.45
N ASP H 33 59.19 -70.23 -91.24
CA ASP H 33 58.07 -69.29 -91.20
C ASP H 33 56.89 -69.97 -90.50
N ILE H 34 56.80 -69.76 -89.19
CA ILE H 34 55.73 -70.32 -88.36
C ILE H 34 55.06 -69.17 -87.64
N PRO H 35 53.72 -69.06 -87.69
CA PRO H 35 53.03 -67.98 -86.98
C PRO H 35 53.14 -68.15 -85.47
N VAL H 36 53.76 -67.18 -84.82
CA VAL H 36 53.93 -67.16 -83.37
C VAL H 36 52.98 -66.12 -82.80
N GLU H 37 52.08 -66.56 -81.92
CA GLU H 37 51.04 -65.71 -81.38
C GLU H 37 50.99 -65.83 -79.87
N PRO H 38 50.59 -64.77 -79.17
CA PRO H 38 50.46 -64.83 -77.72
C PRO H 38 49.12 -65.44 -77.30
N THR H 39 49.06 -65.80 -76.02
CA THR H 39 47.84 -66.33 -75.43
C THR H 39 47.87 -66.11 -73.93
N GLY H 40 46.70 -66.17 -73.31
CA GLY H 40 46.56 -65.92 -71.89
C GLY H 40 46.80 -67.15 -71.04
N CYS H 41 46.60 -66.96 -69.73
CA CYS H 41 46.79 -68.06 -68.79
C CYS H 41 45.72 -69.12 -69.02
N ILE H 42 46.14 -70.39 -69.09
CA ILE H 42 45.21 -71.49 -69.23
C ILE H 42 44.75 -72.04 -67.88
N GLY H 43 45.46 -71.71 -66.80
CA GLY H 43 45.14 -72.23 -65.49
C GLY H 43 46.29 -73.00 -64.89
N LEU H 44 47.19 -73.48 -65.74
CA LEU H 44 48.38 -74.20 -65.31
C LEU H 44 49.55 -73.22 -65.16
N CYS H 45 49.40 -72.29 -64.23
CA CYS H 45 50.41 -71.26 -64.02
C CYS H 45 51.72 -71.85 -63.52
N PHE H 46 51.66 -72.94 -62.76
CA PHE H 46 52.88 -73.55 -62.23
C PHE H 46 53.78 -74.11 -63.32
N PHE H 47 53.22 -74.47 -64.48
CA PHE H 47 54.02 -74.97 -65.59
C PHE H 47 54.60 -73.86 -66.46
N GLU H 48 54.23 -72.61 -66.22
CA GLU H 48 54.68 -71.52 -67.08
C GLU H 48 56.17 -71.27 -66.89
N PRO H 49 56.87 -70.77 -67.93
CA PRO H 49 56.37 -70.38 -69.27
C PRO H 49 55.87 -71.57 -70.08
N LEU H 50 54.96 -71.35 -71.03
CA LEU H 50 54.32 -72.42 -71.77
C LEU H 50 54.35 -72.12 -73.26
N VAL H 51 54.69 -73.13 -74.05
CA VAL H 51 54.64 -73.06 -75.51
C VAL H 51 53.74 -74.17 -76.01
N ASP H 52 52.73 -73.80 -76.79
CA ASP H 52 51.78 -74.76 -77.37
C ASP H 52 51.96 -74.76 -78.88
N VAL H 53 52.20 -75.93 -79.44
CA VAL H 53 52.30 -76.11 -80.89
C VAL H 53 51.00 -76.73 -81.37
N ILE H 54 50.41 -76.12 -82.41
CA ILE H 54 49.14 -76.55 -82.96
C ILE H 54 49.38 -77.09 -84.36
N ASP H 55 48.89 -78.30 -84.61
CA ASP H 55 48.87 -78.91 -85.94
C ASP H 55 47.48 -79.43 -86.19
N GLY H 56 46.82 -78.91 -87.22
CA GLY H 56 45.44 -79.28 -87.49
C GLY H 56 44.55 -78.91 -86.33
N ASP H 57 44.09 -79.92 -85.59
CA ASP H 57 43.30 -79.71 -84.38
C ASP H 57 44.06 -80.04 -83.10
N ASP H 58 45.20 -80.73 -83.19
CA ASP H 58 45.93 -81.17 -82.01
C ASP H 58 46.86 -80.08 -81.51
N VAL H 59 47.00 -80.01 -80.19
CA VAL H 59 47.84 -79.03 -79.52
C VAL H 59 48.74 -79.76 -78.53
N TYR H 60 50.01 -79.39 -78.49
CA TYR H 60 50.98 -79.96 -77.55
C TYR H 60 51.58 -78.83 -76.73
N THR H 61 51.53 -78.96 -75.41
CA THR H 61 52.02 -77.94 -74.49
C THR H 61 53.31 -78.41 -73.85
N TYR H 62 54.32 -77.54 -73.82
CA TYR H 62 55.63 -77.84 -73.27
C TYR H 62 55.77 -77.11 -71.94
N GLY H 63 55.85 -77.86 -70.85
CA GLY H 63 55.87 -77.25 -69.52
C GLY H 63 57.27 -76.78 -69.13
N ASN H 64 57.32 -75.60 -68.51
CA ASN H 64 58.55 -75.02 -68.00
C ASN H 64 59.63 -74.93 -69.09
N VAL H 65 59.30 -74.17 -70.14
CA VAL H 65 60.23 -74.03 -71.26
C VAL H 65 61.38 -73.11 -70.86
N THR H 66 62.51 -73.30 -71.52
CA THR H 66 63.70 -72.47 -71.34
C THR H 66 64.26 -72.08 -72.70
N PRO H 67 64.91 -70.92 -72.79
CA PRO H 67 65.50 -70.52 -74.09
C PRO H 67 66.51 -71.51 -74.63
N GLU H 68 67.26 -72.18 -73.75
CA GLU H 68 68.24 -73.16 -74.22
C GLU H 68 67.57 -74.41 -74.80
N MET H 69 66.39 -74.76 -74.29
CA MET H 69 65.70 -75.97 -74.73
C MET H 69 64.80 -75.72 -75.93
N ILE H 70 64.56 -74.46 -76.29
CA ILE H 70 63.71 -74.15 -77.45
C ILE H 70 64.23 -74.79 -78.74
N PRO H 71 65.52 -74.71 -79.07
CA PRO H 71 65.99 -75.37 -80.30
C PRO H 71 65.71 -76.86 -80.35
N LYS H 72 65.73 -77.55 -79.20
CA LYS H 72 65.35 -78.95 -79.18
C LYS H 72 63.90 -79.13 -79.61
N ILE H 73 63.02 -78.25 -79.13
CA ILE H 73 61.61 -78.30 -79.52
C ILE H 73 61.47 -78.04 -81.01
N ILE H 74 62.20 -77.06 -81.52
CA ILE H 74 62.11 -76.73 -82.95
C ILE H 74 62.58 -77.90 -83.80
N GLU H 75 63.71 -78.51 -83.44
CA GLU H 75 64.25 -79.60 -84.23
C GLU H 75 63.46 -80.88 -84.08
N SER H 76 62.70 -81.04 -82.99
CA SER H 76 61.93 -82.26 -82.78
C SER H 76 60.55 -82.18 -83.44
N HIS H 77 59.75 -81.18 -83.05
CA HIS H 77 58.38 -81.08 -83.52
C HIS H 77 58.24 -80.17 -84.74
N VAL H 78 58.85 -78.98 -84.70
CA VAL H 78 58.71 -78.04 -85.80
C VAL H 78 59.43 -78.55 -87.04
N ILE H 79 60.65 -79.08 -86.87
CA ILE H 79 61.43 -79.56 -88.01
C ILE H 79 61.20 -81.04 -88.26
N GLY H 80 61.39 -81.87 -87.24
CA GLY H 80 61.27 -83.30 -87.40
C GLY H 80 59.85 -83.84 -87.47
N LYS H 81 58.86 -83.01 -87.17
CA LYS H 81 57.45 -83.43 -87.17
C LYS H 81 57.22 -84.61 -86.25
N LYS H 82 57.94 -84.64 -85.14
CA LYS H 82 57.83 -85.71 -84.16
C LYS H 82 57.78 -85.11 -82.75
N PRO H 83 56.71 -85.37 -81.99
CA PRO H 83 56.64 -84.83 -80.62
C PRO H 83 57.79 -85.35 -79.76
N LEU H 84 58.35 -84.46 -78.95
CA LEU H 84 59.50 -84.83 -78.12
C LEU H 84 59.07 -85.80 -77.02
N ASP H 85 58.00 -85.48 -76.30
CA ASP H 85 57.41 -86.26 -75.22
C ASP H 85 58.30 -86.34 -73.99
N GLU H 86 59.51 -85.79 -74.03
CA GLU H 86 60.36 -85.72 -72.86
C GLU H 86 60.10 -84.46 -72.04
N PHE H 87 59.73 -83.37 -72.71
CA PHE H 87 59.36 -82.13 -72.05
C PHE H 87 57.90 -81.78 -72.21
N ILE H 88 57.20 -82.43 -73.14
CA ILE H 88 55.77 -82.22 -73.30
C ILE H 88 55.05 -82.76 -72.08
N VAL H 89 54.14 -81.96 -71.52
CA VAL H 89 53.40 -82.34 -70.34
C VAL H 89 51.95 -82.68 -70.67
N SER H 90 51.30 -81.89 -71.52
CA SER H 90 49.90 -82.12 -71.86
C SER H 90 49.72 -82.00 -73.38
N THR H 91 48.68 -82.65 -73.87
CA THR H 91 48.38 -82.65 -75.29
C THR H 91 46.89 -82.87 -75.49
N SER H 92 46.45 -82.69 -76.73
CA SER H 92 45.03 -82.90 -77.05
C SER H 92 44.61 -84.34 -76.86
N PHE H 93 45.55 -85.29 -76.97
CA PHE H 93 45.22 -86.69 -76.73
C PHE H 93 44.81 -86.93 -75.28
N GLU H 94 45.53 -86.34 -74.34
CA GLU H 94 45.29 -86.56 -72.91
C GLU H 94 45.53 -85.26 -72.15
N PRO H 95 44.46 -84.53 -71.83
CA PRO H 95 44.63 -83.29 -71.04
C PRO H 95 45.06 -83.57 -69.62
N TYR H 96 45.59 -82.54 -68.98
CA TYR H 96 46.00 -82.64 -67.59
C TYR H 96 44.79 -82.96 -66.72
N PRO H 97 44.90 -83.88 -65.76
CA PRO H 97 43.78 -84.10 -64.83
C PRO H 97 43.34 -82.87 -64.07
N MET H 98 44.23 -81.88 -63.88
CA MET H 98 43.80 -80.62 -63.28
C MET H 98 42.76 -79.93 -64.14
N LEU H 99 42.86 -80.06 -65.45
CA LEU H 99 41.89 -79.50 -66.38
C LEU H 99 40.76 -80.47 -66.72
N LYS H 100 40.86 -81.72 -66.25
CA LYS H 100 39.85 -82.71 -66.61
C LYS H 100 38.52 -82.47 -65.90
N SER H 101 38.57 -82.11 -64.61
CA SER H 101 37.37 -82.04 -63.79
C SER H 101 36.70 -80.68 -63.80
N GLN H 102 37.18 -79.75 -64.63
CA GLN H 102 36.60 -78.41 -64.72
C GLN H 102 35.73 -78.30 -65.97
N VAL H 103 34.67 -77.51 -65.87
CA VAL H 103 33.90 -77.06 -67.02
C VAL H 103 34.13 -75.57 -67.18
N ARG H 104 34.56 -75.16 -68.37
CA ARG H 104 34.99 -73.79 -68.61
C ARG H 104 33.97 -73.08 -69.49
N ILE H 105 33.32 -72.06 -68.93
CA ILE H 105 32.40 -71.20 -69.66
C ILE H 105 32.96 -69.79 -69.80
N ALA H 106 33.32 -69.18 -68.68
CA ALA H 106 33.97 -67.87 -68.74
C ALA H 106 35.39 -67.99 -69.31
N LEU H 107 36.15 -68.99 -68.84
CA LEU H 107 37.51 -69.21 -69.28
C LEU H 107 37.59 -70.23 -70.42
N LYS H 108 36.53 -70.36 -71.22
CA LYS H 108 36.53 -71.36 -72.28
C LYS H 108 37.56 -71.03 -73.36
N ASN H 109 37.85 -69.75 -73.57
CA ASN H 109 38.83 -69.34 -74.56
C ASN H 109 40.09 -68.74 -73.93
N CYS H 110 40.16 -68.65 -72.62
CA CYS H 110 41.33 -68.11 -71.94
C CYS H 110 42.48 -69.10 -72.05
N GLY H 111 43.43 -68.81 -72.94
CA GLY H 111 44.60 -69.65 -73.11
C GLY H 111 44.57 -70.57 -74.30
N ARG H 112 43.55 -70.51 -75.14
CA ARG H 112 43.46 -71.34 -76.33
C ARG H 112 43.37 -70.54 -77.62
N ILE H 113 43.28 -69.23 -77.56
CA ILE H 113 43.14 -68.37 -78.73
C ILE H 113 44.20 -67.28 -78.67
N ASN H 114 44.14 -66.37 -79.65
CA ASN H 114 45.04 -65.23 -79.69
C ASN H 114 44.29 -64.01 -79.18
N PRO H 115 44.65 -63.45 -78.03
CA PRO H 115 43.90 -62.29 -77.52
C PRO H 115 43.95 -61.08 -78.46
N GLU H 116 45.08 -60.86 -79.12
CA GLU H 116 45.21 -59.72 -80.03
C GLU H 116 44.87 -60.10 -81.46
N ASP H 117 43.69 -60.72 -81.64
CA ASP H 117 43.22 -61.09 -82.97
C ASP H 117 41.72 -61.30 -82.89
N ILE H 118 40.94 -60.37 -83.46
CA ILE H 118 39.49 -60.50 -83.43
C ILE H 118 39.04 -61.70 -84.25
N ASP H 119 39.73 -61.98 -85.35
CA ASP H 119 39.36 -63.09 -86.21
C ASP H 119 39.47 -64.43 -85.48
N ASP H 120 40.49 -64.57 -84.64
CA ASP H 120 40.66 -65.82 -83.90
C ASP H 120 39.48 -66.07 -82.96
N TYR H 121 38.98 -65.01 -82.32
CA TYR H 121 37.77 -65.14 -81.51
C TYR H 121 36.56 -65.41 -82.38
N ILE H 122 36.52 -64.83 -83.59
CA ILE H 122 35.38 -65.04 -84.48
C ILE H 122 35.28 -66.50 -84.90
N LYS H 123 36.41 -67.11 -85.27
CA LYS H 123 36.40 -68.48 -85.76
C LYS H 123 36.01 -69.48 -84.68
N ASN H 124 36.07 -69.08 -83.40
CA ASN H 124 35.66 -69.93 -82.29
C ASN H 124 34.20 -69.70 -81.90
N GLY H 125 33.36 -69.28 -82.84
CA GLY H 125 31.97 -69.01 -82.55
C GLY H 125 31.71 -67.68 -81.88
N GLY H 126 32.71 -66.81 -81.78
CA GLY H 126 32.53 -65.55 -81.10
C GLY H 126 31.70 -64.57 -81.91
N TYR H 127 31.10 -63.63 -81.18
CA TYR H 127 30.27 -62.56 -81.76
C TYR H 127 29.14 -63.11 -82.62
N GLU H 128 28.63 -64.28 -82.25
CA GLU H 128 27.40 -64.80 -82.83
C GLU H 128 26.21 -64.62 -81.90
N ALA H 129 26.44 -64.67 -80.59
CA ALA H 129 25.40 -64.32 -79.64
C ALA H 129 24.94 -62.88 -79.84
N LEU H 130 25.87 -61.97 -80.13
CA LEU H 130 25.50 -60.58 -80.38
C LEU H 130 24.63 -60.47 -81.63
N LYS H 131 24.97 -61.20 -82.69
CA LYS H 131 24.15 -61.17 -83.89
C LYS H 131 22.75 -61.73 -83.62
N LYS H 132 22.67 -62.86 -82.91
CA LYS H 132 21.37 -63.45 -82.59
C LYS H 132 20.54 -62.50 -81.75
N VAL H 133 21.17 -61.81 -80.80
CA VAL H 133 20.47 -60.80 -80.01
C VAL H 133 19.99 -59.66 -80.91
N LEU H 134 20.84 -59.21 -81.82
CA LEU H 134 20.51 -58.02 -82.61
C LEU H 134 19.36 -58.28 -83.57
N THR H 135 19.36 -59.41 -84.27
CA THR H 135 18.35 -59.62 -85.32
C THR H 135 17.09 -60.29 -84.77
N SER H 136 17.21 -61.51 -84.29
CA SER H 136 16.03 -62.27 -83.85
C SER H 136 15.83 -62.22 -82.34
N MET H 137 15.87 -61.05 -81.72
CA MET H 137 15.66 -60.93 -80.28
C MET H 137 15.21 -59.51 -79.96
N THR H 138 14.67 -59.34 -78.75
CA THR H 138 14.25 -58.07 -78.20
C THR H 138 14.76 -57.96 -76.76
N PRO H 139 14.96 -56.74 -76.26
CA PRO H 139 15.56 -56.59 -74.92
C PRO H 139 14.81 -57.34 -73.82
N GLU H 140 13.47 -57.35 -73.87
CA GLU H 140 12.72 -58.13 -72.89
C GLU H 140 13.06 -59.60 -72.99
N GLU H 141 13.24 -60.10 -74.22
CA GLU H 141 13.64 -61.50 -74.39
C GLU H 141 15.04 -61.74 -73.83
N VAL H 142 15.95 -60.77 -73.97
CA VAL H 142 17.28 -60.93 -73.41
C VAL H 142 17.23 -61.03 -71.89
N ILE H 143 16.45 -60.14 -71.26
CA ILE H 143 16.32 -60.19 -69.80
C ILE H 143 15.66 -61.50 -69.38
N GLU H 144 14.68 -61.97 -70.14
CA GLU H 144 14.05 -63.25 -69.84
C GLU H 144 15.04 -64.40 -69.97
N GLU H 145 15.92 -64.34 -70.97
CA GLU H 145 16.94 -65.37 -71.14
C GLU H 145 17.89 -65.38 -69.95
N ILE H 146 18.32 -64.20 -69.50
CA ILE H 146 19.20 -64.14 -68.33
C ILE H 146 18.49 -64.63 -67.09
N LYS H 147 17.20 -64.30 -66.95
CA LYS H 147 16.43 -64.75 -65.79
C LYS H 147 16.29 -66.26 -65.77
N ILE H 148 15.99 -66.86 -66.92
CA ILE H 148 15.86 -68.32 -67.00
C ILE H 148 17.20 -68.98 -66.72
N SER H 149 18.28 -68.43 -67.27
CA SER H 149 19.61 -68.99 -67.05
C SER H 149 20.04 -68.93 -65.60
N GLY H 150 19.41 -68.08 -64.79
CA GLY H 150 19.75 -68.00 -63.39
C GLY H 150 21.12 -67.42 -63.10
N LEU H 151 21.73 -66.76 -64.07
CA LEU H 151 23.03 -66.14 -63.85
C LEU H 151 22.92 -65.06 -62.78
N ARG H 152 23.88 -65.07 -61.86
CA ARG H 152 23.84 -64.12 -60.75
C ARG H 152 25.26 -63.92 -60.22
N GLY H 153 25.52 -62.71 -59.74
CA GLY H 153 26.74 -62.42 -59.03
C GLY H 153 28.02 -62.56 -59.82
N ARG H 154 28.84 -63.55 -59.42
CA ARG H 154 30.15 -63.83 -59.99
C ARG H 154 31.16 -62.78 -59.55
N GLY H 155 30.70 -61.75 -58.84
CA GLY H 155 31.55 -60.82 -58.13
C GLY H 155 31.54 -61.03 -56.64
N GLY H 156 30.99 -62.13 -56.16
CA GLY H 156 30.81 -62.36 -54.74
C GLY H 156 29.50 -61.86 -54.18
N ALA H 157 28.80 -60.99 -54.89
CA ALA H 157 27.55 -60.44 -54.38
C ALA H 157 26.46 -61.51 -54.35
N GLY H 158 26.29 -62.23 -55.46
CA GLY H 158 25.24 -63.22 -55.56
C GLY H 158 23.88 -62.70 -55.94
N PHE H 159 23.75 -61.41 -56.23
CA PHE H 159 22.46 -60.85 -56.62
C PHE H 159 22.13 -61.24 -58.05
N PRO H 160 20.86 -61.55 -58.34
CA PRO H 160 20.47 -61.90 -59.72
C PRO H 160 20.79 -60.77 -60.68
N THR H 161 21.37 -61.13 -61.82
CA THR H 161 21.75 -60.13 -62.82
C THR H 161 20.53 -59.67 -63.63
N TRP H 162 19.58 -60.56 -63.88
CA TRP H 162 18.39 -60.17 -64.63
C TRP H 162 17.61 -59.10 -63.89
N PHE H 163 17.58 -59.15 -62.56
CA PHE H 163 16.89 -58.12 -61.80
C PHE H 163 17.56 -56.76 -61.98
N LYS H 164 18.90 -56.74 -61.95
CA LYS H 164 19.61 -55.48 -62.16
C LYS H 164 19.36 -54.94 -63.56
N TRP H 165 19.37 -55.82 -64.57
CA TRP H 165 19.11 -55.37 -65.93
C TRP H 165 17.70 -54.82 -66.08
N ASP H 166 16.71 -55.50 -65.49
CA ASP H 166 15.34 -55.01 -65.55
C ASP H 166 15.19 -53.67 -64.84
N ALA H 167 15.80 -53.53 -63.67
CA ALA H 167 15.73 -52.27 -62.94
C ALA H 167 16.39 -51.14 -63.73
N ALA H 168 17.51 -51.44 -64.37
CA ALA H 168 18.19 -50.43 -65.16
C ALA H 168 17.36 -50.01 -66.36
N ARG H 169 16.79 -50.97 -67.09
CA ARG H 169 16.05 -50.61 -68.30
C ARG H 169 14.72 -49.94 -67.98
N LYS H 170 14.07 -50.34 -66.89
CA LYS H 170 12.79 -49.76 -66.52
C LYS H 170 12.94 -48.39 -65.89
N ALA H 171 14.15 -48.02 -65.47
CA ALA H 171 14.36 -46.78 -64.74
C ALA H 171 14.07 -45.57 -65.61
N SER H 172 13.66 -44.49 -64.96
CA SER H 172 13.41 -43.24 -65.66
C SER H 172 14.72 -42.62 -66.13
N GLY H 173 14.63 -41.86 -67.21
CA GLY H 173 15.81 -41.24 -67.80
C GLY H 173 16.06 -41.73 -69.20
N ASP H 174 16.68 -40.90 -70.04
CA ASP H 174 16.94 -41.25 -71.42
C ASP H 174 18.39 -41.65 -71.68
N ILE H 175 19.30 -41.41 -70.75
CA ILE H 175 20.70 -41.79 -70.89
C ILE H 175 21.01 -42.79 -69.78
N LYS H 176 21.52 -43.95 -70.16
CA LYS H 176 21.87 -45.00 -69.21
C LYS H 176 23.23 -45.56 -69.57
N TYR H 177 23.92 -46.09 -68.56
CA TYR H 177 25.29 -46.56 -68.70
C TYR H 177 25.36 -48.07 -68.49
N VAL H 178 26.54 -48.61 -68.77
CA VAL H 178 26.87 -50.01 -68.51
C VAL H 178 28.34 -50.06 -68.11
N VAL H 179 28.60 -50.52 -66.88
CA VAL H 179 29.96 -50.53 -66.35
C VAL H 179 30.36 -51.96 -66.05
N CYS H 180 31.66 -52.24 -66.19
CA CYS H 180 32.24 -53.53 -65.87
C CYS H 180 33.20 -53.35 -64.70
N ASN H 181 33.12 -54.25 -63.72
CA ASN H 181 33.87 -54.12 -62.48
C ASN H 181 35.13 -54.97 -62.61
N ALA H 182 36.21 -54.37 -63.11
CA ALA H 182 37.44 -55.11 -63.40
C ALA H 182 38.58 -54.77 -62.44
N ASP H 183 38.26 -54.16 -61.30
CA ASP H 183 39.27 -53.78 -60.31
C ASP H 183 39.39 -54.88 -59.28
N GLU H 184 40.27 -55.84 -59.54
CA GLU H 184 40.51 -56.92 -58.58
C GLU H 184 41.27 -56.42 -57.37
N GLY H 185 40.54 -56.03 -56.32
CA GLY H 185 41.16 -55.46 -55.14
C GLY H 185 41.88 -56.47 -54.26
N ASP H 186 41.52 -57.74 -54.36
CA ASP H 186 42.12 -58.77 -53.52
C ASP H 186 43.43 -59.23 -54.14
N PRO H 187 44.57 -59.02 -53.48
CA PRO H 187 45.84 -59.54 -54.01
C PRO H 187 45.97 -61.03 -53.75
N GLY H 188 45.84 -61.82 -54.81
CA GLY H 188 45.84 -63.26 -54.69
C GLY H 188 44.80 -63.90 -55.58
N ALA H 189 43.83 -63.10 -56.02
CA ALA H 189 42.82 -63.51 -56.97
C ALA H 189 42.94 -62.63 -58.21
N PHE H 190 43.07 -63.27 -59.37
CA PHE H 190 43.30 -62.55 -60.62
C PHE H 190 42.45 -63.13 -61.74
N MET H 191 41.19 -63.46 -61.44
CA MET H 191 40.32 -64.04 -62.45
C MET H 191 39.93 -63.00 -63.50
N ASP H 192 39.52 -61.81 -63.06
CA ASP H 192 39.14 -60.78 -64.02
C ASP H 192 40.34 -60.32 -64.84
N ARG H 193 41.51 -60.17 -64.21
CA ARG H 193 42.71 -59.80 -64.95
C ARG H 193 43.04 -60.87 -65.98
N SER H 194 42.95 -62.15 -65.60
CA SER H 194 43.25 -63.22 -66.53
C SER H 194 42.26 -63.24 -67.70
N ILE H 195 40.98 -63.01 -67.42
CA ILE H 195 39.98 -63.01 -68.48
C ILE H 195 40.21 -61.83 -69.43
N LEU H 196 40.51 -60.66 -68.88
CA LEU H 196 40.80 -59.50 -69.73
C LEU H 196 42.05 -59.72 -70.57
N GLU H 197 43.07 -60.37 -69.99
CA GLU H 197 44.33 -60.54 -70.68
C GLU H 197 44.25 -61.60 -71.76
N GLY H 198 43.48 -62.67 -71.51
CA GLY H 198 43.43 -63.79 -72.42
C GLY H 198 42.31 -63.74 -73.43
N ASP H 199 41.09 -63.46 -72.98
CA ASP H 199 39.91 -63.43 -73.84
C ASP H 199 39.16 -62.13 -73.56
N PRO H 200 39.61 -61.01 -74.13
CA PRO H 200 38.97 -59.71 -73.83
C PRO H 200 37.73 -59.42 -74.64
N HIS H 201 37.27 -60.32 -75.51
CA HIS H 201 36.13 -60.01 -76.35
C HIS H 201 34.81 -60.49 -75.77
N ALA H 202 34.84 -61.52 -74.91
CA ALA H 202 33.62 -61.94 -74.23
C ALA H 202 33.10 -60.81 -73.34
N VAL H 203 34.00 -60.05 -72.74
CA VAL H 203 33.59 -58.91 -71.92
C VAL H 203 32.87 -57.88 -72.77
N LEU H 204 33.44 -57.54 -73.94
CA LEU H 204 32.81 -56.55 -74.80
C LEU H 204 31.46 -57.03 -75.30
N GLU H 205 31.36 -58.30 -75.68
CA GLU H 205 30.08 -58.84 -76.12
C GLU H 205 29.05 -58.82 -74.99
N GLY H 206 29.48 -59.15 -73.77
CA GLY H 206 28.56 -59.11 -72.65
C GLY H 206 28.05 -57.71 -72.37
N MET H 207 28.93 -56.72 -72.39
CA MET H 207 28.49 -55.34 -72.17
C MET H 207 27.60 -54.86 -73.32
N THR H 208 27.88 -55.28 -74.55
CA THR H 208 27.03 -54.88 -75.66
C THR H 208 25.63 -55.48 -75.53
N ILE H 209 25.54 -56.76 -75.16
CA ILE H 209 24.24 -57.39 -74.96
C ILE H 209 23.51 -56.74 -73.78
N ALA H 210 24.24 -56.41 -72.72
CA ALA H 210 23.63 -55.75 -71.57
C ALA H 210 23.10 -54.37 -71.94
N ALA H 211 23.85 -53.63 -72.77
CA ALA H 211 23.39 -52.33 -73.21
C ALA H 211 22.15 -52.47 -74.08
N TYR H 212 22.11 -53.48 -74.95
CA TYR H 212 20.92 -53.72 -75.76
C TYR H 212 19.72 -54.04 -74.89
N ALA H 213 19.91 -54.88 -73.87
CA ALA H 213 18.81 -55.25 -73.00
C ALA H 213 18.44 -54.15 -72.03
N ILE H 214 19.29 -53.14 -71.86
CA ILE H 214 19.06 -52.06 -70.92
C ILE H 214 18.65 -50.78 -71.63
N GLY H 215 19.32 -50.43 -72.72
CA GLY H 215 19.05 -49.21 -73.43
C GLY H 215 20.16 -48.20 -73.25
N ALA H 216 21.37 -48.70 -73.08
CA ALA H 216 22.53 -47.85 -72.88
C ALA H 216 23.15 -47.43 -74.21
N LYS H 217 23.86 -46.32 -74.18
CA LYS H 217 24.59 -45.82 -75.34
C LYS H 217 26.04 -45.52 -75.03
N GLU H 218 26.47 -45.64 -73.78
CA GLU H 218 27.85 -45.44 -73.38
C GLU H 218 28.25 -46.57 -72.45
N GLY H 219 29.54 -46.85 -72.41
CA GLY H 219 30.05 -47.93 -71.59
C GLY H 219 31.39 -47.57 -70.98
N TYR H 220 31.64 -48.12 -69.79
CA TYR H 220 32.86 -47.87 -69.06
C TYR H 220 33.41 -49.19 -68.53
N ILE H 221 34.72 -49.37 -68.61
CA ILE H 221 35.41 -50.51 -68.03
C ILE H 221 36.38 -49.95 -67.00
N TYR H 222 36.14 -50.25 -65.73
CA TYR H 222 37.02 -49.79 -64.65
C TYR H 222 38.10 -50.84 -64.45
N VAL H 223 39.22 -50.65 -65.13
CA VAL H 223 40.35 -51.57 -65.05
C VAL H 223 41.48 -50.85 -64.31
N ARG H 224 42.06 -51.52 -63.32
CA ARG H 224 43.12 -50.94 -62.54
C ARG H 224 44.31 -50.58 -63.42
N ALA H 225 44.94 -49.44 -63.14
CA ALA H 225 46.09 -49.01 -63.91
C ALA H 225 47.34 -49.85 -63.63
N GLU H 226 47.30 -50.71 -62.62
CA GLU H 226 48.41 -51.60 -62.33
C GLU H 226 48.42 -52.83 -63.22
N TYR H 227 47.42 -52.98 -64.09
CA TYR H 227 47.38 -54.09 -65.04
C TYR H 227 47.65 -53.55 -66.44
N PRO H 228 48.92 -53.38 -66.82
CA PRO H 228 49.20 -52.74 -68.12
C PRO H 228 48.93 -53.65 -69.30
N LEU H 229 49.25 -54.94 -69.19
CA LEU H 229 48.99 -55.86 -70.30
C LEU H 229 47.49 -56.02 -70.52
N ALA H 230 46.71 -56.09 -69.44
CA ALA H 230 45.26 -56.17 -69.58
C ALA H 230 44.71 -54.93 -70.28
N ILE H 231 45.21 -53.75 -69.91
CA ILE H 231 44.78 -52.52 -70.55
C ILE H 231 45.12 -52.53 -72.03
N LYS H 232 46.35 -52.94 -72.37
CA LYS H 232 46.77 -52.98 -73.77
C LYS H 232 45.89 -53.93 -74.58
N ARG H 233 45.64 -55.12 -74.04
CA ARG H 233 44.80 -56.09 -74.75
C ARG H 233 43.39 -55.57 -74.91
N LEU H 234 42.85 -54.90 -73.88
CA LEU H 234 41.50 -54.36 -73.98
C LEU H 234 41.41 -53.28 -75.04
N GLU H 235 42.38 -52.37 -75.09
CA GLU H 235 42.35 -51.34 -76.12
C GLU H 235 42.48 -51.94 -77.52
N ILE H 236 43.36 -52.92 -77.68
CA ILE H 236 43.51 -53.57 -78.99
C ILE H 236 42.19 -54.22 -79.41
N ALA H 237 41.56 -54.95 -78.48
CA ALA H 237 40.30 -55.62 -78.78
C ALA H 237 39.21 -54.62 -79.11
N ILE H 238 39.15 -53.50 -78.39
CA ILE H 238 38.13 -52.50 -78.64
C ILE H 238 38.32 -51.89 -80.02
N GLU H 239 39.57 -51.56 -80.38
CA GLU H 239 39.82 -50.99 -81.71
C GLU H 239 39.46 -51.98 -82.80
N GLN H 240 39.85 -53.25 -82.64
CA GLN H 240 39.53 -54.26 -83.65
C GLN H 240 38.02 -54.46 -83.77
N ALA H 241 37.30 -54.48 -82.64
CA ALA H 241 35.85 -54.64 -82.67
C ALA H 241 35.18 -53.45 -83.35
N ARG H 242 35.70 -52.24 -83.10
CA ARG H 242 35.18 -51.07 -83.79
C ARG H 242 35.47 -51.12 -85.28
N ASN H 243 36.57 -51.77 -85.68
CA ASN H 243 36.86 -51.90 -87.10
C ASN H 243 35.83 -52.77 -87.80
N ARG H 244 35.39 -53.86 -87.16
CA ARG H 244 34.45 -54.80 -87.75
C ARG H 244 33.00 -54.39 -87.58
N ASN H 245 32.74 -53.16 -87.13
CA ASN H 245 31.39 -52.67 -86.87
C ASN H 245 30.67 -53.49 -85.82
N LEU H 246 31.41 -54.17 -84.95
CA LEU H 246 30.85 -54.89 -83.81
C LEU H 246 30.78 -54.02 -82.57
N LEU H 247 31.22 -52.77 -82.66
CA LEU H 247 31.12 -51.81 -81.56
C LEU H 247 30.99 -50.42 -82.17
N GLY H 248 30.57 -49.48 -81.35
CA GLY H 248 30.37 -48.12 -81.80
C GLY H 248 28.95 -47.89 -82.27
N ASN H 249 28.76 -46.75 -82.94
CA ASN H 249 27.46 -46.42 -83.49
C ASN H 249 27.11 -47.33 -84.66
N ASN H 250 25.82 -47.67 -84.76
CA ASN H 250 25.31 -48.50 -85.86
C ASN H 250 26.01 -49.86 -85.91
N ILE H 251 25.83 -50.64 -84.85
CA ILE H 251 26.40 -51.98 -84.81
C ILE H 251 25.64 -52.88 -85.77
N LEU H 252 26.38 -53.52 -86.69
CA LEU H 252 25.82 -54.48 -87.64
C LEU H 252 24.65 -53.89 -88.42
N ASN H 253 24.81 -52.62 -88.81
CA ASN H 253 23.83 -51.92 -89.65
C ASN H 253 22.44 -51.91 -89.04
N THR H 254 22.37 -51.66 -87.73
CA THR H 254 21.11 -51.46 -87.03
C THR H 254 21.14 -50.11 -86.33
N ASN H 255 20.00 -49.73 -85.74
CA ASN H 255 19.92 -48.49 -84.99
C ASN H 255 20.63 -48.57 -83.65
N PHE H 256 21.06 -49.76 -83.23
CA PHE H 256 21.72 -49.91 -81.94
C PHE H 256 23.10 -49.27 -81.97
N SER H 257 23.43 -48.55 -80.90
CA SER H 257 24.73 -47.91 -80.76
C SER H 257 25.26 -48.13 -79.35
N PHE H 258 26.57 -48.41 -79.25
CA PHE H 258 27.19 -48.66 -77.97
C PHE H 258 28.70 -48.54 -78.13
N ASP H 259 29.33 -47.74 -77.27
CA ASP H 259 30.78 -47.55 -77.28
C ASP H 259 31.32 -47.70 -75.87
N ILE H 260 32.58 -48.10 -75.78
CA ILE H 260 33.21 -48.46 -74.51
C ILE H 260 34.44 -47.59 -74.32
N LYS H 261 34.58 -47.01 -73.12
CA LYS H 261 35.76 -46.25 -72.73
C LYS H 261 36.39 -46.91 -71.50
N LEU H 262 37.70 -46.78 -71.39
CA LEU H 262 38.45 -47.37 -70.30
C LEU H 262 38.71 -46.34 -69.22
N LYS H 263 38.47 -46.72 -67.97
CA LYS H 263 38.82 -45.91 -66.81
C LYS H 263 39.89 -46.65 -66.00
N LYS H 264 40.95 -45.94 -65.66
CA LYS H 264 42.08 -46.52 -64.94
C LYS H 264 42.01 -46.07 -63.49
N GLY H 265 41.73 -47.02 -62.60
CA GLY H 265 41.71 -46.70 -61.18
C GLY H 265 43.11 -46.61 -60.61
N ALA H 266 43.28 -45.67 -59.68
CA ALA H 266 44.58 -45.49 -59.04
C ALA H 266 44.99 -46.68 -58.20
N GLY H 267 44.03 -47.53 -57.81
CA GLY H 267 44.34 -48.71 -57.04
C GLY H 267 43.95 -48.59 -55.58
N ALA H 268 42.80 -49.17 -55.23
CA ALA H 268 42.34 -49.19 -53.85
C ALA H 268 41.32 -50.32 -53.71
N PHE H 269 41.36 -50.99 -52.56
CA PHE H 269 40.43 -52.09 -52.32
C PHE H 269 38.99 -51.59 -52.29
N VAL H 270 38.75 -50.45 -51.65
CA VAL H 270 37.38 -49.94 -51.53
C VAL H 270 36.86 -49.39 -52.85
N CYS H 271 37.74 -48.98 -53.76
CA CYS H 271 37.28 -48.46 -55.04
C CYS H 271 36.62 -49.54 -55.88
N GLY H 272 36.81 -50.81 -55.55
CA GLY H 272 36.11 -51.88 -56.23
C GLY H 272 34.63 -51.94 -55.87
N GLU H 273 34.25 -51.36 -54.74
CA GLU H 273 32.84 -51.27 -54.38
C GLU H 273 32.07 -50.53 -55.47
N GLU H 274 30.85 -51.00 -55.73
CA GLU H 274 29.96 -50.37 -56.70
C GLU H 274 29.94 -48.85 -56.56
N THR H 275 29.53 -48.38 -55.38
CA THR H 275 29.29 -46.95 -55.19
C THR H 275 30.60 -46.17 -55.15
N ALA H 276 31.63 -46.74 -54.52
CA ALA H 276 32.93 -46.08 -54.54
C ALA H 276 33.52 -46.04 -55.95
N LEU H 277 33.24 -47.08 -56.74
CA LEU H 277 33.63 -47.05 -58.15
C LEU H 277 32.91 -45.94 -58.90
N ILE H 278 31.62 -45.77 -58.62
CA ILE H 278 30.86 -44.69 -59.23
C ILE H 278 31.47 -43.34 -58.87
N ALA H 279 31.84 -43.17 -57.60
CA ALA H 279 32.48 -41.93 -57.17
C ALA H 279 33.83 -41.73 -57.87
N SER H 280 34.62 -42.79 -57.97
CA SER H 280 35.94 -42.67 -58.60
C SER H 280 35.82 -42.32 -60.08
N ILE H 281 34.86 -42.93 -60.78
CA ILE H 281 34.61 -42.56 -62.17
C ILE H 281 34.15 -41.12 -62.26
N GLU H 282 33.32 -40.69 -61.30
CA GLU H 282 32.89 -39.30 -61.24
C GLU H 282 34.03 -38.33 -60.96
N GLY H 283 35.18 -38.82 -60.53
CA GLY H 283 36.33 -37.99 -60.29
C GLY H 283 36.56 -37.54 -58.86
N GLU H 284 35.99 -38.24 -57.88
CA GLU H 284 36.19 -37.94 -56.48
C GLU H 284 36.89 -39.12 -55.81
N ARG H 285 37.13 -38.99 -54.50
CA ARG H 285 37.73 -40.08 -53.75
C ARG H 285 36.72 -41.21 -53.58
N GLY H 286 37.25 -42.43 -53.40
CA GLY H 286 36.41 -43.60 -53.34
C GLY H 286 35.77 -43.82 -51.99
N MET H 287 34.76 -43.01 -51.66
CA MET H 287 34.02 -43.17 -50.41
C MET H 287 32.65 -43.73 -50.72
N PRO H 288 32.34 -44.98 -50.35
CA PRO H 288 31.02 -45.54 -50.64
C PRO H 288 29.91 -44.73 -50.01
N ARG H 289 28.87 -44.47 -50.79
CA ARG H 289 27.70 -43.75 -50.33
C ARG H 289 26.64 -44.76 -49.89
N LEU H 290 25.44 -44.27 -49.60
CA LEU H 290 24.39 -45.16 -49.12
C LEU H 290 23.84 -46.01 -50.25
N LYS H 291 23.44 -47.23 -49.92
CA LYS H 291 22.99 -48.24 -50.86
C LYS H 291 21.55 -48.11 -51.35
N PRO H 292 20.57 -47.78 -50.51
CA PRO H 292 19.15 -47.85 -50.94
C PRO H 292 18.88 -47.08 -52.22
N PRO H 293 19.51 -45.91 -52.44
CA PRO H 293 19.52 -45.38 -53.81
C PRO H 293 20.46 -46.20 -54.67
N PHE H 294 19.92 -47.03 -55.51
CA PHE H 294 20.77 -48.03 -56.13
C PHE H 294 21.34 -47.52 -57.45
N PRO H 295 22.51 -48.03 -57.85
CA PRO H 295 23.08 -47.63 -59.14
C PRO H 295 22.18 -47.93 -60.33
N ALA H 296 21.40 -49.02 -60.26
CA ALA H 296 20.42 -49.29 -61.30
C ALA H 296 19.32 -48.23 -61.34
N GLN H 297 19.10 -47.53 -60.23
CA GLN H 297 18.12 -46.45 -60.19
C GLN H 297 18.75 -45.07 -60.28
N SER H 298 19.93 -44.87 -59.68
CA SER H 298 20.65 -43.60 -59.80
C SER H 298 22.12 -43.89 -59.54
N GLY H 299 22.91 -43.94 -60.61
CA GLY H 299 24.32 -44.26 -60.47
C GLY H 299 25.25 -43.14 -60.88
N LEU H 300 25.94 -43.32 -62.01
CA LEU H 300 26.88 -42.31 -62.49
C LEU H 300 26.15 -41.05 -62.91
N TRP H 301 26.48 -39.93 -62.27
CA TRP H 301 25.92 -38.62 -62.60
C TRP H 301 24.40 -38.62 -62.53
N GLY H 302 23.82 -39.47 -61.68
CA GLY H 302 22.39 -39.53 -61.51
C GLY H 302 21.65 -40.33 -62.56
N ARG H 303 22.36 -40.90 -63.54
CA ARG H 303 21.72 -41.71 -64.57
C ARG H 303 21.85 -43.19 -64.22
N PRO H 304 20.84 -43.98 -64.56
CA PRO H 304 20.86 -45.41 -64.19
C PRO H 304 22.04 -46.13 -64.84
N THR H 305 22.80 -46.83 -64.01
CA THR H 305 23.94 -47.61 -64.49
C THR H 305 23.80 -49.05 -64.02
N ASN H 306 24.34 -49.97 -64.82
CA ASN H 306 24.38 -51.38 -64.48
C ASN H 306 25.84 -51.77 -64.30
N ILE H 307 26.21 -52.13 -63.08
CA ILE H 307 27.59 -52.49 -62.75
C ILE H 307 27.62 -54.00 -62.51
N ASN H 308 28.46 -54.68 -63.27
CA ASN H 308 28.56 -56.13 -63.20
C ASN H 308 30.03 -56.53 -63.26
N ASN H 309 30.31 -57.73 -62.76
CA ASN H 309 31.67 -58.24 -62.76
C ASN H 309 32.08 -58.66 -64.18
N VAL H 310 33.37 -58.95 -64.33
CA VAL H 310 33.87 -59.46 -65.60
C VAL H 310 33.30 -60.84 -65.89
N GLU H 311 33.20 -61.69 -64.87
CA GLU H 311 32.80 -63.08 -65.09
C GLU H 311 31.35 -63.20 -65.55
N THR H 312 30.44 -62.41 -64.96
CA THR H 312 29.05 -62.48 -65.39
C THR H 312 28.89 -61.95 -66.83
N TYR H 313 29.62 -60.89 -67.17
CA TYR H 313 29.59 -60.39 -68.54
C TYR H 313 30.14 -61.43 -69.50
N ALA H 314 31.15 -62.19 -69.07
CA ALA H 314 31.67 -63.26 -69.91
C ALA H 314 30.69 -64.42 -70.03
N ASN H 315 29.90 -64.66 -68.99
CA ASN H 315 28.92 -65.74 -69.03
C ASN H 315 27.73 -65.39 -69.90
N VAL H 316 27.43 -64.10 -70.06
CA VAL H 316 26.23 -63.69 -70.81
C VAL H 316 26.22 -64.20 -72.25
N PRO H 317 27.28 -64.02 -73.06
CA PRO H 317 27.20 -64.50 -74.45
C PRO H 317 27.01 -66.00 -74.57
N TRP H 318 27.64 -66.79 -73.69
CA TRP H 318 27.43 -68.22 -73.71
C TRP H 318 25.98 -68.56 -73.39
N ILE H 319 25.39 -67.84 -72.45
CA ILE H 319 23.98 -68.03 -72.12
C ILE H 319 23.12 -67.74 -73.34
N ILE H 320 23.43 -66.67 -74.07
CA ILE H 320 22.61 -66.29 -75.21
C ILE H 320 22.74 -67.31 -76.35
N THR H 321 23.98 -67.77 -76.62
CA THR H 321 24.17 -68.66 -77.76
C THR H 321 23.75 -70.10 -77.47
N ASN H 322 23.81 -70.53 -76.21
CA ASN H 322 23.40 -71.90 -75.86
C ASN H 322 22.02 -71.96 -75.24
N GLY H 323 21.42 -70.84 -74.88
CA GLY H 323 20.11 -70.86 -74.27
C GLY H 323 20.19 -70.87 -72.75
N GLY H 324 19.14 -70.34 -72.12
CA GLY H 324 19.11 -70.33 -70.67
C GLY H 324 19.01 -71.71 -70.05
N LYS H 325 18.30 -72.63 -70.72
CA LYS H 325 18.11 -73.97 -70.17
C LYS H 325 19.44 -74.69 -70.00
N ALA H 326 20.34 -74.58 -70.98
CA ALA H 326 21.62 -75.26 -70.90
C ALA H 326 22.44 -74.74 -69.71
N PHE H 327 22.46 -73.42 -69.51
CA PHE H 327 23.17 -72.86 -68.36
C PHE H 327 22.52 -73.29 -67.05
N ALA H 328 21.19 -73.31 -67.00
CA ALA H 328 20.50 -73.67 -65.77
C ALA H 328 20.71 -75.12 -65.38
N SER H 329 21.19 -75.96 -66.29
CA SER H 329 21.41 -77.37 -65.97
C SER H 329 22.72 -77.61 -65.24
N LEU H 330 23.53 -76.58 -65.03
CA LEU H 330 24.80 -76.70 -64.32
C LEU H 330 24.68 -76.01 -62.98
N GLY H 331 25.05 -76.72 -61.91
CA GLY H 331 25.04 -76.16 -60.57
C GLY H 331 23.87 -76.64 -59.74
N THR H 332 23.85 -76.16 -58.50
CA THR H 332 22.80 -76.54 -57.57
C THR H 332 21.50 -75.83 -57.94
N GLU H 333 20.46 -76.07 -57.13
CA GLU H 333 19.16 -75.45 -57.38
C GLU H 333 19.18 -73.96 -57.07
N LYS H 334 19.83 -73.57 -55.98
CA LYS H 334 19.90 -72.15 -55.62
C LYS H 334 20.75 -71.37 -56.61
N SER H 335 21.94 -71.88 -56.91
CA SER H 335 22.91 -71.18 -57.76
C SER H 335 23.18 -72.00 -59.01
N LYS H 336 23.02 -71.37 -60.17
CA LYS H 336 23.24 -72.02 -61.45
C LYS H 336 24.60 -71.64 -62.02
N GLY H 337 25.09 -72.46 -62.94
CA GLY H 337 26.28 -72.13 -63.70
C GLY H 337 27.57 -72.58 -63.05
N THR H 338 28.66 -71.96 -63.49
CA THR H 338 30.01 -72.29 -63.06
C THR H 338 30.66 -71.07 -62.44
N LYS H 339 31.66 -71.31 -61.59
CA LYS H 339 32.35 -70.25 -60.88
C LYS H 339 33.85 -70.45 -60.97
N VAL H 340 34.58 -69.33 -60.98
CA VAL H 340 36.03 -69.33 -61.14
C VAL H 340 36.67 -69.08 -59.77
N PHE H 341 37.65 -69.90 -59.41
CA PHE H 341 38.36 -69.81 -58.15
C PHE H 341 39.86 -69.78 -58.42
N ALA H 342 40.60 -69.20 -57.47
CA ALA H 342 42.05 -69.06 -57.56
C ALA H 342 42.66 -69.84 -56.39
N LEU H 343 43.02 -71.10 -56.64
CA LEU H 343 43.69 -71.90 -55.62
C LEU H 343 45.11 -71.39 -55.40
N ALA H 344 45.47 -71.22 -54.13
CA ALA H 344 46.80 -70.75 -53.75
C ALA H 344 47.14 -71.36 -52.40
N GLY H 345 48.15 -70.81 -51.74
CA GLY H 345 48.55 -71.30 -50.44
C GLY H 345 49.31 -72.61 -50.49
N LYS H 346 49.02 -73.51 -49.55
CA LYS H 346 49.71 -74.79 -49.43
C LYS H 346 49.16 -75.86 -50.36
N ILE H 347 48.41 -75.49 -51.40
CA ILE H 347 47.89 -76.47 -52.34
C ILE H 347 49.02 -76.95 -53.25
N LYS H 348 48.83 -78.14 -53.82
CA LYS H 348 49.88 -78.71 -54.66
C LYS H 348 49.95 -78.02 -56.02
N ARG H 349 48.81 -77.70 -56.60
CA ARG H 349 48.75 -77.06 -57.92
C ARG H 349 47.82 -75.85 -57.84
N GLY H 350 48.40 -74.66 -57.68
CA GLY H 350 47.61 -73.44 -57.67
C GLY H 350 47.22 -73.01 -59.07
N GLY H 351 46.39 -71.97 -59.12
CA GLY H 351 45.96 -71.40 -60.37
C GLY H 351 44.46 -71.25 -60.43
N LEU H 352 43.95 -70.95 -61.63
CA LEU H 352 42.53 -70.69 -61.82
C LEU H 352 41.82 -71.99 -62.20
N VAL H 353 40.65 -72.21 -61.58
CA VAL H 353 39.82 -73.37 -61.86
C VAL H 353 38.38 -72.90 -62.03
N GLU H 354 37.72 -73.37 -63.09
CA GLU H 354 36.32 -73.04 -63.34
C GLU H 354 35.49 -74.28 -63.05
N VAL H 355 34.87 -74.31 -61.87
CA VAL H 355 34.20 -75.51 -61.39
C VAL H 355 32.70 -75.27 -61.36
N PRO H 356 31.88 -76.32 -61.53
CA PRO H 356 30.43 -76.15 -61.36
C PRO H 356 30.10 -75.81 -59.92
N MET H 357 29.05 -75.01 -59.74
CA MET H 357 28.56 -74.74 -58.40
C MET H 357 27.95 -76.00 -57.81
N GLY H 358 28.22 -76.23 -56.52
CA GLY H 358 27.78 -77.42 -55.85
C GLY H 358 28.81 -78.53 -55.77
N MET H 359 29.94 -78.38 -56.44
CA MET H 359 31.03 -79.34 -56.30
C MET H 359 31.69 -79.15 -54.95
N SER H 360 31.90 -80.25 -54.24
CA SER H 360 32.39 -80.18 -52.86
C SER H 360 33.77 -79.56 -52.80
N LEU H 361 34.04 -78.81 -51.73
CA LEU H 361 35.35 -78.19 -51.56
C LEU H 361 36.44 -79.24 -51.42
N ARG H 362 36.11 -80.41 -50.88
CA ARG H 362 37.10 -81.49 -50.80
C ARG H 362 37.55 -81.91 -52.18
N GLU H 363 36.62 -81.99 -53.14
CA GLU H 363 36.99 -82.33 -54.50
C GLU H 363 37.93 -81.29 -55.11
N VAL H 364 37.65 -80.00 -54.87
CA VAL H 364 38.51 -78.96 -55.40
C VAL H 364 39.89 -79.03 -54.76
N ILE H 365 39.95 -79.22 -53.44
CA ILE H 365 41.22 -79.19 -52.74
C ILE H 365 42.07 -80.39 -53.12
N TYR H 366 41.48 -81.58 -53.13
CA TYR H 366 42.24 -82.81 -53.34
C TYR H 366 42.31 -83.21 -54.81
N ASN H 367 41.15 -83.39 -55.45
CA ASN H 367 41.13 -83.91 -56.82
C ASN H 367 41.72 -82.90 -57.79
N ILE H 368 41.31 -81.64 -57.69
CA ILE H 368 41.77 -80.61 -58.63
C ILE H 368 43.06 -79.96 -58.13
N GLY H 369 43.07 -79.51 -56.88
CA GLY H 369 44.25 -78.88 -56.34
C GLY H 369 45.44 -79.79 -56.17
N GLY H 370 45.24 -81.11 -56.22
CA GLY H 370 46.32 -82.06 -56.07
C GLY H 370 46.69 -82.40 -54.65
N GLY H 371 45.92 -81.94 -53.67
CA GLY H 371 46.23 -82.20 -52.28
C GLY H 371 47.13 -81.14 -51.68
N ILE H 372 47.41 -81.31 -50.39
CA ILE H 372 48.24 -80.38 -49.66
C ILE H 372 49.70 -80.62 -49.99
N LYS H 373 50.46 -79.54 -50.11
CA LYS H 373 51.88 -79.66 -50.39
C LYS H 373 52.60 -80.32 -49.23
N ASP H 374 53.54 -81.21 -49.55
CA ASP H 374 54.32 -81.98 -48.59
C ASP H 374 53.45 -82.94 -47.78
N ASP H 375 52.22 -83.18 -48.22
CA ASP H 375 51.32 -84.17 -47.62
C ASP H 375 51.09 -83.90 -46.14
N LYS H 376 50.99 -82.63 -45.77
CA LYS H 376 50.65 -82.26 -44.41
C LYS H 376 49.13 -82.25 -44.22
N ALA H 377 48.71 -82.28 -42.96
CA ALA H 377 47.29 -82.26 -42.66
C ALA H 377 46.67 -80.94 -43.10
N PHE H 378 45.42 -81.00 -43.53
CA PHE H 378 44.71 -79.84 -44.08
C PHE H 378 43.91 -79.19 -42.96
N LYS H 379 44.31 -77.98 -42.56
CA LYS H 379 43.67 -77.35 -41.41
C LYS H 379 42.43 -76.55 -41.81
N ALA H 380 42.59 -75.55 -42.67
CA ALA H 380 41.48 -74.69 -43.03
C ALA H 380 41.75 -74.04 -44.38
N VAL H 381 40.66 -73.55 -44.98
CA VAL H 381 40.72 -72.77 -46.22
C VAL H 381 40.22 -71.36 -45.91
N GLN H 382 41.04 -70.37 -46.21
CA GLN H 382 40.64 -68.97 -46.06
C GLN H 382 40.08 -68.51 -47.40
N MET H 383 38.78 -68.70 -47.56
CA MET H 383 38.13 -68.44 -48.84
C MET H 383 37.39 -67.12 -48.78
N GLY H 384 37.44 -66.37 -49.89
CA GLY H 384 36.81 -65.08 -50.00
C GLY H 384 37.77 -63.92 -50.07
N GLY H 385 39.00 -64.12 -49.62
CA GLY H 385 39.98 -63.06 -49.60
C GLY H 385 40.18 -62.53 -48.20
N PRO H 386 40.71 -61.31 -48.08
CA PRO H 386 40.89 -60.72 -46.75
C PRO H 386 39.58 -60.50 -46.00
N SER H 387 38.46 -60.42 -46.71
CA SER H 387 37.15 -60.32 -46.09
C SER H 387 36.40 -61.64 -46.10
N GLY H 388 37.11 -62.75 -46.31
CA GLY H 388 36.50 -64.07 -46.32
C GLY H 388 36.57 -64.73 -44.96
N GLY H 389 36.45 -66.05 -44.96
CA GLY H 389 36.43 -66.79 -43.72
C GLY H 389 37.28 -68.04 -43.81
N CYS H 390 37.60 -68.57 -42.62
CA CYS H 390 38.43 -69.77 -42.48
C CYS H 390 37.51 -70.97 -42.26
N ILE H 391 37.16 -71.63 -43.36
CA ILE H 391 36.37 -72.86 -43.30
C ILE H 391 37.26 -73.99 -42.79
N PRO H 392 36.87 -74.71 -41.75
CA PRO H 392 37.76 -75.66 -41.10
C PRO H 392 37.82 -76.99 -41.84
N ALA H 393 38.54 -77.93 -41.25
CA ALA H 393 38.79 -79.21 -41.91
C ALA H 393 37.53 -80.06 -42.00
N ASP H 394 36.72 -80.09 -40.93
CA ASP H 394 35.54 -80.94 -40.91
C ASP H 394 34.46 -80.49 -41.88
N LEU H 395 34.42 -79.20 -42.23
CA LEU H 395 33.47 -78.68 -43.21
C LEU H 395 34.04 -78.69 -44.62
N ILE H 396 34.98 -79.59 -44.92
CA ILE H 396 35.58 -79.66 -46.25
C ILE H 396 34.58 -80.14 -47.29
N ASP H 397 33.47 -80.75 -46.86
CA ASP H 397 32.49 -81.30 -47.78
C ASP H 397 31.35 -80.36 -48.10
N THR H 398 31.38 -79.13 -47.61
CA THR H 398 30.32 -78.18 -47.95
C THR H 398 30.44 -77.81 -49.42
N PRO H 399 29.35 -77.88 -50.18
CA PRO H 399 29.44 -77.61 -51.61
C PRO H 399 29.77 -76.17 -51.92
N VAL H 400 30.38 -75.96 -53.08
CA VAL H 400 30.65 -74.61 -53.57
C VAL H 400 29.33 -74.00 -54.01
N ASP H 401 28.90 -72.95 -53.30
CA ASP H 401 27.63 -72.30 -53.55
C ASP H 401 27.57 -71.06 -52.67
N TYR H 402 26.84 -70.05 -53.14
CA TYR H 402 26.68 -68.83 -52.35
C TYR H 402 26.08 -69.14 -50.98
N GLU H 403 24.95 -69.85 -50.96
CA GLU H 403 24.27 -70.12 -49.70
C GLU H 403 25.04 -71.11 -48.85
N SER H 404 25.55 -72.18 -49.47
CA SER H 404 26.25 -73.21 -48.70
C SER H 404 27.54 -72.68 -48.09
N ILE H 405 28.17 -71.71 -48.76
CA ILE H 405 29.42 -71.15 -48.22
C ILE H 405 29.12 -70.06 -47.20
N THR H 406 28.11 -69.23 -47.46
CA THR H 406 27.73 -68.19 -46.51
C THR H 406 27.20 -68.79 -45.22
N LYS H 407 26.55 -69.95 -45.28
CA LYS H 407 26.07 -70.60 -44.07
C LYS H 407 27.24 -70.99 -43.15
N THR H 408 28.45 -71.11 -43.69
CA THR H 408 29.63 -71.34 -42.88
C THR H 408 30.25 -70.06 -42.37
N GLY H 409 29.70 -68.90 -42.71
CA GLY H 409 30.23 -67.63 -42.26
C GLY H 409 31.06 -66.93 -43.32
N ALA H 410 31.83 -67.70 -44.08
CA ALA H 410 32.69 -67.12 -45.11
C ALA H 410 31.84 -66.61 -46.26
N ILE H 411 32.49 -65.88 -47.16
CA ILE H 411 31.85 -65.30 -48.33
C ILE H 411 32.59 -65.76 -49.58
N MET H 412 31.88 -65.78 -50.70
CA MET H 412 32.51 -66.16 -51.96
C MET H 412 33.59 -65.15 -52.35
N GLY H 413 33.27 -63.87 -52.24
CA GLY H 413 34.28 -62.82 -52.42
C GLY H 413 34.97 -62.90 -53.76
N SER H 414 36.29 -62.83 -53.72
CA SER H 414 37.12 -62.90 -54.91
C SER H 414 37.47 -64.33 -55.30
N GLY H 415 36.81 -65.32 -54.71
CA GLY H 415 37.07 -66.71 -55.04
C GLY H 415 38.47 -67.17 -54.70
N GLY H 416 39.18 -66.39 -53.90
CA GLY H 416 40.55 -66.72 -53.56
C GLY H 416 40.64 -67.64 -52.36
N MET H 417 40.82 -68.94 -52.62
CA MET H 417 40.90 -69.92 -51.55
C MET H 417 42.36 -70.15 -51.20
N ILE H 418 42.72 -69.87 -49.95
CA ILE H 418 44.08 -69.99 -49.46
C ILE H 418 44.14 -71.26 -48.63
N VAL H 419 44.58 -72.36 -49.25
CA VAL H 419 44.70 -73.63 -48.55
C VAL H 419 45.81 -73.54 -47.52
N MET H 420 45.57 -74.09 -46.33
CA MET H 420 46.53 -73.99 -45.25
C MET H 420 46.65 -75.33 -44.53
N ASP H 421 47.88 -75.65 -44.15
CA ASP H 421 48.19 -76.89 -43.47
C ASP H 421 48.06 -76.71 -41.96
N GLU H 422 48.40 -77.74 -41.19
CA GLU H 422 48.24 -77.71 -39.74
C GLU H 422 49.32 -76.87 -39.04
N THR H 423 50.38 -76.50 -39.74
CA THR H 423 51.44 -75.71 -39.11
C THR H 423 51.11 -74.23 -39.05
N THR H 424 50.00 -73.80 -39.66
CA THR H 424 49.66 -72.39 -39.68
C THR H 424 48.84 -72.03 -38.44
N CYS H 425 49.22 -70.93 -37.79
CA CYS H 425 48.54 -70.46 -36.59
C CYS H 425 47.38 -69.56 -36.99
N MET H 426 46.21 -69.81 -36.40
CA MET H 426 45.00 -69.14 -36.84
C MET H 426 44.96 -67.68 -36.39
N VAL H 427 45.54 -67.36 -35.23
CA VAL H 427 45.52 -65.99 -34.74
C VAL H 427 46.26 -65.07 -35.70
N ASP H 428 47.43 -65.50 -36.18
CA ASP H 428 48.20 -64.68 -37.11
C ASP H 428 47.46 -64.50 -38.43
N ILE H 429 46.80 -65.56 -38.91
CA ILE H 429 46.09 -65.48 -40.18
C ILE H 429 44.94 -64.47 -40.09
N ALA H 430 44.15 -64.55 -39.02
CA ALA H 430 43.06 -63.59 -38.85
C ALA H 430 43.61 -62.18 -38.74
N ARG H 431 44.73 -62.03 -37.94
CA ARG H 431 45.36 -60.72 -37.78
C ARG H 431 45.94 -60.22 -39.10
N PHE H 432 46.46 -61.14 -39.99
CA PHE H 432 47.06 -60.76 -41.27
C PHE H 432 46.02 -60.15 -42.20
N PHE H 433 44.88 -60.82 -42.36
CA PHE H 433 43.85 -60.30 -43.25
C PHE H 433 43.11 -59.12 -42.65
N LEU H 434 42.92 -59.11 -41.33
CA LEU H 434 42.31 -57.96 -40.68
C LEU H 434 43.20 -56.73 -40.77
N GLU H 435 44.52 -56.91 -40.75
CA GLU H 435 45.42 -55.79 -40.95
C GLU H 435 45.24 -55.17 -42.33
N PHE H 436 45.17 -55.99 -43.37
CA PHE H 436 44.93 -55.50 -44.71
C PHE H 436 43.58 -54.80 -44.81
N THR H 437 42.55 -55.40 -44.21
CA THR H 437 41.22 -54.81 -44.26
C THR H 437 41.18 -53.46 -43.54
N CYS H 438 41.84 -53.35 -42.38
CA CYS H 438 41.91 -52.08 -41.68
C CYS H 438 42.67 -51.03 -42.48
N LYS H 439 43.77 -51.45 -43.13
CA LYS H 439 44.52 -50.51 -43.94
C LYS H 439 43.74 -50.05 -45.16
N GLU H 440 42.80 -50.88 -45.64
CA GLU H 440 42.08 -50.57 -46.87
C GLU H 440 40.73 -49.89 -46.63
N SER H 441 40.39 -49.57 -45.38
CA SER H 441 39.13 -48.88 -45.11
C SER H 441 39.23 -47.42 -45.49
N CYS H 442 38.14 -46.86 -46.02
CA CYS H 442 38.11 -45.47 -46.40
C CYS H 442 37.95 -44.52 -45.20
N GLY H 443 37.44 -45.01 -44.08
CA GLY H 443 37.39 -44.23 -42.87
C GLY H 443 36.16 -43.35 -42.70
N LYS H 444 35.07 -43.63 -43.41
CA LYS H 444 33.89 -42.78 -43.30
C LYS H 444 33.16 -43.01 -41.98
N CYS H 445 32.70 -44.24 -41.74
CA CYS H 445 31.89 -44.53 -40.57
C CYS H 445 32.75 -45.06 -39.43
N THR H 446 32.29 -44.80 -38.20
CA THR H 446 33.10 -45.10 -37.02
C THR H 446 33.31 -46.60 -36.83
N TYR H 447 32.29 -47.42 -37.11
CA TYR H 447 32.39 -48.84 -36.82
C TYR H 447 33.52 -49.51 -37.59
N CYS H 448 33.72 -49.11 -38.85
CA CYS H 448 34.79 -49.68 -39.65
C CYS H 448 36.11 -48.94 -39.49
N ARG H 449 36.08 -47.63 -39.28
CA ARG H 449 37.32 -46.85 -39.28
C ARG H 449 38.16 -47.15 -38.04
N VAL H 450 37.55 -47.15 -36.87
CA VAL H 450 38.28 -47.37 -35.63
C VAL H 450 38.04 -48.75 -35.04
N GLY H 451 36.86 -49.34 -35.27
CA GLY H 451 36.60 -50.68 -34.77
C GLY H 451 37.56 -51.72 -35.30
N THR H 452 37.88 -51.62 -36.60
CA THR H 452 38.85 -52.55 -37.18
C THR H 452 40.22 -52.38 -36.55
N ARG H 453 40.60 -51.14 -36.26
CA ARG H 453 41.89 -50.91 -35.60
C ARG H 453 41.89 -51.48 -34.18
N ARG H 454 40.78 -51.35 -33.46
CA ARG H 454 40.71 -51.92 -32.12
C ARG H 454 40.78 -53.43 -32.17
N MET H 455 40.12 -54.05 -33.15
CA MET H 455 40.23 -55.50 -33.32
C MET H 455 41.65 -55.91 -33.66
N LEU H 456 42.33 -55.14 -34.50
CA LEU H 456 43.72 -55.43 -34.83
C LEU H 456 44.60 -55.34 -33.60
N GLU H 457 44.38 -54.33 -32.75
CA GLU H 457 45.14 -54.22 -31.51
C GLU H 457 44.86 -55.38 -30.57
N ILE H 458 43.60 -55.80 -30.48
CA ILE H 458 43.24 -56.93 -29.62
C ILE H 458 43.92 -58.21 -30.12
N LEU H 459 43.94 -58.41 -31.44
CA LEU H 459 44.64 -59.56 -31.99
C LEU H 459 46.14 -59.48 -31.75
N ASP H 460 46.71 -58.28 -31.83
CA ASP H 460 48.11 -58.11 -31.50
C ASP H 460 48.39 -58.50 -30.06
N ARG H 461 47.54 -58.05 -29.13
CA ARG H 461 47.73 -58.38 -27.72
C ARG H 461 47.58 -59.87 -27.48
N ILE H 462 46.63 -60.51 -28.18
CA ILE H 462 46.43 -61.95 -28.02
C ILE H 462 47.64 -62.71 -28.54
N CYS H 463 48.14 -62.35 -29.72
CA CYS H 463 49.26 -63.06 -30.31
C CYS H 463 50.54 -62.88 -29.50
N ASN H 464 50.79 -61.66 -29.01
CA ASN H 464 51.98 -61.41 -28.21
C ASN H 464 51.88 -62.01 -26.82
N GLY H 465 50.72 -62.51 -26.42
CA GLY H 465 50.53 -63.04 -25.09
C GLY H 465 50.28 -61.99 -24.02
N GLU H 466 50.28 -60.71 -24.39
CA GLU H 466 50.08 -59.61 -23.44
C GLU H 466 48.62 -59.23 -23.27
N GLY H 467 47.70 -59.98 -23.88
CA GLY H 467 46.30 -59.65 -23.76
C GLY H 467 45.79 -59.83 -22.36
N ARG H 468 44.85 -58.98 -21.96
CA ARG H 468 44.30 -59.01 -20.61
C ARG H 468 43.24 -60.10 -20.52
N ASP H 469 42.46 -60.09 -19.45
CA ASP H 469 41.31 -60.97 -19.35
C ASP H 469 40.13 -60.39 -20.12
N GLY H 470 39.19 -61.25 -20.49
CA GLY H 470 38.03 -60.80 -21.21
C GLY H 470 38.30 -60.38 -22.63
N ASP H 471 39.41 -60.84 -23.23
CA ASP H 471 39.73 -60.44 -24.59
C ASP H 471 38.87 -61.15 -25.62
N LEU H 472 38.52 -62.41 -25.37
CA LEU H 472 37.75 -63.17 -26.35
C LEU H 472 36.32 -62.63 -26.46
N GLU H 473 35.66 -62.41 -25.33
CA GLU H 473 34.30 -61.89 -25.36
C GLU H 473 34.27 -60.49 -25.94
N LEU H 474 35.22 -59.64 -25.54
CA LEU H 474 35.28 -58.28 -26.07
C LEU H 474 35.54 -58.29 -27.57
N LEU H 475 36.45 -59.16 -28.03
CA LEU H 475 36.73 -59.26 -29.46
C LEU H 475 35.51 -59.73 -30.24
N GLU H 476 34.78 -60.72 -29.70
CA GLU H 476 33.58 -61.20 -30.37
C GLU H 476 32.52 -60.11 -30.45
N GLU H 477 32.31 -59.40 -29.35
CA GLU H 477 31.32 -58.32 -29.34
C GLU H 477 31.72 -57.20 -30.29
N LEU H 478 33.00 -56.85 -30.31
CA LEU H 478 33.48 -55.83 -31.24
C LEU H 478 33.29 -56.26 -32.68
N ALA H 479 33.57 -57.53 -32.99
CA ALA H 479 33.42 -58.01 -34.36
C ALA H 479 31.95 -58.00 -34.78
N VAL H 480 31.05 -58.44 -33.90
CA VAL H 480 29.65 -58.48 -34.31
C VAL H 480 29.06 -57.08 -34.35
N SER H 481 29.62 -56.14 -33.60
CA SER H 481 29.15 -54.76 -33.69
C SER H 481 29.66 -54.08 -34.96
N VAL H 482 30.91 -54.36 -35.34
CA VAL H 482 31.45 -53.83 -36.59
C VAL H 482 30.71 -54.40 -37.78
N LYS H 483 30.40 -55.71 -37.75
CA LYS H 483 29.74 -56.35 -38.87
C LYS H 483 28.32 -55.82 -39.08
N ASP H 484 27.60 -55.57 -37.98
CA ASP H 484 26.22 -55.12 -38.06
C ASP H 484 26.06 -53.60 -38.00
N GLY H 485 27.17 -52.86 -38.00
CA GLY H 485 27.08 -51.41 -37.90
C GLY H 485 27.77 -50.65 -39.01
N SER H 486 28.65 -51.34 -39.74
CA SER H 486 29.41 -50.68 -40.80
C SER H 486 28.48 -50.30 -41.96
N LEU H 487 28.90 -49.29 -42.71
CA LEU H 487 28.05 -48.74 -43.76
C LEU H 487 28.14 -49.55 -45.05
N CYS H 488 29.35 -49.95 -45.44
CA CYS H 488 29.57 -50.61 -46.71
C CYS H 488 29.96 -52.07 -46.51
N GLY H 489 30.19 -52.77 -47.62
CA GLY H 489 30.53 -54.17 -47.56
C GLY H 489 31.93 -54.47 -47.09
N LEU H 490 32.83 -53.49 -47.16
CA LEU H 490 34.18 -53.72 -46.69
C LEU H 490 34.22 -53.78 -45.17
N GLY H 491 33.34 -53.05 -44.50
CA GLY H 491 33.25 -53.11 -43.05
C GLY H 491 32.38 -54.25 -42.58
N GLN H 492 31.26 -54.49 -43.26
CA GLN H 492 30.38 -55.59 -42.90
C GLN H 492 31.04 -56.95 -43.10
N THR H 493 32.05 -57.04 -43.95
CA THR H 493 32.83 -58.25 -44.14
C THR H 493 34.23 -58.14 -43.56
N ALA H 494 34.54 -57.04 -42.87
CA ALA H 494 35.85 -56.89 -42.26
C ALA H 494 36.13 -57.93 -41.18
N PRO H 495 35.27 -58.17 -40.19
CA PRO H 495 35.59 -59.11 -39.13
C PRO H 495 35.31 -60.56 -39.47
N ASN H 496 35.04 -60.88 -40.74
CA ASN H 496 34.75 -62.26 -41.11
C ASN H 496 35.85 -63.24 -40.75
N PRO H 497 37.15 -62.95 -40.92
CA PRO H 497 38.18 -63.90 -40.44
C PRO H 497 38.05 -64.17 -38.95
N VAL H 498 38.14 -63.10 -38.16
CA VAL H 498 38.08 -63.22 -36.70
C VAL H 498 36.88 -64.06 -36.28
N LEU H 499 35.68 -63.62 -36.69
CA LEU H 499 34.46 -64.34 -36.36
C LEU H 499 34.58 -65.82 -36.71
N THR H 500 35.03 -66.11 -37.95
CA THR H 500 35.14 -67.50 -38.35
C THR H 500 36.15 -68.24 -37.49
N THR H 501 37.29 -67.61 -37.21
CA THR H 501 38.28 -68.25 -36.34
C THR H 501 37.79 -68.35 -34.91
N LEU H 502 36.74 -67.61 -34.55
CA LEU H 502 36.14 -67.73 -33.24
C LEU H 502 34.99 -68.72 -33.22
N ARG H 503 34.61 -69.28 -34.37
CA ARG H 503 33.56 -70.29 -34.43
C ARG H 503 34.11 -71.70 -34.53
N TYR H 504 35.25 -71.87 -35.18
CA TYR H 504 35.87 -73.18 -35.34
C TYR H 504 37.15 -73.34 -34.52
N PHE H 505 37.93 -72.28 -34.39
CA PHE H 505 39.23 -72.34 -33.72
C PHE H 505 39.26 -71.45 -32.47
N LYS H 506 38.19 -71.49 -31.69
CA LYS H 506 38.18 -70.77 -30.42
C LYS H 506 39.24 -71.31 -29.47
N ASP H 507 39.46 -72.62 -29.50
CA ASP H 507 40.46 -73.23 -28.64
C ASP H 507 41.86 -72.68 -28.94
N GLU H 508 42.13 -72.34 -30.19
CA GLU H 508 43.41 -71.75 -30.54
C GLU H 508 43.61 -70.41 -29.84
N TYR H 509 42.58 -69.55 -29.88
CA TYR H 509 42.65 -68.28 -29.16
C TYR H 509 42.79 -68.50 -27.67
N ILE H 510 42.04 -69.46 -27.11
CA ILE H 510 42.07 -69.69 -25.67
C ILE H 510 43.45 -70.15 -25.23
N ALA H 511 44.07 -71.06 -25.98
CA ALA H 511 45.43 -71.47 -25.67
C ALA H 511 46.42 -70.32 -25.87
N HIS H 512 46.17 -69.46 -26.86
CA HIS H 512 47.05 -68.31 -27.08
C HIS H 512 47.04 -67.37 -25.89
N ILE H 513 45.86 -67.08 -25.34
CA ILE H 513 45.75 -66.01 -24.35
C ILE H 513 46.04 -66.54 -22.94
N ARG H 514 45.61 -67.76 -22.64
CA ARG H 514 45.78 -68.30 -21.29
C ARG H 514 47.13 -68.98 -21.12
N ASP H 515 47.42 -69.98 -21.95
CA ASP H 515 48.68 -70.70 -21.87
C ASP H 515 49.86 -69.89 -22.39
N LYS H 516 49.61 -68.74 -23.01
CA LYS H 516 50.67 -67.87 -23.54
C LYS H 516 51.54 -68.59 -24.56
N LYS H 517 50.91 -69.47 -25.35
CA LYS H 517 51.62 -70.19 -26.41
C LYS H 517 50.62 -70.66 -27.44
N CYS H 518 51.14 -71.02 -28.62
CA CYS H 518 50.28 -71.49 -29.70
C CYS H 518 50.66 -72.91 -30.11
N PRO H 519 49.67 -73.76 -30.38
CA PRO H 519 49.98 -75.13 -30.84
C PRO H 519 50.76 -75.16 -32.14
N ALA H 520 50.50 -74.22 -33.05
CA ALA H 520 51.17 -74.22 -34.35
C ALA H 520 52.60 -73.72 -34.29
N LYS H 521 52.99 -73.06 -33.20
CA LYS H 521 54.35 -72.58 -32.99
C LYS H 521 54.77 -71.64 -34.13
N GLN H 522 53.86 -70.75 -34.52
CA GLN H 522 54.11 -69.80 -35.59
C GLN H 522 54.24 -68.36 -35.12
N CYS H 523 53.61 -67.99 -34.01
CA CYS H 523 53.80 -66.66 -33.46
C CYS H 523 55.25 -66.46 -33.04
N LYS H 524 55.89 -65.44 -33.59
CA LYS H 524 57.31 -65.20 -33.29
C LYS H 524 57.52 -64.84 -31.83
N ALA H 525 56.53 -64.20 -31.20
CA ALA H 525 56.64 -63.83 -29.80
C ALA H 525 56.47 -64.99 -28.84
N LEU H 526 56.02 -66.16 -29.32
CA LEU H 526 55.77 -67.31 -28.47
C LEU H 526 56.75 -68.45 -28.72
N ILE H 527 57.48 -68.43 -29.83
CA ILE H 527 58.45 -69.48 -30.10
C ILE H 527 59.74 -69.24 -29.31
N ASP I 22 59.64 -27.80 -62.24
CA ASP I 22 59.04 -27.53 -63.55
C ASP I 22 57.53 -27.76 -63.52
N LEU I 23 56.82 -27.04 -64.38
CA LEU I 23 55.38 -27.23 -64.53
C LEU I 23 54.94 -27.40 -65.98
N SER I 24 55.77 -27.06 -66.96
CA SER I 24 55.39 -27.22 -68.36
C SER I 24 55.26 -28.69 -68.75
N LEU I 25 55.90 -29.60 -68.02
CA LEU I 25 55.81 -31.02 -68.36
C LEU I 25 54.38 -31.53 -68.28
N LEU I 26 53.57 -30.95 -67.39
CA LEU I 26 52.17 -31.34 -67.28
C LEU I 26 51.30 -30.69 -68.34
N ASP I 27 51.84 -29.78 -69.15
CA ASP I 27 51.02 -29.07 -70.13
C ASP I 27 50.31 -30.00 -71.11
N PRO I 28 50.96 -31.01 -71.72
CA PRO I 28 50.21 -31.90 -72.61
C PRO I 28 49.11 -32.66 -71.90
N VAL I 29 49.41 -33.23 -70.72
CA VAL I 29 48.41 -34.03 -70.00
C VAL I 29 47.17 -33.20 -69.70
N LEU I 30 47.37 -32.00 -69.13
CA LEU I 30 46.24 -31.13 -68.85
C LEU I 30 45.50 -30.74 -70.12
N ASP I 31 46.20 -30.69 -71.25
CA ASP I 31 45.51 -30.40 -72.51
C ASP I 31 44.73 -31.61 -73.02
N GLU I 32 45.18 -32.82 -72.68
CA GLU I 32 44.48 -34.01 -73.15
C GLU I 32 43.20 -34.23 -72.35
N TYR I 33 43.24 -34.02 -71.04
CA TYR I 33 42.11 -34.29 -70.15
C TYR I 33 41.36 -33.01 -69.78
N LYS I 34 41.26 -32.07 -70.71
CA LYS I 34 40.56 -30.82 -70.46
C LYS I 34 39.09 -30.95 -70.90
N GLY I 35 38.28 -30.00 -70.41
CA GLY I 35 36.87 -29.98 -70.71
C GLY I 35 36.00 -30.75 -69.76
N GLU I 36 36.57 -31.64 -68.96
CA GLU I 36 35.82 -32.42 -67.98
C GLU I 36 36.63 -32.50 -66.69
N LYS I 37 35.97 -32.18 -65.58
CA LYS I 37 36.61 -32.22 -64.27
C LYS I 37 36.43 -33.56 -63.58
N SER I 38 36.09 -34.61 -64.34
CA SER I 38 35.98 -35.97 -63.81
C SER I 38 37.20 -36.81 -64.13
N ASN I 39 38.24 -36.23 -64.70
CA ASN I 39 39.45 -36.95 -65.09
C ASN I 39 40.64 -36.59 -64.21
N ILE I 40 40.37 -36.16 -62.97
CA ILE I 40 41.44 -35.68 -62.11
C ILE I 40 42.36 -36.80 -61.67
N ILE I 41 41.83 -38.03 -61.52
CA ILE I 41 42.66 -39.14 -61.08
C ILE I 41 43.68 -39.50 -62.15
N ALA I 42 43.27 -39.46 -63.42
CA ALA I 42 44.20 -39.72 -64.51
C ALA I 42 45.30 -38.66 -64.55
N ILE I 43 44.94 -37.39 -64.38
CA ILE I 43 45.93 -36.33 -64.36
C ILE I 43 46.91 -36.52 -63.22
N LEU I 44 46.39 -36.88 -62.04
CA LEU I 44 47.26 -37.14 -60.90
C LEU I 44 48.21 -38.30 -61.17
N GLN I 45 47.71 -39.36 -61.81
CA GLN I 45 48.58 -40.50 -62.13
C GLN I 45 49.67 -40.11 -63.11
N LYS I 46 49.34 -39.33 -64.14
CA LYS I 46 50.36 -38.90 -65.09
C LYS I 46 51.39 -38.00 -64.41
N THR I 47 50.94 -37.11 -63.53
CA THR I 47 51.87 -36.27 -62.78
C THR I 47 52.78 -37.12 -61.90
N GLN I 48 52.21 -38.16 -61.27
CA GLN I 48 53.00 -39.07 -60.45
C GLN I 48 54.04 -39.79 -61.28
N GLU I 49 53.68 -40.20 -62.49
CA GLU I 49 54.66 -40.83 -63.38
C GLU I 49 55.75 -39.85 -63.79
N ILE I 50 55.38 -38.61 -64.10
CA ILE I 50 56.34 -37.65 -64.61
C ILE I 50 57.32 -37.23 -63.52
N TYR I 51 56.80 -36.63 -62.44
CA TYR I 51 57.67 -36.07 -61.41
C TYR I 51 58.12 -37.10 -60.37
N ARG I 52 57.67 -38.34 -60.47
CA ARG I 52 57.88 -39.41 -59.49
C ARG I 52 57.24 -39.10 -58.15
N PHE I 53 56.50 -38.00 -58.04
CA PHE I 53 55.85 -37.55 -56.81
C PHE I 53 54.98 -36.36 -57.18
N LEU I 54 54.10 -35.97 -56.25
CA LEU I 54 53.15 -34.89 -56.48
C LEU I 54 53.54 -33.69 -55.65
N PRO I 55 54.36 -32.78 -56.17
CA PRO I 55 54.71 -31.58 -55.41
C PRO I 55 53.52 -30.66 -55.27
N LEU I 56 53.50 -29.91 -54.17
CA LEU I 56 52.38 -29.00 -53.91
C LEU I 56 52.25 -27.94 -54.99
N ASP I 57 53.37 -27.55 -55.61
CA ASP I 57 53.28 -26.61 -56.72
C ASP I 57 52.61 -27.25 -57.93
N ALA I 58 52.88 -28.54 -58.19
CA ALA I 58 52.22 -29.20 -59.31
C ALA I 58 50.73 -29.39 -59.04
N LEU I 59 50.38 -29.72 -57.79
CA LEU I 59 48.96 -29.81 -57.44
C LEU I 59 48.29 -28.46 -57.58
N ASN I 60 48.97 -27.39 -57.19
CA ASN I 60 48.44 -26.04 -57.37
C ASN I 60 48.23 -25.73 -58.85
N TYR I 61 49.20 -26.10 -59.69
CA TYR I 61 49.07 -25.85 -61.13
C TYR I 61 47.90 -26.63 -61.71
N ILE I 62 47.73 -27.89 -61.31
CA ILE I 62 46.58 -28.67 -61.77
C ILE I 62 45.29 -28.01 -61.33
N SER I 63 45.20 -27.62 -60.05
CA SER I 63 43.99 -27.01 -59.54
C SER I 63 43.65 -25.73 -60.30
N GLU I 64 44.67 -24.92 -60.62
CA GLU I 64 44.43 -23.70 -61.38
C GLU I 64 43.99 -24.01 -62.80
N LYS I 65 44.63 -24.98 -63.46
CA LYS I 65 44.39 -25.22 -64.87
C LYS I 65 43.03 -25.88 -65.11
N THR I 66 42.70 -26.92 -64.36
CA THR I 66 41.48 -27.66 -64.65
C THR I 66 40.24 -27.02 -64.04
N GLY I 67 40.38 -26.26 -62.96
CA GLY I 67 39.24 -25.65 -62.32
C GLY I 67 38.60 -26.46 -61.21
N VAL I 68 39.21 -27.55 -60.78
CA VAL I 68 38.71 -28.34 -59.66
C VAL I 68 39.25 -27.71 -58.38
N LYS I 69 38.47 -27.80 -57.31
CA LYS I 69 38.86 -27.16 -56.06
C LYS I 69 40.08 -27.87 -55.46
N LYS I 70 40.90 -27.09 -54.76
CA LYS I 70 42.19 -27.58 -54.27
C LYS I 70 42.02 -28.68 -53.22
N ALA I 71 41.07 -28.50 -52.30
CA ALA I 71 40.84 -29.50 -51.26
C ALA I 71 40.47 -30.84 -51.88
N LYS I 72 39.65 -30.82 -52.94
CA LYS I 72 39.32 -32.04 -53.65
C LYS I 72 40.57 -32.70 -54.21
N ILE I 73 41.49 -31.91 -54.77
CA ILE I 73 42.71 -32.46 -55.34
C ILE I 73 43.54 -33.13 -54.25
N TYR I 74 43.70 -32.47 -53.11
CA TYR I 74 44.49 -33.06 -52.04
C TYR I 74 43.84 -34.33 -51.52
N GLY I 75 42.50 -34.33 -51.41
CA GLY I 75 41.82 -35.52 -50.94
C GLY I 75 41.99 -36.70 -51.88
N ILE I 76 41.81 -36.47 -53.18
CA ILE I 76 41.92 -37.57 -54.13
C ILE I 76 43.37 -38.06 -54.19
N ALA I 77 44.33 -37.14 -54.06
CA ALA I 77 45.74 -37.51 -54.09
C ALA I 77 46.11 -38.36 -52.89
N THR I 78 45.73 -37.94 -51.68
CA THR I 78 46.11 -38.66 -50.48
C THR I 78 45.23 -39.87 -50.20
N PHE I 79 44.14 -40.04 -50.95
CA PHE I 79 43.29 -41.21 -50.73
C PHE I 79 44.04 -42.51 -50.99
N TYR I 80 44.81 -42.56 -52.07
CA TYR I 80 45.47 -43.79 -52.50
C TYR I 80 46.90 -43.86 -51.95
N ALA I 81 47.36 -45.09 -51.73
CA ALA I 81 48.73 -45.31 -51.29
C ALA I 81 49.73 -45.26 -52.43
N GLN I 82 49.27 -45.26 -53.68
CA GLN I 82 50.19 -45.15 -54.81
C GLN I 82 50.72 -43.74 -54.95
N PHE I 83 49.94 -42.74 -54.56
CA PHE I 83 50.37 -41.35 -54.63
C PHE I 83 51.08 -40.96 -53.34
N ARG I 84 52.35 -40.63 -53.43
CA ARG I 84 53.12 -40.17 -52.29
C ARG I 84 53.68 -38.79 -52.59
N LEU I 85 53.60 -37.90 -51.59
CA LEU I 85 53.90 -36.49 -51.77
C LEU I 85 55.29 -36.11 -51.27
N LYS I 86 56.26 -37.02 -51.37
CA LYS I 86 57.60 -36.70 -50.94
C LYS I 86 58.59 -36.94 -52.06
N PRO I 87 59.60 -36.08 -52.20
CA PRO I 87 60.62 -36.30 -53.23
C PRO I 87 61.37 -37.62 -53.01
N VAL I 88 61.79 -38.21 -54.12
CA VAL I 88 62.52 -39.48 -54.07
C VAL I 88 63.88 -39.28 -53.43
N MET J 1 8.56 -36.74 -50.91
CA MET J 1 7.79 -35.50 -51.01
C MET J 1 8.65 -34.38 -51.59
N ARG J 2 8.00 -33.43 -52.25
CA ARG J 2 8.67 -32.28 -52.81
C ARG J 2 7.97 -31.01 -52.36
N LEU J 3 8.75 -30.00 -51.99
CA LEU J 3 8.21 -28.71 -51.57
C LEU J 3 7.93 -27.88 -52.83
N VAL J 4 6.67 -27.54 -53.03
CA VAL J 4 6.27 -26.76 -54.20
C VAL J 4 6.36 -25.27 -53.87
N ARG J 5 6.78 -24.49 -54.85
CA ARG J 5 6.90 -23.05 -54.71
C ARG J 5 5.73 -22.38 -55.42
N VAL J 6 4.87 -21.72 -54.64
CA VAL J 6 3.70 -21.05 -55.19
C VAL J 6 3.76 -19.58 -54.81
N ASN J 7 2.91 -18.78 -55.45
CA ASN J 7 2.83 -17.36 -55.16
C ASN J 7 1.36 -16.98 -55.07
N ILE J 8 0.89 -16.69 -53.86
CA ILE J 8 -0.49 -16.37 -53.60
C ILE J 8 -0.56 -14.91 -53.14
N ASP J 9 -1.26 -14.08 -53.92
CA ASP J 9 -1.44 -12.66 -53.61
C ASP J 9 -0.11 -11.96 -53.41
N ASN J 10 0.81 -12.16 -54.35
CA ASN J 10 2.13 -11.53 -54.34
C ASN J 10 2.92 -11.87 -53.08
N LYS J 11 2.71 -13.07 -52.54
CA LYS J 11 3.44 -13.55 -51.37
C LYS J 11 3.95 -14.95 -51.66
N GLU J 12 5.27 -15.11 -51.67
CA GLU J 12 5.86 -16.39 -52.03
C GLU J 12 5.70 -17.40 -50.90
N ILE J 13 5.20 -18.59 -51.24
CA ILE J 13 4.93 -19.64 -50.27
C ILE J 13 5.65 -20.90 -50.70
N PHE J 14 6.16 -21.64 -49.73
CA PHE J 14 6.77 -22.96 -49.95
C PHE J 14 5.83 -23.98 -49.32
N ALA J 15 4.89 -24.47 -50.12
CA ALA J 15 3.89 -25.40 -49.62
C ALA J 15 4.33 -26.84 -49.89
N GLU J 16 3.53 -27.78 -49.40
CA GLU J 16 3.80 -29.19 -49.57
C GLU J 16 2.93 -29.78 -50.67
N GLU J 17 3.45 -30.81 -51.33
CA GLU J 17 2.75 -31.43 -52.44
C GLU J 17 1.47 -32.12 -51.97
N GLY J 18 0.53 -32.24 -52.89
CA GLY J 18 -0.72 -32.91 -52.59
C GLY J 18 -1.70 -32.10 -51.76
N LYS J 19 -1.47 -30.79 -51.64
CA LYS J 19 -2.33 -29.90 -50.88
C LYS J 19 -3.19 -29.08 -51.83
N THR J 20 -4.40 -28.76 -51.39
CA THR J 20 -5.25 -27.88 -52.17
C THR J 20 -4.88 -26.42 -51.90
N ILE J 21 -5.33 -25.55 -52.79
CA ILE J 21 -5.06 -24.12 -52.62
C ILE J 21 -5.74 -23.60 -51.36
N LEU J 22 -6.91 -24.14 -51.02
CA LEU J 22 -7.61 -23.72 -49.82
C LEU J 22 -6.78 -24.01 -48.56
N GLU J 23 -6.20 -25.20 -48.47
CA GLU J 23 -5.39 -25.54 -47.31
C GLU J 23 -4.15 -24.66 -47.22
N VAL J 24 -3.49 -24.42 -48.35
CA VAL J 24 -2.28 -23.59 -48.37
C VAL J 24 -2.62 -22.17 -47.94
N ALA J 25 -3.73 -21.63 -48.44
CA ALA J 25 -4.12 -20.27 -48.07
C ALA J 25 -4.55 -20.19 -46.61
N HIS J 26 -5.20 -21.24 -46.10
CA HIS J 26 -5.58 -21.26 -44.70
C HIS J 26 -4.36 -21.29 -43.80
N GLU J 27 -3.35 -22.09 -44.15
CA GLU J 27 -2.16 -22.20 -43.32
C GLU J 27 -1.19 -21.05 -43.53
N ASN J 28 -1.46 -20.15 -44.48
CA ASN J 28 -0.61 -18.99 -44.72
C ASN J 28 -1.37 -17.68 -44.52
N ASN J 29 -2.51 -17.73 -43.81
CA ASN J 29 -3.28 -16.54 -43.45
C ASN J 29 -3.73 -15.76 -44.68
N ILE J 30 -4.31 -16.47 -45.65
CA ILE J 30 -4.95 -15.87 -46.81
C ILE J 30 -6.40 -16.35 -46.81
N GLU J 31 -7.33 -15.39 -46.84
CA GLU J 31 -8.74 -15.69 -46.72
C GLU J 31 -9.33 -15.97 -48.10
N ILE J 32 -9.93 -17.14 -48.26
CA ILE J 32 -10.64 -17.53 -49.47
C ILE J 32 -12.05 -17.91 -49.05
N PRO J 33 -13.09 -17.29 -49.60
CA PRO J 33 -14.46 -17.68 -49.22
C PRO J 33 -14.77 -19.11 -49.63
N HIS J 34 -15.58 -19.78 -48.80
CA HIS J 34 -16.03 -21.12 -49.09
C HIS J 34 -17.29 -21.39 -48.29
N LEU J 35 -18.21 -22.14 -48.89
CA LEU J 35 -19.47 -22.44 -48.22
C LEU J 35 -19.76 -23.94 -48.23
N CYS J 36 -19.27 -24.65 -49.25
CA CYS J 36 -19.54 -26.07 -49.42
C CYS J 36 -18.26 -26.90 -49.28
N TYR J 37 -17.36 -26.51 -48.39
CA TYR J 37 -16.10 -27.20 -48.17
C TYR J 37 -15.98 -27.64 -46.73
N ASP J 38 -15.64 -28.92 -46.54
CA ASP J 38 -15.33 -29.46 -45.22
C ASP J 38 -14.11 -30.35 -45.35
N LYS J 39 -13.28 -30.38 -44.30
CA LYS J 39 -12.03 -31.13 -44.36
C LYS J 39 -12.28 -32.63 -44.45
N ARG J 40 -13.34 -33.12 -43.80
CA ARG J 40 -13.58 -34.55 -43.70
C ARG J 40 -14.28 -35.13 -44.92
N LEU J 41 -14.74 -34.30 -45.85
CA LEU J 41 -15.52 -34.75 -46.99
C LEU J 41 -14.79 -34.47 -48.29
N LYS J 42 -15.12 -35.26 -49.31
CA LYS J 42 -14.55 -35.05 -50.62
C LYS J 42 -15.10 -33.75 -51.23
N PRO J 43 -14.34 -33.12 -52.14
CA PRO J 43 -14.79 -31.85 -52.71
C PRO J 43 -16.11 -31.99 -53.46
N TYR J 44 -16.89 -30.92 -53.44
CA TYR J 44 -18.21 -30.88 -54.05
C TYR J 44 -18.26 -29.92 -55.23
N GLY J 45 -17.90 -28.65 -55.02
CA GLY J 45 -17.86 -27.68 -56.09
C GLY J 45 -19.15 -26.96 -56.38
N ALA J 46 -20.09 -26.94 -55.43
CA ALA J 46 -21.41 -26.37 -55.70
C ALA J 46 -21.41 -24.85 -55.62
N CYS J 47 -21.04 -24.28 -54.47
CA CYS J 47 -21.23 -22.85 -54.24
C CYS J 47 -20.41 -22.01 -55.21
N GLY J 48 -19.19 -22.43 -55.52
CA GLY J 48 -18.34 -21.64 -56.39
C GLY J 48 -17.91 -20.32 -55.80
N LEU J 49 -17.66 -20.28 -54.50
CA LEU J 49 -17.17 -19.08 -53.83
C LEU J 49 -15.65 -19.06 -53.75
N CYS J 50 -15.00 -20.22 -53.77
CA CYS J 50 -13.56 -20.35 -53.60
C CYS J 50 -12.80 -20.22 -54.90
N VAL J 51 -13.39 -19.62 -55.93
CA VAL J 51 -12.72 -19.49 -57.21
C VAL J 51 -11.55 -18.53 -57.06
N VAL J 52 -10.39 -18.94 -57.58
CA VAL J 52 -9.21 -18.10 -57.61
C VAL J 52 -8.66 -18.08 -59.02
N GLU J 53 -7.98 -17.00 -59.37
CA GLU J 53 -7.41 -16.84 -60.70
C GLU J 53 -5.97 -17.33 -60.68
N ILE J 54 -5.67 -18.35 -61.47
CA ILE J 54 -4.35 -18.94 -61.56
C ILE J 54 -3.73 -18.51 -62.89
N GLU J 55 -2.53 -17.94 -62.82
CA GLU J 55 -1.84 -17.52 -64.02
C GLU J 55 -1.56 -18.71 -64.92
N GLY J 56 -1.83 -18.55 -66.22
CA GLY J 56 -1.70 -19.61 -67.18
C GLY J 56 -2.97 -20.41 -67.44
N SER J 57 -3.99 -20.26 -66.60
CA SER J 57 -5.25 -20.94 -66.79
C SER J 57 -6.33 -19.93 -67.16
N PRO J 58 -7.16 -20.22 -68.17
CA PRO J 58 -8.14 -19.23 -68.62
C PRO J 58 -9.36 -19.13 -67.72
N LYS J 59 -9.72 -20.22 -67.06
CA LYS J 59 -10.90 -20.27 -66.20
C LYS J 59 -10.49 -20.12 -64.75
N LEU J 60 -11.42 -19.60 -63.94
CA LEU J 60 -11.20 -19.52 -62.50
C LEU J 60 -11.23 -20.92 -61.91
N ALA J 61 -10.28 -21.20 -61.04
CA ALA J 61 -10.11 -22.53 -60.47
C ALA J 61 -10.60 -22.54 -59.02
N ARG J 62 -11.37 -23.55 -58.67
CA ARG J 62 -11.85 -23.70 -57.30
C ARG J 62 -10.69 -24.03 -56.37
N ALA J 63 -10.57 -23.27 -55.29
CA ALA J 63 -9.49 -23.50 -54.35
C ALA J 63 -9.71 -24.74 -53.49
N CYS J 64 -10.96 -25.21 -53.39
CA CYS J 64 -11.26 -26.39 -52.60
C CYS J 64 -10.94 -27.69 -53.32
N SER J 65 -10.65 -27.63 -54.61
CA SER J 65 -10.37 -28.81 -55.41
C SER J 65 -9.03 -28.77 -56.13
N THR J 66 -8.61 -27.61 -56.61
CA THR J 66 -7.34 -27.51 -57.32
C THR J 66 -6.18 -27.76 -56.37
N TYR J 67 -5.20 -28.54 -56.84
CA TYR J 67 -4.02 -28.87 -56.06
C TYR J 67 -2.88 -27.96 -56.46
N VAL J 68 -2.13 -27.47 -55.47
CA VAL J 68 -1.02 -26.58 -55.76
C VAL J 68 0.09 -27.35 -56.45
N THR J 69 0.58 -26.81 -57.56
CA THR J 69 1.73 -27.34 -58.27
C THR J 69 2.89 -26.38 -58.15
N ASP J 70 4.03 -26.78 -58.70
CA ASP J 70 5.20 -25.92 -58.68
C ASP J 70 5.00 -24.73 -59.60
N LYS J 71 5.55 -23.57 -59.20
CA LYS J 71 5.53 -22.35 -60.00
C LYS J 71 4.10 -21.93 -60.32
N MET J 72 3.30 -21.78 -59.27
CA MET J 72 1.89 -21.43 -59.38
C MET J 72 1.68 -20.03 -58.85
N VAL J 73 1.12 -19.16 -59.68
CA VAL J 73 0.80 -17.79 -59.30
C VAL J 73 -0.70 -17.69 -59.16
N ILE J 74 -1.18 -17.48 -57.94
CA ILE J 74 -2.61 -17.49 -57.63
C ILE J 74 -3.00 -16.10 -57.13
N LYS J 75 -4.05 -15.55 -57.72
CA LYS J 75 -4.60 -14.26 -57.30
C LYS J 75 -6.01 -14.51 -56.77
N THR J 76 -6.19 -14.34 -55.46
CA THR J 76 -7.45 -14.64 -54.81
C THR J 76 -8.33 -13.41 -54.61
N ASP J 77 -7.91 -12.24 -55.09
CA ASP J 77 -8.74 -11.05 -54.94
C ASP J 77 -8.74 -10.18 -56.20
N SER J 78 -8.45 -10.75 -57.37
CA SER J 78 -8.50 -10.01 -58.60
C SER J 78 -9.94 -9.63 -58.94
N PRO J 79 -10.13 -8.57 -59.73
CA PRO J 79 -11.50 -8.13 -60.04
C PRO J 79 -12.35 -9.19 -60.70
N ARG J 80 -11.77 -10.06 -61.53
CA ARG J 80 -12.53 -11.17 -62.09
C ARG J 80 -13.05 -12.08 -60.99
N VAL J 81 -12.19 -12.42 -60.03
CA VAL J 81 -12.57 -13.28 -58.91
C VAL J 81 -13.65 -12.61 -58.07
N ARG J 82 -13.48 -11.31 -57.80
CA ARG J 82 -14.46 -10.58 -57.00
C ARG J 82 -15.81 -10.53 -57.70
N ASN J 83 -15.82 -10.31 -59.01
CA ASN J 83 -17.08 -10.30 -59.76
C ASN J 83 -17.74 -11.68 -59.73
N ALA J 84 -16.95 -12.74 -59.89
CA ALA J 84 -17.52 -14.09 -59.86
C ALA J 84 -18.15 -14.38 -58.50
N ARG J 85 -17.44 -14.07 -57.42
CA ARG J 85 -17.97 -14.30 -56.09
C ARG J 85 -19.20 -13.45 -55.82
N LYS J 86 -19.20 -12.20 -56.27
CA LYS J 86 -20.36 -11.33 -56.06
C LYS J 86 -21.58 -11.86 -56.82
N MET J 87 -21.38 -12.33 -58.04
CA MET J 87 -22.50 -12.91 -58.79
C MET J 87 -23.02 -14.17 -58.11
N ALA J 88 -22.12 -15.02 -57.61
CA ALA J 88 -22.57 -16.22 -56.91
C ALA J 88 -23.35 -15.86 -55.65
N LEU J 89 -22.88 -14.86 -54.90
CA LEU J 89 -23.59 -14.45 -53.69
C LEU J 89 -24.95 -13.84 -54.03
N GLU J 90 -25.03 -13.05 -55.10
CA GLU J 90 -26.33 -12.51 -55.51
C GLU J 90 -27.29 -13.62 -55.91
N LEU J 91 -26.79 -14.62 -56.64
CA LEU J 91 -27.64 -15.76 -57.02
C LEU J 91 -28.12 -16.52 -55.79
N LEU J 92 -27.24 -16.71 -54.81
CA LEU J 92 -27.65 -17.40 -53.58
C LEU J 92 -28.68 -16.57 -52.80
N LEU J 93 -28.50 -15.25 -52.77
CA LEU J 93 -29.42 -14.38 -52.04
C LEU J 93 -30.78 -14.31 -52.73
N SER J 94 -30.82 -14.47 -54.06
CA SER J 94 -32.07 -14.36 -54.79
C SER J 94 -33.10 -15.40 -54.32
N GLU J 95 -32.62 -16.52 -53.78
CA GLU J 95 -33.51 -17.58 -53.30
C GLU J 95 -33.48 -17.71 -51.78
N HIS J 96 -33.09 -16.65 -51.08
CA HIS J 96 -32.95 -16.67 -49.63
C HIS J 96 -34.12 -15.92 -48.99
N ARG J 97 -34.78 -16.58 -48.05
CA ARG J 97 -35.91 -16.01 -47.32
C ARG J 97 -35.56 -16.02 -45.83
N GLY J 98 -34.97 -14.93 -45.35
CA GLY J 98 -34.53 -14.85 -43.98
C GLY J 98 -34.55 -13.42 -43.48
N ASP J 99 -34.12 -13.27 -42.23
CA ASP J 99 -34.12 -11.97 -41.55
C ASP J 99 -32.84 -11.91 -40.71
N CYS J 100 -31.80 -11.27 -41.25
CA CYS J 100 -30.53 -11.20 -40.54
C CYS J 100 -30.70 -10.48 -39.20
N ARG J 101 -31.40 -9.36 -39.21
CA ARG J 101 -31.71 -8.64 -37.98
C ARG J 101 -33.19 -8.30 -37.96
N PRO J 102 -33.85 -8.43 -36.82
CA PRO J 102 -35.29 -8.20 -36.75
C PRO J 102 -35.64 -6.74 -37.00
N PRO J 103 -36.87 -6.45 -37.38
CA PRO J 103 -37.24 -5.04 -37.63
C PRO J 103 -37.09 -4.15 -36.42
N CYS J 104 -37.20 -4.70 -35.21
CA CYS J 104 -37.01 -3.90 -34.00
C CYS J 104 -35.58 -3.36 -33.93
N VAL J 105 -34.59 -4.18 -34.29
CA VAL J 105 -33.21 -3.73 -34.27
C VAL J 105 -32.98 -2.66 -35.33
N LEU J 106 -33.54 -2.85 -36.52
CA LEU J 106 -33.32 -1.90 -37.60
C LEU J 106 -34.01 -0.58 -37.36
N ALA J 107 -35.15 -0.59 -36.66
CA ALA J 107 -35.88 0.65 -36.41
C ALA J 107 -35.19 1.52 -35.37
N CYS J 108 -34.45 0.91 -34.44
CA CYS J 108 -33.77 1.68 -33.41
C CYS J 108 -32.63 2.49 -34.03
N PRO J 109 -32.59 3.81 -33.82
CA PRO J 109 -31.48 4.60 -34.37
C PRO J 109 -30.12 4.16 -33.88
N ALA J 110 -30.01 3.68 -32.64
CA ALA J 110 -28.76 3.15 -32.12
C ALA J 110 -28.54 1.70 -32.48
N HIS J 111 -29.50 1.06 -33.15
CA HIS J 111 -29.41 -0.35 -33.54
C HIS J 111 -29.09 -1.25 -32.35
N THR J 112 -29.77 -0.99 -31.23
CA THR J 112 -29.62 -1.85 -30.07
C THR J 112 -30.20 -3.22 -30.37
N ASP J 113 -29.55 -4.26 -29.84
CA ASP J 113 -29.96 -5.64 -30.07
C ASP J 113 -31.22 -5.92 -29.26
N CYS J 114 -32.35 -5.40 -29.75
CA CYS J 114 -33.60 -5.49 -29.02
C CYS J 114 -34.02 -6.93 -28.80
N GLN J 115 -33.94 -7.75 -29.84
CA GLN J 115 -34.30 -9.15 -29.71
C GLN J 115 -33.39 -9.86 -28.72
N GLY J 116 -32.10 -9.55 -28.75
CA GLY J 116 -31.14 -10.15 -27.86
C GLY J 116 -31.47 -9.94 -26.39
N TYR J 117 -31.59 -8.68 -25.96
CA TYR J 117 -31.84 -8.46 -24.53
C TYR J 117 -33.29 -8.78 -24.15
N VAL J 118 -34.24 -8.70 -25.10
CA VAL J 118 -35.59 -9.17 -24.78
C VAL J 118 -35.57 -10.67 -24.48
N GLY J 119 -34.90 -11.45 -25.32
CA GLY J 119 -34.80 -12.87 -25.08
C GLY J 119 -34.00 -13.21 -23.84
N LEU J 120 -32.98 -12.41 -23.53
CA LEU J 120 -32.21 -12.62 -22.31
C LEU J 120 -33.06 -12.32 -21.07
N ILE J 121 -33.93 -11.31 -21.16
CA ILE J 121 -34.88 -11.04 -20.08
C ILE J 121 -35.83 -12.22 -19.92
N ALA J 122 -36.32 -12.76 -21.04
CA ALA J 122 -37.23 -13.90 -20.97
C ALA J 122 -36.57 -15.13 -20.38
N ASN J 123 -35.25 -15.18 -20.30
CA ASN J 123 -34.52 -16.28 -19.69
C ASN J 123 -34.07 -15.98 -18.27
N GLY J 124 -34.32 -14.78 -17.77
CA GLY J 124 -33.87 -14.41 -16.45
C GLY J 124 -32.46 -13.86 -16.37
N GLN J 125 -31.83 -13.56 -17.51
CA GLN J 125 -30.47 -13.04 -17.54
C GLN J 125 -30.54 -11.51 -17.65
N PHE J 126 -30.77 -10.86 -16.51
CA PHE J 126 -30.94 -9.42 -16.50
C PHE J 126 -29.61 -8.70 -16.69
N ARG J 127 -28.55 -9.18 -16.02
CA ARG J 127 -27.25 -8.54 -16.17
C ARG J 127 -26.71 -8.68 -17.58
N GLU J 128 -26.90 -9.85 -18.19
CA GLU J 128 -26.51 -10.03 -19.59
C GLU J 128 -27.31 -9.10 -20.50
N ALA J 129 -28.60 -8.93 -20.22
CA ALA J 129 -29.41 -8.02 -21.02
C ALA J 129 -28.89 -6.59 -20.90
N VAL J 130 -28.54 -6.17 -19.68
CA VAL J 130 -27.99 -4.83 -19.49
C VAL J 130 -26.67 -4.67 -20.22
N ALA J 131 -25.81 -5.68 -20.14
CA ALA J 131 -24.53 -5.62 -20.83
C ALA J 131 -24.69 -5.58 -22.34
N LEU J 132 -25.71 -6.26 -22.85
CA LEU J 132 -26.00 -6.20 -24.28
C LEU J 132 -26.55 -4.84 -24.68
N ILE J 133 -27.35 -4.22 -23.81
CA ILE J 133 -27.82 -2.87 -24.06
C ILE J 133 -26.64 -1.89 -24.10
N LYS J 134 -25.72 -2.01 -23.14
CA LYS J 134 -24.62 -1.06 -23.02
C LYS J 134 -23.60 -1.19 -24.13
N GLU J 135 -23.70 -2.23 -24.98
CA GLU J 135 -22.87 -2.29 -26.18
C GLU J 135 -23.27 -1.22 -27.19
N GLN J 136 -24.49 -0.71 -27.11
CA GLN J 136 -24.96 0.34 -28.00
C GLN J 136 -25.67 1.47 -27.29
N LEU J 137 -26.00 1.34 -26.01
CA LEU J 137 -26.79 2.33 -25.28
C LEU J 137 -26.29 2.43 -23.85
N PRO J 138 -25.55 3.49 -23.51
CA PRO J 138 -25.00 3.60 -22.14
C PRO J 138 -26.02 3.93 -21.07
N PHE J 139 -27.24 4.33 -21.44
CA PHE J 139 -28.27 4.75 -20.48
C PHE J 139 -29.53 3.92 -20.70
N PRO J 140 -29.56 2.67 -20.22
CA PRO J 140 -30.79 1.87 -20.39
C PRO J 140 -32.00 2.47 -19.69
N ALA J 141 -31.87 2.80 -18.41
CA ALA J 141 -33.02 3.24 -17.63
C ALA J 141 -33.53 4.61 -18.10
N SER J 142 -32.62 5.56 -18.29
CA SER J 142 -33.03 6.91 -18.65
C SER J 142 -33.72 6.94 -20.01
N ILE J 143 -33.12 6.29 -21.01
CA ILE J 143 -33.72 6.27 -22.33
C ILE J 143 -35.00 5.43 -22.33
N GLY J 144 -35.02 4.33 -21.58
CA GLY J 144 -36.24 3.56 -21.46
C GLY J 144 -37.38 4.35 -20.85
N ARG J 145 -37.06 5.30 -19.98
CA ARG J 145 -38.10 6.18 -19.43
C ARG J 145 -38.57 7.19 -20.47
N VAL J 146 -37.65 7.78 -21.22
CA VAL J 146 -37.96 8.82 -22.20
C VAL J 146 -37.50 8.36 -23.58
N CYS J 147 -38.43 7.84 -24.36
CA CYS J 147 -38.18 7.45 -25.75
C CYS J 147 -39.50 7.22 -26.46
N PRO J 148 -39.68 7.79 -27.66
CA PRO J 148 -40.89 7.50 -28.44
C PRO J 148 -40.96 6.06 -28.96
N HIS J 149 -39.89 5.28 -28.77
CA HIS J 149 -39.74 3.88 -29.16
C HIS J 149 -40.27 3.62 -30.57
N PRO J 150 -39.58 4.08 -31.61
CA PRO J 150 -39.95 3.68 -32.97
C PRO J 150 -39.80 2.18 -33.21
N CYS J 151 -39.00 1.50 -32.39
CA CYS J 151 -38.83 0.06 -32.54
C CYS J 151 -40.14 -0.68 -32.35
N GLU J 152 -41.02 -0.17 -31.50
CA GLU J 152 -42.31 -0.80 -31.30
C GLU J 152 -43.25 -0.55 -32.47
N GLU J 153 -43.03 0.52 -33.23
CA GLU J 153 -43.82 0.73 -34.44
C GLU J 153 -43.45 -0.26 -35.53
N ALA J 154 -42.21 -0.74 -35.53
CA ALA J 154 -41.75 -1.72 -36.49
C ALA J 154 -41.77 -3.14 -35.96
N CYS J 155 -42.14 -3.33 -34.70
CA CYS J 155 -42.17 -4.68 -34.13
C CYS J 155 -43.15 -5.56 -34.88
N ARG J 156 -42.71 -6.78 -35.22
CA ARG J 156 -43.56 -7.69 -35.98
C ARG J 156 -44.74 -8.19 -35.17
N ARG J 157 -44.66 -8.14 -33.84
CA ARG J 157 -45.79 -8.52 -33.01
C ARG J 157 -46.97 -7.57 -33.17
N ASN J 158 -46.76 -6.40 -33.80
CA ASN J 158 -47.88 -5.57 -34.20
C ASN J 158 -48.84 -6.33 -35.10
N MET J 159 -48.33 -7.29 -35.86
CA MET J 159 -49.17 -8.09 -36.74
C MET J 159 -50.00 -9.14 -36.00
N VAL J 160 -49.72 -9.39 -34.72
CA VAL J 160 -50.49 -10.38 -33.99
C VAL J 160 -51.44 -9.72 -33.00
N ASP J 161 -50.88 -9.14 -31.93
CA ASP J 161 -51.71 -8.47 -30.93
C ASP J 161 -51.30 -7.03 -30.65
N GLN J 162 -50.04 -6.85 -30.22
CA GLN J 162 -49.55 -5.59 -29.66
C GLN J 162 -48.04 -5.65 -29.61
N PRO J 163 -47.34 -4.56 -29.96
CA PRO J 163 -45.87 -4.63 -29.99
C PRO J 163 -45.26 -4.86 -28.63
N ILE J 164 -44.10 -5.48 -28.63
CA ILE J 164 -43.39 -5.78 -27.39
C ILE J 164 -43.02 -4.49 -26.68
N ALA J 165 -43.20 -4.47 -25.37
CA ALA J 165 -42.83 -3.32 -24.56
C ALA J 165 -41.31 -3.26 -24.41
N ILE J 166 -40.62 -2.93 -25.48
CA ILE J 166 -39.15 -2.93 -25.47
C ILE J 166 -38.62 -1.86 -24.53
N ALA J 167 -39.21 -0.66 -24.59
CA ALA J 167 -38.77 0.42 -23.73
C ALA J 167 -39.00 0.10 -22.26
N GLU J 168 -40.15 -0.50 -21.95
CA GLU J 168 -40.45 -0.87 -20.56
C GLU J 168 -39.48 -1.92 -20.05
N LEU J 169 -39.16 -2.92 -20.89
CA LEU J 169 -38.21 -3.94 -20.48
C LEU J 169 -36.82 -3.36 -20.27
N LYS J 170 -36.40 -2.46 -21.15
CA LYS J 170 -35.10 -1.81 -20.99
C LYS J 170 -35.05 -0.99 -19.71
N ARG J 171 -36.13 -0.26 -19.42
CA ARG J 171 -36.19 0.50 -18.17
C ARG J 171 -36.13 -0.43 -16.96
N PHE J 172 -36.81 -1.58 -17.05
CA PHE J 172 -36.80 -2.55 -15.96
C PHE J 172 -35.39 -3.07 -15.68
N VAL J 173 -34.69 -3.48 -16.73
CA VAL J 173 -33.34 -4.02 -16.51
C VAL J 173 -32.37 -2.92 -16.10
N GLY J 174 -32.56 -1.70 -16.62
CA GLY J 174 -31.73 -0.59 -16.17
C GLY J 174 -31.93 -0.28 -14.69
N ASP J 175 -33.18 -0.33 -14.23
CA ASP J 175 -33.45 -0.14 -12.81
C ASP J 175 -32.81 -1.24 -11.98
N ILE J 176 -32.90 -2.49 -12.45
CA ILE J 176 -32.26 -3.60 -11.74
C ILE J 176 -30.75 -3.37 -11.65
N ASP J 177 -30.12 -2.97 -12.75
CA ASP J 177 -28.67 -2.76 -12.75
C ASP J 177 -28.27 -1.61 -11.84
N LEU J 178 -29.03 -0.52 -11.86
CA LEU J 178 -28.71 0.64 -11.04
C LEU J 178 -28.99 0.39 -9.56
N LEU J 179 -29.91 -0.52 -9.24
CA LEU J 179 -30.24 -0.80 -7.85
C LEU J 179 -29.00 -1.29 -7.09
N ASP J 180 -28.28 -2.23 -7.68
CA ASP J 180 -27.00 -2.67 -7.15
C ASP J 180 -25.88 -1.87 -7.81
N ASP J 181 -24.64 -2.31 -7.64
CA ASP J 181 -23.54 -1.68 -8.36
C ASP J 181 -23.74 -1.84 -9.86
N GLY J 182 -23.54 -0.76 -10.60
CA GLY J 182 -23.81 -0.76 -12.02
C GLY J 182 -22.80 -1.58 -12.79
N TYR J 183 -23.08 -1.76 -14.08
CA TYR J 183 -22.24 -2.55 -14.96
C TYR J 183 -21.32 -1.64 -15.76
N ILE J 184 -20.02 -1.91 -15.67
CA ILE J 184 -19.00 -1.19 -16.41
C ILE J 184 -18.39 -2.14 -17.43
N PRO J 185 -18.43 -1.81 -18.72
CA PRO J 185 -17.85 -2.71 -19.74
C PRO J 185 -16.35 -2.78 -19.61
N PRO J 186 -15.72 -3.85 -20.11
CA PRO J 186 -14.27 -3.94 -20.05
C PRO J 186 -13.59 -2.79 -20.78
N ILE J 187 -12.47 -2.33 -20.24
CA ILE J 187 -11.76 -1.16 -20.74
C ILE J 187 -10.45 -1.64 -21.37
N LYS J 188 -10.21 -1.24 -22.61
CA LYS J 188 -8.98 -1.58 -23.28
C LYS J 188 -7.80 -0.85 -22.64
N PRO J 189 -6.59 -1.38 -22.79
CA PRO J 189 -5.42 -0.72 -22.19
C PRO J 189 -5.24 0.70 -22.72
N LYS J 190 -4.70 1.55 -21.86
CA LYS J 190 -4.57 2.97 -22.18
C LYS J 190 -3.73 3.18 -23.43
N THR J 191 -4.26 3.96 -24.36
CA THR J 191 -3.58 4.26 -25.61
C THR J 191 -2.79 5.56 -25.56
N GLY J 192 -2.89 6.31 -24.47
CA GLY J 192 -2.16 7.57 -24.37
C GLY J 192 -2.69 8.67 -25.25
N LYS J 193 -3.95 8.61 -25.65
CA LYS J 193 -4.56 9.61 -26.50
C LYS J 193 -5.62 10.37 -25.71
N LYS J 194 -5.63 11.69 -25.87
CA LYS J 194 -6.55 12.57 -25.16
C LYS J 194 -7.59 13.11 -26.12
N VAL J 195 -8.86 13.00 -25.72
CA VAL J 195 -9.98 13.49 -26.51
C VAL J 195 -10.76 14.49 -25.67
N ALA J 196 -11.10 15.63 -26.26
CA ALA J 196 -11.86 16.67 -25.58
C ALA J 196 -13.27 16.70 -26.13
N ILE J 197 -14.24 16.41 -25.27
CA ILE J 197 -15.65 16.43 -25.63
C ILE J 197 -16.29 17.64 -24.99
N VAL J 198 -16.96 18.45 -25.80
CA VAL J 198 -17.62 19.67 -25.34
C VAL J 198 -19.11 19.38 -25.24
N GLY J 199 -19.63 19.40 -24.01
CA GLY J 199 -21.03 19.08 -23.78
C GLY J 199 -21.20 17.78 -23.02
N GLY J 200 -22.05 17.80 -22.00
CA GLY J 200 -22.29 16.61 -21.20
C GLY J 200 -23.64 15.98 -21.46
N GLY J 201 -24.18 16.20 -22.66
CA GLY J 201 -25.46 15.65 -23.03
C GLY J 201 -25.36 14.20 -23.47
N PRO J 202 -26.46 13.66 -23.98
CA PRO J 202 -26.43 12.25 -24.44
C PRO J 202 -25.37 11.98 -25.49
N ALA J 203 -25.14 12.91 -26.42
CA ALA J 203 -24.15 12.67 -27.47
C ALA J 203 -22.74 12.70 -26.90
N GLY J 204 -22.43 13.73 -26.09
CA GLY J 204 -21.11 13.81 -25.50
C GLY J 204 -20.82 12.69 -24.54
N LEU J 205 -21.79 12.34 -23.68
CA LEU J 205 -21.60 11.24 -22.75
C LEU J 205 -21.49 9.92 -23.47
N THR J 206 -22.24 9.73 -24.56
CA THR J 206 -22.11 8.52 -25.35
C THR J 206 -20.74 8.41 -26.02
N CYS J 207 -20.24 9.54 -26.54
CA CYS J 207 -18.90 9.53 -27.12
C CYS J 207 -17.84 9.23 -26.06
N ALA J 208 -18.00 9.79 -24.86
CA ALA J 208 -17.08 9.47 -23.78
C ALA J 208 -17.15 8.00 -23.40
N PHE J 209 -18.37 7.45 -23.35
CA PHE J 209 -18.54 6.04 -22.99
C PHE J 209 -17.88 5.13 -24.01
N PHE J 210 -18.05 5.42 -25.30
CA PHE J 210 -17.53 4.56 -26.36
C PHE J 210 -16.12 4.92 -26.78
N LEU J 211 -15.52 5.95 -26.20
CA LEU J 211 -14.10 6.22 -26.39
C LEU J 211 -13.24 5.78 -25.22
N ALA J 212 -13.78 5.86 -24.00
CA ALA J 212 -13.07 5.31 -22.84
C ALA J 212 -12.99 3.80 -22.88
N LYS J 213 -13.91 3.15 -23.60
CA LYS J 213 -13.84 1.70 -23.76
C LYS J 213 -12.64 1.28 -24.58
N GLU J 214 -12.18 2.14 -25.48
CA GLU J 214 -11.02 1.88 -26.32
C GLU J 214 -9.71 2.30 -25.65
N GLY J 215 -9.76 2.83 -24.44
CA GLY J 215 -8.56 3.15 -23.70
C GLY J 215 -8.04 4.56 -23.87
N HIS J 216 -8.84 5.48 -24.39
CA HIS J 216 -8.40 6.85 -24.53
C HIS J 216 -8.64 7.63 -23.24
N ASP J 217 -7.96 8.77 -23.13
CA ASP J 217 -8.12 9.66 -21.99
C ASP J 217 -9.18 10.71 -22.34
N ILE J 218 -10.29 10.70 -21.60
CA ILE J 218 -11.48 11.45 -21.98
C ILE J 218 -11.75 12.53 -20.95
N VAL J 219 -11.89 13.76 -21.41
CA VAL J 219 -12.34 14.88 -20.60
C VAL J 219 -13.53 15.52 -21.28
N VAL J 220 -14.57 15.82 -20.51
CA VAL J 220 -15.83 16.34 -21.03
C VAL J 220 -16.06 17.71 -20.40
N TYR J 221 -16.03 18.75 -21.21
CA TYR J 221 -16.25 20.11 -20.75
C TYR J 221 -17.73 20.43 -20.83
N GLU J 222 -18.34 20.76 -19.69
CA GLU J 222 -19.77 21.00 -19.60
C GLU J 222 -20.02 22.38 -19.01
N ALA J 223 -20.82 23.20 -19.70
CA ALA J 223 -21.09 24.55 -19.23
C ALA J 223 -21.96 24.55 -18.00
N MET J 224 -22.94 23.65 -17.94
CA MET J 224 -23.89 23.62 -16.84
C MET J 224 -23.24 23.06 -15.58
N PRO J 225 -23.81 23.34 -14.41
CA PRO J 225 -23.22 22.81 -13.16
C PRO J 225 -23.15 21.31 -13.11
N LYS J 226 -24.09 20.60 -13.74
CA LYS J 226 -24.11 19.15 -13.73
C LYS J 226 -24.33 18.63 -15.13
N ALA J 227 -23.72 17.50 -15.44
CA ALA J 227 -23.85 16.89 -16.74
C ALA J 227 -25.24 16.27 -16.91
N GLY J 228 -25.61 16.03 -18.17
CA GLY J 228 -26.90 15.46 -18.46
C GLY J 228 -27.56 16.09 -19.67
N GLY J 229 -27.26 17.36 -19.92
CA GLY J 229 -27.84 18.04 -21.06
C GLY J 229 -29.34 18.25 -20.90
N MET J 230 -30.04 18.18 -22.03
CA MET J 230 -31.49 18.33 -22.00
C MET J 230 -32.19 17.16 -21.34
N LEU J 231 -31.47 16.07 -21.05
CA LEU J 231 -32.04 15.03 -20.20
C LEU J 231 -32.22 15.50 -18.77
N ARG J 232 -31.50 16.53 -18.35
CA ARG J 232 -31.60 17.10 -17.01
C ARG J 232 -32.31 18.44 -16.99
N TYR J 233 -31.92 19.36 -17.86
CA TYR J 233 -32.49 20.71 -17.91
C TYR J 233 -33.62 20.83 -18.92
N GLY J 234 -34.01 19.72 -19.53
CA GLY J 234 -35.15 19.68 -20.43
C GLY J 234 -36.27 18.87 -19.81
N ILE J 235 -36.33 17.59 -20.17
CA ILE J 235 -37.28 16.60 -19.66
C ILE J 235 -37.50 16.81 -18.16
N PRO J 236 -38.74 16.96 -17.72
CA PRO J 236 -39.00 17.25 -16.31
C PRO J 236 -38.80 16.03 -15.43
N GLU J 237 -38.88 16.27 -14.12
CA GLU J 237 -38.62 15.23 -13.14
C GLU J 237 -39.70 14.16 -13.12
N TYR J 238 -40.94 14.52 -13.41
CA TYR J 238 -42.01 13.52 -13.40
C TYR J 238 -41.92 12.56 -14.56
N ARG J 239 -41.10 12.86 -15.57
CA ARG J 239 -40.89 11.96 -16.70
C ARG J 239 -39.54 11.26 -16.64
N LEU J 240 -38.51 11.95 -16.14
CA LEU J 240 -37.19 11.36 -15.95
C LEU J 240 -36.62 11.88 -14.63
N PRO J 241 -36.70 11.10 -13.55
CA PRO J 241 -36.08 11.52 -12.29
C PRO J 241 -34.58 11.71 -12.45
N LYS J 242 -34.06 12.73 -11.78
CA LYS J 242 -32.65 13.08 -11.93
C LYS J 242 -31.72 12.18 -11.13
N GLY J 243 -32.24 11.40 -10.19
CA GLY J 243 -31.39 10.44 -9.50
C GLY J 243 -30.89 9.35 -10.42
N ILE J 244 -31.75 8.85 -11.30
CA ILE J 244 -31.33 7.86 -12.28
C ILE J 244 -30.25 8.43 -13.20
N LEU J 245 -30.45 9.66 -13.67
CA LEU J 245 -29.48 10.32 -14.52
C LEU J 245 -28.14 10.47 -13.80
N ASP J 246 -28.19 10.89 -12.53
CA ASP J 246 -26.96 11.03 -11.76
C ASP J 246 -26.25 9.69 -11.61
N LYS J 247 -27.00 8.61 -11.38
CA LYS J 247 -26.38 7.30 -11.25
C LYS J 247 -25.73 6.85 -12.55
N GLU J 248 -26.39 7.08 -13.69
CA GLU J 248 -25.80 6.69 -14.97
C GLU J 248 -24.54 7.51 -15.25
N ILE J 249 -24.57 8.81 -14.97
CA ILE J 249 -23.40 9.65 -15.21
C ILE J 249 -22.26 9.26 -14.28
N GLU J 250 -22.58 8.87 -13.04
CA GLU J 250 -21.55 8.38 -12.14
C GLU J 250 -20.95 7.08 -12.65
N LEU J 251 -21.78 6.20 -13.22
CA LEU J 251 -21.25 4.99 -13.84
C LEU J 251 -20.30 5.34 -14.97
N ILE J 252 -20.65 6.33 -15.78
CA ILE J 252 -19.76 6.74 -16.87
C ILE J 252 -18.45 7.28 -16.31
N GLU J 253 -18.53 8.09 -15.26
CA GLU J 253 -17.32 8.64 -14.65
C GLU J 253 -16.45 7.55 -14.03
N LYS J 254 -17.07 6.44 -13.61
CA LYS J 254 -16.31 5.34 -13.04
C LYS J 254 -15.38 4.69 -14.07
N MET J 255 -15.59 4.95 -15.36
CA MET J 255 -14.75 4.39 -16.42
C MET J 255 -13.46 5.17 -16.64
N GLY J 256 -13.28 6.30 -15.96
CA GLY J 256 -12.11 7.13 -16.14
C GLY J 256 -12.33 8.43 -16.88
N VAL J 257 -13.58 8.80 -17.15
CA VAL J 257 -13.89 10.04 -17.83
C VAL J 257 -13.88 11.17 -16.81
N GLN J 258 -13.16 12.26 -17.14
CA GLN J 258 -13.07 13.42 -16.26
C GLN J 258 -14.03 14.48 -16.78
N ILE J 259 -15.11 14.72 -16.04
CA ILE J 259 -16.14 15.68 -16.45
C ILE J 259 -15.88 16.98 -15.70
N LYS J 260 -15.45 18.00 -16.43
CA LYS J 260 -15.21 19.34 -15.89
C LYS J 260 -16.46 20.17 -16.16
N THR J 261 -17.26 20.37 -15.12
CA THR J 261 -18.47 21.17 -15.25
C THR J 261 -18.14 22.65 -15.08
N ASN J 262 -19.13 23.50 -15.39
CA ASN J 262 -19.00 24.95 -15.31
C ASN J 262 -17.95 25.50 -16.26
N MET J 263 -17.51 24.71 -17.23
CA MET J 263 -16.56 25.14 -18.24
C MET J 263 -17.29 25.37 -19.54
N ARG J 264 -17.20 26.58 -20.08
CA ARG J 264 -17.93 26.99 -21.26
C ARG J 264 -16.97 27.27 -22.40
N LEU J 265 -17.32 26.80 -23.60
CA LEU J 265 -16.52 27.06 -24.79
C LEU J 265 -16.73 28.49 -25.24
N GLY J 266 -15.62 29.21 -25.45
CA GLY J 266 -15.66 30.60 -25.84
C GLY J 266 -15.69 31.58 -24.69
N VAL J 267 -16.02 31.12 -23.48
CA VAL J 267 -16.03 31.96 -22.29
C VAL J 267 -14.92 31.55 -21.32
N ASP J 268 -14.95 30.31 -20.85
CA ASP J 268 -13.89 29.79 -20.01
C ASP J 268 -12.79 29.12 -20.82
N ILE J 269 -13.14 28.47 -21.92
CA ILE J 269 -12.21 27.70 -22.73
C ILE J 269 -12.35 28.13 -24.19
N SER J 270 -11.22 28.36 -24.85
CA SER J 270 -11.19 28.67 -26.27
C SER J 270 -10.97 27.39 -27.07
N LEU J 271 -11.47 27.40 -28.32
CA LEU J 271 -11.30 26.23 -29.19
C LEU J 271 -9.83 25.96 -29.49
N GLU J 272 -9.01 27.01 -29.53
CA GLU J 272 -7.58 26.83 -29.78
C GLU J 272 -6.92 26.00 -28.69
N TYR J 273 -7.31 26.24 -27.44
CA TYR J 273 -6.76 25.46 -26.33
C TYR J 273 -7.05 23.98 -26.50
N LEU J 274 -8.30 23.63 -26.80
CA LEU J 274 -8.66 22.23 -27.01
C LEU J 274 -7.94 21.64 -28.20
N ARG J 275 -7.85 22.40 -29.31
CA ARG J 275 -7.14 21.90 -30.48
C ARG J 275 -5.66 21.74 -30.23
N LYS J 276 -5.09 22.46 -29.27
CA LYS J 276 -3.66 22.38 -28.99
C LYS J 276 -3.32 21.23 -28.05
N ASN J 277 -4.01 21.11 -26.92
CA ASN J 277 -3.67 20.08 -25.94
C ASN J 277 -4.53 18.83 -26.04
N TYR J 278 -5.25 18.63 -27.15
CA TYR J 278 -6.03 17.42 -27.34
C TYR J 278 -5.92 16.95 -28.79
N ASP J 279 -5.82 15.63 -28.96
CA ASP J 279 -5.70 15.07 -30.30
C ASP J 279 -6.97 15.27 -31.11
N ALA J 280 -8.13 14.98 -30.52
CA ALA J 280 -9.41 15.13 -31.19
C ALA J 280 -10.37 15.89 -30.28
N VAL J 281 -11.26 16.65 -30.91
CA VAL J 281 -12.28 17.43 -30.23
C VAL J 281 -13.64 17.06 -30.82
N PHE J 282 -14.57 16.69 -29.96
CA PHE J 282 -15.94 16.35 -30.37
C PHE J 282 -16.89 17.33 -29.71
N LEU J 283 -17.63 18.08 -30.52
CA LEU J 283 -18.54 19.11 -30.03
C LEU J 283 -19.97 18.57 -30.02
N ALA J 284 -20.57 18.54 -28.84
CA ALA J 284 -21.94 18.09 -28.63
C ALA J 284 -22.73 19.16 -27.87
N VAL J 285 -22.62 20.41 -28.32
CA VAL J 285 -23.18 21.53 -27.58
C VAL J 285 -24.71 21.47 -27.57
N GLY J 286 -25.31 21.01 -28.66
CA GLY J 286 -26.76 20.93 -28.75
C GLY J 286 -27.39 22.28 -29.04
N ALA J 287 -28.71 22.23 -29.25
CA ALA J 287 -29.49 23.43 -29.58
C ALA J 287 -29.98 24.04 -28.28
N TRP J 288 -29.29 25.09 -27.81
CA TRP J 288 -29.57 25.69 -26.52
C TRP J 288 -29.95 27.16 -26.66
N LYS J 289 -30.65 27.51 -27.74
CA LYS J 289 -31.12 28.88 -27.94
C LYS J 289 -32.56 28.79 -28.47
N SER J 290 -33.53 29.01 -27.59
CA SER J 290 -34.93 28.92 -27.99
C SER J 290 -35.27 30.00 -29.00
N SER J 291 -36.11 29.65 -29.96
CA SER J 291 -36.52 30.60 -30.99
C SER J 291 -37.43 31.66 -30.39
N THR J 292 -37.24 32.91 -30.81
CA THR J 292 -38.11 33.98 -30.39
C THR J 292 -39.45 33.89 -31.09
N LEU J 293 -40.45 34.57 -30.53
CA LEU J 293 -41.81 34.45 -31.03
C LEU J 293 -41.94 34.90 -32.48
N GLY J 294 -41.08 35.82 -32.92
CA GLY J 294 -41.13 36.30 -34.28
C GLY J 294 -42.25 37.27 -34.58
N CYS J 295 -42.89 37.82 -33.56
CA CYS J 295 -43.97 38.78 -33.71
C CYS J 295 -43.64 40.02 -32.89
N PRO J 296 -44.20 41.17 -33.26
CA PRO J 296 -43.92 42.40 -32.49
C PRO J 296 -44.31 42.25 -31.03
N GLY J 297 -43.45 42.77 -30.15
CA GLY J 297 -43.66 42.66 -28.72
C GLY J 297 -43.16 41.39 -28.10
N ASP J 298 -42.38 40.58 -28.83
CA ASP J 298 -41.86 39.34 -28.27
C ASP J 298 -40.86 39.56 -27.15
N SER J 299 -40.29 40.76 -27.06
CA SER J 299 -39.33 41.09 -26.01
C SER J 299 -39.98 41.64 -24.75
N ALA J 300 -41.31 41.75 -24.73
CA ALA J 300 -42.00 42.27 -23.56
C ALA J 300 -41.81 41.34 -22.37
N GLU J 301 -41.75 41.93 -21.18
CA GLU J 301 -41.58 41.14 -19.97
C GLU J 301 -42.80 40.26 -19.76
N GLY J 302 -42.56 39.03 -19.31
CA GLY J 302 -43.60 38.03 -19.23
C GLY J 302 -43.60 37.02 -20.36
N VAL J 303 -42.72 37.19 -21.34
CA VAL J 303 -42.52 36.21 -22.40
C VAL J 303 -41.15 35.58 -22.19
N ILE J 304 -41.12 34.26 -22.07
CA ILE J 304 -39.90 33.53 -21.74
C ILE J 304 -39.78 32.34 -22.69
N GLY J 305 -38.55 32.00 -23.04
CA GLY J 305 -38.33 30.83 -23.89
C GLY J 305 -38.67 29.54 -23.19
N GLY J 306 -39.05 28.55 -23.97
CA GLY J 306 -39.47 27.28 -23.40
C GLY J 306 -38.34 26.56 -22.68
N ILE J 307 -37.21 26.40 -23.35
CA ILE J 307 -36.10 25.67 -22.73
C ILE J 307 -35.50 26.47 -21.58
N GLU J 308 -35.47 27.81 -21.69
CA GLU J 308 -34.98 28.61 -20.57
C GLU J 308 -35.91 28.51 -19.37
N PHE J 309 -37.22 28.51 -19.60
CA PHE J 309 -38.17 28.33 -18.51
C PHE J 309 -38.02 26.97 -17.86
N LEU J 310 -37.84 25.92 -18.68
CA LEU J 310 -37.67 24.58 -18.13
C LEU J 310 -36.35 24.44 -17.39
N ARG J 311 -35.31 25.13 -17.85
CA ARG J 311 -34.03 25.12 -17.16
C ARG J 311 -34.12 25.83 -15.82
N LYS J 312 -34.83 26.96 -15.78
CA LYS J 312 -35.05 27.64 -14.51
C LYS J 312 -35.85 26.78 -13.55
N VAL J 313 -36.87 26.08 -14.06
CA VAL J 313 -37.68 25.21 -13.21
C VAL J 313 -36.83 24.07 -12.66
N SER J 314 -36.04 23.43 -13.53
CA SER J 314 -35.22 22.31 -13.10
C SER J 314 -34.17 22.74 -12.10
N MET J 315 -33.54 23.90 -12.31
CA MET J 315 -32.54 24.43 -11.39
C MET J 315 -33.14 25.00 -10.13
N ASN J 316 -34.47 24.93 -9.96
CA ASN J 316 -35.18 25.48 -8.81
C ASN J 316 -34.97 26.99 -8.70
N GLN J 317 -34.74 27.65 -9.83
CA GLN J 317 -34.65 29.10 -9.83
C GLN J 317 -36.05 29.70 -9.85
N PRO J 318 -36.23 30.89 -9.27
CA PRO J 318 -37.57 31.50 -9.22
C PRO J 318 -37.99 32.00 -10.59
N VAL J 319 -39.14 31.51 -11.06
CA VAL J 319 -39.73 31.95 -12.32
C VAL J 319 -40.95 32.79 -11.99
N ASN J 320 -41.27 33.72 -12.90
CA ASN J 320 -42.41 34.62 -12.72
C ASN J 320 -43.57 34.10 -13.56
N LEU J 321 -44.29 33.13 -13.01
CA LEU J 321 -45.47 32.58 -13.65
C LEU J 321 -46.68 33.44 -13.27
N GLY J 322 -47.87 32.95 -13.59
CA GLY J 322 -49.08 33.67 -13.25
C GLY J 322 -50.27 32.74 -13.33
N GLN J 323 -51.46 33.31 -13.13
CA GLN J 323 -52.68 32.53 -13.23
C GLN J 323 -52.88 32.01 -14.65
N ARG J 324 -52.54 32.82 -15.65
CA ARG J 324 -52.84 32.54 -17.04
C ARG J 324 -51.55 32.40 -17.84
N VAL J 325 -51.39 31.26 -18.49
CA VAL J 325 -50.17 30.93 -19.23
C VAL J 325 -50.58 30.37 -20.58
N LEU J 326 -49.96 30.87 -21.65
CA LEU J 326 -50.11 30.31 -22.98
C LEU J 326 -48.74 29.85 -23.50
N VAL J 327 -48.71 28.64 -24.05
CA VAL J 327 -47.51 28.06 -24.63
C VAL J 327 -47.68 28.04 -26.13
N VAL J 328 -46.72 28.62 -26.85
CA VAL J 328 -46.75 28.69 -28.31
C VAL J 328 -45.82 27.61 -28.85
N GLY J 329 -46.38 26.63 -29.53
CA GLY J 329 -45.60 25.54 -30.08
C GLY J 329 -46.32 24.20 -30.02
N GLY J 330 -45.68 23.15 -30.53
CA GLY J 330 -46.30 21.84 -30.54
C GLY J 330 -45.36 20.68 -30.30
N GLY J 331 -44.11 20.97 -29.95
CA GLY J 331 -43.12 19.93 -29.74
C GLY J 331 -43.13 19.41 -28.31
N ASN J 332 -42.04 18.72 -27.97
CA ASN J 332 -41.87 18.26 -26.59
C ASN J 332 -41.71 19.43 -25.63
N THR J 333 -41.05 20.50 -26.09
CA THR J 333 -40.83 21.66 -25.24
C THR J 333 -42.16 22.29 -24.82
N ALA J 334 -43.09 22.45 -25.77
CA ALA J 334 -44.37 23.06 -25.46
C ALA J 334 -45.16 22.23 -24.45
N MET J 335 -45.21 20.91 -24.66
CA MET J 335 -46.00 20.07 -23.77
C MET J 335 -45.36 20.00 -22.38
N ASP J 336 -44.04 19.89 -22.32
CA ASP J 336 -43.36 19.90 -21.03
C ASP J 336 -43.58 21.20 -20.29
N ALA J 337 -43.49 22.33 -21.00
CA ALA J 337 -43.72 23.62 -20.35
C ALA J 337 -45.15 23.74 -19.87
N ALA J 338 -46.11 23.27 -20.66
CA ALA J 338 -47.51 23.35 -20.24
C ALA J 338 -47.76 22.52 -18.99
N ARG J 339 -47.23 21.30 -18.95
CA ARG J 339 -47.46 20.44 -17.79
C ARG J 339 -46.71 20.94 -16.56
N THR J 340 -45.52 21.51 -16.75
CA THR J 340 -44.80 22.12 -15.64
C THR J 340 -45.56 23.32 -15.09
N ALA J 341 -46.11 24.15 -15.97
CA ALA J 341 -46.91 25.29 -15.51
C ALA J 341 -48.15 24.82 -14.77
N ILE J 342 -48.77 23.74 -15.25
CA ILE J 342 -49.91 23.17 -14.53
C ILE J 342 -49.50 22.73 -13.13
N ARG J 343 -48.35 22.08 -13.02
CA ARG J 343 -47.86 21.63 -11.72
C ARG J 343 -47.26 22.76 -10.89
N LEU J 344 -46.95 23.90 -11.50
CA LEU J 344 -46.39 25.04 -10.78
C LEU J 344 -47.46 25.99 -10.25
N GLY J 345 -48.73 25.63 -10.39
CA GLY J 345 -49.80 26.39 -9.80
C GLY J 345 -50.59 27.29 -10.75
N ALA J 346 -50.33 27.23 -12.04
CA ALA J 346 -51.12 28.01 -12.98
C ALA J 346 -52.55 27.50 -13.02
N LYS J 347 -53.51 28.44 -13.01
CA LYS J 347 -54.91 28.05 -12.97
C LYS J 347 -55.37 27.47 -14.30
N GLU J 348 -54.98 28.09 -15.41
CA GLU J 348 -55.29 27.56 -16.73
C GLU J 348 -54.09 27.75 -17.65
N VAL J 349 -53.76 26.70 -18.39
CA VAL J 349 -52.66 26.72 -19.34
C VAL J 349 -53.20 26.29 -20.70
N THR J 350 -52.93 27.09 -21.72
CA THR J 350 -53.45 26.87 -23.06
C THR J 350 -52.29 26.82 -24.05
N VAL J 351 -52.30 25.80 -24.89
CA VAL J 351 -51.23 25.58 -25.87
C VAL J 351 -51.76 25.97 -27.25
N LEU J 352 -51.03 26.87 -27.92
CA LEU J 352 -51.41 27.38 -29.23
C LEU J 352 -50.51 26.77 -30.29
N TYR J 353 -51.10 26.00 -31.20
CA TYR J 353 -50.37 25.40 -32.31
C TYR J 353 -50.96 25.87 -33.63
N ARG J 354 -50.07 26.20 -34.58
CA ARG J 354 -50.49 26.70 -35.88
C ARG J 354 -51.07 25.62 -36.78
N ARG J 355 -50.69 24.36 -36.58
CA ARG J 355 -51.27 23.24 -37.31
C ARG J 355 -52.43 22.65 -36.50
N THR J 356 -52.91 21.48 -36.92
CA THR J 356 -53.99 20.79 -36.25
C THR J 356 -53.41 19.73 -35.32
N ARG J 357 -54.30 18.98 -34.66
CA ARG J 357 -53.85 17.95 -33.72
C ARG J 357 -53.07 16.86 -34.45
N GLU J 358 -53.53 16.46 -35.63
CA GLU J 358 -52.93 15.33 -36.32
C GLU J 358 -51.44 15.57 -36.64
N GLU J 359 -51.09 16.81 -36.98
CA GLU J 359 -49.72 17.17 -37.32
C GLU J 359 -48.94 17.66 -36.11
N MET J 360 -49.31 17.24 -34.91
CA MET J 360 -48.61 17.65 -33.70
C MET J 360 -47.32 16.86 -33.55
N PRO J 361 -46.16 17.51 -33.51
CA PRO J 361 -44.90 16.76 -33.34
C PRO J 361 -44.81 16.01 -32.02
N ALA J 362 -45.57 16.42 -31.01
CA ALA J 362 -45.54 15.74 -29.73
C ALA J 362 -46.25 14.39 -29.82
N GLU J 363 -45.91 13.50 -28.91
CA GLU J 363 -46.53 12.19 -28.87
C GLU J 363 -47.99 12.31 -28.45
N ASP J 364 -48.80 11.36 -28.94
CA ASP J 364 -50.22 11.37 -28.59
C ASP J 364 -50.44 11.12 -27.10
N ILE J 365 -49.62 10.25 -26.51
CA ILE J 365 -49.77 9.92 -25.10
C ILE J 365 -49.53 11.15 -24.23
N GLU J 366 -48.50 11.93 -24.55
CA GLU J 366 -48.21 13.12 -23.76
C GLU J 366 -49.33 14.15 -23.87
N VAL J 367 -49.87 14.35 -25.08
CA VAL J 367 -50.96 15.30 -25.26
C VAL J 367 -52.20 14.85 -24.49
N ASN J 368 -52.53 13.56 -24.57
CA ASN J 368 -53.69 13.06 -23.84
C ASN J 368 -53.50 13.20 -22.34
N GLU J 369 -52.29 12.88 -21.85
CA GLU J 369 -52.02 13.01 -20.42
C GLU J 369 -52.16 14.46 -19.97
N ALA J 370 -51.64 15.40 -20.76
CA ALA J 370 -51.77 16.81 -20.42
C ALA J 370 -53.23 17.24 -20.42
N GLU J 371 -54.01 16.72 -21.36
CA GLU J 371 -55.45 17.00 -21.35
C GLU J 371 -56.11 16.50 -20.07
N GLU J 372 -55.73 15.30 -19.62
CA GLU J 372 -56.24 14.80 -18.36
C GLU J 372 -55.82 15.67 -17.19
N GLU J 373 -54.62 16.26 -17.27
CA GLU J 373 -54.14 17.11 -16.19
C GLU J 373 -54.83 18.48 -16.19
N GLY J 374 -55.28 18.96 -17.34
CA GLY J 374 -56.03 20.19 -17.38
C GLY J 374 -55.52 21.25 -18.34
N VAL J 375 -54.71 20.85 -19.32
CA VAL J 375 -54.20 21.77 -20.32
C VAL J 375 -55.22 21.88 -21.45
N LYS J 376 -55.52 23.11 -21.85
CA LYS J 376 -56.42 23.37 -22.97
C LYS J 376 -55.60 23.62 -24.23
N PHE J 377 -56.20 23.32 -25.39
CA PHE J 377 -55.50 23.41 -26.66
C PHE J 377 -56.29 24.25 -27.65
N GLN J 378 -55.57 25.07 -28.42
CA GLN J 378 -56.14 25.79 -29.56
C GLN J 378 -55.28 25.48 -30.77
N PHE J 379 -55.90 24.98 -31.83
CA PHE J 379 -55.20 24.56 -33.02
C PHE J 379 -55.49 25.51 -34.17
N LEU J 380 -54.64 25.42 -35.20
CA LEU J 380 -54.73 26.29 -36.39
C LEU J 380 -54.70 27.77 -36.00
N VAL J 381 -53.83 28.08 -35.04
CA VAL J 381 -53.72 29.44 -34.49
C VAL J 381 -52.25 29.79 -34.35
N ALA J 382 -51.86 30.95 -34.87
CA ALA J 382 -50.49 31.40 -34.82
C ALA J 382 -50.42 32.84 -34.31
N PRO J 383 -49.36 33.19 -33.60
CA PRO J 383 -49.27 34.54 -33.01
C PRO J 383 -48.88 35.60 -34.03
N ILE J 384 -49.48 36.78 -33.87
CA ILE J 384 -49.12 37.93 -34.69
C ILE J 384 -48.80 39.17 -33.88
N GLU J 385 -49.24 39.29 -32.63
CA GLU J 385 -48.96 40.50 -31.88
C GLU J 385 -49.02 40.20 -30.39
N VAL J 386 -48.24 40.94 -29.61
CA VAL J 386 -48.25 40.83 -28.15
C VAL J 386 -48.82 42.11 -27.57
N ILE J 387 -49.99 42.03 -26.95
CA ILE J 387 -50.63 43.18 -26.32
C ILE J 387 -49.98 43.36 -24.95
N THR J 388 -49.11 44.35 -24.84
CA THR J 388 -48.50 44.76 -23.58
C THR J 388 -48.96 46.16 -23.21
N ASP J 389 -49.32 46.36 -21.94
CA ASP J 389 -49.87 47.63 -21.48
C ASP J 389 -48.80 48.54 -20.89
N GLY J 390 -48.13 48.08 -19.83
CA GLY J 390 -47.16 48.92 -19.14
C GLY J 390 -45.78 48.30 -19.07
N GLY J 391 -45.35 47.67 -20.16
CA GLY J 391 -44.11 46.93 -20.19
C GLY J 391 -44.25 45.47 -19.78
N ARG J 392 -45.43 45.07 -19.31
CA ARG J 392 -45.72 43.68 -18.99
C ARG J 392 -46.80 43.18 -19.94
N VAL J 393 -46.71 41.91 -20.31
CA VAL J 393 -47.63 41.35 -21.30
C VAL J 393 -49.02 41.21 -20.68
N ARG J 394 -50.03 41.71 -21.39
CA ARG J 394 -51.42 41.60 -20.97
C ARG J 394 -52.18 40.54 -21.75
N ALA J 395 -51.90 40.40 -23.05
CA ALA J 395 -52.60 39.42 -23.88
C ALA J 395 -51.76 39.17 -25.12
N LEU J 396 -52.26 38.27 -25.97
CA LEU J 396 -51.61 37.94 -27.22
C LEU J 396 -52.67 37.85 -28.32
N LYS J 397 -52.44 38.59 -29.40
CA LYS J 397 -53.34 38.58 -30.55
C LYS J 397 -52.82 37.60 -31.59
N CYS J 398 -53.67 36.65 -31.97
CA CYS J 398 -53.33 35.57 -32.87
C CYS J 398 -54.21 35.64 -34.11
N GLN J 399 -53.69 35.12 -35.21
CA GLN J 399 -54.42 35.07 -36.47
C GLN J 399 -54.78 33.61 -36.76
N ARG J 400 -56.08 33.33 -36.86
CA ARG J 400 -56.53 32.00 -37.19
C ARG J 400 -56.11 31.64 -38.62
N MET J 401 -55.68 30.40 -38.81
CA MET J 401 -55.20 29.93 -40.10
C MET J 401 -55.88 28.61 -40.44
N ARG J 402 -55.76 28.21 -41.71
CA ARG J 402 -56.40 27.00 -42.19
C ARG J 402 -55.47 26.28 -43.16
N LEU J 403 -55.67 24.98 -43.29
CA LEU J 403 -54.83 24.14 -44.14
C LEU J 403 -55.16 24.40 -45.60
N GLY J 404 -54.28 25.13 -46.30
CA GLY J 404 -54.57 25.52 -47.67
C GLY J 404 -54.10 24.54 -48.73
N ASP J 405 -52.82 24.21 -48.73
CA ASP J 405 -52.24 23.35 -49.77
C ASP J 405 -51.09 22.56 -49.15
N MET J 406 -50.24 21.98 -50.00
CA MET J 406 -49.10 21.21 -49.53
C MET J 406 -47.91 22.13 -49.26
N ASP J 407 -46.85 21.56 -48.71
CA ASP J 407 -45.69 22.33 -48.28
C ASP J 407 -44.43 21.53 -48.62
N GLU J 408 -43.30 21.94 -48.04
CA GLU J 408 -42.05 21.23 -48.25
C GLU J 408 -42.14 19.80 -47.72
N SER J 409 -42.77 19.61 -46.56
CA SER J 409 -42.97 18.26 -46.04
C SER J 409 -43.90 17.45 -46.94
N GLY J 410 -44.75 18.13 -47.71
CA GLY J 410 -45.63 17.46 -48.65
C GLY J 410 -46.98 17.06 -48.09
N ARG J 411 -47.20 17.19 -46.79
CA ARG J 411 -48.46 16.79 -46.20
C ARG J 411 -49.52 17.89 -46.34
N ARG J 412 -49.27 19.05 -45.75
CA ARG J 412 -50.23 20.15 -45.80
C ARG J 412 -49.56 21.41 -45.29
N ARG J 413 -49.91 22.55 -45.90
CA ARG J 413 -49.35 23.85 -45.53
C ARG J 413 -50.45 24.71 -44.92
N PRO J 414 -50.30 25.16 -43.67
CA PRO J 414 -51.27 26.12 -43.13
C PRO J 414 -50.99 27.53 -43.62
N VAL J 415 -52.06 28.23 -43.99
CA VAL J 415 -51.98 29.61 -44.48
C VAL J 415 -52.98 30.45 -43.70
N PRO J 416 -52.70 31.75 -43.50
CA PRO J 416 -53.59 32.57 -42.67
C PRO J 416 -54.96 32.75 -43.30
N ILE J 417 -55.96 32.96 -42.45
CA ILE J 417 -57.32 33.28 -42.86
C ILE J 417 -57.53 34.77 -42.61
N GLU J 418 -57.84 35.50 -43.68
CA GLU J 418 -58.02 36.95 -43.56
C GLU J 418 -59.26 37.28 -42.76
N GLY J 419 -59.15 38.27 -41.88
CA GLY J 419 -60.25 38.69 -41.04
C GLY J 419 -60.48 37.85 -39.81
N ALA J 420 -59.65 36.85 -39.55
CA ALA J 420 -59.79 35.98 -38.38
C ALA J 420 -58.68 36.33 -37.39
N GLU J 421 -59.05 36.95 -36.28
CA GLU J 421 -58.11 37.33 -35.23
C GLU J 421 -58.76 37.07 -33.89
N VAL J 422 -57.97 36.58 -32.93
CA VAL J 422 -58.44 36.22 -31.61
C VAL J 422 -57.49 36.76 -30.55
N ILE J 423 -58.03 37.27 -29.46
CA ILE J 423 -57.25 37.77 -28.35
C ILE J 423 -57.27 36.75 -27.23
N PHE J 424 -56.09 36.31 -26.79
CA PHE J 424 -55.97 35.37 -25.68
C PHE J 424 -55.31 36.10 -24.51
N GLU J 425 -56.01 36.17 -23.39
CA GLU J 425 -55.50 36.89 -22.24
C GLU J 425 -54.29 36.17 -21.64
N ALA J 426 -53.23 36.93 -21.36
CA ALA J 426 -51.93 36.35 -21.06
C ALA J 426 -51.33 37.03 -19.84
N ASP J 427 -50.94 36.22 -18.86
CA ASP J 427 -50.01 36.65 -17.82
C ASP J 427 -48.60 36.13 -18.05
N THR J 428 -48.47 34.99 -18.72
CA THR J 428 -47.18 34.46 -19.13
C THR J 428 -47.33 33.82 -20.50
N ILE J 429 -46.35 34.06 -21.38
CA ILE J 429 -46.29 33.44 -22.68
C ILE J 429 -44.96 32.72 -22.80
N ILE J 430 -45.01 31.41 -23.04
CA ILE J 430 -43.82 30.58 -23.18
C ILE J 430 -43.70 30.22 -24.65
N SER J 431 -42.67 30.76 -25.31
CA SER J 431 -42.46 30.52 -26.74
C SER J 431 -41.62 29.26 -26.89
N ALA J 432 -42.27 28.16 -27.28
CA ALA J 432 -41.59 26.88 -27.44
C ALA J 432 -41.74 26.37 -28.87
N ILE J 433 -41.53 27.25 -29.85
CA ILE J 433 -41.76 26.91 -31.25
C ILE J 433 -40.53 26.22 -31.83
N GLY J 434 -39.53 25.96 -31.00
CA GLY J 434 -38.33 25.29 -31.43
C GLY J 434 -37.08 25.95 -30.87
N GLN J 435 -35.95 25.27 -31.10
CA GLN J 435 -34.66 25.71 -30.59
C GLN J 435 -33.65 25.73 -31.72
N LYS J 436 -32.65 26.60 -31.58
CA LYS J 436 -31.58 26.73 -32.55
C LYS J 436 -30.24 26.67 -31.84
N VAL J 437 -29.20 26.31 -32.60
CA VAL J 437 -27.86 26.21 -32.02
C VAL J 437 -27.38 27.59 -31.63
N ARG J 438 -26.82 27.69 -30.43
CA ARG J 438 -26.28 28.96 -29.95
C ARG J 438 -25.04 29.34 -30.75
N VAL J 439 -25.12 30.44 -31.49
CA VAL J 439 -24.05 30.83 -32.40
C VAL J 439 -22.76 31.12 -31.64
N GLU J 440 -22.86 31.57 -30.39
CA GLU J 440 -21.67 31.89 -29.62
C GLU J 440 -20.80 30.66 -29.38
N ASP J 441 -21.42 29.52 -29.08
CA ASP J 441 -20.67 28.31 -28.79
C ASP J 441 -19.97 27.75 -30.03
N VAL J 442 -20.47 28.05 -31.23
CA VAL J 442 -19.96 27.41 -32.44
C VAL J 442 -19.15 28.41 -33.26
N GLU J 443 -18.56 29.39 -32.58
CA GLU J 443 -17.76 30.40 -33.27
C GLU J 443 -16.54 29.75 -33.91
N GLY J 444 -16.18 30.22 -35.10
CA GLY J 444 -15.05 29.68 -35.82
C GLY J 444 -15.33 28.42 -36.60
N LEU J 445 -16.60 28.11 -36.85
CA LEU J 445 -16.99 26.92 -37.59
C LEU J 445 -17.93 27.31 -38.73
N GLU J 446 -17.92 26.52 -39.79
CA GLU J 446 -18.82 26.74 -40.91
C GLU J 446 -20.20 26.22 -40.54
N LEU J 447 -21.21 27.06 -40.68
CA LEU J 447 -22.56 26.74 -40.23
C LEU J 447 -23.47 26.45 -41.42
N THR J 448 -24.26 25.40 -41.28
CA THR J 448 -25.31 25.11 -42.24
C THR J 448 -26.33 26.25 -42.24
N ARG J 449 -26.99 26.44 -43.38
CA ARG J 449 -28.00 27.50 -43.50
C ARG J 449 -29.03 27.43 -42.39
N HIS J 450 -29.38 26.22 -41.95
CA HIS J 450 -30.30 26.05 -40.83
C HIS J 450 -29.72 26.54 -39.51
N GLY J 451 -28.42 26.83 -39.46
CA GLY J 451 -27.76 27.28 -38.25
C GLY J 451 -26.94 26.23 -37.54
N THR J 452 -27.11 24.96 -37.89
CA THR J 452 -26.36 23.89 -37.26
C THR J 452 -24.94 23.82 -37.83
N ILE J 453 -24.08 23.12 -37.10
CA ILE J 453 -22.71 22.94 -37.56
C ILE J 453 -22.69 22.07 -38.80
N LYS J 454 -21.89 22.44 -39.79
CA LYS J 454 -21.76 21.68 -41.02
C LYS J 454 -20.66 20.64 -40.85
N VAL J 455 -21.02 19.36 -41.03
CA VAL J 455 -20.07 18.26 -40.91
C VAL J 455 -20.16 17.40 -42.16
N ASP J 456 -19.08 16.67 -42.41
CA ASP J 456 -19.03 15.74 -43.53
C ASP J 456 -19.82 14.48 -43.17
N GLU J 457 -20.83 14.16 -43.98
CA GLU J 457 -21.68 13.02 -43.68
C GLU J 457 -20.87 11.72 -43.73
N GLY J 458 -21.05 10.90 -42.71
CA GLY J 458 -20.34 9.64 -42.59
C GLY J 458 -19.05 9.71 -41.81
N THR J 459 -18.47 10.90 -41.63
CA THR J 459 -17.27 11.08 -40.83
C THR J 459 -17.47 11.99 -39.64
N TYR J 460 -18.57 12.75 -39.59
CA TYR J 460 -18.88 13.64 -38.46
C TYR J 460 -17.76 14.63 -38.19
N GLN J 461 -17.10 15.10 -39.25
CA GLN J 461 -15.94 15.97 -39.14
C GLN J 461 -16.32 17.38 -39.58
N THR J 462 -15.91 18.36 -38.78
CA THR J 462 -16.22 19.76 -39.06
C THR J 462 -15.21 20.31 -40.06
N SER J 463 -15.29 21.62 -40.33
CA SER J 463 -14.34 22.25 -41.24
C SER J 463 -12.92 22.19 -40.67
N LEU J 464 -12.78 22.44 -39.37
CA LEU J 464 -11.48 22.40 -38.74
C LEU J 464 -10.96 20.96 -38.66
N GLU J 465 -9.67 20.79 -38.91
CA GLU J 465 -9.08 19.45 -38.87
C GLU J 465 -8.98 18.95 -37.44
N GLY J 466 -9.41 17.72 -37.21
CA GLY J 466 -9.38 17.13 -35.89
C GLY J 466 -10.53 17.49 -34.99
N VAL J 467 -11.48 18.31 -35.46
CA VAL J 467 -12.62 18.73 -34.66
C VAL J 467 -13.86 18.04 -35.24
N PHE J 468 -14.55 17.28 -34.41
CA PHE J 468 -15.74 16.54 -34.80
C PHE J 468 -16.97 17.13 -34.12
N ALA J 469 -18.14 16.78 -34.65
CA ALA J 469 -19.40 17.28 -34.10
C ALA J 469 -20.49 16.25 -34.30
N GLY J 470 -21.54 16.37 -33.48
CA GLY J 470 -22.66 15.45 -33.56
C GLY J 470 -23.73 15.86 -32.58
N GLY J 471 -24.86 15.19 -32.68
CA GLY J 471 -25.99 15.47 -31.81
C GLY J 471 -26.86 16.60 -32.34
N ASP J 472 -27.60 17.21 -31.41
CA ASP J 472 -28.48 18.32 -31.77
C ASP J 472 -27.74 19.50 -32.36
N ALA J 473 -26.43 19.61 -32.10
CA ALA J 473 -25.64 20.68 -32.70
C ALA J 473 -25.51 20.51 -34.20
N VAL J 474 -25.70 19.30 -34.72
CA VAL J 474 -25.53 19.01 -36.14
C VAL J 474 -26.86 18.75 -36.82
N THR J 475 -27.69 17.89 -36.24
CA THR J 475 -28.95 17.49 -36.85
C THR J 475 -30.13 18.37 -36.44
N GLY J 476 -29.95 19.24 -35.45
CA GLY J 476 -31.05 19.99 -34.91
C GLY J 476 -31.77 19.19 -33.84
N PRO J 477 -32.81 19.78 -33.24
CA PRO J 477 -33.52 19.09 -32.16
C PRO J 477 -34.19 17.82 -32.64
N LYS J 478 -33.77 16.70 -32.06
CA LYS J 478 -34.34 15.38 -32.35
C LYS J 478 -34.53 14.65 -31.03
N ILE J 479 -34.82 13.36 -31.11
CA ILE J 479 -35.00 12.55 -29.91
C ILE J 479 -33.64 12.15 -29.37
N ALA J 480 -33.60 11.65 -28.13
CA ALA J 480 -32.33 11.43 -27.45
C ALA J 480 -31.55 10.26 -28.05
N ILE J 481 -32.25 9.23 -28.51
CA ILE J 481 -31.55 8.06 -29.04
C ILE J 481 -30.83 8.39 -30.34
N GLU J 482 -31.35 9.35 -31.11
CA GLU J 482 -30.63 9.82 -32.28
C GLU J 482 -29.31 10.47 -31.89
N ALA J 483 -29.33 11.30 -30.83
CA ALA J 483 -28.11 11.90 -30.34
C ALA J 483 -27.13 10.84 -29.83
N ILE J 484 -27.64 9.81 -29.17
CA ILE J 484 -26.79 8.74 -28.69
C ILE J 484 -26.16 7.97 -29.85
N ALA J 485 -26.94 7.71 -30.90
CA ALA J 485 -26.39 7.05 -32.08
C ALA J 485 -25.32 7.90 -32.75
N GLN J 486 -25.57 9.21 -32.85
CA GLN J 486 -24.56 10.12 -33.40
C GLN J 486 -23.30 10.09 -32.56
N GLY J 487 -23.44 10.10 -31.24
CA GLY J 487 -22.26 10.03 -30.37
C GLY J 487 -21.48 8.75 -30.55
N LYS J 488 -22.18 7.62 -30.65
CA LYS J 488 -21.49 6.34 -30.83
C LYS J 488 -20.76 6.28 -32.17
N ASN J 489 -21.43 6.70 -33.25
CA ASN J 489 -20.79 6.71 -34.56
C ASN J 489 -19.58 7.64 -34.57
N ALA J 490 -19.72 8.82 -33.96
CA ALA J 490 -18.60 9.75 -33.91
C ALA J 490 -17.47 9.20 -33.06
N ALA J 491 -17.78 8.47 -31.99
CA ALA J 491 -16.73 7.85 -31.20
C ALA J 491 -15.96 6.81 -32.00
N ARG J 492 -16.67 5.99 -32.78
CA ARG J 492 -15.99 5.01 -33.62
C ARG J 492 -15.11 5.70 -34.66
N VAL J 493 -15.65 6.76 -35.29
CA VAL J 493 -14.87 7.49 -36.30
C VAL J 493 -13.65 8.15 -35.67
N ILE J 494 -13.80 8.70 -34.46
CA ILE J 494 -12.69 9.36 -33.79
C ILE J 494 -11.63 8.35 -33.40
N ASP J 495 -12.04 7.15 -32.97
CA ASP J 495 -11.07 6.11 -32.68
C ASP J 495 -10.30 5.72 -33.92
N SER J 496 -11.00 5.58 -35.05
CA SER J 496 -10.32 5.28 -36.31
C SER J 496 -9.33 6.38 -36.68
N TYR J 497 -9.74 7.64 -36.51
CA TYR J 497 -8.87 8.76 -36.84
C TYR J 497 -7.64 8.79 -35.94
N LEU J 498 -7.82 8.53 -34.64
CA LEU J 498 -6.69 8.49 -33.72
C LEU J 498 -5.73 7.36 -34.07
N ARG J 499 -6.26 6.22 -34.50
CA ARG J 499 -5.39 5.13 -34.93
C ARG J 499 -4.59 5.48 -36.18
N GLY J 500 -5.00 6.50 -36.91
CA GLY J 500 -4.23 6.97 -38.05
C GLY J 500 -4.99 6.98 -39.36
N LYS J 501 -5.83 5.97 -39.58
CA LYS J 501 -6.58 5.82 -40.81
C LYS J 501 -8.04 6.19 -40.54
N LEU J 502 -8.48 7.32 -41.10
CA LEU J 502 -9.85 7.78 -40.92
C LEU J 502 -10.75 7.06 -41.91
N GLU J 503 -11.76 6.35 -41.40
CA GLU J 503 -12.66 5.57 -42.22
C GLU J 503 -14.10 5.98 -41.94
N PRO J 504 -14.86 6.39 -42.95
CA PRO J 504 -16.26 6.75 -42.73
C PRO J 504 -17.10 5.54 -42.34
N ILE J 505 -18.22 5.82 -41.68
CA ILE J 505 -19.11 4.76 -41.20
C ILE J 505 -19.73 4.05 -42.40
N LYS J 506 -19.63 2.73 -42.42
CA LYS J 506 -20.21 1.90 -43.47
C LYS J 506 -21.37 1.11 -42.88
N GLU J 507 -22.56 1.27 -43.46
CA GLU J 507 -23.74 0.56 -42.99
C GLU J 507 -23.79 -0.82 -43.62
N PRO J 508 -23.89 -1.90 -42.83
CA PRO J 508 -23.94 -3.24 -43.42
C PRO J 508 -25.24 -3.48 -44.17
N TYR J 509 -25.18 -4.44 -45.09
CA TYR J 509 -26.37 -4.88 -45.80
C TYR J 509 -26.96 -6.09 -45.09
N TYR J 510 -28.25 -6.02 -44.78
CA TYR J 510 -28.95 -7.08 -44.09
C TYR J 510 -29.99 -7.71 -45.01
N VAL J 511 -30.16 -9.03 -44.88
CA VAL J 511 -31.26 -9.72 -45.56
C VAL J 511 -32.51 -9.56 -44.69
N LYS J 512 -33.56 -8.98 -45.26
CA LYS J 512 -34.78 -8.70 -44.54
C LYS J 512 -35.98 -9.22 -45.31
N GLN J 513 -37.04 -9.52 -44.58
CA GLN J 513 -38.29 -10.00 -45.16
C GLN J 513 -39.30 -8.86 -45.18
N GLU J 514 -39.69 -8.45 -46.39
CA GLU J 514 -40.64 -7.35 -46.56
C GLU J 514 -41.99 -7.82 -47.09
N ASP J 515 -42.14 -9.11 -47.39
CA ASP J 515 -43.38 -9.66 -47.88
C ASP J 515 -44.29 -10.15 -46.76
N LEU J 516 -43.89 -9.96 -45.50
CA LEU J 516 -44.65 -10.47 -44.38
C LEU J 516 -45.99 -9.74 -44.27
N THR J 517 -47.00 -10.49 -43.82
CA THR J 517 -48.36 -10.00 -43.66
C THR J 517 -48.94 -10.63 -42.40
N PRO J 518 -49.97 -10.03 -41.81
CA PRO J 518 -50.57 -10.63 -40.60
C PRO J 518 -51.08 -12.04 -40.82
N GLU J 519 -51.43 -12.40 -42.07
CA GLU J 519 -51.90 -13.75 -42.34
C GLU J 519 -50.83 -14.81 -42.06
N ASP J 520 -49.55 -14.41 -42.01
CA ASP J 520 -48.50 -15.34 -41.64
C ASP J 520 -48.48 -15.67 -40.15
N PHE J 521 -49.16 -14.86 -39.33
CA PHE J 521 -49.17 -15.06 -37.88
C PHE J 521 -50.57 -15.39 -37.36
N LYS J 522 -51.44 -15.93 -38.22
CA LYS J 522 -52.80 -16.27 -37.80
C LYS J 522 -52.83 -17.41 -36.80
N ASP J 523 -51.75 -18.18 -36.67
CA ASP J 523 -51.70 -19.32 -35.77
C ASP J 523 -51.02 -19.00 -34.44
N ARG J 524 -50.31 -17.89 -34.33
CA ARG J 524 -49.62 -17.55 -33.10
C ARG J 524 -50.62 -17.25 -31.99
N GLU J 525 -50.24 -17.63 -30.77
CA GLU J 525 -51.12 -17.41 -29.62
C GLU J 525 -51.14 -15.93 -29.26
N ARG J 526 -52.34 -15.41 -29.04
CA ARG J 526 -52.53 -14.00 -28.68
C ARG J 526 -52.37 -13.84 -27.18
N LYS J 527 -51.42 -13.01 -26.76
CA LYS J 527 -51.15 -12.77 -25.36
C LYS J 527 -51.29 -11.29 -25.03
N PRO J 528 -51.97 -10.93 -23.95
CA PRO J 528 -52.14 -9.51 -23.64
C PRO J 528 -50.82 -8.85 -23.29
N ARG J 529 -50.72 -7.56 -23.65
CA ARG J 529 -49.53 -6.79 -23.34
C ARG J 529 -49.45 -6.48 -21.85
N VAL J 530 -48.26 -6.11 -21.41
CA VAL J 530 -48.07 -5.75 -20.00
C VAL J 530 -48.86 -4.48 -19.68
N PRO J 531 -49.61 -4.43 -18.59
CA PRO J 531 -50.32 -3.19 -18.24
C PRO J 531 -49.35 -2.08 -17.88
N LEU J 532 -49.78 -0.86 -18.13
CA LEU J 532 -49.01 0.33 -17.77
C LEU J 532 -49.63 0.96 -16.53
N LYS J 533 -48.84 1.10 -15.47
CA LYS J 533 -49.30 1.71 -14.24
C LYS J 533 -49.06 3.21 -14.32
N VAL J 534 -50.14 3.99 -14.37
CA VAL J 534 -50.08 5.43 -14.54
C VAL J 534 -50.77 6.08 -13.35
N ALA J 535 -50.11 7.08 -12.75
CA ALA J 535 -50.67 7.76 -11.60
C ALA J 535 -51.93 8.52 -11.98
N ASN J 536 -52.82 8.68 -11.00
CA ASN J 536 -54.09 9.37 -11.25
C ASN J 536 -53.83 10.82 -11.64
N ALA J 537 -54.66 11.33 -12.56
CA ALA J 537 -54.45 12.68 -13.08
C ALA J 537 -54.60 13.72 -11.99
N GLU J 538 -55.63 13.58 -11.15
CA GLU J 538 -55.88 14.59 -10.11
C GLU J 538 -54.73 14.64 -9.10
N GLU J 539 -54.21 13.48 -8.71
CA GLU J 539 -53.12 13.46 -7.75
C GLU J 539 -51.78 13.84 -8.37
N ARG J 540 -51.61 13.61 -9.67
CA ARG J 540 -50.34 13.87 -10.33
C ARG J 540 -50.23 15.28 -10.89
N LYS J 541 -51.35 16.00 -11.05
CA LYS J 541 -51.29 17.35 -11.58
C LYS J 541 -50.83 18.39 -10.56
N ASN J 542 -50.41 17.96 -9.38
CA ASN J 542 -50.00 18.88 -8.32
C ASN J 542 -48.55 18.68 -7.88
N ASN J 543 -47.91 17.58 -8.27
CA ASN J 543 -46.57 17.27 -7.81
C ASN J 543 -45.71 16.88 -9.00
N PHE J 544 -44.40 16.80 -8.76
CA PHE J 544 -43.44 16.38 -9.78
C PHE J 544 -42.99 14.94 -9.58
N ARG J 545 -43.81 14.12 -8.95
CA ARG J 545 -43.49 12.71 -8.79
C ARG J 545 -43.66 11.99 -10.13
N GLU J 546 -42.89 10.92 -10.30
CA GLU J 546 -42.92 10.18 -11.56
C GLU J 546 -44.31 9.58 -11.80
N ILE J 547 -44.72 9.60 -13.08
CA ILE J 547 -46.07 9.17 -13.42
C ILE J 547 -46.15 7.65 -13.55
N THR J 548 -45.29 7.08 -14.38
CA THR J 548 -45.29 5.65 -14.64
C THR J 548 -44.29 4.94 -13.74
N SER J 549 -44.61 3.70 -13.39
CA SER J 549 -43.78 2.89 -12.51
C SER J 549 -43.24 1.69 -13.27
N THR J 550 -42.06 1.23 -12.84
CA THR J 550 -41.38 0.13 -13.49
C THR J 550 -42.17 -1.18 -13.33
N MET J 551 -42.06 -2.04 -14.33
CA MET J 551 -42.72 -3.34 -14.29
C MET J 551 -42.06 -4.24 -13.25
N THR J 552 -42.76 -5.31 -12.89
CA THR J 552 -42.21 -6.30 -11.99
C THR J 552 -41.47 -7.38 -12.78
N GLU J 553 -40.71 -8.20 -12.05
CA GLU J 553 -39.92 -9.24 -12.69
C GLU J 553 -40.80 -10.25 -13.41
N LYS J 554 -41.90 -10.66 -12.78
CA LYS J 554 -42.82 -11.60 -13.41
C LYS J 554 -43.42 -10.99 -14.67
N GLU J 555 -43.87 -9.74 -14.59
CA GLU J 555 -44.44 -9.07 -15.74
C GLU J 555 -43.38 -8.87 -16.83
N ALA J 556 -42.15 -8.56 -16.44
CA ALA J 556 -41.08 -8.40 -17.43
C ALA J 556 -40.82 -9.70 -18.18
N ILE J 557 -40.74 -10.82 -17.45
CA ILE J 557 -40.51 -12.11 -18.11
C ILE J 557 -41.69 -12.48 -18.99
N ALA J 558 -42.92 -12.25 -18.52
CA ALA J 558 -44.09 -12.58 -19.32
C ALA J 558 -44.17 -11.72 -20.58
N GLU J 559 -43.73 -10.46 -20.49
CA GLU J 559 -43.73 -9.58 -21.65
C GLU J 559 -42.63 -9.99 -22.64
N ALA J 560 -41.44 -10.29 -22.14
CA ALA J 560 -40.35 -10.70 -23.01
C ALA J 560 -40.58 -12.06 -23.64
N SER J 561 -41.44 -12.90 -23.02
CA SER J 561 -41.79 -14.18 -23.60
C SER J 561 -42.79 -14.06 -24.74
N ARG J 562 -43.35 -12.88 -24.97
CA ARG J 562 -44.25 -12.66 -26.09
C ARG J 562 -43.52 -12.45 -27.40
N CYS J 563 -42.19 -12.35 -27.37
CA CYS J 563 -41.42 -12.07 -28.58
C CYS J 563 -41.58 -13.19 -29.60
N LEU J 564 -41.64 -12.81 -30.87
CA LEU J 564 -41.78 -13.76 -31.96
C LEU J 564 -40.45 -14.32 -32.46
N GLU J 565 -39.32 -13.81 -31.95
CA GLU J 565 -37.99 -14.22 -32.37
C GLU J 565 -37.85 -14.12 -33.90
N CYS J 566 -37.97 -12.88 -34.38
CA CYS J 566 -37.97 -12.65 -35.83
C CYS J 566 -36.58 -12.81 -36.44
N GLY J 567 -35.53 -12.44 -35.71
CA GLY J 567 -34.21 -12.49 -36.27
C GLY J 567 -33.68 -13.90 -36.38
N CYS J 568 -32.71 -14.07 -37.28
CA CYS J 568 -32.12 -15.38 -37.49
C CYS J 568 -31.30 -15.81 -36.28
N MET J 569 -31.45 -17.07 -35.88
CA MET J 569 -30.71 -17.58 -34.75
C MET J 569 -29.23 -17.80 -35.07
N ASP J 570 -28.88 -17.90 -36.34
CA ASP J 570 -27.51 -18.12 -36.78
C ASP J 570 -26.82 -16.82 -37.22
N TYR J 571 -27.31 -15.68 -36.75
CA TYR J 571 -26.79 -14.40 -37.23
C TYR J 571 -25.31 -14.25 -36.89
N PHE J 572 -24.91 -14.62 -35.68
CA PHE J 572 -23.54 -14.40 -35.25
C PHE J 572 -22.57 -15.44 -35.77
N GLU J 573 -23.06 -16.49 -36.43
CA GLU J 573 -22.20 -17.52 -37.00
C GLU J 573 -22.53 -17.83 -38.45
N CYS J 574 -23.38 -17.04 -39.11
CA CYS J 574 -23.67 -17.23 -40.51
C CYS J 574 -22.51 -16.70 -41.35
N GLN J 575 -22.05 -17.52 -42.30
CA GLN J 575 -20.98 -17.12 -43.19
C GLN J 575 -21.50 -16.47 -44.46
N LEU J 576 -22.72 -16.80 -44.88
CA LEU J 576 -23.32 -16.13 -46.02
C LEU J 576 -23.51 -14.65 -45.76
N TYR J 577 -23.94 -14.29 -44.55
CA TYR J 577 -24.07 -12.88 -44.18
C TYR J 577 -22.71 -12.19 -44.21
N LYS J 578 -21.68 -12.84 -43.69
CA LYS J 578 -20.35 -12.26 -43.71
C LYS J 578 -19.87 -12.02 -45.14
N TYR J 579 -20.12 -12.98 -46.03
CA TYR J 579 -19.64 -12.86 -47.40
C TYR J 579 -20.41 -11.81 -48.18
N VAL J 580 -21.73 -11.72 -47.98
CA VAL J 580 -22.49 -10.68 -48.66
C VAL J 580 -22.17 -9.31 -48.08
N ASN J 581 -21.65 -9.24 -46.84
CA ASN J 581 -21.12 -7.98 -46.35
C ASN J 581 -19.76 -7.66 -46.94
N GLN J 582 -18.94 -8.69 -47.21
CA GLN J 582 -17.60 -8.46 -47.75
C GLN J 582 -17.62 -8.04 -49.21
N TYR J 583 -18.72 -8.25 -49.92
CA TYR J 583 -18.81 -7.95 -51.35
C TYR J 583 -20.02 -7.07 -51.61
N ASP J 584 -19.86 -6.12 -52.54
CA ASP J 584 -20.92 -5.17 -52.86
C ASP J 584 -21.97 -5.88 -53.71
N VAL J 585 -22.83 -6.63 -53.03
CA VAL J 585 -23.86 -7.43 -53.69
C VAL J 585 -25.10 -6.58 -53.88
N ASP J 586 -25.66 -6.62 -55.08
CA ASP J 586 -26.91 -5.94 -55.40
C ASP J 586 -27.98 -6.99 -55.64
N PRO J 587 -28.72 -7.42 -54.61
CA PRO J 587 -29.65 -8.54 -54.78
C PRO J 587 -30.91 -8.19 -55.55
N GLN J 588 -31.30 -6.92 -55.62
CA GLN J 588 -32.56 -6.55 -56.26
C GLN J 588 -32.54 -6.83 -57.75
N ARG J 589 -31.39 -6.68 -58.40
CA ARG J 589 -31.31 -6.86 -59.85
C ARG J 589 -31.64 -8.29 -60.26
N LEU J 590 -31.42 -9.26 -59.38
CA LEU J 590 -31.64 -10.66 -59.69
C LEU J 590 -32.84 -11.25 -58.95
N SER J 591 -33.53 -10.46 -58.13
CA SER J 591 -34.64 -10.98 -57.36
C SER J 591 -35.77 -11.45 -58.27
N GLY J 592 -36.38 -12.58 -57.89
CA GLY J 592 -37.45 -13.15 -58.68
C GLY J 592 -38.28 -14.12 -57.87
N TYR J 593 -38.64 -15.25 -58.47
CA TYR J 593 -39.40 -16.27 -57.74
C TYR J 593 -38.56 -16.83 -56.59
N LYS J 594 -39.19 -16.95 -55.43
CA LYS J 594 -38.52 -17.44 -54.23
C LYS J 594 -39.42 -18.45 -53.54
N HIS J 595 -38.87 -19.61 -53.21
CA HIS J 595 -39.66 -20.67 -52.59
C HIS J 595 -40.05 -20.29 -51.17
N LYS J 596 -41.20 -20.78 -50.73
CA LYS J 596 -41.68 -20.66 -49.36
C LYS J 596 -42.14 -22.07 -48.95
N ARG J 597 -41.21 -22.85 -48.38
CA ARG J 597 -41.45 -24.25 -48.10
C ARG J 597 -41.22 -24.62 -46.64
N TYR J 598 -40.98 -23.65 -45.77
CA TYR J 598 -40.72 -23.94 -44.37
C TYR J 598 -42.03 -24.33 -43.69
N GLU J 599 -42.05 -25.52 -43.09
CA GLU J 599 -43.18 -25.99 -42.29
C GLU J 599 -42.65 -26.39 -40.92
N PRO J 600 -43.30 -25.97 -39.83
CA PRO J 600 -42.76 -26.23 -38.50
C PRO J 600 -42.70 -27.72 -38.19
N GLN J 601 -41.70 -28.10 -37.39
CA GLN J 601 -41.46 -29.48 -37.02
C GLN J 601 -41.55 -29.65 -35.51
N LYS J 602 -41.72 -30.90 -35.09
CA LYS J 602 -41.85 -31.24 -33.67
C LYS J 602 -40.58 -31.82 -33.08
N HIS J 603 -39.49 -31.88 -33.84
CA HIS J 603 -38.25 -32.42 -33.32
C HIS J 603 -37.74 -31.53 -32.19
N PRO J 604 -37.41 -32.10 -31.02
CA PRO J 604 -37.01 -31.26 -29.87
C PRO J 604 -35.61 -30.71 -29.95
N PHE J 605 -34.78 -31.15 -30.89
CA PHE J 605 -33.38 -30.78 -30.92
C PHE J 605 -32.97 -30.05 -32.19
N ILE J 606 -33.36 -30.53 -33.36
CA ILE J 606 -32.90 -30.00 -34.64
C ILE J 606 -34.07 -29.38 -35.38
N GLU J 607 -33.90 -28.14 -35.83
CA GLU J 607 -34.89 -27.44 -36.63
C GLU J 607 -34.32 -27.16 -38.02
N ARG J 608 -35.07 -27.55 -39.04
CA ARG J 608 -34.66 -27.39 -40.43
C ARG J 608 -35.55 -26.38 -41.13
N ASN J 609 -34.94 -25.50 -41.92
CA ASN J 609 -35.65 -24.43 -42.60
C ASN J 609 -35.24 -24.42 -44.06
N PRO J 610 -36.07 -24.93 -44.97
CA PRO J 610 -35.69 -24.98 -46.39
C PRO J 610 -35.47 -23.63 -47.03
N ASP J 611 -36.01 -22.55 -46.44
CA ASP J 611 -35.94 -21.24 -47.07
C ASP J 611 -34.56 -20.60 -46.96
N LYS J 612 -33.71 -21.08 -46.07
CA LYS J 612 -32.36 -20.55 -45.90
C LYS J 612 -31.29 -21.56 -46.33
N CYS J 613 -31.67 -22.54 -47.13
CA CYS J 613 -30.74 -23.56 -47.60
C CYS J 613 -30.07 -23.08 -48.88
N ILE J 614 -28.77 -23.06 -48.87
CA ILE J 614 -28.00 -22.73 -50.06
C ILE J 614 -27.59 -23.99 -50.82
N LEU J 615 -28.12 -25.09 -50.42
CA LEU J 615 -27.93 -26.38 -51.12
C LEU J 615 -26.47 -26.71 -51.32
N CYS J 616 -25.66 -26.48 -50.29
CA CYS J 616 -24.26 -26.87 -50.33
C CYS J 616 -24.07 -28.38 -50.15
N GLY J 617 -25.09 -29.08 -49.66
CA GLY J 617 -25.02 -30.52 -49.48
C GLY J 617 -24.22 -30.97 -48.30
N LEU J 618 -23.75 -30.05 -47.45
CA LEU J 618 -22.87 -30.41 -46.35
C LEU J 618 -23.55 -31.34 -45.37
N CYS J 619 -24.83 -31.09 -45.05
CA CYS J 619 -25.54 -31.94 -44.12
C CYS J 619 -25.66 -33.37 -44.65
N ILE J 620 -26.01 -33.52 -45.93
CA ILE J 620 -26.12 -34.84 -46.54
C ILE J 620 -24.76 -35.53 -46.54
N ARG J 621 -23.73 -34.81 -46.94
CA ARG J 621 -22.39 -35.39 -47.04
C ARG J 621 -21.85 -35.79 -45.68
N VAL J 622 -22.22 -35.07 -44.63
CA VAL J 622 -21.70 -35.41 -43.31
C VAL J 622 -22.55 -36.50 -42.65
N CYS J 623 -23.84 -36.59 -42.99
CA CYS J 623 -24.64 -37.69 -42.47
C CYS J 623 -24.33 -38.99 -43.19
N GLU J 624 -23.80 -38.92 -44.41
CA GLU J 624 -23.51 -40.10 -45.21
C GLU J 624 -22.05 -40.53 -45.12
N GLU J 625 -21.11 -39.58 -45.08
CA GLU J 625 -19.69 -39.90 -45.14
C GLU J 625 -19.05 -40.05 -43.76
N VAL J 626 -19.49 -39.26 -42.79
CA VAL J 626 -18.86 -39.27 -41.47
C VAL J 626 -19.71 -40.10 -40.51
N VAL J 627 -20.97 -39.69 -40.32
CA VAL J 627 -21.83 -40.39 -39.37
C VAL J 627 -22.14 -41.80 -39.88
N GLY J 628 -22.47 -41.93 -41.16
CA GLY J 628 -22.84 -43.20 -41.73
C GLY J 628 -24.27 -43.60 -41.56
N VAL J 629 -25.13 -42.69 -41.09
CA VAL J 629 -26.55 -43.01 -40.93
C VAL J 629 -27.30 -42.82 -42.25
N CYS J 630 -26.92 -41.81 -43.03
CA CYS J 630 -27.53 -41.52 -44.32
C CYS J 630 -29.03 -41.25 -44.17
N ALA J 631 -29.38 -40.36 -43.25
CA ALA J 631 -30.78 -40.04 -42.99
C ALA J 631 -31.30 -38.87 -43.80
N LEU J 632 -30.43 -38.14 -44.49
CA LEU J 632 -30.82 -37.00 -45.31
C LEU J 632 -30.52 -37.30 -46.77
N GLY J 633 -31.18 -36.57 -47.66
CA GLY J 633 -30.93 -36.72 -49.07
C GLY J 633 -31.57 -35.62 -49.87
N PHE J 634 -31.09 -35.49 -51.11
CA PHE J 634 -31.68 -34.54 -52.04
C PHE J 634 -33.01 -35.05 -52.55
N VAL J 635 -33.92 -34.12 -52.80
CA VAL J 635 -35.26 -34.42 -53.31
C VAL J 635 -35.56 -33.44 -54.42
N ASN J 636 -36.26 -33.91 -55.45
CA ASN J 636 -36.55 -33.16 -56.67
C ASN J 636 -35.27 -32.89 -57.43
N ARG J 637 -35.34 -32.03 -58.44
CA ARG J 637 -34.19 -31.78 -59.31
C ARG J 637 -34.32 -30.39 -59.92
N GLY J 638 -33.22 -29.65 -59.92
CA GLY J 638 -33.21 -28.33 -60.51
C GLY J 638 -33.47 -27.23 -59.51
N PHE J 639 -34.28 -26.25 -59.90
CA PHE J 639 -34.64 -25.17 -58.99
C PHE J 639 -35.48 -25.65 -57.81
N GLU J 640 -36.10 -26.83 -57.92
CA GLU J 640 -36.97 -27.36 -56.90
C GLU J 640 -36.27 -28.29 -55.92
N THR J 641 -34.95 -28.41 -56.03
CA THR J 641 -34.21 -29.32 -55.14
C THR J 641 -34.37 -28.89 -53.69
N ILE J 642 -34.50 -29.87 -52.81
CA ILE J 642 -34.67 -29.61 -51.38
C ILE J 642 -34.01 -30.74 -50.60
N VAL J 643 -33.37 -30.40 -49.49
CA VAL J 643 -32.79 -31.42 -48.63
C VAL J 643 -33.88 -31.93 -47.68
N LYS J 644 -34.15 -33.23 -47.73
CA LYS J 644 -35.21 -33.80 -46.92
C LYS J 644 -34.74 -35.09 -46.26
N PRO J 645 -35.33 -35.44 -45.14
CA PRO J 645 -35.01 -36.74 -44.51
C PRO J 645 -35.53 -37.91 -45.32
N GLU J 646 -35.38 -39.12 -44.80
CA GLU J 646 -35.82 -40.32 -45.51
C GLU J 646 -37.31 -40.24 -45.82
N PHE J 647 -37.63 -40.27 -47.12
CA PHE J 647 -39.01 -40.23 -47.62
C PHE J 647 -39.74 -38.98 -47.16
N GLY J 648 -39.01 -37.89 -46.91
CA GLY J 648 -39.63 -36.68 -46.43
C GLY J 648 -40.25 -36.78 -45.05
N LEU J 649 -39.96 -37.86 -44.31
CA LEU J 649 -40.51 -38.06 -42.99
C LEU J 649 -39.90 -37.10 -42.00
N PRO J 650 -40.55 -36.89 -40.86
CA PRO J 650 -39.92 -36.12 -39.78
C PRO J 650 -38.64 -36.80 -39.32
N LEU J 651 -37.70 -35.98 -38.83
CA LEU J 651 -36.39 -36.49 -38.47
C LEU J 651 -36.47 -37.61 -37.43
N GLU J 652 -37.50 -37.58 -36.58
CA GLU J 652 -37.63 -38.63 -35.56
C GLU J 652 -38.11 -39.94 -36.17
N GLU J 653 -38.87 -39.89 -37.26
CA GLU J 653 -39.37 -41.11 -37.90
C GLU J 653 -38.34 -41.79 -38.78
N THR J 654 -37.21 -41.14 -39.03
CA THR J 654 -36.15 -41.71 -39.86
C THR J 654 -35.16 -42.46 -38.97
N SER J 655 -34.02 -42.84 -39.54
CA SER J 655 -32.95 -43.49 -38.80
C SER J 655 -31.99 -42.50 -38.17
N CYS J 656 -32.32 -41.20 -38.21
CA CYS J 656 -31.45 -40.18 -37.62
C CYS J 656 -31.23 -40.46 -36.14
N ILE J 657 -29.97 -40.33 -35.72
CA ILE J 657 -29.58 -40.63 -34.35
C ILE J 657 -29.39 -39.38 -33.51
N SER J 658 -29.84 -38.23 -34.01
CA SER J 658 -29.81 -36.96 -33.27
C SER J 658 -28.41 -36.57 -32.83
N CYS J 659 -27.41 -36.91 -33.66
CA CYS J 659 -26.04 -36.48 -33.35
C CYS J 659 -25.87 -34.98 -33.47
N GLY J 660 -26.57 -34.36 -34.42
CA GLY J 660 -26.47 -32.93 -34.62
C GLY J 660 -25.36 -32.47 -35.53
N GLN J 661 -24.71 -33.39 -36.26
CA GLN J 661 -23.62 -33.00 -37.15
C GLN J 661 -24.14 -32.12 -38.29
N CYS J 662 -25.35 -32.39 -38.76
CA CYS J 662 -25.92 -31.58 -39.83
C CYS J 662 -26.14 -30.14 -39.37
N ALA J 663 -26.56 -29.95 -38.12
CA ALA J 663 -26.72 -28.60 -37.58
C ALA J 663 -25.37 -27.93 -37.37
N ASP J 664 -24.35 -28.71 -36.98
CA ASP J 664 -23.04 -28.13 -36.73
C ASP J 664 -22.31 -27.77 -38.00
N ILE J 665 -22.64 -28.43 -39.12
CA ILE J 665 -21.95 -28.19 -40.37
C ILE J 665 -22.69 -27.21 -41.28
N CYS J 666 -23.94 -26.90 -41.00
CA CYS J 666 -24.70 -26.00 -41.87
C CYS J 666 -24.14 -24.59 -41.78
N PRO J 667 -23.92 -23.91 -42.90
CA PRO J 667 -23.35 -22.57 -42.85
C PRO J 667 -24.38 -21.45 -42.70
N THR J 668 -25.61 -21.67 -43.17
CA THR J 668 -26.57 -20.59 -43.32
C THR J 668 -27.86 -20.86 -42.55
N GLY J 669 -27.73 -21.32 -41.31
CA GLY J 669 -28.86 -21.38 -40.39
C GLY J 669 -30.11 -22.10 -40.87
N ALA J 670 -30.03 -22.84 -41.97
CA ALA J 670 -31.16 -23.64 -42.42
C ALA J 670 -31.41 -24.80 -41.47
N CYS J 671 -30.34 -25.49 -41.08
CA CYS J 671 -30.38 -26.52 -40.06
C CYS J 671 -29.71 -25.96 -38.81
N ILE J 672 -30.43 -25.94 -37.69
CA ILE J 672 -29.89 -25.44 -36.44
C ILE J 672 -30.25 -26.42 -35.32
N GLY J 673 -29.47 -26.37 -34.25
CA GLY J 673 -29.72 -27.14 -33.06
C GLY J 673 -30.31 -26.24 -31.99
N LYS J 674 -31.50 -26.60 -31.51
CA LYS J 674 -32.21 -25.74 -30.57
C LYS J 674 -31.44 -25.59 -29.27
N GLN J 675 -31.38 -24.36 -28.78
CA GLN J 675 -30.66 -24.08 -27.55
C GLN J 675 -31.40 -24.67 -26.36
N PRO J 676 -30.67 -25.12 -25.34
CA PRO J 676 -31.28 -25.71 -24.13
C PRO J 676 -31.72 -24.66 -23.11
N VAL J 677 -32.47 -23.67 -23.58
CA VAL J 677 -32.87 -22.54 -22.75
C VAL J 677 -34.38 -22.35 -22.88
N ALA J 678 -34.93 -21.51 -22.01
CA ALA J 678 -36.38 -21.29 -21.99
C ALA J 678 -36.85 -20.61 -23.27
N LYS J 679 -36.15 -19.56 -23.70
CA LYS J 679 -36.51 -18.81 -24.89
C LYS J 679 -35.31 -18.74 -25.82
N GLN J 680 -35.52 -19.04 -27.09
CA GLN J 680 -34.45 -18.97 -28.07
C GLN J 680 -34.07 -17.52 -28.35
N VAL J 681 -32.78 -17.23 -28.28
CA VAL J 681 -32.30 -15.87 -28.53
C VAL J 681 -30.92 -15.94 -29.18
N PRO J 682 -30.69 -15.23 -30.28
CA PRO J 682 -29.37 -15.23 -30.92
C PRO J 682 -28.41 -14.32 -30.15
N VAL J 683 -27.44 -14.94 -29.47
CA VAL J 683 -26.52 -14.21 -28.62
C VAL J 683 -25.09 -14.58 -29.01
N ASN J 684 -24.16 -13.67 -28.72
CA ASN J 684 -22.74 -13.92 -28.90
C ASN J 684 -22.23 -14.61 -27.65
N THR J 685 -22.00 -15.91 -27.75
CA THR J 685 -21.62 -16.71 -26.61
C THR J 685 -20.10 -16.83 -26.49
N VAL J 686 -19.65 -17.37 -25.37
CA VAL J 686 -18.25 -17.64 -25.13
C VAL J 686 -18.07 -19.15 -25.00
N ALA J 687 -17.07 -19.70 -25.69
CA ALA J 687 -16.88 -21.13 -25.80
C ALA J 687 -15.73 -21.58 -24.91
N THR J 688 -15.97 -22.63 -24.12
CA THR J 688 -14.96 -23.23 -23.28
C THR J 688 -14.88 -24.72 -23.60
N LYS J 689 -13.66 -25.24 -23.73
CA LYS J 689 -13.45 -26.63 -24.09
C LYS J 689 -13.49 -27.52 -22.84
N THR J 690 -14.31 -28.57 -22.91
CA THR J 690 -14.42 -29.54 -21.83
C THR J 690 -14.63 -30.92 -22.44
N VAL J 691 -14.89 -31.91 -21.58
CA VAL J 691 -14.97 -33.30 -21.99
C VAL J 691 -16.34 -33.84 -21.62
N CYS J 692 -16.98 -34.51 -22.57
CA CYS J 692 -18.26 -35.18 -22.31
C CYS J 692 -18.05 -36.36 -21.36
N THR J 693 -19.04 -36.59 -20.50
CA THR J 693 -18.94 -37.60 -19.45
C THR J 693 -20.04 -38.66 -19.54
N PHE J 694 -20.68 -38.81 -20.69
CA PHE J 694 -21.81 -39.71 -20.80
C PHE J 694 -21.44 -41.09 -21.31
N CYS J 695 -20.23 -41.28 -21.84
CA CYS J 695 -19.67 -42.61 -22.02
C CYS J 695 -18.16 -42.48 -22.13
N GLY J 696 -17.48 -43.62 -22.28
CA GLY J 696 -16.04 -43.66 -22.18
C GLY J 696 -15.26 -43.20 -23.39
N MET J 697 -15.93 -42.83 -24.49
CA MET J 697 -15.20 -42.33 -25.64
C MET J 697 -14.57 -40.97 -25.36
N GLY J 698 -15.10 -40.21 -24.40
CA GLY J 698 -14.48 -38.98 -23.97
C GLY J 698 -14.31 -37.93 -25.05
N CYS J 699 -15.36 -37.69 -25.82
CA CYS J 699 -15.29 -36.68 -26.88
C CYS J 699 -15.18 -35.29 -26.27
N GLU J 700 -14.23 -34.51 -26.75
CA GLU J 700 -14.10 -33.12 -26.31
C GLU J 700 -15.11 -32.25 -27.05
N MET J 701 -15.50 -31.15 -26.41
CA MET J 701 -16.53 -30.29 -26.96
C MET J 701 -16.30 -28.87 -26.49
N LEU J 702 -16.89 -27.92 -27.20
CA LEU J 702 -16.86 -26.51 -26.84
C LEU J 702 -18.26 -26.13 -26.38
N VAL J 703 -18.40 -25.86 -25.09
CA VAL J 703 -19.67 -25.40 -24.53
C VAL J 703 -19.72 -23.89 -24.66
N GLU J 704 -20.74 -23.38 -25.34
CA GLU J 704 -20.91 -21.96 -25.58
C GLU J 704 -22.00 -21.43 -24.65
N THR J 705 -21.62 -20.53 -23.75
CA THR J 705 -22.50 -20.01 -22.71
C THR J 705 -22.60 -18.50 -22.81
N LYS J 706 -23.65 -17.95 -22.20
CA LYS J 706 -23.85 -16.51 -22.07
C LYS J 706 -24.50 -16.28 -20.70
N GLY J 707 -23.68 -15.97 -19.71
CA GLY J 707 -24.15 -15.82 -18.34
C GLY J 707 -23.90 -17.10 -17.55
N ASN J 708 -24.93 -17.55 -16.82
CA ASN J 708 -24.88 -18.82 -16.13
C ASN J 708 -25.67 -19.91 -16.85
N LEU J 709 -26.13 -19.64 -18.07
CA LEU J 709 -26.86 -20.61 -18.88
C LEU J 709 -26.01 -21.09 -20.03
N ILE J 710 -26.10 -22.38 -20.34
CA ILE J 710 -25.46 -22.94 -21.51
C ILE J 710 -26.37 -22.74 -22.71
N PHE J 711 -25.82 -22.19 -23.79
CA PHE J 711 -26.61 -21.88 -24.97
C PHE J 711 -26.37 -22.82 -26.14
N ASP J 712 -25.18 -23.40 -26.28
CA ASP J 712 -24.94 -24.37 -27.34
C ASP J 712 -23.74 -25.24 -26.99
N VAL J 713 -23.57 -26.30 -27.78
CA VAL J 713 -22.42 -27.19 -27.68
C VAL J 713 -21.95 -27.50 -29.09
N SER J 714 -20.64 -27.38 -29.33
CA SER J 714 -20.10 -27.64 -30.65
C SER J 714 -19.01 -28.70 -30.56
N PRO J 715 -18.89 -29.55 -31.59
CA PRO J 715 -17.81 -30.54 -31.59
C PRO J 715 -16.46 -29.89 -31.85
N VAL J 716 -15.42 -30.55 -31.37
CA VAL J 716 -14.04 -30.12 -31.57
C VAL J 716 -13.48 -30.90 -32.76
N GLN J 717 -12.85 -30.19 -33.69
CA GLN J 717 -12.35 -30.80 -34.93
C GLN J 717 -11.06 -31.58 -34.66
N SER J 718 -11.17 -32.56 -33.78
CA SER J 718 -10.02 -33.41 -33.44
C SER J 718 -9.88 -34.55 -34.44
N ASN J 719 -10.89 -35.42 -34.52
CA ASN J 719 -10.88 -36.54 -35.46
C ASN J 719 -12.34 -36.89 -35.74
N GLU J 720 -12.78 -36.61 -36.97
CA GLU J 720 -14.16 -36.75 -37.42
C GLU J 720 -15.07 -35.71 -36.77
N GLY J 721 -14.53 -34.93 -35.83
CA GLY J 721 -15.23 -33.85 -35.16
C GLY J 721 -16.68 -34.15 -34.84
N MET J 722 -16.94 -35.28 -34.19
CA MET J 722 -18.29 -35.79 -34.02
C MET J 722 -18.66 -35.87 -32.55
N LEU J 723 -19.94 -35.62 -32.27
CA LEU J 723 -20.55 -35.82 -30.98
C LEU J 723 -21.82 -36.64 -31.16
N CYS J 724 -22.14 -37.46 -30.17
CA CYS J 724 -23.35 -38.25 -30.24
C CYS J 724 -24.52 -37.44 -29.68
N ALA J 725 -25.68 -38.07 -29.56
CA ALA J 725 -26.85 -37.35 -29.05
C ALA J 725 -26.62 -36.86 -27.63
N PHE J 726 -26.00 -37.68 -26.80
CA PHE J 726 -25.80 -37.32 -25.40
C PHE J 726 -24.91 -36.09 -25.27
N GLY J 727 -23.67 -36.18 -25.74
CA GLY J 727 -22.76 -35.07 -25.59
C GLY J 727 -23.26 -33.78 -26.21
N ARG J 728 -23.94 -33.89 -27.36
CA ARG J 728 -24.38 -32.70 -28.07
C ARG J 728 -25.61 -32.06 -27.43
N PHE J 729 -26.56 -32.87 -26.94
CA PHE J 729 -27.87 -32.34 -26.57
C PHE J 729 -28.26 -32.53 -25.11
N GLY J 730 -27.71 -33.51 -24.41
CA GLY J 730 -28.05 -33.75 -23.02
C GLY J 730 -27.35 -32.87 -22.03
N ILE J 731 -26.64 -31.85 -22.50
CA ILE J 731 -26.05 -30.82 -21.65
C ILE J 731 -27.15 -29.90 -21.18
N LYS J 732 -28.39 -30.17 -21.61
CA LYS J 732 -29.53 -29.36 -21.23
C LYS J 732 -29.83 -29.44 -19.73
N TYR J 733 -29.35 -30.47 -19.06
CA TYR J 733 -29.62 -30.62 -17.63
C TYR J 733 -28.88 -29.59 -16.78
N VAL J 734 -27.87 -28.92 -17.34
CA VAL J 734 -27.16 -27.89 -16.59
C VAL J 734 -28.09 -26.71 -16.30
N ASN J 735 -28.87 -26.29 -17.30
CA ASN J 735 -29.81 -25.19 -17.13
C ASN J 735 -31.12 -25.62 -16.48
N ASP J 736 -31.30 -26.91 -16.22
CA ASP J 736 -32.57 -27.41 -15.71
C ASP J 736 -32.92 -26.76 -14.38
N LYS J 737 -34.16 -26.29 -14.27
CA LYS J 737 -34.61 -25.62 -13.06
C LYS J 737 -35.07 -26.58 -11.97
N ASP J 738 -35.11 -27.87 -12.26
CA ASP J 738 -35.44 -28.88 -11.26
C ASP J 738 -34.23 -29.32 -10.45
N ARG J 739 -33.06 -28.77 -10.73
CA ARG J 739 -31.87 -29.09 -9.94
C ARG J 739 -32.03 -28.57 -8.51
N ILE J 740 -31.64 -29.38 -7.55
CA ILE J 740 -31.64 -28.96 -6.15
C ILE J 740 -30.34 -28.21 -5.88
N LEU J 741 -30.45 -27.07 -5.21
CA LEU J 741 -29.30 -26.25 -4.90
C LEU J 741 -29.01 -26.15 -3.41
N ALA J 742 -29.92 -26.61 -2.56
CA ALA J 742 -29.73 -26.60 -1.11
C ALA J 742 -30.03 -27.99 -0.56
N PRO J 743 -29.36 -28.37 0.52
CA PRO J 743 -29.57 -29.72 1.07
C PRO J 743 -30.93 -29.86 1.72
N LEU J 744 -31.36 -31.11 1.88
CA LEU J 744 -32.63 -31.45 2.50
C LEU J 744 -32.37 -32.43 3.63
N ILE J 745 -33.00 -32.19 4.78
CA ILE J 745 -32.91 -33.10 5.91
C ILE J 745 -34.33 -33.39 6.40
N LYS J 746 -34.48 -34.51 7.09
CA LYS J 746 -35.78 -35.01 7.50
C LYS J 746 -36.19 -34.35 8.82
N VAL J 747 -37.13 -33.41 8.75
CA VAL J 747 -37.74 -32.81 9.92
C VAL J 747 -39.21 -33.23 9.95
N ASN J 748 -39.63 -33.77 11.08
CA ASN J 748 -41.01 -34.24 11.28
C ASN J 748 -41.42 -35.24 10.22
N GLY J 749 -40.47 -36.03 9.72
CA GLY J 749 -40.75 -37.03 8.71
C GLY J 749 -40.83 -36.52 7.30
N GLU J 750 -40.48 -35.26 7.05
CA GLU J 750 -40.53 -34.69 5.71
C GLU J 750 -39.22 -33.99 5.40
N LEU J 751 -38.77 -34.10 4.16
CA LEU J 751 -37.54 -33.44 3.75
C LEU J 751 -37.76 -31.94 3.62
N SER J 752 -36.90 -31.16 4.26
CA SER J 752 -36.97 -29.71 4.19
C SER J 752 -35.56 -29.14 4.07
N LYS J 753 -35.49 -27.95 3.48
CA LYS J 753 -34.20 -27.32 3.20
C LYS J 753 -33.46 -26.97 4.48
N THR J 754 -32.13 -26.98 4.39
CA THR J 754 -31.27 -26.63 5.51
C THR J 754 -30.00 -26.02 4.96
N THR J 755 -29.02 -25.82 5.84
CA THR J 755 -27.72 -25.33 5.43
C THR J 755 -26.77 -26.49 5.18
N PHE J 756 -25.68 -26.20 4.47
CA PHE J 756 -24.72 -27.25 4.13
C PHE J 756 -24.03 -27.79 5.38
N ASP J 757 -23.71 -26.90 6.33
CA ASP J 757 -23.01 -27.34 7.54
C ASP J 757 -23.86 -28.32 8.34
N GLN J 758 -25.13 -27.97 8.58
CA GLN J 758 -26.00 -28.85 9.34
C GLN J 758 -26.23 -30.18 8.63
N ALA J 759 -26.42 -30.13 7.30
CA ALA J 759 -26.65 -31.36 6.55
C ALA J 759 -25.44 -32.27 6.58
N LEU J 760 -24.23 -31.70 6.41
CA LEU J 760 -23.03 -32.53 6.45
C LEU J 760 -22.77 -33.08 7.84
N ILE J 761 -23.08 -32.29 8.88
CA ILE J 761 -22.96 -32.78 10.25
C ILE J 761 -23.91 -33.96 10.45
N GLU J 762 -25.15 -33.83 9.97
CA GLU J 762 -26.11 -34.90 10.10
C GLU J 762 -25.66 -36.15 9.35
N THR J 763 -25.11 -35.98 8.15
CA THR J 763 -24.58 -37.10 7.38
C THR J 763 -23.48 -37.82 8.16
N ALA J 764 -22.52 -37.06 8.68
CA ALA J 764 -21.40 -37.66 9.41
C ALA J 764 -21.88 -38.39 10.65
N LYS J 765 -22.82 -37.79 11.39
CA LYS J 765 -23.31 -38.43 12.61
C LYS J 765 -24.12 -39.68 12.29
N LYS J 766 -24.91 -39.67 11.22
CA LYS J 766 -25.66 -40.86 10.84
C LYS J 766 -24.72 -41.99 10.43
N LEU J 767 -23.71 -41.68 9.63
CA LEU J 767 -22.73 -42.71 9.24
C LEU J 767 -22.00 -43.25 10.45
N GLN J 768 -21.60 -42.37 11.38
CA GLN J 768 -20.89 -42.82 12.56
C GLN J 768 -21.78 -43.67 13.45
N ALA J 769 -23.07 -43.32 13.56
CA ALA J 769 -23.99 -44.13 14.34
C ALA J 769 -24.16 -45.51 13.74
N ILE J 770 -24.28 -45.58 12.42
CA ILE J 770 -24.41 -46.88 11.76
C ILE J 770 -23.16 -47.71 12.00
N ARG J 771 -21.99 -47.10 11.84
CA ARG J 771 -20.74 -47.83 12.04
C ARG J 771 -20.60 -48.30 13.49
N ALA J 772 -20.99 -47.45 14.45
CA ALA J 772 -20.86 -47.81 15.86
C ALA J 772 -21.81 -48.95 16.22
N SER J 773 -23.07 -48.85 15.81
CA SER J 773 -24.05 -49.86 16.23
C SER J 773 -23.83 -51.18 15.49
N TYR J 774 -23.54 -51.14 14.20
CA TYR J 774 -23.51 -52.34 13.38
C TYR J 774 -22.10 -52.77 12.99
N GLY J 775 -21.07 -52.09 13.49
CA GLY J 775 -19.70 -52.53 13.23
C GLY J 775 -19.21 -52.16 11.85
N LYS J 776 -18.02 -52.69 11.53
CA LYS J 776 -17.36 -52.37 10.29
C LYS J 776 -18.05 -53.02 9.10
N ASP J 777 -17.77 -52.48 7.91
CA ASP J 777 -18.29 -53.00 6.64
C ASP J 777 -19.81 -52.98 6.61
N SER J 778 -20.43 -52.03 7.29
CA SER J 778 -21.88 -51.91 7.34
C SER J 778 -22.41 -50.72 6.56
N ILE J 779 -21.53 -49.93 5.94
CA ILE J 779 -21.94 -48.79 5.13
C ILE J 779 -21.46 -49.03 3.70
N ALA J 780 -22.38 -48.93 2.76
CA ALA J 780 -22.08 -49.07 1.35
C ALA J 780 -22.05 -47.69 0.70
N ILE J 781 -21.07 -47.47 -0.16
CA ILE J 781 -20.97 -46.23 -0.92
C ILE J 781 -21.16 -46.60 -2.39
N ILE J 782 -22.28 -46.16 -2.96
CA ILE J 782 -22.62 -46.47 -4.34
C ILE J 782 -22.44 -45.17 -5.11
N ALA J 783 -21.26 -45.01 -5.70
CA ALA J 783 -20.87 -43.78 -6.38
C ALA J 783 -21.08 -43.90 -7.88
N SER J 784 -21.56 -42.82 -8.49
CA SER J 784 -21.70 -42.80 -9.94
C SER J 784 -20.32 -42.80 -10.60
N GLN J 785 -20.30 -43.24 -11.85
CA GLN J 785 -19.06 -43.36 -12.60
C GLN J 785 -18.78 -42.12 -13.44
N ARG J 786 -19.53 -41.04 -13.24
CA ARG J 786 -19.27 -39.78 -13.92
C ARG J 786 -18.46 -38.81 -13.08
N LEU J 787 -18.09 -39.20 -11.86
CA LEU J 787 -17.28 -38.33 -11.02
C LEU J 787 -15.82 -38.33 -11.51
N THR J 788 -15.10 -37.27 -11.16
CA THR J 788 -13.71 -37.16 -11.52
C THR J 788 -12.87 -38.18 -10.73
N ASN J 789 -11.61 -38.30 -11.13
CA ASN J 789 -10.71 -39.22 -10.43
C ASN J 789 -10.49 -38.78 -8.99
N GLU J 790 -10.36 -37.48 -8.77
CA GLU J 790 -10.13 -36.98 -7.42
C GLU J 790 -11.32 -37.27 -6.51
N GLU J 791 -12.55 -37.10 -7.01
CA GLU J 791 -13.72 -37.38 -6.20
C GLU J 791 -13.82 -38.86 -5.86
N ALA J 792 -13.53 -39.73 -6.83
CA ALA J 792 -13.52 -41.18 -6.55
C ALA J 792 -12.47 -41.54 -5.52
N LEU J 793 -11.27 -40.96 -5.64
CA LEU J 793 -10.22 -41.22 -4.66
C LEU J 793 -10.61 -40.72 -3.28
N LEU J 794 -11.26 -39.56 -3.20
CA LEU J 794 -11.73 -39.04 -1.93
C LEU J 794 -12.81 -39.93 -1.33
N LEU J 795 -13.69 -40.47 -2.17
CA LEU J 795 -14.69 -41.41 -1.67
C LEU J 795 -14.05 -42.68 -1.14
N THR J 796 -13.00 -43.16 -1.79
CA THR J 796 -12.26 -44.31 -1.27
C THR J 796 -11.61 -43.98 0.08
N LYS J 797 -11.03 -42.79 0.19
CA LYS J 797 -10.43 -42.37 1.46
C LYS J 797 -11.48 -42.31 2.56
N LEU J 798 -12.66 -41.74 2.26
CA LEU J 798 -13.73 -41.66 3.23
C LEU J 798 -14.23 -43.04 3.63
N ALA J 799 -14.32 -43.96 2.67
CA ALA J 799 -14.71 -45.33 2.98
C ALA J 799 -13.69 -45.98 3.92
N GLN J 800 -12.40 -45.70 3.72
CA GLN J 800 -11.40 -46.16 4.66
C GLN J 800 -11.62 -45.52 6.03
N LYS J 801 -11.99 -44.24 6.05
CA LYS J 801 -12.26 -43.56 7.32
C LYS J 801 -13.47 -44.16 8.04
N LEU J 802 -14.43 -44.69 7.29
CA LEU J 802 -15.61 -45.33 7.87
C LEU J 802 -15.43 -46.82 8.10
N ASP J 803 -14.23 -47.34 7.86
CA ASP J 803 -13.91 -48.75 8.07
C ASP J 803 -14.85 -49.65 7.28
N THR J 804 -15.17 -49.25 6.04
CA THR J 804 -16.01 -50.03 5.15
C THR J 804 -15.26 -50.30 3.85
N THR J 805 -15.24 -51.55 3.43
CA THR J 805 -14.68 -51.94 2.16
C THR J 805 -15.73 -52.01 1.05
N VAL J 806 -16.98 -51.70 1.36
CA VAL J 806 -18.05 -51.74 0.35
C VAL J 806 -18.00 -50.40 -0.37
N ILE J 807 -17.15 -50.35 -1.39
CA ILE J 807 -16.99 -49.18 -2.24
C ILE J 807 -17.23 -49.64 -3.68
N GLY J 808 -18.39 -49.30 -4.22
CA GLY J 808 -18.75 -49.80 -5.53
C GLY J 808 -19.73 -48.93 -6.28
N SER J 809 -20.33 -49.47 -7.33
CA SER J 809 -21.30 -48.75 -8.13
C SER J 809 -22.33 -49.72 -8.68
N PHE J 810 -23.55 -49.24 -8.84
CA PHE J 810 -24.61 -50.07 -9.42
C PHE J 810 -24.45 -50.23 -10.92
N ASP J 811 -23.63 -49.39 -11.55
CA ASP J 811 -23.36 -49.48 -12.98
C ASP J 811 -22.19 -50.39 -13.30
N LEU J 812 -21.59 -51.02 -12.30
CA LEU J 812 -20.35 -51.76 -12.47
C LEU J 812 -20.66 -53.24 -12.73
N ARG J 813 -20.05 -53.79 -13.76
CA ARG J 813 -20.21 -55.19 -14.13
C ARG J 813 -19.06 -56.01 -13.59
N GLU J 814 -19.30 -57.32 -13.46
CA GLU J 814 -18.27 -58.22 -12.97
C GLU J 814 -17.07 -58.21 -13.91
N SER J 815 -15.88 -58.09 -13.33
CA SER J 815 -14.65 -57.95 -14.10
C SER J 815 -14.06 -59.30 -14.45
N VAL J 816 -13.52 -59.42 -15.65
CA VAL J 816 -12.91 -60.66 -16.11
C VAL J 816 -11.48 -60.40 -16.58
N LEU J 817 -11.20 -59.16 -16.99
CA LEU J 817 -9.91 -58.87 -17.61
C LEU J 817 -8.77 -58.80 -16.61
N ASP J 818 -9.05 -58.43 -15.36
CA ASP J 818 -7.98 -58.35 -14.38
C ASP J 818 -7.55 -59.72 -13.89
N ARG J 819 -8.40 -60.73 -14.02
CA ARG J 819 -8.01 -62.10 -13.68
C ARG J 819 -7.24 -62.79 -14.80
N ILE J 820 -7.22 -62.20 -15.99
CA ILE J 820 -6.50 -62.75 -17.14
C ILE J 820 -5.19 -62.01 -17.38
N PHE J 821 -5.27 -60.72 -17.66
CA PHE J 821 -4.09 -59.93 -17.97
C PHE J 821 -3.50 -59.24 -16.76
N GLY J 822 -4.30 -58.97 -15.73
CA GLY J 822 -3.79 -58.33 -14.54
C GLY J 822 -4.49 -57.03 -14.22
N LEU J 823 -4.82 -56.27 -15.25
CA LEU J 823 -5.49 -54.99 -15.09
C LEU J 823 -6.80 -54.99 -15.88
N ASN J 824 -7.84 -54.41 -15.28
CA ASN J 824 -9.11 -54.20 -15.98
C ASN J 824 -8.98 -52.89 -16.73
N ALA J 825 -8.47 -52.96 -17.96
CA ALA J 825 -8.26 -51.78 -18.76
C ALA J 825 -8.17 -52.18 -20.23
N SER J 826 -8.30 -51.19 -21.10
CA SER J 826 -8.10 -51.40 -22.52
C SER J 826 -6.60 -51.47 -22.81
N THR J 827 -6.18 -52.50 -23.54
CA THR J 827 -4.76 -52.72 -23.78
C THR J 827 -4.17 -51.62 -24.65
N ASN J 828 -4.92 -51.15 -25.64
CA ASN J 828 -4.40 -50.19 -26.61
C ASN J 828 -5.24 -48.91 -26.59
N SER J 829 -4.96 -48.01 -27.52
CA SER J 829 -5.58 -46.70 -27.58
C SER J 829 -6.44 -46.57 -28.84
N PHE J 830 -7.27 -45.53 -28.84
CA PHE J 830 -8.14 -45.24 -29.98
C PHE J 830 -7.38 -44.84 -31.23
N ASP J 831 -6.10 -44.51 -31.13
CA ASP J 831 -5.33 -44.11 -32.29
C ASP J 831 -4.85 -45.28 -33.13
N GLU J 832 -4.92 -46.51 -32.61
CA GLU J 832 -4.49 -47.69 -33.33
C GLU J 832 -5.63 -48.37 -34.07
N ILE J 833 -6.85 -47.83 -33.99
CA ILE J 833 -7.95 -48.37 -34.78
C ILE J 833 -7.68 -48.20 -36.27
N TYR J 834 -7.17 -47.03 -36.65
CA TYR J 834 -6.92 -46.75 -38.06
C TYR J 834 -5.84 -47.65 -38.63
N SER J 835 -4.80 -47.93 -37.85
CA SER J 835 -3.63 -48.65 -38.34
C SER J 835 -3.70 -50.15 -38.11
N THR J 836 -4.77 -50.66 -37.50
CA THR J 836 -4.85 -52.10 -37.32
C THR J 836 -5.35 -52.76 -38.60
N ASP J 837 -5.06 -54.05 -38.73
CA ASP J 837 -5.43 -54.81 -39.91
C ASP J 837 -6.84 -55.36 -39.84
N LEU J 838 -7.25 -55.86 -38.68
CA LEU J 838 -8.58 -56.42 -38.49
C LEU J 838 -9.20 -55.84 -37.23
N ILE J 839 -10.48 -55.49 -37.32
CA ILE J 839 -11.24 -54.98 -36.20
C ILE J 839 -12.37 -55.95 -35.92
N VAL J 840 -12.49 -56.38 -34.67
CA VAL J 840 -13.56 -57.25 -34.23
C VAL J 840 -14.44 -56.44 -33.29
N ALA J 841 -15.52 -55.87 -33.82
CA ALA J 841 -16.45 -55.07 -33.04
C ALA J 841 -17.50 -55.99 -32.44
N VAL J 842 -17.49 -56.12 -31.12
CA VAL J 842 -18.36 -57.05 -30.40
C VAL J 842 -19.41 -56.24 -29.65
N GLY J 843 -20.67 -56.58 -29.85
CA GLY J 843 -21.76 -55.87 -29.21
C GLY J 843 -22.29 -54.74 -30.06
N LYS J 844 -23.13 -53.92 -29.43
CA LYS J 844 -23.70 -52.74 -30.08
C LYS J 844 -22.72 -51.57 -30.02
N VAL J 845 -21.59 -51.75 -30.70
CA VAL J 845 -20.53 -50.75 -30.65
C VAL J 845 -20.95 -49.48 -31.40
N ALA J 846 -21.52 -49.66 -32.60
CA ALA J 846 -21.93 -48.50 -33.38
C ALA J 846 -23.21 -47.88 -32.84
N GLU J 847 -24.15 -48.70 -32.39
CA GLU J 847 -25.44 -48.19 -31.93
C GLU J 847 -25.29 -47.40 -30.63
N ASN J 848 -24.61 -47.98 -29.65
CA ASN J 848 -24.45 -47.29 -28.37
C ASN J 848 -23.53 -46.09 -28.50
N HIS J 849 -22.46 -46.21 -29.26
CA HIS J 849 -21.46 -45.16 -29.41
C HIS J 849 -21.36 -44.80 -30.89
N ALA J 850 -22.01 -43.70 -31.27
CA ALA J 850 -22.01 -43.29 -32.67
C ALA J 850 -20.63 -42.81 -33.11
N VAL J 851 -19.88 -42.18 -32.21
CA VAL J 851 -18.54 -41.72 -32.55
C VAL J 851 -17.63 -42.92 -32.84
N MET J 852 -17.78 -44.00 -32.07
CA MET J 852 -17.02 -45.20 -32.38
C MET J 852 -17.45 -45.83 -33.68
N GLY J 853 -18.74 -45.74 -34.03
CA GLY J 853 -19.18 -46.19 -35.33
C GLY J 853 -18.54 -45.40 -36.46
N ALA J 854 -18.45 -44.09 -36.31
CA ALA J 854 -17.77 -43.27 -37.30
C ALA J 854 -16.29 -43.60 -37.38
N LYS J 855 -15.66 -43.86 -36.22
CA LYS J 855 -14.26 -44.24 -36.21
C LYS J 855 -14.03 -45.57 -36.93
N LEU J 856 -14.92 -46.54 -36.70
CA LEU J 856 -14.81 -47.81 -37.41
C LEU J 856 -15.03 -47.64 -38.91
N LYS J 857 -15.99 -46.78 -39.28
CA LYS J 857 -16.21 -46.50 -40.71
C LYS J 857 -14.97 -45.91 -41.35
N LYS J 858 -14.35 -44.95 -40.68
CA LYS J 858 -13.13 -44.33 -41.21
C LYS J 858 -11.99 -45.33 -41.28
N ALA J 859 -11.85 -46.18 -40.26
CA ALA J 859 -10.79 -47.17 -40.26
C ALA J 859 -10.96 -48.18 -41.39
N VAL J 860 -12.18 -48.64 -41.63
CA VAL J 860 -12.44 -49.57 -42.72
C VAL J 860 -12.20 -48.89 -44.06
N GLU J 861 -12.57 -47.62 -44.17
CA GLU J 861 -12.26 -46.87 -45.39
C GLU J 861 -10.75 -46.75 -45.60
N LEU J 862 -9.98 -46.67 -44.51
CA LEU J 862 -8.53 -46.54 -44.62
C LEU J 862 -7.86 -47.86 -45.01
N GLY J 863 -8.53 -48.99 -44.84
CA GLY J 863 -7.98 -50.25 -45.26
C GLY J 863 -8.14 -51.40 -44.28
N ALA J 864 -8.76 -51.13 -43.13
CA ALA J 864 -8.95 -52.16 -42.11
C ALA J 864 -10.06 -53.12 -42.53
N LYS J 865 -10.11 -54.25 -41.82
CA LYS J 865 -11.14 -55.26 -42.02
C LYS J 865 -11.99 -55.35 -40.77
N LEU J 866 -13.30 -55.31 -40.93
CA LEU J 866 -14.23 -55.27 -39.81
C LEU J 866 -15.01 -56.57 -39.74
N VAL J 867 -15.05 -57.16 -38.55
CA VAL J 867 -15.85 -58.34 -38.26
C VAL J 867 -16.73 -57.99 -37.06
N THR J 868 -18.04 -57.98 -37.25
CA THR J 868 -18.97 -57.58 -36.21
C THR J 868 -19.63 -58.80 -35.60
N ILE J 869 -19.50 -58.95 -34.29
CA ILE J 869 -20.17 -60.01 -33.54
C ILE J 869 -21.26 -59.38 -32.70
N ASN J 870 -22.49 -59.81 -32.92
CA ASN J 870 -23.65 -59.23 -32.26
C ASN J 870 -24.76 -60.28 -32.25
N ASN J 871 -25.91 -59.90 -31.72
CA ASN J 871 -27.10 -60.74 -31.78
C ASN J 871 -28.17 -60.19 -32.71
N GLY J 872 -28.27 -58.87 -32.84
CA GLY J 872 -29.21 -58.26 -33.75
C GLY J 872 -28.51 -57.46 -34.83
N GLU J 873 -29.27 -56.68 -35.59
CA GLU J 873 -28.69 -55.88 -36.66
C GLU J 873 -27.81 -54.77 -36.10
N THR J 874 -26.80 -54.40 -36.87
CA THR J 874 -25.86 -53.36 -36.50
C THR J 874 -25.59 -52.47 -37.71
N ARG J 875 -25.34 -51.19 -37.46
CA ARG J 875 -25.00 -50.28 -38.54
C ARG J 875 -23.62 -50.56 -39.12
N ALA J 876 -22.79 -51.33 -38.42
CA ALA J 876 -21.46 -51.66 -38.92
C ALA J 876 -21.44 -52.87 -39.84
N ASP J 877 -22.58 -53.54 -40.02
CA ASP J 877 -22.63 -54.73 -40.86
C ASP J 877 -22.59 -54.41 -42.35
N GLU J 878 -22.72 -53.14 -42.72
CA GLU J 878 -22.66 -52.78 -44.14
C GLU J 878 -21.26 -52.99 -44.71
N ARG J 879 -20.24 -52.62 -43.94
CA ARG J 879 -18.85 -52.70 -44.39
C ARG J 879 -18.09 -53.86 -43.77
N ALA J 880 -18.78 -54.77 -43.10
CA ALA J 880 -18.11 -55.89 -42.45
C ALA J 880 -17.89 -57.03 -43.43
N ILE J 881 -16.67 -57.57 -43.43
CA ILE J 881 -16.38 -58.72 -44.30
C ILE J 881 -17.08 -59.97 -43.79
N ALA J 882 -17.18 -60.13 -42.47
CA ALA J 882 -17.88 -61.24 -41.87
C ALA J 882 -18.76 -60.73 -40.74
N THR J 883 -20.00 -61.23 -40.71
CA THR J 883 -20.98 -60.85 -39.70
C THR J 883 -21.49 -62.11 -39.01
N TYR J 884 -21.48 -62.10 -37.67
CA TYR J 884 -21.89 -63.26 -36.89
C TYR J 884 -22.99 -62.85 -35.91
N LYS J 885 -24.11 -63.59 -35.95
CA LYS J 885 -25.23 -63.36 -35.06
C LYS J 885 -25.28 -64.53 -34.07
N ILE J 886 -24.83 -64.27 -32.84
CA ILE J 886 -24.66 -65.31 -31.83
C ILE J 886 -25.40 -64.91 -30.56
N ASP J 887 -25.68 -65.92 -29.73
CA ASP J 887 -26.33 -65.72 -28.45
C ASP J 887 -25.66 -66.47 -27.31
N ASN J 888 -24.65 -67.29 -27.60
CA ASN J 888 -23.96 -68.08 -26.59
C ASN J 888 -22.45 -67.92 -26.79
N THR J 889 -21.72 -68.17 -25.71
CA THR J 889 -20.25 -68.14 -25.78
C THR J 889 -19.67 -69.45 -26.29
N ALA J 890 -20.52 -70.42 -26.67
CA ALA J 890 -20.03 -71.61 -27.33
C ALA J 890 -19.38 -71.28 -28.67
N PHE J 891 -19.78 -70.16 -29.27
CA PHE J 891 -19.15 -69.73 -30.51
C PHE J 891 -17.65 -69.48 -30.31
N PHE J 892 -17.29 -68.84 -29.19
CA PHE J 892 -15.88 -68.55 -28.94
C PHE J 892 -15.11 -69.81 -28.57
N LYS J 893 -15.75 -70.74 -27.84
CA LYS J 893 -15.10 -72.01 -27.56
C LYS J 893 -14.84 -72.80 -28.84
N ALA J 894 -15.82 -72.81 -29.75
CA ALA J 894 -15.62 -73.46 -31.04
C ALA J 894 -14.54 -72.77 -31.85
N THR J 895 -14.47 -71.43 -31.76
CA THR J 895 -13.40 -70.71 -32.44
C THR J 895 -12.03 -71.09 -31.88
N ILE J 896 -11.94 -71.24 -30.56
CA ILE J 896 -10.67 -71.63 -29.93
C ILE J 896 -10.28 -73.04 -30.38
N LYS J 897 -11.25 -73.96 -30.41
CA LYS J 897 -10.96 -75.31 -30.87
C LYS J 897 -10.53 -75.32 -32.33
N ALA J 898 -11.18 -74.49 -33.16
CA ALA J 898 -10.78 -74.41 -34.57
C ALA J 898 -9.39 -73.84 -34.72
N LEU J 899 -9.03 -72.84 -33.91
CA LEU J 899 -7.68 -72.29 -33.92
C LEU J 899 -6.66 -73.36 -33.54
N PHE J 900 -6.97 -74.15 -32.51
CA PHE J 900 -6.06 -75.21 -32.09
C PHE J 900 -5.93 -76.28 -33.16
N GLU J 901 -7.03 -76.60 -33.83
CA GLU J 901 -7.02 -77.69 -34.80
C GLU J 901 -6.17 -77.36 -36.03
N MET J 902 -6.25 -76.12 -36.52
CA MET J 902 -5.47 -75.74 -37.69
C MET J 902 -4.04 -75.36 -37.34
N LYS J 903 -3.61 -75.61 -36.11
CA LYS J 903 -2.25 -75.28 -35.66
C LYS J 903 -1.95 -73.80 -35.85
N ALA J 904 -2.95 -72.96 -35.63
CA ALA J 904 -2.78 -71.51 -35.69
C ALA J 904 -2.28 -70.93 -34.38
N VAL J 905 -2.07 -71.76 -33.36
CA VAL J 905 -1.56 -71.34 -32.07
C VAL J 905 -0.14 -71.88 -31.93
N ASP J 906 0.81 -71.01 -31.65
CA ASP J 906 2.19 -71.42 -31.39
C ASP J 906 2.28 -71.84 -29.93
N GLU J 907 2.19 -73.14 -29.69
CA GLU J 907 2.02 -73.64 -28.33
C GLU J 907 3.23 -73.35 -27.46
N ASP J 908 4.44 -73.31 -28.04
CA ASP J 908 5.63 -73.04 -27.24
C ASP J 908 5.58 -71.65 -26.62
N TYR J 909 5.36 -70.63 -27.45
CA TYR J 909 5.37 -69.26 -26.95
C TYR J 909 4.19 -69.01 -26.01
N VAL J 910 3.02 -69.56 -26.34
CA VAL J 910 1.85 -69.39 -25.49
C VAL J 910 2.07 -70.03 -24.12
N SER J 911 2.60 -71.26 -24.12
CA SER J 911 2.90 -71.91 -22.85
C SER J 911 3.98 -71.17 -22.08
N LYS J 912 4.88 -70.47 -22.80
CA LYS J 912 5.86 -69.63 -22.12
C LYS J 912 5.20 -68.44 -21.43
N ILE J 913 4.22 -67.81 -22.09
CA ILE J 913 3.63 -66.59 -21.56
C ILE J 913 2.28 -66.80 -20.89
N ALA J 914 1.64 -67.95 -21.08
CA ALA J 914 0.30 -68.19 -20.55
C ALA J 914 0.28 -69.49 -19.78
N VAL J 915 0.20 -69.41 -18.46
CA VAL J 915 -0.14 -70.55 -17.64
C VAL J 915 -1.61 -70.86 -17.89
N ASN J 916 -2.08 -72.00 -17.41
CA ASN J 916 -3.48 -72.40 -17.58
C ASN J 916 -3.83 -72.58 -19.06
N LEU J 917 -3.13 -73.50 -19.71
CA LEU J 917 -3.38 -73.83 -21.12
C LEU J 917 -3.87 -75.25 -21.33
N ASP J 918 -3.36 -76.21 -20.54
CA ASP J 918 -3.82 -77.59 -20.67
C ASP J 918 -5.30 -77.68 -20.35
N GLU J 919 -5.75 -77.00 -19.30
CA GLU J 919 -7.17 -77.00 -18.95
C GLU J 919 -8.00 -76.29 -20.01
N LEU J 920 -7.47 -75.24 -20.65
CA LEU J 920 -8.22 -74.60 -21.73
C LEU J 920 -8.38 -75.55 -22.92
N LYS J 921 -7.30 -76.27 -23.27
CA LYS J 921 -7.40 -77.25 -24.35
C LYS J 921 -8.39 -78.35 -24.01
N ASP J 922 -8.38 -78.80 -22.75
CA ASP J 922 -9.33 -79.82 -22.32
C ASP J 922 -10.76 -79.31 -22.36
N ASP J 923 -10.96 -78.03 -21.99
CA ASP J 923 -12.28 -77.43 -22.02
C ASP J 923 -12.81 -77.33 -23.44
N VAL J 924 -11.95 -76.96 -24.40
CA VAL J 924 -12.38 -76.83 -25.79
C VAL J 924 -12.22 -78.13 -26.58
N LYS J 925 -11.82 -79.23 -25.93
CA LYS J 925 -11.60 -80.47 -26.65
C LYS J 925 -12.89 -81.15 -27.09
N ASN J 926 -14.03 -80.79 -26.51
CA ASN J 926 -15.28 -81.50 -26.77
C ASN J 926 -16.32 -80.70 -27.53
N VAL J 927 -16.17 -79.38 -27.65
CA VAL J 927 -17.13 -78.57 -28.36
C VAL J 927 -17.11 -78.92 -29.84
N GLU J 928 -18.21 -78.67 -30.53
CA GLU J 928 -18.33 -78.95 -31.95
C GLU J 928 -18.03 -77.68 -32.74
N VAL J 929 -17.08 -77.77 -33.66
CA VAL J 929 -16.68 -76.63 -34.48
C VAL J 929 -17.70 -76.43 -35.60
N THR J 930 -18.30 -75.25 -35.65
CA THR J 930 -19.26 -74.90 -36.67
C THR J 930 -18.57 -74.18 -37.83
N ASP J 931 -19.32 -73.96 -38.89
CA ASP J 931 -18.77 -73.27 -40.06
C ASP J 931 -18.42 -71.82 -39.73
N GLU J 932 -19.28 -71.14 -38.96
CA GLU J 932 -19.02 -69.76 -38.60
C GLU J 932 -17.78 -69.63 -37.74
N ALA J 933 -17.62 -70.53 -36.77
CA ALA J 933 -16.43 -70.50 -35.91
C ALA J 933 -15.17 -70.76 -36.72
N SER J 934 -15.23 -71.71 -37.66
CA SER J 934 -14.07 -71.99 -38.50
C SER J 934 -13.71 -70.78 -39.37
N GLU J 935 -14.72 -70.11 -39.94
CA GLU J 935 -14.46 -68.92 -40.74
C GLU J 935 -13.86 -67.80 -39.89
N PHE J 936 -14.38 -67.62 -38.67
CA PHE J 936 -13.84 -66.60 -37.78
C PHE J 936 -12.40 -66.90 -37.40
N ALA J 937 -12.09 -68.18 -37.13
CA ALA J 937 -10.72 -68.56 -36.80
C ALA J 937 -9.79 -68.35 -38.00
N LYS J 938 -10.26 -68.66 -39.20
CA LYS J 938 -9.45 -68.42 -40.39
C LYS J 938 -9.19 -66.93 -40.57
N ILE J 939 -10.20 -66.10 -40.32
CA ILE J 939 -10.03 -64.65 -40.44
C ILE J 939 -9.01 -64.14 -39.42
N ILE J 940 -9.13 -64.60 -38.17
CA ILE J 940 -8.23 -64.14 -37.12
C ILE J 940 -6.80 -64.59 -37.39
N ALA J 941 -6.62 -65.85 -37.79
CA ALA J 941 -5.28 -66.36 -38.05
C ALA J 941 -4.61 -65.63 -39.20
N GLY J 942 -5.37 -65.23 -40.21
CA GLY J 942 -4.81 -64.55 -41.35
C GLY J 942 -4.56 -63.07 -41.18
N ALA J 943 -4.87 -62.52 -40.01
CA ALA J 943 -4.66 -61.10 -39.73
C ALA J 943 -3.35 -60.90 -39.00
N LYS J 944 -2.52 -59.99 -39.50
CA LYS J 944 -1.26 -59.69 -38.85
C LYS J 944 -1.49 -59.00 -37.51
N THR J 945 -2.34 -57.98 -37.50
CA THR J 945 -2.68 -57.22 -36.30
C THR J 945 -4.19 -57.21 -36.14
N ALA J 946 -4.65 -57.30 -34.90
CA ALA J 946 -6.08 -57.37 -34.63
C ALA J 946 -6.42 -56.57 -33.38
N MET J 947 -7.55 -55.86 -33.46
CA MET J 947 -8.10 -55.11 -32.34
C MET J 947 -9.53 -55.58 -32.11
N VAL J 948 -9.87 -55.83 -30.85
CA VAL J 948 -11.21 -56.26 -30.47
C VAL J 948 -11.88 -55.12 -29.73
N ILE J 949 -12.87 -54.49 -30.37
CA ILE J 949 -13.64 -53.42 -29.75
C ILE J 949 -14.85 -54.04 -29.08
N VAL J 950 -14.96 -53.88 -27.77
CA VAL J 950 -16.04 -54.50 -27.00
C VAL J 950 -16.85 -53.40 -26.34
N ASP J 951 -18.15 -53.39 -26.61
CA ASP J 951 -19.09 -52.52 -25.90
C ASP J 951 -19.33 -53.13 -24.53
N GLU J 952 -18.66 -52.59 -23.51
CA GLU J 952 -18.71 -53.18 -22.18
C GLU J 952 -20.11 -53.17 -21.60
N GLU J 953 -20.93 -52.19 -21.97
CA GLU J 953 -22.25 -52.04 -21.40
C GLU J 953 -23.30 -52.91 -22.07
N SER J 954 -22.93 -53.69 -23.08
CA SER J 954 -23.87 -54.61 -23.72
C SER J 954 -23.26 -55.97 -24.02
N VAL J 955 -22.10 -56.29 -23.44
CA VAL J 955 -21.40 -57.55 -23.68
C VAL J 955 -21.11 -58.19 -22.33
N SER J 956 -21.41 -59.48 -22.21
CA SER J 956 -21.17 -60.19 -20.96
C SER J 956 -19.68 -60.43 -20.77
N ASP J 957 -19.28 -60.62 -19.51
CA ASP J 957 -17.86 -60.78 -19.18
C ASP J 957 -17.30 -62.09 -19.72
N THR J 958 -18.15 -63.10 -19.90
CA THR J 958 -17.68 -64.35 -20.50
C THR J 958 -17.18 -64.13 -21.92
N THR J 959 -17.91 -63.32 -22.69
CA THR J 959 -17.47 -62.98 -24.04
C THR J 959 -16.13 -62.25 -24.03
N ILE J 960 -15.97 -61.31 -23.09
CA ILE J 960 -14.70 -60.58 -23.00
C ILE J 960 -13.56 -61.51 -22.66
N GLY J 961 -13.78 -62.43 -21.72
CA GLY J 961 -12.74 -63.38 -21.37
C GLY J 961 -12.38 -64.30 -22.51
N GLN J 962 -13.39 -64.77 -23.26
CA GLN J 962 -13.12 -65.64 -24.40
C GLN J 962 -12.36 -64.90 -25.50
N LEU J 963 -12.72 -63.63 -25.73
CA LEU J 963 -11.98 -62.84 -26.72
C LEU J 963 -10.55 -62.59 -26.27
N ALA J 964 -10.34 -62.38 -24.97
CA ALA J 964 -8.98 -62.26 -24.45
C ALA J 964 -8.19 -63.54 -24.66
N ASN J 965 -8.83 -64.68 -24.44
CA ASN J 965 -8.18 -65.97 -24.71
C ASN J 965 -7.79 -66.07 -26.18
N ILE J 966 -8.71 -65.70 -27.07
CA ILE J 966 -8.45 -65.79 -28.51
C ILE J 966 -7.29 -64.88 -28.90
N LEU J 967 -7.26 -63.66 -28.36
CA LEU J 967 -6.16 -62.74 -28.64
C LEU J 967 -4.83 -63.29 -28.12
N THR J 968 -4.84 -63.88 -26.93
CA THR J 968 -3.60 -64.40 -26.36
C THR J 968 -3.08 -65.59 -27.16
N LEU J 969 -3.97 -66.48 -27.60
CA LEU J 969 -3.54 -67.66 -28.35
C LEU J 969 -2.90 -67.27 -29.68
N THR J 970 -3.48 -66.30 -30.38
CA THR J 970 -2.95 -65.84 -31.65
C THR J 970 -1.90 -64.74 -31.49
N GLN J 971 -1.50 -64.45 -30.25
CA GLN J 971 -0.40 -63.51 -29.97
C GLN J 971 -0.72 -62.11 -30.48
N LYS J 972 -1.90 -61.61 -30.11
CA LYS J 972 -2.36 -60.29 -30.52
C LYS J 972 -2.54 -59.39 -29.30
N ILE J 973 -1.66 -59.53 -28.32
CA ILE J 973 -1.72 -58.75 -27.10
C ILE J 973 -0.31 -58.28 -26.74
N GLY J 974 -0.23 -57.07 -26.18
CA GLY J 974 1.05 -56.53 -25.78
C GLY J 974 1.89 -55.96 -26.89
N ARG J 975 1.36 -55.88 -28.10
CA ARG J 975 2.07 -55.36 -29.26
C ARG J 975 1.35 -54.14 -29.81
N PRO J 976 2.05 -53.27 -30.52
CA PRO J 976 1.37 -52.14 -31.19
C PRO J 976 0.34 -52.64 -32.18
N ARG J 977 -0.79 -51.92 -32.23
CA ARG J 977 -1.90 -52.13 -33.16
C ARG J 977 -2.68 -53.41 -32.89
N CYS J 978 -2.33 -54.18 -31.87
CA CYS J 978 -3.06 -55.38 -31.49
C CYS J 978 -3.52 -55.26 -30.04
N GLY J 979 -4.74 -55.68 -29.76
CA GLY J 979 -5.20 -55.68 -28.39
C GLY J 979 -6.72 -55.63 -28.31
N ILE J 980 -7.19 -55.30 -27.10
CA ILE J 980 -8.61 -55.24 -26.79
C ILE J 980 -8.92 -53.87 -26.23
N ILE J 981 -9.98 -53.24 -26.72
CA ILE J 981 -10.42 -51.93 -26.26
C ILE J 981 -11.85 -52.05 -25.78
N LYS J 982 -12.08 -51.68 -24.53
CA LYS J 982 -13.41 -51.68 -23.93
C LYS J 982 -13.96 -50.27 -24.00
N VAL J 983 -15.15 -50.11 -24.59
CA VAL J 983 -15.83 -48.81 -24.60
C VAL J 983 -16.76 -48.80 -23.39
N THR J 984 -16.33 -48.12 -22.33
CA THR J 984 -17.07 -48.12 -21.09
C THR J 984 -18.38 -47.35 -21.23
N GLY J 985 -19.32 -47.65 -20.34
CA GLY J 985 -20.65 -47.09 -20.45
C GLY J 985 -20.77 -45.65 -20.02
N LEU J 986 -19.96 -45.22 -19.06
CA LEU J 986 -20.03 -43.88 -18.52
C LEU J 986 -18.70 -43.16 -18.72
N GLY J 987 -18.67 -41.89 -18.33
CA GLY J 987 -17.54 -41.03 -18.66
C GLY J 987 -16.25 -41.45 -17.98
N ASN J 988 -16.31 -41.80 -16.70
CA ASN J 988 -15.13 -42.06 -15.90
C ASN J 988 -15.23 -43.41 -15.21
N THR J 989 -15.62 -44.43 -15.97
CA THR J 989 -15.62 -45.78 -15.44
C THR J 989 -14.19 -46.25 -15.15
N GLN J 990 -13.28 -46.01 -16.10
CA GLN J 990 -11.90 -46.46 -15.93
C GLN J 990 -11.23 -45.77 -14.75
N GLY J 991 -11.44 -44.46 -14.60
CA GLY J 991 -10.86 -43.75 -13.47
C GLY J 991 -11.43 -44.22 -12.15
N ALA J 992 -12.74 -44.47 -12.11
CA ALA J 992 -13.36 -44.97 -10.88
C ALA J 992 -12.81 -46.34 -10.52
N TRP J 993 -12.61 -47.22 -11.50
CA TRP J 993 -12.02 -48.53 -11.21
C TRP J 993 -10.59 -48.39 -10.74
N ASP J 994 -9.82 -47.50 -11.37
CA ASP J 994 -8.43 -47.32 -10.97
C ASP J 994 -8.32 -46.74 -9.56
N MET J 995 -9.26 -45.90 -9.17
CA MET J 995 -9.19 -45.27 -7.85
C MET J 995 -9.58 -46.23 -6.73
N GLY J 996 -10.44 -47.21 -7.01
CA GLY J 996 -10.76 -48.20 -6.01
C GLY J 996 -12.23 -48.56 -5.88
N ILE J 997 -13.08 -48.03 -6.76
CA ILE J 997 -14.49 -48.39 -6.79
C ILE J 997 -14.60 -49.63 -7.67
N ARG J 998 -14.61 -50.81 -7.03
CA ARG J 998 -14.54 -52.06 -7.76
C ARG J 998 -15.52 -53.10 -7.23
N MET J 999 -16.68 -52.67 -6.74
CA MET J 999 -17.73 -53.58 -6.29
C MET J 999 -18.95 -53.42 -7.17
N SER J 1000 -19.43 -54.54 -7.72
CA SER J 1000 -20.54 -54.51 -8.66
C SER J 1000 -21.87 -54.35 -7.91
N LYS J 1001 -22.94 -54.20 -8.69
CA LYS J 1001 -24.28 -54.08 -8.11
C LYS J 1001 -24.66 -55.36 -7.36
N GLU J 1002 -24.34 -56.51 -7.92
CA GLU J 1002 -24.78 -57.78 -7.34
C GLU J 1002 -24.19 -58.00 -5.95
N GLY J 1003 -22.90 -57.69 -5.77
CA GLY J 1003 -22.30 -57.86 -4.46
C GLY J 1003 -22.91 -56.95 -3.40
N ILE J 1004 -23.13 -55.68 -3.75
CA ILE J 1004 -23.73 -54.75 -2.80
C ILE J 1004 -25.15 -55.18 -2.46
N VAL J 1005 -25.92 -55.58 -3.47
CA VAL J 1005 -27.30 -56.01 -3.24
C VAL J 1005 -27.32 -57.25 -2.36
N LYS J 1006 -26.41 -58.19 -2.60
CA LYS J 1006 -26.33 -59.39 -1.79
C LYS J 1006 -25.98 -59.06 -0.34
N LEU J 1007 -25.03 -58.14 -0.14
CA LEU J 1007 -24.67 -57.73 1.21
C LEU J 1007 -25.84 -57.08 1.93
N ILE J 1008 -26.60 -56.24 1.22
CA ILE J 1008 -27.78 -55.62 1.81
C ILE J 1008 -28.81 -56.69 2.17
N ASN J 1009 -29.03 -57.65 1.27
CA ASN J 1009 -30.02 -58.69 1.50
C ASN J 1009 -29.66 -59.55 2.71
N GLU J 1010 -28.39 -59.90 2.86
CA GLU J 1010 -27.95 -60.65 4.04
C GLU J 1010 -28.13 -59.85 5.32
N GLY J 1011 -28.24 -58.52 5.22
CA GLY J 1011 -28.26 -57.67 6.38
C GLY J 1011 -26.91 -57.19 6.85
N LYS J 1012 -25.84 -57.51 6.11
CA LYS J 1012 -24.51 -57.03 6.50
C LYS J 1012 -24.37 -55.53 6.33
N VAL J 1013 -24.93 -54.99 5.23
CA VAL J 1013 -24.88 -53.56 4.96
C VAL J 1013 -26.20 -52.96 5.43
N LYS J 1014 -26.12 -51.95 6.30
CA LYS J 1014 -27.30 -51.34 6.88
C LYS J 1014 -27.50 -49.89 6.48
N ALA J 1015 -26.50 -49.26 5.85
CA ALA J 1015 -26.62 -47.89 5.40
C ALA J 1015 -25.95 -47.76 4.04
N ALA J 1016 -26.42 -46.80 3.25
CA ALA J 1016 -25.88 -46.54 1.92
C ALA J 1016 -25.65 -45.05 1.73
N PHE J 1017 -24.57 -44.72 1.05
CA PHE J 1017 -24.23 -43.34 0.68
C PHE J 1017 -24.15 -43.32 -0.84
N ILE J 1018 -25.28 -42.99 -1.48
CA ILE J 1018 -25.39 -43.04 -2.93
C ILE J 1018 -25.03 -41.68 -3.49
N VAL J 1019 -24.07 -41.66 -4.41
CA VAL J 1019 -23.56 -40.42 -5.00
C VAL J 1019 -24.00 -40.40 -6.47
N SER J 1020 -25.10 -39.69 -6.74
CA SER J 1020 -25.57 -39.42 -8.09
C SER J 1020 -25.94 -40.70 -8.84
N GLU J 1021 -26.75 -41.53 -8.20
CA GLU J 1021 -27.31 -42.73 -8.83
C GLU J 1021 -28.79 -42.80 -8.52
N ASP J 1022 -29.52 -43.54 -9.35
CA ASP J 1022 -30.98 -43.64 -9.26
C ASP J 1022 -31.38 -45.12 -9.23
N PRO J 1023 -31.11 -45.81 -8.12
CA PRO J 1023 -31.54 -47.22 -8.03
C PRO J 1023 -33.03 -47.41 -8.11
N GLN J 1024 -33.82 -46.48 -7.55
CA GLN J 1024 -35.26 -46.66 -7.50
C GLN J 1024 -35.90 -46.53 -8.86
N ALA J 1025 -35.52 -45.51 -9.63
CA ALA J 1025 -36.11 -45.31 -10.95
C ALA J 1025 -35.62 -46.34 -11.95
N ALA J 1026 -34.31 -46.60 -11.95
CA ALA J 1026 -33.73 -47.51 -12.95
C ALA J 1026 -34.24 -48.93 -12.79
N ASP J 1027 -34.30 -49.43 -11.54
CA ASP J 1027 -34.71 -50.81 -11.27
C ASP J 1027 -35.82 -50.79 -10.24
N LYS J 1028 -36.94 -51.45 -10.56
CA LYS J 1028 -38.03 -51.55 -9.60
C LYS J 1028 -37.71 -52.56 -8.50
N ASN J 1029 -37.04 -53.66 -8.86
CA ASN J 1029 -36.73 -54.70 -7.89
C ASN J 1029 -35.81 -54.21 -6.79
N LEU J 1030 -35.07 -53.13 -7.01
CA LEU J 1030 -34.23 -52.55 -5.96
C LEU J 1030 -35.03 -51.81 -4.91
N GLY J 1031 -36.30 -51.48 -5.19
CA GLY J 1031 -37.09 -50.74 -4.23
C GLY J 1031 -37.23 -51.45 -2.90
N GLU J 1032 -37.36 -52.79 -2.94
CA GLU J 1032 -37.39 -53.55 -1.71
C GLU J 1032 -36.01 -53.59 -1.05
N VAL J 1033 -34.96 -53.66 -1.85
CA VAL J 1033 -33.60 -53.75 -1.30
C VAL J 1033 -33.27 -52.48 -0.51
N LEU J 1034 -33.60 -51.32 -1.10
CA LEU J 1034 -33.39 -50.06 -0.39
C LEU J 1034 -34.24 -49.98 0.88
N ASP J 1035 -35.27 -50.81 1.00
CA ASP J 1035 -36.06 -50.85 2.22
C ASP J 1035 -35.33 -51.53 3.38
N LYS J 1036 -34.23 -52.22 3.11
CA LYS J 1036 -33.47 -52.89 4.16
C LYS J 1036 -32.43 -51.98 4.81
N LEU J 1037 -32.25 -50.76 4.33
CA LEU J 1037 -31.26 -49.85 4.88
C LEU J 1037 -31.86 -49.02 6.00
N GLU J 1038 -31.15 -48.95 7.12
CA GLU J 1038 -31.59 -48.09 8.21
C GLU J 1038 -31.44 -46.62 7.86
N CYS J 1039 -30.35 -46.26 7.19
CA CYS J 1039 -30.07 -44.88 6.82
C CYS J 1039 -29.68 -44.81 5.36
N LEU J 1040 -30.26 -43.86 4.64
CA LEU J 1040 -29.92 -43.62 3.24
C LEU J 1040 -29.54 -42.15 3.07
N ILE J 1041 -28.36 -41.89 2.51
CA ILE J 1041 -27.89 -40.55 2.22
C ILE J 1041 -27.64 -40.46 0.73
N VAL J 1042 -28.22 -39.44 0.09
CA VAL J 1042 -28.19 -39.30 -1.36
C VAL J 1042 -27.52 -37.98 -1.70
N ALA J 1043 -26.55 -38.03 -2.61
CA ALA J 1043 -25.90 -36.84 -3.17
C ALA J 1043 -26.20 -36.83 -4.66
N ASP J 1044 -27.19 -36.05 -5.08
CA ASP J 1044 -27.67 -36.10 -6.45
C ASP J 1044 -27.89 -34.68 -6.98
N VAL J 1045 -27.88 -34.58 -8.31
CA VAL J 1045 -28.16 -33.30 -8.96
C VAL J 1045 -29.65 -32.97 -8.87
N PHE J 1046 -30.51 -33.96 -9.09
CA PHE J 1046 -31.95 -33.80 -9.01
C PHE J 1046 -32.51 -34.56 -7.82
N LEU J 1047 -33.71 -34.16 -7.39
CA LEU J 1047 -34.44 -34.89 -6.36
C LEU J 1047 -35.09 -36.10 -7.02
N THR J 1048 -34.33 -37.17 -7.11
CA THR J 1048 -34.75 -38.38 -7.80
C THR J 1048 -35.76 -39.15 -6.96
N GLU J 1049 -36.28 -40.24 -7.52
CA GLU J 1049 -37.19 -41.10 -6.77
C GLU J 1049 -36.48 -41.81 -5.63
N THR J 1050 -35.16 -41.99 -5.74
CA THR J 1050 -34.36 -42.57 -4.67
C THR J 1050 -33.87 -41.53 -3.68
N GLY J 1051 -34.04 -40.24 -3.97
CA GLY J 1051 -33.66 -39.20 -3.06
C GLY J 1051 -34.83 -38.76 -2.21
N LYS J 1052 -36.04 -39.09 -2.64
CA LYS J 1052 -37.24 -38.77 -1.88
C LYS J 1052 -37.43 -39.69 -0.68
N ARG J 1053 -36.74 -40.83 -0.66
CA ARG J 1053 -36.82 -41.76 0.45
C ARG J 1053 -35.58 -41.73 1.33
N ALA J 1054 -34.68 -40.78 1.11
CA ALA J 1054 -33.45 -40.68 1.87
C ALA J 1054 -33.66 -39.85 3.13
N ASP J 1055 -32.67 -39.89 4.02
CA ASP J 1055 -32.68 -39.06 5.21
C ASP J 1055 -31.98 -37.74 5.00
N VAL J 1056 -30.88 -37.72 4.26
CA VAL J 1056 -30.17 -36.51 3.90
C VAL J 1056 -29.97 -36.51 2.38
N VAL J 1057 -30.33 -35.40 1.75
CA VAL J 1057 -30.14 -35.22 0.31
C VAL J 1057 -29.20 -34.05 0.11
N LEU J 1058 -28.02 -34.33 -0.44
CA LEU J 1058 -27.02 -33.32 -0.69
C LEU J 1058 -26.98 -32.98 -2.17
N PRO J 1059 -26.94 -31.70 -2.53
CA PRO J 1059 -26.96 -31.34 -3.95
C PRO J 1059 -25.59 -31.41 -4.58
N LEU J 1060 -25.54 -31.94 -5.80
CA LEU J 1060 -24.35 -31.95 -6.62
C LEU J 1060 -24.49 -30.95 -7.76
N VAL J 1061 -23.37 -30.64 -8.40
CA VAL J 1061 -23.36 -29.75 -9.54
C VAL J 1061 -22.97 -30.54 -10.77
N SER J 1062 -23.23 -29.95 -11.94
CA SER J 1062 -22.95 -30.62 -13.19
C SER J 1062 -21.45 -30.75 -13.41
N HIS J 1063 -21.08 -31.44 -14.48
CA HIS J 1063 -19.67 -31.64 -14.81
C HIS J 1063 -19.05 -30.40 -15.44
N VAL J 1064 -19.85 -29.47 -15.95
CA VAL J 1064 -19.32 -28.21 -16.46
C VAL J 1064 -19.06 -27.21 -15.34
N GLU J 1065 -19.51 -27.50 -14.13
CA GLU J 1065 -19.27 -26.65 -12.96
C GLU J 1065 -18.18 -27.21 -12.06
N SER J 1066 -17.50 -28.26 -12.48
CA SER J 1066 -16.49 -28.93 -11.66
C SER J 1066 -15.26 -29.24 -12.48
N THR J 1067 -14.13 -28.69 -12.08
CA THR J 1067 -12.83 -29.00 -12.68
C THR J 1067 -12.26 -30.26 -12.06
N GLY J 1068 -11.50 -31.00 -12.85
CA GLY J 1068 -10.94 -32.24 -12.36
C GLY J 1068 -10.31 -33.05 -13.48
N THR J 1069 -10.21 -34.35 -13.25
CA THR J 1069 -9.59 -35.27 -14.19
C THR J 1069 -10.47 -36.48 -14.40
N VAL J 1070 -10.65 -36.87 -15.67
CA VAL J 1070 -11.36 -38.08 -16.04
C VAL J 1070 -10.42 -38.96 -16.84
N THR J 1071 -10.82 -40.21 -17.03
CA THR J 1071 -10.03 -41.19 -17.77
C THR J 1071 -10.86 -41.76 -18.91
N ARG J 1072 -10.31 -41.75 -20.11
CA ARG J 1072 -11.00 -42.28 -21.27
C ARG J 1072 -11.05 -43.81 -21.21
N ALA J 1073 -11.79 -44.38 -22.14
CA ALA J 1073 -11.95 -45.83 -22.17
C ALA J 1073 -10.62 -46.54 -22.45
N ASP J 1074 -9.74 -45.91 -23.22
CA ASP J 1074 -8.44 -46.47 -23.53
C ASP J 1074 -7.39 -46.12 -22.48
N GLY J 1075 -7.75 -45.36 -21.46
CA GLY J 1075 -6.83 -44.99 -20.41
C GLY J 1075 -6.24 -43.60 -20.50
N LYS J 1076 -6.64 -42.81 -21.49
CA LYS J 1076 -6.12 -41.46 -21.63
C LYS J 1076 -6.69 -40.56 -20.55
N ILE J 1077 -5.83 -39.77 -19.93
CA ILE J 1077 -6.21 -38.85 -18.87
C ILE J 1077 -6.57 -37.51 -19.49
N GLN J 1078 -7.80 -37.05 -19.23
CA GLN J 1078 -8.28 -35.78 -19.76
C GLN J 1078 -8.73 -34.88 -18.61
N ASN J 1079 -8.84 -33.60 -18.91
CA ASN J 1079 -9.12 -32.58 -17.91
C ASN J 1079 -10.53 -32.03 -18.10
N LEU J 1080 -11.28 -31.97 -17.00
CA LEU J 1080 -12.59 -31.33 -16.97
C LEU J 1080 -12.38 -29.88 -16.55
N ASN J 1081 -12.57 -28.95 -17.49
CA ASN J 1081 -12.42 -27.53 -17.23
C ASN J 1081 -13.70 -26.96 -16.62
N LEU J 1082 -13.60 -25.74 -16.11
CA LEU J 1082 -14.71 -25.06 -15.44
C LEU J 1082 -15.38 -24.14 -16.46
N VAL J 1083 -16.44 -24.64 -17.09
CA VAL J 1083 -17.21 -23.82 -18.01
C VAL J 1083 -18.01 -22.77 -17.24
N LEU J 1084 -18.68 -23.18 -16.17
CA LEU J 1084 -19.47 -22.28 -15.35
C LEU J 1084 -19.06 -22.45 -13.88
N LYS J 1085 -19.23 -21.37 -13.13
CA LYS J 1085 -19.09 -21.46 -11.68
C LYS J 1085 -20.25 -22.26 -11.10
N PRO J 1086 -20.04 -22.98 -10.00
CA PRO J 1086 -21.12 -23.76 -9.40
C PRO J 1086 -22.31 -22.88 -9.03
N LYS J 1087 -23.51 -23.38 -9.30
CA LYS J 1087 -24.71 -22.59 -9.08
C LYS J 1087 -24.91 -22.29 -7.59
N ASN J 1088 -24.67 -23.28 -6.73
CA ASN J 1088 -24.77 -23.07 -5.29
C ASN J 1088 -23.45 -22.65 -4.65
N GLY J 1089 -22.41 -22.44 -5.46
CA GLY J 1089 -21.12 -22.04 -4.96
C GLY J 1089 -20.26 -23.15 -4.42
N LEU J 1090 -20.75 -24.39 -4.40
CA LEU J 1090 -20.02 -25.53 -3.87
C LEU J 1090 -19.92 -26.59 -4.96
N SER J 1091 -18.69 -26.99 -5.29
CA SER J 1091 -18.49 -28.06 -6.24
C SER J 1091 -18.69 -29.41 -5.56
N ASN J 1092 -18.73 -30.47 -6.37
CA ASN J 1092 -18.81 -31.82 -5.82
C ASN J 1092 -17.57 -32.13 -4.97
N LEU J 1093 -16.39 -31.76 -5.48
CA LEU J 1093 -15.18 -31.97 -4.71
C LEU J 1093 -15.19 -31.15 -3.43
N ASP J 1094 -15.71 -29.92 -3.48
CA ASP J 1094 -15.79 -29.11 -2.27
C ASP J 1094 -16.72 -29.74 -1.24
N LEU J 1095 -17.87 -30.24 -1.67
CA LEU J 1095 -18.80 -30.88 -0.75
C LEU J 1095 -18.18 -32.13 -0.13
N LEU J 1096 -17.56 -32.98 -0.96
CA LEU J 1096 -16.95 -34.18 -0.42
C LEU J 1096 -15.75 -33.85 0.46
N LEU J 1097 -15.04 -32.77 0.17
CA LEU J 1097 -13.91 -32.36 1.01
C LEU J 1097 -14.39 -31.86 2.37
N LYS J 1098 -15.51 -31.12 2.39
CA LYS J 1098 -16.11 -30.73 3.66
C LYS J 1098 -16.51 -31.96 4.47
N LEU J 1099 -17.17 -32.93 3.81
CA LEU J 1099 -17.60 -34.14 4.50
C LEU J 1099 -16.40 -34.92 5.03
N ALA J 1100 -15.32 -34.97 4.25
CA ALA J 1100 -14.13 -35.70 4.68
C ALA J 1100 -13.42 -34.98 5.82
N GLU J 1101 -13.38 -33.64 5.77
CA GLU J 1101 -12.79 -32.88 6.86
C GLU J 1101 -13.58 -33.07 8.15
N LEU J 1102 -14.89 -33.28 8.04
CA LEU J 1102 -15.66 -33.68 9.21
C LEU J 1102 -15.17 -34.99 9.81
N PHE J 1103 -14.47 -35.81 9.03
CA PHE J 1103 -13.88 -37.07 9.51
C PHE J 1103 -12.39 -36.97 9.76
N GLY J 1104 -11.80 -35.79 9.63
CA GLY J 1104 -10.38 -35.62 9.87
C GLY J 1104 -9.49 -35.85 8.68
N LEU J 1105 -10.01 -35.80 7.47
CA LEU J 1105 -9.23 -36.01 6.26
C LEU J 1105 -8.87 -34.64 5.66
N GLN J 1106 -7.59 -34.34 5.61
CA GLN J 1106 -7.10 -33.08 5.07
C GLN J 1106 -6.63 -33.32 3.64
N TYR J 1107 -7.45 -32.89 2.67
CA TYR J 1107 -7.16 -33.11 1.27
C TYR J 1107 -7.59 -31.89 0.47
N ASN J 1108 -7.09 -31.81 -0.76
CA ASN J 1108 -7.51 -30.80 -1.72
C ASN J 1108 -7.29 -31.37 -3.12
N LEU J 1109 -7.56 -30.55 -4.14
CA LEU J 1109 -7.50 -31.04 -5.51
C LEU J 1109 -6.09 -31.47 -5.89
N GLU J 1110 -5.08 -30.68 -5.50
CA GLU J 1110 -3.71 -30.99 -5.89
C GLU J 1110 -3.20 -32.24 -5.19
N LYS J 1111 -3.48 -32.39 -3.90
CA LYS J 1111 -3.05 -33.58 -3.18
C LYS J 1111 -3.72 -34.83 -3.75
N LEU J 1112 -5.01 -34.75 -4.04
CA LEU J 1112 -5.71 -35.89 -4.61
C LEU J 1112 -5.20 -36.22 -6.01
N ASN J 1113 -4.87 -35.20 -6.80
CA ASN J 1113 -4.28 -35.44 -8.11
C ASN J 1113 -2.94 -36.13 -8.00
N ARG J 1114 -2.11 -35.70 -7.04
CA ARG J 1114 -0.81 -36.35 -6.84
C ARG J 1114 -0.99 -37.80 -6.42
N GLU J 1115 -1.92 -38.07 -5.51
CA GLU J 1115 -2.16 -39.45 -5.09
C GLU J 1115 -2.69 -40.29 -6.24
N MET J 1116 -3.53 -39.70 -7.09
CA MET J 1116 -4.02 -40.42 -8.27
C MET J 1116 -2.88 -40.76 -9.22
N VAL J 1117 -1.96 -39.81 -9.42
CA VAL J 1117 -0.83 -40.06 -10.30
C VAL J 1117 0.05 -41.18 -9.74
N GLU J 1118 0.30 -41.16 -8.44
CA GLU J 1118 1.09 -42.23 -7.82
C GLU J 1118 0.38 -43.57 -7.93
N LEU J 1119 -0.95 -43.59 -7.74
CA LEU J 1119 -1.71 -44.83 -7.87
C LEU J 1119 -1.62 -45.38 -9.29
N LEU J 1120 -1.74 -44.51 -10.29
CA LEU J 1120 -1.64 -44.97 -11.67
C LEU J 1120 -0.24 -45.45 -11.99
N GLN J 1121 0.78 -44.80 -11.44
CA GLN J 1121 2.17 -45.22 -11.68
C GLN J 1121 2.46 -46.55 -11.03
N ASN J 1122 1.88 -46.82 -9.85
CA ASN J 1122 2.17 -48.06 -9.16
C ASN J 1122 1.64 -49.28 -9.92
N GLU J 1123 0.62 -49.10 -10.74
CA GLU J 1123 0.06 -50.18 -11.55
C GLU J 1123 0.59 -50.18 -12.97
N ASN J 1124 1.56 -49.31 -13.28
CA ASN J 1124 2.13 -49.20 -14.64
C ASN J 1124 1.04 -48.91 -15.67
N LYS J 1125 0.17 -47.95 -15.35
CA LYS J 1125 -0.91 -47.55 -16.23
C LYS J 1125 -0.86 -46.06 -16.58
N TYR J 1126 0.08 -45.31 -16.03
CA TYR J 1126 0.11 -43.86 -16.20
C TYR J 1126 0.81 -43.50 -17.51
N ASN J 1127 0.07 -42.85 -18.41
CA ASN J 1127 0.61 -42.34 -19.68
C ASN J 1127 1.25 -43.44 -20.50
N GLN J 1128 0.65 -44.64 -20.46
CA GLN J 1128 1.12 -45.78 -21.23
C GLN J 1128 0.08 -46.08 -22.30
N GLN J 1129 0.47 -45.94 -23.56
CA GLN J 1129 -0.47 -46.11 -24.66
C GLN J 1129 -0.78 -47.57 -24.93
N ILE J 1130 0.18 -48.46 -24.73
CA ILE J 1130 0.00 -49.90 -24.92
C ILE J 1130 0.36 -50.60 -23.63
N LEU J 1131 -0.53 -51.46 -23.15
CA LEU J 1131 -0.33 -52.17 -21.90
C LEU J 1131 0.36 -53.51 -22.15
N TYR J 1132 1.02 -54.02 -21.11
CA TYR J 1132 1.67 -55.33 -21.12
C TYR J 1132 2.73 -55.44 -22.21
N THR J 1133 3.40 -54.33 -22.53
CA THR J 1133 4.51 -54.40 -23.48
C THR J 1133 5.68 -55.19 -22.91
N GLU J 1134 6.00 -54.97 -21.63
CA GLU J 1134 7.07 -55.71 -20.97
C GLU J 1134 6.58 -57.03 -20.40
N GLY J 1135 5.54 -56.98 -19.57
CA GLY J 1135 4.95 -58.18 -19.02
C GLY J 1135 3.58 -57.87 -18.44
N PHE J 1136 2.81 -58.94 -18.25
CA PHE J 1136 1.45 -58.78 -17.75
C PHE J 1136 1.45 -58.47 -16.26
N ALA J 1137 0.33 -57.94 -15.78
CA ALA J 1137 0.23 -57.42 -14.42
C ALA J 1137 -0.17 -58.48 -13.41
N THR J 1138 -0.33 -59.73 -13.82
CA THR J 1138 -0.56 -60.80 -12.86
C THR J 1138 0.70 -61.03 -12.03
N PRO J 1139 0.56 -61.51 -10.79
CA PRO J 1139 1.76 -61.73 -9.96
C PRO J 1139 2.76 -62.68 -10.60
N ASP J 1140 2.30 -63.71 -11.30
CA ASP J 1140 3.18 -64.60 -12.04
C ASP J 1140 3.79 -63.90 -13.26
N LYS J 1141 3.23 -62.76 -13.67
CA LYS J 1141 3.62 -62.05 -14.89
C LYS J 1141 3.31 -62.87 -16.14
N THR J 1142 2.28 -63.70 -16.05
CA THR J 1142 1.82 -64.53 -17.15
C THR J 1142 0.32 -64.33 -17.34
N VAL J 1143 -0.18 -64.81 -18.48
CA VAL J 1143 -1.60 -64.72 -18.77
C VAL J 1143 -2.31 -65.92 -18.14
N HIS J 1144 -3.31 -65.65 -17.31
CA HIS J 1144 -4.16 -66.70 -16.75
C HIS J 1144 -5.33 -66.87 -17.70
N LEU J 1145 -5.21 -67.83 -18.61
CA LEU J 1145 -6.20 -68.01 -19.66
C LEU J 1145 -7.57 -68.29 -19.06
N PHE J 1146 -8.60 -67.70 -19.67
CA PHE J 1146 -9.95 -67.74 -19.12
C PHE J 1146 -10.58 -69.09 -19.42
N VAL J 1147 -10.82 -69.88 -18.39
CA VAL J 1147 -11.50 -71.16 -18.50
C VAL J 1147 -12.77 -71.08 -17.67
N SER J 1148 -13.91 -71.30 -18.32
CA SER J 1148 -15.21 -71.21 -17.64
C SER J 1148 -16.23 -71.96 -18.49
N LYS J 1149 -17.47 -71.94 -18.00
CA LYS J 1149 -18.57 -72.58 -18.71
C LYS J 1149 -19.32 -71.57 -19.57
N ASP J 1150 -20.16 -72.08 -20.46
CA ASP J 1150 -20.88 -71.24 -21.40
C ASP J 1150 -21.89 -70.36 -20.68
N ALA J 1151 -22.25 -69.26 -21.32
CA ALA J 1151 -23.15 -68.27 -20.76
C ALA J 1151 -23.66 -67.38 -21.89
N PRO J 1152 -24.73 -66.63 -21.67
CA PRO J 1152 -25.19 -65.68 -22.69
C PRO J 1152 -24.08 -64.70 -23.07
N ALA J 1153 -23.96 -64.43 -24.36
CA ALA J 1153 -22.87 -63.60 -24.85
C ALA J 1153 -23.11 -62.12 -24.55
N PHE J 1154 -24.36 -61.67 -24.67
CA PHE J 1154 -24.71 -60.27 -24.49
C PHE J 1154 -25.79 -60.15 -23.44
N VAL J 1155 -25.80 -59.01 -22.75
CA VAL J 1155 -26.77 -58.72 -21.71
C VAL J 1155 -27.39 -57.36 -21.97
N GLU J 1156 -28.61 -57.17 -21.49
CA GLU J 1156 -29.28 -55.88 -21.51
C GLU J 1156 -29.46 -55.41 -20.08
N LYS J 1157 -28.95 -54.22 -19.78
CA LYS J 1157 -28.96 -53.68 -18.43
C LYS J 1157 -29.42 -52.23 -18.48
N ALA J 1158 -29.92 -51.75 -17.34
CA ALA J 1158 -30.37 -50.38 -17.22
C ALA J 1158 -29.21 -49.45 -16.88
N VAL J 1159 -29.49 -48.16 -16.90
CA VAL J 1159 -28.53 -47.13 -16.54
C VAL J 1159 -28.94 -46.58 -15.18
N PHE J 1160 -28.03 -46.65 -14.21
CA PHE J 1160 -28.32 -46.17 -12.86
C PHE J 1160 -27.85 -44.75 -12.62
N ASP J 1161 -26.97 -44.22 -13.47
CA ASP J 1161 -26.59 -42.81 -13.36
C ASP J 1161 -27.81 -41.93 -13.56
N THR J 1162 -27.94 -40.91 -12.71
CA THR J 1162 -29.16 -40.10 -12.69
C THR J 1162 -29.36 -39.36 -14.00
N VAL J 1163 -28.34 -38.61 -14.44
CA VAL J 1163 -28.50 -37.72 -15.59
C VAL J 1163 -28.64 -38.52 -16.87
N LYS J 1164 -27.81 -39.56 -17.03
CA LYS J 1164 -27.91 -40.38 -18.24
C LYS J 1164 -29.24 -41.10 -18.31
N ASN J 1165 -29.72 -41.62 -17.18
CA ASN J 1165 -31.02 -42.27 -17.16
C ASN J 1165 -32.13 -41.28 -17.51
N ARG J 1166 -32.06 -40.07 -16.96
CA ARG J 1166 -33.07 -39.06 -17.27
C ARG J 1166 -33.07 -38.70 -18.74
N PHE J 1167 -31.89 -38.53 -19.35
CA PHE J 1167 -31.86 -38.18 -20.76
C PHE J 1167 -32.30 -39.34 -21.64
N GLU J 1168 -31.97 -40.57 -21.24
CA GLU J 1168 -32.44 -41.73 -21.99
C GLU J 1168 -33.96 -41.84 -21.93
N LYS J 1169 -34.54 -41.58 -20.76
CA LYS J 1169 -35.99 -41.56 -20.64
C LYS J 1169 -36.60 -40.46 -21.49
N TYR J 1170 -35.95 -39.29 -21.54
CA TYR J 1170 -36.42 -38.21 -22.38
C TYR J 1170 -36.41 -38.62 -23.85
N LEU J 1171 -35.32 -39.24 -24.30
CA LEU J 1171 -35.23 -39.67 -25.69
C LEU J 1171 -36.28 -40.73 -26.01
N GLN J 1172 -36.51 -41.65 -25.08
CA GLN J 1172 -37.54 -42.67 -25.29
C GLN J 1172 -38.92 -42.05 -25.37
N ASP J 1173 -39.21 -41.06 -24.52
CA ASP J 1173 -40.50 -40.39 -24.55
C ASP J 1173 -40.72 -39.66 -25.88
N LYS J 1174 -39.67 -39.04 -26.40
CA LYS J 1174 -39.76 -38.31 -27.66
C LYS J 1174 -39.59 -39.21 -28.88
N HIS J 1175 -39.41 -40.51 -28.67
CA HIS J 1175 -39.27 -41.48 -29.77
C HIS J 1175 -38.05 -41.19 -30.63
N LEU J 1176 -36.94 -40.83 -29.98
CA LEU J 1176 -35.68 -40.55 -30.65
C LEU J 1176 -34.71 -41.69 -30.43
N LYS J 1177 -33.70 -41.76 -31.30
CA LYS J 1177 -32.60 -42.71 -31.19
C LYS J 1177 -31.32 -41.97 -30.81
N TYR J 1178 -30.26 -42.74 -30.61
CA TYR J 1178 -28.96 -42.17 -30.28
C TYR J 1178 -27.84 -43.10 -30.75
N MET K 1 -37.38 -62.55 -105.09
CA MET K 1 -37.38 -61.17 -104.62
C MET K 1 -37.04 -61.11 -103.14
N LYS K 2 -36.61 -59.95 -102.66
CA LYS K 2 -36.34 -59.74 -101.24
C LYS K 2 -37.07 -58.47 -100.80
N ILE K 3 -38.06 -58.62 -99.94
CA ILE K 3 -38.84 -57.48 -99.47
C ILE K 3 -38.25 -57.00 -98.15
N ARG K 4 -38.01 -55.70 -98.05
CA ARG K 4 -37.54 -55.09 -96.81
C ARG K 4 -38.46 -53.93 -96.47
N VAL K 5 -38.78 -53.80 -95.18
CA VAL K 5 -39.69 -52.76 -94.71
C VAL K 5 -38.99 -51.95 -93.63
N GLY K 6 -39.06 -50.63 -93.74
CA GLY K 6 -38.54 -49.77 -92.72
C GLY K 6 -39.30 -49.93 -91.42
N LEU K 7 -38.68 -50.60 -90.43
CA LEU K 7 -39.35 -50.90 -89.17
C LEU K 7 -38.77 -50.12 -88.00
N GLY K 8 -37.99 -49.09 -88.27
CA GLY K 8 -37.44 -48.28 -87.20
C GLY K 8 -38.50 -47.43 -86.52
N SER K 9 -38.12 -46.87 -85.38
CA SER K 9 -39.02 -45.99 -84.64
C SER K 9 -39.45 -44.80 -85.50
N CYS K 10 -38.61 -44.42 -86.47
CA CYS K 10 -39.01 -43.40 -87.44
C CYS K 10 -40.16 -43.89 -88.32
N GLY K 11 -40.36 -45.19 -88.44
CA GLY K 11 -41.38 -45.73 -89.32
C GLY K 11 -42.53 -46.44 -88.64
N MET K 12 -42.30 -46.92 -87.41
CA MET K 12 -43.38 -47.58 -86.68
C MET K 12 -44.52 -46.62 -86.41
N ALA K 13 -44.21 -45.38 -86.01
CA ALA K 13 -45.25 -44.37 -85.86
C ALA K 13 -45.87 -44.00 -87.20
N ALA K 14 -45.07 -44.02 -88.27
CA ALA K 14 -45.59 -43.71 -89.60
C ALA K 14 -46.57 -44.76 -90.09
N GLY K 15 -46.40 -46.01 -89.65
CA GLY K 15 -47.30 -47.08 -90.06
C GLY K 15 -46.58 -48.24 -90.71
N GLY K 16 -45.27 -48.35 -90.47
CA GLY K 16 -44.51 -49.45 -91.06
C GLY K 16 -44.95 -50.81 -90.56
N ASN K 17 -45.39 -50.90 -89.31
CA ASN K 17 -45.88 -52.17 -88.77
C ASN K 17 -47.10 -52.65 -89.55
N LYS K 18 -48.05 -51.76 -89.78
CA LYS K 18 -49.24 -52.13 -90.55
C LYS K 18 -48.89 -52.46 -91.99
N VAL K 19 -47.90 -51.76 -92.55
CA VAL K 19 -47.47 -52.07 -93.93
C VAL K 19 -46.89 -53.47 -94.00
N MET K 20 -46.04 -53.84 -93.03
CA MET K 20 -45.47 -55.18 -93.01
C MET K 20 -46.56 -56.23 -92.81
N GLU K 21 -47.50 -55.98 -91.90
CA GLU K 21 -48.57 -56.94 -91.67
C GLU K 21 -49.41 -57.13 -92.93
N CYS K 22 -49.76 -56.03 -93.60
CA CYS K 22 -50.58 -56.13 -94.80
C CYS K 22 -49.83 -56.82 -95.93
N ILE K 23 -48.53 -56.55 -96.09
CA ILE K 23 -47.79 -57.20 -97.16
C ILE K 23 -47.61 -58.68 -96.88
N GLN K 24 -47.43 -59.06 -95.61
CA GLN K 24 -47.38 -60.48 -95.27
C GLN K 24 -48.71 -61.16 -95.55
N GLN K 25 -49.82 -60.51 -95.19
CA GLN K 25 -51.13 -61.08 -95.48
C GLN K 25 -51.38 -61.22 -96.97
N GLU K 26 -50.97 -60.22 -97.75
CA GLU K 26 -51.13 -60.28 -99.20
C GLU K 26 -50.30 -61.40 -99.80
N LEU K 27 -49.06 -61.55 -99.33
CA LEU K 27 -48.22 -62.66 -99.81
C LEU K 27 -48.82 -64.00 -99.46
N ARG K 28 -49.41 -64.12 -98.26
CA ARG K 28 -50.11 -65.34 -97.90
C ARG K 28 -51.29 -65.60 -98.82
N SER K 29 -52.05 -64.54 -99.16
CA SER K 29 -53.22 -64.71 -100.00
C SER K 29 -52.85 -65.19 -101.40
N ARG K 30 -51.78 -64.64 -101.98
CA ARG K 30 -51.33 -65.03 -103.31
C ARG K 30 -50.31 -66.16 -103.29
N ASN K 31 -50.22 -66.89 -102.16
CA ASN K 31 -49.31 -68.02 -101.96
C ASN K 31 -47.93 -67.74 -102.57
N LEU K 32 -47.37 -66.60 -102.20
CA LEU K 32 -46.04 -66.19 -102.66
C LEU K 32 -45.06 -66.27 -101.51
N ASP K 33 -43.91 -66.90 -101.75
CA ASP K 33 -42.88 -67.08 -100.73
C ASP K 33 -41.74 -66.10 -101.03
N ILE K 34 -41.81 -64.94 -100.40
CA ILE K 34 -40.81 -63.88 -100.56
C ILE K 34 -40.29 -63.53 -99.17
N PRO K 35 -38.97 -63.53 -98.94
CA PRO K 35 -38.44 -63.17 -97.62
C PRO K 35 -38.69 -61.70 -97.30
N VAL K 36 -39.44 -61.46 -96.23
CA VAL K 36 -39.77 -60.12 -95.77
C VAL K 36 -38.97 -59.85 -94.51
N GLU K 37 -38.14 -58.81 -94.54
CA GLU K 37 -37.23 -58.50 -93.45
C GLU K 37 -37.34 -57.03 -93.08
N PRO K 38 -37.08 -56.70 -91.82
CA PRO K 38 -37.10 -55.29 -91.39
C PRO K 38 -35.78 -54.60 -91.70
N THR K 39 -35.82 -53.27 -91.61
CA THR K 39 -34.64 -52.45 -91.80
C THR K 39 -34.85 -51.12 -91.09
N GLY K 40 -33.75 -50.43 -90.83
CA GLY K 40 -33.79 -49.17 -90.11
C GLY K 40 -34.02 -47.97 -91.02
N CYS K 41 -33.96 -46.79 -90.42
CA CYS K 41 -34.15 -45.55 -91.17
C CYS K 41 -32.99 -45.34 -92.12
N ILE K 42 -33.31 -45.03 -93.37
CA ILE K 42 -32.28 -44.72 -94.37
C ILE K 42 -31.94 -43.24 -94.39
N GLY K 43 -32.79 -42.39 -93.83
CA GLY K 43 -32.56 -40.95 -93.86
C GLY K 43 -33.70 -40.21 -94.51
N LEU K 44 -34.46 -40.91 -95.33
CA LEU K 44 -35.65 -40.34 -95.99
C LEU K 44 -36.89 -40.62 -95.16
N CYS K 45 -36.90 -40.04 -93.96
CA CYS K 45 -38.01 -40.28 -93.03
C CYS K 45 -39.32 -39.69 -93.55
N PHE K 46 -39.25 -38.62 -94.34
CA PHE K 46 -40.46 -38.01 -94.86
C PHE K 46 -41.20 -38.92 -95.83
N PHE K 47 -40.48 -39.83 -96.48
CA PHE K 47 -41.10 -40.77 -97.41
C PHE K 47 -41.68 -42.00 -96.72
N GLU K 48 -41.44 -42.16 -95.42
CA GLU K 48 -41.88 -43.35 -94.72
C GLU K 48 -43.41 -43.36 -94.57
N PRO K 49 -44.01 -44.55 -94.49
CA PRO K 49 -43.42 -45.91 -94.48
C PRO K 49 -42.76 -46.26 -95.81
N LEU K 50 -41.77 -47.16 -95.81
CA LEU K 50 -41.00 -47.45 -97.00
C LEU K 50 -40.89 -48.96 -97.19
N VAL K 51 -41.05 -49.40 -98.44
CA VAL K 51 -40.84 -50.79 -98.82
C VAL K 51 -39.82 -50.83 -99.95
N ASP K 52 -38.76 -51.62 -99.76
CA ASP K 52 -37.72 -51.78 -100.75
C ASP K 52 -37.73 -53.22 -101.27
N VAL K 53 -37.83 -53.37 -102.58
CA VAL K 53 -37.78 -54.67 -103.24
C VAL K 53 -36.40 -54.83 -103.85
N ILE K 54 -35.75 -55.96 -103.54
CA ILE K 54 -34.39 -56.24 -103.98
C ILE K 54 -34.43 -57.41 -104.96
N ASP K 55 -33.83 -57.20 -106.13
CA ASP K 55 -33.63 -58.24 -107.13
C ASP K 55 -32.17 -58.20 -107.57
N GLY K 56 -31.46 -59.29 -107.35
CA GLY K 56 -30.03 -59.32 -107.63
C GLY K 56 -29.29 -58.28 -106.81
N ASP K 57 -28.83 -57.22 -107.46
CA ASP K 57 -28.23 -56.09 -106.78
C ASP K 57 -29.10 -54.84 -106.76
N ASP K 58 -30.14 -54.78 -107.59
CA ASP K 58 -30.95 -53.58 -107.69
C ASP K 58 -32.01 -53.54 -106.60
N VAL K 59 -32.29 -52.33 -106.12
CA VAL K 59 -33.27 -52.09 -105.06
C VAL K 59 -34.20 -50.98 -105.53
N TYR K 60 -35.50 -51.16 -105.28
CA TYR K 60 -36.51 -50.15 -105.60
C TYR K 60 -37.27 -49.80 -104.34
N THR K 61 -37.30 -48.51 -104.00
CA THR K 61 -37.96 -48.01 -102.80
C THR K 61 -39.26 -47.32 -103.17
N TYR K 62 -40.34 -47.68 -102.47
CA TYR K 62 -41.66 -47.17 -102.77
C TYR K 62 -42.05 -46.19 -101.66
N GLY K 63 -42.17 -44.91 -101.99
CA GLY K 63 -42.38 -43.89 -100.98
C GLY K 63 -43.85 -43.80 -100.55
N ASN K 64 -44.05 -43.62 -99.25
CA ASN K 64 -45.36 -43.44 -98.65
C ASN K 64 -46.31 -44.58 -99.02
N VAL K 65 -45.93 -45.79 -98.60
CA VAL K 65 -46.73 -46.96 -98.91
C VAL K 65 -47.99 -46.98 -98.05
N THR K 66 -49.03 -47.60 -98.58
CA THR K 66 -50.31 -47.78 -97.89
C THR K 66 -50.75 -49.23 -98.02
N PRO K 67 -51.49 -49.74 -97.04
CA PRO K 67 -51.98 -51.13 -97.15
C PRO K 67 -52.84 -51.37 -98.37
N GLU K 68 -53.61 -50.37 -98.81
CA GLU K 68 -54.47 -50.55 -99.97
C GLU K 68 -53.67 -50.66 -101.27
N MET K 69 -52.53 -49.98 -101.36
CA MET K 69 -51.73 -49.99 -102.58
C MET K 69 -50.70 -51.11 -102.59
N ILE K 70 -50.51 -51.81 -101.46
CA ILE K 70 -49.59 -52.94 -101.43
C ILE K 70 -49.93 -54.00 -102.48
N PRO K 71 -51.19 -54.42 -102.65
CA PRO K 71 -51.47 -55.40 -103.71
C PRO K 71 -51.08 -54.94 -105.10
N LYS K 72 -51.19 -53.64 -105.40
CA LYS K 72 -50.70 -53.13 -106.67
C LYS K 72 -49.19 -53.36 -106.80
N ILE K 73 -48.46 -53.13 -105.73
CA ILE K 73 -47.02 -53.40 -105.71
C ILE K 73 -46.74 -54.87 -105.97
N ILE K 74 -47.50 -55.76 -105.32
CA ILE K 74 -47.26 -57.18 -105.48
C ILE K 74 -47.55 -57.62 -106.92
N GLU K 75 -48.66 -57.14 -107.48
CA GLU K 75 -49.04 -57.56 -108.82
C GLU K 75 -48.16 -56.92 -109.90
N SER K 76 -47.51 -55.78 -109.60
CA SER K 76 -46.69 -55.11 -110.60
C SER K 76 -45.27 -55.64 -110.61
N HIS K 77 -44.57 -55.55 -109.48
CA HIS K 77 -43.16 -55.94 -109.39
C HIS K 77 -42.96 -57.37 -108.91
N VAL K 78 -43.65 -57.77 -107.84
CA VAL K 78 -43.46 -59.10 -107.30
C VAL K 78 -44.00 -60.16 -108.26
N ILE K 79 -45.17 -59.93 -108.83
CA ILE K 79 -45.79 -60.90 -109.74
C ILE K 79 -45.42 -60.62 -111.18
N GLY K 80 -45.65 -59.39 -111.65
CA GLY K 80 -45.41 -59.05 -113.04
C GLY K 80 -43.96 -58.82 -113.41
N LYS K 81 -43.07 -58.75 -112.43
CA LYS K 81 -41.64 -58.51 -112.67
C LYS K 81 -41.42 -57.22 -113.46
N LYS K 82 -42.23 -56.21 -113.17
CA LYS K 82 -42.14 -54.92 -113.84
C LYS K 82 -42.28 -53.79 -112.82
N PRO K 83 -41.32 -52.87 -112.75
CA PRO K 83 -41.45 -51.75 -111.81
C PRO K 83 -42.68 -50.92 -112.12
N LEU K 84 -43.39 -50.52 -111.06
CA LEU K 84 -44.59 -49.72 -111.23
C LEU K 84 -44.25 -48.32 -111.73
N ASP K 85 -43.27 -47.66 -111.09
CA ASP K 85 -42.75 -46.36 -111.47
C ASP K 85 -43.80 -45.26 -111.25
N GLU K 86 -45.01 -45.65 -110.83
CA GLU K 86 -46.02 -44.67 -110.47
C GLU K 86 -45.94 -44.29 -109.00
N PHE K 87 -45.46 -45.21 -108.16
CA PHE K 87 -45.25 -44.95 -106.75
C PHE K 87 -43.80 -45.13 -106.33
N ILE K 88 -42.95 -45.68 -107.20
CA ILE K 88 -41.53 -45.79 -106.90
C ILE K 88 -40.91 -44.40 -106.90
N VAL K 89 -40.16 -44.07 -105.86
CA VAL K 89 -39.52 -42.78 -105.73
C VAL K 89 -38.02 -42.86 -106.04
N SER K 90 -37.34 -43.89 -105.53
CA SER K 90 -35.90 -44.02 -105.73
C SER K 90 -35.58 -45.47 -106.08
N THR K 91 -34.44 -45.64 -106.75
CA THR K 91 -34.00 -46.96 -107.17
C THR K 91 -32.47 -46.96 -107.28
N SER K 92 -31.91 -48.16 -107.47
CA SER K 92 -30.47 -48.28 -107.60
C SER K 92 -29.95 -47.59 -108.86
N PHE K 93 -30.80 -47.45 -109.88
CA PHE K 93 -30.39 -46.74 -111.09
C PHE K 93 -30.11 -45.27 -110.81
N GLU K 94 -30.97 -44.63 -110.02
CA GLU K 94 -30.86 -43.20 -109.75
C GLU K 94 -31.24 -42.94 -108.29
N PRO K 95 -30.25 -42.79 -107.41
CA PRO K 95 -30.56 -42.50 -106.01
C PRO K 95 -31.14 -41.10 -105.84
N TYR K 96 -31.84 -40.91 -104.73
CA TYR K 96 -32.44 -39.62 -104.42
C TYR K 96 -31.33 -38.57 -104.26
N PRO K 97 -31.50 -37.37 -104.81
CA PRO K 97 -30.48 -36.33 -104.62
C PRO K 97 -30.17 -36.01 -103.17
N MET K 98 -31.12 -36.20 -102.26
CA MET K 98 -30.84 -36.01 -100.83
C MET K 98 -29.76 -36.97 -100.36
N LEU K 99 -29.71 -38.17 -100.94
CA LEU K 99 -28.69 -39.15 -100.62
C LEU K 99 -27.47 -39.06 -101.52
N LYS K 100 -27.51 -38.20 -102.55
CA LYS K 100 -26.42 -38.13 -103.50
C LYS K 100 -25.19 -37.44 -102.91
N SER K 101 -25.39 -36.36 -102.16
CA SER K 101 -24.30 -35.52 -101.71
C SER K 101 -23.73 -35.94 -100.36
N GLN K 102 -24.20 -37.05 -99.79
CA GLN K 102 -23.71 -37.53 -98.51
C GLN K 102 -22.74 -38.69 -98.72
N VAL K 103 -21.74 -38.76 -97.85
CA VAL K 103 -20.88 -39.93 -97.73
C VAL K 103 -21.21 -40.60 -96.40
N ARG K 104 -21.54 -41.88 -96.44
CA ARG K 104 -22.05 -42.60 -95.27
C ARG K 104 -21.00 -43.58 -94.78
N ILE K 105 -20.47 -43.33 -93.58
CA ILE K 105 -19.55 -44.24 -92.91
C ILE K 105 -20.20 -44.88 -91.69
N ALA K 106 -20.71 -44.05 -90.77
CA ALA K 106 -21.45 -44.59 -89.63
C ALA K 106 -22.78 -45.19 -90.07
N LEU K 107 -23.50 -44.49 -90.94
CA LEU K 107 -24.80 -44.93 -91.44
C LEU K 107 -24.68 -45.68 -92.77
N LYS K 108 -23.54 -46.32 -93.03
CA LYS K 108 -23.35 -47.00 -94.30
C LYS K 108 -24.28 -48.20 -94.45
N ASN K 109 -24.66 -48.83 -93.35
CA ASN K 109 -25.57 -49.96 -93.39
C ASN K 109 -26.92 -49.67 -92.75
N CYS K 110 -27.14 -48.44 -92.28
CA CYS K 110 -28.42 -48.08 -91.66
C CYS K 110 -29.48 -47.95 -92.74
N GLY K 111 -30.34 -48.96 -92.85
CA GLY K 111 -31.42 -48.93 -93.81
C GLY K 111 -31.20 -49.74 -95.07
N ARG K 112 -30.09 -50.47 -95.17
CA ARG K 112 -29.82 -51.30 -96.34
C ARG K 112 -29.66 -52.78 -96.00
N ILE K 113 -29.67 -53.15 -94.72
CA ILE K 113 -29.48 -54.52 -94.29
C ILE K 113 -30.62 -54.91 -93.36
N ASN K 114 -30.52 -56.12 -92.81
CA ASN K 114 -31.49 -56.60 -91.84
C ASN K 114 -30.89 -56.48 -90.44
N PRO K 115 -31.41 -55.60 -89.58
CA PRO K 115 -30.82 -55.46 -88.25
C PRO K 115 -30.85 -56.73 -87.42
N GLU K 116 -31.91 -57.51 -87.54
CA GLU K 116 -32.04 -58.76 -86.77
C GLU K 116 -31.51 -59.96 -87.56
N ASP K 117 -30.29 -59.83 -88.07
CA ASP K 117 -29.65 -60.92 -88.80
C ASP K 117 -28.15 -60.67 -88.81
N ILE K 118 -27.40 -61.45 -88.05
CA ILE K 118 -25.95 -61.28 -88.01
C ILE K 118 -25.33 -61.62 -89.35
N ASP K 119 -25.89 -62.63 -90.04
CA ASP K 119 -25.34 -63.03 -91.33
C ASP K 119 -25.43 -61.92 -92.36
N ASP K 120 -26.52 -61.14 -92.33
CA ASP K 120 -26.67 -60.05 -93.29
C ASP K 120 -25.58 -59.00 -93.09
N TYR K 121 -25.23 -58.71 -91.84
CA TYR K 121 -24.12 -57.81 -91.57
C TYR K 121 -22.79 -58.44 -91.97
N ILE K 122 -22.67 -59.77 -91.82
CA ILE K 122 -21.43 -60.46 -92.18
C ILE K 122 -21.19 -60.37 -93.69
N LYS K 123 -22.22 -60.60 -94.49
CA LYS K 123 -22.05 -60.60 -95.94
C LYS K 123 -21.72 -59.22 -96.49
N ASN K 124 -21.93 -58.16 -95.70
CA ASN K 124 -21.57 -56.81 -96.11
C ASN K 124 -20.19 -56.41 -95.61
N GLY K 125 -19.29 -57.37 -95.43
CA GLY K 125 -17.95 -57.08 -94.94
C GLY K 125 -17.85 -56.86 -93.46
N GLY K 126 -18.92 -57.12 -92.71
CA GLY K 126 -18.90 -56.88 -91.28
C GLY K 126 -18.07 -57.90 -90.52
N TYR K 127 -17.60 -57.47 -89.35
CA TYR K 127 -16.81 -58.30 -88.44
C TYR K 127 -15.55 -58.83 -89.11
N GLU K 128 -15.01 -58.09 -90.06
CA GLU K 128 -13.69 -58.37 -90.62
C GLU K 128 -12.62 -57.47 -90.01
N ALA K 129 -12.99 -56.24 -89.64
CA ALA K 129 -12.08 -55.39 -88.90
C ALA K 129 -11.71 -56.02 -87.56
N LEU K 130 -12.68 -56.67 -86.90
CA LEU K 130 -12.39 -57.34 -85.65
C LEU K 130 -11.41 -58.49 -85.85
N LYS K 131 -11.57 -59.26 -86.93
CA LYS K 131 -10.63 -60.34 -87.20
C LYS K 131 -9.23 -59.81 -87.50
N LYS K 132 -9.14 -58.76 -88.31
CA LYS K 132 -7.85 -58.17 -88.63
C LYS K 132 -7.18 -57.63 -87.38
N VAL K 133 -7.96 -57.02 -86.48
CA VAL K 133 -7.42 -56.56 -85.20
C VAL K 133 -6.94 -57.74 -84.37
N LEU K 134 -7.71 -58.82 -84.33
CA LEU K 134 -7.39 -59.93 -83.44
C LEU K 134 -6.13 -60.67 -83.88
N THR K 135 -5.98 -60.94 -85.17
CA THR K 135 -4.85 -61.78 -85.60
C THR K 135 -3.61 -60.95 -85.92
N SER K 136 -3.69 -60.09 -86.92
CA SER K 136 -2.51 -59.34 -87.37
C SER K 136 -2.48 -57.92 -86.82
N MET K 137 -2.67 -57.74 -85.51
CA MET K 137 -2.62 -56.41 -84.92
C MET K 137 -2.31 -56.55 -83.43
N THR K 138 -1.91 -55.43 -82.83
CA THR K 138 -1.64 -55.29 -81.41
C THR K 138 -2.30 -54.03 -80.89
N PRO K 139 -2.65 -53.96 -79.60
CA PRO K 139 -3.39 -52.79 -79.09
C PRO K 139 -2.71 -51.47 -79.36
N GLU K 140 -1.38 -51.40 -79.26
CA GLU K 140 -0.67 -50.17 -79.60
C GLU K 140 -0.90 -49.80 -81.06
N GLU K 141 -0.90 -50.80 -81.94
CA GLU K 141 -1.18 -50.54 -83.34
C GLU K 141 -2.61 -50.05 -83.54
N VAL K 142 -3.57 -50.55 -82.76
CA VAL K 142 -4.94 -50.08 -82.87
C VAL K 142 -5.04 -48.61 -82.46
N ILE K 143 -4.39 -48.25 -81.35
CA ILE K 143 -4.40 -46.86 -80.92
C ILE K 143 -3.70 -45.97 -81.93
N GLU K 144 -2.61 -46.46 -82.53
CA GLU K 144 -1.93 -45.70 -83.57
C GLU K 144 -2.82 -45.52 -84.79
N GLU K 145 -3.59 -46.55 -85.16
CA GLU K 145 -4.52 -46.44 -86.28
C GLU K 145 -5.58 -45.38 -86.01
N ILE K 146 -6.14 -45.39 -84.79
CA ILE K 146 -7.15 -44.38 -84.44
C ILE K 146 -6.53 -42.98 -84.43
N LYS K 147 -5.29 -42.87 -83.95
CA LYS K 147 -4.62 -41.58 -83.91
C LYS K 147 -4.36 -41.05 -85.32
N ILE K 148 -3.90 -41.90 -86.22
CA ILE K 148 -3.66 -41.49 -87.60
C ILE K 148 -4.97 -41.11 -88.27
N SER K 149 -6.02 -41.88 -88.04
CA SER K 149 -7.32 -41.60 -88.65
C SER K 149 -7.90 -40.28 -88.17
N GLY K 150 -7.42 -39.75 -87.04
CA GLY K 150 -7.92 -38.48 -86.56
C GLY K 150 -9.35 -38.50 -86.06
N LEU K 151 -9.89 -39.69 -85.80
CA LEU K 151 -11.26 -39.78 -85.27
C LEU K 151 -11.34 -39.12 -83.90
N ARG K 152 -12.38 -38.32 -83.71
CA ARG K 152 -12.54 -37.59 -82.46
C ARG K 152 -14.00 -37.25 -82.24
N GLY K 153 -14.41 -37.23 -80.98
CA GLY K 153 -15.72 -36.75 -80.60
C GLY K 153 -16.89 -37.54 -81.13
N ARG K 154 -17.67 -36.91 -82.01
CA ARG K 154 -18.89 -37.43 -82.60
C ARG K 154 -20.02 -37.44 -81.58
N GLY K 155 -19.71 -37.09 -80.34
CA GLY K 155 -20.69 -36.79 -79.33
C GLY K 155 -20.82 -35.32 -79.02
N GLY K 156 -20.25 -34.46 -79.85
CA GLY K 156 -20.20 -33.04 -79.59
C GLY K 156 -18.99 -32.57 -78.81
N ALA K 157 -18.30 -33.48 -78.14
CA ALA K 157 -17.14 -33.09 -77.34
C ALA K 157 -15.98 -32.63 -78.22
N GLY K 158 -15.64 -33.42 -79.23
CA GLY K 158 -14.52 -33.12 -80.10
C GLY K 158 -13.18 -33.55 -79.59
N PHE K 159 -13.12 -34.25 -78.45
CA PHE K 159 -11.83 -34.70 -77.92
C PHE K 159 -11.32 -35.89 -78.71
N PRO K 160 -10.01 -35.95 -78.97
CA PRO K 160 -9.46 -37.10 -79.69
C PRO K 160 -9.74 -38.41 -78.97
N THR K 161 -10.19 -39.40 -79.74
CA THR K 161 -10.53 -40.70 -79.16
C THR K 161 -9.28 -41.53 -78.86
N TRP K 162 -8.24 -41.40 -79.68
CA TRP K 162 -7.01 -42.15 -79.43
C TRP K 162 -6.39 -41.76 -78.10
N PHE K 163 -6.50 -40.48 -77.72
CA PHE K 163 -5.96 -40.05 -76.42
C PHE K 163 -6.72 -40.72 -75.28
N LYS K 164 -8.05 -40.79 -75.39
CA LYS K 164 -8.83 -41.46 -74.36
C LYS K 164 -8.48 -42.94 -74.27
N TRP K 165 -8.32 -43.59 -75.42
CA TRP K 165 -7.95 -45.01 -75.42
C TRP K 165 -6.57 -45.23 -74.78
N ASP K 166 -5.60 -44.37 -75.13
CA ASP K 166 -4.28 -44.49 -74.55
C ASP K 166 -4.30 -44.26 -73.04
N ALA K 167 -5.04 -43.24 -72.60
CA ALA K 167 -5.13 -42.97 -71.17
C ALA K 167 -5.80 -44.12 -70.43
N ALA K 168 -6.83 -44.72 -71.04
CA ALA K 168 -7.49 -45.85 -70.41
C ALA K 168 -6.57 -47.05 -70.31
N ARG K 169 -5.86 -47.38 -71.39
CA ARG K 169 -5.02 -48.59 -71.37
C ARG K 169 -3.80 -48.40 -70.49
N LYS K 170 -3.22 -47.20 -70.45
CA LYS K 170 -2.04 -46.96 -69.64
C LYS K 170 -2.35 -46.82 -68.16
N ALA K 171 -3.62 -46.61 -67.80
CA ALA K 171 -3.98 -46.34 -66.42
C ALA K 171 -3.72 -47.55 -65.55
N SER K 172 -3.45 -47.28 -64.27
CA SER K 172 -3.23 -48.35 -63.31
C SER K 172 -4.53 -49.10 -63.03
N GLY K 173 -4.39 -50.36 -62.66
CA GLY K 173 -5.55 -51.20 -62.40
C GLY K 173 -5.61 -52.39 -63.33
N ASP K 174 -6.19 -53.49 -62.87
CA ASP K 174 -6.27 -54.71 -63.67
C ASP K 174 -7.65 -54.93 -64.27
N ILE K 175 -8.66 -54.17 -63.86
CA ILE K 175 -10.01 -54.29 -64.40
C ILE K 175 -10.37 -52.94 -65.01
N LYS K 176 -10.74 -52.93 -66.28
CA LYS K 176 -11.10 -51.73 -66.99
C LYS K 176 -12.38 -51.97 -67.78
N TYR K 177 -13.13 -50.90 -68.04
CA TYR K 177 -14.44 -50.99 -68.66
C TYR K 177 -14.43 -50.28 -70.02
N VAL K 178 -15.53 -50.47 -70.74
CA VAL K 178 -15.77 -49.79 -72.02
C VAL K 178 -17.26 -49.51 -72.09
N VAL K 179 -17.63 -48.22 -72.15
CA VAL K 179 -19.03 -47.82 -72.12
C VAL K 179 -19.35 -47.08 -73.42
N CYS K 180 -20.61 -47.22 -73.85
CA CYS K 180 -21.13 -46.54 -75.03
C CYS K 180 -22.20 -45.56 -74.58
N ASN K 181 -22.16 -44.34 -75.11
CA ASN K 181 -23.04 -43.27 -74.67
C ASN K 181 -24.22 -43.20 -75.64
N ALA K 182 -25.25 -44.00 -75.38
CA ALA K 182 -26.39 -44.11 -76.29
C ALA K 182 -27.63 -43.38 -75.79
N ASP K 183 -27.48 -42.48 -74.82
CA ASP K 183 -28.61 -41.74 -74.26
C ASP K 183 -28.73 -40.39 -74.97
N GLU K 184 -29.48 -40.36 -76.06
CA GLU K 184 -29.74 -39.10 -76.75
C GLU K 184 -30.68 -38.22 -75.94
N GLY K 185 -30.10 -37.32 -75.13
CA GLY K 185 -30.91 -36.46 -74.29
C GLY K 185 -31.65 -35.38 -75.05
N ASP K 186 -31.18 -35.00 -76.22
CA ASP K 186 -31.80 -33.92 -76.97
C ASP K 186 -33.01 -34.47 -77.73
N PRO K 187 -34.22 -33.98 -77.46
CA PRO K 187 -35.39 -34.39 -78.25
C PRO K 187 -35.42 -33.67 -79.59
N GLY K 188 -35.14 -34.40 -80.65
CA GLY K 188 -35.04 -33.82 -81.98
C GLY K 188 -33.84 -34.35 -82.74
N ALA K 189 -32.94 -35.01 -82.01
CA ALA K 189 -31.80 -35.70 -82.59
C ALA K 189 -31.88 -37.17 -82.21
N PHE K 190 -31.79 -38.04 -83.21
CA PHE K 190 -31.96 -39.47 -83.02
C PHE K 190 -30.92 -40.26 -83.80
N MET K 191 -29.69 -39.76 -83.84
CA MET K 191 -28.64 -40.45 -84.59
C MET K 191 -28.25 -41.76 -83.93
N ASP K 192 -28.00 -41.73 -82.61
CA ASP K 192 -27.62 -42.97 -81.93
C ASP K 192 -28.77 -43.96 -81.90
N ARG K 193 -30.00 -43.48 -81.68
CA ARG K 193 -31.14 -44.39 -81.72
C ARG K 193 -31.29 -45.03 -83.10
N SER K 194 -31.13 -44.24 -84.16
CA SER K 194 -31.24 -44.78 -85.51
C SER K 194 -30.14 -45.78 -85.80
N ILE K 195 -28.92 -45.51 -85.36
CA ILE K 195 -27.81 -46.43 -85.60
C ILE K 195 -28.04 -47.73 -84.83
N LEU K 196 -28.50 -47.63 -83.57
CA LEU K 196 -28.77 -48.83 -82.79
C LEU K 196 -29.90 -49.65 -83.41
N GLU K 197 -30.93 -48.97 -83.92
CA GLU K 197 -32.09 -49.67 -84.45
C GLU K 197 -31.80 -50.30 -85.80
N GLY K 198 -30.99 -49.64 -86.62
CA GLY K 198 -30.74 -50.10 -87.97
C GLY K 198 -29.53 -51.00 -88.12
N ASP K 199 -28.39 -50.58 -87.59
CA ASP K 199 -27.14 -51.33 -87.70
C ASP K 199 -26.53 -51.43 -86.31
N PRO K 200 -27.01 -52.38 -85.49
CA PRO K 200 -26.52 -52.47 -84.11
C PRO K 200 -25.21 -53.22 -83.95
N HIS K 201 -24.61 -53.71 -85.03
CA HIS K 201 -23.40 -54.51 -84.89
C HIS K 201 -22.12 -53.69 -85.02
N ALA K 202 -22.17 -52.54 -85.70
CA ALA K 202 -20.99 -51.67 -85.72
C ALA K 202 -20.64 -51.19 -84.33
N VAL K 203 -21.66 -50.92 -83.51
CA VAL K 203 -21.42 -50.52 -82.13
C VAL K 203 -20.69 -51.62 -81.37
N LEU K 204 -21.18 -52.87 -81.51
CA LEU K 204 -20.54 -53.97 -80.81
C LEU K 204 -19.11 -54.19 -81.28
N GLU K 205 -18.88 -54.12 -82.59
CA GLU K 205 -17.53 -54.30 -83.12
C GLU K 205 -16.59 -53.19 -82.66
N GLY K 206 -17.07 -51.95 -82.66
CA GLY K 206 -16.25 -50.85 -82.17
C GLY K 206 -15.92 -50.98 -80.70
N MET K 207 -16.90 -51.39 -79.90
CA MET K 207 -16.65 -51.60 -78.47
C MET K 207 -15.66 -52.73 -78.26
N THR K 208 -15.76 -53.80 -79.05
CA THR K 208 -14.81 -54.91 -78.91
C THR K 208 -13.39 -54.48 -79.29
N ILE K 209 -13.26 -53.72 -80.37
CA ILE K 209 -11.94 -53.21 -80.76
C ILE K 209 -11.38 -52.26 -79.70
N ALA K 210 -12.25 -51.43 -79.12
CA ALA K 210 -11.81 -50.53 -78.07
C ALA K 210 -11.36 -51.30 -76.84
N ALA K 211 -12.09 -52.36 -76.48
CA ALA K 211 -11.69 -53.19 -75.36
C ALA K 211 -10.35 -53.88 -75.62
N TYR K 212 -10.14 -54.33 -76.86
CA TYR K 212 -8.85 -54.93 -77.20
C TYR K 212 -7.73 -53.91 -77.10
N ALA K 213 -7.96 -52.70 -77.58
CA ALA K 213 -6.92 -51.67 -77.53
C ALA K 213 -6.73 -51.11 -76.14
N ILE K 214 -7.68 -51.32 -75.24
CA ILE K 214 -7.63 -50.79 -73.89
C ILE K 214 -7.22 -51.86 -72.88
N GLY K 215 -7.82 -53.04 -72.97
CA GLY K 215 -7.55 -54.09 -72.02
C GLY K 215 -8.75 -54.35 -71.14
N ALA K 216 -9.95 -54.12 -71.68
CA ALA K 216 -11.19 -54.29 -70.93
C ALA K 216 -11.68 -55.72 -71.05
N LYS K 217 -12.47 -56.12 -70.05
CA LYS K 217 -13.10 -57.44 -70.04
C LYS K 217 -14.61 -57.35 -69.81
N GLU K 218 -15.14 -56.16 -69.56
CA GLU K 218 -16.58 -55.95 -69.39
C GLU K 218 -16.99 -54.73 -70.20
N GLY K 219 -18.25 -54.70 -70.58
CA GLY K 219 -18.76 -53.60 -71.39
C GLY K 219 -20.18 -53.25 -70.99
N TYR K 220 -20.51 -51.97 -71.14
CA TYR K 220 -21.82 -51.45 -70.80
C TYR K 220 -22.32 -50.55 -71.92
N ILE K 221 -23.60 -50.68 -72.26
CA ILE K 221 -24.25 -49.80 -73.21
C ILE K 221 -25.38 -49.09 -72.48
N TYR K 222 -25.24 -47.78 -72.31
CA TYR K 222 -26.26 -46.98 -71.62
C TYR K 222 -27.27 -46.53 -72.65
N VAL K 223 -28.34 -47.30 -72.80
CA VAL K 223 -29.40 -47.03 -73.76
C VAL K 223 -30.66 -46.67 -72.99
N ARG K 224 -31.28 -45.56 -73.35
CA ARG K 224 -32.46 -45.10 -72.65
C ARG K 224 -33.57 -46.13 -72.73
N ALA K 225 -34.31 -46.29 -71.63
CA ALA K 225 -35.41 -47.24 -71.60
C ALA K 225 -36.60 -46.78 -72.42
N GLU K 226 -36.61 -45.54 -72.89
CA GLU K 226 -37.67 -45.04 -73.76
C GLU K 226 -37.49 -45.48 -75.20
N TYR K 227 -36.39 -46.18 -75.52
CA TYR K 227 -36.16 -46.70 -76.86
C TYR K 227 -36.34 -48.21 -76.83
N PRO K 228 -37.57 -48.72 -76.94
CA PRO K 228 -37.75 -50.17 -76.80
C PRO K 228 -37.28 -50.95 -78.02
N LEU K 229 -37.50 -50.43 -79.22
CA LEU K 229 -37.04 -51.12 -80.42
C LEU K 229 -35.53 -51.19 -80.47
N ALA K 230 -34.86 -50.10 -80.10
CA ALA K 230 -33.39 -50.11 -80.05
C ALA K 230 -32.89 -51.14 -79.05
N ILE K 231 -33.52 -51.22 -77.88
CA ILE K 231 -33.12 -52.20 -76.88
C ILE K 231 -33.31 -53.62 -77.41
N LYS K 232 -34.46 -53.88 -78.04
CA LYS K 232 -34.72 -55.22 -78.57
C LYS K 232 -33.71 -55.60 -79.64
N ARG K 233 -33.42 -54.68 -80.56
CA ARG K 233 -32.45 -54.97 -81.61
C ARG K 233 -31.06 -55.19 -81.02
N LEU K 234 -30.69 -54.40 -80.00
CA LEU K 234 -29.38 -54.59 -79.38
C LEU K 234 -29.27 -55.94 -78.69
N GLU K 235 -30.32 -56.35 -77.96
CA GLU K 235 -30.28 -57.67 -77.33
C GLU K 235 -30.19 -58.78 -78.36
N ILE K 236 -30.96 -58.68 -79.44
CA ILE K 236 -30.91 -59.70 -80.48
C ILE K 236 -29.51 -59.77 -81.10
N ALA K 237 -28.93 -58.61 -81.39
CA ALA K 237 -27.60 -58.58 -82.00
C ALA K 237 -26.54 -59.14 -81.05
N ILE K 238 -26.65 -58.81 -79.76
CA ILE K 238 -25.68 -59.32 -78.79
C ILE K 238 -25.77 -60.84 -78.68
N GLU K 239 -27.00 -61.37 -78.60
CA GLU K 239 -27.15 -62.82 -78.52
C GLU K 239 -26.61 -63.50 -79.78
N GLN K 240 -26.91 -62.95 -80.95
CA GLN K 240 -26.43 -63.55 -82.19
C GLN K 240 -24.91 -63.49 -82.28
N ALA K 241 -24.30 -62.36 -81.87
CA ALA K 241 -22.85 -62.24 -81.89
C ALA K 241 -22.22 -63.22 -80.91
N ARG K 242 -22.83 -63.43 -79.75
CA ARG K 242 -22.33 -64.42 -78.81
C ARG K 242 -22.46 -65.82 -79.37
N ASN K 243 -23.46 -66.06 -80.22
CA ASN K 243 -23.60 -67.39 -80.85
C ASN K 243 -22.43 -67.67 -81.78
N ARG K 244 -21.99 -66.68 -82.55
CA ARG K 244 -20.93 -66.84 -83.53
C ARG K 244 -19.54 -66.72 -82.93
N ASN K 245 -19.42 -66.68 -81.61
CA ASN K 245 -18.15 -66.52 -80.91
C ASN K 245 -17.48 -65.19 -81.26
N LEU K 246 -18.26 -64.21 -81.71
CA LEU K 246 -17.75 -62.87 -81.96
C LEU K 246 -17.88 -61.97 -80.74
N LEU K 247 -18.40 -62.51 -79.64
CA LEU K 247 -18.49 -61.79 -78.38
C LEU K 247 -18.40 -62.81 -77.25
N GLY K 248 -18.12 -62.30 -76.05
CA GLY K 248 -17.97 -63.16 -74.90
C GLY K 248 -16.54 -63.60 -74.69
N ASN K 249 -16.37 -64.58 -73.80
CA ASN K 249 -15.05 -65.11 -73.53
C ASN K 249 -14.52 -65.89 -74.73
N ASN K 250 -13.21 -65.78 -74.96
CA ASN K 250 -12.52 -66.49 -76.04
C ASN K 250 -13.12 -66.14 -77.40
N ILE K 251 -12.98 -64.88 -77.78
CA ILE K 251 -13.45 -64.43 -79.09
C ILE K 251 -12.53 -64.99 -80.16
N LEU K 252 -13.12 -65.69 -81.14
CA LEU K 252 -12.41 -66.22 -82.29
C LEU K 252 -11.21 -67.07 -81.86
N ASN K 253 -11.41 -67.87 -80.81
CA ASN K 253 -10.41 -68.82 -80.32
C ASN K 253 -9.09 -68.15 -79.97
N THR K 254 -9.18 -67.00 -79.31
CA THR K 254 -8.02 -66.31 -78.76
C THR K 254 -8.23 -66.11 -77.26
N ASN K 255 -7.19 -65.57 -76.60
CA ASN K 255 -7.30 -65.28 -75.18
C ASN K 255 -8.16 -64.05 -74.91
N PHE K 256 -8.53 -63.29 -75.93
CA PHE K 256 -9.31 -62.08 -75.72
C PHE K 256 -10.73 -62.42 -75.27
N SER K 257 -11.21 -61.69 -74.27
CA SER K 257 -12.56 -61.87 -73.75
C SER K 257 -13.22 -60.52 -73.55
N PHE K 258 -14.48 -60.41 -73.96
CA PHE K 258 -15.23 -59.16 -73.84
C PHE K 258 -16.71 -59.45 -73.94
N ASP K 259 -17.48 -59.00 -72.96
CA ASP K 259 -18.92 -59.17 -72.94
C ASP K 259 -19.59 -57.84 -72.68
N ILE K 260 -20.82 -57.70 -73.17
CA ILE K 260 -21.55 -56.43 -73.14
C ILE K 260 -22.85 -56.62 -72.40
N LYS K 261 -23.15 -55.72 -71.48
CA LYS K 261 -24.41 -55.67 -70.76
C LYS K 261 -25.12 -54.35 -71.05
N LEU K 262 -26.45 -54.37 -71.02
CA LEU K 262 -27.26 -53.20 -71.30
C LEU K 262 -27.70 -52.55 -70.01
N LYS K 263 -27.57 -51.23 -69.94
CA LYS K 263 -28.10 -50.43 -68.85
C LYS K 263 -29.18 -49.52 -69.40
N LYS K 264 -30.32 -49.47 -68.71
CA LYS K 264 -31.47 -48.69 -69.15
C LYS K 264 -31.57 -47.45 -68.27
N GLY K 265 -31.37 -46.28 -68.86
CA GLY K 265 -31.51 -45.04 -68.12
C GLY K 265 -32.97 -44.63 -68.00
N ALA K 266 -33.32 -44.11 -66.82
CA ALA K 266 -34.69 -43.68 -66.58
C ALA K 266 -35.10 -42.51 -67.46
N GLY K 267 -34.14 -41.78 -68.00
CA GLY K 267 -34.43 -40.67 -68.89
C GLY K 267 -34.18 -39.32 -68.25
N ALA K 268 -33.04 -38.72 -68.58
CA ALA K 268 -32.69 -37.39 -68.09
C ALA K 268 -31.61 -36.82 -68.99
N PHE K 269 -31.73 -35.52 -69.29
CA PHE K 269 -30.74 -34.88 -70.14
C PHE K 269 -29.36 -34.91 -69.52
N VAL K 270 -29.27 -34.64 -68.21
CA VAL K 270 -27.96 -34.60 -67.56
C VAL K 270 -27.35 -35.99 -67.42
N CYS K 271 -28.17 -37.05 -67.42
CA CYS K 271 -27.61 -38.39 -67.29
C CYS K 271 -26.78 -38.79 -68.50
N GLY K 272 -26.91 -38.05 -69.61
CA GLY K 272 -26.05 -38.30 -70.76
C GLY K 272 -24.63 -37.83 -70.55
N GLU K 273 -24.40 -36.94 -69.59
CA GLU K 273 -23.04 -36.53 -69.25
C GLU K 273 -22.23 -37.73 -68.81
N GLU K 274 -20.96 -37.74 -69.21
CA GLU K 274 -20.03 -38.81 -68.83
C GLU K 274 -20.14 -39.15 -67.35
N THR K 275 -19.90 -38.17 -66.48
CA THR K 275 -19.80 -38.46 -65.05
C THR K 275 -21.16 -38.76 -64.45
N ALA K 276 -22.21 -38.07 -64.89
CA ALA K 276 -23.55 -38.40 -64.43
C ALA K 276 -23.97 -39.78 -64.91
N LEU K 277 -23.54 -40.16 -66.12
CA LEU K 277 -23.79 -41.52 -66.59
C LEU K 277 -23.07 -42.54 -65.72
N ILE K 278 -21.84 -42.24 -65.31
CA ILE K 278 -21.10 -43.12 -64.42
C ILE K 278 -21.85 -43.27 -63.10
N ALA K 279 -22.36 -42.17 -62.57
CA ALA K 279 -23.12 -42.21 -61.33
C ALA K 279 -24.40 -43.03 -61.49
N SER K 280 -25.11 -42.85 -62.61
CA SER K 280 -26.34 -43.58 -62.84
C SER K 280 -26.08 -45.08 -62.97
N ILE K 281 -25.02 -45.45 -63.66
CA ILE K 281 -24.65 -46.87 -63.75
C ILE K 281 -24.28 -47.40 -62.37
N GLU K 282 -23.60 -46.57 -61.57
CA GLU K 282 -23.27 -46.96 -60.21
C GLU K 282 -24.51 -47.10 -59.33
N GLY K 283 -25.66 -46.60 -59.76
CA GLY K 283 -26.89 -46.74 -59.04
C GLY K 283 -27.30 -45.55 -58.18
N GLU K 284 -26.81 -44.36 -58.47
CA GLU K 284 -27.18 -43.16 -57.76
C GLU K 284 -27.84 -42.18 -58.73
N ARG K 285 -28.23 -41.02 -58.20
CA ARG K 285 -28.82 -40.00 -59.05
C ARG K 285 -27.76 -39.38 -59.95
N GLY K 286 -28.20 -38.86 -61.09
CA GLY K 286 -27.28 -38.35 -62.08
C GLY K 286 -26.76 -36.95 -61.79
N MET K 287 -25.87 -36.84 -60.82
CA MET K 287 -25.26 -35.57 -60.48
C MET K 287 -23.82 -35.57 -60.98
N PRO K 288 -23.47 -34.79 -61.99
CA PRO K 288 -22.09 -34.78 -62.47
C PRO K 288 -21.11 -34.37 -61.38
N ARG K 289 -20.02 -35.12 -61.28
CA ARG K 289 -18.96 -34.83 -60.33
C ARG K 289 -17.88 -34.00 -61.04
N LEU K 290 -16.76 -33.79 -60.36
CA LEU K 290 -15.70 -32.97 -60.93
C LEU K 290 -14.96 -33.71 -62.03
N LYS K 291 -14.51 -32.96 -63.02
CA LYS K 291 -13.89 -33.48 -64.24
C LYS K 291 -12.42 -33.89 -64.12
N PRO K 292 -11.56 -33.12 -63.42
CA PRO K 292 -10.12 -33.40 -63.48
C PRO K 292 -9.77 -34.85 -63.14
N PRO K 293 -10.46 -35.49 -62.17
CA PRO K 293 -10.36 -36.95 -62.13
C PRO K 293 -11.15 -37.56 -63.27
N PHE K 294 -10.45 -38.03 -64.27
CA PHE K 294 -11.16 -38.35 -65.49
C PHE K 294 -11.62 -39.80 -65.51
N PRO K 295 -12.71 -40.10 -66.24
CA PRO K 295 -13.16 -41.49 -66.34
C PRO K 295 -12.12 -42.42 -66.91
N ALA K 296 -11.27 -41.94 -67.83
CA ALA K 296 -10.18 -42.75 -68.33
C ALA K 296 -9.17 -43.07 -67.24
N GLN K 297 -9.11 -42.27 -66.18
CA GLN K 297 -8.22 -42.53 -65.05
C GLN K 297 -8.94 -43.12 -63.84
N SER K 298 -10.19 -42.70 -63.59
CA SER K 298 -10.99 -43.26 -62.51
C SER K 298 -12.45 -43.02 -62.85
N GLY K 299 -13.13 -44.07 -63.33
CA GLY K 299 -14.51 -43.94 -63.74
C GLY K 299 -15.48 -44.76 -62.91
N LEU K 300 -16.02 -45.82 -63.51
CA LEU K 300 -16.99 -46.67 -62.83
C LEU K 300 -16.30 -47.43 -61.70
N TRP K 301 -16.77 -47.23 -60.47
CA TRP K 301 -16.28 -47.93 -59.29
C TRP K 301 -14.78 -47.75 -59.11
N GLY K 302 -14.24 -46.63 -59.58
CA GLY K 302 -12.83 -46.35 -59.43
C GLY K 302 -11.93 -47.02 -60.44
N ARG K 303 -12.48 -47.80 -61.36
CA ARG K 303 -11.68 -48.45 -62.39
C ARG K 303 -11.73 -47.64 -63.68
N PRO K 304 -10.63 -47.63 -64.44
CA PRO K 304 -10.58 -46.81 -65.66
C PRO K 304 -11.63 -47.26 -66.66
N THR K 305 -12.44 -46.30 -67.13
CA THR K 305 -13.47 -46.57 -68.12
C THR K 305 -13.28 -45.65 -69.31
N ASN K 306 -13.66 -46.14 -70.48
CA ASN K 306 -13.62 -45.36 -71.72
C ASN K 306 -15.05 -45.17 -72.20
N ILE K 307 -15.51 -43.92 -72.19
CA ILE K 307 -16.88 -43.59 -72.56
C ILE K 307 -16.84 -42.87 -73.90
N ASN K 308 -17.55 -43.42 -74.89
CA ASN K 308 -17.57 -42.86 -76.23
C ASN K 308 -18.99 -42.91 -76.77
N ASN K 309 -19.24 -42.06 -77.77
CA ASN K 309 -20.54 -42.00 -78.39
C ASN K 309 -20.77 -43.22 -79.29
N VAL K 310 -22.00 -43.36 -79.75
CA VAL K 310 -22.32 -44.44 -80.70
C VAL K 310 -21.61 -44.21 -82.02
N GLU K 311 -21.55 -42.96 -82.48
CA GLU K 311 -21.03 -42.68 -83.82
C GLU K 311 -19.54 -42.96 -83.92
N THR K 312 -18.76 -42.61 -82.91
CA THR K 312 -17.32 -42.89 -82.96
C THR K 312 -17.06 -44.39 -82.91
N TYR K 313 -17.82 -45.12 -82.10
CA TYR K 313 -17.69 -46.57 -82.07
C TYR K 313 -18.06 -47.18 -83.42
N ALA K 314 -19.05 -46.60 -84.10
CA ALA K 314 -19.40 -47.07 -85.43
C ALA K 314 -18.33 -46.72 -86.45
N ASN K 315 -17.63 -45.60 -86.26
CA ASN K 315 -16.58 -45.21 -87.19
C ASN K 315 -15.33 -46.07 -87.01
N VAL K 316 -15.11 -46.62 -85.82
CA VAL K 316 -13.88 -47.37 -85.55
C VAL K 316 -13.69 -48.55 -86.51
N PRO K 317 -14.66 -49.45 -86.69
CA PRO K 317 -14.41 -50.60 -87.59
C PRO K 317 -14.09 -50.19 -89.02
N TRP K 318 -14.75 -49.16 -89.54
CA TRP K 318 -14.44 -48.68 -90.88
C TRP K 318 -13.01 -48.17 -90.94
N ILE K 319 -12.57 -47.47 -89.89
CA ILE K 319 -11.19 -47.00 -89.82
C ILE K 319 -10.22 -48.18 -89.87
N ILE K 320 -10.55 -49.24 -89.11
CA ILE K 320 -9.64 -50.39 -89.04
C ILE K 320 -9.58 -51.11 -90.39
N THR K 321 -10.72 -51.30 -91.04
CA THR K 321 -10.74 -52.10 -92.26
C THR K 321 -10.27 -51.31 -93.48
N ASN K 322 -10.39 -49.99 -93.48
CA ASN K 322 -9.93 -49.18 -94.60
C ASN K 322 -8.62 -48.46 -94.32
N GLY K 323 -8.14 -48.47 -93.10
CA GLY K 323 -6.91 -47.79 -92.76
C GLY K 323 -7.15 -46.36 -92.29
N GLY K 324 -6.23 -45.87 -91.48
CA GLY K 324 -6.34 -44.50 -90.99
C GLY K 324 -6.19 -43.46 -92.08
N LYS K 325 -5.36 -43.73 -93.09
CA LYS K 325 -5.12 -42.77 -94.16
C LYS K 325 -6.41 -42.47 -94.93
N ALA K 326 -7.21 -43.51 -95.22
CA ALA K 326 -8.44 -43.30 -95.96
C ALA K 326 -9.41 -42.43 -95.19
N PHE K 327 -9.55 -42.66 -93.88
CA PHE K 327 -10.42 -41.82 -93.06
C PHE K 327 -9.89 -40.40 -92.98
N ALA K 328 -8.57 -40.24 -92.86
CA ALA K 328 -7.99 -38.91 -92.73
C ALA K 328 -8.13 -38.07 -93.99
N SER K 329 -8.44 -38.69 -95.12
CA SER K 329 -8.60 -37.95 -96.37
C SER K 329 -9.95 -37.26 -96.49
N LEU K 330 -10.86 -37.49 -95.56
CA LEU K 330 -12.17 -36.87 -95.56
C LEU K 330 -12.25 -35.83 -94.45
N GLY K 331 -12.65 -34.61 -94.81
CA GLY K 331 -12.82 -33.55 -93.85
C GLY K 331 -11.73 -32.50 -93.91
N THR K 332 -11.87 -31.50 -93.05
CA THR K 332 -10.92 -30.41 -92.98
C THR K 332 -9.61 -30.89 -92.32
N GLU K 333 -8.66 -29.97 -92.18
CA GLU K 333 -7.40 -30.31 -91.54
C GLU K 333 -7.56 -30.52 -90.05
N LYS K 334 -8.35 -29.67 -89.39
CA LYS K 334 -8.55 -29.81 -87.94
C LYS K 334 -9.36 -31.06 -87.62
N SER K 335 -10.47 -31.26 -88.31
CA SER K 335 -11.38 -32.37 -88.04
C SER K 335 -11.45 -33.30 -89.25
N LYS K 336 -11.24 -34.58 -89.01
CA LYS K 336 -11.26 -35.59 -90.06
C LYS K 336 -12.58 -36.37 -90.02
N GLY K 337 -12.92 -36.97 -91.15
CA GLY K 337 -14.04 -37.88 -91.21
C GLY K 337 -15.36 -37.22 -91.56
N THR K 338 -16.44 -37.93 -91.24
CA THR K 338 -17.79 -37.52 -91.54
C THR K 338 -18.60 -37.38 -90.25
N LYS K 339 -19.66 -36.57 -90.31
CA LYS K 339 -20.49 -36.29 -89.16
C LYS K 339 -21.95 -36.44 -89.53
N VAL K 340 -22.76 -36.88 -88.55
CA VAL K 340 -24.18 -37.14 -88.73
C VAL K 340 -24.97 -35.98 -88.15
N PHE K 341 -25.90 -35.45 -88.92
CA PHE K 341 -26.75 -34.34 -88.51
C PHE K 341 -28.21 -34.69 -88.71
N ALA K 342 -29.06 -34.07 -87.91
CA ALA K 342 -30.51 -34.28 -87.97
C ALA K 342 -31.16 -32.98 -88.41
N LEU K 343 -31.50 -32.89 -89.69
CA LEU K 343 -32.19 -31.72 -90.21
C LEU K 343 -33.66 -31.75 -89.81
N ALA K 344 -34.14 -30.63 -89.27
CA ALA K 344 -35.53 -30.50 -88.84
C ALA K 344 -35.95 -29.05 -89.02
N GLY K 345 -37.06 -28.68 -88.38
CA GLY K 345 -37.54 -27.32 -88.47
C GLY K 345 -38.21 -26.99 -89.79
N LYS K 346 -37.96 -25.79 -90.30
CA LYS K 346 -38.58 -25.31 -91.53
C LYS K 346 -37.85 -25.77 -92.79
N ILE K 347 -37.02 -26.82 -92.70
CA ILE K 347 -36.34 -27.33 -93.88
C ILE K 347 -37.34 -28.11 -94.74
N LYS K 348 -37.00 -28.24 -96.03
CA LYS K 348 -37.91 -28.90 -96.95
C LYS K 348 -37.91 -30.42 -96.74
N ARG K 349 -36.74 -31.00 -96.52
CA ARG K 349 -36.58 -32.45 -96.36
C ARG K 349 -35.78 -32.71 -95.09
N GLY K 350 -36.47 -32.89 -93.97
CA GLY K 350 -35.81 -33.25 -92.75
C GLY K 350 -35.38 -34.71 -92.75
N GLY K 351 -34.58 -35.07 -91.75
CA GLY K 351 -34.13 -36.44 -91.62
C GLY K 351 -32.70 -36.50 -91.16
N LEU K 352 -32.03 -37.60 -91.49
CA LEU K 352 -30.67 -37.85 -91.06
C LEU K 352 -29.74 -37.73 -92.26
N VAL K 353 -28.64 -37.00 -92.09
CA VAL K 353 -27.64 -36.83 -93.13
C VAL K 353 -26.27 -37.15 -92.54
N GLU K 354 -25.38 -37.65 -93.38
CA GLU K 354 -24.00 -37.93 -92.99
C GLU K 354 -23.09 -37.19 -93.97
N VAL K 355 -22.58 -36.04 -93.55
CA VAL K 355 -21.87 -35.14 -94.45
C VAL K 355 -20.40 -35.09 -94.07
N PRO K 356 -19.49 -34.86 -95.02
CA PRO K 356 -18.08 -34.65 -94.66
C PRO K 356 -17.93 -33.39 -93.84
N MET K 357 -16.96 -33.41 -92.92
CA MET K 357 -16.64 -32.21 -92.17
C MET K 357 -16.01 -31.18 -93.10
N GLY K 358 -16.43 -29.93 -92.95
CA GLY K 358 -15.97 -28.86 -93.81
C GLY K 358 -16.92 -28.50 -94.93
N MET K 359 -17.99 -29.27 -95.12
CA MET K 359 -19.00 -28.90 -96.09
C MET K 359 -19.82 -27.74 -95.54
N SER K 360 -20.02 -26.72 -96.38
CA SER K 360 -20.65 -25.48 -95.92
C SER K 360 -22.08 -25.74 -95.45
N LEU K 361 -22.49 -25.00 -94.42
CA LEU K 361 -23.86 -25.14 -93.92
C LEU K 361 -24.88 -24.74 -94.97
N ARG K 362 -24.53 -23.82 -95.88
CA ARG K 362 -25.43 -23.47 -96.95
C ARG K 362 -25.70 -24.66 -97.86
N GLU K 363 -24.68 -25.46 -98.13
CA GLU K 363 -24.88 -26.66 -98.94
C GLU K 363 -25.83 -27.64 -98.25
N VAL K 364 -25.66 -27.83 -96.93
CA VAL K 364 -26.53 -28.73 -96.21
C VAL K 364 -27.97 -28.22 -96.21
N ILE K 365 -28.15 -26.92 -95.97
CA ILE K 365 -29.49 -26.36 -95.85
C ILE K 365 -30.20 -26.38 -97.20
N TYR K 366 -29.52 -25.94 -98.26
CA TYR K 366 -30.18 -25.80 -99.56
C TYR K 366 -30.06 -27.05 -100.41
N ASN K 367 -28.82 -27.49 -100.68
CA ASN K 367 -28.62 -28.62 -101.60
C ASN K 367 -29.17 -29.91 -101.03
N ILE K 368 -28.88 -30.21 -99.76
CA ILE K 368 -29.32 -31.46 -99.15
C ILE K 368 -30.70 -31.31 -98.52
N GLY K 369 -30.89 -30.28 -97.69
CA GLY K 369 -32.16 -30.07 -97.05
C GLY K 369 -33.28 -29.68 -97.99
N GLY K 370 -32.97 -29.28 -99.22
CA GLY K 370 -33.98 -28.90 -100.17
C GLY K 370 -34.47 -27.48 -100.06
N GLY K 371 -33.82 -26.65 -99.24
CA GLY K 371 -34.24 -25.29 -99.06
C GLY K 371 -35.28 -25.14 -97.95
N ILE K 372 -35.68 -23.90 -97.74
CA ILE K 372 -36.66 -23.58 -96.70
C ILE K 372 -38.05 -23.93 -97.20
N LYS K 373 -38.88 -24.45 -96.30
CA LYS K 373 -40.25 -24.79 -96.65
C LYS K 373 -41.03 -23.53 -97.01
N ASP K 374 -41.86 -23.63 -98.04
CA ASP K 374 -42.70 -22.54 -98.56
C ASP K 374 -41.86 -21.40 -99.13
N ASP K 375 -40.57 -21.66 -99.39
CA ASP K 375 -39.69 -20.69 -100.03
C ASP K 375 -39.62 -19.37 -99.27
N LYS K 376 -39.61 -19.45 -97.95
CA LYS K 376 -39.47 -18.26 -97.12
C LYS K 376 -38.00 -17.98 -96.85
N ALA K 377 -37.72 -16.74 -96.43
CA ALA K 377 -36.35 -16.34 -96.14
C ALA K 377 -35.79 -17.15 -94.97
N PHE K 378 -34.50 -17.40 -95.01
CA PHE K 378 -33.82 -18.24 -94.03
C PHE K 378 -33.18 -17.35 -92.97
N LYS K 379 -33.71 -17.41 -91.74
CA LYS K 379 -33.23 -16.49 -90.71
C LYS K 379 -32.02 -17.03 -89.96
N ALA K 380 -32.16 -18.19 -89.32
CA ALA K 380 -31.07 -18.73 -88.51
C ALA K 380 -31.25 -20.23 -88.36
N VAL K 381 -30.16 -20.88 -87.96
CA VAL K 381 -30.15 -22.30 -87.63
C VAL K 381 -29.80 -22.44 -86.15
N GLN K 382 -30.67 -23.08 -85.39
CA GLN K 382 -30.40 -23.37 -83.99
C GLN K 382 -29.72 -24.74 -83.92
N MET K 383 -28.41 -24.73 -84.10
CA MET K 383 -27.64 -25.97 -84.21
C MET K 383 -26.99 -26.30 -82.87
N GLY K 384 -26.97 -27.59 -82.54
CA GLY K 384 -26.42 -28.07 -81.30
C GLY K 384 -27.45 -28.59 -80.33
N GLY K 385 -28.71 -28.21 -80.49
CA GLY K 385 -29.76 -28.62 -79.59
C GLY K 385 -30.14 -27.50 -78.65
N PRO K 386 -30.77 -27.85 -77.53
CA PRO K 386 -31.15 -26.81 -76.55
C PRO K 386 -29.94 -26.09 -75.96
N SER K 387 -28.77 -26.70 -75.97
CA SER K 387 -27.54 -26.05 -75.54
C SER K 387 -26.69 -25.58 -76.71
N GLY K 388 -27.28 -25.46 -77.88
CA GLY K 388 -26.58 -24.97 -79.06
C GLY K 388 -26.75 -23.49 -79.24
N GLY K 389 -26.52 -23.03 -80.47
CA GLY K 389 -26.59 -21.62 -80.76
C GLY K 389 -27.30 -21.35 -82.07
N CYS K 390 -27.72 -20.10 -82.23
CA CYS K 390 -28.45 -19.63 -83.41
C CYS K 390 -27.46 -18.98 -84.36
N ILE K 391 -26.94 -19.77 -85.29
CA ILE K 391 -26.07 -19.25 -86.35
C ILE K 391 -26.93 -18.46 -87.34
N PRO K 392 -26.59 -17.21 -87.65
CA PRO K 392 -27.49 -16.36 -88.44
C PRO K 392 -27.41 -16.60 -89.93
N ALA K 393 -28.14 -15.78 -90.69
CA ALA K 393 -28.24 -15.98 -92.13
C ALA K 393 -26.91 -15.69 -92.84
N ASP K 394 -26.21 -14.64 -92.43
CA ASP K 394 -24.99 -14.26 -93.15
C ASP K 394 -23.84 -15.21 -92.89
N LEU K 395 -23.87 -15.96 -91.78
CA LEU K 395 -22.86 -16.98 -91.50
C LEU K 395 -23.27 -18.36 -92.02
N ILE K 396 -24.11 -18.41 -93.05
CA ILE K 396 -24.53 -19.68 -93.61
C ILE K 396 -23.40 -20.42 -94.30
N ASP K 397 -22.30 -19.73 -94.62
CA ASP K 397 -21.19 -20.32 -95.34
C ASP K 397 -20.09 -20.85 -94.44
N THR K 398 -20.27 -20.81 -93.12
CA THR K 398 -19.26 -21.36 -92.23
C THR K 398 -19.24 -22.89 -92.37
N PRO K 399 -18.08 -23.49 -92.55
CA PRO K 399 -18.03 -24.94 -92.79
C PRO K 399 -18.44 -25.72 -91.55
N VAL K 400 -18.92 -26.94 -91.80
CA VAL K 400 -19.24 -27.87 -90.72
C VAL K 400 -17.92 -28.38 -90.14
N ASP K 401 -17.64 -28.03 -88.89
CA ASP K 401 -16.39 -28.37 -88.23
C ASP K 401 -16.52 -27.96 -86.77
N TYR K 402 -15.85 -28.70 -85.89
CA TYR K 402 -15.87 -28.35 -84.48
C TYR K 402 -15.40 -26.92 -84.25
N GLU K 403 -14.22 -26.59 -84.79
CA GLU K 403 -13.67 -25.26 -84.57
C GLU K 403 -14.47 -24.18 -85.29
N SER K 404 -14.89 -24.46 -86.53
CA SER K 404 -15.62 -23.44 -87.28
C SER K 404 -16.99 -23.16 -86.67
N ILE K 405 -17.66 -24.20 -86.18
CA ILE K 405 -18.95 -24.00 -85.53
C ILE K 405 -18.76 -23.32 -84.18
N THR K 406 -17.76 -23.74 -83.41
CA THR K 406 -17.54 -23.14 -82.09
C THR K 406 -17.15 -21.67 -82.18
N LYS K 407 -16.39 -21.29 -83.22
CA LYS K 407 -16.02 -19.90 -83.39
C LYS K 407 -17.23 -18.99 -83.59
N THR K 408 -18.37 -19.55 -84.01
CA THR K 408 -19.61 -18.79 -84.08
C THR K 408 -20.38 -18.79 -82.77
N GLY K 409 -19.87 -19.46 -81.75
CA GLY K 409 -20.53 -19.49 -80.46
C GLY K 409 -21.30 -20.78 -80.22
N ALA K 410 -21.93 -21.29 -81.27
CA ALA K 410 -22.71 -22.53 -81.15
C ALA K 410 -21.79 -23.72 -80.95
N ILE K 411 -22.40 -24.86 -80.62
CA ILE K 411 -21.68 -26.09 -80.38
C ILE K 411 -22.26 -27.16 -81.29
N MET K 412 -21.43 -28.17 -81.60
CA MET K 412 -21.90 -29.27 -82.43
C MET K 412 -22.99 -30.06 -81.73
N GLY K 413 -22.79 -30.37 -80.44
CA GLY K 413 -23.84 -30.95 -79.63
C GLY K 413 -24.37 -32.24 -80.22
N SER K 414 -25.69 -32.35 -80.25
CA SER K 414 -26.38 -33.51 -80.79
C SER K 414 -26.61 -33.40 -82.30
N GLY K 415 -25.93 -32.48 -82.98
CA GLY K 415 -26.09 -32.35 -84.41
C GLY K 415 -27.47 -31.97 -84.87
N GLY K 416 -28.33 -31.52 -83.96
CA GLY K 416 -29.69 -31.19 -84.32
C GLY K 416 -29.83 -29.78 -84.81
N MET K 417 -29.87 -29.60 -86.12
CA MET K 417 -29.98 -28.28 -86.73
C MET K 417 -31.45 -27.97 -87.00
N ILE K 418 -31.95 -26.92 -86.36
CA ILE K 418 -33.35 -26.53 -86.47
C ILE K 418 -33.41 -25.31 -87.39
N VAL K 419 -33.67 -25.58 -88.68
CA VAL K 419 -33.78 -24.50 -89.65
C VAL K 419 -35.01 -23.65 -89.34
N MET K 420 -34.85 -22.33 -89.45
CA MET K 420 -35.93 -21.42 -89.10
C MET K 420 -36.04 -20.31 -90.14
N ASP K 421 -37.27 -19.93 -90.45
CA ASP K 421 -37.55 -18.89 -91.43
C ASP K 421 -37.60 -17.54 -90.76
N GLU K 422 -37.93 -16.50 -91.51
CA GLU K 422 -37.92 -15.13 -90.99
C GLU K 422 -39.10 -14.82 -90.09
N THR K 423 -40.12 -15.68 -90.05
CA THR K 423 -41.28 -15.42 -89.21
C THR K 423 -41.06 -15.85 -87.76
N THR K 424 -39.94 -16.49 -87.46
CA THR K 424 -39.70 -16.96 -86.11
C THR K 424 -39.04 -15.87 -85.28
N CYS K 425 -39.60 -15.60 -84.10
CA CYS K 425 -39.07 -14.58 -83.20
C CYS K 425 -37.94 -15.17 -82.37
N MET K 426 -36.83 -14.45 -82.28
CA MET K 426 -35.64 -15.00 -81.66
C MET K 426 -35.74 -15.06 -80.15
N VAL K 427 -36.46 -14.13 -79.53
CA VAL K 427 -36.59 -14.13 -78.08
C VAL K 427 -37.31 -15.38 -77.60
N ASP K 428 -38.39 -15.76 -78.28
CA ASP K 428 -39.13 -16.97 -77.89
C ASP K 428 -38.27 -18.22 -78.07
N ILE K 429 -37.49 -18.27 -79.14
CA ILE K 429 -36.64 -19.43 -79.40
C ILE K 429 -35.60 -19.60 -78.30
N ALA K 430 -34.92 -18.51 -77.94
CA ALA K 430 -33.95 -18.57 -76.86
C ALA K 430 -34.63 -18.97 -75.55
N ARG K 431 -35.77 -18.38 -75.32
CA ARG K 431 -36.50 -18.70 -74.11
C ARG K 431 -36.97 -20.16 -74.11
N PHE K 432 -37.38 -20.71 -75.30
CA PHE K 432 -37.87 -22.09 -75.42
C PHE K 432 -36.78 -23.08 -75.03
N PHE K 433 -35.58 -22.92 -75.61
CA PHE K 433 -34.51 -23.86 -75.31
C PHE K 433 -33.93 -23.65 -73.92
N LEU K 434 -33.88 -22.39 -73.46
CA LEU K 434 -33.41 -22.12 -72.11
C LEU K 434 -34.37 -22.68 -71.07
N GLU K 435 -35.66 -22.70 -71.37
CA GLU K 435 -36.62 -23.33 -70.46
C GLU K 435 -36.34 -24.81 -70.30
N PHE K 436 -36.11 -25.51 -71.42
CA PHE K 436 -35.76 -26.93 -71.36
C PHE K 436 -34.47 -27.14 -70.60
N THR K 437 -33.46 -26.30 -70.86
CA THR K 437 -32.18 -26.45 -70.17
C THR K 437 -32.31 -26.22 -68.67
N CYS K 438 -33.10 -25.22 -68.27
CA CYS K 438 -33.33 -24.99 -66.85
C CYS K 438 -34.09 -26.14 -66.21
N LYS K 439 -35.08 -26.70 -66.92
CA LYS K 439 -35.81 -27.84 -66.39
C LYS K 439 -34.93 -29.06 -66.27
N GLU K 440 -33.89 -29.18 -67.09
CA GLU K 440 -33.07 -30.38 -67.12
C GLU K 440 -31.80 -30.27 -66.27
N SER K 441 -31.62 -29.17 -65.55
CA SER K 441 -30.46 -29.06 -64.68
C SER K 441 -30.63 -29.90 -63.43
N CYS K 442 -29.52 -30.51 -62.98
CA CYS K 442 -29.56 -31.33 -61.78
C CYS K 442 -29.61 -30.52 -60.49
N GLY K 443 -29.17 -29.26 -60.52
CA GLY K 443 -29.31 -28.38 -59.38
C GLY K 443 -28.17 -28.40 -58.38
N LYS K 444 -27.00 -28.90 -58.75
CA LYS K 444 -25.90 -29.00 -57.80
C LYS K 444 -25.29 -27.62 -57.51
N CYS K 445 -24.78 -26.96 -58.54
CA CYS K 445 -24.07 -25.69 -58.36
C CYS K 445 -25.00 -24.51 -58.57
N THR K 446 -24.69 -23.41 -57.87
CA THR K 446 -25.59 -22.27 -57.86
C THR K 446 -25.70 -21.60 -59.23
N TYR K 447 -24.61 -21.52 -59.99
CA TYR K 447 -24.63 -20.78 -61.24
C TYR K 447 -25.62 -21.37 -62.23
N CYS K 448 -25.71 -22.70 -62.29
CA CYS K 448 -26.65 -23.33 -63.20
C CYS K 448 -28.03 -23.53 -62.60
N ARG K 449 -28.12 -23.78 -61.29
CA ARG K 449 -29.41 -24.12 -60.70
C ARG K 449 -30.35 -22.92 -60.67
N VAL K 450 -29.88 -21.77 -60.21
CA VAL K 450 -30.72 -20.59 -60.10
C VAL K 450 -30.43 -19.57 -61.18
N GLY K 451 -29.20 -19.50 -61.69
CA GLY K 451 -28.89 -18.54 -62.75
C GLY K 451 -29.71 -18.79 -64.00
N THR K 452 -29.89 -20.05 -64.37
CA THR K 452 -30.73 -20.38 -65.53
C THR K 452 -32.17 -19.93 -65.30
N ARG K 453 -32.67 -20.11 -64.09
CA ARG K 453 -34.03 -19.65 -63.78
C ARG K 453 -34.14 -18.14 -63.87
N ARG K 454 -33.13 -17.41 -63.38
CA ARG K 454 -33.14 -15.96 -63.48
C ARG K 454 -33.10 -15.51 -64.95
N MET K 455 -32.30 -16.18 -65.77
CA MET K 455 -32.28 -15.85 -67.19
C MET K 455 -33.62 -16.16 -67.84
N LEU K 456 -34.26 -17.25 -67.45
CA LEU K 456 -35.59 -17.56 -67.97
C LEU K 456 -36.60 -16.49 -67.58
N GLU K 457 -36.54 -16.02 -66.34
CA GLU K 457 -37.44 -14.95 -65.92
C GLU K 457 -37.16 -13.65 -66.67
N ILE K 458 -35.89 -13.34 -66.92
CA ILE K 458 -35.54 -12.14 -67.67
C ILE K 458 -36.06 -12.23 -69.09
N LEU K 459 -35.92 -13.40 -69.71
CA LEU K 459 -36.46 -13.59 -71.06
C LEU K 459 -37.97 -13.50 -71.07
N ASP K 460 -38.63 -14.02 -70.04
CA ASP K 460 -40.08 -13.90 -69.94
C ASP K 460 -40.49 -12.43 -69.85
N ARG K 461 -39.79 -11.65 -69.04
CA ARG K 461 -40.11 -10.23 -68.90
C ARG K 461 -39.87 -9.50 -70.22
N ILE K 462 -38.80 -9.86 -70.92
CA ILE K 462 -38.51 -9.21 -72.21
C ILE K 462 -39.60 -9.53 -73.22
N CYS K 463 -39.99 -10.80 -73.31
CA CYS K 463 -40.99 -11.21 -74.29
C CYS K 463 -42.35 -10.60 -73.98
N ASN K 464 -42.74 -10.56 -72.70
CA ASN K 464 -44.01 -9.98 -72.33
C ASN K 464 -44.02 -8.46 -72.44
N GLY K 465 -42.88 -7.84 -72.68
CA GLY K 465 -42.79 -6.40 -72.73
C GLY K 465 -42.74 -5.71 -71.38
N GLU K 466 -42.79 -6.47 -70.29
CA GLU K 466 -42.77 -5.92 -68.95
C GLU K 466 -41.37 -5.76 -68.39
N GLY K 467 -40.34 -6.05 -69.19
CA GLY K 467 -38.98 -5.94 -68.71
C GLY K 467 -38.60 -4.50 -68.39
N ARG K 468 -37.80 -4.32 -67.35
CA ARG K 468 -37.41 -3.01 -66.89
C ARG K 468 -36.23 -2.51 -67.74
N ASP K 469 -35.59 -1.44 -67.30
CA ASP K 469 -34.38 -0.96 -67.96
C ASP K 469 -33.19 -1.79 -67.51
N GLY K 470 -32.15 -1.80 -68.34
CA GLY K 470 -30.96 -2.56 -68.03
C GLY K 470 -31.12 -4.05 -68.12
N ASP K 471 -32.12 -4.54 -68.86
CA ASP K 471 -32.33 -5.98 -68.96
C ASP K 471 -31.32 -6.64 -69.89
N LEU K 472 -30.91 -5.97 -70.96
CA LEU K 472 -29.99 -6.59 -71.91
C LEU K 472 -28.60 -6.76 -71.30
N GLU K 473 -28.08 -5.72 -70.66
CA GLU K 473 -26.76 -5.82 -70.04
C GLU K 473 -26.78 -6.82 -68.89
N LEU K 474 -27.83 -6.80 -68.07
CA LEU K 474 -27.94 -7.75 -66.96
C LEU K 474 -28.04 -9.18 -67.48
N LEU K 475 -28.81 -9.39 -68.55
CA LEU K 475 -28.94 -10.73 -69.12
C LEU K 475 -27.61 -11.21 -69.69
N GLU K 476 -26.88 -10.33 -70.37
CA GLU K 476 -25.58 -10.71 -70.92
C GLU K 476 -24.61 -11.06 -69.81
N GLU K 477 -24.55 -10.25 -68.76
CA GLU K 477 -23.66 -10.53 -67.64
C GLU K 477 -24.04 -11.82 -66.94
N LEU K 478 -25.34 -12.05 -66.75
CA LEU K 478 -25.78 -13.30 -66.14
C LEU K 478 -25.41 -14.49 -66.99
N ALA K 479 -25.56 -14.38 -68.31
CA ALA K 479 -25.23 -15.50 -69.19
C ALA K 479 -23.74 -15.80 -69.17
N VAL K 480 -22.89 -14.75 -69.20
CA VAL K 480 -21.47 -15.02 -69.22
C VAL K 480 -20.98 -15.48 -67.85
N SER K 481 -21.68 -15.12 -66.78
CA SER K 481 -21.30 -15.64 -65.47
C SER K 481 -21.74 -17.09 -65.29
N VAL K 482 -22.91 -17.45 -65.81
CA VAL K 482 -23.36 -18.84 -65.77
C VAL K 482 -22.45 -19.72 -66.62
N LYS K 483 -22.06 -19.23 -67.80
CA LYS K 483 -21.23 -20.02 -68.71
C LYS K 483 -19.85 -20.28 -68.12
N ASP K 484 -19.27 -19.28 -67.45
CA ASP K 484 -17.91 -19.40 -66.92
C ASP K 484 -17.89 -19.84 -65.46
N GLY K 485 -19.03 -20.17 -64.87
CA GLY K 485 -19.06 -20.54 -63.47
C GLY K 485 -19.69 -21.88 -63.19
N SER K 486 -20.44 -22.42 -64.16
CA SER K 486 -21.13 -23.69 -63.95
C SER K 486 -20.11 -24.84 -63.88
N LEU K 487 -20.54 -25.91 -63.20
CA LEU K 487 -19.62 -27.01 -62.93
C LEU K 487 -19.51 -27.96 -64.12
N CYS K 488 -20.63 -28.28 -64.75
CA CYS K 488 -20.67 -29.29 -65.80
C CYS K 488 -20.96 -28.64 -67.15
N GLY K 489 -21.03 -29.48 -68.19
CA GLY K 489 -21.25 -28.99 -69.54
C GLY K 489 -22.68 -28.57 -69.82
N LEU K 490 -23.64 -28.99 -69.00
CA LEU K 490 -25.01 -28.57 -69.21
C LEU K 490 -25.21 -27.13 -68.79
N GLY K 491 -24.46 -26.67 -67.79
CA GLY K 491 -24.53 -25.28 -67.38
C GLY K 491 -23.63 -24.40 -68.21
N GLN K 492 -22.43 -24.88 -68.53
CA GLN K 492 -21.51 -24.11 -69.36
C GLN K 492 -22.03 -23.90 -70.77
N THR K 493 -22.95 -24.75 -71.23
CA THR K 493 -23.61 -24.58 -72.51
C THR K 493 -25.07 -24.18 -72.37
N ALA K 494 -25.52 -23.92 -71.14
CA ALA K 494 -26.90 -23.49 -70.93
C ALA K 494 -27.22 -22.15 -71.60
N PRO K 495 -26.44 -21.08 -71.41
CA PRO K 495 -26.81 -19.78 -71.99
C PRO K 495 -26.38 -19.60 -73.44
N ASN K 496 -25.97 -20.67 -74.11
CA ASN K 496 -25.53 -20.55 -75.50
C ASN K 496 -26.59 -19.96 -76.43
N PRO K 497 -27.89 -20.31 -76.34
CA PRO K 497 -28.88 -19.63 -77.17
C PRO K 497 -28.88 -18.13 -76.94
N VAL K 498 -29.14 -17.73 -75.69
CA VAL K 498 -29.22 -16.32 -75.32
C VAL K 498 -28.02 -15.56 -75.85
N LEU K 499 -26.82 -16.01 -75.45
CA LEU K 499 -25.59 -15.36 -75.90
C LEU K 499 -25.56 -15.23 -77.41
N THR K 500 -25.85 -16.31 -78.12
CA THR K 500 -25.83 -16.25 -79.58
C THR K 500 -26.86 -15.27 -80.10
N THR K 501 -28.07 -15.30 -79.54
CA THR K 501 -29.09 -14.34 -79.96
C THR K 501 -28.74 -12.92 -79.56
N LEU K 502 -27.80 -12.75 -78.62
CA LEU K 502 -27.33 -11.43 -78.26
C LEU K 502 -26.11 -11.01 -79.06
N ARG K 503 -25.59 -11.89 -79.92
CA ARG K 503 -24.46 -11.51 -80.76
C ARG K 503 -24.89 -11.16 -82.18
N TYR K 504 -25.93 -11.83 -82.68
CA TYR K 504 -26.43 -11.57 -84.03
C TYR K 504 -27.77 -10.85 -84.04
N PHE K 505 -28.65 -11.13 -83.09
CA PHE K 505 -30.00 -10.59 -83.06
C PHE K 505 -30.22 -9.71 -81.84
N LYS K 506 -29.24 -8.87 -81.50
CA LYS K 506 -29.41 -7.93 -80.40
C LYS K 506 -30.52 -6.93 -80.72
N ASP K 507 -30.64 -6.52 -81.99
CA ASP K 507 -31.68 -5.59 -82.38
C ASP K 507 -33.07 -6.15 -82.13
N GLU K 508 -33.23 -7.47 -82.24
CA GLU K 508 -34.51 -8.09 -81.92
C GLU K 508 -34.88 -7.89 -80.46
N TYR K 509 -33.92 -8.14 -79.56
CA TYR K 509 -34.16 -7.89 -78.14
C TYR K 509 -34.45 -6.42 -77.88
N ILE K 510 -33.69 -5.53 -78.52
CA ILE K 510 -33.85 -4.10 -78.27
C ILE K 510 -35.23 -3.63 -78.69
N ALA K 511 -35.69 -4.07 -79.87
CA ALA K 511 -37.04 -3.74 -80.29
C ALA K 511 -38.09 -4.40 -79.40
N HIS K 512 -37.80 -5.59 -78.88
CA HIS K 512 -38.73 -6.25 -77.98
C HIS K 512 -38.93 -5.46 -76.69
N ILE K 513 -37.84 -4.94 -76.11
CA ILE K 513 -37.94 -4.35 -74.78
C ILE K 513 -38.33 -2.89 -74.84
N ARG K 514 -37.81 -2.14 -75.82
CA ARG K 514 -38.09 -0.71 -75.92
C ARG K 514 -39.41 -0.45 -76.64
N ASP K 515 -39.53 -0.92 -77.88
CA ASP K 515 -40.73 -0.69 -78.66
C ASP K 515 -41.91 -1.54 -78.20
N LYS K 516 -41.68 -2.50 -77.30
CA LYS K 516 -42.74 -3.37 -76.77
C LYS K 516 -43.43 -4.15 -77.89
N LYS K 517 -42.66 -4.56 -78.89
CA LYS K 517 -43.20 -5.35 -80.00
C LYS K 517 -42.05 -6.08 -80.68
N CYS K 518 -42.42 -7.10 -81.47
CA CYS K 518 -41.43 -7.88 -82.18
C CYS K 518 -41.66 -7.83 -83.68
N PRO K 519 -40.60 -7.73 -84.48
CA PRO K 519 -40.78 -7.74 -85.94
C PRO K 519 -41.39 -9.03 -86.46
N ALA K 520 -41.11 -10.17 -85.83
CA ALA K 520 -41.63 -11.44 -86.31
C ALA K 520 -43.10 -11.66 -85.97
N LYS K 521 -43.65 -10.87 -85.03
CA LYS K 521 -45.06 -10.95 -84.66
C LYS K 521 -45.42 -12.35 -84.18
N GLN K 522 -44.55 -12.93 -83.35
CA GLN K 522 -44.75 -14.27 -82.82
C GLN K 522 -45.04 -14.32 -81.33
N CYS K 523 -44.56 -13.34 -80.55
CA CYS K 523 -44.90 -13.28 -79.15
C CYS K 523 -46.40 -13.08 -78.98
N LYS K 524 -47.04 -14.00 -78.28
CA LYS K 524 -48.49 -13.93 -78.11
C LYS K 524 -48.91 -12.71 -77.30
N ALA K 525 -48.05 -12.25 -76.39
CA ALA K 525 -48.35 -11.08 -75.58
C ALA K 525 -48.22 -9.77 -76.35
N LEU K 526 -47.63 -9.79 -77.55
CA LEU K 526 -47.41 -8.59 -78.32
C LEU K 526 -48.24 -8.51 -79.59
N ILE K 527 -48.82 -9.62 -80.04
CA ILE K 527 -49.65 -9.62 -81.25
C ILE K 527 -51.00 -9.00 -80.93
N ASP L 22 -50.56 -53.68 -52.57
CA ASP L 22 -49.86 -54.96 -52.65
C ASP L 22 -48.35 -54.74 -52.69
N LEU L 23 -47.60 -55.72 -52.21
CA LEU L 23 -46.14 -55.71 -52.27
C LEU L 23 -45.54 -56.98 -52.85
N SER L 24 -46.29 -58.08 -52.92
CA SER L 24 -45.76 -59.31 -53.51
C SER L 24 -45.48 -59.18 -54.99
N LEU L 25 -46.13 -58.24 -55.67
CA LEU L 25 -45.90 -58.08 -57.11
C LEU L 25 -44.45 -57.72 -57.41
N LEU L 26 -43.78 -57.01 -56.51
CA LEU L 26 -42.38 -56.68 -56.68
C LEU L 26 -41.45 -57.83 -56.34
N ASP L 27 -41.97 -58.93 -55.80
CA ASP L 27 -41.11 -60.03 -55.36
C ASP L 27 -40.24 -60.59 -56.48
N PRO L 28 -40.74 -60.89 -57.68
CA PRO L 28 -39.84 -61.37 -58.74
C PRO L 28 -38.76 -60.36 -59.12
N VAL L 29 -39.13 -59.10 -59.29
CA VAL L 29 -38.17 -58.08 -59.71
C VAL L 29 -37.04 -57.98 -58.71
N LEU L 30 -37.38 -57.85 -57.42
CA LEU L 30 -36.35 -57.79 -56.38
C LEU L 30 -35.51 -59.06 -56.35
N ASP L 31 -36.09 -60.20 -56.75
CA ASP L 31 -35.30 -61.42 -56.81
C ASP L 31 -34.39 -61.43 -58.02
N GLU L 32 -34.78 -60.77 -59.10
CA GLU L 32 -33.93 -60.75 -60.30
C GLU L 32 -32.73 -59.84 -60.12
N TYR L 33 -32.93 -58.68 -59.50
CA TYR L 33 -31.89 -57.67 -59.34
C TYR L 33 -31.28 -57.69 -57.94
N LYS L 34 -31.14 -58.87 -57.35
CA LYS L 34 -30.56 -59.00 -56.02
C LYS L 34 -29.06 -59.26 -56.12
N GLY L 35 -28.37 -59.07 -55.00
CA GLY L 35 -26.95 -59.27 -54.91
C GLY L 35 -26.12 -58.05 -55.25
N GLU L 36 -26.70 -57.04 -55.88
CA GLU L 36 -26.00 -55.80 -56.20
C GLU L 36 -26.94 -54.64 -55.93
N LYS L 37 -26.42 -53.62 -55.24
CA LYS L 37 -27.19 -52.43 -54.93
C LYS L 37 -26.97 -51.32 -55.96
N SER L 38 -26.51 -51.66 -57.15
CA SER L 38 -26.33 -50.71 -58.24
C SER L 38 -27.43 -50.80 -59.29
N ASN L 39 -28.46 -51.61 -59.05
CA ASN L 39 -29.56 -51.78 -59.98
C ASN L 39 -30.86 -51.19 -59.44
N ILE L 40 -30.76 -50.15 -58.63
CA ILE L 40 -31.96 -49.61 -57.99
C ILE L 40 -32.83 -48.87 -59.00
N ILE L 41 -32.24 -48.29 -60.04
CA ILE L 41 -33.03 -47.56 -61.04
C ILE L 41 -33.89 -48.54 -61.83
N ALA L 42 -33.36 -49.70 -62.16
CA ALA L 42 -34.15 -50.71 -62.86
C ALA L 42 -35.31 -51.18 -61.99
N ILE L 43 -35.06 -51.41 -60.70
CA ILE L 43 -36.13 -51.83 -59.79
C ILE L 43 -37.20 -50.76 -59.70
N LEU L 44 -36.78 -49.49 -59.62
CA LEU L 44 -37.74 -48.40 -59.57
C LEU L 44 -38.57 -48.35 -60.84
N GLN L 45 -37.93 -48.56 -62.01
CA GLN L 45 -38.67 -48.54 -63.27
C GLN L 45 -39.68 -49.68 -63.34
N LYS L 46 -39.31 -50.88 -62.90
CA LYS L 46 -40.26 -51.99 -62.90
C LYS L 46 -41.41 -51.73 -61.93
N THR L 47 -41.12 -51.15 -60.77
CA THR L 47 -42.19 -50.80 -59.84
C THR L 47 -43.11 -49.75 -60.45
N GLN L 48 -42.54 -48.78 -61.15
CA GLN L 48 -43.34 -47.77 -61.84
C GLN L 48 -44.24 -48.40 -62.89
N GLU L 49 -43.72 -49.37 -63.63
CA GLU L 49 -44.55 -50.07 -64.62
C GLU L 49 -45.66 -50.87 -63.94
N ILE L 50 -45.35 -51.53 -62.83
CA ILE L 50 -46.33 -52.40 -62.19
C ILE L 50 -47.44 -51.59 -61.54
N TYR L 51 -47.09 -50.74 -60.58
CA TYR L 51 -48.08 -50.01 -59.81
C TYR L 51 -48.57 -48.73 -60.49
N ARG L 52 -48.01 -48.39 -61.65
CA ARG L 52 -48.26 -47.12 -62.35
C ARG L 52 -47.77 -45.91 -61.57
N PHE L 53 -47.14 -46.12 -60.42
CA PHE L 53 -46.65 -45.06 -59.54
C PHE L 53 -45.84 -45.73 -58.44
N LEU L 54 -45.10 -44.92 -57.68
CA LEU L 54 -44.20 -45.41 -56.65
C LEU L 54 -44.77 -45.07 -55.28
N PRO L 55 -45.60 -45.92 -54.69
CA PRO L 55 -46.11 -45.63 -53.35
C PRO L 55 -45.00 -45.72 -52.31
N LEU L 56 -45.16 -44.93 -51.24
CA LEU L 56 -44.15 -44.89 -50.20
C LEU L 56 -43.98 -46.26 -49.54
N ASP L 57 -45.05 -47.06 -49.48
CA ASP L 57 -44.91 -48.41 -48.95
C ASP L 57 -44.09 -49.28 -49.87
N ALA L 58 -44.24 -49.12 -51.19
CA ALA L 58 -43.41 -49.90 -52.11
C ALA L 58 -41.95 -49.48 -52.05
N LEU L 59 -41.70 -48.18 -51.92
CA LEU L 59 -40.33 -47.72 -51.74
C LEU L 59 -39.74 -48.24 -50.44
N ASN L 60 -40.54 -48.29 -49.38
CA ASN L 60 -40.10 -48.85 -48.11
C ASN L 60 -39.75 -50.34 -48.27
N TYR L 61 -40.60 -51.08 -49.00
CA TYR L 61 -40.34 -52.49 -49.22
C TYR L 61 -39.07 -52.70 -50.02
N ILE L 62 -38.85 -51.89 -51.06
CA ILE L 62 -37.61 -51.98 -51.82
C ILE L 62 -36.41 -51.69 -50.92
N SER L 63 -36.49 -50.62 -50.13
CA SER L 63 -35.38 -50.25 -49.26
C SER L 63 -35.06 -51.37 -48.27
N GLU L 64 -36.10 -52.01 -47.73
CA GLU L 64 -35.87 -53.10 -46.80
C GLU L 64 -35.27 -54.32 -47.50
N LYS L 65 -35.78 -54.65 -48.69
CA LYS L 65 -35.36 -55.89 -49.34
C LYS L 65 -33.95 -55.80 -49.90
N THR L 66 -33.62 -54.71 -50.61
CA THR L 66 -32.32 -54.64 -51.27
C THR L 66 -31.20 -54.19 -50.34
N GLY L 67 -31.51 -53.44 -49.29
CA GLY L 67 -30.50 -52.95 -48.39
C GLY L 67 -29.90 -51.60 -48.73
N VAL L 68 -30.48 -50.88 -49.69
CA VAL L 68 -30.04 -49.52 -50.00
C VAL L 68 -30.76 -48.56 -49.07
N LYS L 69 -30.09 -47.47 -48.72
CA LYS L 69 -30.66 -46.52 -47.77
C LYS L 69 -31.87 -45.82 -48.36
N LYS L 70 -32.82 -45.48 -47.48
CA LYS L 70 -34.11 -44.96 -47.92
C LYS L 70 -33.97 -43.59 -48.59
N ALA L 71 -33.14 -42.72 -48.03
CA ALA L 71 -32.95 -41.39 -48.61
C ALA L 71 -32.41 -41.50 -50.03
N LYS L 72 -31.50 -42.45 -50.25
CA LYS L 72 -31.00 -42.69 -51.61
C LYS L 72 -32.14 -43.09 -52.54
N ILE L 73 -33.04 -43.94 -52.07
CA ILE L 73 -34.17 -44.39 -52.90
C ILE L 73 -35.04 -43.21 -53.27
N TYR L 74 -35.37 -42.37 -52.29
CA TYR L 74 -36.22 -41.22 -52.60
C TYR L 74 -35.53 -40.26 -53.55
N GLY L 75 -34.23 -40.05 -53.38
CA GLY L 75 -33.50 -39.17 -54.28
C GLY L 75 -33.49 -39.68 -55.71
N ILE L 76 -33.18 -40.97 -55.89
CA ILE L 76 -33.12 -41.51 -57.25
C ILE L 76 -34.52 -41.50 -57.86
N ALA L 77 -35.55 -41.76 -57.05
CA ALA L 77 -36.92 -41.77 -57.56
C ALA L 77 -37.35 -40.38 -58.02
N THR L 78 -37.11 -39.36 -57.20
CA THR L 78 -37.56 -38.02 -57.53
C THR L 78 -36.63 -37.29 -58.48
N PHE L 79 -35.45 -37.85 -58.79
CA PHE L 79 -34.55 -37.20 -59.72
C PHE L 79 -35.17 -37.07 -61.10
N TYR L 80 -35.83 -38.13 -61.58
CA TYR L 80 -36.36 -38.17 -62.93
C TYR L 80 -37.82 -37.76 -62.98
N ALA L 81 -38.21 -37.16 -64.10
CA ALA L 81 -39.59 -36.77 -64.31
C ALA L 81 -40.48 -37.93 -64.74
N GLN L 82 -39.89 -39.07 -65.09
CA GLN L 82 -40.69 -40.24 -65.46
C GLN L 82 -41.32 -40.88 -64.23
N PHE L 83 -40.65 -40.78 -63.08
CA PHE L 83 -41.17 -41.33 -61.84
C PHE L 83 -42.03 -40.30 -61.13
N ARG L 84 -43.32 -40.60 -60.98
CA ARG L 84 -44.23 -39.73 -60.26
C ARG L 84 -44.86 -40.50 -59.11
N LEU L 85 -44.94 -39.86 -57.95
CA LEU L 85 -45.32 -40.53 -56.70
C LEU L 85 -46.78 -40.28 -56.33
N LYS L 86 -47.66 -40.16 -57.32
CA LYS L 86 -49.07 -39.96 -57.02
C LYS L 86 -49.92 -41.03 -57.72
N PRO L 87 -50.97 -41.51 -57.07
CA PRO L 87 -51.86 -42.48 -57.73
C PRO L 87 -52.51 -41.89 -58.97
N VAL L 88 -52.76 -42.77 -59.94
CA VAL L 88 -53.37 -42.36 -61.20
C VAL L 88 -54.79 -41.82 -60.96
FE1 FES M . -16.61 15.50 56.36
FE2 FES M . -14.56 17.24 56.45
S1 FES M . -15.62 16.33 58.15
S2 FES M . -15.37 16.21 54.69
FE1 SF4 N . -28.69 14.27 51.54
FE2 SF4 N . -26.17 13.47 52.22
FE3 SF4 N . -27.54 12.14 50.26
FE4 SF4 N . -28.32 11.92 52.88
S1 SF4 N . -26.36 11.21 51.97
S2 SF4 N . -29.67 12.27 51.07
S3 SF4 N . -27.86 14.01 53.64
S4 SF4 N . -26.84 14.31 50.22
FE1 SF4 O . -24.66 1.85 49.79
FE2 SF4 O . -23.05 3.02 47.92
FE3 SF4 O . -25.33 1.72 47.14
FE4 SF4 O . -23.20 0.30 48.09
S1 SF4 O . -23.27 1.55 46.18
S2 SF4 O . -25.39 0.01 48.66
S3 SF4 O . -22.39 1.72 49.67
S4 SF4 O . -25.20 3.59 48.42
FE1 SF4 P . -32.00 -8.96 41.18
FE2 SF4 P . -32.25 -8.75 38.47
FE3 SF4 P . -32.34 -11.21 39.66
FE4 SF4 P . -29.97 -9.83 39.55
S1 SF4 P . -31.16 -10.64 37.79
S2 SF4 P . -30.83 -10.91 41.36
S3 SF4 P . -30.72 -7.68 39.78
S4 SF4 P . -33.82 -9.50 39.93
FE1 SF4 Q . -25.02 -17.28 35.54
FE2 SF4 Q . -24.00 -16.69 33.07
FE3 SF4 Q . -23.30 -19.03 34.31
FE4 SF4 Q . -22.37 -16.64 35.27
S1 SF4 Q . -21.91 -17.57 33.24
S2 SF4 Q . -23.24 -18.36 36.49
S3 SF4 Q . -24.17 -15.29 34.86
S4 SF4 Q . -25.39 -18.43 33.60
FE1 SF4 R . -35.83 20.23 44.69
FE2 SF4 R . -34.07 21.42 46.40
FE3 SF4 R . -33.46 21.18 43.74
FE4 SF4 R . -33.50 18.96 45.34
S1 SF4 R . -32.09 20.74 45.51
S2 SF4 R . -34.41 19.17 43.27
S3 SF4 R . -35.21 19.48 46.76
S4 SF4 R . -35.15 22.40 44.65
FE1 SF4 S . -31.96 25.51 32.91
FE2 SF4 S . -31.44 27.44 31.05
FE3 SF4 S . -30.66 24.86 30.59
FE4 SF4 S . -29.39 26.36 32.50
S1 SF4 S . -29.43 26.75 30.26
S2 SF4 S . -30.10 24.21 32.71
S3 SF4 S . -31.13 27.60 33.29
S4 SF4 S . -32.80 25.62 30.79
PA FAD T . -10.10 -28.52 29.35
O1A FAD T . -11.04 -27.71 28.49
O2A FAD T . -10.51 -29.83 29.93
O5B FAD T . -8.77 -28.70 28.42
C5B FAD T . -8.02 -27.57 28.04
C4B FAD T . -7.12 -27.89 26.87
O4B FAD T . -5.88 -28.41 27.34
C3B FAD T . -7.64 -28.93 25.88
O3B FAD T . -7.94 -28.27 24.67
C2B FAD T . -6.47 -29.89 25.68
O2B FAD T . -6.30 -30.21 24.34
C1B FAD T . -5.31 -29.08 26.26
N9A FAD T . -4.17 -29.85 26.69
C8A FAD T . -4.14 -30.94 27.52
N7A FAD T . -2.95 -31.41 27.70
C5A FAD T . -2.14 -30.61 26.94
C6A FAD T . -0.76 -30.58 26.71
N6A FAD T . 0.09 -31.45 27.25
N1A FAD T . -0.28 -29.64 25.90
C2A FAD T . -1.11 -28.77 25.35
N3A FAD T . -2.42 -28.69 25.49
C4A FAD T . -2.87 -29.64 26.30
N1 FAD T . -19.27 -27.43 32.22
C2 FAD T . -20.38 -26.67 32.28
O2 FAD T . -20.40 -25.57 32.78
N3 FAD T . -21.57 -27.17 31.75
C4 FAD T . -21.74 -28.38 31.15
O4 FAD T . -22.80 -28.75 30.70
C4X FAD T . -20.51 -29.18 31.10
N5 FAD T . -20.56 -30.35 30.55
C5X FAD T . -19.44 -31.09 30.51
C6 FAD T . -19.49 -32.36 29.91
C7 FAD T . -18.39 -33.16 29.83
C7M FAD T . -18.48 -34.51 29.19
C8 FAD T . -17.17 -32.69 30.36
C8M FAD T . -15.96 -33.55 30.28
C9 FAD T . -17.10 -31.44 30.95
C9A FAD T . -18.21 -30.62 31.04
N10 FAD T . -18.19 -29.37 31.61
C10 FAD T . -19.31 -28.61 31.67
C1' FAD T . -16.96 -28.81 32.19
C2' FAD T . -16.11 -28.00 31.23
O2' FAD T . -16.18 -28.60 29.96
C3' FAD T . -14.67 -27.96 31.78
O3' FAD T . -14.77 -27.93 33.19
C4' FAD T . -13.90 -26.74 31.28
O4' FAD T . -13.85 -26.83 29.88
C5' FAD T . -12.51 -26.69 31.89
O5' FAD T . -11.61 -26.16 30.93
P FAD T . -10.00 -26.15 31.18
O1P FAD T . -9.46 -25.08 30.30
O2P FAD T . -9.70 -26.20 32.64
O3P FAD T . -9.56 -27.64 30.62
N1 FMN U . -22.48 25.48 79.87
C2 FMN U . -23.29 26.14 80.78
O2 FMN U . -22.90 27.17 81.31
N3 FMN U . -24.54 25.64 81.07
C4 FMN U . -24.97 24.49 80.47
O4 FMN U . -26.09 24.04 80.73
C4A FMN U . -24.16 23.84 79.56
N5 FMN U . -24.60 22.67 78.95
C5A FMN U . -23.78 22.03 78.05
C6 FMN U . -24.22 20.87 77.43
C7 FMN U . -23.41 20.22 76.52
C7M FMN U . -23.88 18.95 75.86
C8 FMN U . -22.15 20.72 76.24
C8M FMN U . -21.26 20.03 75.25
C9 FMN U . -21.71 21.89 76.85
C9A FMN U . -22.53 22.54 77.76
N10 FMN U . -22.10 23.70 78.37
C10 FMN U . -22.91 24.34 79.26
C1' FMN U . -20.74 24.26 78.07
C2' FMN U . -20.84 25.32 76.98
O2' FMN U . -20.58 24.72 75.74
C3' FMN U . -19.79 26.39 77.24
O3' FMN U . -18.57 25.76 77.53
C4' FMN U . -20.20 27.27 78.40
O4' FMN U . -21.27 28.11 78.03
C5' FMN U . -19.03 28.14 78.85
O5' FMN U . -19.41 28.89 79.97
P FMN U . -18.30 29.36 81.03
O1P FMN U . -17.30 30.24 80.32
O2P FMN U . -17.60 28.15 81.59
O3P FMN U . -18.97 30.14 82.13
FE1 SF4 V . -24.49 16.49 67.34
FE2 SF4 V . -22.03 15.39 66.85
FE3 SF4 V . -23.61 14.37 68.83
FE4 SF4 V . -22.45 16.83 69.13
S1 SF4 V . -21.39 14.83 68.96
S2 SF4 V . -24.61 16.27 69.61
S3 SF4 V . -22.53 17.60 66.99
S4 SF4 V . -24.06 14.38 66.60
ZN ZN W . -25.19 -6.58 87.34
PA NAD X . -14.35 24.29 75.25
O1A NAD X . -13.41 23.56 76.15
O2A NAD X . -14.35 24.12 73.77
O5B NAD X . -14.25 25.89 75.53
C5B NAD X . -14.95 26.43 76.62
C4B NAD X . -15.08 27.94 76.47
O4B NAD X . -13.81 28.48 76.10
C3B NAD X . -16.06 28.37 75.40
O3B NAD X . -16.74 29.50 75.90
C2B NAD X . -15.15 28.76 74.25
O2B NAD X . -15.77 29.66 73.40
C1B NAD X . -13.98 29.35 75.02
N9A NAD X . -12.74 29.44 74.30
C8A NAD X . -11.83 28.46 74.10
N7A NAD X . -10.80 28.83 73.41
C5A NAD X . -11.04 30.15 73.14
C6A NAD X . -10.32 31.13 72.44
N6A NAD X . -9.14 30.88 71.87
N1A NAD X . -10.84 32.35 72.35
C2A NAD X . -12.01 32.60 72.92
N3A NAD X . -12.78 31.77 73.61
C4A NAD X . -12.24 30.56 73.68
O3 NAD X . -15.85 23.99 75.88
PN NAD X . -17.08 23.19 75.19
O1N NAD X . -16.64 22.59 73.88
O2N NAD X . -18.35 23.98 75.27
O5D NAD X . -17.14 21.95 76.24
C5D NAD X . -18.21 21.84 77.14
C4D NAD X . -17.74 21.38 78.50
O4D NAD X . -18.80 21.54 79.45
C3D NAD X . -17.34 19.91 78.55
O3D NAD X . -15.93 19.86 78.46
C2D NAD X . -17.80 19.46 79.93
O2D NAD X . -16.80 19.44 80.90
C1D NAD X . -18.89 20.47 80.30
N1N NAD X . -20.26 19.87 80.26
C2N NAD X . -21.28 20.44 80.92
C3N NAD X . -22.54 19.88 80.86
C7N NAD X . -23.73 20.47 81.57
O7N NAD X . -24.73 19.79 81.70
N7N NAD X . -23.57 21.71 82.03
C4N NAD X . -22.73 18.72 80.11
C5N NAD X . -21.66 18.16 79.45
C6N NAD X . -20.42 18.76 79.54
FE1 FES Y . 9.45 49.19 34.47
FE2 FES Y . 7.30 48.52 35.93
S1 FES Y . 8.23 50.51 35.74
S2 FES Y . 8.37 47.28 34.47
FE1 SF4 Z . 22.03 45.94 33.03
FE2 SF4 Z . 19.52 46.65 32.23
FE3 SF4 Z . 21.19 45.36 30.50
FE4 SF4 Z . 21.70 47.95 31.22
S1 SF4 Z . 19.91 47.18 30.05
S2 SF4 Z . 23.20 46.24 31.11
S3 SF4 Z . 21.01 47.94 33.39
S4 SF4 Z . 20.34 44.54 32.44
FE1 SF4 AA . 19.14 48.11 20.37
FE2 SF4 AA . 17.67 45.83 20.69
FE3 SF4 AA . 20.10 45.71 19.45
FE4 SF4 AA . 17.99 46.91 18.20
S1 SF4 AA . 18.17 44.72 18.77
S2 SF4 AA . 20.11 47.71 18.34
S3 SF4 AA . 16.91 47.87 19.97
S4 SF4 AA . 19.69 46.29 21.62
FE1 SF4 BA . 28.12 44.15 8.18
FE2 SF4 BA . 28.63 41.54 7.53
FE3 SF4 BA . 28.78 43.48 5.61
FE4 SF4 BA . 26.35 42.74 6.63
S1 SF4 BA . 27.78 41.44 5.42
S2 SF4 BA . 27.10 44.87 6.28
S3 SF4 BA . 26.90 42.31 8.79
S4 SF4 BA . 30.10 43.28 7.45
FE1 SF4 CA . 22.41 41.08 -2.20
FE2 SF4 CA . 21.61 38.48 -2.54
FE3 SF4 CA . 20.95 40.37 -4.42
FE4 SF4 CA . 19.76 40.41 -1.95
S1 SF4 CA . 19.58 38.78 -3.53
S2 SF4 CA . 20.62 42.19 -3.08
S3 SF4 CA . 21.48 39.71 -0.63
S4 SF4 CA . 23.06 39.66 -3.86
FE1 SF4 DA . 29.40 38.04 37.16
FE2 SF4 DA . 27.38 39.13 38.65
FE3 SF4 DA . 27.06 36.67 37.51
FE4 SF4 DA . 27.10 38.91 35.94
S1 SF4 DA . 25.55 38.37 37.52
S2 SF4 DA . 28.21 36.95 35.56
S3 SF4 DA . 28.62 40.19 37.06
S4 SF4 DA . 28.57 37.24 39.12
FE1 SF4 EA . 26.39 24.93 37.93
FE2 SF4 EA . 25.93 22.50 39.08
FE3 SF4 EA . 25.39 22.87 36.43
FE4 SF4 EA . 23.82 24.07 38.33
S1 SF4 EA . 24.06 21.84 37.97
S2 SF4 EA . 24.66 25.04 36.44
S3 SF4 EA . 25.37 24.54 39.93
S4 SF4 EA . 27.43 22.96 37.43
PA FAD FA . 9.09 37.87 -16.33
O1A FAD FA . 10.03 36.86 -15.74
O2A FAD FA . 9.53 38.88 -17.33
O5B FAD FA . 7.87 36.97 -16.93
C5B FAD FA . 7.09 36.17 -16.07
C4B FAD FA . 6.33 35.10 -16.85
O4B FAD FA . 5.11 35.64 -17.32
C3B FAD FA . 7.04 34.55 -18.10
O3B FAD FA . 7.40 33.22 -17.82
C2B FAD FA . 5.96 34.58 -19.18
O2B FAD FA . 5.95 33.41 -19.92
C1B FAD FA . 4.69 34.79 -18.35
N9A FAD FA . 3.58 35.37 -19.07
C8A FAD FA . 3.56 36.51 -19.82
N7A FAD FA . 2.40 36.75 -20.34
C5A FAD FA . 1.61 35.72 -19.91
C6A FAD FA . 0.26 35.39 -20.11
N6A FAD FA . -0.57 36.13 -20.84
N1A FAD FA . -0.22 34.29 -19.54
C2A FAD FA . 0.60 33.55 -18.80
N3A FAD FA . 1.88 33.75 -18.54
C4A FAD FA . 2.33 34.85 -19.12
N1 FAD FA . 17.79 40.88 -13.42
C2 FAD FA . 18.84 40.76 -12.57
O2 FAD FA . 18.71 40.86 -11.36
N3 FAD FA . 20.10 40.51 -13.09
C4 FAD FA . 20.42 40.36 -14.40
O4 FAD FA . 21.55 40.15 -14.78
C4X FAD FA . 19.26 40.51 -15.31
N5 FAD FA . 19.45 40.39 -16.57
C5X FAD FA . 18.39 40.52 -17.39
C6 FAD FA . 18.60 40.40 -18.77
C7 FAD FA . 17.58 40.51 -19.67
C7M FAD FA . 17.82 40.37 -21.14
C8 FAD FA . 16.28 40.76 -19.18
C8M FAD FA . 15.14 40.90 -20.13
C9 FAD FA . 16.05 40.90 -17.83
C9A FAD FA . 17.10 40.78 -16.90
N10 FAD FA . 16.92 40.89 -15.54
C10 FAD FA . 17.98 40.76 -14.69
C1' FAD FA . 15.62 41.17 -14.96
C2' FAD FA . 14.81 39.92 -14.61
O2' FAD FA . 15.08 38.92 -15.56
C3' FAD FA . 13.32 40.30 -14.56
O3' FAD FA . 13.25 41.63 -14.08
C4' FAD FA . 12.52 39.38 -13.63
O4' FAD FA . 12.62 38.09 -14.17
C5' FAD FA . 11.08 39.84 -13.52
O5' FAD FA . 10.25 38.69 -13.43
P FAD FA . 8.63 38.80 -13.50
O1P FAD FA . 8.09 37.56 -12.86
O2P FAD FA . 8.17 40.16 -13.11
O3P FAD FA . 8.36 38.74 -15.14
N1 FMN GA . 11.85 68.44 52.59
C2 FMN GA . 12.42 69.18 53.59
O2 FMN GA . 11.85 69.29 54.66
N3 FMN GA . 13.65 69.77 53.39
C4 FMN GA . 14.30 69.62 52.18
O4 FMN GA . 15.39 70.15 52.00
C4A FMN GA . 13.71 68.90 51.17
N5 FMN GA . 14.34 68.75 49.95
C5A FMN GA . 13.74 68.00 48.95
C6 FMN GA . 14.37 67.86 47.73
C7 FMN GA . 13.77 67.12 46.72
C7M FMN GA . 14.46 66.97 45.40
C8 FMN GA . 12.54 66.53 46.93
C8M FMN GA . 11.90 65.74 45.84
C9 FMN GA . 11.91 66.67 48.15
C9A FMN GA . 12.50 67.42 49.17
N10 FMN GA . 11.87 67.56 50.39
C10 FMN GA . 12.47 68.30 51.38
C1' FMN GA . 10.55 66.94 50.66
C2' FMN GA . 10.73 65.57 51.28
O2' FMN GA . 10.70 64.60 50.27
C3' FMN GA . 9.62 65.28 52.28
O3' FMN GA . 8.38 65.61 51.70
C4' FMN GA . 9.80 66.09 53.56
O4' FMN GA . 10.70 65.42 54.41
C5' FMN GA . 8.47 66.28 54.28
O5' FMN GA . 8.70 66.95 55.49
P FMN GA . 7.52 67.77 56.19
O1P FMN GA . 6.44 66.80 56.62
O2P FMN GA . 6.95 68.76 55.21
O3P FMN GA . 8.06 68.50 57.40
FE1 SF4 HA . 15.97 59.76 40.26
FE2 SF4 HA . 13.67 59.37 38.84
FE3 SF4 HA . 15.01 61.74 38.63
FE4 SF4 HA . 13.71 61.10 40.95
S1 SF4 HA . 12.77 61.45 38.90
S2 SF4 HA . 15.80 61.98 40.76
S3 SF4 HA . 14.04 58.86 41.03
S4 SF4 HA . 15.77 59.69 37.99
ZN ZN IA . 16.20 86.22 25.25
PA NAD JA . 4.55 63.61 49.22
O1A NAD JA . 3.46 64.53 48.76
O2A NAD JA . 4.79 62.28 48.61
O5B NAD JA . 4.40 63.35 50.83
C5B NAD JA . 4.90 64.29 51.74
C4B NAD JA . 4.88 63.72 53.14
O4B NAD JA . 3.62 63.07 53.34
C3B NAD JA . 5.95 62.66 53.38
O3B NAD JA . 6.48 62.85 54.67
C2B NAD JA . 5.16 61.36 53.31
O2B NAD JA . 5.78 60.34 54.03
C1B NAD JA . 3.83 61.80 53.90
N9A NAD JA . 2.70 60.97 53.60
C8A NAD JA . 1.92 61.02 52.48
N7A NAD JA . 0.97 60.14 52.48
C5A NAD JA . 1.12 59.47 53.66
C6A NAD JA . 0.43 58.40 54.25
N6A NAD JA . -0.62 57.83 53.68
N1A NAD JA . 0.85 57.96 55.44
C2A NAD JA . 1.90 58.54 56.01
N3A NAD JA . 2.63 59.54 55.55
C4A NAD JA . 2.20 59.97 54.37
O3 NAD JA . 5.92 64.54 49.20
PN NAD JA . 7.31 64.22 48.43
O1N NAD JA . 7.11 63.13 47.41
O2N NAD JA . 8.46 64.15 49.39
O5D NAD JA . 7.39 65.60 47.57
C5D NAD JA . 8.33 66.59 47.88
C4D NAD JA . 7.70 67.95 47.90
O4D NAD JA . 8.62 68.91 48.46
C3D NAD JA . 7.34 68.47 46.51
O3D NAD JA . 5.96 68.27 46.33
C2D NAD JA . 7.66 69.96 46.58
O2D NAD JA . 6.55 70.78 46.82
C1D NAD JA . 8.66 70.08 47.72
N1N NAD JA . 10.05 70.35 47.25
C2N NAD JA . 10.97 70.86 48.08
C3N NAD JA . 12.25 71.10 47.62
C7N NAD JA . 13.33 71.68 48.50
O7N NAD JA . 14.31 72.18 47.96
N7N NAD JA . 13.11 71.60 49.80
C4N NAD JA . 12.56 70.80 46.30
C5N NAD JA . 11.59 70.28 45.47
C6N NAD JA . 10.33 70.06 45.97
FE1 FES KA . 24.96 -40.20 -38.08
FE2 FES KA . 22.50 -40.72 -39.06
S1 FES KA . 24.29 -42.01 -39.15
S2 FES KA . 23.11 -39.05 -37.76
FE1 SF4 LA . 34.44 -31.24 -38.94
FE2 SF4 LA . 32.79 -33.04 -37.70
FE3 SF4 LA . 33.93 -31.02 -36.26
FE4 SF4 LA . 35.47 -33.08 -37.20
S1 SF4 LA . 33.80 -33.21 -35.66
S2 SF4 LA . 35.96 -30.85 -37.29
S3 SF4 LA . 34.45 -33.50 -39.19
S4 SF4 LA . 32.43 -30.80 -37.96
FE1 SF4 MA . 35.47 -33.89 -26.08
FE2 SF4 MA . 33.04 -32.63 -26.00
FE3 SF4 MA . 35.31 -31.29 -25.25
FE4 SF4 MA . 34.32 -33.30 -23.67
S1 SF4 MA . 33.30 -31.32 -24.16
S2 SF4 MA . 36.49 -32.98 -24.27
S3 SF4 MA . 33.51 -34.74 -25.25
S4 SF4 MA . 34.81 -32.10 -27.33
FE1 SF4 NA . 43.62 -25.51 -15.68
FE2 SF4 NA . 42.93 -22.95 -15.02
FE3 SF4 NA . 44.37 -24.48 -13.26
FE4 SF4 NA . 41.74 -25.05 -13.75
S1 SF4 NA . 42.57 -23.17 -12.77
S2 SF4 NA . 43.46 -26.54 -13.66
S3 SF4 NA . 41.58 -24.52 -15.95
S4 SF4 NA . 45.05 -23.77 -15.31
FE1 SF4 OA . 39.28 -25.04 -4.25
FE2 SF4 OA . 37.43 -23.13 -3.63
FE3 SF4 OA . 38.13 -25.00 -1.77
FE4 SF4 OA . 36.65 -25.74 -3.95
S1 SF4 OA . 36.02 -24.32 -2.28
S2 SF4 OA . 38.46 -26.82 -3.10
S3 SF4 OA . 37.52 -24.37 -5.54
S4 SF4 OA . 39.48 -23.41 -2.68
FE1 SF4 PA . 36.16 -21.01 -44.01
FE2 SF4 PA . 34.65 -23.00 -45.13
FE3 SF4 PA . 33.43 -20.94 -43.83
FE4 SF4 PA . 34.84 -22.81 -42.42
S1 SF4 PA . 32.95 -23.16 -43.64
S2 SF4 PA . 34.91 -20.54 -42.16
S3 SF4 PA . 36.53 -23.26 -43.87
S4 SF4 PA . 34.68 -20.80 -45.73
FE1 SF4 QA . 27.14 -11.00 -43.53
FE2 SF4 QA . 25.35 -9.15 -44.44
FE3 SF4 QA . 25.58 -9.60 -41.76
FE4 SF4 QA . 24.45 -11.49 -43.38
S1 SF4 QA . 23.66 -9.41 -42.94
S2 SF4 QA . 26.00 -11.85 -41.74
S3 SF4 QA . 25.69 -11.24 -45.26
S4 SF4 QA . 27.18 -8.75 -43.14
PA FAD RA . 29.09 -27.91 12.34
O1A FAD RA . 29.32 -26.60 11.62
O2A FAD RA . 30.15 -28.53 13.18
O5B FAD RA . 27.74 -27.66 13.23
C5B FAD RA . 26.52 -27.39 12.57
C4B FAD RA . 25.52 -26.77 13.52
O4B FAD RA . 24.81 -27.82 14.20
C3B FAD RA . 26.09 -25.89 14.63
O3B FAD RA . 25.71 -24.57 14.36
C2B FAD RA . 25.40 -26.38 15.91
O2B FAD RA . 24.96 -25.32 16.69
C1B FAD RA . 24.24 -27.22 15.33
N9A FAD RA . 23.71 -28.22 16.22
C8A FAD RA . 24.39 -29.19 16.91
N7A FAD RA . 23.62 -29.94 17.63
C5A FAD RA . 22.36 -29.44 17.42
C6A FAD RA . 21.08 -29.79 17.90
N6A FAD RA . 20.87 -30.79 18.74
N1A FAD RA . 20.04 -29.07 17.48
C2A FAD RA . 20.24 -28.06 16.64
N3A FAD RA . 21.37 -27.64 16.12
C4A FAD RA . 22.40 -28.37 16.55
N1 FAD RA . 37.42 -26.52 7.65
C2 FAD RA . 38.09 -25.95 6.62
O2 FAD RA . 37.79 -26.16 5.45
N3 FAD RA . 39.15 -25.09 6.89
C4 FAD RA . 39.61 -24.75 8.12
O4 FAD RA . 40.54 -24.00 8.29
C4X FAD RA . 38.86 -25.39 9.23
N5 FAD RA . 39.21 -25.14 10.43
C5X FAD RA . 38.53 -25.72 11.44
C6 FAD RA . 38.92 -25.43 12.77
C7 FAD RA . 38.27 -25.98 13.83
C7M FAD RA . 38.70 -25.67 15.23
C8 FAD RA . 37.18 -26.85 13.59
C8M FAD RA . 36.46 -27.46 14.74
C9 FAD RA . 36.79 -27.14 12.30
C9A FAD RA . 37.45 -26.58 11.20
N10 FAD RA . 37.09 -26.84 9.90
C10 FAD RA . 37.77 -26.26 8.87
C1' FAD RA . 35.99 -27.73 9.56
C2' FAD RA . 34.64 -27.05 9.44
O2' FAD RA . 34.58 -26.00 10.37
C3' FAD RA . 33.54 -28.10 9.66
O3' FAD RA . 34.02 -29.31 9.14
C4' FAD RA . 32.23 -27.72 8.96
O4' FAD RA . 31.80 -26.51 9.53
C5' FAD RA . 31.19 -28.81 9.12
O5' FAD RA . 29.91 -28.22 9.23
P FAD RA . 28.59 -29.08 9.62
O1P FAD RA . 27.42 -28.30 9.14
O2P FAD RA . 28.79 -30.52 9.26
O3P FAD RA . 28.65 -29.07 11.29
N1 FMN SA . 32.70 -56.84 -57.23
C2 FMN SA . 33.36 -57.26 -58.36
O2 FMN SA . 32.71 -57.69 -59.31
N3 FMN SA . 34.73 -57.17 -58.45
C4 FMN SA . 35.45 -56.68 -57.38
O4 FMN SA . 36.68 -56.61 -57.44
C4A FMN SA . 34.80 -56.26 -56.23
N5 FMN SA . 35.50 -55.76 -55.16
C5A FMN SA . 34.83 -55.36 -54.03
C6 FMN SA . 35.54 -54.86 -52.94
C7 FMN SA . 34.87 -54.44 -51.80
C7M FMN SA . 35.63 -53.90 -50.64
C8 FMN SA . 33.49 -54.52 -51.74
C8M FMN SA . 32.77 -54.08 -50.51
C9 FMN SA . 32.78 -55.02 -52.82
C9A FMN SA . 33.44 -55.44 -53.97
N10 FMN SA . 32.74 -55.94 -55.05
C10 FMN SA . 33.41 -56.34 -56.17
C1' FMN SA . 31.26 -56.05 -55.03
C2' FMN SA . 30.63 -54.79 -55.60
O2' FMN SA . 30.34 -53.90 -54.54
C3' FMN SA . 29.35 -55.11 -56.34
O3' FMN SA . 28.56 -55.96 -55.55
C4' FMN SA . 29.64 -55.78 -57.67
O4' FMN SA . 29.92 -54.81 -58.65
C5' FMN SA . 28.47 -56.63 -58.13
O5' FMN SA . 28.74 -57.18 -59.40
P FMN SA . 27.98 -58.50 -59.90
O1P FMN SA . 26.51 -58.18 -60.07
O2P FMN SA . 28.16 -59.58 -58.88
O3P FMN SA . 28.56 -58.94 -61.22
FE1 SF4 TA . 34.48 -46.63 -45.52
FE2 SF4 TA . 32.59 -47.32 -43.68
FE3 SF4 TA . 34.91 -48.74 -43.85
FE4 SF4 TA . 33.05 -48.94 -45.83
S1 SF4 TA . 32.81 -49.58 -43.67
S2 SF4 TA . 35.30 -48.68 -46.09
S3 SF4 TA . 32.23 -46.80 -45.87
S4 SF4 TA . 34.70 -46.55 -43.26
ZN ZN UA . 50.34 -68.91 -32.17
PA NAD VA . 24.81 -55.93 -52.28
O1A NAD VA . 24.42 -57.24 -51.67
O2A NAD VA . 24.49 -54.62 -51.67
O5B NAD VA . 24.24 -55.85 -53.81
C5B NAD VA . 24.98 -56.44 -54.86
C4B NAD VA . 24.41 -55.99 -56.20
O4B NAD VA . 22.99 -56.06 -56.12
C3B NAD VA . 24.76 -54.55 -56.55
O3B NAD VA . 25.07 -54.50 -57.92
C2B NAD VA . 23.45 -53.80 -56.29
O2B NAD VA . 23.35 -52.66 -57.07
C1B NAD VA . 22.44 -54.88 -56.64
N9A NAD VA . 21.13 -54.69 -56.09
C8A NAD VA . 20.69 -55.08 -54.84
N7A NAD VA . 19.46 -54.77 -54.61
C5A NAD VA . 19.03 -54.15 -55.76
C6A NAD VA . 17.81 -53.60 -56.15
N6A NAD VA . 16.74 -53.59 -55.36
N1A NAD VA . 17.72 -53.07 -57.38
C2A NAD VA . 18.79 -53.08 -58.16
N3A NAD VA . 19.99 -53.57 -57.91
C4A NAD VA . 20.06 -54.10 -56.69
O3 NAD VA . 26.42 -56.07 -52.58
PN NAD VA . 27.62 -55.09 -52.07
O1N NAD VA . 27.11 -54.19 -50.98
O2N NAD VA . 28.38 -54.52 -53.22
O5D NAD VA . 28.51 -56.22 -51.31
C5D NAD VA . 29.73 -56.66 -51.85
C4D NAD VA . 29.84 -58.16 -51.82
O4D NAD VA . 30.98 -58.57 -52.59
C3D NAD VA . 30.04 -58.71 -50.41
O3D NAD VA . 28.80 -59.19 -49.96
C2D NAD VA . 31.02 -59.87 -50.61
O2D NAD VA . 30.42 -61.13 -50.69
C1D NAD VA . 31.71 -59.54 -51.94
N1N NAD VA . 33.12 -59.09 -51.77
C2N NAD VA . 33.99 -59.14 -52.78
C3N NAD VA . 35.30 -58.72 -52.58
C7N NAD VA . 36.33 -58.75 -53.69
O7N NAD VA . 37.51 -58.69 -53.38
N7N NAD VA . 35.85 -58.85 -54.92
C4N NAD VA . 35.68 -58.24 -51.34
C5N NAD VA . 34.76 -58.20 -50.31
C6N NAD VA . 33.47 -58.63 -50.55
FE1 FES WA . -17.77 -24.27 -52.76
FE2 FES WA . -15.20 -24.84 -53.32
S1 FES WA . -16.87 -24.63 -54.73
S2 FES WA . -16.06 -24.23 -51.39
FE1 SF4 XA . -27.75 -28.77 -45.61
FE2 SF4 XA . -26.12 -26.88 -46.72
FE3 SF4 XA . -27.55 -26.28 -44.48
FE4 SF4 XA . -28.82 -26.59 -46.88
S1 SF4 XA . -27.31 -24.98 -46.33
S2 SF4 XA . -29.46 -27.46 -44.87
S3 SF4 XA . -27.57 -28.25 -47.82
S4 SF4 XA . -25.89 -27.84 -44.67
FE1 SF4 YA . -29.92 -15.86 -44.06
FE2 SF4 YA . -27.62 -16.02 -42.58
FE3 SF4 YA . -30.04 -15.94 -41.32
FE4 SF4 YA . -29.09 -13.71 -42.59
S1 SF4 YA . -28.18 -14.75 -40.77
S2 SF4 YA . -31.20 -14.54 -42.71
S3 SF4 YA . -28.01 -14.65 -44.37
S4 SF4 YA . -29.28 -17.58 -42.71
FE1 SF4 ZA . -39.71 -9.48 -33.66
FE2 SF4 ZA . -39.29 -9.64 -30.96
FE3 SF4 ZA . -40.78 -7.59 -31.99
FE4 SF4 ZA . -38.08 -7.66 -32.41
S1 SF4 ZA . -39.15 -7.43 -30.41
S2 SF4 ZA . -39.69 -7.22 -33.96
S3 SF4 ZA . -37.73 -9.90 -32.60
S4 SF4 ZA . -41.29 -9.80 -32.05
FE1 SF4 AB . -36.62 1.45 -29.07
FE2 SF4 AB . -34.99 1.54 -26.88
FE3 SF4 AB . -35.75 3.86 -28.11
FE4 SF4 AB . -34.00 2.17 -29.35
S1 SF4 AB . -33.66 3.31 -27.41
S2 SF4 AB . -35.81 3.19 -30.28
S3 SF4 AB . -34.81 0.14 -28.67
S4 SF4 AB . -37.10 2.37 -27.03
FE1 SF4 BB . -29.68 -37.06 -37.80
FE2 SF4 BB . -27.93 -37.34 -39.89
FE3 SF4 BB . -27.00 -36.71 -37.40
FE4 SF4 BB . -28.41 -34.86 -38.84
S1 SF4 BB . -26.38 -35.75 -39.37
S2 SF4 BB . -28.69 -35.37 -36.63
S3 SF4 BB . -29.91 -36.20 -39.91
S4 SF4 BB . -28.05 -38.64 -38.01
FE1 SF4 CB . -21.54 -39.25 -27.29
FE2 SF4 CB . -19.81 -40.58 -25.66
FE3 SF4 CB . -20.28 -37.93 -25.24
FE4 SF4 CB . -18.85 -38.73 -27.43
S1 SF4 CB . -18.26 -38.97 -25.25
S2 SF4 CB . -20.53 -37.20 -27.39
S3 SF4 CB . -19.90 -40.69 -27.93
S4 SF4 CB . -21.79 -39.63 -25.06
PA FAD DB . -28.05 18.76 -25.34
O1A FAD DB . -28.29 17.64 -24.37
O2A FAD DB . -29.14 19.68 -25.76
O5B FAD DB . -26.82 19.61 -24.69
C5B FAD DB . -25.56 18.99 -24.51
C4B FAD DB . -24.70 19.76 -23.52
O4B FAD DB . -24.00 20.79 -24.21
C3B FAD DB . -25.46 20.47 -22.39
O3B FAD DB . -25.15 19.81 -21.20
C2B FAD DB . -24.87 21.88 -22.37
O2B FAD DB . -24.60 22.30 -21.07
C1B FAD DB . -23.60 21.70 -23.22
N9A FAD DB . -23.10 22.91 -23.82
C8A FAD DB . -23.77 23.83 -24.58
N7A FAD DB . -23.02 24.82 -24.96
C5A FAD DB . -21.79 24.54 -24.44
C6A FAD DB . -20.55 25.20 -24.47
N6A FAD DB . -20.35 26.35 -25.12
N1A FAD DB . -19.52 24.65 -23.83
C2A FAD DB . -19.71 23.51 -23.18
N3A FAD DB . -20.81 22.80 -23.07
C4A FAD DB . -21.82 23.37 -23.71
N1 FAD DB . -35.92 13.27 -26.42
C2 FAD DB . -36.52 12.06 -26.29
O2 FAD DB . -36.09 11.05 -26.83
N3 FAD DB . -37.66 11.95 -25.50
C4 FAD DB . -38.27 12.97 -24.83
O4 FAD DB . -39.27 12.81 -24.17
C4X FAD DB . -37.60 14.26 -25.00
N5 FAD DB . -38.09 15.29 -24.41
C5X FAD DB . -37.48 16.49 -24.56
C6 FAD DB . -38.02 17.61 -23.91
C7 FAD DB . -37.45 18.85 -24.01
C7M FAD DB . -38.05 20.02 -23.30
C8 FAD DB . -36.29 18.98 -24.79
C8M FAD DB . -35.64 20.32 -24.92
C9 FAD DB . -35.74 17.90 -25.44
C9A FAD DB . -36.32 16.62 -25.34
N10 FAD DB . -35.81 15.51 -25.96
C10 FAD DB . -36.41 14.30 -25.82
C1' FAD DB . -34.61 15.58 -26.80
C2' FAD DB . -33.31 15.33 -26.05
O2' FAD DB . -33.43 15.86 -24.75
C3' FAD DB . -32.17 15.97 -26.85
O3' FAD DB . -32.50 15.85 -28.21
C4' FAD DB . -30.82 15.28 -26.58
O4' FAD DB . -30.55 15.46 -25.21
C5' FAD DB . -29.72 15.87 -27.45
O5' FAD DB . -28.52 15.88 -26.72
P FAD DB . -27.18 16.63 -27.27
O1P FAD DB . -26.02 16.00 -26.57
O2P FAD DB . -27.23 16.75 -28.76
O3P FAD DB . -27.41 18.19 -26.73
N1 FMN EB . -22.23 -37.38 -75.38
C2 FMN EB . -22.74 -38.35 -76.20
O2 FMN EB . -21.96 -39.07 -76.84
N3 FMN EB . -24.10 -38.55 -76.29
C4 FMN EB . -24.95 -37.77 -75.56
O4 FMN EB . -26.16 -37.94 -75.65
C4A FMN EB . -24.45 -36.77 -74.73
N5 FMN EB . -25.29 -35.98 -74.00
C5A FMN EB . -24.78 -35.00 -73.18
C6 FMN EB . -25.63 -34.19 -72.44
C7 FMN EB . -25.13 -33.20 -71.62
C7M FMN EB . -26.05 -32.33 -70.82
C8 FMN EB . -23.76 -33.01 -71.53
C8M FMN EB . -23.20 -31.95 -70.65
C9 FMN EB . -22.90 -33.81 -72.27
C9A FMN EB . -23.40 -34.81 -73.09
N10 FMN EB . -22.57 -35.61 -73.83
C10 FMN EB . -23.08 -36.59 -74.64
C1' FMN EB . -21.08 -35.44 -73.77
C2' FMN EB . -20.49 -36.35 -72.71
O2' FMN EB . -20.36 -35.63 -71.51
C3' FMN EB . -19.11 -36.84 -73.14
O3' FMN EB . -18.38 -35.75 -73.62
C4' FMN EB . -19.22 -37.89 -74.24
O4' FMN EB . -19.46 -39.15 -73.66
C5' FMN EB . -17.95 -37.95 -75.05
O5' FMN EB . -18.05 -38.98 -76.00
P FMN EB . -17.15 -38.97 -77.33
O1P FMN EB . -15.70 -39.12 -76.92
O2P FMN EB . -17.34 -37.65 -78.03
O3P FMN EB . -17.55 -40.10 -78.23
FE1 SF4 FB . -25.97 -29.86 -62.21
FE2 SF4 FB . -24.24 -27.75 -62.06
FE3 SF4 FB . -26.42 -27.61 -63.70
FE4 SF4 FB . -24.34 -29.28 -64.33
S1 SF4 FB . -24.28 -27.00 -64.21
S2 SF4 FB . -26.57 -29.77 -64.40
S3 SF4 FB . -23.69 -29.95 -62.25
S4 SF4 FB . -26.42 -27.77 -61.42
ZN ZN GB . -41.41 -11.07 -80.49
PA NAD HB . -14.98 -32.42 -72.12
O1A NAD HB . -14.56 -31.37 -73.11
O2A NAD HB . -14.83 -32.25 -70.65
O5B NAD HB . -14.26 -33.84 -72.49
C5B NAD HB . -14.83 -34.67 -73.46
C4B NAD HB . -14.17 -36.04 -73.41
O4B NAD HB . -12.75 -35.85 -73.30
C3B NAD HB . -14.59 -36.87 -72.21
O3B NAD HB . -14.77 -38.20 -72.64
C2B NAD HB . -13.38 -36.77 -71.28
O2B NAD HB . -13.28 -37.87 -70.44
C1B NAD HB . -12.25 -36.68 -72.31
N9A NAD HB . -11.02 -36.12 -71.80
C8A NAD HB . -10.70 -34.80 -71.71
N7A NAD HB . -9.52 -34.58 -71.22
C5A NAD HB . -9.02 -35.84 -70.98
C6A NAD HB . -7.80 -36.30 -70.46
N6A NAD HB . -6.83 -35.49 -70.07
N1A NAD HB . -7.63 -37.62 -70.34
C2A NAD HB . -8.61 -38.44 -70.72
N3A NAD HB . -9.79 -38.12 -71.22
C4A NAD HB . -9.94 -36.81 -71.33
O3 NAD HB . -16.54 -32.77 -72.53
PN NAD HB . -17.85 -32.70 -71.56
O1N NAD HB . -17.53 -31.94 -70.31
O2N NAD HB . -18.54 -34.03 -71.48
O5D NAD HB . -18.73 -31.67 -72.47
C5D NAD HB . -19.86 -32.13 -73.18
C4D NAD HB . -19.86 -31.60 -74.59
O4D NAD HB . -20.87 -32.28 -75.36
C3D NAD HB . -20.16 -30.11 -74.68
O3D NAD HB . -18.94 -29.43 -74.85
C2D NAD HB . -21.02 -29.99 -75.94
O2D NAD HB . -20.33 -29.59 -77.07
C1D NAD HB . -21.60 -31.39 -76.13
N1N NAD HB . -23.04 -31.49 -75.79
C2N NAD HB . -23.80 -32.49 -76.26
C3N NAD HB . -25.15 -32.55 -75.94
C7N NAD HB . -26.05 -33.65 -76.44
O7N NAD HB . -27.25 -33.47 -76.40
N7N NAD HB . -25.45 -34.74 -76.88
C4N NAD HB . -25.69 -31.57 -75.12
C5N NAD HB . -24.88 -30.56 -74.65
C6N NAD HB . -23.55 -30.54 -75.00
#